data_9RWP
#
_entry.id   9RWP
#
_cell.length_a   1.00
_cell.length_b   1.00
_cell.length_c   1.00
_cell.angle_alpha   90.00
_cell.angle_beta   90.00
_cell.angle_gamma   90.00
#
_symmetry.space_group_name_H-M   'P 1'
#
loop_
_entity.id
_entity.type
_entity.pdbx_description
1 polymer 'Ancestral Group II Chaperonin (ACII)'
2 non-polymer "ADENOSINE-5'-DIPHOSPHATE"
3 non-polymer 'MAGNESIUM ION'
#
_entity_poly.entity_id   1
_entity_poly.type   'polypeptide(L)'
_entity_poly.pdbx_seq_one_letter_code
;MGQPMVVLSENTERTSGRDARKNNIAAARAIADMVKTTLGPRGMNKMLVNSLGDVTITNDGATILEEMDIEHPAAKMLKE
VAKAQEEEAGDGTTTAVVLAGALLEEAEKLIEQGIHPTTIIKGYRKAVDKALEVLEEVAIPVDPDDEETLKAVARTAMTG
KASEENREEIADLVVEAVLSLAEDGGGKYRVDLDNIKIEKQTGGGASDTELIEGVVLDKEPVHEDMPKKLENAKVAVLDA
PIEVEKTELDAKISISSPEQFQAFLDQEEKQLREMVDKIVDTGANVVFCEKGIDDQVEHMLAKKGILAVRRVKKDDLEKI
AKATGARVVSNIDELTPEDLGHAGLVEQRKKGEDRMVFVSGCKNEPVATILIRAATEHVVEELERAIDDALNAVKAAIKD
GKVVPGGGAAEVAVARKLREYAKSLSGKEQLAIEAFADALEEIPRTLAENAGLDPIDTLVQLRAAHEEGDKNIGIDCLTG
EVADMLEAGVIDPAAVKKQAIKSATEAATMILRIDDIIPAKAPTGEDGDG
;
_entity_poly.pdbx_strand_id   A,B,C,D,E,F,G,H,I,J,K,L,M,N,O,P
#
loop_
_chem_comp.id
_chem_comp.type
_chem_comp.name
_chem_comp.formula
ADP non-polymer ADENOSINE-5'-DIPHOSPHATE 'C10 H15 N5 O10 P2'
MG non-polymer 'MAGNESIUM ION' 'Mg 2'
#
# COMPACT_ATOMS: atom_id res chain seq x y z
N ASP A 19 -16.21 34.40 -0.01
CA ASP A 19 -17.48 35.19 -0.07
C ASP A 19 -18.43 34.75 1.04
N ALA A 20 -18.11 35.17 2.26
CA ALA A 20 -18.92 34.76 3.41
C ALA A 20 -20.31 35.38 3.35
N ARG A 21 -20.45 36.56 2.74
CA ARG A 21 -21.78 37.09 2.49
C ARG A 21 -22.57 36.17 1.57
N LYS A 22 -21.91 35.66 0.53
CA LYS A 22 -22.59 34.69 -0.34
C LYS A 22 -22.96 33.44 0.43
N ASN A 23 -22.11 33.01 1.36
CA ASN A 23 -22.43 31.83 2.17
C ASN A 23 -23.64 32.10 3.06
N ASN A 24 -23.70 33.27 3.70
CA ASN A 24 -24.85 33.59 4.53
C ASN A 24 -26.12 33.71 3.70
N ILE A 25 -26.01 34.30 2.51
CA ILE A 25 -27.16 34.40 1.61
C ILE A 25 -27.61 33.01 1.20
N ALA A 26 -26.68 32.09 0.98
CA ALA A 26 -27.05 30.74 0.60
C ALA A 26 -27.75 30.02 1.76
N ALA A 27 -27.29 30.23 2.99
CA ALA A 27 -27.96 29.61 4.13
C ALA A 27 -29.39 30.15 4.30
N ALA A 28 -29.54 31.48 4.20
CA ALA A 28 -30.87 32.06 4.27
C ALA A 28 -31.74 31.58 3.12
N ARG A 29 -31.13 31.39 1.95
CA ARG A 29 -31.85 30.86 0.80
C ARG A 29 -32.35 29.44 1.08
N ALA A 30 -31.49 28.62 1.70
CA ALA A 30 -31.87 27.25 2.02
C ALA A 30 -33.05 27.22 2.97
N ILE A 31 -33.00 28.04 4.02
CA ILE A 31 -34.12 28.09 4.97
C ILE A 31 -35.37 28.62 4.28
N ALA A 32 -35.22 29.65 3.46
CA ALA A 32 -36.37 30.23 2.78
C ALA A 32 -37.04 29.21 1.88
N ASP A 33 -36.25 28.47 1.09
CA ASP A 33 -36.82 27.46 0.22
C ASP A 33 -37.40 26.29 1.01
N MET A 34 -36.80 25.99 2.16
CA MET A 34 -37.34 24.92 3.01
C MET A 34 -38.74 25.27 3.51
N VAL A 35 -38.93 26.51 3.95
CA VAL A 35 -40.21 26.95 4.50
C VAL A 35 -41.15 27.48 3.40
N LYS A 36 -40.65 27.61 2.16
CA LYS A 36 -41.46 28.14 1.07
C LYS A 36 -42.68 27.27 0.79
N THR A 37 -42.50 25.95 0.81
CA THR A 37 -43.54 25.03 0.41
C THR A 37 -44.74 25.01 1.35
N THR A 38 -44.61 25.54 2.57
CA THR A 38 -45.67 25.47 3.57
C THR A 38 -46.42 26.79 3.73
N LEU A 39 -46.48 27.59 2.68
CA LEU A 39 -47.19 28.88 2.68
C LEU A 39 -48.49 28.70 1.93
N GLY A 40 -49.60 28.67 2.67
CA GLY A 40 -50.93 28.68 2.08
C GLY A 40 -51.84 27.61 2.65
N PRO A 41 -53.10 27.60 2.19
CA PRO A 41 -54.01 26.53 2.60
C PRO A 41 -53.50 25.15 2.29
N ARG A 42 -52.83 24.98 1.15
CA ARG A 42 -52.28 23.71 0.72
C ARG A 42 -50.79 23.62 1.04
N GLY A 43 -50.38 24.23 2.15
CA GLY A 43 -49.01 24.17 2.60
C GLY A 43 -48.57 22.74 2.80
N MET A 44 -47.68 22.28 1.94
CA MET A 44 -47.22 20.91 2.00
C MET A 44 -46.45 20.73 3.31
N ASN A 45 -46.96 19.86 4.18
CA ASN A 45 -46.42 19.80 5.54
C ASN A 45 -44.97 19.32 5.54
N LYS A 46 -44.35 19.40 6.71
CA LYS A 46 -42.96 19.03 6.91
C LYS A 46 -42.83 18.13 8.13
N MET A 47 -41.80 17.30 8.13
CA MET A 47 -41.59 16.28 9.16
C MET A 47 -40.36 16.64 9.96
N LEU A 48 -40.53 16.80 11.28
CA LEU A 48 -39.47 17.17 12.20
C LEU A 48 -39.02 15.92 12.95
N VAL A 49 -37.85 15.39 12.60
CA VAL A 49 -37.30 14.18 13.19
C VAL A 49 -36.03 14.54 13.94
N ASN A 50 -35.87 13.98 15.14
CA ASN A 50 -34.76 14.27 16.03
C ASN A 50 -34.03 12.97 16.36
N SER A 51 -32.88 13.11 17.02
CA SER A 51 -32.08 11.95 17.38
C SER A 51 -32.84 11.00 18.30
N LEU A 52 -33.70 11.54 19.16
CA LEU A 52 -34.52 10.70 20.02
C LEU A 52 -35.56 9.90 19.24
N GLY A 53 -35.81 10.23 17.97
CA GLY A 53 -36.73 9.50 17.13
C GLY A 53 -38.15 10.00 17.14
N ASP A 54 -38.49 10.93 18.04
CA ASP A 54 -39.83 11.49 18.04
C ASP A 54 -40.05 12.30 16.77
N VAL A 55 -41.27 12.22 16.23
CA VAL A 55 -41.64 12.88 14.98
C VAL A 55 -42.93 13.66 15.22
N THR A 56 -42.95 14.90 14.77
CA THR A 56 -44.14 15.74 14.77
C THR A 56 -44.33 16.33 13.39
N ILE A 57 -45.51 16.13 12.81
CA ILE A 57 -45.84 16.68 11.50
C ILE A 57 -46.43 18.07 11.72
N THR A 58 -45.79 19.08 11.15
CA THR A 58 -46.20 20.46 11.31
C THR A 58 -46.16 21.16 9.96
N ASN A 59 -47.00 22.19 9.82
CA ASN A 59 -46.98 23.06 8.66
C ASN A 59 -46.89 24.53 9.01
N ASP A 60 -47.23 24.94 10.23
CA ASP A 60 -47.10 26.33 10.62
C ASP A 60 -45.60 26.63 10.70
N GLY A 61 -45.18 27.68 9.99
CA GLY A 61 -43.76 27.97 9.87
C GLY A 61 -43.07 28.27 11.19
N ALA A 62 -43.82 28.69 12.20
CA ALA A 62 -43.22 29.01 13.48
C ALA A 62 -42.52 27.79 14.07
N THR A 63 -43.21 26.65 14.08
CA THR A 63 -42.60 25.43 14.58
C THR A 63 -41.39 25.02 13.75
N ILE A 64 -41.52 25.10 12.42
CA ILE A 64 -40.47 24.60 11.55
C ILE A 64 -39.21 25.43 11.74
N LEU A 65 -39.36 26.73 11.99
CA LEU A 65 -38.22 27.54 12.38
C LEU A 65 -37.80 27.31 13.83
N GLU A 66 -38.71 26.84 14.69
CA GLU A 66 -38.38 26.70 16.10
C GLU A 66 -37.41 25.55 16.34
N GLU A 67 -37.85 24.31 16.06
CA GLU A 67 -37.08 23.13 16.43
C GLU A 67 -36.40 22.45 15.24
N MET A 68 -35.81 23.24 14.35
CA MET A 68 -34.86 22.75 13.35
C MET A 68 -33.43 22.98 13.82
N ASP A 69 -32.51 22.12 13.35
CA ASP A 69 -31.11 22.32 13.62
C ASP A 69 -30.50 23.28 12.61
N ILE A 70 -29.75 24.26 13.11
CA ILE A 70 -29.07 25.25 12.30
C ILE A 70 -27.68 25.47 12.86
N GLU A 71 -26.66 24.96 12.17
CA GLU A 71 -25.29 25.22 12.59
C GLU A 71 -24.78 26.54 12.02
N HIS A 72 -25.32 26.97 10.89
CA HIS A 72 -24.89 28.24 10.29
C HIS A 72 -25.42 29.39 11.14
N PRO A 73 -24.58 30.38 11.51
CA PRO A 73 -25.07 31.41 12.45
C PRO A 73 -25.95 32.45 11.78
N ALA A 74 -25.67 32.76 10.52
CA ALA A 74 -26.55 33.65 9.77
C ALA A 74 -27.95 33.06 9.67
N ALA A 75 -28.04 31.75 9.49
CA ALA A 75 -29.32 31.07 9.61
C ALA A 75 -29.87 31.21 11.03
N LYS A 76 -29.00 31.13 12.04
CA LYS A 76 -29.44 31.22 13.41
C LYS A 76 -30.07 32.56 13.75
N MET A 77 -29.74 33.61 13.01
CA MET A 77 -30.44 34.88 13.24
C MET A 77 -31.91 34.78 12.88
N LEU A 78 -32.25 33.96 11.88
CA LEU A 78 -33.65 33.85 11.50
C LEU A 78 -34.50 33.26 12.61
N LYS A 79 -33.89 32.51 13.54
CA LYS A 79 -34.59 32.16 14.77
C LYS A 79 -35.08 33.41 15.49
N GLU A 80 -34.19 34.39 15.65
CA GLU A 80 -34.57 35.62 16.34
C GLU A 80 -35.61 36.40 15.55
N VAL A 81 -35.48 36.38 14.22
CA VAL A 81 -36.47 37.06 13.38
C VAL A 81 -37.86 36.45 13.58
N ALA A 82 -37.92 35.11 13.55
CA ALA A 82 -39.20 34.44 13.74
C ALA A 82 -39.74 34.66 15.13
N LYS A 83 -38.86 34.68 16.14
CA LYS A 83 -39.30 34.94 17.50
C LYS A 83 -39.91 36.33 17.62
N ALA A 84 -39.27 37.32 17.01
CA ALA A 84 -39.81 38.67 17.04
C ALA A 84 -41.16 38.73 16.32
N GLN A 85 -41.28 38.03 15.19
CA GLN A 85 -42.53 38.02 14.45
C GLN A 85 -43.64 37.43 15.30
N GLU A 86 -43.36 36.31 15.96
CA GLU A 86 -44.36 35.68 16.80
C GLU A 86 -44.72 36.57 17.99
N GLU A 87 -43.72 37.25 18.56
CA GLU A 87 -43.98 38.08 19.73
C GLU A 87 -44.89 39.26 19.38
N GLU A 88 -44.54 40.01 18.32
CA GLU A 88 -45.34 41.17 17.97
C GLU A 88 -46.66 40.77 17.32
N ALA A 89 -46.60 40.08 16.18
CA ALA A 89 -47.79 39.80 15.40
C ALA A 89 -48.49 38.51 15.81
N GLY A 90 -47.73 37.42 15.98
CA GLY A 90 -48.30 36.12 16.28
C GLY A 90 -48.68 35.31 15.06
N ASP A 91 -48.63 35.89 13.87
CA ASP A 91 -48.87 35.16 12.64
C ASP A 91 -48.13 35.87 11.50
N GLY A 92 -47.58 35.08 10.59
CA GLY A 92 -46.88 35.62 9.42
C GLY A 92 -45.40 35.31 9.42
N THR A 93 -44.98 34.30 10.17
CA THR A 93 -43.57 33.94 10.18
C THR A 93 -43.15 33.33 8.84
N THR A 94 -44.00 32.48 8.25
CA THR A 94 -43.66 31.91 6.95
C THR A 94 -43.64 32.98 5.87
N THR A 95 -44.57 33.93 5.94
CA THR A 95 -44.55 35.05 5.01
C THR A 95 -43.28 35.87 5.17
N ALA A 96 -42.87 36.12 6.42
CA ALA A 96 -41.67 36.89 6.67
C ALA A 96 -40.44 36.19 6.12
N VAL A 97 -40.32 34.88 6.36
CA VAL A 97 -39.13 34.17 5.91
C VAL A 97 -39.09 34.06 4.40
N VAL A 98 -40.24 33.82 3.75
CA VAL A 98 -40.25 33.76 2.29
C VAL A 98 -39.93 35.12 1.69
N LEU A 99 -40.46 36.19 2.30
CA LEU A 99 -40.14 37.53 1.83
C LEU A 99 -38.66 37.83 1.98
N ALA A 100 -38.06 37.41 3.10
CA ALA A 100 -36.63 37.60 3.28
C ALA A 100 -35.85 36.82 2.22
N GLY A 101 -36.29 35.60 1.92
CA GLY A 101 -35.62 34.82 0.90
C GLY A 101 -35.65 35.49 -0.47
N ALA A 102 -36.82 36.00 -0.86
CA ALA A 102 -36.92 36.67 -2.16
C ALA A 102 -36.13 37.97 -2.16
N LEU A 103 -36.13 38.68 -1.04
CA LEU A 103 -35.36 39.91 -0.95
C LEU A 103 -33.86 39.64 -1.10
N LEU A 104 -33.37 38.58 -0.47
CA LEU A 104 -31.95 38.25 -0.62
C LEU A 104 -31.65 37.69 -2.01
N GLU A 105 -32.63 37.04 -2.65
CA GLU A 105 -32.52 36.74 -4.08
C GLU A 105 -32.15 37.98 -4.88
N GLU A 106 -33.03 38.98 -4.84
CA GLU A 106 -32.79 40.16 -5.67
C GLU A 106 -31.60 40.95 -5.18
N ALA A 107 -31.29 40.88 -3.88
CA ALA A 107 -30.12 41.59 -3.35
C ALA A 107 -28.82 40.98 -3.82
N GLU A 108 -28.72 39.64 -3.76
CA GLU A 108 -27.58 38.93 -4.34
C GLU A 108 -27.41 39.32 -5.78
N LYS A 109 -28.51 39.39 -6.50
CA LYS A 109 -28.47 39.76 -7.94
C LYS A 109 -28.05 41.23 -8.17
N LEU A 110 -28.39 42.18 -7.28
CA LEU A 110 -27.96 43.55 -7.44
C LEU A 110 -26.49 43.72 -7.07
N ILE A 111 -25.95 42.82 -6.22
CA ILE A 111 -24.49 42.86 -5.99
C ILE A 111 -23.79 42.20 -7.17
N GLU A 112 -24.38 41.16 -7.80
CA GLU A 112 -23.75 40.60 -9.00
C GLU A 112 -23.61 41.65 -10.10
N GLN A 113 -24.63 42.49 -10.28
CA GLN A 113 -24.55 43.53 -11.30
C GLN A 113 -23.41 44.50 -10.99
N GLY A 114 -23.28 44.89 -9.72
CA GLY A 114 -22.20 45.76 -9.28
C GLY A 114 -22.60 46.81 -8.26
N ILE A 115 -23.89 46.89 -7.92
CA ILE A 115 -24.33 47.87 -6.95
C ILE A 115 -23.75 47.52 -5.59
N HIS A 116 -23.29 48.54 -4.88
CA HIS A 116 -22.73 48.31 -3.55
C HIS A 116 -23.84 47.87 -2.59
N PRO A 117 -23.52 47.05 -1.57
CA PRO A 117 -24.58 46.63 -0.65
C PRO A 117 -25.28 47.76 0.09
N THR A 118 -24.55 48.81 0.47
CA THR A 118 -25.16 49.89 1.24
C THR A 118 -26.25 50.59 0.42
N THR A 119 -26.04 50.72 -0.88
CA THR A 119 -27.08 51.27 -1.73
C THR A 119 -28.32 50.39 -1.74
N ILE A 120 -28.11 49.06 -1.75
CA ILE A 120 -29.24 48.14 -1.68
C ILE A 120 -30.00 48.34 -0.38
N ILE A 121 -29.27 48.50 0.73
CA ILE A 121 -29.91 48.70 2.02
C ILE A 121 -30.74 49.98 2.02
N LYS A 122 -30.17 51.06 1.47
CA LYS A 122 -30.92 52.32 1.43
C LYS A 122 -32.17 52.18 0.58
N GLY A 123 -32.04 51.55 -0.59
CA GLY A 123 -33.19 51.36 -1.45
C GLY A 123 -34.26 50.52 -0.78
N TYR A 124 -33.86 49.45 -0.10
CA TYR A 124 -34.83 48.61 0.59
C TYR A 124 -35.52 49.37 1.71
N ARG A 125 -34.79 50.19 2.45
CA ARG A 125 -35.41 50.95 3.53
C ARG A 125 -36.44 51.92 3.00
N LYS A 126 -36.11 52.66 1.93
CA LYS A 126 -37.08 53.58 1.36
C LYS A 126 -38.27 52.82 0.77
N ALA A 127 -37.99 51.71 0.09
CA ALA A 127 -39.05 50.90 -0.50
C ALA A 127 -40.00 50.40 0.57
N VAL A 128 -39.47 50.08 1.75
CA VAL A 128 -40.32 49.48 2.78
C VAL A 128 -41.08 50.56 3.55
N ASP A 129 -40.50 51.75 3.70
CA ASP A 129 -41.28 52.87 4.22
C ASP A 129 -42.49 53.11 3.33
N LYS A 130 -42.27 53.22 2.02
CA LYS A 130 -43.42 53.44 1.14
C LYS A 130 -44.31 52.21 1.08
N ALA A 131 -43.76 51.01 1.29
CA ALA A 131 -44.59 49.81 1.29
C ALA A 131 -45.56 49.83 2.47
N LEU A 132 -45.07 50.22 3.65
CA LEU A 132 -45.96 50.37 4.79
C LEU A 132 -47.02 51.42 4.53
N GLU A 133 -46.63 52.56 3.93
CA GLU A 133 -47.60 53.59 3.60
C GLU A 133 -48.67 53.06 2.64
N VAL A 134 -48.23 52.39 1.58
CA VAL A 134 -49.15 51.87 0.57
C VAL A 134 -50.11 50.86 1.18
N LEU A 135 -49.59 49.96 2.01
CA LEU A 135 -50.43 48.96 2.64
C LEU A 135 -51.41 49.61 3.59
N GLU A 136 -51.04 50.76 4.18
CA GLU A 136 -52.01 51.51 4.97
C GLU A 136 -53.13 52.06 4.09
N GLU A 137 -52.80 52.59 2.91
CA GLU A 137 -53.86 53.19 2.09
C GLU A 137 -54.79 52.10 1.54
N VAL A 138 -54.22 51.02 1.02
CA VAL A 138 -55.02 50.04 0.29
C VAL A 138 -55.97 49.30 1.23
N ALA A 139 -55.63 49.22 2.52
CA ALA A 139 -56.39 48.39 3.44
C ALA A 139 -57.83 48.89 3.59
N ILE A 140 -58.77 47.94 3.55
CA ILE A 140 -60.20 48.23 3.64
C ILE A 140 -60.57 48.10 5.13
N PRO A 141 -61.33 49.03 5.71
CA PRO A 141 -61.60 48.96 7.14
C PRO A 141 -62.78 48.07 7.49
N VAL A 142 -62.80 47.66 8.76
CA VAL A 142 -63.79 46.71 9.27
C VAL A 142 -64.31 47.19 10.61
N ASP A 143 -65.62 47.15 10.78
CA ASP A 143 -66.24 47.36 12.08
C ASP A 143 -66.21 46.06 12.88
N PRO A 144 -66.29 46.12 14.21
CA PRO A 144 -66.31 44.88 14.99
C PRO A 144 -67.67 44.20 15.11
N ASP A 145 -68.66 44.62 14.31
CA ASP A 145 -69.99 44.03 14.34
C ASP A 145 -70.39 43.34 13.05
N ASP A 146 -69.59 43.45 11.99
CA ASP A 146 -69.90 42.80 10.72
C ASP A 146 -69.49 41.33 10.82
N GLU A 147 -70.45 40.48 11.15
CA GLU A 147 -70.15 39.09 11.53
C GLU A 147 -69.48 38.33 10.39
N GLU A 148 -69.96 38.54 9.16
CA GLU A 148 -69.39 37.82 8.02
C GLU A 148 -67.92 38.18 7.82
N THR A 149 -67.56 39.45 8.01
CA THR A 149 -66.16 39.85 7.85
C THR A 149 -65.27 39.20 8.90
N LEU A 150 -65.72 39.17 10.16
CA LEU A 150 -64.93 38.52 11.19
C LEU A 150 -64.79 37.02 10.90
N LYS A 151 -65.87 36.39 10.43
CA LYS A 151 -65.79 34.98 10.08
C LYS A 151 -64.78 34.76 8.95
N ALA A 152 -64.79 35.65 7.95
CA ALA A 152 -63.85 35.51 6.84
C ALA A 152 -62.42 35.66 7.32
N VAL A 153 -62.16 36.65 8.19
CA VAL A 153 -60.81 36.83 8.71
C VAL A 153 -60.38 35.59 9.49
N ALA A 154 -61.27 35.08 10.34
CA ALA A 154 -60.95 33.90 11.13
C ALA A 154 -60.64 32.72 10.24
N ARG A 155 -61.46 32.49 9.20
CA ARG A 155 -61.24 31.36 8.31
C ARG A 155 -59.92 31.51 7.55
N THR A 156 -59.63 32.72 7.06
CA THR A 156 -58.41 32.93 6.30
C THR A 156 -57.18 32.66 7.13
N ALA A 157 -57.11 33.25 8.33
CA ALA A 157 -55.92 33.05 9.15
C ALA A 157 -55.84 31.61 9.67
N MET A 158 -56.98 31.08 10.13
CA MET A 158 -57.05 29.69 10.64
C MET A 158 -56.59 28.73 9.54
N THR A 159 -56.84 29.05 8.27
CA THR A 159 -56.52 28.17 7.14
C THR A 159 -55.05 27.75 7.15
N GLY A 160 -54.81 26.54 6.64
CA GLY A 160 -53.47 26.01 6.48
C GLY A 160 -53.26 24.66 7.14
N LYS A 161 -53.95 24.41 8.23
CA LYS A 161 -53.58 23.35 9.18
C LYS A 161 -54.70 22.36 9.48
N ALA A 162 -55.96 22.78 9.50
CA ALA A 162 -57.03 21.85 9.79
C ALA A 162 -57.44 21.06 8.55
N SER A 163 -58.18 20.00 8.77
CA SER A 163 -58.86 19.32 7.68
C SER A 163 -59.92 20.24 7.08
N GLU A 164 -60.21 20.03 5.80
CA GLU A 164 -61.16 20.89 5.10
C GLU A 164 -62.58 20.77 5.67
N GLU A 165 -62.88 19.69 6.39
CA GLU A 165 -64.26 19.46 6.81
C GLU A 165 -64.68 20.42 7.92
N ASN A 166 -63.84 20.62 8.93
CA ASN A 166 -64.21 21.31 10.15
C ASN A 166 -63.83 22.79 10.13
N ARG A 167 -63.66 23.38 8.95
CA ARG A 167 -63.31 24.79 8.86
C ARG A 167 -64.45 25.66 9.34
N GLU A 168 -65.67 25.42 8.85
CA GLU A 168 -66.81 26.22 9.26
C GLU A 168 -67.07 26.11 10.75
N GLU A 169 -66.96 24.89 11.29
CA GLU A 169 -67.25 24.67 12.70
C GLU A 169 -66.28 25.44 13.59
N ILE A 170 -64.97 25.30 13.32
CA ILE A 170 -63.99 25.94 14.17
C ILE A 170 -64.05 27.47 14.00
N ALA A 171 -64.34 27.95 12.79
CA ALA A 171 -64.47 29.39 12.60
C ALA A 171 -65.67 29.95 13.36
N ASP A 172 -66.82 29.27 13.28
CA ASP A 172 -67.99 29.71 14.01
C ASP A 172 -67.74 29.70 15.51
N LEU A 173 -67.08 28.65 16.00
CA LEU A 173 -66.81 28.56 17.43
C LEU A 173 -65.80 29.61 17.86
N VAL A 174 -64.85 29.94 16.99
CA VAL A 174 -63.88 31.00 17.29
C VAL A 174 -64.60 32.33 17.48
N VAL A 175 -65.45 32.70 16.52
CA VAL A 175 -66.12 33.99 16.62
C VAL A 175 -67.09 33.98 17.80
N GLU A 176 -67.74 32.85 18.07
CA GLU A 176 -68.65 32.77 19.20
C GLU A 176 -67.91 32.98 20.52
N ALA A 177 -66.75 32.33 20.66
CA ALA A 177 -65.96 32.50 21.88
C ALA A 177 -65.46 33.93 22.01
N VAL A 178 -65.04 34.52 20.89
CA VAL A 178 -64.51 35.89 20.93
C VAL A 178 -65.60 36.86 21.37
N LEU A 179 -66.81 36.69 20.85
CA LEU A 179 -67.89 37.60 21.21
C LEU A 179 -68.38 37.35 22.63
N SER A 180 -68.57 36.09 23.02
CA SER A 180 -69.14 35.79 24.33
C SER A 180 -68.17 36.15 25.45
N LEU A 181 -66.88 35.87 25.27
CA LEU A 181 -65.86 36.25 26.23
C LEU A 181 -65.27 37.63 25.94
N ALA A 182 -66.04 38.50 25.29
CA ALA A 182 -65.56 39.84 24.96
C ALA A 182 -65.53 40.72 26.20
N GLU A 183 -64.38 40.77 26.87
CA GLU A 183 -64.20 41.60 28.05
C GLU A 183 -63.91 43.02 27.59
N ASP A 184 -64.93 43.89 27.65
CA ASP A 184 -64.83 45.23 27.11
C ASP A 184 -63.95 46.08 28.02
N GLY A 185 -62.64 45.95 27.82
CA GLY A 185 -61.67 46.73 28.55
C GLY A 185 -61.36 48.04 27.86
N GLY A 186 -62.34 48.93 27.80
CA GLY A 186 -62.16 50.20 27.11
C GLY A 186 -61.94 50.06 25.62
N GLY A 187 -62.72 49.22 24.96
CA GLY A 187 -62.63 48.99 23.52
C GLY A 187 -61.69 47.87 23.12
N LYS A 188 -60.52 47.81 23.76
CA LYS A 188 -59.54 46.77 23.45
C LYS A 188 -59.92 45.53 24.25
N TYR A 189 -60.59 44.59 23.58
CA TYR A 189 -61.04 43.37 24.26
C TYR A 189 -59.85 42.48 24.58
N ARG A 190 -59.76 42.04 25.84
CA ARG A 190 -58.65 41.22 26.30
C ARG A 190 -58.96 39.74 26.02
N VAL A 191 -58.99 39.42 24.73
CA VAL A 191 -59.21 38.03 24.30
C VAL A 191 -57.82 37.39 24.23
N ASP A 192 -57.35 36.93 25.38
CA ASP A 192 -56.04 36.31 25.48
C ASP A 192 -56.12 34.85 25.05
N LEU A 193 -54.96 34.30 24.68
CA LEU A 193 -54.90 32.90 24.27
C LEU A 193 -55.24 31.96 25.42
N ASP A 194 -54.91 32.36 26.66
CA ASP A 194 -55.14 31.54 27.84
C ASP A 194 -56.46 31.86 28.53
N ASN A 195 -57.47 32.33 27.78
CA ASN A 195 -58.76 32.72 28.33
C ASN A 195 -59.91 31.85 27.86
N ILE A 196 -59.80 31.20 26.71
CA ILE A 196 -60.90 30.44 26.11
C ILE A 196 -60.73 28.98 26.47
N LYS A 197 -61.85 28.32 26.76
CA LYS A 197 -61.87 27.04 27.46
C LYS A 197 -61.91 25.89 26.46
N ILE A 198 -60.81 25.14 26.36
CA ILE A 198 -60.77 23.89 25.63
C ILE A 198 -59.99 22.87 26.46
N GLU A 199 -60.28 21.59 26.23
CA GLU A 199 -59.55 20.48 26.81
C GLU A 199 -59.00 19.58 25.70
N LYS A 200 -57.85 18.97 25.97
CA LYS A 200 -57.19 18.10 25.02
C LYS A 200 -57.53 16.64 25.33
N GLN A 201 -57.84 15.88 24.27
CA GLN A 201 -58.16 14.47 24.43
C GLN A 201 -58.13 13.81 23.05
N THR A 202 -57.61 12.59 23.01
CA THR A 202 -57.51 11.85 21.75
C THR A 202 -58.89 11.38 21.30
N GLY A 203 -59.08 11.34 19.99
CA GLY A 203 -60.34 10.88 19.43
C GLY A 203 -61.44 11.92 19.54
N GLY A 204 -62.68 11.45 19.42
CA GLY A 204 -63.81 12.34 19.48
C GLY A 204 -63.81 13.30 18.31
N GLY A 205 -63.94 14.60 18.62
CA GLY A 205 -63.95 15.62 17.59
C GLY A 205 -63.66 16.98 18.18
N ALA A 206 -63.72 17.99 17.32
CA ALA A 206 -63.47 19.37 17.72
C ALA A 206 -64.70 20.05 18.32
N SER A 207 -65.83 19.36 18.42
CA SER A 207 -67.06 19.95 18.93
C SER A 207 -67.09 20.07 20.46
N ASP A 208 -66.00 19.75 21.14
CA ASP A 208 -65.89 19.93 22.59
C ASP A 208 -65.18 21.22 22.97
N THR A 209 -64.94 22.11 22.01
CA THR A 209 -64.30 23.40 22.28
C THR A 209 -65.38 24.41 22.68
N GLU A 210 -65.98 24.13 23.84
CA GLU A 210 -67.09 24.90 24.38
C GLU A 210 -66.64 25.71 25.59
N LEU A 211 -67.47 26.69 25.95
CA LEU A 211 -67.19 27.57 27.08
C LEU A 211 -67.56 26.84 28.37
N ILE A 212 -66.59 26.15 28.95
CA ILE A 212 -66.73 25.51 30.25
C ILE A 212 -66.05 26.42 31.27
N GLU A 213 -66.86 27.09 32.09
CA GLU A 213 -66.36 28.21 32.89
C GLU A 213 -65.44 27.73 34.01
N GLY A 214 -64.26 27.26 33.65
CA GLY A 214 -63.29 26.79 34.61
C GLY A 214 -62.20 26.00 33.93
N VAL A 215 -61.04 25.96 34.59
CA VAL A 215 -59.87 25.27 34.06
C VAL A 215 -60.02 23.78 34.36
N VAL A 216 -60.03 22.97 33.30
CA VAL A 216 -60.19 21.52 33.41
C VAL A 216 -58.81 20.88 33.38
N LEU A 217 -58.53 20.03 34.36
CA LEU A 217 -57.24 19.37 34.51
C LEU A 217 -57.30 17.96 33.97
N ASP A 218 -56.17 17.51 33.40
CA ASP A 218 -56.07 16.16 32.83
C ASP A 218 -55.49 15.19 33.86
N LYS A 219 -56.22 15.02 34.95
CA LYS A 219 -55.84 14.10 36.01
C LYS A 219 -57.09 13.47 36.61
N GLU A 220 -56.97 12.21 37.04
CA GLU A 220 -58.07 11.49 37.63
C GLU A 220 -58.17 11.79 39.13
N PRO A 221 -59.34 11.54 39.75
CA PRO A 221 -59.40 11.64 41.20
C PRO A 221 -58.49 10.62 41.87
N VAL A 222 -57.90 11.02 43.00
CA VAL A 222 -56.97 10.13 43.70
C VAL A 222 -57.72 8.96 44.34
N HIS A 223 -58.89 9.22 44.91
CA HIS A 223 -59.66 8.22 45.64
C HIS A 223 -61.05 8.17 45.03
N GLU A 224 -61.55 6.95 44.80
CA GLU A 224 -62.87 6.77 44.20
C GLU A 224 -63.96 7.43 45.05
N ASP A 225 -63.89 7.26 46.37
CA ASP A 225 -64.91 7.81 47.26
C ASP A 225 -64.77 9.30 47.49
N MET A 226 -63.78 9.96 46.89
CA MET A 226 -63.69 11.41 46.98
C MET A 226 -64.93 12.01 46.30
N PRO A 227 -65.57 13.04 46.89
CA PRO A 227 -66.85 13.51 46.33
C PRO A 227 -66.70 14.09 44.94
N LYS A 228 -67.25 13.40 43.94
CA LYS A 228 -67.12 13.86 42.56
C LYS A 228 -67.89 15.14 42.33
N LYS A 229 -69.09 15.26 42.92
CA LYS A 229 -69.94 16.42 42.76
C LYS A 229 -69.90 17.28 44.01
N LEU A 230 -69.63 18.58 43.83
CA LEU A 230 -69.61 19.53 44.94
C LEU A 230 -70.08 20.88 44.40
N GLU A 231 -71.35 21.20 44.63
CA GLU A 231 -71.90 22.48 44.20
C GLU A 231 -71.52 23.56 45.20
N ASN A 232 -71.13 24.72 44.68
CA ASN A 232 -70.68 25.85 45.51
C ASN A 232 -69.52 25.43 46.42
N ALA A 233 -68.62 24.62 45.88
CA ALA A 233 -67.52 24.09 46.66
C ALA A 233 -66.56 25.19 47.09
N LYS A 234 -66.02 25.06 48.30
CA LYS A 234 -65.01 25.97 48.81
C LYS A 234 -63.66 25.53 48.26
N VAL A 235 -63.23 26.16 47.17
CA VAL A 235 -62.05 25.73 46.43
C VAL A 235 -60.83 26.42 47.01
N ALA A 236 -59.79 25.63 47.26
CA ALA A 236 -58.49 26.11 47.72
C ALA A 236 -57.42 25.74 46.70
N VAL A 237 -56.32 26.49 46.74
CA VAL A 237 -55.17 26.25 45.88
C VAL A 237 -53.93 26.21 46.76
N LEU A 238 -53.19 25.10 46.70
CA LEU A 238 -51.98 24.90 47.48
C LEU A 238 -50.84 24.51 46.55
N ASP A 239 -49.61 24.61 47.07
CA ASP A 239 -48.41 24.24 46.33
C ASP A 239 -47.40 23.43 47.13
N ALA A 240 -47.52 23.37 48.45
CA ALA A 240 -46.55 22.61 49.24
C ALA A 240 -46.76 21.11 49.03
N PRO A 241 -45.71 20.30 49.22
CA PRO A 241 -45.87 18.86 48.97
C PRO A 241 -46.64 18.20 50.10
N ILE A 242 -47.83 17.70 49.79
CA ILE A 242 -48.68 17.03 50.77
C ILE A 242 -48.27 15.57 50.92
N ILE A 253 -34.78 9.86 61.33
CA ILE A 253 -35.48 9.51 62.56
C ILE A 253 -34.60 8.56 63.38
N SER A 254 -34.36 8.93 64.64
CA SER A 254 -33.56 8.13 65.56
C SER A 254 -34.47 7.36 66.49
N ILE A 255 -34.27 6.05 66.57
CA ILE A 255 -35.11 5.14 67.35
C ILE A 255 -34.29 4.65 68.54
N SER A 256 -34.88 4.74 69.73
CA SER A 256 -34.25 4.29 70.97
C SER A 256 -35.04 3.16 71.63
N SER A 257 -36.32 3.36 71.86
CA SER A 257 -37.21 2.35 72.42
C SER A 257 -37.97 1.65 71.31
N PRO A 258 -38.62 0.51 71.60
CA PRO A 258 -39.44 -0.15 70.57
C PRO A 258 -40.57 0.72 70.07
N GLU A 259 -41.15 1.56 70.94
CA GLU A 259 -42.29 2.40 70.58
C GLU A 259 -41.91 3.81 70.17
N GLN A 260 -40.62 4.13 70.06
CA GLN A 260 -40.25 5.48 69.66
C GLN A 260 -40.62 5.75 68.20
N PHE A 261 -40.45 4.75 67.33
CA PHE A 261 -40.89 4.90 65.95
C PHE A 261 -42.40 5.09 65.88
N GLN A 262 -43.14 4.34 66.68
CA GLN A 262 -44.60 4.52 66.72
C GLN A 262 -44.95 5.91 67.22
N ALA A 263 -44.23 6.42 68.22
CA ALA A 263 -44.49 7.77 68.71
C ALA A 263 -44.17 8.82 67.65
N PHE A 264 -43.10 8.60 66.88
CA PHE A 264 -42.78 9.51 65.78
C PHE A 264 -43.92 9.52 64.76
N LEU A 265 -44.38 8.33 64.38
CA LEU A 265 -45.51 8.25 63.44
C LEU A 265 -46.74 8.92 64.03
N ASP A 266 -46.96 8.76 65.33
CA ASP A 266 -48.14 9.31 65.97
C ASP A 266 -48.11 10.84 65.95
N GLN A 267 -47.00 11.43 66.36
CA GLN A 267 -46.91 12.89 66.31
C GLN A 267 -46.97 13.40 64.87
N GLU A 268 -46.47 12.62 63.91
CA GLU A 268 -46.63 13.02 62.51
C GLU A 268 -48.09 13.07 62.10
N GLU A 269 -48.88 12.02 62.42
CA GLU A 269 -50.26 12.11 61.97
C GLU A 269 -51.01 13.14 62.80
N LYS A 270 -50.52 13.44 64.01
CA LYS A 270 -51.16 14.45 64.84
C LYS A 270 -50.99 15.84 64.25
N GLN A 271 -49.77 16.15 63.80
CA GLN A 271 -49.49 17.46 63.14
C GLN A 271 -50.24 17.47 61.80
N LEU A 272 -50.41 16.31 61.14
CA LEU A 272 -51.23 16.22 59.94
C LEU A 272 -52.68 16.57 60.24
N ARG A 273 -53.21 15.98 61.31
CA ARG A 273 -54.56 16.29 61.75
C ARG A 273 -54.69 17.76 62.08
N GLU A 274 -53.64 18.36 62.64
CA GLU A 274 -53.73 19.76 63.04
C GLU A 274 -53.86 20.67 61.83
N MET A 275 -52.97 20.55 60.84
CA MET A 275 -53.04 21.57 59.79
C MET A 275 -54.19 21.25 58.85
N VAL A 276 -54.56 19.97 58.68
CA VAL A 276 -55.77 19.69 57.92
C VAL A 276 -57.02 20.16 58.69
N ASP A 277 -56.99 20.16 60.02
CA ASP A 277 -58.13 20.64 60.79
C ASP A 277 -58.30 22.14 60.62
N LYS A 278 -57.21 22.90 60.72
CA LYS A 278 -57.34 24.34 60.50
C LYS A 278 -57.61 24.66 59.04
N ILE A 279 -57.27 23.76 58.11
CA ILE A 279 -57.74 23.91 56.73
C ILE A 279 -59.27 23.75 56.69
N VAL A 280 -59.77 22.70 57.35
CA VAL A 280 -61.21 22.43 57.34
C VAL A 280 -61.97 23.55 58.04
N ASP A 281 -61.36 24.19 59.04
CA ASP A 281 -62.00 25.32 59.70
C ASP A 281 -62.24 26.45 58.71
N THR A 282 -61.30 26.68 57.80
CA THR A 282 -61.57 27.58 56.69
C THR A 282 -62.69 27.05 55.82
N GLY A 283 -62.75 25.72 55.64
CA GLY A 283 -63.80 25.07 54.90
C GLY A 283 -63.39 24.49 53.57
N ALA A 284 -62.11 24.50 53.22
CA ALA A 284 -61.66 24.02 51.92
C ALA A 284 -61.98 22.54 51.74
N ASN A 285 -62.55 22.20 50.58
CA ASN A 285 -62.86 20.83 50.22
C ASN A 285 -62.40 20.43 48.84
N VAL A 286 -61.88 21.36 48.04
CA VAL A 286 -61.34 21.08 46.71
C VAL A 286 -59.97 21.73 46.61
N VAL A 287 -58.96 20.93 46.30
CA VAL A 287 -57.57 21.39 46.24
C VAL A 287 -56.94 20.88 44.95
N PHE A 288 -56.07 21.71 44.36
CA PHE A 288 -55.26 21.35 43.20
C PHE A 288 -53.82 21.68 43.58
N CYS A 289 -53.05 20.66 43.97
CA CYS A 289 -51.72 20.86 44.52
C CYS A 289 -50.65 20.79 43.43
N GLU A 290 -49.60 21.60 43.61
CA GLU A 290 -48.55 21.69 42.61
C GLU A 290 -47.61 20.49 42.62
N LYS A 291 -47.55 19.73 43.71
CA LYS A 291 -46.56 18.67 43.90
C LYS A 291 -47.27 17.33 44.11
N GLY A 292 -46.47 16.29 44.35
CA GLY A 292 -46.98 14.94 44.46
C GLY A 292 -47.71 14.69 45.76
N ILE A 293 -48.12 13.43 45.94
CA ILE A 293 -48.89 12.98 47.09
C ILE A 293 -48.32 11.64 47.55
N ASP A 294 -48.93 11.10 48.60
CA ASP A 294 -48.65 9.76 49.10
C ASP A 294 -49.98 9.05 49.35
N ASP A 295 -49.92 7.72 49.39
CA ASP A 295 -51.14 6.92 49.51
C ASP A 295 -51.89 7.24 50.80
N GLN A 296 -51.17 7.29 51.91
CA GLN A 296 -51.79 7.66 53.18
C GLN A 296 -52.31 9.09 53.13
N VAL A 297 -51.59 9.99 52.46
CA VAL A 297 -52.00 11.39 52.39
C VAL A 297 -53.35 11.50 51.67
N GLU A 298 -53.45 10.88 50.49
CA GLU A 298 -54.71 10.96 49.76
C GLU A 298 -55.82 10.22 50.49
N HIS A 299 -55.48 9.12 51.19
CA HIS A 299 -56.49 8.39 51.94
C HIS A 299 -57.09 9.25 53.03
N MET A 300 -56.25 9.95 53.80
CA MET A 300 -56.78 10.78 54.87
C MET A 300 -57.41 12.06 54.33
N LEU A 301 -56.97 12.54 53.16
CA LEU A 301 -57.64 13.66 52.52
C LEU A 301 -59.06 13.29 52.12
N ALA A 302 -59.23 12.14 51.49
CA ALA A 302 -60.56 11.67 51.09
C ALA A 302 -61.35 11.08 52.24
N LYS A 303 -60.72 10.89 53.41
CA LYS A 303 -61.49 10.54 54.60
C LYS A 303 -62.51 11.63 54.92
N LYS A 304 -62.12 12.90 54.77
CA LYS A 304 -63.02 14.02 54.92
C LYS A 304 -63.65 14.46 53.60
N GLY A 305 -63.18 13.94 52.46
CA GLY A 305 -63.76 14.26 51.18
C GLY A 305 -63.10 15.46 50.53
N ILE A 306 -61.77 15.41 50.38
CA ILE A 306 -60.97 16.52 49.86
C ILE A 306 -60.39 16.11 48.52
N LEU A 307 -60.61 16.94 47.50
CA LEU A 307 -60.03 16.71 46.19
C LEU A 307 -58.59 17.20 46.17
N ALA A 308 -57.72 16.45 45.50
CA ALA A 308 -56.31 16.78 45.42
C ALA A 308 -55.75 16.31 44.08
N VAL A 309 -55.32 17.26 43.25
CA VAL A 309 -54.67 16.98 41.98
C VAL A 309 -53.21 17.40 42.11
N ARG A 310 -52.32 16.54 41.61
CA ARG A 310 -50.88 16.68 41.82
C ARG A 310 -50.15 16.99 40.51
N ARG A 311 -48.90 17.42 40.66
CA ARG A 311 -48.00 17.69 39.55
C ARG A 311 -48.61 18.72 38.59
N VAL A 312 -49.27 19.72 39.15
CA VAL A 312 -49.85 20.80 38.37
C VAL A 312 -48.76 21.82 38.08
N LYS A 313 -48.57 22.14 36.79
CA LYS A 313 -47.45 22.97 36.36
C LYS A 313 -47.53 24.36 36.97
N LYS A 314 -46.45 25.13 36.81
CA LYS A 314 -46.45 26.49 37.33
C LYS A 314 -47.48 27.36 36.61
N ASP A 315 -47.47 27.32 35.28
CA ASP A 315 -48.37 28.17 34.50
C ASP A 315 -49.83 27.79 34.74
N ASP A 316 -50.15 26.50 34.67
CA ASP A 316 -51.53 26.08 34.86
C ASP A 316 -51.97 26.18 36.32
N LEU A 317 -51.04 26.04 37.28
CA LEU A 317 -51.40 26.32 38.68
C LEU A 317 -51.73 27.78 38.87
N GLU A 318 -50.95 28.69 38.27
CA GLU A 318 -51.28 30.10 38.35
C GLU A 318 -52.62 30.39 37.68
N LYS A 319 -52.89 29.72 36.55
CA LYS A 319 -54.17 29.87 35.89
C LYS A 319 -55.32 29.42 36.78
N ILE A 320 -55.14 28.29 37.47
CA ILE A 320 -56.18 27.80 38.37
C ILE A 320 -56.36 28.77 39.54
N ALA A 321 -55.27 29.33 40.05
CA ALA A 321 -55.38 30.30 41.13
C ALA A 321 -56.16 31.53 40.69
N LYS A 322 -55.89 32.02 39.47
CA LYS A 322 -56.63 33.16 38.96
C LYS A 322 -58.10 32.83 38.77
N ALA A 323 -58.40 31.64 38.22
CA ALA A 323 -59.79 31.30 37.92
C ALA A 323 -60.59 31.06 39.19
N THR A 324 -60.06 30.25 40.10
CA THR A 324 -60.82 29.83 41.28
C THR A 324 -60.92 30.93 42.32
N GLY A 325 -60.02 31.90 42.30
CA GLY A 325 -60.00 32.97 43.28
C GLY A 325 -59.24 32.65 44.55
N ALA A 326 -58.81 31.40 44.73
CA ALA A 326 -58.01 31.02 45.89
C ALA A 326 -56.55 31.36 45.61
N ARG A 327 -56.02 32.37 46.31
CA ARG A 327 -54.63 32.75 46.12
C ARG A 327 -53.71 31.60 46.53
N VAL A 328 -52.59 31.47 45.82
CA VAL A 328 -51.64 30.41 46.14
C VAL A 328 -50.99 30.72 47.48
N VAL A 329 -51.01 29.74 48.38
CA VAL A 329 -50.58 29.92 49.76
C VAL A 329 -49.41 28.97 49.99
N SER A 330 -48.19 29.49 49.85
CA SER A 330 -47.01 28.68 50.14
C SER A 330 -46.94 28.32 51.61
N ASN A 331 -47.13 29.32 52.49
CA ASN A 331 -47.17 29.09 53.94
C ASN A 331 -48.63 28.89 54.33
N ILE A 332 -49.03 27.61 54.42
CA ILE A 332 -50.44 27.28 54.59
C ILE A 332 -50.93 27.61 56.00
N ASP A 333 -50.02 27.85 56.95
CA ASP A 333 -50.44 28.14 58.32
C ASP A 333 -51.28 29.41 58.41
N GLU A 334 -51.10 30.34 57.48
CA GLU A 334 -51.84 31.59 57.47
C GLU A 334 -53.12 31.54 56.64
N LEU A 335 -53.50 30.37 56.14
CA LEU A 335 -54.73 30.24 55.37
C LEU A 335 -55.94 30.59 56.25
N THR A 336 -56.85 31.37 55.69
CA THR A 336 -58.03 31.88 56.37
C THR A 336 -59.26 31.63 55.50
N PRO A 337 -60.47 31.74 56.07
CA PRO A 337 -61.66 31.66 55.21
C PRO A 337 -61.70 32.72 54.13
N GLU A 338 -61.15 33.91 54.40
CA GLU A 338 -61.09 34.95 53.38
C GLU A 338 -60.21 34.54 52.21
N ASP A 339 -59.22 33.68 52.44
CA ASP A 339 -58.29 33.27 51.40
C ASP A 339 -58.86 32.20 50.47
N LEU A 340 -60.01 31.61 50.80
CA LEU A 340 -60.56 30.53 50.00
C LEU A 340 -61.36 31.06 48.82
N GLY A 341 -61.31 30.32 47.72
CA GLY A 341 -62.12 30.61 46.56
C GLY A 341 -63.42 29.80 46.56
N HIS A 342 -64.20 30.01 45.50
CA HIS A 342 -65.47 29.32 45.34
C HIS A 342 -65.67 28.97 43.88
N ALA A 343 -66.28 27.81 43.64
CA ALA A 343 -66.62 27.34 42.31
C ALA A 343 -68.06 26.85 42.29
N GLY A 344 -68.76 27.14 41.20
CA GLY A 344 -70.16 26.74 41.12
C GLY A 344 -70.33 25.23 41.10
N LEU A 345 -69.41 24.52 40.48
CA LEU A 345 -69.52 23.07 40.36
C LEU A 345 -68.15 22.47 40.10
N VAL A 346 -67.97 21.24 40.57
CA VAL A 346 -66.84 20.39 40.20
C VAL A 346 -67.41 18.99 39.94
N GLU A 347 -67.04 18.40 38.81
CA GLU A 347 -67.63 17.13 38.40
C GLU A 347 -66.60 16.29 37.66
N GLN A 348 -66.64 14.98 37.90
CA GLN A 348 -65.84 14.01 37.17
C GLN A 348 -66.74 13.36 36.12
N ARG A 349 -66.45 13.62 34.85
CA ARG A 349 -67.21 13.10 33.72
C ARG A 349 -66.32 12.17 32.91
N LYS A 350 -66.84 10.98 32.59
CA LYS A 350 -66.08 10.00 31.81
C LYS A 350 -66.29 10.24 30.31
N LYS A 351 -65.88 11.44 29.88
CA LYS A 351 -65.95 11.80 28.47
C LYS A 351 -64.79 11.16 27.71
N GLY A 352 -65.09 10.50 26.61
CA GLY A 352 -64.05 9.81 25.86
C GLY A 352 -63.47 8.67 26.66
N GLU A 353 -62.17 8.43 26.48
CA GLU A 353 -61.48 7.34 27.16
C GLU A 353 -60.87 7.78 28.49
N ASP A 354 -60.08 8.86 28.46
CA ASP A 354 -59.41 9.31 29.67
C ASP A 354 -60.40 9.86 30.69
N ARG A 355 -60.16 9.56 31.96
CA ARG A 355 -60.97 10.08 33.05
C ARG A 355 -60.42 11.44 33.47
N MET A 356 -61.33 12.40 33.66
CA MET A 356 -60.93 13.78 33.96
C MET A 356 -61.92 14.38 34.94
N VAL A 357 -61.44 15.40 35.66
CA VAL A 357 -62.27 16.20 36.55
C VAL A 357 -62.65 17.46 35.77
N PHE A 358 -63.87 17.48 35.22
CA PHE A 358 -64.34 18.61 34.43
C PHE A 358 -64.78 19.72 35.37
N VAL A 359 -63.81 20.54 35.76
CA VAL A 359 -64.09 21.66 36.65
C VAL A 359 -64.81 22.75 35.87
N SER A 360 -65.93 23.22 36.41
CA SER A 360 -66.77 24.19 35.71
C SER A 360 -67.50 25.05 36.73
N GLY A 361 -67.30 26.37 36.65
CA GLY A 361 -67.90 27.31 37.57
C GLY A 361 -66.91 28.24 38.25
N CYS A 362 -65.76 28.46 37.64
CA CYS A 362 -64.79 29.44 38.13
C CYS A 362 -65.23 30.81 37.65
N LYS A 363 -65.80 31.60 38.57
CA LYS A 363 -66.58 32.78 38.20
C LYS A 363 -65.79 34.09 38.27
N ASN A 364 -64.51 34.06 38.64
CA ASN A 364 -63.78 35.29 38.83
C ASN A 364 -63.29 35.88 37.51
N GLU A 365 -62.46 35.15 36.78
CA GLU A 365 -61.86 35.61 35.54
C GLU A 365 -61.95 34.53 34.48
N PRO A 366 -61.95 34.90 33.17
CA PRO A 366 -61.86 33.88 32.11
C PRO A 366 -60.41 33.46 31.91
N VAL A 367 -60.07 32.25 32.33
CA VAL A 367 -58.72 31.74 32.29
C VAL A 367 -58.76 30.29 31.84
N ALA A 368 -57.79 29.89 31.02
CA ALA A 368 -57.82 28.56 30.41
C ALA A 368 -56.43 28.23 29.88
N THR A 369 -56.33 27.04 29.27
CA THR A 369 -55.09 26.52 28.71
C THR A 369 -55.31 26.14 27.26
N ILE A 370 -54.23 26.13 26.49
CA ILE A 370 -54.30 25.83 25.04
C ILE A 370 -54.15 24.32 24.92
N LEU A 371 -55.26 23.61 25.08
CA LEU A 371 -55.30 22.15 25.01
C LEU A 371 -56.56 21.76 24.27
N ILE A 372 -56.42 21.11 23.11
CA ILE A 372 -57.51 20.95 22.15
C ILE A 372 -57.53 19.53 21.61
N ARG A 373 -58.75 19.04 21.35
CA ARG A 373 -58.99 17.67 20.91
C ARG A 373 -58.77 17.52 19.41
N ALA A 374 -58.49 16.28 19.01
CA ALA A 374 -58.50 15.86 17.61
C ALA A 374 -58.43 14.34 17.59
N ALA A 375 -58.20 13.76 16.40
CA ALA A 375 -58.19 12.31 16.26
C ALA A 375 -56.89 11.70 16.79
N THR A 376 -55.77 12.06 16.19
CA THR A 376 -54.45 11.54 16.56
C THR A 376 -53.54 12.68 17.01
N GLU A 377 -52.37 12.29 17.55
CA GLU A 377 -51.50 13.27 18.21
C GLU A 377 -51.00 14.33 17.24
N HIS A 378 -50.62 13.93 16.03
CA HIS A 378 -50.21 14.90 15.02
C HIS A 378 -51.35 15.87 14.72
N VAL A 379 -52.55 15.34 14.55
CA VAL A 379 -53.70 16.17 14.25
C VAL A 379 -54.08 17.01 15.47
N VAL A 380 -53.90 16.47 16.68
CA VAL A 380 -54.15 17.24 17.90
C VAL A 380 -53.26 18.48 17.93
N GLU A 381 -51.95 18.29 17.70
CA GLU A 381 -51.03 19.42 17.70
C GLU A 381 -51.38 20.40 16.58
N GLU A 382 -51.77 19.87 15.41
CA GLU A 382 -52.08 20.72 14.27
C GLU A 382 -53.26 21.64 14.59
N LEU A 383 -54.38 21.06 15.06
CA LEU A 383 -55.51 21.92 15.43
C LEU A 383 -55.20 22.82 16.61
N GLU A 384 -54.30 22.42 17.52
CA GLU A 384 -53.94 23.34 18.60
C GLU A 384 -53.26 24.59 18.06
N ARG A 385 -52.26 24.40 17.20
CA ARG A 385 -51.61 25.55 16.57
C ARG A 385 -52.61 26.36 15.75
N ALA A 386 -53.53 25.68 15.08
CA ALA A 386 -54.46 26.39 14.21
C ALA A 386 -55.43 27.24 15.01
N ILE A 387 -55.97 26.72 16.10
CA ILE A 387 -56.90 27.50 16.91
C ILE A 387 -56.18 28.67 17.56
N ASP A 388 -54.93 28.45 17.99
CA ASP A 388 -54.14 29.54 18.55
C ASP A 388 -53.98 30.67 17.54
N ASP A 389 -53.62 30.32 16.29
CA ASP A 389 -53.46 31.34 15.27
C ASP A 389 -54.79 32.01 14.95
N ALA A 390 -55.89 31.26 15.05
CA ALA A 390 -57.20 31.83 14.74
C ALA A 390 -57.57 32.92 15.74
N LEU A 391 -57.47 32.62 17.04
CA LEU A 391 -57.72 33.67 18.03
C LEU A 391 -56.72 34.81 17.92
N ASN A 392 -55.47 34.52 17.58
CA ASN A 392 -54.51 35.60 17.40
C ASN A 392 -54.96 36.56 16.30
N ALA A 393 -55.39 36.00 15.17
CA ALA A 393 -55.77 36.85 14.05
C ALA A 393 -57.05 37.61 14.33
N VAL A 394 -58.05 36.97 14.94
CA VAL A 394 -59.28 37.70 15.21
C VAL A 394 -59.05 38.77 16.26
N LYS A 395 -58.18 38.51 17.24
CA LYS A 395 -57.82 39.53 18.21
C LYS A 395 -57.16 40.71 17.52
N ALA A 396 -56.22 40.43 16.60
CA ALA A 396 -55.56 41.52 15.88
C ALA A 396 -56.55 42.33 15.04
N ALA A 397 -57.49 41.63 14.40
CA ALA A 397 -58.49 42.32 13.59
C ALA A 397 -59.37 43.22 14.44
N ILE A 398 -59.81 42.72 15.60
CA ILE A 398 -60.65 43.55 16.47
C ILE A 398 -59.87 44.74 17.01
N LYS A 399 -58.61 44.51 17.41
CA LYS A 399 -57.80 45.61 17.95
C LYS A 399 -57.55 46.68 16.88
N ASP A 400 -56.82 46.31 15.82
CA ASP A 400 -56.40 47.30 14.85
C ASP A 400 -57.54 47.75 13.95
N GLY A 401 -58.46 46.84 13.64
CA GLY A 401 -59.62 47.21 12.84
C GLY A 401 -59.29 47.63 11.42
N LYS A 402 -58.26 47.04 10.83
CA LYS A 402 -57.95 47.25 9.41
C LYS A 402 -57.60 45.89 8.82
N VAL A 403 -58.32 45.50 7.78
CA VAL A 403 -58.11 44.22 7.11
C VAL A 403 -57.70 44.51 5.67
N VAL A 404 -56.74 43.72 5.18
CA VAL A 404 -56.22 43.84 3.82
C VAL A 404 -56.61 42.56 3.07
N PRO A 405 -56.91 42.60 1.78
CA PRO A 405 -57.14 41.34 1.05
C PRO A 405 -55.90 40.47 1.06
N GLY A 406 -56.10 39.19 1.32
CA GLY A 406 -55.03 38.22 1.34
C GLY A 406 -54.85 37.55 0.00
N GLY A 407 -54.31 36.33 0.03
CA GLY A 407 -54.14 35.57 -1.19
C GLY A 407 -53.20 36.21 -2.17
N GLY A 408 -52.22 36.96 -1.69
CA GLY A 408 -51.27 37.63 -2.56
C GLY A 408 -51.78 38.92 -3.16
N ALA A 409 -53.03 39.30 -2.91
CA ALA A 409 -53.56 40.52 -3.50
C ALA A 409 -52.87 41.75 -2.94
N ALA A 410 -52.67 41.79 -1.62
CA ALA A 410 -51.98 42.92 -1.02
C ALA A 410 -50.55 43.03 -1.54
N GLU A 411 -49.87 41.89 -1.69
CA GLU A 411 -48.51 41.92 -2.20
C GLU A 411 -48.46 42.47 -3.61
N VAL A 412 -49.39 42.06 -4.48
CA VAL A 412 -49.37 42.54 -5.85
C VAL A 412 -49.70 44.02 -5.91
N ALA A 413 -50.67 44.47 -5.11
CA ALA A 413 -51.02 45.89 -5.10
C ALA A 413 -49.85 46.75 -4.63
N VAL A 414 -49.20 46.33 -3.55
CA VAL A 414 -48.07 47.09 -3.03
C VAL A 414 -46.93 47.06 -4.04
N ALA A 415 -46.74 45.94 -4.73
CA ALA A 415 -45.71 45.87 -5.76
C ALA A 415 -45.99 46.84 -6.89
N ARG A 416 -47.25 46.92 -7.33
CA ARG A 416 -47.60 47.84 -8.41
C ARG A 416 -47.32 49.29 -8.00
N LYS A 417 -47.73 49.67 -6.79
CA LYS A 417 -47.48 51.05 -6.37
C LYS A 417 -46.00 51.30 -6.16
N LEU A 418 -45.25 50.27 -5.75
CA LEU A 418 -43.79 50.41 -5.65
C LEU A 418 -43.17 50.64 -7.02
N ARG A 419 -43.68 49.95 -8.04
CA ARG A 419 -43.17 50.18 -9.40
C ARG A 419 -43.53 51.58 -9.87
N GLU A 420 -44.69 52.09 -9.45
CA GLU A 420 -45.01 53.49 -9.74
C GLU A 420 -44.00 54.41 -9.08
N TYR A 421 -43.61 54.12 -7.83
CA TYR A 421 -42.55 54.88 -7.19
C TYR A 421 -41.24 54.79 -7.97
N ALA A 422 -40.92 53.59 -8.47
CA ALA A 422 -39.71 53.42 -9.26
C ALA A 422 -39.73 54.31 -10.48
N LYS A 423 -40.88 54.36 -11.17
CA LYS A 423 -41.03 55.29 -12.28
C LYS A 423 -40.86 56.73 -11.82
N SER A 424 -41.32 57.05 -10.60
CA SER A 424 -41.14 58.40 -10.08
C SER A 424 -39.68 58.69 -9.78
N LEU A 425 -39.00 57.79 -9.07
CA LEU A 425 -37.63 58.00 -8.66
C LEU A 425 -36.67 57.72 -9.81
N SER A 426 -35.47 58.29 -9.71
CA SER A 426 -34.40 58.05 -10.66
C SER A 426 -33.11 57.75 -9.89
N GLY A 427 -32.23 57.01 -10.54
CA GLY A 427 -30.95 56.62 -9.98
C GLY A 427 -30.84 55.12 -9.81
N LYS A 428 -29.73 54.70 -9.20
CA LYS A 428 -29.51 53.29 -8.92
C LYS A 428 -30.33 52.79 -7.73
N GLU A 429 -31.02 53.68 -7.01
CA GLU A 429 -32.01 53.25 -6.03
C GLU A 429 -33.28 52.74 -6.70
N GLN A 430 -33.55 53.15 -7.94
CA GLN A 430 -34.68 52.60 -8.68
C GLN A 430 -34.52 51.10 -8.86
N LEU A 431 -33.29 50.65 -9.14
CA LEU A 431 -33.04 49.22 -9.28
C LEU A 431 -33.35 48.49 -7.98
N ALA A 432 -32.96 49.06 -6.85
CA ALA A 432 -33.24 48.43 -5.56
C ALA A 432 -34.74 48.40 -5.27
N ILE A 433 -35.45 49.46 -5.63
CA ILE A 433 -36.89 49.46 -5.39
C ILE A 433 -37.58 48.42 -6.27
N GLU A 434 -37.14 48.29 -7.52
CA GLU A 434 -37.67 47.25 -8.39
C GLU A 434 -37.35 45.87 -7.84
N ALA A 435 -36.17 45.72 -7.26
CA ALA A 435 -35.82 44.47 -6.59
C ALA A 435 -36.77 44.17 -5.45
N PHE A 436 -37.08 45.17 -4.64
CA PHE A 436 -38.03 44.97 -3.55
C PHE A 436 -39.41 44.61 -4.07
N ALA A 437 -39.83 45.23 -5.17
CA ALA A 437 -41.13 44.92 -5.75
C ALA A 437 -41.17 43.47 -6.22
N ASP A 438 -40.12 43.01 -6.89
CA ASP A 438 -40.11 41.62 -7.37
C ASP A 438 -40.08 40.65 -6.19
N ALA A 439 -39.30 40.96 -5.16
CA ALA A 439 -39.26 40.09 -3.99
C ALA A 439 -40.61 40.03 -3.31
N LEU A 440 -41.30 41.16 -3.20
CA LEU A 440 -42.64 41.17 -2.62
C LEU A 440 -43.61 40.36 -3.47
N GLU A 441 -43.49 40.47 -4.78
CA GLU A 441 -44.40 39.78 -5.69
C GLU A 441 -44.05 38.30 -5.81
N GLU A 442 -42.92 37.88 -5.25
CA GLU A 442 -42.60 36.45 -5.13
C GLU A 442 -43.60 35.69 -4.27
N ILE A 443 -44.21 36.33 -3.27
CA ILE A 443 -45.13 35.63 -2.37
C ILE A 443 -46.33 35.06 -3.14
N PRO A 444 -47.04 35.83 -3.96
CA PRO A 444 -48.15 35.22 -4.73
C PRO A 444 -47.68 34.10 -5.65
N ARG A 445 -46.45 34.18 -6.17
CA ARG A 445 -45.92 33.09 -6.98
C ARG A 445 -45.84 31.82 -6.15
N THR A 446 -45.35 31.92 -4.91
CA THR A 446 -45.29 30.75 -4.03
C THR A 446 -46.68 30.23 -3.74
N LEU A 447 -47.61 31.13 -3.45
CA LEU A 447 -48.96 30.70 -3.10
C LEU A 447 -49.65 30.00 -4.26
N ALA A 448 -49.36 30.42 -5.49
CA ALA A 448 -49.87 29.72 -6.65
C ALA A 448 -49.16 28.39 -6.85
N GLU A 449 -47.85 28.34 -6.63
CA GLU A 449 -47.11 27.10 -6.83
C GLU A 449 -47.60 26.00 -5.89
N ASN A 450 -47.83 26.34 -4.62
CA ASN A 450 -48.35 25.35 -3.69
C ASN A 450 -49.80 24.97 -4.00
N ALA A 451 -50.52 25.82 -4.74
CA ALA A 451 -51.90 25.53 -5.11
C ALA A 451 -52.02 24.66 -6.36
N GLY A 452 -50.93 24.42 -7.07
CA GLY A 452 -50.93 23.60 -8.26
C GLY A 452 -50.98 24.38 -9.56
N LEU A 453 -51.40 25.64 -9.52
CA LEU A 453 -51.41 26.45 -10.73
C LEU A 453 -49.98 26.76 -11.18
N ASP A 454 -49.84 27.03 -12.47
CA ASP A 454 -48.54 27.44 -12.98
C ASP A 454 -48.20 28.83 -12.42
N PRO A 455 -46.96 29.06 -11.97
CA PRO A 455 -46.71 30.33 -11.29
C PRO A 455 -46.72 31.52 -12.21
N ILE A 456 -46.05 31.46 -13.36
CA ILE A 456 -45.88 32.64 -14.19
C ILE A 456 -47.20 33.07 -14.80
N ASP A 457 -48.03 32.11 -15.21
CA ASP A 457 -49.28 32.45 -15.88
C ASP A 457 -50.23 33.17 -14.92
N THR A 458 -50.44 32.61 -13.73
CA THR A 458 -51.34 33.24 -12.79
C THR A 458 -50.75 34.51 -12.21
N LEU A 459 -49.43 34.60 -12.10
CA LEU A 459 -48.80 35.86 -11.71
C LEU A 459 -49.05 36.95 -12.74
N VAL A 460 -48.93 36.62 -14.03
CA VAL A 460 -49.21 37.60 -15.07
C VAL A 460 -50.68 37.98 -15.06
N GLN A 461 -51.56 37.00 -14.81
CA GLN A 461 -52.98 37.30 -14.73
C GLN A 461 -53.27 38.24 -13.57
N LEU A 462 -52.63 38.02 -12.42
CA LEU A 462 -52.83 38.91 -11.28
C LEU A 462 -52.32 40.31 -11.58
N ARG A 463 -51.15 40.42 -12.21
CA ARG A 463 -50.63 41.74 -12.56
C ARG A 463 -51.57 42.46 -13.51
N ALA A 464 -52.05 41.76 -14.53
CA ALA A 464 -52.98 42.38 -15.48
C ALA A 464 -54.26 42.79 -14.78
N ALA A 465 -54.76 41.96 -13.88
CA ALA A 465 -55.99 42.29 -13.17
C ALA A 465 -55.83 43.55 -12.33
N HIS A 466 -54.70 43.65 -11.61
CA HIS A 466 -54.44 44.85 -10.83
C HIS A 466 -54.18 46.06 -11.72
N GLU A 467 -53.79 45.85 -12.98
CA GLU A 467 -53.63 46.97 -13.89
C GLU A 467 -54.96 47.55 -14.36
N GLU A 468 -56.08 46.82 -14.18
CA GLU A 468 -57.38 47.34 -14.58
C GLU A 468 -58.08 48.14 -13.48
N GLY A 469 -57.45 48.28 -12.30
CA GLY A 469 -57.96 49.12 -11.24
C GLY A 469 -58.49 48.38 -10.04
N ASP A 470 -59.18 47.26 -10.23
CA ASP A 470 -59.69 46.51 -9.09
C ASP A 470 -58.53 45.93 -8.28
N LYS A 471 -58.75 45.79 -6.97
CA LYS A 471 -57.69 45.57 -6.01
C LYS A 471 -57.86 44.34 -5.14
N ASN A 472 -58.90 43.53 -5.34
CA ASN A 472 -59.18 42.37 -4.52
C ASN A 472 -58.92 41.04 -5.22
N ILE A 473 -58.51 41.05 -6.49
CA ILE A 473 -58.24 39.79 -7.19
C ILE A 473 -56.96 39.19 -6.62
N GLY A 474 -57.04 37.96 -6.14
CA GLY A 474 -55.92 37.23 -5.58
C GLY A 474 -55.87 35.82 -6.13
N ILE A 475 -55.40 34.91 -5.27
CA ILE A 475 -55.35 33.48 -5.56
C ILE A 475 -56.04 32.75 -4.41
N ASP A 476 -56.99 31.89 -4.74
CA ASP A 476 -57.72 31.08 -3.77
C ASP A 476 -57.31 29.62 -3.99
N CYS A 477 -56.61 29.05 -3.01
CA CYS A 477 -56.12 27.69 -3.14
C CYS A 477 -57.19 26.65 -2.81
N LEU A 478 -58.26 27.04 -2.13
CA LEU A 478 -59.38 26.12 -1.94
C LEU A 478 -60.08 25.83 -3.27
N THR A 479 -60.37 26.88 -4.05
CA THR A 479 -60.98 26.70 -5.35
C THR A 479 -59.97 26.46 -6.47
N GLY A 480 -58.69 26.75 -6.23
CA GLY A 480 -57.68 26.51 -7.25
C GLY A 480 -57.87 27.36 -8.49
N GLU A 481 -58.27 28.62 -8.31
CA GLU A 481 -58.40 29.57 -9.40
C GLU A 481 -57.98 30.95 -8.90
N VAL A 482 -58.11 31.94 -9.76
CA VAL A 482 -57.93 33.35 -9.41
C VAL A 482 -59.31 33.99 -9.38
N ALA A 483 -59.63 34.65 -8.28
CA ALA A 483 -60.94 35.23 -8.09
C ALA A 483 -60.84 36.39 -7.11
N ASP A 484 -61.93 37.13 -6.98
CA ASP A 484 -61.99 38.22 -6.02
C ASP A 484 -61.91 37.63 -4.61
N MET A 485 -60.94 38.10 -3.83
CA MET A 485 -60.74 37.54 -2.50
C MET A 485 -61.85 37.91 -1.54
N LEU A 486 -62.41 39.13 -1.68
CA LEU A 486 -63.44 39.57 -0.74
C LEU A 486 -64.69 38.71 -0.85
N GLU A 487 -65.09 38.35 -2.07
CA GLU A 487 -66.25 37.49 -2.25
C GLU A 487 -65.98 36.06 -1.82
N ALA A 488 -64.72 35.64 -1.82
CA ALA A 488 -64.34 34.28 -1.45
C ALA A 488 -64.00 34.15 0.04
N GLY A 489 -64.08 35.22 0.81
CA GLY A 489 -63.75 35.13 2.22
C GLY A 489 -62.30 34.80 2.49
N VAL A 490 -61.39 35.46 1.78
CA VAL A 490 -59.94 35.26 1.94
C VAL A 490 -59.36 36.64 2.26
N ILE A 491 -59.28 36.95 3.56
CA ILE A 491 -58.82 38.27 4.02
C ILE A 491 -58.03 38.08 5.30
N ASP A 492 -56.88 38.76 5.37
CA ASP A 492 -55.92 38.66 6.47
C ASP A 492 -55.82 40.00 7.18
N PRO A 493 -55.46 40.04 8.47
CA PRO A 493 -55.34 41.34 9.15
C PRO A 493 -54.23 42.18 8.54
N ALA A 494 -54.44 43.49 8.56
CA ALA A 494 -53.43 44.41 8.04
C ALA A 494 -52.17 44.36 8.89
N ALA A 495 -52.31 44.28 10.21
CA ALA A 495 -51.16 44.28 11.10
C ALA A 495 -50.23 43.11 10.82
N VAL A 496 -50.79 41.94 10.52
CA VAL A 496 -49.97 40.78 10.23
C VAL A 496 -49.08 41.04 9.03
N LYS A 497 -49.65 41.62 7.97
CA LYS A 497 -48.88 41.84 6.75
C LYS A 497 -47.86 42.97 6.93
N LYS A 498 -48.23 44.03 7.65
CA LYS A 498 -47.26 45.09 7.95
C LYS A 498 -46.06 44.52 8.70
N GLN A 499 -46.33 43.71 9.73
CA GLN A 499 -45.22 43.14 10.48
C GLN A 499 -44.44 42.13 9.66
N ALA A 500 -45.10 41.40 8.76
CA ALA A 500 -44.39 40.48 7.88
C ALA A 500 -43.39 41.23 7.02
N ILE A 501 -43.83 42.32 6.39
CA ILE A 501 -42.95 43.10 5.54
C ILE A 501 -41.80 43.68 6.36
N LYS A 502 -42.11 44.22 7.54
CA LYS A 502 -41.08 44.87 8.35
C LYS A 502 -40.04 43.84 8.81
N SER A 503 -40.48 42.69 9.29
CA SER A 503 -39.54 41.67 9.75
C SER A 503 -38.70 41.15 8.61
N ALA A 504 -39.30 40.96 7.43
CA ALA A 504 -38.52 40.51 6.28
C ALA A 504 -37.46 41.55 5.91
N THR A 505 -37.82 42.83 5.96
CA THR A 505 -36.87 43.88 5.67
C THR A 505 -35.70 43.84 6.65
N GLU A 506 -35.97 43.66 7.92
CA GLU A 506 -34.90 43.71 8.92
C GLU A 506 -34.07 42.45 8.84
N ALA A 507 -34.65 41.33 8.44
CA ALA A 507 -33.86 40.12 8.23
C ALA A 507 -32.92 40.28 7.05
N ALA A 508 -33.45 40.71 5.91
CA ALA A 508 -32.62 40.86 4.71
C ALA A 508 -31.53 41.89 4.94
N THR A 509 -31.86 43.01 5.58
CA THR A 509 -30.89 44.06 5.82
C THR A 509 -29.76 43.58 6.71
N MET A 510 -30.09 43.00 7.86
CA MET A 510 -29.06 42.60 8.80
C MET A 510 -28.30 41.37 8.35
N ILE A 511 -28.84 40.59 7.40
CA ILE A 511 -28.04 39.51 6.81
C ILE A 511 -27.12 40.07 5.72
N LEU A 512 -27.55 41.13 5.04
CA LEU A 512 -26.68 41.76 4.04
C LEU A 512 -25.53 42.50 4.69
N ARG A 513 -25.76 43.10 5.86
CA ARG A 513 -24.75 43.95 6.49
C ARG A 513 -23.55 43.17 7.00
N ILE A 514 -23.61 41.85 7.06
CA ILE A 514 -22.51 41.04 7.57
C ILE A 514 -21.49 40.85 6.47
N ASP A 515 -20.21 40.75 6.84
CA ASP A 515 -19.11 40.58 5.89
C ASP A 515 -18.44 39.22 6.00
N ASP A 516 -17.97 38.83 7.19
CA ASP A 516 -17.25 37.58 7.32
C ASP A 516 -17.47 36.99 8.71
N ILE A 517 -17.29 35.68 8.78
CA ILE A 517 -17.41 34.91 10.01
C ILE A 517 -16.02 34.82 10.63
N ILE A 518 -15.91 35.16 11.91
CA ILE A 518 -14.64 35.16 12.63
C ILE A 518 -14.82 34.40 13.93
N PRO A 519 -13.82 33.66 14.43
CA PRO A 519 -14.05 32.89 15.66
C PRO A 519 -14.05 33.81 16.87
N ALA A 520 -15.13 33.74 17.65
CA ALA A 520 -15.32 34.60 18.80
C ALA A 520 -14.92 33.88 20.07
N LYS A 521 -14.24 34.59 20.97
CA LYS A 521 -13.82 34.02 22.24
C LYS A 521 -15.06 33.61 23.04
N ALA A 522 -15.03 32.40 23.56
CA ALA A 522 -16.16 31.91 24.35
C ALA A 522 -16.10 32.53 25.75
N PRO A 523 -17.23 32.97 26.32
CA PRO A 523 -17.16 33.50 27.70
C PRO A 523 -16.87 32.39 28.69
N THR A 524 -15.88 32.61 29.55
CA THR A 524 -15.49 31.63 30.55
C THR A 524 -16.44 31.67 31.74
N ASP B 19 11.04 35.32 7.58
CA ASP B 19 10.71 36.77 7.75
C ASP B 19 9.58 36.93 8.77
N ALA B 20 9.93 36.79 10.04
CA ALA B 20 8.91 36.84 11.09
C ALA B 20 8.36 38.24 11.27
N ARG B 21 9.13 39.27 10.94
CA ARG B 21 8.56 40.60 10.89
C ARG B 21 7.48 40.67 9.82
N LYS B 22 7.72 40.05 8.66
CA LYS B 22 6.69 39.99 7.63
C LYS B 22 5.47 39.22 8.12
N ASN B 23 5.70 38.16 8.92
CA ASN B 23 4.57 37.43 9.48
C ASN B 23 3.75 38.29 10.42
N ASN B 24 4.41 39.04 11.31
CA ASN B 24 3.69 39.92 12.22
C ASN B 24 2.96 41.01 11.46
N ILE B 25 3.60 41.57 10.43
CA ILE B 25 2.95 42.59 9.61
C ILE B 25 1.74 42.01 8.91
N ALA B 26 1.84 40.76 8.46
CA ALA B 26 0.70 40.12 7.80
C ALA B 26 -0.45 39.92 8.76
N ALA B 27 -0.16 39.52 10.01
CA ALA B 27 -1.24 39.36 10.99
C ALA B 27 -1.90 40.70 11.30
N ALA B 28 -1.08 41.75 11.48
CA ALA B 28 -1.64 43.07 11.73
C ALA B 28 -2.46 43.55 10.54
N ARG B 29 -1.99 43.24 9.32
CA ARG B 29 -2.74 43.58 8.12
C ARG B 29 -4.08 42.86 8.09
N ALA B 30 -4.09 41.58 8.47
CA ALA B 30 -5.32 40.81 8.47
C ALA B 30 -6.34 41.42 9.41
N ILE B 31 -5.89 41.78 10.62
CA ILE B 31 -6.82 42.39 11.57
C ILE B 31 -7.27 43.75 11.07
N ALA B 32 -6.35 44.51 10.48
CA ALA B 32 -6.70 45.84 9.98
C ALA B 32 -7.75 45.74 8.88
N ASP B 33 -7.57 44.81 7.95
CA ASP B 33 -8.55 44.64 6.88
C ASP B 33 -9.87 44.09 7.42
N MET B 34 -9.80 43.27 8.47
CA MET B 34 -11.02 42.77 9.08
C MET B 34 -11.86 43.90 9.66
N VAL B 35 -11.21 44.79 10.42
CA VAL B 35 -11.92 45.88 11.09
C VAL B 35 -12.08 47.12 10.21
N LYS B 36 -11.47 47.12 9.02
CA LYS B 36 -11.58 48.27 8.12
C LYS B 36 -13.03 48.49 7.71
N THR B 37 -13.74 47.41 7.38
CA THR B 37 -15.08 47.51 6.81
C THR B 37 -16.10 48.09 7.78
N THR B 38 -15.83 48.10 9.08
CA THR B 38 -16.78 48.58 10.08
C THR B 38 -16.52 50.01 10.51
N LEU B 39 -15.87 50.81 9.66
CA LEU B 39 -15.54 52.19 9.96
C LEU B 39 -16.51 53.10 9.22
N GLY B 40 -17.43 53.71 9.95
CA GLY B 40 -18.29 54.74 9.41
C GLY B 40 -19.76 54.55 9.77
N PRO B 41 -20.60 55.49 9.34
CA PRO B 41 -22.06 55.31 9.53
C PRO B 41 -22.58 54.03 8.91
N ARG B 42 -22.06 53.68 7.73
CA ARG B 42 -22.50 52.52 6.98
C ARG B 42 -21.57 51.33 7.19
N GLY B 43 -20.98 51.24 8.38
CA GLY B 43 -20.09 50.15 8.68
C GLY B 43 -20.81 48.82 8.62
N MET B 44 -20.40 47.98 7.69
CA MET B 44 -21.00 46.65 7.59
C MET B 44 -20.67 45.87 8.84
N ASN B 45 -21.70 45.41 9.55
CA ASN B 45 -21.51 44.78 10.84
C ASN B 45 -20.75 43.45 10.66
N LYS B 46 -20.42 42.85 11.81
CA LYS B 46 -19.63 41.62 11.85
C LYS B 46 -20.29 40.64 12.80
N MET B 47 -20.05 39.35 12.55
CA MET B 47 -20.73 38.27 13.23
C MET B 47 -19.72 37.50 14.07
N LEU B 48 -19.81 37.65 15.39
CA LEU B 48 -18.92 36.97 16.34
C LEU B 48 -19.59 35.67 16.75
N VAL B 49 -19.01 34.54 16.35
CA VAL B 49 -19.54 33.22 16.65
C VAL B 49 -18.49 32.45 17.44
N ASN B 50 -18.94 31.76 18.49
CA ASN B 50 -18.09 31.01 19.39
C ASN B 50 -18.50 29.55 19.38
N SER B 51 -17.66 28.72 20.01
CA SER B 51 -17.93 27.28 20.04
C SER B 51 -19.24 26.97 20.75
N LEU B 52 -19.61 27.79 21.74
CA LEU B 52 -20.89 27.60 22.42
C LEU B 52 -22.09 27.90 21.52
N GLY B 53 -21.88 28.52 20.35
CA GLY B 53 -22.94 28.80 19.42
C GLY B 53 -23.62 30.15 19.59
N ASP B 54 -23.31 30.87 20.67
CA ASP B 54 -23.88 32.20 20.85
C ASP B 54 -23.33 33.15 19.80
N VAL B 55 -24.20 34.01 19.28
CA VAL B 55 -23.85 34.96 18.22
C VAL B 55 -24.29 36.34 18.66
N THR B 56 -23.39 37.32 18.49
CA THR B 56 -23.70 38.73 18.73
C THR B 56 -23.27 39.52 17.51
N ILE B 57 -24.20 40.26 16.92
CA ILE B 57 -23.90 41.13 15.80
C ILE B 57 -23.44 42.47 16.35
N THR B 58 -22.23 42.87 15.98
CA THR B 58 -21.62 44.09 16.46
C THR B 58 -20.94 44.80 15.30
N ASN B 59 -20.83 46.12 15.43
CA ASN B 59 -20.07 46.94 14.49
C ASN B 59 -19.06 47.86 15.16
N ASP B 60 -19.22 48.16 16.45
CA ASP B 60 -18.21 48.95 17.15
C ASP B 60 -16.94 48.12 17.26
N GLY B 61 -15.81 48.71 16.85
CA GLY B 61 -14.58 47.95 16.75
C GLY B 61 -14.09 47.40 18.09
N ALA B 62 -14.50 48.01 19.20
CA ALA B 62 -14.02 47.57 20.51
C ALA B 62 -14.41 46.12 20.77
N THR B 63 -15.68 45.78 20.52
CA THR B 63 -16.12 44.41 20.74
C THR B 63 -15.38 43.45 19.82
N ILE B 64 -15.19 43.86 18.56
CA ILE B 64 -14.61 42.97 17.56
C ILE B 64 -13.17 42.67 17.93
N LEU B 65 -12.46 43.65 18.48
CA LEU B 65 -11.12 43.42 18.99
C LEU B 65 -11.11 42.73 20.35
N GLU B 66 -12.22 42.80 21.10
CA GLU B 66 -12.26 42.26 22.48
C GLU B 66 -12.46 40.74 22.46
N GLU B 67 -13.57 40.22 21.93
CA GLU B 67 -13.89 38.79 21.97
C GLU B 67 -13.74 38.09 20.62
N MET B 68 -12.65 38.37 19.91
CA MET B 68 -12.20 37.57 18.80
C MET B 68 -11.02 36.68 19.22
N ASP B 69 -10.90 35.53 18.55
CA ASP B 69 -9.78 34.62 18.79
C ASP B 69 -8.56 35.05 18.00
N ILE B 70 -7.41 35.14 18.67
CA ILE B 70 -6.13 35.44 18.03
C ILE B 70 -5.07 34.54 18.64
N GLU B 71 -4.50 33.66 17.81
CA GLU B 71 -3.36 32.85 18.25
C GLU B 71 -2.03 33.57 18.04
N HIS B 72 -1.97 34.49 17.08
CA HIS B 72 -0.72 35.16 16.77
C HIS B 72 -0.39 36.20 17.84
N PRO B 73 0.85 36.22 18.38
CA PRO B 73 1.11 37.13 19.51
C PRO B 73 1.23 38.59 19.08
N ALA B 74 1.82 38.82 17.91
CA ALA B 74 1.91 40.18 17.39
C ALA B 74 0.52 40.78 17.21
N ALA B 75 -0.42 39.99 16.71
CA ALA B 75 -1.81 40.42 16.69
C ALA B 75 -2.36 40.57 18.11
N LYS B 76 -1.94 39.68 19.02
CA LYS B 76 -2.43 39.75 20.39
C LYS B 76 -2.05 41.05 21.07
N MET B 77 -0.99 41.71 20.62
CA MET B 77 -0.68 43.04 21.14
C MET B 77 -1.79 44.03 20.83
N LEU B 78 -2.48 43.88 19.69
CA LEU B 78 -3.52 44.84 19.35
C LEU B 78 -4.67 44.80 20.34
N LYS B 79 -4.84 43.69 21.08
CA LYS B 79 -5.70 43.70 22.25
C LYS B 79 -5.31 44.81 23.20
N GLU B 80 -4.01 44.87 23.55
CA GLU B 80 -3.55 45.88 24.50
C GLU B 80 -3.70 47.27 23.92
N VAL B 81 -3.44 47.42 22.62
CA VAL B 81 -3.60 48.72 21.97
C VAL B 81 -5.05 49.19 22.08
N ALA B 82 -5.99 48.31 21.75
CA ALA B 82 -7.40 48.67 21.81
C ALA B 82 -7.85 48.95 23.24
N LYS B 83 -7.34 48.16 24.20
CA LYS B 83 -7.69 48.38 25.59
C LYS B 83 -7.21 49.74 26.06
N ALA B 84 -5.99 50.11 25.70
CA ALA B 84 -5.47 51.42 26.06
C ALA B 84 -6.30 52.52 25.42
N GLN B 85 -6.66 52.35 24.14
CA GLN B 85 -7.47 53.34 23.46
C GLN B 85 -8.80 53.53 24.16
N GLU B 86 -9.46 52.43 24.51
CA GLU B 86 -10.74 52.52 25.22
C GLU B 86 -10.56 53.18 26.58
N GLU B 87 -9.46 52.88 27.27
CA GLU B 87 -9.26 53.43 28.60
C GLU B 87 -9.09 54.94 28.56
N GLU B 88 -8.18 55.43 27.70
CA GLU B 88 -7.95 56.87 27.69
C GLU B 88 -9.11 57.60 27.01
N ALA B 89 -9.44 57.24 25.77
CA ALA B 89 -10.42 57.97 24.98
C ALA B 89 -11.81 57.36 25.04
N GLY B 90 -11.92 56.04 24.88
CA GLY B 90 -13.21 55.39 24.83
C GLY B 90 -13.90 55.43 23.48
N ASP B 91 -13.30 56.09 22.49
CA ASP B 91 -13.85 56.14 21.14
C ASP B 91 -12.69 56.23 20.17
N GLY B 92 -12.73 55.40 19.12
CA GLY B 92 -11.75 55.48 18.05
C GLY B 92 -10.85 54.27 17.96
N THR B 93 -11.29 53.13 18.51
CA THR B 93 -10.47 51.92 18.42
C THR B 93 -10.37 51.42 16.98
N THR B 94 -11.47 51.46 16.22
CA THR B 94 -11.40 51.02 14.84
C THR B 94 -10.53 51.95 14.02
N THR B 95 -10.63 53.26 14.29
CA THR B 95 -9.75 54.22 13.62
C THR B 95 -8.29 53.93 13.93
N ALA B 96 -7.98 53.63 15.20
CA ALA B 96 -6.61 53.34 15.58
C ALA B 96 -6.11 52.09 14.87
N VAL B 97 -6.92 51.05 14.82
CA VAL B 97 -6.46 49.80 14.22
C VAL B 97 -6.26 49.95 12.72
N VAL B 98 -7.18 50.61 12.03
CA VAL B 98 -7.02 50.77 10.59
C VAL B 98 -5.86 51.70 10.28
N LEU B 99 -5.64 52.72 11.12
CA LEU B 99 -4.47 53.58 10.92
C LEU B 99 -3.18 52.80 11.12
N ALA B 100 -3.13 51.93 12.13
CA ALA B 100 -1.96 51.09 12.31
C ALA B 100 -1.75 50.18 11.10
N GLY B 101 -2.85 49.67 10.55
CA GLY B 101 -2.74 48.84 9.37
C GLY B 101 -2.16 49.59 8.19
N ALA B 102 -2.64 50.80 7.95
CA ALA B 102 -2.12 51.60 6.85
C ALA B 102 -0.66 51.98 7.08
N LEU B 103 -0.32 52.30 8.32
CA LEU B 103 1.06 52.64 8.66
C LEU B 103 1.99 51.47 8.39
N LEU B 104 1.59 50.27 8.78
CA LEU B 104 2.42 49.10 8.50
C LEU B 104 2.40 48.75 7.02
N GLU B 105 1.31 49.08 6.31
CA GLU B 105 1.31 49.01 4.84
C GLU B 105 2.49 49.76 4.27
N GLU B 106 2.56 51.06 4.55
CA GLU B 106 3.64 51.85 3.97
C GLU B 106 4.99 51.48 4.55
N ALA B 107 5.02 50.98 5.80
CA ALA B 107 6.29 50.52 6.35
C ALA B 107 6.82 49.31 5.60
N GLU B 108 5.93 48.36 5.28
CA GLU B 108 6.36 47.21 4.49
C GLU B 108 6.83 47.65 3.11
N LYS B 109 6.11 48.59 2.49
CA LYS B 109 6.55 49.13 1.21
C LYS B 109 7.93 49.76 1.32
N LEU B 110 8.20 50.44 2.43
CA LEU B 110 9.47 51.15 2.56
C LEU B 110 10.63 50.21 2.87
N ILE B 111 10.42 49.19 3.71
CA ILE B 111 11.48 48.21 3.92
C ILE B 111 11.71 47.41 2.65
N GLU B 112 10.69 47.28 1.80
CA GLU B 112 10.92 46.67 0.49
C GLU B 112 11.92 47.49 -0.31
N GLN B 113 11.82 48.82 -0.25
CA GLN B 113 12.76 49.67 -0.98
C GLN B 113 14.18 49.49 -0.45
N GLY B 114 14.34 49.45 0.87
CA GLY B 114 15.64 49.26 1.48
C GLY B 114 15.91 50.08 2.73
N ILE B 115 14.97 50.94 3.12
CA ILE B 115 15.16 51.74 4.32
C ILE B 115 15.18 50.83 5.54
N HIS B 116 16.10 51.11 6.46
CA HIS B 116 16.19 50.32 7.67
C HIS B 116 14.97 50.58 8.55
N PRO B 117 14.52 49.59 9.34
CA PRO B 117 13.34 49.84 10.19
C PRO B 117 13.50 50.98 11.19
N THR B 118 14.69 51.17 11.75
CA THR B 118 14.87 52.21 12.75
C THR B 118 14.65 53.59 12.15
N THR B 119 15.06 53.78 10.89
CA THR B 119 14.79 55.04 10.22
C THR B 119 13.28 55.25 10.04
N ILE B 120 12.55 54.18 9.73
CA ILE B 120 11.10 54.27 9.62
C ILE B 120 10.52 54.71 10.95
N ILE B 121 11.02 54.15 12.05
CA ILE B 121 10.50 54.50 13.38
C ILE B 121 10.76 55.97 13.68
N LYS B 122 11.98 56.43 13.40
CA LYS B 122 12.31 57.83 13.69
C LYS B 122 11.44 58.77 12.85
N GLY B 123 11.27 58.44 11.57
CA GLY B 123 10.41 59.26 10.73
C GLY B 123 8.98 59.28 11.22
N TYR B 124 8.45 58.13 11.64
CA TYR B 124 7.08 58.08 12.13
C TYR B 124 6.93 58.88 13.41
N ARG B 125 7.93 58.83 14.30
CA ARG B 125 7.86 59.64 15.52
C ARG B 125 7.81 61.12 15.20
N LYS B 126 8.69 61.59 14.32
CA LYS B 126 8.67 63.01 13.98
C LYS B 126 7.38 63.38 13.27
N ALA B 127 6.91 62.51 12.37
CA ALA B 127 5.66 62.75 11.66
C ALA B 127 4.50 62.89 12.63
N VAL B 128 4.49 62.07 13.68
CA VAL B 128 3.34 62.07 14.57
C VAL B 128 3.42 63.22 15.56
N ASP B 129 4.63 63.65 15.94
CA ASP B 129 4.73 64.88 16.71
C ASP B 129 4.15 66.04 15.93
N LYS B 130 4.55 66.18 14.66
CA LYS B 130 3.98 67.28 13.87
C LYS B 130 2.50 67.05 13.63
N ALA B 131 2.06 65.80 13.53
CA ALA B 131 0.64 65.55 13.27
C ALA B 131 -0.22 65.99 14.44
N LEU B 132 0.24 65.70 15.66
CA LEU B 132 -0.47 66.18 16.84
C LEU B 132 -0.47 67.71 16.88
N GLU B 133 0.66 68.33 16.53
CA GLU B 133 0.69 69.79 16.49
C GLU B 133 -0.29 70.35 15.46
N VAL B 134 -0.34 69.73 14.27
CA VAL B 134 -1.22 70.18 13.21
C VAL B 134 -2.68 70.03 13.64
N LEU B 135 -3.01 68.91 14.26
CA LEU B 135 -4.38 68.68 14.69
C LEU B 135 -4.78 69.68 15.77
N GLU B 136 -3.85 70.05 16.65
CA GLU B 136 -4.13 71.13 17.59
C GLU B 136 -4.38 72.45 16.86
N GLU B 137 -3.57 72.75 15.85
CA GLU B 137 -3.73 74.02 15.14
C GLU B 137 -5.07 74.09 14.40
N VAL B 138 -5.47 73.00 13.75
CA VAL B 138 -6.61 73.05 12.85
C VAL B 138 -7.93 72.98 13.62
N ALA B 139 -7.92 72.42 14.82
CA ALA B 139 -9.18 72.17 15.53
C ALA B 139 -9.91 73.47 15.83
N ILE B 140 -11.21 73.48 15.54
CA ILE B 140 -12.07 74.63 15.76
C ILE B 140 -12.62 74.53 17.17
N PRO B 141 -12.63 75.59 17.98
CA PRO B 141 -13.07 75.45 19.36
C PRO B 141 -14.58 75.58 19.55
N VAL B 142 -15.03 75.06 20.69
CA VAL B 142 -16.46 74.95 21.00
C VAL B 142 -16.67 75.39 22.44
N ASP B 143 -17.71 76.18 22.67
CA ASP B 143 -18.14 76.54 24.01
C ASP B 143 -19.17 75.51 24.49
N PRO B 144 -19.38 75.40 25.81
CA PRO B 144 -20.31 74.39 26.32
C PRO B 144 -21.78 74.80 26.30
N ASP B 145 -22.11 75.93 25.65
CA ASP B 145 -23.48 76.42 25.56
C ASP B 145 -24.03 76.45 24.15
N ASP B 146 -23.22 76.19 23.13
CA ASP B 146 -23.69 76.18 21.74
C ASP B 146 -24.39 74.85 21.50
N GLU B 147 -25.71 74.83 21.67
CA GLU B 147 -26.46 73.58 21.73
C GLU B 147 -26.36 72.80 20.43
N GLU B 148 -26.39 73.49 19.29
CA GLU B 148 -26.33 72.82 18.00
C GLU B 148 -25.01 72.08 17.83
N THR B 149 -23.90 72.70 18.26
CA THR B 149 -22.61 72.04 18.12
C THR B 149 -22.52 70.79 19.00
N LEU B 150 -23.04 70.86 20.23
CA LEU B 150 -23.04 69.67 21.08
C LEU B 150 -23.90 68.58 20.47
N LYS B 151 -25.05 68.95 19.91
CA LYS B 151 -25.90 67.97 19.24
C LYS B 151 -25.16 67.34 18.06
N ALA B 152 -24.43 68.15 17.30
CA ALA B 152 -23.69 67.61 16.16
C ALA B 152 -22.60 66.64 16.62
N VAL B 153 -21.87 66.99 17.67
CA VAL B 153 -20.84 66.08 18.19
C VAL B 153 -21.48 64.78 18.66
N ALA B 154 -22.59 64.90 19.40
CA ALA B 154 -23.26 63.72 19.91
C ALA B 154 -23.75 62.84 18.76
N ARG B 155 -24.33 63.45 17.73
CA ARG B 155 -24.84 62.67 16.61
C ARG B 155 -23.70 62.00 15.85
N THR B 156 -22.59 62.71 15.64
CA THR B 156 -21.47 62.14 14.89
C THR B 156 -20.90 60.93 15.61
N ALA B 157 -20.65 61.04 16.90
CA ALA B 157 -20.14 59.88 17.64
C ALA B 157 -21.21 58.79 17.72
N MET B 158 -22.45 59.20 17.97
CA MET B 158 -23.60 58.31 18.00
C MET B 158 -23.68 57.49 16.73
N THR B 159 -23.29 58.08 15.60
CA THR B 159 -23.33 57.42 14.31
C THR B 159 -22.58 56.08 14.32
N GLY B 160 -23.06 55.17 13.46
CA GLY B 160 -22.40 53.90 13.22
C GLY B 160 -23.27 52.70 13.53
N LYS B 161 -24.10 52.81 14.55
CA LYS B 161 -24.68 51.64 15.21
C LYS B 161 -26.19 51.75 15.41
N ALA B 162 -26.72 52.94 15.68
CA ALA B 162 -28.17 53.08 15.81
C ALA B 162 -28.86 52.98 14.47
N SER B 163 -30.13 52.62 14.50
CA SER B 163 -30.97 52.72 13.31
C SER B 163 -31.12 54.18 12.92
N GLU B 164 -31.33 54.42 11.62
CA GLU B 164 -31.40 55.78 11.12
C GLU B 164 -32.62 56.55 11.65
N GLU B 165 -33.62 55.85 12.19
CA GLU B 165 -34.86 56.52 12.57
C GLU B 165 -34.71 57.31 13.86
N ASN B 166 -33.94 56.78 14.83
CA ASN B 166 -33.92 57.31 16.19
C ASN B 166 -32.64 58.09 16.50
N ARG B 167 -31.98 58.62 15.46
CA ARG B 167 -30.76 59.39 15.68
C ARG B 167 -31.07 60.71 16.39
N GLU B 168 -32.06 61.44 15.88
CA GLU B 168 -32.42 62.72 16.51
C GLU B 168 -32.90 62.52 17.93
N GLU B 169 -33.72 61.49 18.15
CA GLU B 169 -34.28 61.25 19.47
C GLU B 169 -33.18 60.94 20.48
N ILE B 170 -32.30 60.00 20.15
CA ILE B 170 -31.28 59.60 21.10
C ILE B 170 -30.27 60.72 21.31
N ALA B 171 -29.96 61.49 20.26
CA ALA B 171 -29.07 62.63 20.44
C ALA B 171 -29.69 63.68 21.36
N ASP B 172 -30.98 63.97 21.17
CA ASP B 172 -31.67 64.92 22.04
C ASP B 172 -31.65 64.44 23.48
N LEU B 173 -31.94 63.17 23.71
CA LEU B 173 -31.93 62.65 25.08
C LEU B 173 -30.52 62.67 25.66
N VAL B 174 -29.51 62.43 24.84
CA VAL B 174 -28.12 62.45 25.31
C VAL B 174 -27.77 63.85 25.81
N VAL B 175 -28.03 64.87 24.99
CA VAL B 175 -27.67 66.23 25.40
C VAL B 175 -28.53 66.67 26.59
N GLU B 176 -29.80 66.26 26.61
CA GLU B 176 -30.66 66.61 27.74
C GLU B 176 -30.13 66.02 29.04
N ALA B 177 -29.75 64.74 29.01
CA ALA B 177 -29.20 64.12 30.21
C ALA B 177 -27.89 64.77 30.62
N VAL B 178 -27.04 65.09 29.64
CA VAL B 178 -25.75 65.70 29.95
C VAL B 178 -25.94 67.04 30.62
N LEU B 179 -26.88 67.85 30.12
CA LEU B 179 -27.09 69.17 30.70
C LEU B 179 -27.79 69.07 32.05
N SER B 180 -28.84 68.24 32.16
CA SER B 180 -29.62 68.19 33.39
C SER B 180 -28.82 67.58 34.54
N LEU B 181 -28.05 66.53 34.26
CA LEU B 181 -27.19 65.90 35.26
C LEU B 181 -25.79 66.52 35.27
N ALA B 182 -25.66 67.79 34.87
CA ALA B 182 -24.38 68.46 34.86
C ALA B 182 -23.93 68.81 36.28
N GLU B 183 -23.14 67.93 36.89
CA GLU B 183 -22.62 68.16 38.23
C GLU B 183 -21.38 69.05 38.10
N ASP B 184 -21.54 70.34 38.41
CA ASP B 184 -20.50 71.33 38.19
C ASP B 184 -19.40 71.13 39.24
N GLY B 185 -18.51 70.18 38.97
CA GLY B 185 -17.37 69.92 39.83
C GLY B 185 -16.17 70.75 39.43
N GLY B 186 -16.27 72.06 39.61
CA GLY B 186 -15.19 72.95 39.22
C GLY B 186 -14.93 72.99 37.74
N GLY B 187 -15.98 73.06 36.92
CA GLY B 187 -15.87 73.12 35.47
C GLY B 187 -15.89 71.76 34.80
N LYS B 188 -15.17 70.79 35.35
CA LYS B 188 -15.13 69.44 34.80
C LYS B 188 -16.35 68.68 35.30
N TYR B 189 -17.38 68.61 34.46
CA TYR B 189 -18.62 67.94 34.85
C TYR B 189 -18.40 66.43 34.92
N ARG B 190 -18.79 65.83 36.04
CA ARG B 190 -18.61 64.40 36.26
C ARG B 190 -19.79 63.62 35.68
N VAL B 191 -19.87 63.66 34.34
CA VAL B 191 -20.91 62.92 33.61
C VAL B 191 -20.32 61.53 33.34
N ASP B 192 -20.43 60.67 34.34
CA ASP B 192 -19.92 59.32 34.23
C ASP B 192 -20.91 58.42 33.49
N LEU B 193 -20.40 57.31 32.96
CA LEU B 193 -21.25 56.37 32.24
C LEU B 193 -22.27 55.73 33.16
N ASP B 194 -21.93 55.55 34.44
CA ASP B 194 -22.80 54.92 35.43
C ASP B 194 -23.62 55.93 36.22
N ASN B 195 -23.93 57.10 35.63
CA ASN B 195 -24.66 58.16 36.30
C ASN B 195 -26.04 58.43 35.69
N ILE B 196 -26.25 58.10 34.42
CA ILE B 196 -27.48 58.46 33.71
C ILE B 196 -28.40 57.25 33.70
N LYS B 197 -29.70 57.51 33.87
CA LYS B 197 -30.67 56.50 34.25
C LYS B 197 -31.35 55.93 33.01
N ILE B 198 -31.04 54.67 32.68
CA ILE B 198 -31.77 53.91 31.68
C ILE B 198 -31.98 52.50 32.22
N GLU B 199 -33.02 51.84 31.75
CA GLU B 199 -33.31 50.45 32.06
C GLU B 199 -33.39 49.64 30.77
N LYS B 200 -33.02 48.37 30.84
CA LYS B 200 -33.01 47.46 29.70
C LYS B 200 -34.28 46.63 29.70
N GLN B 201 -34.88 46.49 28.52
CA GLN B 201 -36.09 45.69 28.36
C GLN B 201 -36.34 45.47 26.88
N THR B 202 -36.78 44.25 26.53
CA THR B 202 -37.03 43.91 25.14
C THR B 202 -38.29 44.61 24.65
N GLY B 203 -38.29 44.97 23.36
CA GLY B 203 -39.43 45.61 22.76
C GLY B 203 -39.55 47.07 23.14
N GLY B 204 -40.74 47.61 22.95
CA GLY B 204 -40.98 49.02 23.24
C GLY B 204 -40.17 49.91 22.32
N GLY B 205 -39.43 50.84 22.91
CA GLY B 205 -38.62 51.75 22.13
C GLY B 205 -37.57 52.41 23.00
N ALA B 206 -36.81 53.30 22.38
CA ALA B 206 -35.75 54.03 23.07
C ALA B 206 -36.26 55.26 23.82
N SER B 207 -37.56 55.52 23.81
CA SER B 207 -38.13 56.68 24.47
C SER B 207 -38.24 56.53 25.99
N ASP B 208 -37.73 55.43 26.56
CA ASP B 208 -37.68 55.23 28.00
C ASP B 208 -36.33 55.61 28.60
N THR B 209 -35.46 56.26 27.83
CA THR B 209 -34.18 56.76 28.34
C THR B 209 -34.41 58.12 29.00
N GLU B 210 -35.12 58.08 30.12
CA GLU B 210 -35.49 59.25 30.89
C GLU B 210 -34.78 59.25 32.24
N LEU B 211 -34.80 60.41 32.89
CA LEU B 211 -34.14 60.59 34.19
C LEU B 211 -35.08 60.08 35.27
N ILE B 212 -34.89 58.83 35.67
CA ILE B 212 -35.60 58.23 36.79
C ILE B 212 -34.63 58.21 37.96
N GLU B 213 -34.87 59.07 38.96
CA GLU B 213 -33.86 59.36 39.97
C GLU B 213 -33.67 58.18 40.92
N GLY B 214 -33.07 57.11 40.41
CA GLY B 214 -32.81 55.93 41.21
C GLY B 214 -32.46 54.74 40.33
N VAL B 215 -31.74 53.81 40.93
CA VAL B 215 -31.29 52.61 40.22
C VAL B 215 -32.45 51.62 40.17
N VAL B 216 -32.86 51.26 38.96
CA VAL B 216 -33.98 50.34 38.74
C VAL B 216 -33.41 48.95 38.53
N LEU B 217 -33.90 47.99 39.32
CA LEU B 217 -33.44 46.61 39.27
C LEU B 217 -34.37 45.76 38.43
N ASP B 218 -33.79 44.83 37.67
CA ASP B 218 -34.55 43.95 36.79
C ASP B 218 -34.94 42.65 37.51
N LYS B 219 -35.71 42.81 38.59
CA LYS B 219 -36.19 41.69 39.38
C LYS B 219 -37.61 41.98 39.86
N GLU B 220 -38.40 40.93 40.00
CA GLU B 220 -39.77 41.06 40.47
C GLU B 220 -39.82 41.07 41.99
N PRO B 221 -40.90 41.58 42.59
CA PRO B 221 -41.06 41.42 44.04
C PRO B 221 -41.19 39.95 44.42
N VAL B 222 -40.62 39.60 45.58
CA VAL B 222 -40.64 38.22 46.02
C VAL B 222 -42.05 37.80 46.43
N HIS B 223 -42.79 38.70 47.09
CA HIS B 223 -44.10 38.40 47.65
C HIS B 223 -45.11 39.40 47.11
N GLU B 224 -46.30 38.90 46.76
CA GLU B 224 -47.31 39.74 46.13
C GLU B 224 -47.77 40.85 47.07
N ASP B 225 -48.13 40.50 48.30
CA ASP B 225 -48.60 41.47 49.28
C ASP B 225 -47.49 42.34 49.86
N MET B 226 -46.24 42.18 49.40
CA MET B 226 -45.18 43.11 49.78
C MET B 226 -45.58 44.50 49.30
N PRO B 227 -45.44 45.55 50.15
CA PRO B 227 -45.93 46.88 49.74
C PRO B 227 -45.22 47.43 48.51
N LYS B 228 -45.94 47.51 47.39
CA LYS B 228 -45.33 47.99 46.16
C LYS B 228 -45.01 49.48 46.24
N LYS B 229 -45.88 50.26 46.89
CA LYS B 229 -45.70 51.70 47.01
C LYS B 229 -45.25 52.03 48.44
N LEU B 230 -44.18 52.81 48.55
CA LEU B 230 -43.67 53.24 49.85
C LEU B 230 -43.01 54.61 49.65
N GLU B 231 -43.76 55.67 49.96
CA GLU B 231 -43.22 57.02 49.87
C GLU B 231 -42.36 57.32 51.08
N ASN B 232 -41.21 57.96 50.82
CA ASN B 232 -40.24 58.28 51.87
C ASN B 232 -39.80 57.02 52.62
N ALA B 233 -39.63 55.93 51.88
CA ALA B 233 -39.31 54.65 52.49
C ALA B 233 -37.92 54.68 53.13
N LYS B 234 -37.80 53.99 54.25
CA LYS B 234 -36.51 53.83 54.93
C LYS B 234 -35.76 52.71 54.24
N VAL B 235 -34.88 53.07 53.30
CA VAL B 235 -34.22 52.10 52.44
C VAL B 235 -32.93 51.63 53.12
N ALA B 236 -32.75 50.31 53.15
CA ALA B 236 -31.54 49.67 53.66
C ALA B 236 -30.87 48.88 52.55
N VAL B 237 -29.58 48.62 52.72
CA VAL B 237 -28.79 47.82 51.79
C VAL B 237 -28.03 46.78 52.59
N LEU B 238 -28.22 45.51 52.25
CA LEU B 238 -27.58 44.39 52.92
C LEU B 238 -26.91 43.50 51.90
N ASP B 239 -26.02 42.62 52.39
CA ASP B 239 -25.31 41.67 51.54
C ASP B 239 -25.23 40.27 52.11
N ALA B 240 -25.52 40.05 53.40
CA ALA B 240 -25.45 38.72 53.96
C ALA B 240 -26.58 37.85 53.43
N PRO B 241 -26.40 36.52 53.38
CA PRO B 241 -27.45 35.67 52.81
C PRO B 241 -28.61 35.53 53.79
N ILE B 242 -29.77 36.06 53.40
CA ILE B 242 -30.96 36.00 54.24
C ILE B 242 -31.67 34.66 54.05
N ILE B 253 -27.14 19.40 62.36
CA ILE B 253 -28.03 19.40 63.51
C ILE B 253 -28.15 17.99 64.07
N SER B 254 -27.88 17.85 65.36
CA SER B 254 -27.96 16.58 66.06
C SER B 254 -29.27 16.52 66.85
N ILE B 255 -30.06 15.48 66.59
CA ILE B 255 -31.38 15.29 67.19
C ILE B 255 -31.30 14.11 68.14
N SER B 256 -31.79 14.31 69.37
CA SER B 256 -31.82 13.29 70.42
C SER B 256 -33.22 12.92 70.83
N SER B 257 -34.03 13.90 71.20
CA SER B 257 -35.44 13.71 71.55
C SER B 257 -36.32 13.97 70.34
N PRO B 258 -37.58 13.55 70.39
CA PRO B 258 -38.49 13.85 69.26
C PRO B 258 -38.66 15.34 69.02
N GLU B 259 -38.63 16.15 70.06
CA GLU B 259 -38.85 17.59 69.97
C GLU B 259 -37.57 18.40 69.88
N GLN B 260 -36.40 17.76 69.81
CA GLN B 260 -35.16 18.52 69.70
C GLN B 260 -35.06 19.22 68.35
N PHE B 261 -35.53 18.56 67.28
CA PHE B 261 -35.58 19.23 65.98
C PHE B 261 -36.51 20.43 66.01
N GLN B 262 -37.67 20.28 66.66
CA GLN B 262 -38.59 21.41 66.79
C GLN B 262 -37.98 22.53 67.60
N ALA B 263 -37.24 22.20 68.67
CA ALA B 263 -36.58 23.22 69.47
C ALA B 263 -35.50 23.94 68.67
N PHE B 264 -34.76 23.18 67.85
CA PHE B 264 -33.78 23.81 66.96
C PHE B 264 -34.47 24.78 66.01
N LEU B 265 -35.54 24.34 65.35
CA LEU B 265 -36.28 25.22 64.47
C LEU B 265 -36.78 26.44 65.22
N ASP B 266 -37.22 26.25 66.46
CA ASP B 266 -37.76 27.35 67.24
C ASP B 266 -36.69 28.39 67.54
N GLN B 267 -35.50 27.95 67.94
CA GLN B 267 -34.47 28.94 68.23
C GLN B 267 -33.95 29.59 66.95
N GLU B 268 -33.98 28.90 65.81
CA GLU B 268 -33.67 29.60 64.56
C GLU B 268 -34.70 30.68 64.26
N GLU B 269 -36.01 30.39 64.38
CA GLU B 269 -36.94 31.46 64.04
C GLU B 269 -36.88 32.55 65.09
N LYS B 270 -36.49 32.21 66.33
CA LYS B 270 -36.37 33.22 67.37
C LYS B 270 -35.22 34.17 67.07
N GLN B 271 -34.05 33.66 66.71
CA GLN B 271 -32.96 34.58 66.35
C GLN B 271 -33.29 35.34 65.07
N LEU B 272 -34.06 34.73 64.17
CA LEU B 272 -34.57 35.48 63.02
C LEU B 272 -35.44 36.65 63.49
N ARG B 273 -36.33 36.37 64.46
CA ARG B 273 -37.16 37.42 65.02
C ARG B 273 -36.32 38.52 65.64
N GLU B 274 -35.25 38.16 66.35
CA GLU B 274 -34.48 39.20 67.03
C GLU B 274 -33.73 40.08 66.05
N MET B 275 -33.03 39.53 65.05
CA MET B 275 -32.22 40.47 64.25
C MET B 275 -33.14 41.24 63.31
N VAL B 276 -34.24 40.65 62.85
CA VAL B 276 -35.19 41.46 62.09
C VAL B 276 -35.90 42.46 63.01
N ASP B 277 -36.02 42.17 64.30
CA ASP B 277 -36.62 43.12 65.23
C ASP B 277 -35.73 44.35 65.41
N LYS B 278 -34.43 44.14 65.61
CA LYS B 278 -33.53 45.28 65.69
C LYS B 278 -33.36 45.96 64.33
N ILE B 279 -33.66 45.26 63.23
CA ILE B 279 -33.71 45.94 61.93
C ILE B 279 -34.89 46.90 61.88
N VAL B 280 -36.09 46.42 62.22
CA VAL B 280 -37.26 47.28 62.14
C VAL B 280 -37.22 48.36 63.22
N ASP B 281 -36.46 48.13 64.30
CA ASP B 281 -36.21 49.21 65.26
C ASP B 281 -35.49 50.37 64.59
N THR B 282 -34.52 50.07 63.72
CA THR B 282 -33.96 51.11 62.87
C THR B 282 -35.03 51.66 61.94
N GLY B 283 -35.93 50.80 61.45
CA GLY B 283 -37.05 51.20 60.62
C GLY B 283 -36.97 50.79 59.17
N ALA B 284 -35.98 49.98 58.79
CA ALA B 284 -35.81 49.60 57.39
C ALA B 284 -37.02 48.82 56.89
N ASN B 285 -37.51 49.20 55.71
CA ASN B 285 -38.63 48.52 55.05
C ASN B 285 -38.37 48.19 53.59
N VAL B 286 -37.27 48.65 53.01
CA VAL B 286 -36.89 48.33 51.63
C VAL B 286 -35.44 47.86 51.64
N VAL B 287 -35.20 46.67 51.13
CA VAL B 287 -33.88 46.05 51.13
C VAL B 287 -33.58 45.49 49.75
N PHE B 288 -32.32 45.59 49.34
CA PHE B 288 -31.82 44.99 48.11
C PHE B 288 -30.59 44.16 48.49
N CYS B 289 -30.76 42.84 48.57
CA CYS B 289 -29.74 41.95 49.10
C CYS B 289 -28.88 41.38 47.98
N GLU B 290 -27.60 41.16 48.30
CA GLU B 290 -26.64 40.67 47.32
C GLU B 290 -26.78 39.18 47.02
N LYS B 291 -27.39 38.41 47.91
CA LYS B 291 -27.42 36.96 47.84
C LYS B 291 -28.87 36.46 47.77
N GLY B 292 -29.02 35.15 47.73
CA GLY B 292 -30.32 34.53 47.54
C GLY B 292 -31.19 34.61 48.78
N ILE B 293 -32.36 33.98 48.66
CA ILE B 293 -33.38 33.96 49.71
C ILE B 293 -33.94 32.55 49.83
N ASP B 294 -34.88 32.38 50.76
CA ASP B 294 -35.64 31.16 50.94
C ASP B 294 -37.11 31.52 51.07
N ASP B 295 -37.97 30.55 50.81
CA ASP B 295 -39.41 30.81 50.79
C ASP B 295 -39.90 31.30 52.15
N GLN B 296 -39.50 30.62 53.23
CA GLN B 296 -39.87 31.08 54.56
C GLN B 296 -39.27 32.45 54.85
N VAL B 297 -38.05 32.71 54.37
CA VAL B 297 -37.41 34.00 54.62
C VAL B 297 -38.22 35.13 53.97
N GLU B 298 -38.56 34.98 52.69
CA GLU B 298 -39.31 36.04 52.04
C GLU B 298 -40.71 36.15 52.62
N HIS B 299 -41.29 35.03 53.07
CA HIS B 299 -42.61 35.09 53.68
C HIS B 299 -42.59 35.91 54.96
N MET B 300 -41.60 35.65 55.83
CA MET B 300 -41.56 36.41 57.09
C MET B 300 -41.06 37.83 56.86
N LEU B 301 -40.34 38.08 55.75
CA LEU B 301 -40.01 39.45 55.38
C LEU B 301 -41.25 40.22 54.96
N ALA B 302 -42.09 39.61 54.12
CA ALA B 302 -43.33 40.22 53.68
C ALA B 302 -44.41 40.23 54.75
N LYS B 303 -44.22 39.47 55.84
CA LYS B 303 -45.16 39.54 56.94
C LYS B 303 -45.22 40.95 57.53
N LYS B 304 -44.05 41.60 57.66
CA LYS B 304 -43.97 42.99 58.07
C LYS B 304 -43.95 43.96 56.89
N GLY B 305 -43.80 43.47 55.67
CA GLY B 305 -43.83 44.31 54.49
C GLY B 305 -42.45 44.83 54.10
N ILE B 306 -41.50 43.92 53.94
CA ILE B 306 -40.10 44.26 53.65
C ILE B 306 -39.78 43.83 52.24
N LEU B 307 -39.26 44.75 51.43
CA LEU B 307 -38.81 44.44 50.08
C LEU B 307 -37.43 43.78 50.14
N ALA B 308 -37.23 42.79 49.26
CA ALA B 308 -35.96 42.07 49.21
C ALA B 308 -35.71 41.62 47.78
N VAL B 309 -34.64 42.14 47.18
CA VAL B 309 -34.18 41.72 45.86
C VAL B 309 -32.87 40.98 46.02
N ARG B 310 -32.73 39.86 45.31
CA ARG B 310 -31.63 38.93 45.50
C ARG B 310 -30.72 38.90 44.27
N ARG B 311 -29.54 38.32 44.48
CA ARG B 311 -28.55 38.09 43.41
C ARG B 311 -28.17 39.41 42.72
N VAL B 312 -28.07 40.47 43.50
CA VAL B 312 -27.59 41.75 42.99
C VAL B 312 -26.07 41.69 42.91
N LYS B 313 -25.53 42.05 41.74
CA LYS B 313 -24.09 41.92 41.50
C LYS B 313 -23.31 42.84 42.44
N LYS B 314 -21.98 42.70 42.41
CA LYS B 314 -21.14 43.57 43.22
C LYS B 314 -21.25 45.03 42.74
N ASP B 315 -21.14 45.24 41.43
CA ASP B 315 -21.12 46.60 40.90
C ASP B 315 -22.46 47.29 41.12
N ASP B 316 -23.57 46.63 40.76
CA ASP B 316 -24.86 47.28 40.91
C ASP B 316 -25.29 47.38 42.38
N LEU B 317 -24.83 46.46 43.23
CA LEU B 317 -25.07 46.63 44.66
C LEU B 317 -24.34 47.84 45.20
N GLU B 318 -23.09 48.04 44.79
CA GLU B 318 -22.37 49.25 45.20
C GLU B 318 -23.06 50.50 44.66
N LYS B 319 -23.56 50.44 43.43
CA LYS B 319 -24.30 51.55 42.86
C LYS B 319 -25.55 51.86 43.68
N ILE B 320 -26.27 50.82 44.09
CA ILE B 320 -27.48 51.01 44.90
C ILE B 320 -27.10 51.59 46.25
N ALA B 321 -25.99 51.14 46.83
CA ALA B 321 -25.56 51.68 48.11
C ALA B 321 -25.23 53.17 48.00
N LYS B 322 -24.56 53.55 46.91
CA LYS B 322 -24.27 54.96 46.69
C LYS B 322 -25.54 55.77 46.49
N ALA B 323 -26.48 55.24 45.70
CA ALA B 323 -27.68 56.00 45.35
C ALA B 323 -28.61 56.16 46.54
N THR B 324 -28.89 55.06 47.25
CA THR B 324 -29.88 55.07 48.32
C THR B 324 -29.36 55.73 49.58
N GLY B 325 -28.03 55.77 49.78
CA GLY B 325 -27.45 56.32 50.97
C GLY B 325 -27.27 55.33 52.11
N ALA B 326 -27.81 54.13 51.99
CA ALA B 326 -27.64 53.09 53.01
C ALA B 326 -26.31 52.38 52.75
N ARG B 327 -25.34 52.60 53.63
CA ARG B 327 -24.05 51.94 53.48
C ARG B 327 -24.20 50.44 53.60
N VAL B 328 -23.39 49.71 52.85
CA VAL B 328 -23.45 48.25 52.88
C VAL B 328 -22.95 47.78 54.23
N VAL B 329 -23.75 46.93 54.89
CA VAL B 329 -23.49 46.51 56.27
C VAL B 329 -23.31 44.99 56.23
N SER B 330 -22.06 44.55 56.17
CA SER B 330 -21.77 43.11 56.22
C SER B 330 -22.17 42.54 57.58
N ASN B 331 -21.74 43.19 58.66
CA ASN B 331 -22.12 42.78 60.01
C ASN B 331 -23.37 43.58 60.40
N ILE B 332 -24.53 42.96 60.21
CA ILE B 332 -25.80 43.67 60.35
C ILE B 332 -26.13 43.96 61.81
N ASP B 333 -25.45 43.33 62.75
CA ASP B 333 -25.74 43.56 64.17
C ASP B 333 -25.51 45.01 64.57
N GLU B 334 -24.61 45.71 63.87
CA GLU B 334 -24.30 47.10 64.17
C GLU B 334 -25.16 48.10 63.40
N LEU B 335 -26.14 47.63 62.64
CA LEU B 335 -27.03 48.54 61.92
C LEU B 335 -27.78 49.44 62.88
N THR B 336 -27.85 50.72 62.57
CA THR B 336 -28.46 51.76 63.38
C THR B 336 -29.39 52.59 62.52
N PRO B 337 -30.27 53.40 63.14
CA PRO B 337 -31.08 54.31 62.34
C PRO B 337 -30.25 55.30 61.53
N GLU B 338 -29.09 55.69 62.04
CA GLU B 338 -28.21 56.58 61.28
C GLU B 338 -27.68 55.91 60.02
N ASP B 339 -27.56 54.58 60.02
CA ASP B 339 -27.04 53.85 58.88
C ASP B 339 -28.05 53.68 57.75
N LEU B 340 -29.33 53.97 58.00
CA LEU B 340 -30.36 53.76 57.00
C LEU B 340 -30.42 54.90 56.01
N GLY B 341 -30.73 54.57 54.75
CA GLY B 341 -30.98 55.56 53.72
C GLY B 341 -32.45 55.88 53.59
N HIS B 342 -32.75 56.74 52.62
CA HIS B 342 -34.11 57.16 52.34
C HIS B 342 -34.29 57.30 50.84
N ALA B 343 -35.50 56.99 50.37
CA ALA B 343 -35.88 57.14 48.97
C ALA B 343 -37.25 57.79 48.89
N GLY B 344 -37.42 58.69 47.93
CA GLY B 344 -38.68 59.39 47.80
C GLY B 344 -39.83 58.46 47.43
N LEU B 345 -39.56 57.44 46.62
CA LEU B 345 -40.60 56.52 46.18
C LEU B 345 -39.98 55.21 45.75
N VAL B 346 -40.75 54.14 45.91
CA VAL B 346 -40.46 52.84 45.31
C VAL B 346 -41.78 52.30 44.76
N GLU B 347 -41.76 51.82 43.52
CA GLU B 347 -42.99 51.42 42.86
C GLU B 347 -42.72 50.26 41.91
N GLN B 348 -43.67 49.33 41.87
CA GLN B 348 -43.67 48.22 40.92
C GLN B 348 -44.60 48.59 39.77
N ARG B 349 -44.04 48.82 38.59
CA ARG B 349 -44.80 49.19 37.39
C ARG B 349 -44.68 48.07 36.37
N LYS B 350 -45.81 47.67 35.80
CA LYS B 350 -45.84 46.61 34.79
C LYS B 350 -45.61 47.19 33.40
N LYS B 351 -44.46 47.84 33.23
CA LYS B 351 -44.08 48.40 31.94
C LYS B 351 -43.57 47.30 31.03
N GLY B 352 -44.08 47.25 29.80
CA GLY B 352 -43.69 46.20 28.89
C GLY B 352 -44.16 44.84 29.38
N GLU B 353 -43.35 43.82 29.12
CA GLU B 353 -43.67 42.45 29.51
C GLU B 353 -43.11 42.10 30.88
N ASP B 354 -41.82 42.32 31.09
CA ASP B 354 -41.18 41.94 32.34
C ASP B 354 -41.69 42.81 33.49
N ARG B 355 -41.92 42.17 34.64
CA ARG B 355 -42.29 42.87 35.86
C ARG B 355 -41.02 43.36 36.56
N MET B 356 -41.04 44.62 37.01
CA MET B 356 -39.83 45.23 37.55
C MET B 356 -40.23 46.23 38.62
N VAL B 357 -39.31 46.43 39.57
CA VAL B 357 -39.48 47.42 40.63
C VAL B 357 -38.79 48.70 40.16
N PHE B 358 -39.60 49.67 39.72
CA PHE B 358 -39.09 50.94 39.21
C PHE B 358 -38.77 51.85 40.39
N VAL B 359 -37.57 51.68 40.93
CA VAL B 359 -37.14 52.49 42.06
C VAL B 359 -36.81 53.90 41.58
N SER B 360 -37.38 54.90 42.25
CA SER B 360 -37.25 56.28 41.82
C SER B 360 -37.33 57.19 43.04
N GLY B 361 -36.28 58.00 43.25
CA GLY B 361 -36.20 58.89 44.39
C GLY B 361 -34.95 58.73 45.23
N CYS B 362 -33.89 58.20 44.64
CA CYS B 362 -32.59 58.12 45.30
C CYS B 362 -31.90 59.49 45.17
N LYS B 363 -31.90 60.25 46.26
CA LYS B 363 -31.64 61.69 46.21
C LYS B 363 -30.20 62.08 46.53
N ASN B 364 -29.32 61.12 46.85
CA ASN B 364 -27.97 61.48 47.28
C ASN B 364 -27.05 61.80 46.12
N GLU B 365 -26.85 60.83 45.22
CA GLU B 365 -25.94 60.96 44.09
C GLU B 365 -26.60 60.45 42.82
N PRO B 366 -26.19 60.95 41.63
CA PRO B 366 -26.67 60.36 40.37
C PRO B 366 -25.87 59.12 40.02
N VAL B 367 -26.51 57.96 40.15
CA VAL B 367 -25.86 56.67 39.94
C VAL B 367 -26.83 55.78 39.16
N ALA B 368 -26.28 55.00 38.23
CA ALA B 368 -27.11 54.20 37.33
C ALA B 368 -26.27 53.10 36.72
N THR B 369 -26.90 52.31 35.84
CA THR B 369 -26.28 51.20 35.14
C THR B 369 -26.52 51.35 33.65
N ILE B 370 -25.63 50.75 32.86
CA ILE B 370 -25.68 50.86 31.39
C ILE B 370 -26.58 49.72 30.92
N LEU B 371 -27.88 49.96 30.97
CA LEU B 371 -28.90 48.99 30.56
C LEU B 371 -29.97 49.75 29.80
N ILE B 372 -30.16 49.40 28.51
CA ILE B 372 -30.94 50.22 27.59
C ILE B 372 -31.84 49.34 26.73
N ARG B 373 -33.03 49.87 26.43
CA ARG B 373 -34.06 49.16 25.70
C ARG B 373 -33.79 49.17 24.19
N ALA B 374 -34.39 48.20 23.51
CA ALA B 374 -34.49 48.18 22.04
C ALA B 374 -35.48 47.08 21.68
N ALA B 375 -35.55 46.75 20.38
CA ALA B 375 -36.50 45.76 19.90
C ALA B 375 -36.04 44.34 20.24
N THR B 376 -34.88 43.94 19.70
CA THR B 376 -34.34 42.59 19.88
C THR B 376 -32.97 42.68 20.56
N GLU B 377 -32.46 41.50 20.95
CA GLU B 377 -31.26 41.44 21.77
C GLU B 377 -30.05 42.02 21.04
N HIS B 378 -29.89 41.70 19.76
CA HIS B 378 -28.81 42.28 18.98
C HIS B 378 -28.94 43.80 18.94
N VAL B 379 -30.16 44.29 18.70
CA VAL B 379 -30.38 45.73 18.67
C VAL B 379 -30.23 46.32 20.06
N VAL B 380 -30.61 45.57 21.10
CA VAL B 380 -30.43 46.06 22.47
C VAL B 380 -28.95 46.30 22.75
N GLU B 381 -28.10 45.33 22.45
CA GLU B 381 -26.67 45.49 22.70
C GLU B 381 -26.09 46.61 21.82
N GLU B 382 -26.55 46.69 20.57
CA GLU B 382 -26.04 47.72 19.66
C GLU B 382 -26.33 49.11 20.20
N LEU B 383 -27.60 49.39 20.53
CA LEU B 383 -27.94 50.69 21.08
C LEU B 383 -27.31 50.93 22.44
N GLU B 384 -27.04 49.88 23.23
CA GLU B 384 -26.36 50.09 24.50
C GLU B 384 -24.95 50.61 24.29
N ARG B 385 -24.17 49.92 23.45
CA ARG B 385 -22.83 50.41 23.11
C ARG B 385 -22.91 51.80 22.51
N ALA B 386 -23.96 52.07 21.74
CA ALA B 386 -24.08 53.34 21.06
C ALA B 386 -24.31 54.48 22.04
N ILE B 387 -25.20 54.30 23.00
CA ILE B 387 -25.46 55.38 23.95
C ILE B 387 -24.20 55.60 24.79
N ASP B 388 -23.47 54.51 25.09
CA ASP B 388 -22.23 54.64 25.86
C ASP B 388 -21.23 55.51 25.10
N ASP B 389 -21.05 55.25 23.81
CA ASP B 389 -20.12 56.05 23.02
C ASP B 389 -20.61 57.49 22.91
N ALA B 390 -21.93 57.70 22.89
CA ALA B 390 -22.47 59.05 22.80
C ALA B 390 -22.10 59.88 24.04
N LEU B 391 -22.36 59.34 25.23
CA LEU B 391 -21.94 60.07 26.43
C LEU B 391 -20.43 60.22 26.49
N ASN B 392 -19.67 59.22 26.02
CA ASN B 392 -18.22 59.39 26.07
C ASN B 392 -17.79 60.57 25.20
N ALA B 393 -18.35 60.67 24.00
CA ALA B 393 -17.94 61.74 23.10
C ALA B 393 -18.37 63.10 23.62
N VAL B 394 -19.60 63.21 24.14
CA VAL B 394 -20.04 64.51 24.62
C VAL B 394 -19.27 64.91 25.87
N LYS B 395 -18.92 63.93 26.72
CA LYS B 395 -18.09 64.22 27.88
C LYS B 395 -16.72 64.73 27.45
N ALA B 396 -16.12 64.08 26.45
CA ALA B 396 -14.81 64.52 25.97
C ALA B 396 -14.89 65.92 25.37
N ALA B 397 -15.96 66.20 24.62
CA ALA B 397 -16.11 67.52 24.04
C ALA B 397 -16.25 68.59 25.12
N ILE B 398 -17.06 68.33 26.15
CA ILE B 398 -17.23 69.30 27.21
C ILE B 398 -15.91 69.50 27.96
N LYS B 399 -15.20 68.41 28.25
CA LYS B 399 -13.93 68.52 28.98
C LYS B 399 -12.90 69.29 28.17
N ASP B 400 -12.49 68.75 27.04
CA ASP B 400 -11.39 69.35 26.28
C ASP B 400 -11.83 70.61 25.55
N GLY B 401 -13.08 70.66 25.09
CA GLY B 401 -13.57 71.85 24.42
C GLY B 401 -12.88 72.16 23.12
N LYS B 402 -12.44 71.14 22.38
CA LYS B 402 -11.86 71.31 21.06
C LYS B 402 -12.44 70.24 20.15
N VAL B 403 -13.06 70.67 19.05
CA VAL B 403 -13.77 69.79 18.14
C VAL B 403 -13.16 69.95 16.75
N VAL B 404 -12.92 68.82 16.09
CA VAL B 404 -12.26 68.79 14.78
C VAL B 404 -13.26 68.27 13.75
N PRO B 405 -13.25 68.75 12.50
CA PRO B 405 -14.16 68.17 11.50
C PRO B 405 -13.83 66.70 11.25
N GLY B 406 -14.86 65.87 11.28
CA GLY B 406 -14.73 64.45 11.05
C GLY B 406 -14.89 64.09 9.60
N GLY B 407 -15.32 62.86 9.35
CA GLY B 407 -15.57 62.41 8.00
C GLY B 407 -14.32 62.38 7.13
N GLY B 408 -13.15 62.19 7.73
CA GLY B 408 -11.91 62.18 6.99
C GLY B 408 -11.32 63.54 6.73
N ALA B 409 -12.03 64.62 7.07
CA ALA B 409 -11.51 65.96 6.77
C ALA B 409 -10.25 66.26 7.57
N ALA B 410 -10.25 65.92 8.85
CA ALA B 410 -9.07 66.15 9.68
C ALA B 410 -7.89 65.35 9.16
N GLU B 411 -8.12 64.11 8.73
CA GLU B 411 -7.03 63.29 8.23
C GLU B 411 -6.44 63.88 6.96
N VAL B 412 -7.29 64.37 6.04
CA VAL B 412 -6.76 64.97 4.81
C VAL B 412 -5.99 66.24 5.12
N ALA B 413 -6.49 67.06 6.04
CA ALA B 413 -5.80 68.30 6.37
C ALA B 413 -4.43 68.01 6.98
N VAL B 414 -4.38 67.06 7.93
CA VAL B 414 -3.12 66.72 8.56
C VAL B 414 -2.17 66.11 7.54
N ALA B 415 -2.71 65.33 6.60
CA ALA B 415 -1.86 64.76 5.55
C ALA B 415 -1.26 65.85 4.68
N ARG B 416 -2.05 66.86 4.32
CA ARG B 416 -1.52 67.95 3.50
C ARG B 416 -0.41 68.69 4.22
N LYS B 417 -0.63 69.02 5.50
CA LYS B 417 0.41 69.75 6.21
C LYS B 417 1.64 68.88 6.45
N LEU B 418 1.44 67.57 6.61
CA LEU B 418 2.58 66.66 6.70
C LEU B 418 3.37 66.64 5.41
N ARG B 419 2.68 66.68 4.27
CA ARG B 419 3.38 66.75 3.00
C ARG B 419 4.15 68.06 2.87
N GLU B 420 3.59 69.14 3.42
CA GLU B 420 4.33 70.40 3.47
C GLU B 420 5.62 70.25 4.28
N TYR B 421 5.52 69.60 5.44
CA TYR B 421 6.73 69.32 6.23
C TYR B 421 7.70 68.44 5.45
N ALA B 422 7.19 67.48 4.69
CA ALA B 422 8.05 66.65 3.86
C ALA B 422 8.82 67.50 2.86
N LYS B 423 8.12 68.44 2.23
CA LYS B 423 8.79 69.39 1.34
C LYS B 423 9.84 70.20 2.08
N SER B 424 9.57 70.54 3.34
CA SER B 424 10.57 71.26 4.14
C SER B 424 11.77 70.38 4.45
N LEU B 425 11.53 69.16 4.92
CA LEU B 425 12.60 68.27 5.33
C LEU B 425 13.27 67.64 4.11
N SER B 426 14.50 67.18 4.31
CA SER B 426 15.26 66.48 3.29
C SER B 426 15.93 65.27 3.91
N GLY B 427 16.14 64.25 3.10
CA GLY B 427 16.74 63.00 3.51
C GLY B 427 15.80 61.83 3.30
N LYS B 428 16.22 60.68 3.81
CA LYS B 428 15.40 59.48 3.75
C LYS B 428 14.30 59.45 4.81
N GLU B 429 14.27 60.43 5.71
CA GLU B 429 13.12 60.62 6.59
C GLU B 429 11.92 61.23 5.87
N GLN B 430 12.17 61.94 4.77
CA GLN B 430 11.06 62.47 3.96
C GLN B 430 10.20 61.33 3.43
N LEU B 431 10.83 60.22 3.03
CA LEU B 431 10.08 59.07 2.56
C LEU B 431 9.19 58.52 3.66
N ALA B 432 9.69 58.42 4.88
CA ALA B 432 8.90 57.92 5.99
C ALA B 432 7.75 58.87 6.31
N ILE B 433 7.98 60.17 6.22
CA ILE B 433 6.91 61.12 6.53
C ILE B 433 5.84 61.06 5.44
N GLU B 434 6.24 60.91 4.18
CA GLU B 434 5.28 60.71 3.11
C GLU B 434 4.49 59.42 3.32
N ALA B 435 5.16 58.38 3.81
CA ALA B 435 4.48 57.15 4.18
C ALA B 435 3.43 57.39 5.24
N PHE B 436 3.77 58.17 6.27
CA PHE B 436 2.79 58.50 7.31
C PHE B 436 1.61 59.26 6.73
N ALA B 437 1.88 60.19 5.82
CA ALA B 437 0.80 60.96 5.20
C ALA B 437 -0.13 60.05 4.41
N ASP B 438 0.42 59.10 3.65
CA ASP B 438 -0.42 58.17 2.91
C ASP B 438 -1.23 57.29 3.85
N ALA B 439 -0.59 56.79 4.90
CA ALA B 439 -1.31 55.95 5.85
C ALA B 439 -2.43 56.73 6.54
N LEU B 440 -2.25 58.04 6.70
CA LEU B 440 -3.30 58.85 7.30
C LEU B 440 -4.42 59.11 6.30
N GLU B 441 -4.07 59.27 5.01
CA GLU B 441 -5.09 59.40 3.99
C GLU B 441 -5.87 58.11 3.77
N GLU B 442 -5.35 56.98 4.25
CA GLU B 442 -6.10 55.73 4.13
C GLU B 442 -7.43 55.76 4.87
N ILE B 443 -7.57 56.64 5.88
CA ILE B 443 -8.85 56.74 6.59
C ILE B 443 -9.97 57.22 5.67
N PRO B 444 -9.87 58.35 4.98
CA PRO B 444 -10.95 58.74 4.07
C PRO B 444 -11.22 57.73 2.98
N ARG B 445 -10.19 57.03 2.50
CA ARG B 445 -10.40 56.02 1.49
C ARG B 445 -11.32 54.92 2.00
N THR B 446 -11.05 54.43 3.22
CA THR B 446 -11.92 53.41 3.81
C THR B 446 -13.32 53.96 4.05
N LEU B 447 -13.42 55.18 4.56
CA LEU B 447 -14.72 55.75 4.88
C LEU B 447 -15.57 55.93 3.63
N ALA B 448 -14.93 56.24 2.50
CA ALA B 448 -15.67 56.33 1.25
C ALA B 448 -16.01 54.96 0.70
N GLU B 449 -15.10 53.99 0.86
CA GLU B 449 -15.36 52.66 0.33
C GLU B 449 -16.55 52.01 1.02
N ASN B 450 -16.65 52.17 2.35
CA ASN B 450 -17.81 51.66 3.05
C ASN B 450 -19.08 52.42 2.69
N ALA B 451 -18.96 53.66 2.20
CA ALA B 451 -20.11 54.45 1.80
C ALA B 451 -20.64 54.09 0.41
N GLY B 452 -19.87 53.35 -0.38
CA GLY B 452 -20.24 52.98 -1.72
C GLY B 452 -19.59 53.80 -2.81
N LEU B 453 -19.05 54.97 -2.49
CA LEU B 453 -18.37 55.78 -3.47
C LEU B 453 -17.06 55.11 -3.89
N ASP B 454 -16.55 55.51 -5.05
CA ASP B 454 -15.26 55.03 -5.49
C ASP B 454 -14.16 55.68 -4.65
N PRO B 455 -13.15 54.91 -4.20
CA PRO B 455 -12.22 55.51 -3.23
C PRO B 455 -11.26 56.51 -3.84
N ILE B 456 -10.70 56.21 -5.01
CA ILE B 456 -9.66 57.07 -5.56
C ILE B 456 -10.24 58.39 -6.01
N ASP B 457 -11.40 58.37 -6.65
CA ASP B 457 -11.99 59.61 -7.17
C ASP B 457 -12.34 60.56 -6.04
N THR B 458 -12.97 60.05 -4.97
CA THR B 458 -13.34 60.92 -3.87
C THR B 458 -12.14 61.34 -3.04
N LEU B 459 -11.11 60.48 -2.95
CA LEU B 459 -9.88 60.92 -2.29
C LEU B 459 -9.24 62.06 -3.06
N VAL B 460 -9.20 61.97 -4.39
CA VAL B 460 -8.63 63.04 -5.20
C VAL B 460 -9.46 64.31 -5.07
N GLN B 461 -10.79 64.16 -5.04
CA GLN B 461 -11.64 65.32 -4.86
C GLN B 461 -11.41 65.98 -3.51
N LEU B 462 -11.23 65.18 -2.45
CA LEU B 462 -10.95 65.75 -1.14
C LEU B 462 -9.62 66.48 -1.14
N ARG B 463 -8.60 65.89 -1.77
CA ARG B 463 -7.29 66.54 -1.83
C ARG B 463 -7.38 67.86 -2.58
N ALA B 464 -8.11 67.88 -3.69
CA ALA B 464 -8.29 69.12 -4.43
C ALA B 464 -9.04 70.15 -3.60
N ALA B 465 -10.07 69.71 -2.87
CA ALA B 465 -10.85 70.64 -2.05
C ALA B 465 -9.99 71.26 -0.96
N HIS B 466 -9.14 70.45 -0.33
CA HIS B 466 -8.26 70.98 0.70
C HIS B 466 -7.13 71.83 0.11
N GLU B 467 -6.79 71.62 -1.16
CA GLU B 467 -5.78 72.46 -1.79
C GLU B 467 -6.30 73.87 -2.10
N GLU B 468 -7.61 74.09 -2.00
CA GLU B 468 -8.18 75.41 -2.22
C GLU B 468 -8.27 76.24 -0.95
N GLY B 469 -7.74 75.75 0.17
CA GLY B 469 -7.67 76.49 1.41
C GLY B 469 -8.77 76.16 2.40
N ASP B 470 -9.94 75.73 1.92
CA ASP B 470 -11.02 75.35 2.82
C ASP B 470 -10.69 74.02 3.50
N LYS B 471 -11.14 73.88 4.75
CA LYS B 471 -10.66 72.84 5.65
C LYS B 471 -11.73 71.84 6.08
N ASN B 472 -13.01 72.11 5.84
CA ASN B 472 -14.10 71.32 6.39
C ASN B 472 -14.76 70.39 5.39
N ILE B 473 -14.30 70.35 4.13
CA ILE B 473 -14.88 69.42 3.17
C ILE B 473 -14.43 68.01 3.49
N GLY B 474 -15.39 67.11 3.67
CA GLY B 474 -15.13 65.73 4.03
C GLY B 474 -15.98 64.78 3.20
N ILE B 475 -16.33 63.66 3.83
CA ILE B 475 -17.22 62.66 3.25
C ILE B 475 -18.33 62.40 4.26
N ASP B 476 -19.58 62.52 3.81
CA ASP B 476 -20.76 62.25 4.62
C ASP B 476 -21.40 61.01 4.00
N CYS B 477 -21.40 59.91 4.73
CA CYS B 477 -21.90 58.65 4.19
C CYS B 477 -23.42 58.54 4.26
N LEU B 478 -24.09 59.40 5.05
CA LEU B 478 -25.55 59.39 5.05
C LEU B 478 -26.08 59.87 3.70
N THR B 479 -25.56 61.00 3.21
CA THR B 479 -25.98 61.53 1.92
C THR B 479 -25.19 60.94 0.76
N GLY B 480 -24.10 60.24 1.04
CA GLY B 480 -23.34 59.60 -0.02
C GLY B 480 -22.73 60.55 -1.02
N GLU B 481 -22.21 61.69 -0.55
CA GLU B 481 -21.51 62.65 -1.39
C GLU B 481 -20.35 63.22 -0.58
N VAL B 482 -19.70 64.23 -1.16
CA VAL B 482 -18.68 65.03 -0.48
C VAL B 482 -19.27 66.41 -0.25
N ALA B 483 -19.21 66.87 1.00
CA ALA B 483 -19.81 68.15 1.36
C ALA B 483 -19.09 68.70 2.58
N ASP B 484 -19.41 69.94 2.92
CA ASP B 484 -18.83 70.55 4.10
C ASP B 484 -19.36 69.85 5.35
N MET B 485 -18.44 69.37 6.18
CA MET B 485 -18.86 68.61 7.36
C MET B 485 -19.51 69.51 8.41
N LEU B 486 -19.04 70.76 8.53
CA LEU B 486 -19.56 71.64 9.58
C LEU B 486 -21.04 71.94 9.35
N GLU B 487 -21.44 72.12 8.09
CA GLU B 487 -22.86 72.33 7.79
C GLU B 487 -23.66 71.04 7.84
N ALA B 488 -23.00 69.88 7.72
CA ALA B 488 -23.68 68.59 7.75
C ALA B 488 -23.77 68.00 9.16
N GLY B 489 -23.25 68.67 10.17
CA GLY B 489 -23.28 68.12 11.52
C GLY B 489 -22.49 66.84 11.66
N VAL B 490 -21.31 66.79 11.07
CA VAL B 490 -20.41 65.64 11.17
C VAL B 490 -19.11 66.16 11.77
N ILE B 491 -19.02 66.12 13.09
CA ILE B 491 -17.88 66.69 13.82
C ILE B 491 -17.57 65.79 15.01
N ASP B 492 -16.27 65.58 15.27
CA ASP B 492 -15.78 64.66 16.28
C ASP B 492 -14.93 65.40 17.31
N PRO B 493 -14.77 64.83 18.51
CA PRO B 493 -13.87 65.47 19.48
C PRO B 493 -12.44 65.45 18.97
N ALA B 494 -11.71 66.53 19.25
CA ALA B 494 -10.31 66.58 18.85
C ALA B 494 -9.50 65.51 19.59
N ALA B 495 -9.76 65.35 20.89
CA ALA B 495 -8.98 64.41 21.69
C ALA B 495 -9.11 62.98 21.20
N VAL B 496 -10.28 62.61 20.66
CA VAL B 496 -10.47 61.27 20.14
C VAL B 496 -9.52 61.01 18.98
N LYS B 497 -9.43 61.97 18.05
CA LYS B 497 -8.53 61.79 16.91
C LYS B 497 -7.07 61.85 17.34
N LYS B 498 -6.75 62.72 18.31
CA LYS B 498 -5.39 62.75 18.85
C LYS B 498 -4.99 61.39 19.39
N GLN B 499 -5.84 60.80 20.24
CA GLN B 499 -5.53 59.50 20.80
C GLN B 499 -5.52 58.41 19.73
N ALA B 500 -6.36 58.55 18.71
CA ALA B 500 -6.35 57.58 17.62
C ALA B 500 -5.00 57.57 16.93
N ILE B 501 -4.49 58.75 16.58
CA ILE B 501 -3.19 58.85 15.92
C ILE B 501 -2.10 58.30 16.83
N LYS B 502 -2.15 58.67 18.12
CA LYS B 502 -1.11 58.23 19.05
C LYS B 502 -1.09 56.71 19.19
N SER B 503 -2.26 56.11 19.41
CA SER B 503 -2.32 54.67 19.57
C SER B 503 -1.89 53.96 18.30
N ALA B 504 -2.27 54.49 17.14
CA ALA B 504 -1.85 53.89 15.88
C ALA B 504 -0.34 53.93 15.75
N THR B 505 0.28 55.06 16.14
CA THR B 505 1.73 55.19 16.06
C THR B 505 2.42 54.17 16.95
N GLU B 506 1.98 54.09 18.21
CA GLU B 506 2.58 53.12 19.12
C GLU B 506 2.39 51.70 18.62
N ALA B 507 1.21 51.38 18.09
CA ALA B 507 0.97 50.03 17.58
C ALA B 507 1.91 49.71 16.43
N ALA B 508 2.00 50.61 15.45
CA ALA B 508 2.84 50.37 14.29
C ALA B 508 4.31 50.25 14.70
N THR B 509 4.77 51.13 15.57
CA THR B 509 6.17 51.09 15.99
C THR B 509 6.49 49.81 16.73
N MET B 510 5.72 49.50 17.77
CA MET B 510 6.06 48.34 18.59
C MET B 510 5.71 47.02 17.91
N ILE B 511 5.01 47.05 16.76
CA ILE B 511 4.97 45.86 15.91
C ILE B 511 6.18 45.83 14.98
N LEU B 512 6.70 46.99 14.57
CA LEU B 512 7.86 47.01 13.71
C LEU B 512 9.14 46.64 14.46
N ARG B 513 9.20 46.92 15.76
CA ARG B 513 10.43 46.73 16.52
C ARG B 513 10.72 45.27 16.84
N ILE B 514 9.82 44.36 16.51
CA ILE B 514 10.00 42.93 16.81
C ILE B 514 10.87 42.30 15.74
N ASP B 515 11.53 41.19 16.09
CA ASP B 515 12.44 40.48 15.21
C ASP B 515 11.95 39.09 14.82
N ASP B 516 11.66 38.23 15.79
CA ASP B 516 11.36 36.84 15.49
C ASP B 516 10.68 36.16 16.68
N ILE B 517 10.06 35.01 16.38
CA ILE B 517 9.28 34.25 17.34
C ILE B 517 10.19 33.23 18.00
N ILE B 518 10.25 33.27 19.33
CA ILE B 518 11.05 32.34 20.11
C ILE B 518 10.18 31.70 21.20
N PRO B 519 10.40 30.45 21.60
CA PRO B 519 9.57 29.88 22.67
C PRO B 519 10.04 30.34 24.04
N ALA B 520 9.15 31.01 24.76
CA ALA B 520 9.47 31.51 26.10
C ALA B 520 9.08 30.49 27.14
N LYS B 521 9.94 30.32 28.15
CA LYS B 521 9.67 29.37 29.22
C LYS B 521 8.39 29.78 29.95
N ALA B 522 7.49 28.81 30.12
CA ALA B 522 6.24 29.08 30.81
C ALA B 522 6.49 29.19 32.32
N PRO B 523 5.90 30.17 33.02
CA PRO B 523 6.10 30.22 34.48
C PRO B 523 5.43 29.04 35.16
N THR B 524 6.18 28.35 36.00
CA THR B 524 5.65 27.20 36.73
C THR B 524 4.83 27.65 37.94
N ASP C 19 30.63 16.16 14.96
CA ASP C 19 31.33 17.37 15.48
C ASP C 19 30.49 18.05 16.55
N ALA C 20 30.53 17.48 17.76
CA ALA C 20 29.71 18.00 18.84
C ALA C 20 30.19 19.38 19.30
N ARG C 21 31.49 19.65 19.19
CA ARG C 21 31.96 21.01 19.45
C ARG C 21 31.36 21.98 18.44
N LYS C 22 31.28 21.57 17.17
CA LYS C 22 30.63 22.41 16.17
C LYS C 22 29.16 22.62 16.51
N ASN C 23 28.49 21.58 17.02
CA ASN C 23 27.10 21.72 17.41
C ASN C 23 26.93 22.71 18.56
N ASN C 24 27.78 22.61 19.59
CA ASN C 24 27.71 23.53 20.71
C ASN C 24 28.00 24.96 20.25
N ILE C 25 28.97 25.11 19.35
CA ILE C 25 29.29 26.45 18.88
C ILE C 25 28.12 26.99 18.07
N ALA C 26 27.46 26.13 17.29
CA ALA C 26 26.32 26.59 16.51
C ALA C 26 25.19 27.05 17.41
N ALA C 27 24.96 26.36 18.52
CA ALA C 27 23.97 26.82 19.48
C ALA C 27 24.35 28.17 20.08
N ALA C 28 25.62 28.32 20.45
CA ALA C 28 26.07 29.59 21.01
C ALA C 28 25.93 30.71 19.98
N ARG C 29 26.26 30.43 18.72
CA ARG C 29 26.08 31.39 17.64
C ARG C 29 24.62 31.75 17.46
N ALA C 30 23.72 30.78 17.55
CA ALA C 30 22.29 31.05 17.41
C ALA C 30 21.82 32.00 18.50
N ILE C 31 22.22 31.75 19.74
CA ILE C 31 21.82 32.64 20.83
C ILE C 31 22.46 34.01 20.67
N ALA C 32 23.73 34.03 20.25
CA ALA C 32 24.42 35.30 20.08
C ALA C 32 23.74 36.14 19.01
N ASP C 33 23.37 35.53 17.89
CA ASP C 33 22.69 36.28 16.83
C ASP C 33 21.28 36.68 17.26
N MET C 34 20.61 35.85 18.07
CA MET C 34 19.29 36.21 18.57
C MET C 34 19.35 37.47 19.43
N VAL C 35 20.33 37.53 20.33
CA VAL C 35 20.47 38.67 21.25
C VAL C 35 21.28 39.81 20.63
N LYS C 36 21.88 39.61 19.46
CA LYS C 36 22.68 40.66 18.82
C LYS C 36 21.82 41.88 18.51
N THR C 37 20.61 41.66 18.02
CA THR C 37 19.80 42.75 17.52
C THR C 37 19.32 43.71 18.61
N THR C 38 19.47 43.36 19.88
CA THR C 38 18.98 44.17 20.99
C THR C 38 20.10 44.88 21.75
N LEU C 39 21.18 45.24 21.07
CA LEU C 39 22.31 45.93 21.67
C LEU C 39 22.35 47.35 21.15
N GLY C 40 21.90 48.30 21.97
CA GLY C 40 22.02 49.71 21.67
C GLY C 40 20.80 50.52 22.04
N PRO C 41 20.88 51.84 21.84
CA PRO C 41 19.70 52.68 22.05
C PRO C 41 18.52 52.27 21.19
N ARG C 42 18.81 51.89 19.93
CA ARG C 42 17.78 51.46 18.99
C ARG C 42 17.65 49.94 18.98
N GLY C 43 17.90 49.30 20.12
CA GLY C 43 17.79 47.87 20.22
C GLY C 43 16.40 47.39 19.83
N MET C 44 16.33 46.67 18.72
CA MET C 44 15.06 46.21 18.21
C MET C 44 14.50 45.13 19.14
N ASN C 45 13.41 45.46 19.82
CA ASN C 45 12.95 44.70 20.98
C ASN C 45 12.60 43.26 20.59
N LYS C 46 12.36 42.47 21.64
CA LYS C 46 12.12 41.04 21.52
C LYS C 46 10.84 40.69 22.25
N MET C 47 10.15 39.68 21.73
CA MET C 47 8.86 39.23 22.24
C MET C 47 9.01 37.80 22.77
N LEU C 48 8.31 37.51 23.87
CA LEU C 48 8.43 36.24 24.57
C LEU C 48 7.05 35.62 24.72
N VAL C 49 6.71 34.65 23.87
CA VAL C 49 5.47 33.90 23.96
C VAL C 49 5.74 32.54 24.58
N ASN C 50 4.86 32.12 25.47
CA ASN C 50 4.91 30.83 26.13
C ASN C 50 3.63 30.06 25.80
N SER C 51 3.57 28.81 26.24
CA SER C 51 2.40 27.98 25.96
C SER C 51 1.15 28.57 26.58
N LEU C 52 1.28 29.26 27.71
CA LEU C 52 0.14 29.91 28.33
C LEU C 52 -0.39 31.10 27.52
N GLY C 53 0.38 31.60 26.55
CA GLY C 53 -0.05 32.68 25.71
C GLY C 53 0.33 34.06 26.19
N ASP C 54 0.90 34.20 27.38
CA ASP C 54 1.32 35.50 27.87
C ASP C 54 2.48 35.99 27.02
N VAL C 55 2.47 37.29 26.73
CA VAL C 55 3.49 37.93 25.90
C VAL C 55 4.04 39.14 26.66
N THR C 56 5.37 39.25 26.70
CA THR C 56 6.05 40.41 27.26
C THR C 56 7.09 40.91 26.26
N ILE C 57 7.04 42.20 25.96
CA ILE C 57 8.00 42.82 25.06
C ILE C 57 9.13 43.36 25.91
N THR C 58 10.35 42.92 25.62
CA THR C 58 11.54 43.36 26.34
C THR C 58 12.70 43.50 25.36
N ASN C 59 13.64 44.37 25.71
CA ASN C 59 14.88 44.52 24.97
C ASN C 59 16.13 44.30 25.81
N ASP C 60 16.05 44.42 27.13
CA ASP C 60 17.20 44.14 27.98
C ASP C 60 17.53 42.66 27.88
N GLY C 61 18.80 42.36 27.56
CA GLY C 61 19.19 40.99 27.28
C GLY C 61 18.99 40.03 28.42
N ALA C 62 18.93 40.53 29.66
CA ALA C 62 18.83 39.65 30.81
C ALA C 62 17.55 38.84 30.77
N THR C 63 16.42 39.50 30.50
CA THR C 63 15.15 38.80 30.38
C THR C 63 15.20 37.79 29.23
N ILE C 64 15.78 38.20 28.11
CA ILE C 64 15.75 37.38 26.90
C ILE C 64 16.53 36.10 27.14
N LEU C 65 17.60 36.18 27.93
CA LEU C 65 18.32 34.98 28.34
C LEU C 65 17.63 34.26 29.50
N GLU C 66 16.79 34.95 30.26
CA GLU C 66 16.18 34.31 31.44
C GLU C 66 15.07 33.36 31.05
N GLU C 67 13.98 33.87 30.44
CA GLU C 67 12.80 33.05 30.17
C GLU C 67 12.65 32.67 28.69
N MET C 68 13.76 32.32 28.04
CA MET C 68 13.74 31.64 26.76
C MET C 68 13.90 30.14 26.95
N ASP C 69 13.35 29.37 26.00
CA ASP C 69 13.50 27.92 26.01
C ASP C 69 14.81 27.52 25.36
N ILE C 70 15.59 26.71 26.07
CA ILE C 70 16.86 26.18 25.56
C ILE C 70 16.95 24.72 25.93
N GLU C 71 16.77 23.84 24.94
CA GLU C 71 17.00 22.41 25.14
C GLU C 71 18.47 22.04 25.02
N HIS C 72 19.23 22.80 24.24
CA HIS C 72 20.63 22.49 24.02
C HIS C 72 21.44 22.86 25.26
N PRO C 73 22.20 21.91 25.87
CA PRO C 73 22.81 22.23 27.17
C PRO C 73 23.99 23.18 27.08
N ALA C 74 24.73 23.11 25.96
CA ALA C 74 25.79 24.09 25.74
C ALA C 74 25.22 25.50 25.72
N ALA C 75 24.05 25.67 25.10
CA ALA C 75 23.33 26.93 25.24
C ALA C 75 22.90 27.16 26.68
N LYS C 76 22.51 26.11 27.38
CA LYS C 76 22.03 26.24 28.76
C LYS C 76 23.11 26.78 29.69
N MET C 77 24.39 26.62 29.35
CA MET C 77 25.42 27.24 30.17
C MET C 77 25.35 28.77 30.10
N LEU C 78 24.94 29.32 28.95
CA LEU C 78 24.88 30.77 28.84
C LEU C 78 23.88 31.37 29.82
N LYS C 79 22.89 30.58 30.27
CA LYS C 79 22.07 30.99 31.40
C LYS C 79 22.96 31.34 32.59
N GLU C 80 23.87 30.43 32.94
CA GLU C 80 24.73 30.64 34.11
C GLU C 80 25.65 31.82 33.87
N VAL C 81 26.15 31.96 32.64
CA VAL C 81 27.02 33.10 32.32
C VAL C 81 26.26 34.41 32.54
N ALA C 82 25.04 34.50 32.01
CA ALA C 82 24.25 35.72 32.18
C ALA C 82 23.90 35.97 33.63
N LYS C 83 23.61 34.90 34.38
CA LYS C 83 23.29 35.05 35.79
C LYS C 83 24.49 35.60 36.56
N ALA C 84 25.68 35.09 36.27
CA ALA C 84 26.88 35.60 36.92
C ALA C 84 27.11 37.06 36.56
N GLN C 85 26.91 37.41 35.29
CA GLN C 85 27.06 38.79 34.87
C GLN C 85 26.11 39.69 35.62
N GLU C 86 24.85 39.29 35.73
CA GLU C 86 23.86 40.10 36.44
C GLU C 86 24.21 40.21 37.91
N GLU C 87 24.67 39.11 38.52
CA GLU C 87 24.98 39.12 39.94
C GLU C 87 26.13 40.07 40.25
N GLU C 88 27.21 39.99 39.46
CA GLU C 88 28.35 40.84 39.76
C GLU C 88 28.08 42.27 39.33
N ALA C 89 27.86 42.50 38.04
CA ALA C 89 27.74 43.84 37.49
C ALA C 89 26.29 44.31 37.41
N GLY C 90 25.39 43.45 36.92
CA GLY C 90 24.01 43.83 36.73
C GLY C 90 23.73 44.57 35.45
N ASP C 91 24.75 44.87 34.64
CA ASP C 91 24.57 45.50 33.34
C ASP C 91 25.65 44.97 32.41
N GLY C 92 25.28 44.70 31.17
CA GLY C 92 26.22 44.27 30.16
C GLY C 92 26.06 42.81 29.76
N THR C 93 24.92 42.20 30.07
CA THR C 93 24.71 40.81 29.68
C THR C 93 24.65 40.66 28.17
N THR C 94 23.98 41.58 27.48
CA THR C 94 23.93 41.51 26.02
C THR C 94 25.30 41.71 25.42
N THR C 95 26.10 42.60 25.99
CA THR C 95 27.47 42.77 25.53
C THR C 95 28.27 41.49 25.74
N ALA C 96 28.09 40.84 26.88
CA ALA C 96 28.81 39.59 27.16
C ALA C 96 28.44 38.51 26.16
N VAL C 97 27.14 38.36 25.87
CA VAL C 97 26.71 37.30 24.97
C VAL C 97 27.17 37.58 23.54
N VAL C 98 27.10 38.84 23.11
CA VAL C 98 27.56 39.16 21.75
C VAL C 98 29.06 38.96 21.65
N LEU C 99 29.81 39.33 22.69
CA LEU C 99 31.24 39.11 22.68
C LEU C 99 31.58 37.63 22.64
N ALA C 100 30.85 36.81 23.40
CA ALA C 100 31.06 35.38 23.34
C ALA C 100 30.76 34.85 21.94
N GLY C 101 29.71 35.35 21.31
CA GLY C 101 29.40 34.91 19.95
C GLY C 101 30.51 35.23 18.98
N ALA C 102 31.02 36.46 19.03
CA ALA C 102 32.10 36.84 18.13
C ALA C 102 33.37 36.06 18.42
N LEU C 103 33.64 35.81 19.70
CA LEU C 103 34.83 35.04 20.08
C LEU C 103 34.75 33.62 19.54
N LEU C 104 33.59 32.98 19.67
CA LEU C 104 33.44 31.64 19.11
C LEU C 104 33.43 31.67 17.59
N GLU C 105 32.98 32.77 16.98
CA GLU C 105 33.11 32.95 15.54
C GLU C 105 34.56 32.82 15.11
N GLU C 106 35.43 33.67 15.67
CA GLU C 106 36.83 33.62 15.28
C GLU C 106 37.49 32.34 15.74
N ALA C 107 37.02 31.75 16.83
CA ALA C 107 37.53 30.47 17.27
C ALA C 107 37.26 29.39 16.23
N GLU C 108 36.04 29.36 15.68
CA GLU C 108 35.72 28.42 14.62
C GLU C 108 36.58 28.65 13.40
N LYS C 109 36.76 29.92 13.02
CA LYS C 109 37.57 30.21 11.85
C LYS C 109 39.02 29.76 12.07
N LEU C 110 39.46 29.73 13.33
CA LEU C 110 40.83 29.31 13.63
C LEU C 110 40.96 27.79 13.67
N ILE C 111 39.98 27.07 14.25
CA ILE C 111 40.12 25.61 14.26
C ILE C 111 39.97 25.09 12.83
N GLU C 112 39.21 25.81 12.00
CA GLU C 112 39.16 25.47 10.57
C GLU C 112 40.56 25.51 9.97
N GLN C 113 41.35 26.53 10.32
CA GLN C 113 42.70 26.63 9.79
C GLN C 113 43.56 25.46 10.24
N GLY C 114 43.48 25.09 11.51
CA GLY C 114 44.21 23.95 12.03
C GLY C 114 44.78 24.12 13.43
N ILE C 115 44.61 25.30 14.03
CA ILE C 115 45.11 25.53 15.37
C ILE C 115 44.38 24.62 16.36
N HIS C 116 45.12 24.05 17.29
CA HIS C 116 44.51 23.21 18.31
C HIS C 116 43.66 24.07 19.25
N PRO C 117 42.56 23.52 19.80
CA PRO C 117 41.74 24.34 20.71
C PRO C 117 42.48 24.90 21.91
N THR C 118 43.39 24.12 22.50
CA THR C 118 44.06 24.58 23.71
C THR C 118 44.93 25.81 23.44
N THR C 119 45.54 25.86 22.26
CA THR C 119 46.28 27.06 21.88
C THR C 119 45.36 28.27 21.79
N ILE C 120 44.16 28.06 21.25
CA ILE C 120 43.17 29.14 21.18
C ILE C 120 42.83 29.62 22.58
N ILE C 121 42.64 28.68 23.51
CA ILE C 121 42.31 29.05 24.88
C ILE C 121 43.44 29.86 25.51
N LYS C 122 44.68 29.42 25.32
CA LYS C 122 45.81 30.14 25.89
C LYS C 122 45.92 31.55 25.31
N GLY C 123 45.73 31.66 23.99
CA GLY C 123 45.77 32.97 23.36
C GLY C 123 44.67 33.89 23.88
N TYR C 124 43.46 33.36 24.04
CA TYR C 124 42.37 34.18 24.56
C TYR C 124 42.63 34.61 25.99
N ARG C 125 43.21 33.72 26.81
CA ARG C 125 43.53 34.09 28.17
C ARG C 125 44.53 35.25 28.21
N LYS C 126 45.61 35.14 27.44
CA LYS C 126 46.59 36.23 27.41
C LYS C 126 45.98 37.50 26.86
N ALA C 127 45.18 37.37 25.80
CA ALA C 127 44.54 38.53 25.19
C ALA C 127 43.64 39.24 26.18
N VAL C 128 42.96 38.49 27.02
CA VAL C 128 41.98 39.09 27.92
C VAL C 128 42.67 39.69 29.13
N ASP C 129 43.76 39.09 29.60
CA ASP C 129 44.55 39.76 30.63
C ASP C 129 45.04 41.11 30.13
N LYS C 130 45.62 41.13 28.93
CA LYS C 130 46.08 42.40 28.39
C LYS C 130 44.92 43.34 28.11
N ALA C 131 43.76 42.82 27.73
CA ALA C 131 42.60 43.66 27.45
C ALA C 131 42.11 44.36 28.70
N LEU C 132 42.05 43.63 29.82
CA LEU C 132 41.65 44.26 31.08
C LEU C 132 42.68 45.31 31.48
N GLU C 133 43.97 45.02 31.29
CA GLU C 133 44.98 46.04 31.58
C GLU C 133 44.77 47.28 30.73
N VAL C 134 44.54 47.09 29.42
CA VAL C 134 44.36 48.21 28.49
C VAL C 134 43.14 49.03 28.90
N LEU C 135 42.04 48.36 29.23
CA LEU C 135 40.84 49.06 29.65
C LEU C 135 41.07 49.82 30.94
N GLU C 136 41.94 49.31 31.82
CA GLU C 136 42.32 50.08 32.99
C GLU C 136 43.05 51.35 32.61
N GLU C 137 43.97 51.28 31.64
CA GLU C 137 44.72 52.49 31.29
C GLU C 137 43.82 53.51 30.62
N VAL C 138 43.01 53.08 29.64
CA VAL C 138 42.29 54.02 28.79
C VAL C 138 41.18 54.73 29.56
N ALA C 139 40.64 54.10 30.60
CA ALA C 139 39.48 54.65 31.29
C ALA C 139 39.79 56.01 31.91
N ILE C 140 38.88 56.94 31.72
CA ILE C 140 39.02 58.32 32.23
C ILE C 140 38.40 58.35 33.62
N PRO C 141 39.01 59.00 34.61
CA PRO C 141 38.43 58.96 35.96
C PRO C 141 37.38 60.04 36.16
N VAL C 142 36.51 59.80 37.13
CA VAL C 142 35.39 60.69 37.45
C VAL C 142 35.37 60.93 38.96
N ASP C 143 35.12 62.17 39.35
CA ASP C 143 34.87 62.51 40.74
C ASP C 143 33.38 62.34 41.04
N PRO C 144 32.99 62.14 42.30
CA PRO C 144 31.57 61.94 42.61
C PRO C 144 30.74 63.21 42.69
N ASP C 145 31.30 64.36 42.31
CA ASP C 145 30.59 65.64 42.37
C ASP C 145 30.38 66.29 41.02
N ASP C 146 30.95 65.76 39.95
CA ASP C 146 30.80 66.35 38.62
C ASP C 146 29.44 65.91 38.07
N GLU C 147 28.44 66.78 38.26
CA GLU C 147 27.04 66.38 38.05
C GLU C 147 26.78 65.97 36.61
N GLU C 148 27.34 66.71 35.65
CA GLU C 148 27.07 66.42 34.25
C GLU C 148 27.59 65.03 33.86
N THR C 149 28.75 64.65 34.38
CA THR C 149 29.28 63.32 34.08
C THR C 149 28.39 62.22 34.64
N LEU C 150 27.89 62.38 35.87
CA LEU C 150 26.98 61.39 36.42
C LEU C 150 25.70 61.31 35.61
N LYS C 151 25.18 62.47 35.18
CA LYS C 151 24.00 62.49 34.33
C LYS C 151 24.25 61.76 33.02
N ALA C 152 25.43 61.96 32.43
CA ALA C 152 25.76 61.29 31.17
C ALA C 152 25.85 59.78 31.36
N VAL C 153 26.51 59.33 32.43
CA VAL C 153 26.59 57.90 32.69
C VAL C 153 25.20 57.32 32.90
N ALA C 154 24.37 58.04 33.66
CA ALA C 154 23.01 57.59 33.90
C ALA C 154 22.25 57.47 32.59
N ARG C 155 22.33 58.48 31.73
CA ARG C 155 21.60 58.44 30.47
C ARG C 155 22.09 57.30 29.59
N THR C 156 23.41 57.08 29.55
CA THR C 156 23.95 56.04 28.70
C THR C 156 23.48 54.66 29.13
N ALA C 157 23.44 54.39 30.44
CA ALA C 157 22.90 53.11 30.89
C ALA C 157 21.39 53.05 30.74
N MET C 158 20.72 54.14 31.12
CA MET C 158 19.28 54.28 31.00
C MET C 158 18.83 54.06 29.56
N THR C 159 19.71 54.36 28.61
CA THR C 159 19.46 54.10 27.20
C THR C 159 19.06 52.65 26.97
N GLY C 160 18.25 52.44 25.92
CA GLY C 160 17.92 51.12 25.44
C GLY C 160 16.44 50.78 25.47
N LYS C 161 15.75 51.19 26.53
CA LYS C 161 14.42 50.68 26.85
C LYS C 161 13.37 51.76 27.03
N ALA C 162 13.74 52.93 27.53
CA ALA C 162 12.76 54.00 27.73
C ALA C 162 12.44 54.71 26.42
N SER C 163 11.29 55.39 26.41
CA SER C 163 10.96 56.24 25.30
C SER C 163 11.93 57.42 25.23
N GLU C 164 12.04 57.99 24.03
CA GLU C 164 12.98 59.10 23.83
C GLU C 164 12.58 60.33 24.63
N GLU C 165 11.28 60.52 24.91
CA GLU C 165 10.81 61.77 25.48
C GLU C 165 11.30 61.96 26.92
N ASN C 166 11.33 60.89 27.71
CA ASN C 166 11.51 60.98 29.15
C ASN C 166 12.93 60.61 29.59
N ARG C 167 13.90 60.68 28.67
CA ARG C 167 15.27 60.36 29.03
C ARG C 167 15.84 61.40 30.01
N GLU C 168 15.70 62.68 29.67
CA GLU C 168 16.18 63.74 30.54
C GLU C 168 15.50 63.67 31.90
N GLU C 169 14.18 63.48 31.91
CA GLU C 169 13.43 63.48 33.16
C GLU C 169 13.92 62.35 34.06
N ILE C 170 13.92 61.12 33.54
CA ILE C 170 14.24 59.97 34.37
C ILE C 170 15.70 60.01 34.82
N ALA C 171 16.59 60.52 33.96
CA ALA C 171 17.97 60.69 34.38
C ALA C 171 18.07 61.69 35.54
N ASP C 172 17.31 62.79 35.46
CA ASP C 172 17.33 63.78 36.53
C ASP C 172 16.82 63.17 37.83
N LEU C 173 15.73 62.41 37.79
CA LEU C 173 15.24 61.81 39.02
C LEU C 173 16.20 60.75 39.54
N VAL C 174 16.90 60.05 38.64
CA VAL C 174 17.87 59.04 39.07
C VAL C 174 18.99 59.70 39.87
N VAL C 175 19.58 60.76 39.32
CA VAL C 175 20.68 61.40 40.01
C VAL C 175 20.19 62.08 41.28
N GLU C 176 18.99 62.66 41.25
CA GLU C 176 18.43 63.30 42.43
C GLU C 176 18.24 62.29 43.55
N ALA C 177 17.68 61.13 43.23
CA ALA C 177 17.48 60.10 44.24
C ALA C 177 18.81 59.60 44.77
N VAL C 178 19.79 59.41 43.89
CA VAL C 178 21.09 58.91 44.31
C VAL C 178 21.75 59.88 45.28
N LEU C 179 21.69 61.18 44.97
CA LEU C 179 22.33 62.16 45.84
C LEU C 179 21.56 62.34 47.15
N SER C 180 20.23 62.44 47.08
CA SER C 180 19.44 62.72 48.28
C SER C 180 19.46 61.53 49.23
N LEU C 181 19.35 60.30 48.71
CA LEU C 181 19.43 59.10 49.52
C LEU C 181 20.86 58.57 49.64
N ALA C 182 21.85 59.45 49.52
CA ALA C 182 23.25 59.05 49.63
C ALA C 182 23.61 58.73 51.09
N GLU C 183 23.50 57.46 51.47
CA GLU C 183 23.86 57.02 52.81
C GLU C 183 25.37 56.83 52.86
N ASP C 184 26.08 57.79 53.44
CA ASP C 184 27.54 57.80 53.42
C ASP C 184 28.05 56.74 54.39
N GLY C 185 28.10 55.51 53.89
CA GLY C 185 28.64 54.38 54.64
C GLY C 185 30.13 54.23 54.43
N GLY C 186 30.91 55.19 54.90
CA GLY C 186 32.35 55.15 54.71
C GLY C 186 32.77 55.26 53.26
N GLY C 187 32.17 56.17 52.51
CA GLY C 187 32.49 56.39 51.11
C GLY C 187 31.66 55.57 50.14
N LYS C 188 31.46 54.30 50.44
CA LYS C 188 30.65 53.41 49.61
C LYS C 188 29.19 53.63 49.94
N TYR C 189 28.50 54.42 49.13
CA TYR C 189 27.10 54.73 49.39
C TYR C 189 26.25 53.50 49.12
N ARG C 190 25.39 53.16 50.08
CA ARG C 190 24.53 51.98 49.97
C ARG C 190 23.24 52.34 49.24
N VAL C 191 23.39 52.66 47.96
CA VAL C 191 22.24 52.97 47.09
C VAL C 191 21.78 51.64 46.52
N ASP C 192 20.98 50.92 47.31
CA ASP C 192 20.46 49.63 46.89
C ASP C 192 19.24 49.81 45.98
N LEU C 193 18.95 48.76 45.22
CA LEU C 193 17.80 48.81 44.33
C LEU C 193 16.49 48.89 45.10
N ASP C 194 16.43 48.30 46.29
CA ASP C 194 15.23 48.28 47.11
C ASP C 194 15.19 49.41 48.13
N ASN C 195 15.84 50.55 47.83
CA ASN C 195 15.92 51.69 48.73
C ASN C 195 15.19 52.92 48.25
N ILE C 196 14.94 53.04 46.95
CA ILE C 196 14.40 54.27 46.35
C ILE C 196 12.92 54.06 46.07
N LYS C 197 12.13 55.11 46.31
CA LYS C 197 10.69 54.99 46.48
C LYS C 197 9.99 55.28 45.15
N ILE C 198 9.43 54.23 44.53
CA ILE C 198 8.53 54.37 43.40
C ILE C 198 7.36 53.42 43.61
N GLU C 199 6.22 53.76 43.02
CA GLU C 199 5.03 52.91 42.99
C GLU C 199 4.65 52.61 41.55
N LYS C 200 4.05 51.45 41.35
CA LYS C 200 3.61 51.00 40.02
C LYS C 200 2.13 51.27 39.85
N GLN C 201 1.76 51.81 38.69
CA GLN C 201 0.36 52.10 38.39
C GLN C 201 0.23 52.37 36.89
N THR C 202 -0.84 51.87 36.29
CA THR C 202 -1.07 52.06 34.87
C THR C 202 -1.46 53.50 34.57
N GLY C 203 -1.03 53.98 33.41
CA GLY C 203 -1.35 55.33 32.98
C GLY C 203 -0.51 56.38 33.69
N GLY C 204 -1.00 57.61 33.65
CA GLY C 204 -0.28 58.71 34.25
C GLY C 204 1.04 58.96 33.55
N GLY C 205 2.11 59.01 34.34
CA GLY C 205 3.43 59.23 33.77
C GLY C 205 4.50 58.81 34.76
N ALA C 206 5.76 59.01 34.34
CA ALA C 206 6.91 58.66 35.17
C ALA C 206 7.27 59.76 36.17
N SER C 207 6.50 60.85 36.23
CA SER C 207 6.78 61.95 37.15
C SER C 207 6.38 61.64 38.60
N ASP C 208 5.93 60.43 38.89
CA ASP C 208 5.64 60.00 40.26
C ASP C 208 6.79 59.23 40.90
N THR C 209 7.97 59.23 40.28
CA THR C 209 9.16 58.61 40.86
C THR C 209 9.82 59.62 41.80
N GLU C 210 9.13 59.88 42.91
CA GLU C 210 9.53 60.83 43.91
C GLU C 210 9.86 60.11 45.21
N LEU C 211 10.54 60.82 46.10
CA LEU C 211 10.96 60.27 47.39
C LEU C 211 9.79 60.37 48.36
N ILE C 212 9.02 59.28 48.46
CA ILE C 212 7.95 59.14 49.43
C ILE C 212 8.48 58.25 50.55
N GLU C 213 8.74 58.85 51.71
CA GLU C 213 9.52 58.19 52.75
C GLU C 213 8.73 57.05 53.40
N GLY C 214 8.52 55.98 52.66
CA GLY C 214 7.79 54.84 53.16
C GLY C 214 7.38 53.91 52.04
N VAL C 215 7.19 52.64 52.39
CA VAL C 215 6.81 51.62 51.42
C VAL C 215 5.31 51.72 51.17
N VAL C 216 4.93 51.96 49.93
CA VAL C 216 3.54 52.12 49.54
C VAL C 216 3.04 50.78 48.99
N LEU C 217 1.91 50.31 49.53
CA LEU C 217 1.34 49.03 49.17
C LEU C 217 0.18 49.22 48.20
N ASP C 218 0.06 48.28 47.26
CA ASP C 218 -1.00 48.32 46.24
C ASP C 218 -2.22 47.51 46.70
N LYS C 219 -2.82 47.97 47.80
CA LYS C 219 -4.02 47.35 48.34
C LYS C 219 -4.91 48.43 48.93
N GLU C 220 -6.22 48.24 48.79
CA GLU C 220 -7.19 49.20 49.29
C GLU C 220 -7.45 48.98 50.78
N PRO C 221 -7.96 49.99 51.49
CA PRO C 221 -8.39 49.76 52.88
C PRO C 221 -9.53 48.74 52.93
N VAL C 222 -9.52 47.91 53.97
CA VAL C 222 -10.52 46.87 54.09
C VAL C 222 -11.90 47.46 54.41
N HIS C 223 -11.94 48.48 55.27
CA HIS C 223 -13.19 49.09 55.72
C HIS C 223 -13.12 50.58 55.42
N GLU C 224 -14.20 51.13 54.85
CA GLU C 224 -14.23 52.54 54.50
C GLU C 224 -14.00 53.42 55.73
N ASP C 225 -14.65 53.09 56.84
CA ASP C 225 -14.51 53.89 58.06
C ASP C 225 -13.19 53.65 58.79
N MET C 226 -12.31 52.81 58.28
CA MET C 226 -10.97 52.68 58.85
C MET C 226 -10.27 54.04 58.72
N PRO C 227 -9.58 54.53 59.78
CA PRO C 227 -9.01 55.89 59.69
C PRO C 227 -7.94 56.01 58.61
N LYS C 228 -8.25 56.76 57.57
CA LYS C 228 -7.31 56.91 56.45
C LYS C 228 -6.10 57.72 56.86
N LYS C 229 -6.29 58.76 57.68
CA LYS C 229 -5.23 59.64 58.13
C LYS C 229 -4.88 59.32 59.58
N LEU C 230 -3.59 59.11 59.85
CA LEU C 230 -3.12 58.84 61.20
C LEU C 230 -1.70 59.40 61.30
N GLU C 231 -1.57 60.60 61.85
CA GLU C 231 -0.26 61.21 62.05
C GLU C 231 0.41 60.62 63.28
N ASN C 232 1.71 60.32 63.15
CA ASN C 232 2.49 59.70 64.22
C ASN C 232 1.86 58.38 64.66
N ALA C 233 1.35 57.62 63.70
CA ALA C 233 0.64 56.38 64.00
C ALA C 233 1.59 55.36 64.59
N LYS C 234 1.07 54.57 65.53
CA LYS C 234 1.81 53.46 66.12
C LYS C 234 1.68 52.27 65.18
N VAL C 235 2.70 52.07 64.35
CA VAL C 235 2.66 51.08 63.28
C VAL C 235 3.18 49.75 63.81
N ALA C 236 2.42 48.68 63.54
CA ALA C 236 2.80 47.33 63.87
C ALA C 236 2.90 46.50 62.59
N VAL C 237 3.66 45.42 62.67
CA VAL C 237 3.84 44.48 61.57
C VAL C 237 3.58 43.08 62.11
N LEU C 238 2.64 42.37 61.48
CA LEU C 238 2.25 41.03 61.88
C LEU C 238 2.28 40.11 60.66
N ASP C 239 2.29 38.80 60.94
CA ASP C 239 2.29 37.79 59.88
C ASP C 239 1.34 36.63 60.13
N ALA C 240 0.80 36.47 61.34
CA ALA C 240 -0.11 35.37 61.60
C ALA C 240 -1.45 35.63 60.90
N PRO C 241 -2.20 34.58 60.56
CA PRO C 241 -3.46 34.80 59.83
C PRO C 241 -4.54 35.31 60.78
N ILE C 242 -4.99 36.53 60.52
CA ILE C 242 -6.02 37.17 61.34
C ILE C 242 -7.40 36.73 60.86
N ILE C 253 -15.48 21.35 65.44
CA ILE C 253 -16.30 21.77 66.58
C ILE C 253 -17.40 20.74 66.81
N SER C 254 -17.47 20.25 68.05
CA SER C 254 -18.48 19.28 68.45
C SER C 254 -19.58 20.02 69.22
N ILE C 255 -20.82 19.86 68.76
CA ILE C 255 -21.99 20.52 69.34
C ILE C 255 -22.85 19.45 70.00
N SER C 256 -23.20 19.68 71.27
CA SER C 256 -24.04 18.78 72.05
C SER C 256 -25.36 19.42 72.43
N SER C 257 -25.33 20.57 73.08
CA SER C 257 -26.50 21.36 73.40
C SER C 257 -26.79 22.35 72.28
N PRO C 258 -28.01 22.89 72.21
CA PRO C 258 -28.30 23.87 71.16
C PRO C 258 -27.44 25.12 71.25
N GLU C 259 -27.07 25.55 72.46
CA GLU C 259 -26.29 26.76 72.67
C GLU C 259 -24.79 26.49 72.75
N GLN C 260 -24.35 25.25 72.53
CA GLN C 260 -22.91 24.98 72.58
C GLN C 260 -22.19 25.66 71.42
N PHE C 261 -22.82 25.71 70.25
CA PHE C 261 -22.24 26.45 69.13
C PHE C 261 -22.13 27.93 69.45
N GLN C 262 -23.16 28.49 70.07
CA GLN C 262 -23.11 29.90 70.47
C GLN C 262 -22.02 30.14 71.51
N ALA C 263 -21.85 29.21 72.46
CA ALA C 263 -20.79 29.34 73.44
C ALA C 263 -19.42 29.25 72.78
N PHE C 264 -19.28 28.36 71.79
CA PHE C 264 -18.03 28.29 71.02
C PHE C 264 -17.73 29.63 70.37
N LEU C 265 -18.72 30.20 69.67
CA LEU C 265 -18.53 31.50 69.05
C LEU C 265 -18.19 32.57 70.09
N ASP C 266 -18.85 32.50 71.26
CA ASP C 266 -18.62 33.48 72.30
C ASP C 266 -17.18 33.42 72.81
N GLN C 267 -16.65 32.21 73.00
CA GLN C 267 -15.27 32.13 73.50
C GLN C 267 -14.25 32.44 72.40
N GLU C 268 -14.54 32.13 71.14
CA GLU C 268 -13.64 32.59 70.08
C GLU C 268 -13.59 34.11 70.03
N GLU C 269 -14.75 34.78 70.05
CA GLU C 269 -14.71 36.23 70.04
C GLU C 269 -14.11 36.77 71.33
N LYS C 270 -14.26 36.07 72.45
CA LYS C 270 -13.67 36.54 73.71
C LYS C 270 -12.15 36.53 73.64
N GLN C 271 -11.55 35.42 73.20
CA GLN C 271 -10.09 35.42 73.09
C GLN C 271 -9.63 36.37 71.99
N LEU C 272 -10.45 36.60 70.95
CA LEU C 272 -10.11 37.63 69.97
C LEU C 272 -10.08 39.00 70.61
N ARG C 273 -11.09 39.31 71.45
CA ARG C 273 -11.06 40.55 72.22
C ARG C 273 -9.80 40.61 73.07
N GLU C 274 -9.39 39.48 73.64
CA GLU C 274 -8.22 39.49 74.52
C GLU C 274 -6.94 39.80 73.76
N MET C 275 -6.68 39.12 72.64
CA MET C 275 -5.43 39.43 71.93
C MET C 275 -5.47 40.83 71.33
N VAL C 276 -6.61 41.25 70.76
CA VAL C 276 -6.64 42.61 70.22
C VAL C 276 -6.58 43.64 71.35
N ASP C 277 -7.03 43.31 72.56
CA ASP C 277 -6.93 44.25 73.67
C ASP C 277 -5.50 44.42 74.12
N LYS C 278 -4.76 43.31 74.27
CA LYS C 278 -3.36 43.46 74.64
C LYS C 278 -2.55 44.05 73.50
N ILE C 279 -3.01 43.94 72.25
CA ILE C 279 -2.40 44.70 71.17
C ILE C 279 -2.66 46.19 71.37
N VAL C 280 -3.90 46.56 71.67
CA VAL C 280 -4.25 47.97 71.84
C VAL C 280 -3.53 48.57 73.05
N ASP C 281 -3.24 47.74 74.06
CA ASP C 281 -2.48 48.22 75.21
C ASP C 281 -1.08 48.68 74.76
N THR C 282 -0.48 47.95 73.84
CA THR C 282 0.74 48.44 73.20
C THR C 282 0.46 49.73 72.43
N GLY C 283 -0.71 49.81 71.80
CA GLY C 283 -1.14 51.00 71.09
C GLY C 283 -1.17 50.89 69.59
N ALA C 284 -0.94 49.71 69.03
CA ALA C 284 -0.88 49.56 67.57
C ALA C 284 -2.21 49.92 66.94
N ASN C 285 -2.15 50.72 65.87
CA ASN C 285 -3.33 51.11 65.10
C ASN C 285 -3.16 50.96 63.60
N VAL C 286 -1.97 50.62 63.11
CA VAL C 286 -1.72 50.38 61.70
C VAL C 286 -0.98 49.06 61.57
N VAL C 287 -1.54 48.14 60.79
CA VAL C 287 -1.00 46.79 60.61
C VAL C 287 -0.96 46.46 59.13
N PHE C 288 0.08 45.73 58.72
CA PHE C 288 0.20 45.18 57.37
C PHE C 288 0.49 43.69 57.54
N CYS C 289 -0.53 42.87 57.36
CA CYS C 289 -0.44 41.44 57.65
C CYS C 289 -0.04 40.64 56.42
N GLU C 290 0.70 39.57 56.66
CA GLU C 290 1.22 38.74 55.58
C GLU C 290 0.17 37.83 54.95
N LYS C 291 -0.92 37.54 55.66
CA LYS C 291 -1.91 36.55 55.26
C LYS C 291 -3.28 37.20 55.10
N GLY C 292 -4.27 36.37 54.77
CA GLY C 292 -5.60 36.86 54.48
C GLY C 292 -6.36 37.31 55.72
N ILE C 293 -7.62 37.70 55.49
CA ILE C 293 -8.50 38.20 56.52
C ILE C 293 -9.88 37.57 56.34
N ASP C 294 -10.82 38.00 57.19
CA ASP C 294 -12.21 37.62 57.10
C ASP C 294 -13.06 38.87 57.32
N ASP C 295 -14.32 38.80 56.86
CA ASP C 295 -15.20 39.96 56.95
C ASP C 295 -15.41 40.38 58.41
N GLN C 296 -15.67 39.42 59.29
CA GLN C 296 -15.82 39.74 60.70
C GLN C 296 -14.50 40.25 61.29
N VAL C 297 -13.37 39.69 60.82
CA VAL C 297 -12.08 40.11 61.33
C VAL C 297 -11.80 41.56 60.97
N GLU C 298 -11.96 41.93 59.70
CA GLU C 298 -11.76 43.32 59.33
C GLU C 298 -12.78 44.22 60.01
N HIS C 299 -14.00 43.71 60.24
CA HIS C 299 -15.01 44.52 60.90
C HIS C 299 -14.60 44.86 62.33
N MET C 300 -14.17 43.87 63.12
CA MET C 300 -13.81 44.18 64.50
C MET C 300 -12.45 44.86 64.57
N LEU C 301 -11.61 44.73 63.54
CA LEU C 301 -10.37 45.49 63.49
C LEU C 301 -10.68 46.98 63.29
N ALA C 302 -11.53 47.30 62.32
CA ALA C 302 -11.90 48.68 62.07
C ALA C 302 -12.93 49.22 63.06
N LYS C 303 -13.46 48.37 63.94
CA LYS C 303 -14.29 48.87 65.03
C LYS C 303 -13.49 49.81 65.93
N LYS C 304 -12.23 49.45 66.21
CA LYS C 304 -11.31 50.31 66.94
C LYS C 304 -10.48 51.21 66.02
N GLY C 305 -10.53 51.00 64.70
CA GLY C 305 -9.80 51.84 63.76
C GLY C 305 -8.41 51.32 63.47
N ILE C 306 -8.32 50.05 63.05
CA ILE C 306 -7.04 49.37 62.81
C ILE C 306 -6.92 49.09 61.33
N LEU C 307 -5.79 49.52 60.74
CA LEU C 307 -5.49 49.22 59.35
C LEU C 307 -4.94 47.81 59.22
N ALA C 308 -5.34 47.13 58.15
CA ALA C 308 -4.90 45.74 57.92
C ALA C 308 -4.83 45.50 56.43
N VAL C 309 -3.62 45.25 55.93
CA VAL C 309 -3.37 44.89 54.54
C VAL C 309 -2.94 43.43 54.51
N ARG C 310 -3.47 42.68 53.55
CA ARG C 310 -3.32 41.23 53.49
C ARG C 310 -2.51 40.81 52.28
N ARG C 311 -2.07 39.55 52.32
CA ARG C 311 -1.34 38.91 51.22
C ARG C 311 -0.09 39.70 50.84
N VAL C 312 0.59 40.23 51.85
CA VAL C 312 1.85 40.92 51.65
C VAL C 312 2.96 39.89 51.53
N LYS C 313 3.75 39.98 50.46
CA LYS C 313 4.74 38.96 50.16
C LYS C 313 5.81 38.90 51.24
N LYS C 314 6.67 37.89 51.14
CA LYS C 314 7.77 37.77 52.11
C LYS C 314 8.74 38.93 51.99
N ASP C 315 9.17 39.22 50.76
CA ASP C 315 10.17 40.27 50.54
C ASP C 315 9.62 41.65 50.93
N ASP C 316 8.41 41.98 50.46
CA ASP C 316 7.87 43.30 50.77
C ASP C 316 7.41 43.40 52.23
N LEU C 317 7.01 42.28 52.85
CA LEU C 317 6.74 42.33 54.29
C LEU C 317 8.02 42.60 55.08
N GLU C 318 9.13 41.96 54.68
CA GLU C 318 10.41 42.26 55.35
C GLU C 318 10.81 43.71 55.12
N LYS C 319 10.57 44.22 53.91
CA LYS C 319 10.86 45.62 53.62
C LYS C 319 10.04 46.55 54.50
N ILE C 320 8.75 46.24 54.68
CA ILE C 320 7.90 47.05 55.53
C ILE C 320 8.37 46.98 56.98
N ALA C 321 8.80 45.80 57.42
CA ALA C 321 9.30 45.66 58.79
C ALA C 321 10.55 46.50 58.98
N LYS C 322 11.45 46.50 58.01
CA LYS C 322 12.65 47.33 58.10
C LYS C 322 12.30 48.81 58.10
N ALA C 323 11.37 49.23 57.24
CA ALA C 323 11.07 50.65 57.11
C ALA C 323 10.32 51.17 58.34
N THR C 324 9.28 50.47 58.77
CA THR C 324 8.41 50.96 59.84
C THR C 324 9.06 50.81 61.21
N GLY C 325 10.03 49.92 61.37
CA GLY C 325 10.67 49.69 62.64
C GLY C 325 9.97 48.69 63.53
N ALA C 326 8.78 48.23 63.16
CA ALA C 326 8.07 47.21 63.91
C ALA C 326 8.58 45.84 63.49
N ARG C 327 9.31 45.17 64.38
CA ARG C 327 9.83 43.85 64.08
C ARG C 327 8.69 42.87 63.85
N VAL C 328 8.90 41.93 62.92
CA VAL C 328 7.87 40.95 62.63
C VAL C 328 7.72 40.02 63.83
N VAL C 329 6.49 39.85 64.30
CA VAL C 329 6.19 39.12 65.53
C VAL C 329 5.31 37.94 65.13
N SER C 330 5.93 36.77 64.98
CA SER C 330 5.15 35.56 64.69
C SER C 330 4.26 35.20 65.87
N ASN C 331 4.83 35.14 67.07
CA ASN C 331 4.07 34.88 68.30
C ASN C 331 3.67 36.23 68.88
N ILE C 332 2.43 36.64 68.59
CA ILE C 332 2.00 38.00 68.92
C ILE C 332 1.76 38.18 70.42
N ASP C 333 1.72 37.08 71.19
CA ASP C 333 1.45 37.20 72.62
C ASP C 333 2.51 38.03 73.35
N GLU C 334 3.74 38.04 72.83
CA GLU C 334 4.83 38.78 73.45
C GLU C 334 5.00 40.19 72.89
N LEU C 335 4.08 40.66 72.04
CA LEU C 335 4.15 42.02 71.55
C LEU C 335 4.06 43.01 72.71
N THR C 336 4.94 44.01 72.69
CA THR C 336 5.08 45.01 73.74
C THR C 336 5.09 46.39 73.11
N PRO C 337 4.91 47.45 73.91
CA PRO C 337 5.05 48.80 73.35
C PRO C 337 6.44 49.06 72.77
N GLU C 338 7.47 48.44 73.34
CA GLU C 338 8.81 48.59 72.78
C GLU C 338 8.91 47.98 71.39
N ASP C 339 8.10 46.97 71.09
CA ASP C 339 8.15 46.28 69.80
C ASP C 339 7.45 47.05 68.68
N LEU C 340 6.71 48.10 69.00
CA LEU C 340 5.95 48.83 67.99
C LEU C 340 6.82 49.86 67.28
N GLY C 341 6.52 50.05 65.99
CA GLY C 341 7.15 51.09 65.21
C GLY C 341 6.30 52.35 65.16
N HIS C 342 6.82 53.35 64.46
CA HIS C 342 6.14 54.63 64.29
C HIS C 342 6.32 55.12 62.87
N ALA C 343 5.29 55.81 62.37
CA ALA C 343 5.31 56.42 61.05
C ALA C 343 4.76 57.83 61.14
N GLY C 344 5.39 58.75 60.40
CA GLY C 344 4.95 60.13 60.45
C GLY C 344 3.54 60.32 59.92
N LEU C 345 3.16 59.57 58.90
CA LEU C 345 1.85 59.71 58.29
C LEU C 345 1.47 58.43 57.57
N VAL C 346 0.18 58.17 57.49
CA VAL C 346 -0.40 57.16 56.61
C VAL C 346 -1.64 57.77 55.99
N GLU C 347 -1.78 57.64 54.67
CA GLU C 347 -2.86 58.32 53.96
C GLU C 347 -3.30 57.48 52.76
N GLN C 348 -4.61 57.47 52.53
CA GLN C 348 -5.21 56.85 51.35
C GLN C 348 -5.50 57.97 50.34
N ARG C 349 -4.76 57.96 49.23
CA ARG C 349 -4.91 58.96 48.17
C ARG C 349 -5.41 58.26 46.91
N LYS C 350 -6.44 58.83 46.29
CA LYS C 350 -7.03 58.28 45.08
C LYS C 350 -6.27 58.79 43.84
N LYS C 351 -4.98 58.48 43.80
CA LYS C 351 -4.15 58.85 42.66
C LYS C 351 -4.38 57.87 41.52
N GLY C 352 -4.61 58.42 40.33
CA GLY C 352 -4.92 57.56 39.19
C GLY C 352 -6.23 56.84 39.38
N GLU C 353 -6.30 55.60 38.87
CA GLU C 353 -7.49 54.78 38.95
C GLU C 353 -7.51 53.90 40.19
N ASP C 354 -6.44 53.13 40.40
CA ASP C 354 -6.40 52.20 41.53
C ASP C 354 -6.32 52.96 42.85
N ARG C 355 -7.03 52.44 43.85
CA ARG C 355 -7.00 53.00 45.20
C ARG C 355 -5.86 52.36 45.98
N MET C 356 -5.03 53.20 46.62
CA MET C 356 -3.85 52.73 47.32
C MET C 356 -3.71 53.49 48.63
N VAL C 357 -3.02 52.85 49.58
CA VAL C 357 -2.65 53.48 50.85
C VAL C 357 -1.23 54.02 50.67
N PHE C 358 -1.11 55.33 50.42
CA PHE C 358 0.19 55.96 50.22
C PHE C 358 0.84 56.17 51.58
N VAL C 359 1.54 55.13 52.04
CA VAL C 359 2.24 55.20 53.31
C VAL C 359 3.48 56.07 53.14
N SER C 360 3.64 57.05 54.04
CA SER C 360 4.74 58.01 53.92
C SER C 360 5.12 58.49 55.31
N GLY C 361 6.39 58.30 55.68
CA GLY C 361 6.90 58.68 56.98
C GLY C 361 7.58 57.57 57.74
N CYS C 362 8.08 56.55 57.03
CA CYS C 362 8.88 55.50 57.64
C CYS C 362 10.30 56.03 57.80
N LYS C 363 10.66 56.39 59.03
CA LYS C 363 11.83 57.22 59.30
C LYS C 363 13.08 56.43 59.67
N ASN C 364 13.02 55.10 59.74
CA ASN C 364 14.16 54.34 60.22
C ASN C 364 15.22 54.14 59.13
N GLU C 365 14.86 53.48 58.04
CA GLU C 365 15.77 53.16 56.95
C GLU C 365 15.14 53.48 55.61
N PRO C 366 15.95 53.76 54.57
CA PRO C 366 15.39 53.92 53.22
C PRO C 366 15.19 52.55 52.58
N VAL C 367 13.92 52.14 52.46
CA VAL C 367 13.56 50.81 51.95
C VAL C 367 12.37 50.98 51.02
N ALA C 368 12.37 50.22 49.92
CA ALA C 368 11.35 50.39 48.89
C ALA C 368 11.32 49.14 48.02
N THR C 369 10.45 49.17 47.01
CA THR C 369 10.26 48.08 46.06
C THR C 369 10.41 48.63 44.65
N ILE C 370 10.77 47.73 43.72
CA ILE C 370 10.99 48.11 42.32
C ILE C 370 9.64 47.99 41.62
N LEU C 371 8.85 49.06 41.75
CA LEU C 371 7.52 49.14 41.14
C LEU C 371 7.36 50.54 40.58
N ILE C 372 7.15 50.65 39.27
CA ILE C 372 7.28 51.93 38.56
C ILE C 372 6.14 52.07 37.56
N ARG C 373 5.68 53.32 37.40
CA ARG C 373 4.54 53.65 36.55
C ARG C 373 4.94 53.76 35.09
N ALA C 374 3.97 53.58 34.21
CA ALA C 374 4.07 53.89 32.78
C ALA C 374 2.66 53.83 32.20
N ALA C 375 2.58 53.87 30.87
CA ALA C 375 1.28 53.89 30.20
C ALA C 375 0.62 52.51 30.20
N THR C 376 1.27 51.53 29.56
CA THR C 376 0.74 50.18 29.43
C THR C 376 1.71 49.18 30.07
N GLU C 377 1.24 47.93 30.18
CA GLU C 377 1.96 46.92 30.96
C GLU C 377 3.34 46.63 30.38
N HIS C 378 3.43 46.51 29.05
CA HIS C 378 4.72 46.30 28.41
C HIS C 378 5.65 47.46 28.72
N VAL C 379 5.13 48.69 28.61
CA VAL C 379 5.94 49.88 28.87
C VAL C 379 6.25 49.99 30.36
N VAL C 380 5.32 49.55 31.23
CA VAL C 380 5.58 49.55 32.66
C VAL C 380 6.78 48.67 32.98
N GLU C 381 6.78 47.44 32.47
CA GLU C 381 7.90 46.54 32.72
C GLU C 381 9.18 47.09 32.10
N GLU C 382 9.08 47.72 30.92
CA GLU C 382 10.25 48.27 30.27
C GLU C 382 10.91 49.34 31.12
N LEU C 383 10.15 50.34 31.57
CA LEU C 383 10.74 51.35 32.45
C LEU C 383 11.16 50.79 33.79
N GLU C 384 10.53 49.72 34.28
CA GLU C 384 10.99 49.13 35.54
C GLU C 384 12.41 48.58 35.38
N ARG C 385 12.62 47.79 34.32
CA ARG C 385 13.96 47.26 34.06
C ARG C 385 14.94 48.39 33.80
N ALA C 386 14.50 49.42 33.08
CA ALA C 386 15.39 50.51 32.72
C ALA C 386 15.84 51.31 33.94
N ILE C 387 14.91 51.63 34.84
CA ILE C 387 15.29 52.39 36.03
C ILE C 387 16.20 51.55 36.91
N ASP C 388 15.93 50.24 36.99
CA ASP C 388 16.83 49.36 37.74
C ASP C 388 18.24 49.43 37.18
N ASP C 389 18.38 49.31 35.86
CA ASP C 389 19.70 49.36 35.24
C ASP C 389 20.36 50.72 35.44
N ALA C 390 19.57 51.79 35.39
CA ALA C 390 20.14 53.13 35.57
C ALA C 390 20.72 53.29 36.97
N LEU C 391 19.95 52.88 37.99
CA LEU C 391 20.48 52.96 39.35
C LEU C 391 21.70 52.09 39.51
N ASN C 392 21.71 50.92 38.88
CA ASN C 392 22.87 50.03 38.97
C ASN C 392 24.09 50.73 38.39
N ALA C 393 23.92 51.40 37.24
CA ALA C 393 25.08 52.02 36.59
C ALA C 393 25.62 53.17 37.41
N VAL C 394 24.74 54.03 37.95
CA VAL C 394 25.27 55.14 38.75
C VAL C 394 25.91 54.60 40.02
N LYS C 395 25.37 53.53 40.59
CA LYS C 395 26.00 52.92 41.76
C LYS C 395 27.39 52.42 41.42
N ALA C 396 27.54 51.75 40.27
CA ALA C 396 28.85 51.25 39.86
C ALA C 396 29.81 52.41 39.63
N ALA C 397 29.34 53.49 39.03
CA ALA C 397 30.18 54.65 38.80
C ALA C 397 30.65 55.26 40.11
N ILE C 398 29.73 55.43 41.07
CA ILE C 398 30.11 56.07 42.33
C ILE C 398 31.03 55.18 43.13
N LYS C 399 30.83 53.85 43.06
CA LYS C 399 31.72 52.93 43.77
C LYS C 399 33.10 52.91 43.14
N ASP C 400 33.19 52.48 41.89
CA ASP C 400 34.49 52.26 41.26
C ASP C 400 35.14 53.56 40.83
N GLY C 401 34.33 54.53 40.40
CA GLY C 401 34.87 55.84 40.04
C GLY C 401 35.79 55.82 38.84
N LYS C 402 35.53 54.94 37.87
CA LYS C 402 36.25 54.93 36.60
C LYS C 402 35.23 54.70 35.50
N VAL C 403 35.18 55.62 34.53
CA VAL C 403 34.21 55.59 33.45
C VAL C 403 34.96 55.55 32.13
N VAL C 404 34.51 54.68 31.24
CA VAL C 404 35.15 54.46 29.94
C VAL C 404 34.20 54.99 28.86
N PRO C 405 34.70 55.55 27.75
CA PRO C 405 33.77 55.93 26.67
C PRO C 405 33.03 54.72 26.12
N GLY C 406 31.74 54.89 25.90
CA GLY C 406 30.89 53.85 25.37
C GLY C 406 30.78 53.92 23.86
N GLY C 407 29.67 53.37 23.35
CA GLY C 407 29.42 53.42 21.92
C GLY C 407 30.44 52.70 21.08
N GLY C 408 31.05 51.66 21.62
CA GLY C 408 32.06 50.92 20.89
C GLY C 408 33.44 51.55 20.90
N ALA C 409 33.59 52.74 21.48
CA ALA C 409 34.89 53.40 21.50
C ALA C 409 35.89 52.60 22.33
N ALA C 410 35.47 52.14 23.50
CA ALA C 410 36.36 51.33 24.32
C ALA C 410 36.75 50.05 23.60
N GLU C 411 35.79 49.44 22.90
CA GLU C 411 36.07 48.20 22.17
C GLU C 411 37.11 48.43 21.09
N VAL C 412 36.97 49.52 20.33
CA VAL C 412 37.91 49.78 19.24
C VAL C 412 39.29 50.12 19.80
N ALA C 413 39.34 50.89 20.88
CA ALA C 413 40.63 51.23 21.47
C ALA C 413 41.35 50.00 21.98
N VAL C 414 40.62 49.12 22.69
CA VAL C 414 41.23 47.91 23.22
C VAL C 414 41.65 47.02 22.07
N ALA C 415 40.86 46.98 20.99
CA ALA C 415 41.24 46.19 19.82
C ALA C 415 42.53 46.71 19.19
N ARG C 416 42.67 48.02 19.09
CA ARG C 416 43.89 48.59 18.52
C ARG C 416 45.11 48.24 19.36
N LYS C 417 44.99 48.39 20.68
CA LYS C 417 46.15 48.08 21.52
C LYS C 417 46.42 46.58 21.54
N LEU C 418 45.38 45.75 21.40
CA LEU C 418 45.60 44.32 21.26
C LEU C 418 46.34 43.99 19.98
N ARG C 419 46.02 44.69 18.89
CA ARG C 419 46.77 44.49 17.65
C ARG C 419 48.21 44.92 17.81
N GLU C 420 48.46 45.97 18.59
CA GLU C 420 49.85 46.35 18.89
C GLU C 420 50.55 45.22 19.63
N TYR C 421 49.86 44.63 20.61
CA TYR C 421 50.41 43.47 21.33
C TYR C 421 50.70 42.32 20.36
N ALA C 422 49.80 42.10 19.40
CA ALA C 422 50.01 41.06 18.40
C ALA C 422 51.27 41.32 17.60
N LYS C 423 51.46 42.58 17.19
CA LYS C 423 52.70 42.94 16.52
C LYS C 423 53.91 42.68 17.41
N SER C 424 53.76 42.86 18.74
CA SER C 424 54.85 42.55 19.65
C SER C 424 55.11 41.05 19.71
N LEU C 425 54.06 40.26 19.89
CA LEU C 425 54.19 38.82 20.06
C LEU C 425 54.42 38.14 18.71
N SER C 426 55.00 36.94 18.78
CA SER C 426 55.21 36.10 17.60
C SER C 426 54.79 34.68 17.94
N GLY C 427 54.37 33.96 16.92
CA GLY C 427 53.91 32.58 17.03
C GLY C 427 52.46 32.45 16.63
N LYS C 428 51.93 31.25 16.85
CA LYS C 428 50.53 30.97 16.56
C LYS C 428 49.58 31.51 17.61
N GLU C 429 50.10 32.05 18.72
CA GLU C 429 49.28 32.81 19.65
C GLU C 429 48.92 34.19 19.09
N GLN C 430 49.73 34.72 18.16
CA GLN C 430 49.40 35.98 17.52
C GLN C 430 48.08 35.85 16.75
N LEU C 431 47.86 34.72 16.10
CA LEU C 431 46.60 34.50 15.39
C LEU C 431 45.43 34.53 16.35
N ALA C 432 45.58 33.88 17.52
CA ALA C 432 44.50 33.87 18.49
C ALA C 432 44.24 35.27 19.05
N ILE C 433 45.30 36.05 19.26
CA ILE C 433 45.10 37.41 19.78
C ILE C 433 44.43 38.29 18.73
N GLU C 434 44.79 38.11 17.46
CA GLU C 434 44.11 38.83 16.39
C GLU C 434 42.64 38.42 16.33
N ALA C 435 42.38 37.13 16.54
CA ALA C 435 41.00 36.66 16.64
C ALA C 435 40.24 37.36 17.76
N PHE C 436 40.88 37.48 18.93
CA PHE C 436 40.24 38.18 20.04
C PHE C 436 39.99 39.63 19.70
N ALA C 437 40.93 40.28 19.02
CA ALA C 437 40.74 41.67 18.64
C ALA C 437 39.55 41.82 17.70
N ASP C 438 39.44 40.93 16.71
CA ASP C 438 38.31 41.03 15.78
C ASP C 438 36.99 40.75 16.49
N ALA C 439 36.98 39.77 17.39
CA ALA C 439 35.75 39.48 18.13
C ALA C 439 35.35 40.66 19.00
N LEU C 440 36.31 41.31 19.64
CA LEU C 440 36.02 42.50 20.43
C LEU C 440 35.52 43.62 19.53
N GLU C 441 36.06 43.72 18.32
CA GLU C 441 35.64 44.73 17.37
C GLU C 441 34.25 44.45 16.81
N GLU C 442 33.77 43.22 16.95
CA GLU C 442 32.41 42.89 16.48
C GLU C 442 31.34 43.70 17.18
N ILE C 443 31.56 44.12 18.43
CA ILE C 443 30.53 44.87 19.16
C ILE C 443 30.20 46.19 18.47
N PRO C 444 31.17 47.04 18.11
CA PRO C 444 30.82 48.27 17.38
C PRO C 444 30.12 48.00 16.07
N ARG C 445 30.45 46.91 15.39
CA ARG C 445 29.77 46.56 14.15
C ARG C 445 28.29 46.32 14.42
N THR C 446 27.97 45.57 15.47
CA THR C 446 26.57 45.32 15.81
C THR C 446 25.87 46.61 16.19
N LEU C 447 26.54 47.45 16.99
CA LEU C 447 25.93 48.69 17.43
C LEU C 447 25.64 49.62 16.26
N ALA C 448 26.51 49.61 15.25
CA ALA C 448 26.25 50.39 14.05
C ALA C 448 25.12 49.76 13.22
N GLU C 449 25.09 48.43 13.14
CA GLU C 449 24.08 47.77 12.33
C GLU C 449 22.68 48.04 12.87
N ASN C 450 22.49 47.96 14.19
CA ASN C 450 21.19 48.26 14.77
C ASN C 450 20.84 49.73 14.63
N ALA C 451 21.82 50.62 14.46
CA ALA C 451 21.56 52.04 14.28
C ALA C 451 21.15 52.40 12.86
N GLY C 452 21.33 51.48 11.90
CA GLY C 452 21.00 51.71 10.52
C GLY C 452 22.18 52.05 9.63
N LEU C 453 23.30 52.47 10.21
CA LEU C 453 24.48 52.75 9.41
C LEU C 453 25.05 51.45 8.84
N ASP C 454 25.79 51.59 7.74
CA ASP C 454 26.46 50.44 7.17
C ASP C 454 27.59 50.00 8.09
N PRO C 455 27.76 48.71 8.35
CA PRO C 455 28.72 48.32 9.39
C PRO C 455 30.17 48.51 9.00
N ILE C 456 30.54 48.10 7.78
CA ILE C 456 31.95 48.11 7.40
C ILE C 456 32.46 49.53 7.27
N ASP C 457 31.66 50.41 6.66
CA ASP C 457 32.12 51.77 6.41
C ASP C 457 32.35 52.51 7.72
N THR C 458 31.36 52.46 8.62
CA THR C 458 31.52 53.17 9.89
C THR C 458 32.56 52.51 10.77
N LEU C 459 32.74 51.19 10.66
CA LEU C 459 33.79 50.54 11.44
C LEU C 459 35.17 50.97 10.95
N VAL C 460 35.35 51.06 9.62
CA VAL C 460 36.61 51.54 9.07
C VAL C 460 36.84 52.98 9.50
N GLN C 461 35.78 53.79 9.52
CA GLN C 461 35.91 55.16 9.97
C GLN C 461 36.35 55.21 11.44
N LEU C 462 35.78 54.34 12.28
CA LEU C 462 36.19 54.30 13.68
C LEU C 462 37.66 53.91 13.81
N ARG C 463 38.09 52.89 13.05
CA ARG C 463 39.48 52.47 13.12
C ARG C 463 40.41 53.59 12.69
N ALA C 464 40.07 54.27 11.59
CA ALA C 464 40.88 55.38 11.12
C ALA C 464 40.93 56.49 12.14
N ALA C 465 39.80 56.79 12.79
CA ALA C 465 39.77 57.82 13.82
C ALA C 465 40.69 57.45 14.97
N HIS C 466 40.60 56.21 15.46
CA HIS C 466 41.46 55.79 16.55
C HIS C 466 42.92 55.74 16.15
N GLU C 467 43.22 55.64 14.86
CA GLU C 467 44.62 55.71 14.41
C GLU C 467 45.18 57.14 14.43
N GLU C 468 44.33 58.16 14.59
CA GLU C 468 44.82 59.53 14.70
C GLU C 468 45.10 59.96 16.13
N GLY C 469 44.95 59.07 17.11
CA GLY C 469 45.35 59.32 18.47
C GLY C 469 44.22 59.63 19.43
N ASP C 470 43.13 60.22 18.96
CA ASP C 470 41.99 60.43 19.84
C ASP C 470 41.35 59.09 20.20
N LYS C 471 40.71 59.07 21.37
CA LYS C 471 40.27 57.83 21.99
C LYS C 471 38.77 57.75 22.22
N ASN C 472 38.04 58.86 22.09
CA ASN C 472 36.65 58.94 22.49
C ASN C 472 35.68 58.94 21.31
N ILE C 473 36.16 58.77 20.08
CA ILE C 473 35.27 58.75 18.93
C ILE C 473 34.58 57.40 18.88
N GLY C 474 33.25 57.40 18.85
CA GLY C 474 32.45 56.21 18.86
C GLY C 474 31.30 56.28 17.88
N ILE C 475 30.20 55.63 18.24
CA ILE C 475 28.96 55.64 17.48
C ILE C 475 27.84 56.05 18.42
N ASP C 476 27.06 57.05 18.01
CA ASP C 476 25.88 57.50 18.74
C ASP C 476 24.68 57.18 17.86
N CYS C 477 23.83 56.27 18.33
CA CYS C 477 22.70 55.83 17.52
C CYS C 477 21.50 56.77 17.62
N LEU C 478 21.47 57.66 18.60
CA LEU C 478 20.42 58.69 18.61
C LEU C 478 20.58 59.63 17.44
N THR C 479 21.79 60.15 17.25
CA THR C 479 22.05 61.05 16.13
C THR C 479 22.38 60.31 14.84
N GLY C 480 22.65 59.01 14.92
CA GLY C 480 22.90 58.22 13.72
C GLY C 480 24.12 58.65 12.95
N GLU C 481 25.20 59.00 13.65
CA GLU C 481 26.47 59.34 13.03
C GLU C 481 27.60 58.80 13.92
N VAL C 482 28.82 59.11 13.53
CA VAL C 482 30.01 58.86 14.34
C VAL C 482 30.48 60.21 14.88
N ALA C 483 30.68 60.28 16.19
CA ALA C 483 31.02 61.54 16.84
C ALA C 483 31.79 61.26 18.12
N ASP C 484 32.26 62.34 18.74
CA ASP C 484 32.93 62.23 20.02
C ASP C 484 31.93 61.84 21.10
N MET C 485 32.19 60.71 21.76
CA MET C 485 31.24 60.22 22.76
C MET C 485 31.22 61.11 24.00
N LEU C 486 32.37 61.65 24.39
CA LEU C 486 32.42 62.43 25.63
C LEU C 486 31.58 63.70 25.52
N GLU C 487 31.58 64.35 24.36
CA GLU C 487 30.74 65.52 24.16
C GLU C 487 29.28 65.15 23.89
N ALA C 488 29.01 63.90 23.49
CA ALA C 488 27.65 63.45 23.22
C ALA C 488 26.97 62.83 24.44
N GLY C 489 27.65 62.74 25.58
CA GLY C 489 27.05 62.12 26.74
C GLY C 489 26.75 60.65 26.56
N VAL C 490 27.69 59.91 26.00
CA VAL C 490 27.56 58.46 25.80
C VAL C 490 28.77 57.83 26.48
N ILE C 491 28.60 57.45 27.75
CA ILE C 491 29.69 56.91 28.56
C ILE C 491 29.12 55.87 29.51
N ASP C 492 29.79 54.73 29.60
CA ASP C 492 29.37 53.56 30.36
C ASP C 492 30.40 53.34 31.48
N PRO C 493 30.02 52.79 32.64
CA PRO C 493 31.04 52.57 33.67
C PRO C 493 32.08 51.57 33.22
N ALA C 494 33.31 51.75 33.71
CA ALA C 494 34.40 50.86 33.33
C ALA C 494 34.11 49.44 33.78
N ALA C 495 33.68 49.26 35.04
CA ALA C 495 33.53 47.93 35.61
C ALA C 495 32.54 47.08 34.82
N VAL C 496 31.51 47.71 34.25
CA VAL C 496 30.56 46.96 33.43
C VAL C 496 31.28 46.36 32.23
N LYS C 497 32.13 47.14 31.57
CA LYS C 497 32.82 46.63 30.39
C LYS C 497 33.88 45.60 30.76
N LYS C 498 34.58 45.81 31.88
CA LYS C 498 35.55 44.81 32.34
C LYS C 498 34.86 43.48 32.60
N GLN C 499 33.72 43.51 33.29
CA GLN C 499 33.01 42.26 33.56
C GLN C 499 32.42 41.68 32.28
N ALA C 500 32.00 42.52 31.33
CA ALA C 500 31.52 42.00 30.07
C ALA C 500 32.60 41.20 29.36
N ILE C 501 33.81 41.76 29.29
CA ILE C 501 34.91 41.07 28.63
C ILE C 501 35.24 39.79 29.38
N LYS C 502 35.28 39.84 30.71
CA LYS C 502 35.64 38.66 31.50
C LYS C 502 34.63 37.54 31.30
N SER C 503 33.33 37.87 31.41
CA SER C 503 32.31 36.85 31.27
C SER C 503 32.28 36.27 29.87
N ALA C 504 32.48 37.12 28.85
CA ALA C 504 32.54 36.60 27.49
C ALA C 504 33.72 35.65 27.32
N THR C 505 34.86 35.98 27.92
CA THR C 505 36.01 35.10 27.88
C THR C 505 35.70 33.76 28.50
N GLU C 506 35.11 33.76 29.69
CA GLU C 506 34.79 32.51 30.37
C GLU C 506 33.81 31.69 29.57
N ALA C 507 32.80 32.35 28.98
CA ALA C 507 31.82 31.64 28.17
C ALA C 507 32.47 30.97 26.98
N ALA C 508 33.27 31.73 26.21
CA ALA C 508 33.90 31.18 25.02
C ALA C 508 34.85 30.05 25.39
N THR C 509 35.64 30.24 26.46
CA THR C 509 36.61 29.21 26.85
C THR C 509 35.91 27.93 27.28
N MET C 510 34.94 28.03 28.19
CA MET C 510 34.32 26.82 28.71
C MET C 510 33.38 26.17 27.70
N ILE C 511 32.93 26.89 26.67
CA ILE C 511 32.21 26.24 25.58
C ILE C 511 33.20 25.57 24.63
N LEU C 512 34.39 26.13 24.48
CA LEU C 512 35.40 25.50 23.62
C LEU C 512 35.98 24.25 24.26
N ARG C 513 36.01 24.19 25.59
CA ARG C 513 36.66 23.07 26.27
C ARG C 513 35.80 21.80 26.30
N ILE C 514 34.55 21.85 25.85
CA ILE C 514 33.72 20.66 25.81
C ILE C 514 34.10 19.82 24.61
N ASP C 515 33.89 18.51 24.71
CA ASP C 515 34.18 17.56 23.64
C ASP C 515 32.94 16.97 22.99
N ASP C 516 32.05 16.33 23.77
CA ASP C 516 30.93 15.64 23.18
C ASP C 516 29.76 15.55 24.15
N ILE C 517 28.59 15.28 23.60
CA ILE C 517 27.35 15.12 24.35
C ILE C 517 27.24 13.65 24.72
N ILE C 518 27.10 13.38 26.02
CA ILE C 518 26.91 12.03 26.54
C ILE C 518 25.69 12.00 27.44
N PRO C 519 24.99 10.87 27.59
CA PRO C 519 23.89 10.84 28.56
C PRO C 519 24.43 10.61 29.97
N ALA C 520 24.03 11.47 30.89
CA ALA C 520 24.46 11.37 32.28
C ALA C 520 23.32 10.83 33.14
N LYS C 521 23.66 9.88 34.02
CA LYS C 521 22.66 9.20 34.82
C LYS C 521 21.88 10.19 35.65
N ALA C 522 20.55 10.05 35.64
CA ALA C 522 19.71 10.94 36.40
C ALA C 522 19.78 10.58 37.89
N PRO C 523 19.90 11.55 38.80
CA PRO C 523 19.90 11.18 40.22
C PRO C 523 18.52 10.73 40.67
N THR C 524 18.45 9.51 41.20
CA THR C 524 17.18 8.95 41.66
C THR C 524 16.74 9.61 42.96
N ASP D 19 31.07 -12.27 17.97
CA ASP D 19 32.33 -11.92 18.70
C ASP D 19 32.02 -11.02 19.87
N ALA D 20 31.45 -11.62 20.92
CA ALA D 20 31.06 -10.84 22.10
C ALA D 20 32.28 -10.26 22.81
N ARG D 21 33.42 -10.93 22.73
CA ARG D 21 34.64 -10.35 23.30
C ARG D 21 35.05 -9.12 22.51
N LYS D 22 34.92 -9.16 21.18
CA LYS D 22 35.15 -7.96 20.38
C LYS D 22 34.19 -6.85 20.77
N ASN D 23 32.95 -7.24 21.08
CA ASN D 23 31.88 -6.27 21.45
C ASN D 23 32.23 -5.64 22.80
N ASN D 24 32.77 -6.40 23.76
CA ASN D 24 33.19 -5.87 25.05
C ASN D 24 34.43 -5.00 24.91
N ILE D 25 35.37 -5.42 24.06
CA ILE D 25 36.56 -4.63 23.82
C ILE D 25 36.19 -3.29 23.18
N ALA D 26 35.20 -3.30 22.28
CA ALA D 26 34.75 -2.05 21.68
C ALA D 26 34.11 -1.13 22.71
N ALA D 27 33.32 -1.69 23.63
CA ALA D 27 32.74 -0.86 24.68
C ALA D 27 33.82 -0.27 25.58
N ALA D 28 34.80 -1.09 25.98
CA ALA D 28 35.89 -0.60 26.80
C ALA D 28 36.69 0.46 26.06
N ARG D 29 36.86 0.29 24.74
CA ARG D 29 37.55 1.28 23.94
C ARG D 29 36.75 2.58 23.89
N ALA D 30 35.43 2.48 23.82
CA ALA D 30 34.60 3.68 23.81
C ALA D 30 34.77 4.47 25.11
N ILE D 31 34.69 3.78 26.25
CA ILE D 31 34.88 4.47 27.53
C ILE D 31 36.30 5.02 27.63
N ALA D 32 37.29 4.25 27.18
CA ALA D 32 38.67 4.70 27.28
C ALA D 32 38.90 5.95 26.45
N ASP D 33 38.38 5.98 25.22
CA ASP D 33 38.53 7.16 24.38
C ASP D 33 37.73 8.33 24.93
N MET D 34 36.61 8.07 25.60
CA MET D 34 35.80 9.18 26.11
C MET D 34 36.49 9.82 27.31
N VAL D 35 37.19 9.02 28.12
CA VAL D 35 38.00 9.55 29.21
C VAL D 35 39.37 10.05 28.74
N LYS D 36 39.80 9.68 27.53
CA LYS D 36 41.16 10.00 27.09
C LYS D 36 41.39 11.50 27.04
N THR D 37 40.41 12.26 26.57
CA THR D 37 40.62 13.68 26.33
C THR D 37 40.82 14.48 27.61
N THR D 38 40.47 13.93 28.77
CA THR D 38 40.53 14.67 30.03
C THR D 38 41.72 14.28 30.90
N LEU D 39 42.83 13.87 30.29
CA LEU D 39 44.05 13.51 31.00
C LEU D 39 45.06 14.62 30.81
N GLY D 40 45.42 15.29 31.90
CA GLY D 40 46.48 16.28 31.89
C GLY D 40 46.04 17.62 32.45
N PRO D 41 46.99 18.56 32.59
CA PRO D 41 46.62 19.91 33.02
C PRO D 41 45.60 20.56 32.11
N ARG D 42 45.73 20.34 30.81
CA ARG D 42 44.84 20.90 29.82
C ARG D 42 43.71 19.94 29.46
N GLY D 43 43.29 19.12 30.42
CA GLY D 43 42.23 18.17 30.21
C GLY D 43 40.94 18.87 29.81
N MET D 44 40.58 18.74 28.54
CA MET D 44 39.37 19.35 28.03
C MET D 44 38.16 18.71 28.71
N ASN D 45 37.35 19.55 29.36
CA ASN D 45 36.38 19.03 30.31
C ASN D 45 35.25 18.29 29.61
N LYS D 46 34.40 17.69 30.43
CA LYS D 46 33.30 16.85 30.00
C LYS D 46 32.04 17.37 30.68
N MET D 47 30.90 17.19 30.01
CA MET D 47 29.62 17.71 30.49
C MET D 47 28.69 16.54 30.76
N LEU D 48 28.03 16.56 31.92
CA LEU D 48 27.11 15.52 32.35
C LEU D 48 25.70 16.09 32.33
N VAL D 49 24.92 15.74 31.31
CA VAL D 49 23.54 16.18 31.15
C VAL D 49 22.63 14.97 31.33
N ASN D 50 21.59 15.12 32.15
CA ASN D 50 20.67 14.06 32.50
C ASN D 50 19.26 14.42 32.09
N SER D 51 18.32 13.51 32.35
CA SER D 51 16.93 13.76 32.02
C SER D 51 16.38 14.95 32.80
N LEU D 52 16.76 15.08 34.08
CA LEU D 52 16.34 16.23 34.88
C LEU D 52 16.90 17.55 34.35
N GLY D 53 17.93 17.52 33.52
CA GLY D 53 18.48 18.71 32.92
C GLY D 53 19.61 19.37 33.68
N ASP D 54 19.91 18.91 34.89
CA ASP D 54 21.03 19.46 35.63
C ASP D 54 22.33 19.14 34.90
N VAL D 55 23.27 20.08 34.96
CA VAL D 55 24.55 19.97 34.27
C VAL D 55 25.65 20.30 35.25
N THR D 56 26.70 19.48 35.26
CA THR D 56 27.92 19.76 36.00
C THR D 56 29.10 19.56 35.07
N ILE D 57 29.97 20.56 35.00
CA ILE D 57 31.19 20.49 34.20
C ILE D 57 32.27 19.89 35.07
N THR D 58 32.83 18.76 34.62
CA THR D 58 33.86 18.04 35.34
C THR D 58 34.95 17.62 34.37
N ASN D 59 36.18 17.55 34.88
CA ASN D 59 37.31 17.01 34.15
C ASN D 59 38.01 15.88 34.89
N ASP D 60 37.86 15.77 36.20
CA ASP D 60 38.44 14.65 36.93
C ASP D 60 37.75 13.36 36.54
N GLY D 61 38.55 12.32 36.28
CA GLY D 61 38.01 11.09 35.73
C GLY D 61 37.02 10.38 36.64
N ALA D 62 37.08 10.64 37.95
CA ALA D 62 36.23 9.91 38.88
C ALA D 62 34.77 10.17 38.58
N THR D 63 34.39 11.43 38.35
CA THR D 63 32.99 11.74 38.13
C THR D 63 32.53 11.26 36.76
N ILE D 64 33.34 11.50 35.72
CA ILE D 64 32.92 11.10 34.38
C ILE D 64 32.79 9.59 34.28
N LEU D 65 33.47 8.84 35.15
CA LEU D 65 33.14 7.42 35.29
C LEU D 65 31.97 7.17 36.24
N GLU D 66 31.74 8.06 37.21
CA GLU D 66 30.69 7.80 38.22
C GLU D 66 29.29 7.95 37.63
N GLU D 67 28.90 9.17 37.25
CA GLU D 67 27.50 9.44 36.89
C GLU D 67 27.27 9.50 35.39
N MET D 68 27.83 8.54 34.66
CA MET D 68 27.49 8.31 33.25
C MET D 68 26.58 7.08 33.11
N ASP D 69 25.74 7.10 32.10
CA ASP D 69 24.95 5.92 31.74
C ASP D 69 25.83 4.92 31.02
N ILE D 70 25.80 3.68 31.50
CA ILE D 70 26.46 2.57 30.81
C ILE D 70 25.49 1.39 30.87
N GLU D 71 24.76 1.17 29.78
CA GLU D 71 23.93 -0.01 29.67
C GLU D 71 24.77 -1.26 29.39
N HIS D 72 25.95 -1.08 28.82
CA HIS D 72 26.81 -2.21 28.51
C HIS D 72 27.38 -2.80 29.79
N PRO D 73 27.40 -4.13 29.98
CA PRO D 73 27.87 -4.66 31.26
C PRO D 73 29.39 -4.68 31.36
N ALA D 74 30.06 -4.93 30.23
CA ALA D 74 31.52 -4.92 30.23
C ALA D 74 32.05 -3.54 30.62
N ALA D 75 31.43 -2.49 30.09
CA ALA D 75 31.77 -1.15 30.54
C ALA D 75 31.33 -0.94 31.99
N LYS D 76 30.25 -1.61 32.41
CA LYS D 76 29.80 -1.50 33.79
C LYS D 76 30.82 -2.07 34.77
N MET D 77 31.69 -2.98 34.33
CA MET D 77 32.79 -3.38 35.21
C MET D 77 33.72 -2.20 35.50
N LEU D 78 33.93 -1.31 34.53
CA LEU D 78 34.86 -0.22 34.75
C LEU D 78 34.38 0.72 35.85
N LYS D 79 33.08 0.74 36.14
CA LYS D 79 32.60 1.38 37.37
C LYS D 79 33.31 0.81 38.58
N GLU D 80 33.33 -0.52 38.71
CA GLU D 80 33.97 -1.14 39.87
C GLU D 80 35.47 -0.92 39.85
N VAL D 81 36.07 -0.92 38.66
CA VAL D 81 37.51 -0.64 38.56
C VAL D 81 37.82 0.75 39.08
N ALA D 82 37.04 1.75 38.64
CA ALA D 82 37.26 3.12 39.08
C ALA D 82 37.00 3.26 40.58
N LYS D 83 35.96 2.58 41.09
CA LYS D 83 35.67 2.65 42.51
C LYS D 83 36.81 2.05 43.33
N ALA D 84 37.36 0.93 42.88
CA ALA D 84 38.49 0.33 43.59
C ALA D 84 39.69 1.27 43.55
N GLN D 85 39.95 1.87 42.39
CA GLN D 85 41.05 2.82 42.27
C GLN D 85 40.87 3.98 43.24
N GLU D 86 39.65 4.51 43.31
CA GLU D 86 39.41 5.62 44.21
C GLU D 86 39.56 5.20 45.67
N GLU D 87 39.14 3.98 46.00
CA GLU D 87 39.22 3.54 47.38
C GLU D 87 40.67 3.38 47.82
N GLU D 88 41.49 2.69 47.04
CA GLU D 88 42.87 2.49 47.47
C GLU D 88 43.68 3.77 47.33
N ALA D 89 43.71 4.36 46.13
CA ALA D 89 44.56 5.50 45.83
C ALA D 89 43.82 6.83 45.89
N GLY D 90 42.65 6.91 45.27
CA GLY D 90 41.92 8.16 45.18
C GLY D 90 42.49 9.14 44.17
N ASP D 91 43.46 8.73 43.37
CA ASP D 91 43.97 9.54 42.26
C ASP D 91 44.40 8.61 41.16
N GLY D 92 44.32 9.08 39.92
CA GLY D 92 44.82 8.32 38.78
C GLY D 92 43.80 7.43 38.11
N THR D 93 42.51 7.67 38.36
CA THR D 93 41.48 6.85 37.72
C THR D 93 41.50 7.03 36.20
N THR D 94 41.68 8.26 35.73
CA THR D 94 41.76 8.49 34.29
C THR D 94 42.96 7.79 33.69
N THR D 95 44.10 7.81 34.40
CA THR D 95 45.27 7.08 33.95
C THR D 95 44.99 5.59 33.86
N ALA D 96 44.30 5.05 34.87
CA ALA D 96 43.99 3.62 34.87
C ALA D 96 43.10 3.25 33.69
N VAL D 97 42.07 4.05 33.43
CA VAL D 97 41.15 3.71 32.35
C VAL D 97 41.83 3.86 30.99
N VAL D 98 42.67 4.89 30.83
CA VAL D 98 43.36 5.06 29.56
C VAL D 98 44.34 3.92 29.34
N LEU D 99 45.04 3.50 30.40
CA LEU D 99 45.96 2.37 30.27
C LEU D 99 45.21 1.10 29.93
N ALA D 100 44.04 0.89 30.54
CA ALA D 100 43.23 -0.27 30.20
C ALA D 100 42.82 -0.23 28.74
N GLY D 101 42.44 0.95 28.24
CA GLY D 101 42.09 1.07 26.84
C GLY D 101 43.22 0.72 25.92
N ALA D 102 44.42 1.25 26.21
CA ALA D 102 45.57 0.96 25.36
C ALA D 102 45.96 -0.52 25.44
N LEU D 103 45.87 -1.10 26.65
CA LEU D 103 46.18 -2.51 26.82
C LEU D 103 45.24 -3.37 26.00
N LEU D 104 43.94 -3.09 26.05
CA LEU D 104 43.00 -3.85 25.24
C LEU D 104 43.17 -3.56 23.76
N GLU D 105 43.66 -2.36 23.42
CA GLU D 105 44.00 -2.08 22.02
C GLU D 105 45.04 -3.06 21.51
N GLU D 106 46.15 -3.18 22.23
CA GLU D 106 47.21 -4.06 21.75
C GLU D 106 46.80 -5.52 21.90
N ALA D 107 45.95 -5.84 22.88
CA ALA D 107 45.43 -7.21 22.98
C ALA D 107 44.55 -7.54 21.79
N GLU D 108 43.73 -6.58 21.34
CA GLU D 108 42.92 -6.79 20.14
C GLU D 108 43.79 -7.00 18.92
N LYS D 109 44.89 -6.24 18.83
CA LYS D 109 45.86 -6.50 17.77
C LYS D 109 46.40 -7.92 17.86
N LEU D 110 46.78 -8.37 19.05
CA LEU D 110 47.45 -9.66 19.16
C LEU D 110 46.50 -10.83 18.91
N ILE D 111 45.26 -10.75 19.40
CA ILE D 111 44.29 -11.79 19.05
C ILE D 111 44.00 -11.72 17.55
N GLU D 112 44.11 -10.53 16.95
CA GLU D 112 44.03 -10.46 15.49
C GLU D 112 45.13 -11.30 14.84
N GLN D 113 46.35 -11.22 15.38
CA GLN D 113 47.46 -11.97 14.80
C GLN D 113 47.23 -13.48 14.92
N GLY D 114 46.81 -13.93 16.10
CA GLY D 114 46.52 -15.34 16.33
C GLY D 114 46.93 -15.88 17.69
N ILE D 115 47.56 -15.06 18.52
CA ILE D 115 47.91 -15.51 19.87
C ILE D 115 46.63 -15.80 20.65
N HIS D 116 46.66 -16.88 21.43
CA HIS D 116 45.51 -17.20 22.26
C HIS D 116 45.39 -16.19 23.39
N PRO D 117 44.17 -15.87 23.84
CA PRO D 117 44.04 -14.86 24.92
C PRO D 117 44.74 -15.22 26.21
N THR D 118 44.79 -16.50 26.58
CA THR D 118 45.41 -16.88 27.84
C THR D 118 46.89 -16.55 27.84
N THR D 119 47.56 -16.70 26.69
CA THR D 119 48.95 -16.29 26.58
C THR D 119 49.10 -14.80 26.80
N ILE D 120 48.16 -14.01 26.26
CA ILE D 120 48.19 -12.57 26.47
C ILE D 120 48.04 -12.25 27.95
N ILE D 121 47.15 -12.95 28.64
CA ILE D 121 46.96 -12.72 30.07
C ILE D 121 48.24 -13.03 30.84
N LYS D 122 48.87 -14.16 30.53
CA LYS D 122 50.09 -14.52 31.23
C LYS D 122 51.20 -13.51 30.97
N GLY D 123 51.33 -13.08 29.71
CA GLY D 123 52.33 -12.08 29.39
C GLY D 123 52.09 -10.77 30.09
N TYR D 124 50.82 -10.34 30.16
CA TYR D 124 50.50 -9.10 30.85
C TYR D 124 50.79 -9.22 32.34
N ARG D 125 50.50 -10.37 32.94
CA ARG D 125 50.82 -10.57 34.34
C ARG D 125 52.31 -10.43 34.60
N LYS D 126 53.13 -11.11 33.79
CA LYS D 126 54.57 -11.01 33.99
C LYS D 126 55.05 -9.58 33.73
N ALA D 127 54.52 -8.95 32.68
CA ALA D 127 54.91 -7.60 32.34
C ALA D 127 54.61 -6.64 33.49
N VAL D 128 53.48 -6.84 34.16
CA VAL D 128 53.07 -5.90 35.19
C VAL D 128 53.79 -6.16 36.49
N ASP D 129 54.13 -7.42 36.78
CA ASP D 129 55.03 -7.68 37.92
C ASP D 129 56.35 -6.95 37.72
N LYS D 130 56.96 -7.11 36.54
CA LYS D 130 58.21 -6.40 36.29
C LYS D 130 58.00 -4.89 36.25
N ALA D 131 56.83 -4.44 35.79
CA ALA D 131 56.59 -3.00 35.74
C ALA D 131 56.53 -2.39 37.13
N LEU D 132 55.86 -3.07 38.07
CA LEU D 132 55.87 -2.61 39.45
C LEU D 132 57.27 -2.61 40.02
N GLU D 133 58.05 -3.65 39.71
CA GLU D 133 59.44 -3.66 40.18
C GLU D 133 60.24 -2.49 39.62
N VAL D 134 60.09 -2.23 38.31
CA VAL D 134 60.81 -1.13 37.66
C VAL D 134 60.42 0.21 38.28
N LEU D 135 59.12 0.41 38.50
CA LEU D 135 58.66 1.65 39.11
C LEU D 135 59.19 1.80 40.53
N GLU D 136 59.37 0.69 41.24
CA GLU D 136 60.04 0.75 42.53
C GLU D 136 61.48 1.22 42.39
N GLU D 137 62.20 0.70 41.40
CA GLU D 137 63.61 1.07 41.27
C GLU D 137 63.76 2.53 40.86
N VAL D 138 62.94 2.99 39.92
CA VAL D 138 63.18 4.29 39.30
C VAL D 138 62.72 5.43 40.20
N ALA D 139 61.79 5.16 41.12
CA ALA D 139 61.21 6.23 41.94
C ALA D 139 62.28 6.89 42.80
N ILE D 140 62.21 8.22 42.88
CA ILE D 140 63.17 9.03 43.63
C ILE D 140 62.62 9.23 45.04
N PRO D 141 63.40 9.06 46.10
CA PRO D 141 62.83 9.20 47.45
C PRO D 141 62.70 10.66 47.84
N VAL D 142 61.78 10.91 48.77
CA VAL D 142 61.50 12.25 49.28
C VAL D 142 61.41 12.17 50.80
N ASP D 143 62.00 13.15 51.47
CA ASP D 143 61.80 13.37 52.90
C ASP D 143 60.56 14.25 53.09
N PRO D 144 59.89 14.17 54.24
CA PRO D 144 58.74 15.05 54.47
C PRO D 144 59.10 16.45 54.98
N ASP D 145 60.39 16.81 54.97
CA ASP D 145 60.85 18.13 55.37
C ASP D 145 61.31 19.00 54.20
N ASP D 146 61.47 18.43 53.00
CA ASP D 146 61.89 19.20 51.84
C ASP D 146 60.68 19.91 51.26
N GLU D 147 60.49 21.17 51.67
CA GLU D 147 59.24 21.87 51.42
C GLU D 147 58.97 22.03 49.93
N GLU D 148 60.02 22.33 49.14
CA GLU D 148 59.82 22.55 47.71
C GLU D 148 59.29 21.29 47.03
N THR D 149 59.80 20.12 47.41
CA THR D 149 59.34 18.88 46.80
C THR D 149 57.87 18.62 47.15
N LEU D 150 57.47 18.85 48.40
CA LEU D 150 56.07 18.67 48.76
C LEU D 150 55.18 19.64 47.99
N LYS D 151 55.63 20.89 47.85
CA LYS D 151 54.88 21.86 47.07
C LYS D 151 54.74 21.41 45.62
N ALA D 152 55.81 20.87 45.05
CA ALA D 152 55.75 20.41 43.66
C ALA D 152 54.79 19.25 43.52
N VAL D 153 54.81 18.29 44.46
CA VAL D 153 53.90 17.16 44.39
C VAL D 153 52.46 17.66 44.50
N ALA D 154 52.22 18.57 45.45
CA ALA D 154 50.88 19.10 45.63
C ALA D 154 50.39 19.80 44.38
N ARG D 155 51.23 20.63 43.76
CA ARG D 155 50.85 21.33 42.54
C ARG D 155 50.59 20.36 41.40
N THR D 156 51.42 19.32 41.30
CA THR D 156 51.28 18.36 40.22
C THR D 156 49.94 17.65 40.28
N ALA D 157 49.58 17.12 41.46
CA ALA D 157 48.31 16.43 41.58
C ALA D 157 47.15 17.40 41.51
N MET D 158 47.28 18.53 42.22
CA MET D 158 46.26 19.57 42.25
C MET D 158 45.93 20.05 40.84
N THR D 159 46.90 19.96 39.93
CA THR D 159 46.69 20.24 38.52
C THR D 159 45.49 19.48 37.96
N GLY D 160 44.90 20.02 36.89
CA GLY D 160 43.85 19.37 36.14
C GLY D 160 42.54 20.12 36.11
N LYS D 161 42.24 20.86 37.18
CA LYS D 161 40.89 21.35 37.42
C LYS D 161 40.82 22.84 37.70
N ALA D 162 41.81 23.42 38.37
CA ALA D 162 41.71 24.82 38.77
C ALA D 162 42.10 25.76 37.64
N SER D 163 41.75 27.03 37.83
CA SER D 163 42.24 28.10 36.97
C SER D 163 43.73 28.32 37.23
N GLU D 164 44.41 28.88 36.23
CA GLU D 164 45.87 28.99 36.30
C GLU D 164 46.33 30.03 37.32
N GLU D 165 45.44 30.90 37.79
CA GLU D 165 45.87 32.01 38.63
C GLU D 165 46.16 31.55 40.07
N ASN D 166 45.40 30.58 40.58
CA ASN D 166 45.40 30.25 41.99
C ASN D 166 46.14 28.94 42.28
N ARG D 167 47.07 28.56 41.42
CA ARG D 167 47.80 27.32 41.62
C ARG D 167 48.77 27.44 42.78
N GLU D 168 49.63 28.48 42.75
CA GLU D 168 50.58 28.69 43.83
C GLU D 168 49.88 28.90 45.17
N GLU D 169 48.78 29.68 45.15
CA GLU D 169 48.05 29.94 46.38
C GLU D 169 47.55 28.65 47.00
N ILE D 170 46.71 27.90 46.29
CA ILE D 170 46.08 26.72 46.85
C ILE D 170 47.12 25.67 47.21
N ALA D 171 48.23 25.61 46.46
CA ALA D 171 49.31 24.72 46.87
C ALA D 171 49.90 25.15 48.22
N ASP D 172 50.09 26.46 48.40
CA ASP D 172 50.61 26.95 49.67
C ASP D 172 49.66 26.63 50.81
N LEU D 173 48.36 26.83 50.60
CA LEU D 173 47.41 26.50 51.67
C LEU D 173 47.38 25.00 51.93
N VAL D 174 47.56 24.18 50.90
CA VAL D 174 47.56 22.74 51.09
C VAL D 174 48.72 22.33 51.99
N VAL D 175 49.93 22.78 51.65
CA VAL D 175 51.09 22.39 52.46
C VAL D 175 51.00 23.00 53.85
N GLU D 176 50.48 24.22 53.97
CA GLU D 176 50.36 24.84 55.28
C GLU D 176 49.39 24.06 56.17
N ALA D 177 48.24 23.67 55.61
CA ALA D 177 47.29 22.88 56.38
C ALA D 177 47.87 21.53 56.77
N VAL D 178 48.58 20.90 55.83
CA VAL D 178 49.16 19.58 56.10
C VAL D 178 50.17 19.66 57.23
N LEU D 179 51.04 20.67 57.21
CA LEU D 179 52.04 20.78 58.25
C LEU D 179 51.44 21.20 59.58
N SER D 180 50.55 22.19 59.58
CA SER D 180 50.02 22.71 60.83
C SER D 180 49.11 21.70 61.52
N LEU D 181 48.29 20.98 60.74
CA LEU D 181 47.44 19.92 61.29
C LEU D 181 48.13 18.55 61.25
N ALA D 182 49.46 18.52 61.30
CA ALA D 182 50.20 17.27 61.29
C ALA D 182 50.07 16.56 62.63
N GLU D 183 49.09 15.66 62.75
CA GLU D 183 48.90 14.87 63.96
C GLU D 183 49.87 13.70 63.92
N ASP D 184 50.95 13.79 64.69
CA ASP D 184 52.03 12.80 64.64
C ASP D 184 51.57 11.53 65.33
N GLY D 185 50.84 10.71 64.58
CA GLY D 185 50.38 9.41 65.06
C GLY D 185 51.38 8.32 64.77
N GLY D 186 52.55 8.39 65.41
CA GLY D 186 53.59 7.40 65.18
C GLY D 186 54.15 7.45 63.77
N GLY D 187 54.43 8.63 63.25
CA GLY D 187 54.98 8.81 61.91
C GLY D 187 53.94 8.97 60.83
N LYS D 188 52.89 8.14 60.85
CA LYS D 188 51.82 8.22 59.86
C LYS D 188 50.85 9.32 60.28
N TYR D 189 50.99 10.50 59.68
CA TYR D 189 50.14 11.61 60.03
C TYR D 189 48.71 11.38 59.54
N ARG D 190 47.74 11.55 60.43
CA ARG D 190 46.33 11.32 60.10
C ARG D 190 45.73 12.59 59.51
N VAL D 191 46.21 12.94 58.32
CA VAL D 191 45.69 14.10 57.58
C VAL D 191 44.53 13.57 56.74
N ASP D 192 43.36 13.48 57.38
CA ASP D 192 42.17 12.99 56.72
C ASP D 192 41.51 14.11 55.90
N LEU D 193 40.69 13.70 54.93
CA LEU D 193 39.99 14.69 54.11
C LEU D 193 39.00 15.49 54.92
N ASP D 194 38.42 14.91 55.97
CA ASP D 194 37.44 15.57 56.82
C ASP D 194 38.05 16.23 58.05
N ASN D 195 39.31 16.66 57.95
CA ASN D 195 40.04 17.25 59.08
C ASN D 195 40.39 18.71 58.88
N ILE D 196 40.47 19.19 57.64
CA ILE D 196 40.95 20.53 57.33
C ILE D 196 39.77 21.45 57.07
N LYS D 197 39.87 22.68 57.55
CA LYS D 197 38.72 23.56 57.76
C LYS D 197 38.55 24.46 56.54
N ILE D 198 37.52 24.21 55.73
CA ILE D 198 37.10 25.13 54.68
C ILE D 198 35.57 25.21 54.73
N GLU D 199 35.03 26.34 54.27
CA GLU D 199 33.61 26.56 54.11
C GLU D 199 33.31 26.85 52.64
N LYS D 200 32.11 26.46 52.21
CA LYS D 200 31.65 26.69 50.84
C LYS D 200 30.76 27.92 50.79
N GLN D 201 31.00 28.77 49.78
CA GLN D 201 30.22 29.97 49.59
C GLN D 201 30.49 30.52 48.19
N THR D 202 29.44 31.00 47.53
CA THR D 202 29.58 31.54 46.19
C THR D 202 30.31 32.88 46.22
N GLY D 203 31.08 33.13 45.15
CA GLY D 203 31.80 34.38 45.04
C GLY D 203 33.04 34.41 45.91
N GLY D 204 33.52 35.63 46.15
CA GLY D 204 34.71 35.80 46.95
C GLY D 204 35.92 35.20 46.26
N GLY D 205 36.65 34.35 47.00
CA GLY D 205 37.84 33.72 46.46
C GLY D 205 38.21 32.51 47.29
N ALA D 206 39.31 31.88 46.89
CA ALA D 206 39.83 30.71 47.58
C ALA D 206 40.68 31.06 48.80
N SER D 207 40.86 32.34 49.11
CA SER D 207 41.68 32.77 50.23
C SER D 207 41.01 32.58 51.59
N ASP D 208 39.83 31.97 51.65
CA ASP D 208 39.16 31.64 52.90
C ASP D 208 39.40 30.20 53.33
N THR D 209 40.33 29.50 52.69
CA THR D 209 40.71 28.14 53.10
C THR D 209 41.75 28.25 54.21
N GLU D 210 41.28 28.69 55.37
CA GLU D 210 42.09 28.92 56.55
C GLU D 210 41.67 27.96 57.67
N LEU D 211 42.55 27.83 58.65
CA LEU D 211 42.33 26.93 59.78
C LEU D 211 41.42 27.61 60.78
N ILE D 212 40.12 27.37 60.66
CA ILE D 212 39.12 27.84 61.62
C ILE D 212 38.76 26.66 62.51
N GLU D 213 39.22 26.69 63.76
CA GLU D 213 39.22 25.50 64.60
C GLU D 213 37.81 25.11 65.02
N GLY D 214 37.03 24.63 64.07
CA GLY D 214 35.66 24.22 64.34
C GLY D 214 34.88 24.05 63.06
N VAL D 215 33.86 23.20 63.13
CA VAL D 215 33.02 22.92 61.97
C VAL D 215 32.03 24.06 61.79
N VAL D 216 32.09 24.73 60.64
CA VAL D 216 31.25 25.87 60.33
C VAL D 216 30.05 25.39 59.53
N LEU D 217 28.85 25.73 60.00
CA LEU D 217 27.60 25.33 59.38
C LEU D 217 27.03 26.45 58.53
N ASP D 218 26.54 26.10 57.34
CA ASP D 218 25.95 27.05 56.41
C ASP D 218 24.45 27.20 56.68
N LYS D 219 24.15 27.70 57.87
CA LYS D 219 22.77 27.94 58.30
C LYS D 219 22.70 29.20 59.14
N GLU D 220 21.61 29.94 58.98
CA GLU D 220 21.43 31.18 59.72
C GLU D 220 20.93 30.90 61.14
N PRO D 221 21.11 31.84 62.07
CA PRO D 221 20.46 31.69 63.38
C PRO D 221 18.94 31.70 63.24
N VAL D 222 18.28 30.90 64.08
CA VAL D 222 16.82 30.81 64.03
C VAL D 222 16.18 32.12 64.50
N HIS D 223 16.76 32.75 65.51
CA HIS D 223 16.21 33.96 66.12
C HIS D 223 17.26 35.05 66.16
N GLU D 224 16.81 36.29 65.95
CA GLU D 224 17.74 37.42 65.90
C GLU D 224 18.39 37.67 67.25
N ASP D 225 17.60 37.66 68.32
CA ASP D 225 18.10 37.94 69.66
C ASP D 225 18.85 36.76 70.28
N MET D 226 19.02 35.65 69.56
CA MET D 226 19.86 34.57 70.03
C MET D 226 21.29 35.10 70.22
N PRO D 227 21.99 34.73 71.31
CA PRO D 227 23.32 35.32 71.53
C PRO D 227 24.33 34.87 70.50
N LYS D 228 24.70 35.78 69.58
CA LYS D 228 25.60 35.40 68.50
C LYS D 228 26.99 35.09 69.02
N LYS D 229 27.46 35.82 70.04
CA LYS D 229 28.77 35.64 70.62
C LYS D 229 28.64 34.93 71.96
N LEU D 230 29.40 33.84 72.12
CA LEU D 230 29.40 33.09 73.38
C LEU D 230 30.80 32.51 73.56
N GLU D 231 31.63 33.19 74.35
CA GLU D 231 32.98 32.70 74.63
C GLU D 231 32.92 31.61 75.69
N ASN D 232 33.70 30.53 75.46
CA ASN D 232 33.71 29.37 76.35
C ASN D 232 32.30 28.79 76.52
N ALA D 233 31.56 28.76 75.42
CA ALA D 233 30.17 28.31 75.47
C ALA D 233 30.09 26.83 75.82
N LYS D 234 29.06 26.47 76.58
CA LYS D 234 28.78 25.07 76.90
C LYS D 234 28.00 24.48 75.74
N VAL D 235 28.71 23.81 74.84
CA VAL D 235 28.13 23.33 73.59
C VAL D 235 27.56 21.94 73.80
N ALA D 236 26.33 21.73 73.33
CA ALA D 236 25.66 20.45 73.35
C ALA D 236 25.35 20.01 71.92
N VAL D 237 25.14 18.71 71.75
CA VAL D 237 24.76 18.13 70.47
C VAL D 237 23.56 17.22 70.69
N LEU D 238 22.48 17.47 69.97
CA LEU D 238 21.24 16.72 70.08
C LEU D 238 20.80 16.26 68.69
N ASP D 239 19.88 15.29 68.67
CA ASP D 239 19.34 14.77 67.43
C ASP D 239 17.83 14.57 67.45
N ALA D 240 17.18 14.60 68.60
CA ALA D 240 15.74 14.41 68.65
C ALA D 240 15.02 15.62 68.05
N PRO D 241 13.81 15.44 67.52
CA PRO D 241 13.11 16.57 66.89
C PRO D 241 12.54 17.51 67.94
N ILE D 242 13.13 18.70 68.04
CA ILE D 242 12.68 19.70 69.00
C ILE D 242 11.44 20.41 68.48
N ILE D 253 -5.34 13.63 70.09
CA ILE D 253 -5.84 14.69 70.96
C ILE D 253 -7.37 14.66 70.96
N SER D 254 -7.94 14.38 72.12
CA SER D 254 -9.39 14.32 72.30
C SER D 254 -9.82 15.44 73.24
N ILE D 255 -10.89 16.14 72.86
CA ILE D 255 -11.38 17.32 73.58
C ILE D 255 -12.75 17.01 74.16
N SER D 256 -12.92 17.31 75.45
CA SER D 256 -14.19 17.16 76.16
C SER D 256 -14.72 18.49 76.68
N SER D 257 -13.92 19.24 77.42
CA SER D 257 -14.31 20.49 78.04
C SER D 257 -13.75 21.68 77.27
N PRO D 258 -14.29 22.88 77.48
CA PRO D 258 -13.74 24.06 76.78
C PRO D 258 -12.29 24.35 77.11
N GLU D 259 -11.88 24.15 78.35
CA GLU D 259 -10.50 24.39 78.78
C GLU D 259 -9.61 23.18 78.58
N GLN D 260 -10.11 22.12 77.94
CA GLN D 260 -9.33 20.89 77.82
C GLN D 260 -8.14 21.08 76.89
N PHE D 261 -8.34 21.76 75.74
CA PHE D 261 -7.21 21.98 74.84
C PHE D 261 -6.21 22.95 75.46
N GLN D 262 -6.69 23.92 76.23
CA GLN D 262 -5.78 24.81 76.94
C GLN D 262 -4.98 24.03 77.98
N ALA D 263 -5.60 23.05 78.63
CA ALA D 263 -4.88 22.19 79.55
C ALA D 263 -3.81 21.38 78.81
N PHE D 264 -4.15 20.88 77.62
CA PHE D 264 -3.15 20.18 76.81
C PHE D 264 -1.96 21.09 76.48
N LEU D 265 -2.25 22.31 76.04
CA LEU D 265 -1.16 23.23 75.71
C LEU D 265 -0.33 23.56 76.95
N ASP D 266 -1.00 23.77 78.08
CA ASP D 266 -0.30 24.09 79.33
C ASP D 266 0.61 22.94 79.74
N GLN D 267 0.11 21.70 79.70
CA GLN D 267 0.95 20.59 80.12
C GLN D 267 2.11 20.40 79.16
N GLU D 268 1.88 20.45 77.83
CA GLU D 268 2.99 20.27 76.88
C GLU D 268 4.05 21.33 77.09
N GLU D 269 3.63 22.59 77.26
CA GLU D 269 4.55 23.65 77.64
C GLU D 269 5.27 23.30 78.94
N LYS D 270 4.60 22.58 79.85
CA LYS D 270 5.22 22.25 81.13
C LYS D 270 6.33 21.20 80.98
N GLN D 271 6.09 20.11 80.24
CA GLN D 271 7.21 19.19 80.01
C GLN D 271 8.30 19.84 79.15
N LEU D 272 7.95 20.73 78.23
CA LEU D 272 8.99 21.45 77.50
C LEU D 272 9.87 22.24 78.48
N ARG D 273 9.23 22.91 79.43
CA ARG D 273 9.97 23.63 80.46
C ARG D 273 10.82 22.67 81.28
N GLU D 274 10.28 21.49 81.59
CA GLU D 274 11.04 20.53 82.41
C GLU D 274 12.29 20.04 81.69
N MET D 275 12.14 19.59 80.44
CA MET D 275 13.34 19.10 79.75
C MET D 275 14.33 20.22 79.46
N VAL D 276 13.86 21.41 79.07
CA VAL D 276 14.83 22.48 78.86
C VAL D 276 15.43 22.94 80.18
N ASP D 277 14.73 22.79 81.30
CA ASP D 277 15.29 23.17 82.60
C ASP D 277 16.40 22.22 83.01
N LYS D 278 16.17 20.90 82.89
CA LYS D 278 17.24 19.97 83.21
C LYS D 278 18.38 20.05 82.19
N ILE D 279 18.10 20.54 80.98
CA ILE D 279 19.19 20.86 80.06
C ILE D 279 20.01 22.03 80.58
N VAL D 280 19.32 23.10 81.00
CA VAL D 280 20.02 24.30 81.47
C VAL D 280 20.77 24.01 82.77
N ASP D 281 20.29 23.07 83.56
CA ASP D 281 21.02 22.66 84.77
C ASP D 281 22.39 22.12 84.40
N THR D 282 22.47 21.35 83.32
CA THR D 282 23.77 20.99 82.77
C THR D 282 24.52 22.23 82.30
N GLY D 283 23.80 23.18 81.73
CA GLY D 283 24.37 24.45 81.31
C GLY D 283 24.46 24.66 79.81
N ALA D 284 23.89 23.77 79.01
CA ALA D 284 24.01 23.88 77.56
C ALA D 284 23.36 25.16 77.05
N ASN D 285 24.08 25.87 76.18
CA ASN D 285 23.58 27.09 75.56
C ASN D 285 23.80 27.13 74.06
N VAL D 286 24.51 26.17 73.47
CA VAL D 286 24.70 26.07 72.02
C VAL D 286 24.36 24.65 71.60
N VAL D 287 23.44 24.51 70.65
CA VAL D 287 22.95 23.22 70.19
C VAL D 287 22.93 23.21 68.67
N PHE D 288 23.24 22.04 68.09
CA PHE D 288 23.14 21.80 66.66
C PHE D 288 22.31 20.53 66.48
N CYS D 289 21.04 20.69 66.13
CA CYS D 289 20.10 19.58 66.10
C CYS D 289 20.02 18.95 64.71
N GLU D 290 19.79 17.63 64.70
CA GLU D 290 19.74 16.89 63.45
C GLU D 290 18.43 17.08 62.68
N LYS D 291 17.36 17.50 63.35
CA LYS D 291 16.02 17.54 62.79
C LYS D 291 15.48 18.96 62.83
N GLY D 292 14.23 19.12 62.38
CA GLY D 292 13.63 20.43 62.24
C GLY D 292 13.22 21.04 63.58
N ILE D 293 12.58 22.20 63.48
CA ILE D 293 12.16 22.99 64.63
C ILE D 293 10.74 23.52 64.37
N ASP D 294 10.23 24.27 65.33
CA ASP D 294 8.96 24.98 65.22
C ASP D 294 9.16 26.40 65.72
N ASP D 295 8.27 27.29 65.30
CA ASP D 295 8.40 28.70 65.63
C ASP D 295 8.35 28.93 67.14
N GLN D 296 7.40 28.28 67.82
CA GLN D 296 7.35 28.37 69.27
C GLN D 296 8.57 27.73 69.91
N VAL D 297 9.06 26.62 69.33
CA VAL D 297 10.21 25.93 69.89
C VAL D 297 11.44 26.83 69.84
N GLU D 298 11.72 27.40 68.67
CA GLU D 298 12.89 28.29 68.57
C GLU D 298 12.69 29.55 69.39
N HIS D 299 11.45 30.03 69.50
CA HIS D 299 11.18 31.21 70.31
C HIS D 299 11.53 30.95 71.77
N MET D 300 11.08 29.81 72.32
CA MET D 300 11.36 29.52 73.72
C MET D 300 12.82 29.12 73.92
N LEU D 301 13.47 28.58 72.89
CA LEU D 301 14.91 28.34 72.97
C LEU D 301 15.68 29.65 73.08
N ALA D 302 15.31 30.63 72.25
CA ALA D 302 15.94 31.95 72.29
C ALA D 302 15.49 32.78 73.48
N LYS D 303 14.43 32.36 74.18
CA LYS D 303 14.04 33.05 75.41
C LYS D 303 15.17 32.99 76.43
N LYS D 304 15.82 31.84 76.57
CA LYS D 304 16.99 31.68 77.42
C LYS D 304 18.31 31.90 76.68
N GLY D 305 18.28 32.02 75.34
CA GLY D 305 19.48 32.28 74.58
C GLY D 305 20.19 31.02 74.14
N ILE D 306 19.47 30.13 73.46
CA ILE D 306 19.98 28.82 73.06
C ILE D 306 20.09 28.79 71.54
N LEU D 307 21.27 28.43 71.04
CA LEU D 307 21.47 28.24 69.61
C LEU D 307 20.91 26.89 69.18
N ALA D 308 20.30 26.86 68.00
CA ALA D 308 19.72 25.63 67.47
C ALA D 308 19.79 25.66 65.95
N VAL D 309 20.56 24.74 65.38
CA VAL D 309 20.68 24.55 63.94
C VAL D 309 20.03 23.23 63.59
N ARG D 310 19.23 23.23 62.52
CA ARG D 310 18.37 22.12 62.15
C ARG D 310 18.82 21.47 60.85
N ARG D 311 18.28 20.27 60.60
CA ARG D 311 18.52 19.52 59.37
C ARG D 311 20.00 19.30 59.10
N VAL D 312 20.74 19.04 60.17
CA VAL D 312 22.15 18.67 60.05
C VAL D 312 22.25 17.21 59.67
N LYS D 313 23.02 16.91 58.63
CA LYS D 313 23.09 15.55 58.09
C LYS D 313 23.68 14.60 59.13
N LYS D 314 23.67 13.31 58.81
CA LYS D 314 24.27 12.34 59.71
C LYS D 314 25.78 12.53 59.80
N ASP D 315 26.44 12.70 58.65
CA ASP D 315 27.90 12.79 58.63
C ASP D 315 28.37 14.07 59.32
N ASP D 316 27.79 15.22 58.96
CA ASP D 316 28.25 16.47 59.57
C ASP D 316 27.81 16.58 61.03
N LEU D 317 26.69 15.96 61.40
CA LEU D 317 26.34 15.91 62.83
C LEU D 317 27.36 15.09 63.61
N GLU D 318 27.78 13.95 63.07
CA GLU D 318 28.82 13.16 63.74
C GLU D 318 30.12 13.96 63.81
N LYS D 319 30.44 14.70 62.74
CA LYS D 319 31.63 15.54 62.75
C LYS D 319 31.55 16.60 63.83
N ILE D 320 30.38 17.23 63.98
CA ILE D 320 30.20 18.25 65.01
C ILE D 320 30.30 17.62 66.39
N ALA D 321 29.77 16.42 66.56
CA ALA D 321 29.87 15.73 67.85
C ALA D 321 31.32 15.44 68.20
N LYS D 322 32.11 14.99 67.21
CA LYS D 322 33.52 14.75 67.45
C LYS D 322 34.26 16.04 67.79
N ALA D 323 33.97 17.12 67.05
CA ALA D 323 34.72 18.36 67.24
C ALA D 323 34.37 19.03 68.56
N THR D 324 33.08 19.17 68.86
CA THR D 324 32.65 19.92 70.04
C THR D 324 32.86 19.14 71.33
N GLY D 325 32.95 17.82 71.25
CA GLY D 325 33.11 16.99 72.44
C GLY D 325 31.82 16.58 73.10
N ALA D 326 30.68 17.14 72.66
CA ALA D 326 29.37 16.76 73.20
C ALA D 326 28.89 15.52 72.48
N ARG D 327 28.84 14.39 73.19
CA ARG D 327 28.37 13.15 72.58
C ARG D 327 26.91 13.29 72.18
N VAL D 328 26.55 12.64 71.07
CA VAL D 328 25.17 12.69 70.61
C VAL D 328 24.29 11.93 71.58
N VAL D 329 23.23 12.58 72.06
CA VAL D 329 22.37 12.05 73.10
C VAL D 329 20.98 11.90 72.49
N SER D 330 20.64 10.67 72.08
CA SER D 330 19.31 10.42 71.52
C SER D 330 18.22 10.63 72.56
N ASN D 331 18.36 10.00 73.72
CA ASN D 331 17.44 10.18 74.84
C ASN D 331 18.04 11.25 75.75
N ILE D 332 17.47 12.45 75.67
CA ILE D 332 18.08 13.61 76.31
C ILE D 332 17.88 13.60 77.82
N ASP D 333 17.02 12.73 78.34
CA ASP D 333 16.75 12.71 79.78
C ASP D 333 17.99 12.40 80.59
N GLU D 334 18.95 11.65 80.03
CA GLU D 334 20.17 11.26 80.73
C GLU D 334 21.31 12.26 80.51
N LEU D 335 21.05 13.40 79.86
CA LEU D 335 22.10 14.39 79.68
C LEU D 335 22.55 14.95 81.04
N THR D 336 23.87 15.06 81.20
CA THR D 336 24.51 15.50 82.43
C THR D 336 25.52 16.58 82.10
N PRO D 337 26.01 17.31 83.12
CA PRO D 337 27.08 18.28 82.85
C PRO D 337 28.34 17.63 82.27
N GLU D 338 28.63 16.39 82.67
CA GLU D 338 29.79 15.69 82.11
C GLU D 338 29.63 15.44 80.62
N ASP D 339 28.39 15.29 80.14
CA ASP D 339 28.14 14.99 78.74
C ASP D 339 28.28 16.22 77.84
N LEU D 340 28.37 17.41 78.40
CA LEU D 340 28.42 18.64 77.60
C LEU D 340 29.85 18.90 77.10
N GLY D 341 29.93 19.45 75.89
CA GLY D 341 31.17 19.90 75.33
C GLY D 341 31.42 21.37 75.59
N HIS D 342 32.56 21.85 75.10
CA HIS D 342 32.95 23.25 75.23
C HIS D 342 33.60 23.73 73.94
N ALA D 343 33.36 25.00 73.61
CA ALA D 343 33.93 25.64 72.45
C ALA D 343 34.48 27.00 72.86
N GLY D 344 35.64 27.36 72.30
CA GLY D 344 36.25 28.63 72.64
C GLY D 344 35.40 29.82 72.23
N LEU D 345 34.74 29.73 71.07
CA LEU D 345 33.96 30.84 70.55
C LEU D 345 32.92 30.31 69.58
N VAL D 346 31.80 31.03 69.50
CA VAL D 346 30.81 30.85 68.45
C VAL D 346 30.39 32.25 68.01
N GLU D 347 30.39 32.49 66.70
CA GLU D 347 30.14 33.82 66.18
C GLU D 347 29.40 33.75 64.85
N GLN D 348 28.47 34.69 64.66
CA GLN D 348 27.77 34.87 63.39
C GLN D 348 28.42 36.03 62.67
N ARG D 349 29.09 35.72 61.55
CA ARG D 349 29.78 36.72 60.74
C ARG D 349 29.11 36.79 59.37
N LYS D 350 28.82 38.00 58.92
CA LYS D 350 28.17 38.22 57.63
C LYS D 350 29.21 38.29 56.51
N LYS D 351 29.94 37.18 56.36
CA LYS D 351 30.95 37.08 55.31
C LYS D 351 30.26 36.75 53.99
N GLY D 352 30.60 37.50 52.95
CA GLY D 352 29.96 37.31 51.67
C GLY D 352 28.48 37.66 51.74
N GLU D 353 27.67 36.92 50.98
CA GLU D 353 26.23 37.15 50.93
C GLU D 353 25.48 36.31 51.96
N ASP D 354 25.73 35.00 51.98
CA ASP D 354 25.00 34.12 52.88
C ASP D 354 25.39 34.38 54.33
N ARG D 355 24.39 34.32 55.22
CA ARG D 355 24.61 34.42 56.65
C ARG D 355 24.87 33.03 57.23
N MET D 356 25.96 32.89 57.97
CA MET D 356 26.35 31.62 58.54
C MET D 356 26.94 31.83 59.93
N VAL D 357 26.85 30.80 60.76
CA VAL D 357 27.43 30.80 62.10
C VAL D 357 28.84 30.25 61.96
N PHE D 358 29.84 31.13 62.09
CA PHE D 358 31.24 30.73 61.98
C PHE D 358 31.70 30.18 63.32
N VAL D 359 31.44 28.88 63.52
CA VAL D 359 31.84 28.23 64.76
C VAL D 359 33.35 28.03 64.74
N SER D 360 34.02 28.45 65.81
CA SER D 360 35.48 28.43 65.86
C SER D 360 35.91 28.27 67.31
N GLY D 361 36.67 27.20 67.60
CA GLY D 361 37.14 26.90 68.93
C GLY D 361 36.80 25.50 69.41
N CYS D 362 36.58 24.58 68.49
CA CYS D 362 36.38 23.17 68.84
C CYS D 362 37.74 22.54 69.07
N LYS D 363 38.10 22.33 70.34
CA LYS D 363 39.47 22.07 70.74
C LYS D 363 39.80 20.60 70.91
N ASN D 364 38.84 19.69 70.68
CA ASN D 364 39.09 18.27 70.95
C ASN D 364 39.87 17.60 69.82
N GLU D 365 39.30 17.60 68.61
CA GLU D 365 39.90 16.93 67.46
C GLU D 365 39.81 17.83 66.23
N PRO D 366 40.71 17.65 65.23
CA PRO D 366 40.56 18.37 63.97
C PRO D 366 39.58 17.64 63.06
N VAL D 367 38.40 18.24 62.89
CA VAL D 367 37.30 17.64 62.14
C VAL D 367 36.66 18.72 61.28
N ALA D 368 36.28 18.37 60.05
CA ALA D 368 35.80 19.36 59.10
C ALA D 368 35.01 18.65 58.00
N THR D 369 34.53 19.46 57.05
CA THR D 369 33.77 19.00 55.90
C THR D 369 34.41 19.54 54.63
N ILE D 370 34.19 18.82 53.53
CA ILE D 370 34.81 19.19 52.23
C ILE D 370 33.83 20.16 51.56
N LEU D 371 33.96 21.44 51.93
CA LEU D 371 33.11 22.50 51.40
C LEU D 371 34.00 23.71 51.16
N ILE D 372 34.09 24.16 49.92
CA ILE D 372 35.11 25.11 49.49
C ILE D 372 34.51 26.18 48.58
N ARG D 373 35.04 27.40 48.71
CA ARG D 373 34.53 28.57 48.00
C ARG D 373 35.08 28.63 46.58
N ALA D 374 34.34 29.34 45.72
CA ALA D 374 34.80 29.73 44.39
C ALA D 374 33.81 30.75 43.84
N ALA D 375 33.93 31.07 42.55
CA ALA D 375 33.08 32.08 41.93
C ALA D 375 31.68 31.53 41.64
N THR D 376 31.60 30.50 40.80
CA THR D 376 30.33 29.92 40.36
C THR D 376 30.27 28.44 40.73
N GLU D 377 29.07 27.87 40.59
CA GLU D 377 28.81 26.53 41.12
C GLU D 377 29.68 25.47 40.44
N HIS D 378 29.80 25.54 39.11
CA HIS D 378 30.69 24.62 38.39
C HIS D 378 32.12 24.76 38.92
N VAL D 379 32.57 26.00 39.05
CA VAL D 379 33.92 26.26 39.54
C VAL D 379 34.04 25.86 41.01
N VAL D 380 32.97 26.06 41.80
CA VAL D 380 33.00 25.64 43.20
C VAL D 380 33.26 24.14 43.30
N GLU D 381 32.49 23.35 42.56
CA GLU D 381 32.69 21.91 42.58
C GLU D 381 34.07 21.54 42.05
N GLU D 382 34.56 22.30 41.05
CA GLU D 382 35.85 21.99 40.48
C GLU D 382 36.98 22.15 41.50
N LEU D 383 37.05 23.31 42.17
CA LEU D 383 38.08 23.45 43.19
C LEU D 383 37.84 22.55 44.40
N GLU D 384 36.59 22.16 44.69
CA GLU D 384 36.39 21.20 45.77
C GLU D 384 37.05 19.86 45.45
N ARG D 385 36.78 19.34 44.25
CA ARG D 385 37.44 18.11 43.83
C ARG D 385 38.95 18.28 43.79
N ALA D 386 39.41 19.44 43.36
CA ALA D 386 40.84 19.66 43.22
C ALA D 386 41.54 19.68 44.58
N ILE D 387 40.95 20.34 45.57
CA ILE D 387 41.59 20.38 46.88
C ILE D 387 41.58 18.99 47.50
N ASP D 388 40.50 18.23 47.27
CA ASP D 388 40.46 16.86 47.77
C ASP D 388 41.60 16.05 47.17
N ASP D 389 41.79 16.15 45.85
CA ASP D 389 42.84 15.38 45.19
C ASP D 389 44.21 15.84 45.68
N ALA D 390 44.37 17.14 45.90
CA ALA D 390 45.66 17.66 46.37
C ALA D 390 46.01 17.09 47.73
N LEU D 391 45.06 17.13 48.67
CA LEU D 391 45.33 16.59 49.99
C LEU D 391 45.60 15.09 49.93
N ASN D 392 44.89 14.38 49.05
CA ASN D 392 45.17 12.95 48.93
C ASN D 392 46.60 12.74 48.46
N ALA D 393 47.04 13.53 47.48
CA ALA D 393 48.38 13.33 46.94
C ALA D 393 49.44 13.63 47.98
N VAL D 394 49.31 14.72 48.72
CA VAL D 394 50.35 15.03 49.71
C VAL D 394 50.30 14.00 50.84
N LYS D 395 49.10 13.52 51.21
CA LYS D 395 49.02 12.47 52.22
C LYS D 395 49.75 11.21 51.76
N ALA D 396 49.53 10.82 50.50
CA ALA D 396 50.20 9.64 49.97
C ALA D 396 51.71 9.84 49.91
N ALA D 397 52.15 11.04 49.53
CA ALA D 397 53.58 11.32 49.48
C ALA D 397 54.21 11.23 50.86
N ILE D 398 53.55 11.81 51.87
CA ILE D 398 54.10 11.76 53.22
C ILE D 398 54.12 10.33 53.74
N LYS D 399 53.05 9.57 53.50
CA LYS D 399 52.99 8.19 53.98
C LYS D 399 54.06 7.35 53.30
N ASP D 400 53.96 7.18 51.99
CA ASP D 400 54.85 6.27 51.28
C ASP D 400 56.25 6.84 51.13
N GLY D 401 56.37 8.15 50.94
CA GLY D 401 57.68 8.77 50.82
C GLY D 401 58.46 8.34 49.62
N LYS D 402 57.79 8.03 48.51
CA LYS D 402 58.44 7.72 47.25
C LYS D 402 57.67 8.43 46.14
N VAL D 403 58.37 9.25 45.36
CA VAL D 403 57.77 10.08 44.33
C VAL D 403 58.44 9.79 43.00
N VAL D 404 57.66 9.74 41.94
CA VAL D 404 58.11 9.32 40.61
C VAL D 404 57.83 10.47 39.65
N PRO D 405 58.65 10.70 38.62
CA PRO D 405 58.43 11.88 37.78
C PRO D 405 57.25 11.69 36.85
N GLY D 406 56.30 12.61 36.95
CA GLY D 406 55.09 12.57 36.15
C GLY D 406 55.33 13.03 34.74
N GLY D 407 54.26 13.54 34.12
CA GLY D 407 54.37 14.06 32.77
C GLY D 407 54.69 13.01 31.73
N GLY D 408 54.37 11.75 32.02
CA GLY D 408 54.69 10.67 31.11
C GLY D 408 56.09 10.13 31.23
N ALA D 409 56.94 10.73 32.08
CA ALA D 409 58.32 10.27 32.20
C ALA D 409 58.39 8.87 32.78
N ALA D 410 57.63 8.61 33.85
CA ALA D 410 57.65 7.30 34.47
C ALA D 410 57.15 6.24 33.49
N GLU D 411 56.11 6.55 32.72
CA GLU D 411 55.60 5.59 31.74
C GLU D 411 56.66 5.25 30.71
N VAL D 412 57.37 6.26 30.20
CA VAL D 412 58.38 5.99 29.17
C VAL D 412 59.54 5.19 29.76
N ALA D 413 59.96 5.51 30.98
CA ALA D 413 61.06 4.77 31.60
C ALA D 413 60.69 3.32 31.82
N VAL D 414 59.49 3.07 32.34
CA VAL D 414 59.05 1.70 32.57
C VAL D 414 58.91 0.97 31.25
N ALA D 415 58.45 1.67 30.20
CA ALA D 415 58.34 1.05 28.90
C ALA D 415 59.70 0.65 28.36
N ARG D 416 60.71 1.50 28.54
CA ARG D 416 62.05 1.17 28.05
C ARG D 416 62.60 -0.04 28.78
N LYS D 417 62.47 -0.08 30.10
CA LYS D 417 63.01 -1.23 30.82
C LYS D 417 62.19 -2.49 30.53
N LEU D 418 60.90 -2.34 30.23
CA LEU D 418 60.10 -3.48 29.79
C LEU D 418 60.59 -3.99 28.44
N ARG D 419 60.97 -3.09 27.54
CA ARG D 419 61.52 -3.52 26.25
C ARG D 419 62.85 -4.25 26.46
N GLU D 420 63.64 -3.79 27.44
CA GLU D 420 64.86 -4.53 27.77
C GLU D 420 64.52 -5.94 28.25
N TYR D 421 63.50 -6.07 29.10
CA TYR D 421 63.04 -7.39 29.52
C TYR D 421 62.60 -8.22 28.31
N ALA D 422 61.91 -7.60 27.37
CA ALA D 422 61.47 -8.31 26.16
C ALA D 422 62.67 -8.84 25.39
N LYS D 423 63.71 -8.01 25.27
CA LYS D 423 64.95 -8.49 24.65
C LYS D 423 65.53 -9.65 25.43
N SER D 424 65.40 -9.64 26.76
CA SER D 424 65.87 -10.77 27.55
C SER D 424 65.03 -12.02 27.28
N LEU D 425 63.70 -11.88 27.33
CA LEU D 425 62.80 -13.01 27.19
C LEU D 425 62.69 -13.42 25.72
N SER D 426 62.29 -14.68 25.52
CA SER D 426 62.03 -15.21 24.19
C SER D 426 60.73 -16.00 24.22
N GLY D 427 60.09 -16.07 23.06
CA GLY D 427 58.82 -16.76 22.90
C GLY D 427 57.72 -15.81 22.47
N LYS D 428 56.50 -16.33 22.45
CA LYS D 428 55.34 -15.52 22.11
C LYS D 428 54.86 -14.66 23.29
N GLU D 429 55.46 -14.81 24.47
CA GLU D 429 55.23 -13.86 25.55
C GLU D 429 55.97 -12.55 25.32
N GLN D 430 57.02 -12.56 24.50
CA GLN D 430 57.70 -11.31 24.17
C GLN D 430 56.77 -10.36 23.44
N LEU D 431 55.92 -10.89 22.57
CA LEU D 431 54.94 -10.06 21.88
C LEU D 431 53.97 -9.42 22.87
N ALA D 432 53.52 -10.19 23.86
CA ALA D 432 52.62 -9.64 24.87
C ALA D 432 53.31 -8.56 25.70
N ILE D 433 54.57 -8.76 26.02
CA ILE D 433 55.28 -7.76 26.83
C ILE D 433 55.49 -6.50 26.00
N GLU D 434 55.78 -6.64 24.71
CA GLU D 434 55.89 -5.48 23.84
C GLU D 434 54.56 -4.76 23.74
N ALA D 435 53.46 -5.53 23.69
CA ALA D 435 52.13 -4.94 23.73
C ALA D 435 51.93 -4.12 25.00
N PHE D 436 52.34 -4.66 26.14
CA PHE D 436 52.22 -3.92 27.39
C PHE D 436 53.06 -2.65 27.37
N ALA D 437 54.25 -2.73 26.79
CA ALA D 437 55.10 -1.53 26.70
C ALA D 437 54.44 -0.46 25.85
N ASP D 438 53.87 -0.85 24.71
CA ASP D 438 53.18 0.12 23.86
C ASP D 438 51.96 0.72 24.56
N ALA D 439 51.18 -0.13 25.23
CA ALA D 439 50.01 0.37 25.94
C ALA D 439 50.39 1.32 27.06
N LEU D 440 51.51 1.04 27.73
CA LEU D 440 51.98 1.95 28.78
C LEU D 440 52.48 3.25 28.18
N GLU D 441 53.09 3.20 27.00
CA GLU D 441 53.59 4.41 26.36
C GLU D 441 52.45 5.23 25.74
N GLU D 442 51.26 4.65 25.60
CA GLU D 442 50.12 5.42 25.10
C GLU D 442 49.78 6.62 26.00
N ILE D 443 50.06 6.53 27.30
CA ILE D 443 49.73 7.65 28.19
C ILE D 443 50.48 8.91 27.82
N PRO D 444 51.81 8.91 27.63
CA PRO D 444 52.48 10.13 27.17
C PRO D 444 51.94 10.64 25.83
N ARG D 445 51.52 9.74 24.94
CA ARG D 445 50.94 10.18 23.68
C ARG D 445 49.68 10.99 23.91
N THR D 446 48.79 10.50 24.78
CA THR D 446 47.57 11.24 25.09
C THR D 446 47.89 12.55 25.78
N LEU D 447 48.83 12.53 26.73
CA LEU D 447 49.19 13.75 27.45
C LEU D 447 49.76 14.81 26.52
N ALA D 448 50.49 14.39 25.49
CA ALA D 448 50.96 15.35 24.50
C ALA D 448 49.84 15.81 23.58
N GLU D 449 48.94 14.91 23.21
CA GLU D 449 47.86 15.27 22.30
C GLU D 449 46.95 16.32 22.92
N ASN D 450 46.60 16.16 24.20
CA ASN D 450 45.77 17.16 24.86
C ASN D 450 46.52 18.48 25.04
N ALA D 451 47.85 18.45 25.08
CA ALA D 451 48.63 19.67 25.20
C ALA D 451 48.75 20.45 23.90
N GLY D 452 48.37 19.85 22.77
CA GLY D 452 48.45 20.48 21.47
C GLY D 452 49.65 20.06 20.64
N LEU D 453 50.68 19.49 21.25
CA LEU D 453 51.82 19.02 20.49
C LEU D 453 51.45 17.82 19.63
N ASP D 454 52.25 17.59 18.60
CA ASP D 454 52.04 16.41 17.78
C ASP D 454 52.45 15.16 18.57
N PRO D 455 51.66 14.08 18.52
CA PRO D 455 51.96 12.98 19.44
C PRO D 455 53.19 12.19 19.06
N ILE D 456 53.35 11.86 17.78
CA ILE D 456 54.43 10.95 17.39
C ILE D 456 55.78 11.63 17.55
N ASP D 457 55.88 12.90 17.17
CA ASP D 457 57.17 13.59 17.23
C ASP D 457 57.66 13.71 18.67
N THR D 458 56.81 14.18 19.57
CA THR D 458 57.23 14.31 20.96
C THR D 458 57.41 12.94 21.62
N LEU D 459 56.66 11.92 21.18
CA LEU D 459 56.88 10.59 21.71
C LEU D 459 58.26 10.08 21.33
N VAL D 460 58.66 10.29 20.07
CA VAL D 460 59.98 9.88 19.62
C VAL D 460 61.05 10.67 20.34
N GLN D 461 60.80 11.96 20.59
CA GLN D 461 61.76 12.77 21.32
C GLN D 461 61.94 12.25 22.74
N LEU D 462 60.84 11.87 23.40
CA LEU D 462 60.95 11.30 24.73
C LEU D 462 61.73 9.99 24.72
N ARG D 463 61.47 9.14 23.74
CA ARG D 463 62.20 7.88 23.66
C ARG D 463 63.69 8.11 23.44
N ALA D 464 64.02 9.04 22.54
CA ALA D 464 65.42 9.37 22.30
C ALA D 464 66.08 9.93 23.54
N ALA D 465 65.37 10.80 24.27
CA ALA D 465 65.92 11.35 25.50
C ALA D 465 66.21 10.24 26.51
N HIS D 466 65.22 9.38 26.76
CA HIS D 466 65.39 8.32 27.74
C HIS D 466 66.47 7.33 27.31
N GLU D 467 66.73 7.19 26.01
CA GLU D 467 67.85 6.37 25.57
C GLU D 467 69.20 7.00 25.90
N GLU D 468 69.24 8.29 26.24
CA GLU D 468 70.48 8.95 26.63
C GLU D 468 70.83 8.78 28.10
N GLY D 469 69.99 8.09 28.89
CA GLY D 469 70.28 7.78 30.26
C GLY D 469 69.53 8.61 31.28
N ASP D 470 69.16 9.85 30.95
CA ASP D 470 68.37 10.64 31.87
C ASP D 470 66.96 10.07 31.99
N LYS D 471 66.36 10.25 33.17
CA LYS D 471 65.12 9.59 33.53
C LYS D 471 63.99 10.54 33.92
N ASN D 472 64.21 11.86 33.87
CA ASN D 472 63.23 12.84 34.32
C ASN D 472 62.65 13.68 33.19
N ILE D 473 63.07 13.47 31.95
CA ILE D 473 62.54 14.26 30.84
C ILE D 473 61.15 13.76 30.51
N GLY D 474 60.19 14.67 30.45
CA GLY D 474 58.80 14.34 30.21
C GLY D 474 58.13 15.41 29.35
N ILE D 475 56.82 15.58 29.58
CA ILE D 475 56.01 16.59 28.92
C ILE D 475 55.43 17.49 29.99
N ASP D 476 55.56 18.80 29.80
CA ASP D 476 55.00 19.81 30.68
C ASP D 476 54.00 20.56 29.80
N CYS D 477 52.71 20.38 30.08
CA CYS D 477 51.68 20.97 29.23
C CYS D 477 51.47 22.46 29.50
N LEU D 478 51.91 22.98 30.65
CA LEU D 478 51.81 24.41 30.88
C LEU D 478 52.70 25.18 29.92
N THR D 479 53.97 24.80 29.85
CA THR D 479 54.90 25.42 28.90
C THR D 479 54.74 24.89 27.49
N GLY D 480 54.04 23.77 27.32
CA GLY D 480 53.81 23.24 25.98
C GLY D 480 55.08 22.83 25.27
N GLU D 481 56.01 22.21 25.99
CA GLU D 481 57.25 21.70 25.42
C GLU D 481 57.58 20.38 26.09
N VAL D 482 58.77 19.86 25.80
CA VAL D 482 59.36 18.75 26.53
C VAL D 482 60.53 19.30 27.34
N ALA D 483 60.55 19.00 28.64
CA ALA D 483 61.56 19.54 29.52
C ALA D 483 61.76 18.57 30.68
N ASP D 484 62.74 18.88 31.52
CA ASP D 484 63.02 18.06 32.68
C ASP D 484 61.95 18.30 33.73
N MET D 485 61.28 17.23 34.15
CA MET D 485 60.13 17.39 35.04
C MET D 485 60.54 17.81 36.44
N LEU D 486 61.70 17.36 36.92
CA LEU D 486 62.10 17.67 38.29
C LEU D 486 62.34 19.16 38.47
N GLU D 487 62.93 19.82 37.48
CA GLU D 487 63.11 21.27 37.56
C GLU D 487 61.83 22.02 37.21
N ALA D 488 60.86 21.38 36.58
CA ALA D 488 59.58 21.99 36.26
C ALA D 488 58.52 21.78 37.33
N GLY D 489 58.84 21.09 38.41
CA GLY D 489 57.85 20.85 39.46
C GLY D 489 56.68 20.03 39.00
N VAL D 490 56.93 18.94 38.27
CA VAL D 490 55.89 18.05 37.77
C VAL D 490 56.23 16.66 38.28
N ILE D 491 55.66 16.29 39.43
CA ILE D 491 55.99 15.03 40.09
C ILE D 491 54.74 14.54 40.84
N ASP D 492 54.42 13.27 40.65
CA ASP D 492 53.18 12.62 41.05
C ASP D 492 53.53 11.34 41.84
N PRO D 493 52.98 11.12 43.04
CA PRO D 493 53.58 10.12 43.93
C PRO D 493 53.54 8.71 43.38
N ALA D 494 54.55 7.92 43.76
CA ALA D 494 54.79 6.62 43.14
C ALA D 494 53.63 5.67 43.34
N ALA D 495 53.04 5.66 44.55
CA ALA D 495 51.96 4.73 44.84
C ALA D 495 50.77 4.96 43.91
N VAL D 496 50.54 6.21 43.50
CA VAL D 496 49.42 6.49 42.59
C VAL D 496 49.65 5.79 41.25
N LYS D 497 50.85 5.89 40.71
CA LYS D 497 51.15 5.23 39.44
C LYS D 497 51.15 3.71 39.59
N LYS D 498 51.66 3.21 40.72
CA LYS D 498 51.61 1.77 40.97
C LYS D 498 50.19 1.26 40.93
N GLN D 499 49.28 1.92 41.66
CA GLN D 499 47.90 1.50 41.66
C GLN D 499 47.24 1.72 40.30
N ALA D 500 47.66 2.75 39.56
CA ALA D 500 47.13 2.95 38.21
C ALA D 500 47.45 1.76 37.32
N ILE D 501 48.72 1.35 37.32
CA ILE D 501 49.14 0.20 36.52
C ILE D 501 48.39 -1.05 36.97
N LYS D 502 48.28 -1.25 38.28
CA LYS D 502 47.63 -2.45 38.80
C LYS D 502 46.16 -2.51 38.38
N SER D 503 45.44 -1.40 38.57
CA SER D 503 44.02 -1.39 38.22
C SER D 503 43.83 -1.56 36.72
N ALA D 504 44.69 -0.93 35.91
CA ALA D 504 44.58 -1.10 34.47
C ALA D 504 44.80 -2.56 34.07
N THR D 505 45.77 -3.21 34.72
CA THR D 505 46.05 -4.62 34.43
C THR D 505 44.85 -5.49 34.77
N GLU D 506 44.30 -5.34 35.98
CA GLU D 506 43.15 -6.14 36.37
C GLU D 506 41.96 -5.89 35.45
N ALA D 507 41.73 -4.62 35.08
CA ALA D 507 40.61 -4.31 34.19
C ALA D 507 40.77 -4.99 32.85
N ALA D 508 41.95 -4.83 32.23
CA ALA D 508 42.19 -5.41 30.92
C ALA D 508 42.10 -6.93 30.98
N THR D 509 42.69 -7.53 32.01
CA THR D 509 42.67 -8.99 32.13
C THR D 509 41.26 -9.52 32.29
N MET D 510 40.50 -8.98 33.23
CA MET D 510 39.18 -9.54 33.50
C MET D 510 38.15 -9.10 32.47
N ILE D 511 38.48 -8.14 31.60
CA ILE D 511 37.64 -7.90 30.43
C ILE D 511 38.02 -8.85 29.30
N LEU D 512 39.29 -9.23 29.21
CA LEU D 512 39.70 -10.21 28.20
C LEU D 512 39.17 -11.60 28.54
N ARG D 513 39.07 -11.93 29.82
CA ARG D 513 38.72 -13.29 30.23
C ARG D 513 37.28 -13.65 29.93
N ILE D 514 36.44 -12.69 29.55
CA ILE D 514 35.04 -12.97 29.25
C ILE D 514 34.94 -13.50 27.82
N ASP D 515 33.93 -14.33 27.58
CA ASP D 515 33.67 -14.90 26.26
C ASP D 515 32.39 -14.38 25.64
N ASP D 516 31.26 -14.54 26.33
CA ASP D 516 29.97 -14.23 25.72
C ASP D 516 28.97 -13.78 26.78
N ILE D 517 27.99 -13.00 26.32
CA ILE D 517 26.91 -12.47 27.14
C ILE D 517 25.77 -13.48 27.11
N ILE D 518 25.21 -13.78 28.29
CA ILE D 518 24.08 -14.70 28.41
C ILE D 518 23.02 -14.05 29.29
N PRO D 519 21.73 -14.33 29.09
CA PRO D 519 20.72 -13.72 29.99
C PRO D 519 20.71 -14.45 31.32
N ALA D 520 20.64 -13.67 32.40
CA ALA D 520 20.71 -14.21 33.76
C ALA D 520 19.36 -14.12 34.44
N LYS D 521 19.03 -15.15 35.22
CA LYS D 521 17.82 -15.13 36.02
C LYS D 521 17.91 -14.01 37.05
N ALA D 522 16.88 -13.18 37.11
CA ALA D 522 16.87 -12.10 38.08
C ALA D 522 16.53 -12.65 39.46
N PRO D 523 17.13 -12.14 40.55
CA PRO D 523 16.74 -12.63 41.88
C PRO D 523 15.36 -12.11 42.26
N THR D 524 14.46 -13.02 42.61
CA THR D 524 13.11 -12.65 43.00
C THR D 524 13.08 -12.08 44.41
N ASP E 19 12.16 -33.54 13.95
CA ASP E 19 13.21 -34.24 14.75
C ASP E 19 13.40 -33.55 16.10
N ALA E 20 12.42 -33.74 16.99
CA ALA E 20 12.49 -33.12 18.31
C ALA E 20 13.67 -33.65 19.11
N ARG E 21 14.07 -34.89 18.88
CA ARG E 21 15.27 -35.40 19.54
C ARG E 21 16.49 -34.64 19.06
N LYS E 22 16.58 -34.37 17.76
CA LYS E 22 17.67 -33.55 17.24
C LYS E 22 17.64 -32.16 17.84
N ASN E 23 16.43 -31.61 18.03
CA ASN E 23 16.30 -30.29 18.64
C ASN E 23 16.81 -30.29 20.09
N ASN E 24 16.43 -31.30 20.87
CA ASN E 24 16.90 -31.38 22.24
C ASN E 24 18.41 -31.59 22.29
N ILE E 25 18.94 -32.42 21.39
CA ILE E 25 20.38 -32.63 21.32
C ILE E 25 21.08 -31.32 20.99
N ALA E 26 20.48 -30.52 20.11
CA ALA E 26 21.07 -29.22 19.77
C ALA E 26 21.08 -28.29 20.97
N ALA E 27 20.01 -28.28 21.75
CA ALA E 27 19.97 -27.43 22.93
C ALA E 27 21.03 -27.85 23.95
N ALA E 28 21.13 -29.16 24.20
CA ALA E 28 22.17 -29.66 25.10
C ALA E 28 23.55 -29.36 24.56
N ARG E 29 23.71 -29.32 23.24
CA ARG E 29 25.06 -29.11 22.70
C ARG E 29 25.33 -27.60 22.76
N ALA E 30 24.31 -26.73 22.75
CA ALA E 30 24.55 -25.31 22.97
C ALA E 30 25.02 -25.05 24.39
N ILE E 31 24.34 -25.67 25.36
CA ILE E 31 24.77 -25.47 26.76
C ILE E 31 26.15 -26.07 26.99
N ALA E 32 26.39 -27.26 26.43
CA ALA E 32 27.69 -27.90 26.61
C ALA E 32 28.80 -27.04 26.03
N ASP E 33 28.60 -26.49 24.84
CA ASP E 33 29.62 -25.64 24.23
C ASP E 33 29.78 -24.32 24.97
N MET E 34 28.70 -23.79 25.54
CA MET E 34 28.80 -22.56 26.32
C MET E 34 29.66 -22.79 27.56
N VAL E 35 29.40 -23.86 28.30
CA VAL E 35 30.16 -24.17 29.51
C VAL E 35 31.50 -24.86 29.20
N LYS E 36 31.74 -25.20 27.93
CA LYS E 36 32.99 -25.86 27.54
C LYS E 36 34.19 -24.98 27.84
N THR E 37 34.07 -23.68 27.57
CA THR E 37 35.20 -22.77 27.65
C THR E 37 35.70 -22.52 29.06
N THR E 38 34.95 -22.93 30.09
CA THR E 38 35.28 -22.63 31.48
C THR E 38 35.79 -23.86 32.24
N LEU E 39 36.36 -24.83 31.54
CA LEU E 39 36.88 -26.06 32.15
C LEU E 39 38.40 -25.94 32.20
N GLY E 40 38.93 -25.69 33.39
CA GLY E 40 40.36 -25.72 33.62
C GLY E 40 40.87 -24.55 34.45
N PRO E 41 42.18 -24.53 34.72
CA PRO E 41 42.77 -23.37 35.40
C PRO E 41 42.53 -22.08 34.65
N ARG E 42 42.63 -22.13 33.33
CA ARG E 42 42.48 -20.96 32.46
C ARG E 42 41.08 -20.88 31.87
N GLY E 43 40.07 -21.25 32.66
CA GLY E 43 38.70 -21.13 32.21
C GLY E 43 38.34 -19.69 31.93
N MET E 44 38.13 -19.36 30.67
CA MET E 44 37.63 -18.04 30.32
C MET E 44 36.28 -17.82 30.98
N ASN E 45 36.22 -16.84 31.88
CA ASN E 45 35.04 -16.62 32.68
C ASN E 45 33.85 -16.23 31.81
N LYS E 46 32.65 -16.30 32.40
CA LYS E 46 31.40 -15.94 31.75
C LYS E 46 30.80 -14.76 32.50
N MET E 47 29.95 -14.01 31.78
CA MET E 47 29.30 -12.82 32.31
C MET E 47 27.79 -13.03 32.27
N LEU E 48 27.17 -13.03 33.44
CA LEU E 48 25.72 -13.20 33.57
C LEU E 48 25.09 -11.82 33.75
N VAL E 49 24.22 -11.43 32.81
CA VAL E 49 23.50 -10.17 32.87
C VAL E 49 22.01 -10.48 32.91
N ASN E 50 21.28 -9.76 33.75
CA ASN E 50 19.84 -9.92 33.92
C ASN E 50 19.15 -8.63 33.50
N SER E 51 17.82 -8.72 33.36
CA SER E 51 17.05 -7.54 32.97
C SER E 51 17.18 -6.43 33.99
N LEU E 52 17.41 -6.77 35.26
CA LEU E 52 17.67 -5.75 36.27
C LEU E 52 19.02 -5.06 36.08
N GLY E 53 19.92 -5.62 35.28
CA GLY E 53 21.21 -5.03 35.00
C GLY E 53 22.32 -5.45 35.93
N ASP E 54 22.03 -6.22 36.98
CA ASP E 54 23.08 -6.69 37.88
C ASP E 54 23.95 -7.67 37.11
N VAL E 55 25.26 -7.58 37.34
CA VAL E 55 26.26 -8.39 36.63
C VAL E 55 27.17 -9.04 37.67
N THR E 56 27.41 -10.33 37.52
CA THR E 56 28.39 -11.06 38.31
C THR E 56 29.25 -11.89 37.37
N ILE E 57 30.56 -11.87 37.60
CA ILE E 57 31.51 -12.62 36.80
C ILE E 57 31.85 -13.91 37.55
N THR E 58 31.65 -15.05 36.90
CA THR E 58 31.98 -16.34 37.47
C THR E 58 32.60 -17.22 36.40
N ASN E 59 33.28 -18.27 36.86
CA ASN E 59 33.76 -19.32 35.97
C ASN E 59 33.40 -20.72 36.44
N ASP E 60 33.08 -20.92 37.71
CA ASP E 60 32.64 -22.24 38.18
C ASP E 60 31.31 -22.58 37.53
N GLY E 61 31.23 -23.78 36.94
CA GLY E 61 30.08 -24.15 36.15
C GLY E 61 28.77 -24.15 36.90
N ALA E 62 28.81 -24.31 38.22
CA ALA E 62 27.57 -24.42 38.99
C ALA E 62 26.73 -23.16 38.88
N THR E 63 27.37 -21.99 39.04
CA THR E 63 26.65 -20.73 38.88
C THR E 63 26.11 -20.60 37.46
N ILE E 64 26.92 -20.98 36.47
CA ILE E 64 26.56 -20.74 35.07
C ILE E 64 25.33 -21.57 34.72
N LEU E 65 25.24 -22.78 35.27
CA LEU E 65 24.05 -23.58 35.12
C LEU E 65 22.92 -23.14 36.05
N GLU E 66 23.23 -22.46 37.15
CA GLU E 66 22.20 -22.10 38.11
C GLU E 66 21.35 -20.93 37.62
N GLU E 67 21.97 -19.75 37.43
CA GLU E 67 21.23 -18.54 37.10
C GLU E 67 21.37 -18.14 35.63
N MET E 68 21.30 -19.11 34.72
CA MET E 68 21.08 -18.84 33.31
C MET E 68 19.61 -19.04 32.95
N ASP E 69 19.17 -18.34 31.91
CA ASP E 69 17.82 -18.50 31.40
C ASP E 69 17.76 -19.60 30.37
N ILE E 70 16.80 -20.51 30.53
CA ILE E 70 16.61 -21.63 29.63
C ILE E 70 15.11 -21.82 29.40
N GLU E 71 14.63 -21.41 28.22
CA GLU E 71 13.26 -21.74 27.82
C GLU E 71 13.15 -23.19 27.37
N HIS E 72 14.24 -23.76 26.89
CA HIS E 72 14.20 -25.10 26.31
C HIS E 72 14.08 -26.14 27.43
N PRO E 73 13.09 -27.05 27.39
CA PRO E 73 12.91 -27.95 28.55
C PRO E 73 13.98 -29.03 28.65
N ALA E 74 14.42 -29.56 27.50
CA ALA E 74 15.50 -30.53 27.50
C ALA E 74 16.75 -29.93 28.12
N ALA E 75 17.02 -28.67 27.84
CA ALA E 75 18.05 -27.94 28.57
C ALA E 75 17.70 -27.83 30.05
N LYS E 76 16.43 -27.59 30.36
CA LYS E 76 16.01 -27.40 31.73
C LYS E 76 16.26 -28.63 32.59
N MET E 77 16.36 -29.82 31.98
CA MET E 77 16.76 -30.99 32.76
C MET E 77 18.22 -30.87 33.24
N LEU E 78 19.09 -30.25 32.44
CA LEU E 78 20.49 -30.15 32.85
C LEU E 78 20.64 -29.34 34.12
N LYS E 79 19.69 -28.44 34.42
CA LYS E 79 19.63 -27.85 35.75
C LYS E 79 19.61 -28.93 36.83
N GLU E 80 18.72 -29.90 36.66
CA GLU E 80 18.55 -30.93 37.68
C GLU E 80 19.80 -31.81 37.73
N VAL E 81 20.39 -32.09 36.57
CA VAL E 81 21.63 -32.87 36.53
C VAL E 81 22.73 -32.15 37.31
N ALA E 82 22.89 -30.85 37.07
CA ALA E 82 23.92 -30.09 37.78
C ALA E 82 23.62 -30.03 39.27
N LYS E 83 22.34 -29.91 39.63
CA LYS E 83 21.98 -29.85 41.05
C LYS E 83 22.33 -31.16 41.73
N ALA E 84 22.04 -32.29 41.09
CA ALA E 84 22.39 -33.59 41.67
C ALA E 84 23.89 -33.73 41.81
N GLN E 85 24.64 -33.29 40.79
CA GLN E 85 26.10 -33.34 40.87
C GLN E 85 26.60 -32.53 42.05
N GLU E 86 26.10 -31.31 42.20
CA GLU E 86 26.51 -30.47 43.31
C GLU E 86 26.13 -31.08 44.65
N GLU E 87 24.95 -31.69 44.72
CA GLU E 87 24.46 -32.24 45.98
C GLU E 87 25.34 -33.40 46.44
N GLU E 88 25.69 -34.32 45.54
CA GLU E 88 26.42 -35.48 46.00
C GLU E 88 27.90 -35.10 46.14
N ALA E 89 28.49 -34.60 45.05
CA ALA E 89 29.92 -34.28 45.02
C ALA E 89 30.21 -32.85 45.43
N GLY E 90 29.52 -31.88 44.81
CA GLY E 90 29.83 -30.48 44.99
C GLY E 90 30.89 -29.95 44.06
N ASP E 91 31.53 -30.81 43.26
CA ASP E 91 32.50 -30.40 42.26
C ASP E 91 32.28 -31.29 41.04
N GLY E 92 32.64 -30.80 39.87
CA GLY E 92 32.58 -31.58 38.66
C GLY E 92 31.35 -31.33 37.81
N THR E 93 30.64 -30.23 38.06
CA THR E 93 29.47 -29.92 37.23
C THR E 93 29.88 -29.58 35.81
N THR E 94 30.96 -28.82 35.64
CA THR E 94 31.41 -28.47 34.30
C THR E 94 31.94 -29.71 33.57
N THR E 95 32.62 -30.60 34.28
CA THR E 95 33.07 -31.85 33.69
C THR E 95 31.87 -32.69 33.26
N ALA E 96 30.84 -32.74 34.12
CA ALA E 96 29.66 -33.53 33.79
C ALA E 96 28.96 -32.99 32.56
N VAL E 97 28.81 -31.66 32.46
CA VAL E 97 28.09 -31.09 31.33
C VAL E 97 28.89 -31.26 30.04
N VAL E 98 30.20 -31.07 30.11
CA VAL E 98 31.00 -31.24 28.90
C VAL E 98 31.02 -32.70 28.46
N LEU E 99 31.07 -33.63 29.42
CA LEU E 99 31.00 -35.04 29.08
C LEU E 99 29.66 -35.38 28.44
N ALA E 100 28.57 -34.81 28.97
CA ALA E 100 27.27 -35.03 28.37
C ALA E 100 27.23 -34.48 26.95
N GLY E 101 27.85 -33.31 26.74
CA GLY E 101 27.88 -32.75 25.40
C GLY E 101 28.61 -33.64 24.41
N ALA E 102 29.78 -34.14 24.80
CA ALA E 102 30.53 -35.02 23.92
C ALA E 102 29.79 -36.35 23.70
N LEU E 103 29.14 -36.86 24.75
CA LEU E 103 28.39 -38.09 24.62
C LEU E 103 27.25 -37.93 23.64
N LEU E 104 26.54 -36.81 23.69
CA LEU E 104 25.45 -36.59 22.75
C LEU E 104 25.98 -36.29 21.35
N GLU E 105 27.17 -35.69 21.24
CA GLU E 105 27.82 -35.57 19.94
C GLU E 105 28.00 -36.94 19.28
N GLU E 106 28.66 -37.86 20.01
CA GLU E 106 28.89 -39.17 19.41
C GLU E 106 27.59 -39.95 19.26
N ALA E 107 26.63 -39.76 20.15
CA ALA E 107 25.33 -40.42 19.98
C ALA E 107 24.64 -39.95 18.72
N GLU E 108 24.67 -38.65 18.46
CA GLU E 108 24.04 -38.11 17.25
C GLU E 108 24.70 -38.67 16.01
N LYS E 109 26.04 -38.70 15.99
CA LYS E 109 26.70 -39.30 14.84
C LYS E 109 26.41 -40.79 14.72
N LEU E 110 26.15 -41.46 15.83
CA LEU E 110 25.77 -42.87 15.72
C LEU E 110 24.37 -43.02 15.15
N ILE E 111 23.46 -42.09 15.45
CA ILE E 111 22.12 -42.19 14.90
C ILE E 111 22.09 -41.82 13.42
N GLU E 112 22.95 -40.91 12.96
CA GLU E 112 23.01 -40.69 11.51
C GLU E 112 23.50 -41.94 10.78
N GLN E 113 24.42 -42.70 11.39
CA GLN E 113 24.84 -43.94 10.76
C GLN E 113 23.67 -44.91 10.60
N GLY E 114 22.85 -45.05 11.64
CA GLY E 114 21.65 -45.85 11.58
C GLY E 114 21.36 -46.69 12.81
N ILE E 115 22.25 -46.67 13.80
CA ILE E 115 22.03 -47.45 15.01
C ILE E 115 20.81 -46.92 15.74
N HIS E 116 20.00 -47.83 16.26
CA HIS E 116 18.82 -47.43 17.01
C HIS E 116 19.23 -46.76 18.32
N PRO E 117 18.44 -45.81 18.83
CA PRO E 117 18.82 -45.17 20.11
C PRO E 117 18.96 -46.13 21.28
N THR E 118 18.09 -47.14 21.37
CA THR E 118 18.14 -48.05 22.51
C THR E 118 19.46 -48.81 22.55
N THR E 119 19.99 -49.16 21.39
CA THR E 119 21.30 -49.80 21.34
C THR E 119 22.37 -48.87 21.88
N ILE E 120 22.29 -47.59 21.55
CA ILE E 120 23.23 -46.61 22.09
C ILE E 120 23.12 -46.55 23.60
N ILE E 121 21.89 -46.57 24.12
CA ILE E 121 21.71 -46.51 25.56
C ILE E 121 22.34 -47.73 26.23
N LYS E 122 22.09 -48.91 25.69
CA LYS E 122 22.67 -50.12 26.28
C LYS E 122 24.19 -50.10 26.23
N GLY E 123 24.74 -49.68 25.09
CA GLY E 123 26.19 -49.59 24.97
C GLY E 123 26.78 -48.60 25.95
N TYR E 124 26.13 -47.44 26.12
CA TYR E 124 26.62 -46.45 27.07
C TYR E 124 26.55 -46.98 28.49
N ARG E 125 25.49 -47.71 28.83
CA ARG E 125 25.39 -48.30 30.16
C ARG E 125 26.55 -49.23 30.43
N LYS E 126 26.82 -50.15 29.49
CA LYS E 126 27.93 -51.09 29.70
C LYS E 126 29.26 -50.35 29.74
N ALA E 127 29.44 -49.37 28.85
CA ALA E 127 30.68 -48.59 28.82
C ALA E 127 30.91 -47.90 30.15
N VAL E 128 29.84 -47.40 30.77
CA VAL E 128 30.01 -46.60 31.97
C VAL E 128 30.18 -47.48 33.19
N ASP E 129 29.56 -48.66 33.21
CA ASP E 129 29.88 -49.62 34.25
C ASP E 129 31.37 -49.97 34.22
N LYS E 130 31.87 -50.30 33.04
CA LYS E 130 33.30 -50.60 32.95
C LYS E 130 34.15 -49.37 33.22
N ALA E 131 33.64 -48.17 32.89
CA ALA E 131 34.40 -46.96 33.15
C ALA E 131 34.58 -46.73 34.64
N LEU E 132 33.51 -46.90 35.41
CA LEU E 132 33.63 -46.77 36.86
C LEU E 132 34.56 -47.84 37.42
N GLU E 133 34.48 -49.07 36.90
CA GLU E 133 35.41 -50.10 37.37
C GLU E 133 36.86 -49.72 37.06
N VAL E 134 37.12 -49.25 35.84
CA VAL E 134 38.47 -48.87 35.44
C VAL E 134 38.99 -47.74 36.31
N LEU E 135 38.15 -46.73 36.55
CA LEU E 135 38.55 -45.64 37.42
C LEU E 135 38.83 -46.11 38.83
N GLU E 136 38.10 -47.14 39.29
CA GLU E 136 38.42 -47.72 40.60
C GLU E 136 39.82 -48.34 40.59
N GLU E 137 40.17 -49.05 39.51
CA GLU E 137 41.49 -49.69 39.52
C GLU E 137 42.61 -48.66 39.42
N VAL E 138 42.48 -47.70 38.51
CA VAL E 138 43.61 -46.83 38.18
C VAL E 138 43.91 -45.86 39.32
N ALA E 139 42.93 -45.56 40.17
CA ALA E 139 43.12 -44.53 41.19
C ALA E 139 44.20 -44.93 42.19
N ILE E 140 45.06 -43.97 42.52
CA ILE E 140 46.17 -44.18 43.45
C ILE E 140 45.67 -43.81 44.85
N PRO E 141 45.96 -44.58 45.90
CA PRO E 141 45.41 -44.25 47.22
C PRO E 141 46.24 -43.22 47.96
N VAL E 142 45.61 -42.60 48.95
CA VAL E 142 46.22 -41.54 49.75
C VAL E 142 45.86 -41.76 51.21
N ASP E 143 46.85 -41.59 52.10
CA ASP E 143 46.60 -41.55 53.53
C ASP E 143 46.24 -40.12 53.94
N PRO E 144 45.63 -39.94 55.10
CA PRO E 144 45.28 -38.58 55.55
C PRO E 144 46.39 -37.81 56.24
N ASP E 145 47.63 -38.30 56.18
CA ASP E 145 48.77 -37.66 56.83
C ASP E 145 49.86 -37.20 55.86
N ASP E 146 49.74 -37.51 54.57
CA ASP E 146 50.73 -37.07 53.58
C ASP E 146 50.38 -35.64 53.19
N GLU E 147 51.04 -34.68 53.85
CA GLU E 147 50.64 -33.27 53.74
C GLU E 147 50.75 -32.75 52.31
N GLU E 148 51.81 -33.15 51.60
CA GLU E 148 52.00 -32.66 50.23
C GLU E 148 50.87 -33.12 49.31
N THR E 149 50.41 -34.36 49.47
CA THR E 149 49.33 -34.86 48.63
C THR E 149 48.03 -34.11 48.90
N LEU E 150 47.71 -33.84 50.17
CA LEU E 150 46.51 -33.05 50.47
C LEU E 150 46.63 -31.65 49.90
N LYS E 151 47.82 -31.05 49.99
CA LYS E 151 48.02 -29.73 49.41
C LYS E 151 47.82 -29.75 47.90
N ALA E 152 48.31 -30.81 47.25
CA ALA E 152 48.15 -30.92 45.81
C ALA E 152 46.67 -31.05 45.43
N VAL E 153 45.92 -31.87 46.18
CA VAL E 153 44.50 -32.00 45.92
C VAL E 153 43.79 -30.66 46.11
N ALA E 154 44.14 -29.95 47.19
CA ALA E 154 43.51 -28.67 47.48
C ALA E 154 43.82 -27.65 46.40
N ARG E 155 45.04 -27.68 45.87
CA ARG E 155 45.41 -26.74 44.82
C ARG E 155 44.71 -27.09 43.51
N THR E 156 44.60 -28.37 43.20
CA THR E 156 43.94 -28.79 41.97
C THR E 156 42.46 -28.41 41.99
N ALA E 157 41.80 -28.58 43.13
CA ALA E 157 40.40 -28.20 43.22
C ALA E 157 40.25 -26.68 43.27
N MET E 158 41.08 -26.02 44.08
CA MET E 158 41.09 -24.57 44.17
C MET E 158 41.36 -23.92 42.83
N THR E 159 42.03 -24.64 41.92
CA THR E 159 42.29 -24.19 40.57
C THR E 159 40.99 -23.72 39.89
N GLY E 160 41.15 -22.75 39.00
CA GLY E 160 40.08 -22.29 38.15
C GLY E 160 39.63 -20.88 38.43
N LYS E 161 39.57 -20.51 39.71
CA LYS E 161 38.85 -19.32 40.13
C LYS E 161 39.72 -18.37 40.96
N ALA E 162 40.57 -18.89 41.82
CA ALA E 162 41.45 -18.03 42.60
C ALA E 162 42.56 -17.45 41.72
N SER E 163 43.03 -16.26 42.09
CA SER E 163 44.11 -15.62 41.35
C SER E 163 45.38 -16.43 41.50
N GLU E 164 46.26 -16.31 40.50
CA GLU E 164 47.49 -17.08 40.47
C GLU E 164 48.40 -16.78 41.65
N GLU E 165 48.35 -15.55 42.18
CA GLU E 165 49.31 -15.14 43.20
C GLU E 165 49.07 -15.88 44.52
N ASN E 166 47.81 -15.95 44.96
CA ASN E 166 47.47 -16.39 46.31
C ASN E 166 47.12 -17.87 46.37
N ARG E 167 47.58 -18.66 45.41
CA ARG E 167 47.23 -20.08 45.38
C ARG E 167 47.85 -20.82 46.56
N GLU E 168 49.16 -20.62 46.76
CA GLU E 168 49.85 -21.27 47.88
C GLU E 168 49.24 -20.86 49.20
N GLU E 169 48.93 -19.57 49.35
CA GLU E 169 48.41 -19.06 50.62
C GLU E 169 47.06 -19.71 50.94
N ILE E 170 46.13 -19.68 49.98
CA ILE E 170 44.79 -20.17 50.27
C ILE E 170 44.82 -21.69 50.45
N ALA E 171 45.67 -22.39 49.69
CA ALA E 171 45.79 -23.83 49.90
C ALA E 171 46.34 -24.16 51.28
N ASP E 172 47.35 -23.40 51.72
CA ASP E 172 47.91 -23.61 53.05
C ASP E 172 46.86 -23.37 54.12
N LEU E 173 46.08 -22.29 53.98
CA LEU E 173 45.03 -22.01 54.95
C LEU E 173 43.95 -23.09 54.91
N VAL E 174 43.67 -23.64 53.72
CA VAL E 174 42.66 -24.69 53.59
C VAL E 174 43.09 -25.92 54.38
N VAL E 175 44.32 -26.39 54.15
CA VAL E 175 44.75 -27.60 54.85
C VAL E 175 44.90 -27.33 56.34
N GLU E 176 45.35 -26.12 56.70
CA GLU E 176 45.49 -25.78 58.11
C GLU E 176 44.14 -25.82 58.82
N ALA E 177 43.11 -25.23 58.19
CA ALA E 177 41.78 -25.23 58.80
C ALA E 177 41.23 -26.65 58.86
N VAL E 178 41.46 -27.44 57.82
CA VAL E 178 40.93 -28.81 57.79
C VAL E 178 41.56 -29.63 58.91
N LEU E 179 42.87 -29.48 59.13
CA LEU E 179 43.52 -30.25 60.18
C LEU E 179 43.16 -29.73 61.57
N SER E 180 43.16 -28.41 61.76
CA SER E 180 42.95 -27.86 63.09
C SER E 180 41.51 -28.04 63.55
N LEU E 181 40.54 -27.86 62.66
CA LEU E 181 39.12 -28.10 62.95
C LEU E 181 38.72 -29.54 62.63
N ALA E 182 39.66 -30.47 62.68
CA ALA E 182 39.37 -31.87 62.38
C ALA E 182 38.60 -32.51 63.53
N GLU E 183 37.28 -32.49 63.45
CA GLU E 183 36.43 -33.11 64.46
C GLU E 183 36.37 -34.60 64.18
N ASP E 184 37.13 -35.38 64.94
CA ASP E 184 37.28 -36.81 64.68
C ASP E 184 35.99 -37.53 65.10
N GLY E 185 35.03 -37.50 64.19
CA GLY E 185 33.77 -38.20 64.39
C GLY E 185 33.83 -39.63 63.88
N GLY E 186 34.63 -40.46 64.53
CA GLY E 186 34.79 -41.84 64.09
C GLY E 186 35.44 -41.98 62.74
N GLY E 187 36.50 -41.23 62.47
CA GLY E 187 37.22 -41.27 61.21
C GLY E 187 36.72 -40.28 60.17
N LYS E 188 35.40 -40.17 60.03
CA LYS E 188 34.80 -39.25 59.07
C LYS E 188 34.75 -37.86 59.70
N TYR E 189 35.72 -37.02 59.35
CA TYR E 189 35.78 -35.68 59.94
C TYR E 189 34.67 -34.81 59.39
N ARG E 190 33.92 -34.16 60.28
CA ARG E 190 32.78 -33.34 59.91
C ARG E 190 33.26 -31.92 59.59
N VAL E 191 34.03 -31.82 58.50
CA VAL E 191 34.51 -30.53 58.02
C VAL E 191 33.43 -30.00 57.09
N ASP E 192 32.41 -29.37 57.68
CA ASP E 192 31.31 -28.81 56.92
C ASP E 192 31.69 -27.44 56.36
N LEU E 193 30.95 -27.03 55.34
CA LEU E 193 31.20 -25.73 54.72
C LEU E 193 30.90 -24.58 55.67
N ASP E 194 29.93 -24.76 56.57
CA ASP E 194 29.52 -23.74 57.53
C ASP E 194 30.22 -23.88 58.87
N ASN E 195 31.45 -24.42 58.89
CA ASN E 195 32.20 -24.66 60.11
C ASN E 195 33.47 -23.82 60.22
N ILE E 196 34.05 -23.39 59.10
CA ILE E 196 35.34 -22.72 59.09
C ILE E 196 35.11 -21.22 59.02
N LYS E 197 35.94 -20.47 59.75
CA LYS E 197 35.65 -19.08 60.10
C LYS E 197 36.30 -18.14 59.09
N ILE E 198 35.48 -17.49 58.26
CA ILE E 198 35.92 -16.39 57.41
C ILE E 198 34.85 -15.30 57.46
N GLU E 199 35.27 -14.06 57.24
CA GLU E 199 34.38 -12.91 57.14
C GLU E 199 34.58 -12.24 55.78
N LYS E 200 33.50 -11.62 55.27
CA LYS E 200 33.52 -10.95 53.98
C LYS E 200 33.71 -9.45 54.18
N GLN E 201 34.55 -8.85 53.35
CA GLN E 201 34.80 -7.41 53.40
C GLN E 201 35.56 -7.01 52.15
N THR E 202 35.21 -5.85 51.61
CA THR E 202 35.86 -5.36 50.40
C THR E 202 37.28 -4.89 50.70
N GLY E 203 38.16 -5.07 49.73
CA GLY E 203 39.54 -4.64 49.88
C GLY E 203 40.35 -5.58 50.76
N GLY E 204 41.46 -5.07 51.25
CA GLY E 204 42.35 -5.89 52.08
C GLY E 204 42.93 -7.03 51.29
N GLY E 205 42.81 -8.24 51.83
CA GLY E 205 43.34 -9.42 51.17
C GLY E 205 42.71 -10.67 51.73
N ALA E 206 43.19 -11.81 51.22
CA ALA E 206 42.70 -13.12 51.65
C ALA E 206 43.38 -13.62 52.92
N SER E 207 44.29 -12.84 53.52
CA SER E 207 45.02 -13.26 54.71
C SER E 207 44.18 -13.14 55.99
N ASP E 208 42.90 -12.80 55.90
CA ASP E 208 41.99 -12.78 57.04
C ASP E 208 41.17 -14.06 57.16
N THR E 209 41.49 -15.10 56.40
CA THR E 209 40.82 -16.40 56.50
C THR E 209 41.48 -17.20 57.62
N GLU E 210 41.27 -16.71 58.83
CA GLU E 210 41.84 -17.28 60.06
C GLU E 210 40.75 -17.87 60.93
N LEU E 211 41.16 -18.68 61.89
CA LEU E 211 40.23 -19.35 62.81
C LEU E 211 39.87 -18.38 63.93
N ILE E 212 38.77 -17.66 63.75
CA ILE E 212 38.20 -16.79 64.78
C ILE E 212 37.04 -17.56 65.40
N GLU E 213 37.20 -18.01 66.63
CA GLU E 213 36.30 -19.00 67.22
C GLU E 213 34.94 -18.38 67.53
N GLY E 214 34.18 -18.05 66.50
CA GLY E 214 32.86 -17.48 66.67
C GLY E 214 32.35 -16.89 65.38
N VAL E 215 31.02 -16.78 65.29
CA VAL E 215 30.37 -16.25 64.10
C VAL E 215 30.42 -14.72 64.17
N VAL E 216 31.04 -14.10 63.18
CA VAL E 216 31.20 -12.65 63.11
C VAL E 216 30.10 -12.08 62.23
N LEU E 217 29.40 -11.07 62.73
CA LEU E 217 28.30 -10.43 62.02
C LEU E 217 28.74 -9.10 61.44
N ASP E 218 28.37 -8.86 60.18
CA ASP E 218 28.70 -7.62 59.49
C ASP E 218 27.64 -6.55 59.78
N LYS E 219 27.58 -6.15 61.05
CA LYS E 219 26.66 -5.11 61.50
C LYS E 219 27.34 -4.29 62.60
N GLU E 220 27.05 -2.99 62.60
CA GLU E 220 27.64 -2.10 63.58
C GLU E 220 26.89 -2.17 64.91
N PRO E 221 27.52 -1.79 66.01
CA PRO E 221 26.77 -1.65 67.27
C PRO E 221 25.69 -0.58 67.15
N VAL E 222 24.55 -0.84 67.79
CA VAL E 222 23.43 0.11 67.70
C VAL E 222 23.75 1.38 68.47
N HIS E 223 24.41 1.26 69.62
CA HIS E 223 24.67 2.39 70.51
C HIS E 223 26.17 2.47 70.79
N GLU E 224 26.71 3.69 70.76
CA GLU E 224 28.14 3.88 70.90
C GLU E 224 28.62 3.42 72.28
N ASP E 225 27.96 3.88 73.34
CA ASP E 225 28.33 3.50 74.70
C ASP E 225 27.95 2.07 75.05
N MET E 226 27.38 1.31 74.13
CA MET E 226 27.20 -0.12 74.33
C MET E 226 28.58 -0.75 74.59
N PRO E 227 28.75 -1.57 75.66
CA PRO E 227 30.10 -2.09 75.95
C PRO E 227 30.64 -2.97 74.84
N LYS E 228 31.67 -2.47 74.14
CA LYS E 228 32.23 -3.20 73.01
C LYS E 228 32.97 -4.44 73.48
N LYS E 229 33.67 -4.36 74.60
CA LYS E 229 34.44 -5.47 75.17
C LYS E 229 33.67 -6.08 76.32
N LEU E 230 33.48 -7.40 76.27
CA LEU E 230 32.81 -8.14 77.34
C LEU E 230 33.42 -9.53 77.39
N GLU E 231 34.33 -9.74 78.33
CA GLU E 231 34.97 -11.04 78.51
C GLU E 231 34.04 -11.96 79.30
N ASN E 232 33.94 -13.22 78.86
CA ASN E 232 33.07 -14.21 79.48
C ASN E 232 31.63 -13.72 79.51
N ALA E 233 31.20 -13.05 78.44
CA ALA E 233 29.88 -12.45 78.40
C ALA E 233 28.79 -13.53 78.41
N LYS E 234 27.69 -13.21 79.07
CA LYS E 234 26.52 -14.08 79.10
C LYS E 234 25.71 -13.80 77.83
N VAL E 235 25.93 -14.63 76.82
CA VAL E 235 25.37 -14.39 75.49
C VAL E 235 23.99 -15.04 75.40
N ALA E 236 23.02 -14.27 74.91
CA ALA E 236 21.67 -14.74 74.64
C ALA E 236 21.37 -14.63 73.15
N VAL E 237 20.38 -15.40 72.71
CA VAL E 237 19.92 -15.38 71.33
C VAL E 237 18.40 -15.27 71.35
N LEU E 238 17.87 -14.24 70.70
CA LEU E 238 16.44 -13.96 70.64
C LEU E 238 16.01 -13.81 69.19
N ASP E 239 14.70 -13.88 68.97
CA ASP E 239 14.12 -13.71 67.64
C ASP E 239 12.87 -12.82 67.62
N ALA E 240 12.24 -12.54 68.76
CA ALA E 240 11.05 -11.71 68.75
C ALA E 240 11.42 -10.27 68.43
N PRO E 241 10.48 -9.49 67.87
CA PRO E 241 10.81 -8.10 67.50
C PRO E 241 10.88 -7.22 68.73
N ILE E 242 12.07 -6.72 69.04
CA ILE E 242 12.28 -5.85 70.19
C ILE E 242 11.92 -4.41 69.82
N ILE E 253 -4.75 2.35 69.87
CA ILE E 253 -4.82 2.94 71.20
C ILE E 253 -5.95 3.97 71.24
N SER E 254 -6.84 3.82 72.20
CA SER E 254 -7.97 4.72 72.40
C SER E 254 -7.65 5.68 73.54
N ILE E 255 -7.76 6.98 73.25
CA ILE E 255 -7.43 8.04 74.20
C ILE E 255 -8.71 8.78 74.59
N SER E 256 -8.92 8.94 75.89
CA SER E 256 -10.09 9.61 76.44
C SER E 256 -9.72 10.82 77.28
N SER E 257 -8.76 10.68 78.19
CA SER E 257 -8.34 11.71 79.13
C SER E 257 -7.07 12.38 78.65
N PRO E 258 -6.66 13.47 79.29
CA PRO E 258 -5.36 14.09 78.93
C PRO E 258 -4.19 13.15 79.08
N GLU E 259 -4.19 12.30 80.11
CA GLU E 259 -3.05 11.46 80.45
C GLU E 259 -3.27 9.99 80.12
N GLN E 260 -4.31 9.65 79.34
CA GLN E 260 -4.48 8.24 78.97
C GLN E 260 -3.38 7.79 78.03
N PHE E 261 -2.97 8.64 77.08
CA PHE E 261 -1.85 8.31 76.22
C PHE E 261 -0.56 8.16 77.03
N GLN E 262 -0.34 9.06 77.99
CA GLN E 262 0.85 8.96 78.83
C GLN E 262 0.81 7.71 79.68
N ALA E 263 -0.35 7.32 80.17
CA ALA E 263 -0.47 6.09 80.95
C ALA E 263 -0.23 4.87 80.08
N PHE E 264 -0.70 4.89 78.83
CA PHE E 264 -0.40 3.81 77.89
C PHE E 264 1.10 3.69 77.69
N LEU E 265 1.77 4.83 77.45
CA LEU E 265 3.22 4.81 77.29
C LEU E 265 3.91 4.30 78.56
N ASP E 266 3.42 4.72 79.72
CA ASP E 266 3.98 4.27 80.98
C ASP E 266 3.85 2.76 81.12
N GLN E 267 2.70 2.20 80.74
CA GLN E 267 2.50 0.76 80.84
C GLN E 267 3.39 0.00 79.85
N GLU E 268 3.53 0.52 78.63
CA GLU E 268 4.41 -0.16 77.67
C GLU E 268 5.85 -0.15 78.13
N GLU E 269 6.34 1.00 78.60
CA GLU E 269 7.71 1.01 79.11
C GLU E 269 7.84 0.17 80.37
N LYS E 270 6.79 0.11 81.21
CA LYS E 270 6.85 -0.71 82.42
C LYS E 270 6.99 -2.19 82.09
N GLN E 271 6.13 -2.71 81.21
CA GLN E 271 6.25 -4.10 80.83
C GLN E 271 7.57 -4.37 80.11
N LEU E 272 8.09 -3.37 79.38
CA LEU E 272 9.44 -3.49 78.85
C LEU E 272 10.46 -3.64 79.98
N ARG E 273 10.30 -2.86 81.06
CA ARG E 273 11.21 -2.99 82.20
C ARG E 273 11.11 -4.37 82.82
N GLU E 274 9.89 -4.89 82.99
CA GLU E 274 9.75 -6.21 83.60
C GLU E 274 10.39 -7.31 82.75
N MET E 275 10.16 -7.28 81.43
CA MET E 275 10.75 -8.34 80.61
C MET E 275 12.27 -8.22 80.57
N VAL E 276 12.80 -7.00 80.42
CA VAL E 276 14.26 -6.88 80.41
C VAL E 276 14.84 -7.13 81.79
N ASP E 277 14.07 -6.92 82.86
CA ASP E 277 14.56 -7.22 84.21
C ASP E 277 14.65 -8.73 84.44
N LYS E 278 13.62 -9.47 84.04
CA LYS E 278 13.75 -10.93 84.16
C LYS E 278 14.78 -11.47 83.20
N ILE E 279 15.08 -10.76 82.11
CA ILE E 279 16.23 -11.12 81.29
C ILE E 279 17.53 -10.89 82.06
N VAL E 280 17.66 -9.72 82.68
CA VAL E 280 18.89 -9.36 83.40
C VAL E 280 19.09 -10.27 84.60
N ASP E 281 17.99 -10.76 85.19
CA ASP E 281 18.11 -11.72 86.29
C ASP E 281 18.81 -12.98 85.81
N THR E 282 18.51 -13.43 84.59
CA THR E 282 19.30 -14.49 83.99
C THR E 282 20.73 -14.03 83.77
N GLY E 283 20.92 -12.76 83.41
CA GLY E 283 22.23 -12.16 83.27
C GLY E 283 22.65 -11.85 81.85
N ALA E 284 21.76 -12.00 80.86
CA ALA E 284 22.14 -11.79 79.47
C ALA E 284 22.57 -10.35 79.24
N ASN E 285 23.70 -10.19 78.54
CA ASN E 285 24.22 -8.88 78.17
C ASN E 285 24.62 -8.77 76.71
N VAL E 286 24.60 -9.87 75.95
CA VAL E 286 24.89 -9.85 74.52
C VAL E 286 23.76 -10.58 73.81
N VAL E 287 23.14 -9.91 72.84
CA VAL E 287 22.00 -10.44 72.11
C VAL E 287 22.20 -10.21 70.62
N PHE E 288 21.74 -11.16 69.81
CA PHE E 288 21.71 -11.04 68.35
C PHE E 288 20.29 -11.38 67.92
N CYS E 289 19.48 -10.36 67.65
CA CYS E 289 18.06 -10.54 67.40
C CYS E 289 17.79 -10.72 65.90
N GLU E 290 16.75 -11.51 65.60
CA GLU E 290 16.42 -11.82 64.22
C GLU E 290 15.69 -10.69 63.51
N LYS E 291 15.08 -9.76 64.24
CA LYS E 291 14.20 -8.73 63.69
C LYS E 291 14.73 -7.34 64.03
N GLY E 292 13.99 -6.33 63.60
CA GLY E 292 14.44 -4.95 63.72
C GLY E 292 14.35 -4.44 65.15
N ILE E 293 14.67 -3.15 65.29
CA ILE E 293 14.71 -2.45 66.57
C ILE E 293 14.08 -1.08 66.40
N ASP E 294 14.07 -0.31 67.49
CA ASP E 294 13.63 1.07 67.51
C ASP E 294 14.64 1.88 68.31
N ASP E 295 14.65 3.20 68.10
CA ASP E 295 15.62 4.07 68.74
C ASP E 295 15.51 4.00 70.26
N GLN E 296 14.28 4.08 70.77
CA GLN E 296 14.07 3.96 72.21
C GLN E 296 14.47 2.57 72.69
N VAL E 297 14.17 1.54 71.91
CA VAL E 297 14.49 0.17 72.30
C VAL E 297 16.00 -0.01 72.38
N GLU E 298 16.73 0.39 71.35
CA GLU E 298 18.18 0.25 71.41
C GLU E 298 18.77 1.10 72.53
N HIS E 299 18.18 2.26 72.81
CA HIS E 299 18.72 3.07 73.89
C HIS E 299 18.52 2.40 75.25
N MET E 300 17.30 1.91 75.53
CA MET E 300 17.10 1.34 76.86
C MET E 300 17.78 -0.02 76.98
N LEU E 301 18.12 -0.65 75.86
CA LEU E 301 19.01 -1.81 75.89
C LEU E 301 20.42 -1.39 76.27
N ALA E 302 20.94 -0.34 75.63
CA ALA E 302 22.27 0.17 75.94
C ALA E 302 22.36 0.85 77.30
N LYS E 303 21.23 1.16 77.92
CA LYS E 303 21.25 1.77 79.24
C LYS E 303 21.87 0.83 80.26
N LYS E 304 21.54 -0.47 80.18
CA LYS E 304 22.18 -1.49 80.98
C LYS E 304 23.39 -2.10 80.31
N GLY E 305 23.64 -1.79 79.03
CA GLY E 305 24.82 -2.28 78.33
C GLY E 305 24.56 -3.59 77.61
N ILE E 306 23.53 -3.62 76.77
CA ILE E 306 23.09 -4.83 76.09
C ILE E 306 23.36 -4.68 74.60
N LEU E 307 24.06 -5.65 74.03
CA LEU E 307 24.29 -5.70 72.59
C LEU E 307 23.07 -6.25 71.89
N ALA E 308 22.75 -5.68 70.73
CA ALA E 308 21.59 -6.12 69.95
C ALA E 308 21.90 -5.91 68.47
N VAL E 309 21.92 -7.00 67.71
CA VAL E 309 22.08 -6.99 66.26
C VAL E 309 20.76 -7.42 65.63
N ARG E 310 20.36 -6.73 64.58
CA ARG E 310 19.06 -6.89 63.96
C ARG E 310 19.16 -7.48 62.56
N ARG E 311 18.00 -7.95 62.07
CA ARG E 311 17.86 -8.46 60.71
C ARG E 311 18.85 -9.60 60.43
N VAL E 312 19.06 -10.45 61.42
CA VAL E 312 19.87 -11.65 61.25
C VAL E 312 19.01 -12.71 60.58
N LYS E 313 19.55 -13.29 59.50
CA LYS E 313 18.77 -14.23 58.69
C LYS E 313 18.43 -15.48 59.52
N LYS E 314 17.61 -16.35 58.92
CA LYS E 314 17.28 -17.60 59.60
C LYS E 314 18.51 -18.49 59.74
N ASP E 315 19.27 -18.65 58.65
CA ASP E 315 20.41 -19.56 58.66
C ASP E 315 21.51 -19.07 59.60
N ASP E 316 21.88 -17.79 59.50
CA ASP E 316 22.96 -17.30 60.35
C ASP E 316 22.51 -17.14 61.80
N LEU E 317 21.22 -16.88 62.04
CA LEU E 317 20.72 -16.90 63.41
C LEU E 317 20.81 -18.29 64.01
N GLU E 318 20.44 -19.32 63.24
CA GLU E 318 20.59 -20.69 63.73
C GLU E 318 22.06 -21.02 63.97
N LYS E 319 22.94 -20.54 63.09
CA LYS E 319 24.37 -20.74 63.27
C LYS E 319 24.86 -20.09 64.56
N ILE E 320 24.40 -18.87 64.83
CA ILE E 320 24.79 -18.18 66.06
C ILE E 320 24.25 -18.91 67.27
N ALA E 321 23.03 -19.43 67.18
CA ALA E 321 22.47 -20.19 68.29
C ALA E 321 23.29 -21.45 68.57
N LYS E 322 23.73 -22.14 67.51
CA LYS E 322 24.56 -23.32 67.69
C LYS E 322 25.91 -22.95 68.30
N ALA E 323 26.52 -21.88 67.81
CA ALA E 323 27.87 -21.52 68.26
C ALA E 323 27.86 -21.02 69.70
N THR E 324 26.96 -20.08 70.01
CA THR E 324 26.98 -19.42 71.31
C THR E 324 26.43 -20.31 72.42
N GLY E 325 25.61 -21.30 72.08
CA GLY E 325 25.00 -22.17 73.07
C GLY E 325 23.69 -21.67 73.63
N ALA E 326 23.29 -20.44 73.31
CA ALA E 326 22.00 -19.91 73.76
C ALA E 326 20.93 -20.37 72.78
N ARG E 327 20.06 -21.27 73.23
CA ARG E 327 18.98 -21.75 72.38
C ARG E 327 18.05 -20.60 72.00
N VAL E 328 17.51 -20.66 70.78
CA VAL E 328 16.61 -19.62 70.32
C VAL E 328 15.32 -19.69 71.11
N VAL E 329 14.91 -18.56 71.68
CA VAL E 329 13.78 -18.49 72.60
C VAL E 329 12.73 -17.60 71.94
N SER E 330 11.74 -18.23 71.30
CA SER E 330 10.64 -17.46 70.72
C SER E 330 9.79 -16.82 71.82
N ASN E 331 9.38 -17.61 72.81
CA ASN E 331 8.65 -17.11 73.97
C ASN E 331 9.67 -16.80 75.06
N ILE E 332 10.02 -15.52 75.17
CA ILE E 332 11.14 -15.12 76.04
C ILE E 332 10.76 -15.19 77.52
N ASP E 333 9.47 -15.34 77.84
CA ASP E 333 9.04 -15.33 79.24
C ASP E 333 9.65 -16.48 80.04
N GLU E 334 9.95 -17.60 79.39
CA GLU E 334 10.50 -18.76 80.07
C GLU E 334 12.03 -18.79 80.10
N LEU E 335 12.68 -17.74 79.60
CA LEU E 335 14.14 -17.68 79.63
C LEU E 335 14.67 -17.77 81.06
N THR E 336 15.66 -18.62 81.25
CA THR E 336 16.26 -18.92 82.55
C THR E 336 17.77 -18.77 82.44
N PRO E 337 18.48 -18.72 83.59
CA PRO E 337 19.94 -18.72 83.52
C PRO E 337 20.51 -19.94 82.83
N GLU E 338 19.83 -21.09 82.96
CA GLU E 338 20.30 -22.29 82.28
C GLU E 338 20.22 -22.15 80.76
N ASP E 339 19.30 -21.33 80.26
CA ASP E 339 19.11 -21.16 78.82
C ASP E 339 20.16 -20.25 78.18
N LEU E 340 20.94 -19.52 78.98
CA LEU E 340 21.90 -18.56 78.43
C LEU E 340 23.18 -19.26 77.99
N GLY E 341 23.79 -18.71 76.94
CA GLY E 341 25.09 -19.15 76.48
C GLY E 341 26.20 -18.29 77.04
N HIS E 342 27.43 -18.64 76.66
CA HIS E 342 28.62 -17.92 77.09
C HIS E 342 29.58 -17.81 75.92
N ALA E 343 30.32 -16.70 75.90
CA ALA E 343 31.35 -16.44 74.89
C ALA E 343 32.58 -15.90 75.58
N GLY E 344 33.75 -16.35 75.12
CA GLY E 344 35.00 -15.90 75.74
C GLY E 344 35.24 -14.42 75.56
N LEU E 345 34.85 -13.87 74.41
CA LEU E 345 35.09 -12.46 74.14
C LEU E 345 34.11 -11.98 73.07
N VAL E 346 33.77 -10.70 73.15
CA VAL E 346 33.09 -9.99 72.08
C VAL E 346 33.77 -8.64 71.93
N GLU E 347 34.09 -8.25 70.70
CA GLU E 347 34.87 -7.04 70.46
C GLU E 347 34.47 -6.40 69.15
N GLN E 348 34.44 -5.07 69.14
CA GLN E 348 34.22 -4.28 67.94
C GLN E 348 35.58 -3.79 67.45
N ARG E 349 36.01 -4.30 66.30
CA ARG E 349 37.29 -3.93 65.70
C ARG E 349 37.04 -3.21 64.39
N LYS E 350 37.72 -2.08 64.20
CA LYS E 350 37.58 -1.28 62.98
C LYS E 350 38.55 -1.78 61.91
N LYS E 351 38.39 -3.05 61.54
CA LYS E 351 39.21 -3.65 60.49
C LYS E 351 38.68 -3.21 59.13
N GLY E 352 39.59 -2.75 58.27
CA GLY E 352 39.16 -2.26 56.97
C GLY E 352 38.29 -1.02 57.11
N GLU E 353 37.31 -0.90 56.21
CA GLU E 353 36.40 0.24 56.20
C GLU E 353 35.15 -0.01 57.03
N ASP E 354 34.46 -1.12 56.77
CA ASP E 354 33.20 -1.40 57.45
C ASP E 354 33.44 -1.70 58.92
N ARG E 355 32.54 -1.21 59.77
CA ARG E 355 32.57 -1.50 61.20
C ARG E 355 31.74 -2.75 61.47
N MET E 356 32.37 -3.73 62.15
CA MET E 356 31.71 -4.99 62.46
C MET E 356 32.07 -5.39 63.89
N VAL E 357 31.20 -6.18 64.50
CA VAL E 357 31.43 -6.75 65.82
C VAL E 357 32.12 -8.10 65.59
N PHE E 358 33.44 -8.14 65.84
CA PHE E 358 34.23 -9.35 65.64
C PHE E 358 34.03 -10.25 66.86
N VAL E 359 32.97 -11.06 66.80
CA VAL E 359 32.67 -11.99 67.88
C VAL E 359 33.66 -13.15 67.82
N SER E 360 34.25 -13.47 68.97
CA SER E 360 35.28 -14.50 69.03
C SER E 360 35.27 -15.13 70.41
N GLY E 361 35.08 -16.46 70.45
CA GLY E 361 35.02 -17.19 71.70
C GLY E 361 33.78 -18.03 71.89
N CYS E 362 33.13 -18.42 70.78
CA CYS E 362 32.01 -19.35 70.84
C CYS E 362 32.57 -20.76 70.95
N LYS E 363 32.49 -21.34 72.14
CA LYS E 363 33.27 -22.52 72.50
C LYS E 363 32.51 -23.84 72.36
N ASN E 364 31.26 -23.82 71.95
CA ASN E 364 30.48 -25.07 71.91
C ASN E 364 30.78 -25.89 70.67
N GLU E 365 30.51 -25.34 69.48
CA GLU E 365 30.67 -26.04 68.22
C GLU E 365 31.39 -25.15 67.22
N PRO E 366 32.09 -25.74 66.22
CA PRO E 366 32.64 -24.94 65.13
C PRO E 366 31.58 -24.64 64.08
N VAL E 367 31.13 -23.39 64.04
CA VAL E 367 30.05 -22.96 63.16
C VAL E 367 30.42 -21.61 62.56
N ALA E 368 30.11 -21.43 61.28
CA ALA E 368 30.52 -20.22 60.57
C ALA E 368 29.65 -20.05 59.33
N THR E 369 29.94 -19.00 58.56
CA THR E 369 29.24 -18.65 57.35
C THR E 369 30.24 -18.52 56.21
N ILE E 370 29.76 -18.73 54.97
CA ILE E 370 30.63 -18.70 53.79
C ILE E 370 30.65 -17.25 53.32
N LEU E 371 31.55 -16.46 53.94
CA LEU E 371 31.71 -15.04 53.64
C LEU E 371 33.21 -14.75 53.65
N ILE E 372 33.75 -14.30 52.51
CA ILE E 372 35.19 -14.27 52.28
C ILE E 372 35.58 -12.95 51.60
N ARG E 373 36.77 -12.47 51.94
CA ARG E 373 37.27 -11.18 51.47
C ARG E 373 37.93 -11.32 50.09
N ALA E 374 38.01 -10.18 49.40
CA ALA E 374 38.82 -10.01 48.19
C ALA E 374 38.89 -8.52 47.90
N ALA E 375 39.39 -8.16 46.71
CA ALA E 375 39.53 -6.76 46.35
C ALA E 375 38.19 -6.15 45.96
N THR E 376 37.57 -6.67 44.90
CA THR E 376 36.29 -6.19 44.39
C THR E 376 35.23 -7.28 44.54
N GLU E 377 33.98 -6.88 44.29
CA GLU E 377 32.85 -7.78 44.52
C GLU E 377 32.94 -9.03 43.66
N HIS E 378 33.33 -8.88 42.40
CA HIS E 378 33.49 -10.03 41.52
C HIS E 378 34.55 -10.98 42.07
N VAL E 379 35.68 -10.44 42.50
CA VAL E 379 36.72 -11.27 43.07
C VAL E 379 36.28 -11.83 44.41
N VAL E 380 35.45 -11.10 45.16
CA VAL E 380 34.92 -11.62 46.42
C VAL E 380 34.11 -12.89 46.18
N GLU E 381 33.16 -12.82 45.23
CA GLU E 381 32.33 -13.98 44.94
C GLU E 381 33.16 -15.12 44.36
N GLU E 382 34.13 -14.79 43.49
CA GLU E 382 35.00 -15.80 42.91
C GLU E 382 35.77 -16.54 44.00
N LEU E 383 36.36 -15.80 44.94
CA LEU E 383 37.12 -16.42 46.01
C LEU E 383 36.22 -17.24 46.92
N GLU E 384 34.99 -16.77 47.16
CA GLU E 384 34.06 -17.54 47.98
C GLU E 384 33.76 -18.89 47.35
N ARG E 385 33.44 -18.90 46.05
CA ARG E 385 33.18 -20.17 45.38
C ARG E 385 34.41 -21.05 45.40
N ALA E 386 35.59 -20.46 45.19
CA ALA E 386 36.80 -21.25 45.12
C ALA E 386 37.11 -21.91 46.45
N ILE E 387 36.95 -21.17 47.56
CA ILE E 387 37.26 -21.75 48.86
C ILE E 387 36.23 -22.83 49.21
N ASP E 388 34.97 -22.60 48.83
CA ASP E 388 33.95 -23.63 49.06
C ASP E 388 34.33 -24.93 48.34
N ASP E 389 34.72 -24.81 47.07
CA ASP E 389 35.12 -26.00 46.32
C ASP E 389 36.36 -26.65 46.93
N ALA E 390 37.27 -25.83 47.48
CA ALA E 390 38.49 -26.38 48.03
C ALA E 390 38.22 -27.24 49.27
N LEU E 391 37.44 -26.70 50.22
CA LEU E 391 37.06 -27.55 51.35
C LEU E 391 36.24 -28.75 50.90
N ASN E 392 35.41 -28.60 49.87
CA ASN E 392 34.66 -29.76 49.39
C ASN E 392 35.61 -30.85 48.93
N ALA E 393 36.62 -30.48 48.14
CA ALA E 393 37.50 -31.48 47.57
C ALA E 393 38.37 -32.12 48.62
N VAL E 394 38.91 -31.33 49.55
CA VAL E 394 39.76 -31.93 50.58
C VAL E 394 38.91 -32.82 51.50
N LYS E 395 37.67 -32.42 51.77
CA LYS E 395 36.78 -33.27 52.54
C LYS E 395 36.54 -34.60 51.83
N ALA E 396 36.29 -34.55 50.52
CA ALA E 396 36.06 -35.78 49.77
C ALA E 396 37.31 -36.65 49.75
N ALA E 397 38.48 -36.04 49.61
CA ALA E 397 39.72 -36.80 49.60
C ALA E 397 39.95 -37.48 50.95
N ILE E 398 39.68 -36.77 52.05
CA ILE E 398 39.84 -37.36 53.37
C ILE E 398 38.84 -38.51 53.56
N LYS E 399 37.59 -38.28 53.15
CA LYS E 399 36.56 -39.30 53.34
C LYS E 399 36.87 -40.56 52.52
N ASP E 400 36.88 -40.43 51.20
CA ASP E 400 37.07 -41.60 50.34
C ASP E 400 38.50 -42.12 50.45
N GLY E 401 39.48 -41.22 50.50
CA GLY E 401 40.86 -41.66 50.51
C GLY E 401 41.31 -42.30 49.22
N LYS E 402 40.87 -41.77 48.08
CA LYS E 402 41.30 -42.23 46.77
C LYS E 402 41.39 -41.04 45.84
N VAL E 403 42.58 -40.83 45.26
CA VAL E 403 42.84 -39.71 44.36
C VAL E 403 43.24 -40.26 43.01
N VAL E 404 42.77 -39.62 41.95
CA VAL E 404 43.05 -40.03 40.57
C VAL E 404 43.84 -38.90 39.91
N PRO E 405 44.78 -39.16 39.01
CA PRO E 405 45.45 -38.06 38.31
C PRO E 405 44.47 -37.25 37.48
N GLY E 406 44.57 -35.93 37.60
CA GLY E 406 43.72 -35.01 36.88
C GLY E 406 44.33 -34.60 35.56
N GLY E 407 43.91 -33.42 35.08
CA GLY E 407 44.46 -32.88 33.86
C GLY E 407 44.20 -33.73 32.64
N GLY E 408 43.08 -34.44 32.61
CA GLY E 408 42.75 -35.29 31.49
C GLY E 408 43.43 -36.63 31.50
N ALA E 409 44.31 -36.90 32.48
CA ALA E 409 45.01 -38.18 32.50
C ALA E 409 44.05 -39.33 32.78
N ALA E 410 43.14 -39.13 33.75
CA ALA E 410 42.17 -40.17 34.07
C ALA E 410 41.26 -40.44 32.87
N GLU E 411 40.84 -39.39 32.18
CA GLU E 411 39.98 -39.55 31.02
C GLU E 411 40.68 -40.34 29.92
N VAL E 412 41.95 -40.03 29.64
CA VAL E 412 42.66 -40.74 28.58
C VAL E 412 42.89 -42.19 28.97
N ALA E 413 43.25 -42.45 30.24
CA ALA E 413 43.48 -43.82 30.67
C ALA E 413 42.21 -44.64 30.58
N VAL E 414 41.09 -44.09 31.06
CA VAL E 414 39.83 -44.81 31.00
C VAL E 414 39.41 -45.02 29.55
N ALA E 415 39.68 -44.05 28.68
CA ALA E 415 39.36 -44.21 27.27
C ALA E 415 40.18 -45.32 26.64
N ARG E 416 41.46 -45.41 26.98
CA ARG E 416 42.29 -46.48 26.44
C ARG E 416 41.79 -47.85 26.89
N LYS E 417 41.48 -47.99 28.18
CA LYS E 417 41.01 -49.30 28.64
C LYS E 417 39.62 -49.60 28.09
N LEU E 418 38.81 -48.57 27.84
CA LEU E 418 37.53 -48.78 27.17
C LEU E 418 37.72 -49.27 25.75
N ARG E 419 38.74 -48.75 25.06
CA ARG E 419 39.03 -49.25 23.71
C ARG E 419 39.50 -50.69 23.77
N GLU E 420 40.25 -51.05 24.81
CA GLU E 420 40.60 -52.45 25.01
C GLU E 420 39.36 -53.31 25.19
N TYR E 421 38.40 -52.81 25.98
CA TYR E 421 37.12 -53.52 26.14
C TYR E 421 36.41 -53.64 24.80
N ALA E 422 36.45 -52.60 23.99
CA ALA E 422 35.84 -52.64 22.66
C ALA E 422 36.48 -53.72 21.81
N LYS E 423 37.81 -53.82 21.87
CA LYS E 423 38.50 -54.90 21.17
C LYS E 423 38.05 -56.25 21.70
N SER E 424 37.78 -56.35 23.00
CA SER E 424 37.26 -57.61 23.55
C SER E 424 35.85 -57.90 23.04
N LEU E 425 34.97 -56.91 23.09
CA LEU E 425 33.59 -57.10 22.70
C LEU E 425 33.44 -57.08 21.18
N SER E 426 32.35 -57.64 20.70
CA SER E 426 31.99 -57.63 19.29
C SER E 426 30.52 -57.28 19.13
N GLY E 427 30.18 -56.75 17.96
CA GLY E 427 28.83 -56.35 17.63
C GLY E 427 28.73 -54.85 17.44
N LYS E 428 27.49 -54.39 17.31
CA LYS E 428 27.22 -52.95 17.16
C LYS E 428 27.24 -52.21 18.49
N GLU E 429 27.38 -52.91 19.62
CA GLU E 429 27.71 -52.26 20.88
C GLU E 429 29.15 -51.78 20.93
N GLN E 430 30.03 -52.38 20.12
CA GLN E 430 31.40 -51.90 20.04
C GLN E 430 31.45 -50.46 19.54
N LEU E 431 30.58 -50.13 18.57
CA LEU E 431 30.52 -48.76 18.08
C LEU E 431 30.09 -47.81 19.18
N ALA E 432 29.11 -48.20 19.99
CA ALA E 432 28.67 -47.35 21.10
C ALA E 432 29.78 -47.16 22.13
N ILE E 433 30.52 -48.23 22.43
CA ILE E 433 31.58 -48.12 23.42
C ILE E 433 32.70 -47.24 22.89
N GLU E 434 33.01 -47.35 21.60
CA GLU E 434 34.01 -46.46 21.00
C GLU E 434 33.53 -45.02 21.03
N ALA E 435 32.23 -44.81 20.81
CA ALA E 435 31.64 -43.48 20.96
C ALA E 435 31.84 -42.95 22.38
N PHE E 436 31.61 -43.80 23.38
CA PHE E 436 31.81 -43.38 24.76
C PHE E 436 33.27 -43.04 25.01
N ALA E 437 34.19 -43.82 24.44
CA ALA E 437 35.61 -43.53 24.60
C ALA E 437 35.97 -42.17 24.00
N ASP E 438 35.44 -41.88 22.81
CA ASP E 438 35.72 -40.60 22.17
C ASP E 438 35.13 -39.47 23.00
N ALA E 439 33.91 -39.65 23.52
CA ALA E 439 33.31 -38.61 24.33
C ALA E 439 34.10 -38.35 25.60
N LEU E 440 34.56 -39.41 26.25
CA LEU E 440 35.40 -39.24 27.42
C LEU E 440 36.73 -38.58 27.08
N GLU E 441 37.26 -38.87 25.89
CA GLU E 441 38.50 -38.26 25.47
C GLU E 441 38.32 -36.79 25.10
N GLU E 442 37.08 -36.36 24.85
CA GLU E 442 36.81 -34.96 24.54
C GLU E 442 37.23 -34.01 25.67
N ILE E 443 37.19 -34.46 26.93
CA ILE E 443 37.53 -33.57 28.04
C ILE E 443 38.97 -33.10 27.96
N PRO E 444 39.98 -33.96 27.80
CA PRO E 444 41.35 -33.45 27.64
C PRO E 444 41.51 -32.53 26.44
N ARG E 445 40.75 -32.76 25.37
CA ARG E 445 40.78 -31.85 24.24
C ARG E 445 40.32 -30.46 24.66
N THR E 446 39.24 -30.38 25.44
CA THR E 446 38.76 -29.09 25.93
C THR E 446 39.80 -28.43 26.82
N LEU E 447 40.39 -29.21 27.72
CA LEU E 447 41.35 -28.65 28.66
C LEU E 447 42.58 -28.11 27.95
N ALA E 448 43.03 -28.81 26.90
CA ALA E 448 44.12 -28.29 26.09
C ALA E 448 43.70 -27.03 25.32
N GLU E 449 42.49 -27.03 24.77
CA GLU E 449 42.06 -25.89 23.97
C GLU E 449 41.98 -24.62 24.81
N ASN E 450 41.43 -24.72 26.02
CA ASN E 450 41.39 -23.56 26.89
C ASN E 450 42.78 -23.14 27.37
N ALA E 451 43.75 -24.06 27.36
CA ALA E 451 45.10 -23.75 27.77
C ALA E 451 45.93 -23.10 26.66
N GLY E 452 45.43 -23.08 25.42
CA GLY E 452 46.12 -22.48 24.31
C GLY E 452 46.83 -23.46 23.40
N LEU E 453 47.09 -24.68 23.88
CA LEU E 453 47.74 -25.67 23.03
C LEU E 453 46.78 -26.15 21.95
N ASP E 454 47.36 -26.63 20.85
CA ASP E 454 46.54 -27.20 19.80
C ASP E 454 45.91 -28.50 20.29
N PRO E 455 44.60 -28.71 20.06
CA PRO E 455 43.97 -29.87 20.72
C PRO E 455 44.38 -31.21 20.14
N ILE E 456 44.48 -31.30 18.81
CA ILE E 456 44.72 -32.60 18.20
C ILE E 456 46.14 -33.08 18.49
N ASP E 457 47.12 -32.18 18.39
CA ASP E 457 48.51 -32.58 18.58
C ASP E 457 48.74 -33.05 20.02
N THR E 458 48.29 -32.27 20.99
CA THR E 458 48.51 -32.64 22.38
C THR E 458 47.67 -33.85 22.76
N LEU E 459 46.49 -34.03 22.16
CA LEU E 459 45.71 -35.22 22.44
C LEU E 459 46.41 -36.47 21.91
N VAL E 460 46.97 -36.37 20.70
CA VAL E 460 47.73 -37.50 20.15
C VAL E 460 48.94 -37.78 21.02
N GLN E 461 49.59 -36.74 21.51
CA GLN E 461 50.73 -36.93 22.40
C GLN E 461 50.30 -37.63 23.69
N LEU E 462 49.15 -37.25 24.25
CA LEU E 462 48.66 -37.91 25.45
C LEU E 462 48.36 -39.38 25.19
N ARG E 463 47.72 -39.68 24.06
CA ARG E 463 47.42 -41.07 23.74
C ARG E 463 48.70 -41.88 23.59
N ALA E 464 49.69 -41.31 22.90
CA ALA E 464 50.96 -42.01 22.73
C ALA E 464 51.64 -42.23 24.07
N ALA E 465 51.61 -41.22 24.95
CA ALA E 465 52.23 -41.37 26.26
C ALA E 465 51.56 -42.47 27.06
N HIS E 466 50.23 -42.53 27.03
CA HIS E 466 49.53 -43.59 27.74
C HIS E 466 49.76 -44.95 27.10
N GLU E 467 50.12 -44.99 25.81
CA GLU E 467 50.44 -46.27 25.18
C GLU E 467 51.81 -46.81 25.61
N GLU E 468 52.62 -46.03 26.32
CA GLU E 468 53.91 -46.50 26.81
C GLU E 468 53.84 -47.09 28.21
N GLY E 469 52.65 -47.19 28.80
CA GLY E 469 52.46 -47.85 30.08
C GLY E 469 52.30 -46.92 31.26
N ASP E 470 52.90 -45.73 31.21
CA ASP E 470 52.71 -44.78 32.29
C ASP E 470 51.29 -44.19 32.24
N LYS E 471 50.82 -43.73 33.40
CA LYS E 471 49.42 -43.41 33.61
C LYS E 471 49.16 -41.97 34.02
N ASN E 472 50.18 -41.23 34.47
CA ASN E 472 50.01 -39.93 35.09
C ASN E 472 50.32 -38.76 34.16
N ILE E 473 50.64 -39.01 32.89
CA ILE E 473 50.90 -37.91 31.97
C ILE E 473 49.58 -37.28 31.58
N GLY E 474 49.47 -35.97 31.78
CA GLY E 474 48.27 -35.21 31.51
C GLY E 474 48.59 -33.91 30.80
N ILE E 475 47.75 -32.91 31.08
CA ILE E 475 47.95 -31.55 30.60
C ILE E 475 47.92 -30.62 31.81
N ASP E 476 48.94 -29.78 31.95
CA ASP E 476 49.05 -28.81 33.01
C ASP E 476 48.98 -27.45 32.31
N CYS E 477 47.90 -26.71 32.57
CA CYS E 477 47.71 -25.42 31.91
C CYS E 477 48.41 -24.27 32.61
N LEU E 478 48.93 -24.48 33.83
CA LEU E 478 49.76 -23.46 34.45
C LEU E 478 51.08 -23.29 33.71
N THR E 479 51.75 -24.40 33.40
CA THR E 479 52.97 -24.35 32.61
C THR E 479 52.71 -24.43 31.12
N GLY E 480 51.49 -24.78 30.71
CA GLY E 480 51.17 -24.83 29.30
C GLY E 480 51.95 -25.87 28.52
N GLU E 481 52.10 -27.06 29.09
CA GLU E 481 52.78 -28.17 28.43
C GLU E 481 52.07 -29.46 28.80
N VAL E 482 52.64 -30.59 28.39
CA VAL E 482 52.22 -31.91 28.81
C VAL E 482 53.32 -32.48 29.70
N ALA E 483 52.93 -32.95 30.89
CA ALA E 483 53.90 -33.39 31.87
C ALA E 483 53.25 -34.35 32.84
N ASP E 484 54.07 -34.98 33.66
CA ASP E 484 53.59 -35.84 34.73
C ASP E 484 52.74 -35.03 35.70
N MET E 485 51.47 -35.45 35.86
CA MET E 485 50.58 -34.73 36.76
C MET E 485 50.96 -34.92 38.22
N LEU E 486 51.46 -36.10 38.58
CA LEU E 486 51.78 -36.36 39.99
C LEU E 486 52.91 -35.48 40.47
N GLU E 487 53.93 -35.25 39.63
CA GLU E 487 55.00 -34.35 40.00
C GLU E 487 54.59 -32.88 39.93
N ALA E 488 53.59 -32.55 39.11
CA ALA E 488 53.12 -31.18 38.98
C ALA E 488 52.05 -30.81 40.00
N GLY E 489 51.64 -31.75 40.86
CA GLY E 489 50.61 -31.44 41.84
C GLY E 489 49.27 -31.12 41.23
N VAL E 490 48.86 -31.90 40.23
CA VAL E 490 47.57 -31.72 39.56
C VAL E 490 46.84 -33.04 39.73
N ILE E 491 46.06 -33.16 40.80
CA ILE E 491 45.38 -34.40 41.16
C ILE E 491 44.02 -34.05 41.75
N ASP E 492 42.97 -34.74 41.27
CA ASP E 492 41.61 -34.58 41.74
C ASP E 492 41.17 -35.84 42.51
N PRO E 493 40.15 -35.74 43.36
CA PRO E 493 39.64 -36.94 44.03
C PRO E 493 39.05 -37.91 43.02
N ALA E 494 39.11 -39.19 43.35
CA ALA E 494 38.49 -40.19 42.49
C ALA E 494 36.98 -39.97 42.42
N ALA E 495 36.35 -39.76 43.57
CA ALA E 495 34.88 -39.75 43.65
C ALA E 495 34.27 -38.66 42.78
N VAL E 496 34.95 -37.51 42.66
CA VAL E 496 34.39 -36.44 41.84
C VAL E 496 34.35 -36.86 40.38
N LYS E 497 35.37 -37.58 39.92
CA LYS E 497 35.38 -38.03 38.54
C LYS E 497 34.39 -39.18 38.32
N LYS E 498 34.26 -40.06 39.31
CA LYS E 498 33.22 -41.09 39.25
C LYS E 498 31.85 -40.47 39.07
N GLN E 499 31.51 -39.49 39.91
CA GLN E 499 30.20 -38.87 39.76
C GLN E 499 30.10 -38.04 38.50
N ALA E 500 31.20 -37.45 38.03
CA ALA E 500 31.14 -36.73 36.77
C ALA E 500 30.73 -37.65 35.64
N ILE E 501 31.36 -38.82 35.57
CA ILE E 501 31.01 -39.80 34.54
C ILE E 501 29.58 -40.27 34.71
N LYS E 502 29.16 -40.55 35.93
CA LYS E 502 27.80 -41.09 36.16
C LYS E 502 26.81 -40.02 35.77
N SER E 503 26.92 -38.79 36.22
CA SER E 503 25.94 -37.76 35.90
C SER E 503 25.90 -37.47 34.41
N ALA E 504 27.06 -37.47 33.76
CA ALA E 504 27.07 -37.26 32.31
C ALA E 504 26.34 -38.40 31.61
N THR E 505 26.54 -39.63 32.07
CA THR E 505 25.83 -40.76 31.50
C THR E 505 24.33 -40.61 31.65
N GLU E 506 23.89 -40.27 32.86
CA GLU E 506 22.46 -40.14 33.11
C GLU E 506 21.86 -39.02 32.26
N ALA E 507 22.58 -37.90 32.13
CA ALA E 507 22.10 -36.80 31.32
C ALA E 507 21.96 -37.20 29.87
N ALA E 508 23.01 -37.80 29.30
CA ALA E 508 22.97 -38.21 27.90
C ALA E 508 21.86 -39.23 27.67
N THR E 509 21.73 -40.20 28.58
CA THR E 509 20.72 -41.23 28.42
C THR E 509 19.32 -40.64 28.46
N MET E 510 19.01 -39.87 29.49
CA MET E 510 17.65 -39.37 29.65
C MET E 510 17.32 -38.26 28.66
N ILE E 511 18.31 -37.65 28.02
CA ILE E 511 18.03 -36.75 26.92
C ILE E 511 17.81 -37.53 25.62
N LEU E 512 18.52 -38.65 25.46
CA LEU E 512 18.29 -39.50 24.29
C LEU E 512 16.93 -40.17 24.36
N ARG E 513 16.44 -40.48 25.56
CA ARG E 513 15.21 -41.23 25.70
C ARG E 513 13.96 -40.40 25.39
N ILE E 514 14.09 -39.09 25.18
CA ILE E 514 12.94 -38.25 24.86
C ILE E 514 12.66 -38.35 23.36
N ASP E 515 11.39 -38.19 22.99
CA ASP E 515 10.94 -38.32 21.61
C ASP E 515 10.39 -37.04 21.01
N ASP E 516 9.36 -36.45 21.62
CA ASP E 516 8.67 -35.32 21.00
C ASP E 516 8.22 -34.33 22.07
N ILE E 517 7.98 -33.11 21.62
CA ILE E 517 7.50 -32.02 22.47
C ILE E 517 5.99 -31.95 22.32
N ILE E 518 5.28 -32.11 23.43
CA ILE E 518 3.82 -32.10 23.45
C ILE E 518 3.36 -31.11 24.50
N PRO E 519 2.28 -30.34 24.29
CA PRO E 519 1.87 -29.37 25.32
C PRO E 519 1.15 -30.08 26.45
N ALA E 520 1.64 -29.86 27.67
CA ALA E 520 1.10 -30.51 28.86
C ALA E 520 0.10 -29.61 29.55
N LYS E 521 -0.99 -30.20 30.04
CA LYS E 521 -2.00 -29.45 30.76
C LYS E 521 -1.39 -28.84 32.01
N ALA E 522 -1.63 -27.55 32.20
CA ALA E 522 -1.11 -26.87 33.38
C ALA E 522 -1.95 -27.23 34.60
N PRO E 523 -1.36 -27.50 35.77
CA PRO E 523 -2.18 -27.80 36.95
C PRO E 523 -2.91 -26.55 37.42
N THR E 524 -4.22 -26.67 37.56
CA THR E 524 -5.05 -25.55 38.01
C THR E 524 -4.91 -25.33 39.50
N ASP F 19 -15.12 -34.59 5.76
CA ASP F 19 -15.08 -35.92 6.44
C ASP F 19 -14.69 -35.75 7.91
N ALA F 20 -15.68 -35.41 8.73
CA ALA F 20 -15.43 -35.25 10.16
C ALA F 20 -15.03 -36.56 10.80
N ARG F 21 -15.52 -37.68 10.27
CA ARG F 21 -15.05 -38.98 10.75
C ARG F 21 -13.58 -39.14 10.45
N LYS F 22 -13.14 -38.75 9.24
CA LYS F 22 -11.72 -38.81 8.92
C LYS F 22 -10.93 -37.91 9.87
N ASN F 23 -11.48 -36.76 10.24
CA ASN F 23 -10.79 -35.88 11.18
C ASN F 23 -10.65 -36.54 12.56
N ASN F 24 -11.73 -37.13 13.06
CA ASN F 24 -11.66 -37.79 14.37
C ASN F 24 -10.68 -38.96 14.34
N ILE F 25 -10.72 -39.75 13.25
CA ILE F 25 -9.81 -40.88 13.13
C ILE F 25 -8.37 -40.38 13.07
N ALA F 26 -8.14 -39.24 12.39
CA ALA F 26 -6.80 -38.69 12.32
C ALA F 26 -6.31 -38.25 13.69
N ALA F 27 -7.18 -37.64 14.49
CA ALA F 27 -6.78 -37.24 15.84
C ALA F 27 -6.45 -38.46 16.69
N ALA F 28 -7.28 -39.49 16.62
CA ALA F 28 -7.00 -40.72 17.36
C ALA F 28 -5.71 -41.36 16.87
N ARG F 29 -5.46 -41.31 15.56
CA ARG F 29 -4.21 -41.82 15.00
C ARG F 29 -3.01 -41.05 15.53
N ALA F 30 -3.13 -39.73 15.61
CA ALA F 30 -2.03 -38.92 16.13
C ALA F 30 -1.71 -39.30 17.56
N ILE F 31 -2.75 -39.46 18.39
CA ILE F 31 -2.51 -39.84 19.78
C ILE F 31 -1.92 -41.24 19.87
N ALA F 32 -2.43 -42.17 19.05
CA ALA F 32 -1.94 -43.52 19.07
C ALA F 32 -0.47 -43.56 18.68
N ASP F 33 -0.08 -42.83 17.65
CA ASP F 33 1.31 -42.80 17.24
C ASP F 33 2.18 -42.11 18.27
N MET F 34 1.64 -41.10 18.96
CA MET F 34 2.41 -40.42 20.00
C MET F 34 2.74 -41.39 21.13
N VAL F 35 1.73 -42.15 21.58
CA VAL F 35 1.92 -43.06 22.72
C VAL F 35 2.45 -44.43 22.29
N LYS F 36 2.56 -44.68 20.98
CA LYS F 36 3.09 -45.95 20.49
C LYS F 36 4.52 -46.17 20.96
N THR F 37 5.32 -45.11 20.93
CA THR F 37 6.75 -45.21 21.21
C THR F 37 7.07 -45.59 22.64
N THR F 38 6.12 -45.51 23.57
CA THR F 38 6.37 -45.77 24.98
C THR F 38 5.83 -47.11 25.45
N LEU F 39 5.66 -48.07 24.53
CA LEU F 39 5.16 -49.40 24.85
C LEU F 39 6.34 -50.36 24.90
N GLY F 40 6.73 -50.76 26.11
CA GLY F 40 7.70 -51.82 26.30
C GLY F 40 8.75 -51.51 27.34
N PRO F 41 9.64 -52.48 27.59
CA PRO F 41 10.78 -52.21 28.50
C PRO F 41 11.63 -51.04 28.05
N ARG F 42 11.88 -50.95 26.75
CA ARG F 42 12.69 -49.88 26.17
C ARG F 42 11.84 -48.73 25.68
N GLY F 43 10.72 -48.47 26.34
CA GLY F 43 9.85 -47.39 25.94
C GLY F 43 10.56 -46.05 26.01
N MET F 44 10.79 -45.45 24.85
CA MET F 44 11.38 -44.11 24.81
C MET F 44 10.45 -43.14 25.52
N ASN F 45 10.94 -42.52 26.60
CA ASN F 45 10.11 -41.68 27.44
C ASN F 45 9.65 -40.45 26.68
N LYS F 46 8.62 -39.80 27.23
CA LYS F 46 8.09 -38.55 26.72
C LYS F 46 8.21 -37.50 27.80
N MET F 47 8.19 -36.23 27.39
CA MET F 47 8.33 -35.10 28.30
C MET F 47 7.03 -34.30 28.24
N LEU F 48 6.59 -33.80 29.40
CA LEU F 48 5.35 -33.02 29.52
C LEU F 48 5.71 -31.61 29.96
N VAL F 49 5.61 -30.66 29.03
CA VAL F 49 5.93 -29.26 29.28
C VAL F 49 4.63 -28.46 29.23
N ASN F 50 4.47 -27.56 30.19
CA ASN F 50 3.29 -26.71 30.30
C ASN F 50 3.73 -25.25 30.24
N SER F 51 2.73 -24.36 30.12
CA SER F 51 3.03 -22.94 30.03
C SER F 51 3.75 -22.42 31.27
N LEU F 52 3.51 -23.05 32.42
CA LEU F 52 4.23 -22.67 33.64
C LEU F 52 5.70 -23.05 33.59
N GLY F 53 6.12 -23.91 32.66
CA GLY F 53 7.50 -24.31 32.52
C GLY F 53 7.90 -25.56 33.27
N ASP F 54 7.03 -26.10 34.11
CA ASP F 54 7.35 -27.33 34.83
C ASP F 54 7.44 -28.48 33.82
N VAL F 55 8.40 -29.38 34.06
CA VAL F 55 8.66 -30.51 33.17
C VAL F 55 8.74 -31.77 34.01
N THR F 56 8.06 -32.83 33.54
CA THR F 56 8.11 -34.14 34.17
C THR F 56 8.37 -35.17 33.09
N ILE F 57 9.37 -36.02 33.31
CA ILE F 57 9.70 -37.09 32.38
C ILE F 57 8.96 -38.34 32.84
N THR F 58 8.13 -38.89 31.95
CA THR F 58 7.33 -40.07 32.24
C THR F 58 7.30 -40.97 31.02
N ASN F 59 7.08 -42.26 31.25
CA ASN F 59 6.88 -43.23 30.19
C ASN F 59 5.60 -44.04 30.35
N ASP F 60 5.05 -44.16 31.55
CA ASP F 60 3.77 -44.82 31.71
C ASP F 60 2.70 -44.01 30.98
N GLY F 61 2.01 -44.66 30.04
CA GLY F 61 1.05 -43.97 29.21
C GLY F 61 -0.10 -43.34 29.97
N ALA F 62 -0.34 -43.79 31.21
CA ALA F 62 -1.39 -43.20 32.01
C ALA F 62 -1.17 -41.70 32.20
N THR F 63 0.03 -41.31 32.64
CA THR F 63 0.33 -39.89 32.83
C THR F 63 0.27 -39.14 31.51
N ILE F 64 0.75 -39.77 30.44
CA ILE F 64 0.86 -39.12 29.14
C ILE F 64 -0.54 -38.77 28.65
N LEU F 65 -1.47 -39.71 28.76
CA LEU F 65 -2.86 -39.41 28.45
C LEU F 65 -3.51 -38.53 29.51
N GLU F 66 -2.94 -38.46 30.70
CA GLU F 66 -3.55 -37.67 31.77
C GLU F 66 -3.44 -36.17 31.49
N GLU F 67 -2.22 -35.66 31.39
CA GLU F 67 -2.00 -34.20 31.40
C GLU F 67 -1.43 -33.68 30.07
N MET F 68 -1.97 -34.15 28.95
CA MET F 68 -1.66 -33.60 27.64
C MET F 68 -2.80 -32.71 27.17
N ASP F 69 -2.43 -31.66 26.42
CA ASP F 69 -3.43 -30.76 25.85
C ASP F 69 -4.07 -31.38 24.62
N ILE F 70 -5.39 -31.54 24.67
CA ILE F 70 -6.18 -32.04 23.55
C ILE F 70 -7.40 -31.15 23.36
N GLU F 71 -7.36 -30.32 22.32
CA GLU F 71 -8.53 -29.54 21.92
C GLU F 71 -9.55 -30.39 21.18
N HIS F 72 -9.12 -31.40 20.45
CA HIS F 72 -10.02 -32.20 19.64
C HIS F 72 -10.91 -33.05 20.55
N PRO F 73 -12.26 -33.02 20.40
CA PRO F 73 -13.10 -33.73 21.38
C PRO F 73 -13.12 -35.23 21.16
N ALA F 74 -13.03 -35.66 19.89
CA ALA F 74 -12.94 -37.08 19.61
C ALA F 74 -11.72 -37.69 20.28
N ALA F 75 -10.60 -36.97 20.23
CA ALA F 75 -9.45 -37.36 21.03
C ALA F 75 -9.76 -37.26 22.51
N LYS F 76 -10.53 -36.25 22.91
CA LYS F 76 -10.85 -36.05 24.33
C LYS F 76 -11.64 -37.22 24.91
N MET F 77 -12.28 -38.03 24.07
CA MET F 77 -12.89 -39.25 24.60
C MET F 77 -11.83 -40.25 25.09
N LEU F 78 -10.66 -40.27 24.46
CA LEU F 78 -9.64 -41.22 24.88
C LEU F 78 -9.17 -40.96 26.30
N LYS F 79 -9.34 -39.74 26.81
CA LYS F 79 -9.22 -39.47 28.23
C LYS F 79 -10.10 -40.44 29.02
N GLU F 80 -11.37 -40.52 28.65
CA GLU F 80 -12.32 -41.33 29.41
C GLU F 80 -12.00 -42.81 29.23
N VAL F 81 -11.56 -43.19 28.03
CA VAL F 81 -11.15 -44.57 27.80
C VAL F 81 -10.00 -44.95 28.74
N ALA F 82 -8.99 -44.09 28.83
CA ALA F 82 -7.84 -44.38 29.69
C ALA F 82 -8.25 -44.38 31.16
N LYS F 83 -9.21 -43.55 31.51
CA LYS F 83 -9.62 -43.46 32.91
C LYS F 83 -10.35 -44.75 33.22
N ALA F 84 -11.20 -45.24 32.34
CA ALA F 84 -11.88 -46.51 32.59
C ALA F 84 -10.87 -47.64 32.70
N GLN F 85 -9.86 -47.64 31.83
CA GLN F 85 -8.85 -48.68 31.86
C GLN F 85 -8.13 -48.69 33.20
N GLU F 86 -7.69 -47.52 33.66
CA GLU F 86 -6.99 -47.42 34.93
C GLU F 86 -7.90 -47.84 36.08
N GLU F 87 -9.19 -47.48 35.99
CA GLU F 87 -10.12 -47.78 37.07
C GLU F 87 -10.33 -49.28 37.23
N GLU F 88 -10.65 -49.98 36.14
CA GLU F 88 -10.90 -51.42 36.29
C GLU F 88 -9.61 -52.20 36.43
N ALA F 89 -8.67 -52.02 35.50
CA ALA F 89 -7.48 -52.87 35.43
C ALA F 89 -6.30 -52.28 36.20
N GLY F 90 -6.01 -51.00 36.01
CA GLY F 90 -4.85 -50.38 36.61
C GLY F 90 -3.56 -50.56 35.84
N ASP F 91 -3.58 -51.31 34.74
CA ASP F 91 -2.40 -51.49 33.90
C ASP F 91 -2.88 -51.81 32.49
N GLY F 92 -2.27 -51.14 31.50
CA GLY F 92 -2.52 -51.44 30.10
C GLY F 92 -3.16 -50.31 29.33
N THR F 93 -2.97 -49.08 29.78
CA THR F 93 -3.51 -47.94 29.05
C THR F 93 -2.82 -47.76 27.71
N THR F 94 -1.49 -47.89 27.67
CA THR F 94 -0.76 -47.74 26.42
C THR F 94 -1.10 -48.85 25.44
N THR F 95 -1.28 -50.07 25.96
CA THR F 95 -1.72 -51.17 25.11
C THR F 95 -3.10 -50.88 24.52
N ALA F 96 -4.00 -50.36 25.35
CA ALA F 96 -5.35 -50.05 24.87
C ALA F 96 -5.33 -48.98 23.79
N VAL F 97 -4.55 -47.93 24.00
CA VAL F 97 -4.54 -46.84 23.03
C VAL F 97 -3.89 -47.27 21.74
N VAL F 98 -2.81 -48.06 21.82
CA VAL F 98 -2.16 -48.51 20.58
C VAL F 98 -3.09 -49.46 19.84
N LEU F 99 -3.81 -50.32 20.57
CA LEU F 99 -4.76 -51.21 19.93
C LEU F 99 -5.88 -50.42 19.25
N ALA F 100 -6.35 -49.37 19.91
CA ALA F 100 -7.36 -48.51 19.29
C ALA F 100 -6.82 -47.86 18.04
N GLY F 101 -5.56 -47.43 18.07
CA GLY F 101 -4.97 -46.83 16.88
C GLY F 101 -4.91 -47.79 15.71
N ALA F 102 -4.45 -49.02 15.97
CA ALA F 102 -4.37 -50.00 14.88
C ALA F 102 -5.76 -50.38 14.39
N LEU F 103 -6.72 -50.50 15.31
CA LEU F 103 -8.09 -50.83 14.94
C LEU F 103 -8.68 -49.75 14.04
N LEU F 104 -8.44 -48.48 14.38
CA LEU F 104 -8.95 -47.41 13.54
C LEU F 104 -8.18 -47.31 12.23
N GLU F 105 -6.91 -47.71 12.22
CA GLU F 105 -6.18 -47.86 10.95
C GLU F 105 -6.94 -48.75 9.99
N GLU F 106 -7.15 -50.00 10.41
CA GLU F 106 -7.80 -50.94 9.51
C GLU F 106 -9.27 -50.59 9.30
N ALA F 107 -9.90 -49.91 10.26
CA ALA F 107 -11.28 -49.47 10.04
C ALA F 107 -11.34 -48.40 8.96
N GLU F 108 -10.42 -47.43 9.00
CA GLU F 108 -10.36 -46.42 7.95
C GLU F 108 -10.18 -47.06 6.58
N LYS F 109 -9.21 -47.97 6.42
CA LYS F 109 -8.97 -48.48 5.07
C LYS F 109 -9.98 -49.57 4.70
N LEU F 110 -10.79 -50.03 5.66
CA LEU F 110 -11.97 -50.80 5.28
C LEU F 110 -13.11 -49.89 4.79
N ILE F 111 -13.25 -48.69 5.36
CA ILE F 111 -14.22 -47.76 4.77
C ILE F 111 -13.73 -47.29 3.41
N GLU F 112 -12.41 -47.22 3.22
CA GLU F 112 -11.88 -46.85 1.91
C GLU F 112 -12.29 -47.85 0.84
N GLN F 113 -12.23 -49.14 1.17
CA GLN F 113 -12.64 -50.17 0.22
C GLN F 113 -14.11 -50.02 -0.16
N GLY F 114 -14.95 -49.75 0.84
CA GLY F 114 -16.36 -49.49 0.60
C GLY F 114 -17.31 -50.09 1.63
N ILE F 115 -16.77 -50.84 2.59
CA ILE F 115 -17.63 -51.46 3.60
C ILE F 115 -18.27 -50.38 4.44
N HIS F 116 -19.54 -50.56 4.77
CA HIS F 116 -20.24 -49.60 5.58
C HIS F 116 -19.69 -49.64 7.02
N PRO F 117 -19.69 -48.50 7.73
CA PRO F 117 -19.14 -48.53 9.10
C PRO F 117 -19.87 -49.47 10.05
N THR F 118 -21.18 -49.61 9.92
CA THR F 118 -21.92 -50.46 10.85
C THR F 118 -21.49 -51.91 10.70
N THR F 119 -21.18 -52.34 9.48
CA THR F 119 -20.65 -53.68 9.28
C THR F 119 -19.32 -53.85 9.99
N ILE F 120 -18.47 -52.81 9.94
CA ILE F 120 -17.20 -52.86 10.66
C ILE F 120 -17.43 -53.00 12.15
N ILE F 121 -18.40 -52.26 12.69
CA ILE F 121 -18.67 -52.33 14.12
C ILE F 121 -19.14 -53.73 14.49
N LYS F 122 -20.05 -54.30 13.70
CA LYS F 122 -20.56 -55.63 14.00
C LYS F 122 -19.45 -56.66 13.95
N GLY F 123 -18.60 -56.57 12.93
CA GLY F 123 -17.49 -57.50 12.81
C GLY F 123 -16.51 -57.37 13.96
N TYR F 124 -16.20 -56.14 14.37
CA TYR F 124 -15.31 -55.94 15.51
C TYR F 124 -15.91 -56.51 16.78
N ARG F 125 -17.23 -56.35 16.97
CA ARG F 125 -17.88 -56.91 18.14
C ARG F 125 -17.72 -58.43 18.18
N LYS F 126 -18.00 -59.09 17.05
CA LYS F 126 -17.83 -60.55 17.03
C LYS F 126 -16.37 -60.93 17.24
N ALA F 127 -15.45 -60.19 16.60
CA ALA F 127 -14.04 -60.48 16.72
C ALA F 127 -13.58 -60.40 18.16
N VAL F 128 -14.12 -59.43 18.90
CA VAL F 128 -13.63 -59.21 20.25
C VAL F 128 -14.28 -60.17 21.23
N ASP F 129 -15.53 -60.58 20.97
CA ASP F 129 -16.10 -61.67 21.75
C ASP F 129 -15.23 -62.92 21.63
N LYS F 130 -14.92 -63.30 20.38
CA LYS F 130 -14.07 -64.48 20.21
C LYS F 130 -12.66 -64.24 20.73
N ALA F 131 -12.18 -63.01 20.68
CA ALA F 131 -10.84 -62.73 21.20
C ALA F 131 -10.77 -62.93 22.70
N LEU F 132 -11.78 -62.46 23.43
CA LEU F 132 -11.81 -62.69 24.86
C LEU F 132 -11.93 -64.18 25.16
N GLU F 133 -12.75 -64.90 24.39
CA GLU F 133 -12.85 -66.34 24.60
C GLU F 133 -11.50 -67.03 24.38
N VAL F 134 -10.80 -66.66 23.29
CA VAL F 134 -9.52 -67.27 22.97
C VAL F 134 -8.50 -66.98 24.05
N LEU F 135 -8.47 -65.73 24.51
CA LEU F 135 -7.53 -65.36 25.57
C LEU F 135 -7.84 -66.13 26.86
N GLU F 136 -9.12 -66.42 27.11
CA GLU F 136 -9.45 -67.30 28.22
C GLU F 136 -8.87 -68.69 28.02
N GLU F 137 -8.98 -69.24 26.81
CA GLU F 137 -8.49 -70.60 26.60
C GLU F 137 -6.97 -70.67 26.72
N VAL F 138 -6.27 -69.70 26.14
CA VAL F 138 -4.81 -69.82 26.02
C VAL F 138 -4.10 -69.53 27.33
N ALA F 139 -4.73 -68.76 28.23
CA ALA F 139 -4.05 -68.33 29.45
C ALA F 139 -3.68 -69.52 30.32
N ILE F 140 -2.43 -69.52 30.79
CA ILE F 140 -1.91 -70.58 31.65
C ILE F 140 -2.25 -70.21 33.08
N PRO F 141 -2.70 -71.15 33.93
CA PRO F 141 -3.07 -70.77 35.29
C PRO F 141 -1.86 -70.73 36.22
N VAL F 142 -2.03 -70.00 37.32
CA VAL F 142 -0.98 -69.80 38.32
C VAL F 142 -1.59 -69.95 39.71
N ASP F 143 -0.87 -70.62 40.59
CA ASP F 143 -1.25 -70.69 41.99
C ASP F 143 -0.63 -69.53 42.76
N PRO F 144 -1.15 -69.20 43.94
CA PRO F 144 -0.58 -68.08 44.71
C PRO F 144 0.65 -68.43 45.55
N ASP F 145 1.23 -69.61 45.37
CA ASP F 145 2.40 -70.05 46.13
C ASP F 145 3.63 -70.32 45.27
N ASP F 146 3.51 -70.27 43.95
CA ASP F 146 4.66 -70.48 43.07
C ASP F 146 5.44 -69.18 43.01
N GLU F 147 6.47 -69.05 43.86
CA GLU F 147 7.13 -67.78 44.08
C GLU F 147 7.78 -67.25 42.80
N GLU F 148 8.38 -68.13 42.01
CA GLU F 148 9.05 -67.69 40.79
C GLU F 148 8.05 -67.09 39.81
N THR F 149 6.86 -67.68 39.69
CA THR F 149 5.85 -67.15 38.78
C THR F 149 5.36 -65.77 39.23
N LEU F 150 5.15 -65.59 40.54
CA LEU F 150 4.76 -64.27 41.02
C LEU F 150 5.86 -63.26 40.77
N LYS F 151 7.12 -63.66 40.97
CA LYS F 151 8.23 -62.76 40.69
C LYS F 151 8.28 -62.40 39.21
N ALA F 152 7.99 -63.37 38.34
CA ALA F 152 7.99 -63.09 36.91
C ALA F 152 6.88 -62.11 36.54
N VAL F 153 5.68 -62.30 37.08
CA VAL F 153 4.58 -61.37 36.83
C VAL F 153 4.97 -59.98 37.31
N ALA F 154 5.53 -59.90 38.52
CA ALA F 154 5.90 -58.62 39.09
C ALA F 154 6.95 -57.94 38.23
N ARG F 155 7.98 -58.68 37.79
CA ARG F 155 9.03 -58.07 36.99
C ARG F 155 8.51 -57.63 35.64
N THR F 156 7.61 -58.41 35.02
CA THR F 156 7.08 -58.03 33.72
C THR F 156 6.27 -56.75 33.81
N ALA F 157 5.41 -56.63 34.82
CA ALA F 157 4.64 -55.39 34.96
C ALA F 157 5.53 -54.25 35.41
N MET F 158 6.40 -54.52 36.38
CA MET F 158 7.38 -53.57 36.89
C MET F 158 8.22 -53.01 35.76
N THR F 159 8.43 -53.79 34.70
CA THR F 159 9.20 -53.36 33.54
C THR F 159 8.61 -52.08 32.95
N GLY F 160 9.49 -51.28 32.36
CA GLY F 160 9.12 -50.09 31.61
C GLY F 160 9.74 -48.80 32.10
N LYS F 161 9.86 -48.64 33.41
CA LYS F 161 10.11 -47.33 34.01
C LYS F 161 11.28 -47.29 34.98
N ALA F 162 11.60 -48.40 35.65
CA ALA F 162 12.75 -48.40 36.54
C ALA F 162 14.06 -48.53 35.77
N SER F 163 15.14 -48.15 36.43
CA SER F 163 16.47 -48.44 35.89
C SER F 163 16.71 -49.93 35.87
N GLU F 164 17.55 -50.38 34.94
CA GLU F 164 17.79 -51.81 34.77
C GLU F 164 18.48 -52.43 35.97
N GLU F 165 19.13 -51.64 36.83
CA GLU F 165 19.91 -52.21 37.91
C GLU F 165 19.02 -52.78 39.01
N ASN F 166 17.98 -52.05 39.41
CA ASN F 166 17.22 -52.35 40.63
C ASN F 166 15.95 -53.12 40.35
N ARG F 167 15.90 -53.88 39.24
CA ARG F 167 14.71 -54.65 38.92
C ARG F 167 14.52 -55.81 39.89
N GLU F 168 15.58 -56.57 40.13
CA GLU F 168 15.49 -57.70 41.07
C GLU F 168 15.14 -57.21 42.46
N GLU F 169 15.77 -56.12 42.90
CA GLU F 169 15.54 -55.62 44.25
C GLU F 169 14.09 -55.20 44.43
N ILE F 170 13.56 -54.38 43.52
CA ILE F 170 12.22 -53.86 43.70
C ILE F 170 11.20 -54.98 43.54
N ALA F 171 11.45 -55.93 42.64
CA ALA F 171 10.54 -57.07 42.50
C ALA F 171 10.52 -57.91 43.77
N ASP F 172 11.70 -58.16 44.36
CA ASP F 172 11.78 -58.92 45.60
C ASP F 172 11.02 -58.21 46.71
N LEU F 173 11.21 -56.89 46.84
CA LEU F 173 10.48 -56.15 47.85
C LEU F 173 8.98 -56.17 47.58
N VAL F 174 8.58 -56.15 46.31
CA VAL F 174 7.17 -56.19 45.96
C VAL F 174 6.54 -57.47 46.45
N VAL F 175 7.15 -58.61 46.12
CA VAL F 175 6.55 -59.89 46.51
C VAL F 175 6.63 -60.06 48.02
N GLU F 176 7.71 -59.57 48.65
CA GLU F 176 7.82 -59.68 50.10
C GLU F 176 6.71 -58.89 50.79
N ALA F 177 6.46 -57.66 50.33
CA ALA F 177 5.40 -56.86 50.92
C ALA F 177 4.03 -57.48 50.68
N VAL F 178 3.82 -58.01 49.47
CA VAL F 178 2.53 -58.61 49.14
C VAL F 178 2.25 -59.81 50.04
N LEU F 179 3.27 -60.65 50.27
CA LEU F 179 3.08 -61.83 51.11
C LEU F 179 2.96 -61.45 52.59
N SER F 180 3.82 -60.56 53.07
CA SER F 180 3.83 -60.24 54.50
C SER F 180 2.59 -59.48 54.91
N LEU F 181 2.14 -58.53 54.09
CA LEU F 181 0.91 -57.78 54.34
C LEU F 181 -0.31 -58.46 53.73
N ALA F 182 -0.26 -59.78 53.54
CA ALA F 182 -1.38 -60.51 52.95
C ALA F 182 -2.53 -60.62 53.95
N GLU F 183 -3.46 -59.69 53.89
CA GLU F 183 -4.65 -59.71 54.76
C GLU F 183 -5.66 -60.67 54.15
N ASP F 184 -5.74 -61.87 54.71
CA ASP F 184 -6.56 -62.95 54.13
C ASP F 184 -8.03 -62.63 54.39
N GLY F 185 -8.59 -61.78 53.52
CA GLY F 185 -10.00 -61.44 53.57
C GLY F 185 -10.85 -62.40 52.76
N GLY F 186 -10.91 -63.65 53.19
CA GLY F 186 -11.66 -64.66 52.46
C GLY F 186 -11.10 -64.97 51.10
N GLY F 187 -9.78 -65.13 51.00
CA GLY F 187 -9.10 -65.44 49.75
C GLY F 187 -8.65 -64.22 48.97
N LYS F 188 -9.51 -63.21 48.86
CA LYS F 188 -9.19 -61.98 48.15
C LYS F 188 -8.38 -61.09 49.07
N TYR F 189 -7.06 -61.09 48.92
CA TYR F 189 -6.20 -60.31 49.78
C TYR F 189 -6.35 -58.82 49.45
N ARG F 190 -6.57 -58.01 50.49
CA ARG F 190 -6.79 -56.57 50.32
C ARG F 190 -5.44 -55.85 50.32
N VAL F 191 -4.67 -56.12 49.27
CA VAL F 191 -3.36 -55.46 49.08
C VAL F 191 -3.65 -54.18 48.30
N ASP F 192 -4.06 -53.15 49.04
CA ASP F 192 -4.37 -51.87 48.45
C ASP F 192 -3.09 -51.06 48.19
N LEU F 193 -3.21 -50.09 47.28
CA LEU F 193 -2.07 -49.24 46.97
C LEU F 193 -1.64 -48.39 48.16
N ASP F 194 -2.61 -48.00 49.01
CA ASP F 194 -2.35 -47.17 50.17
C ASP F 194 -2.12 -47.97 51.45
N ASN F 195 -1.61 -49.21 51.32
CA ASN F 195 -1.38 -50.09 52.46
C ASN F 195 0.09 -50.40 52.74
N ILE F 196 0.95 -50.30 51.73
CA ILE F 196 2.35 -50.70 51.85
C ILE F 196 3.20 -49.47 52.12
N LYS F 197 4.20 -49.64 52.98
CA LYS F 197 4.87 -48.53 53.65
C LYS F 197 6.13 -48.14 52.86
N ILE F 198 6.10 -46.97 52.23
CA ILE F 198 7.28 -46.35 51.65
C ILE F 198 7.22 -44.86 51.95
N GLU F 199 8.41 -44.23 52.00
CA GLU F 199 8.55 -42.79 52.16
C GLU F 199 9.31 -42.24 50.97
N LYS F 200 9.02 -40.98 50.62
CA LYS F 200 9.67 -40.29 49.50
C LYS F 200 10.79 -39.40 50.04
N GLN F 201 11.94 -39.44 49.36
CA GLN F 201 13.08 -38.60 49.73
C GLN F 201 14.08 -38.62 48.58
N THR F 202 14.68 -37.48 48.32
CA THR F 202 15.67 -37.37 47.25
C THR F 202 16.96 -38.07 47.64
N GLY F 203 17.63 -38.65 46.64
CA GLY F 203 18.89 -39.32 46.87
C GLY F 203 18.71 -40.69 47.50
N GLY F 204 19.79 -41.17 48.08
CA GLY F 204 19.76 -42.49 48.71
C GLY F 204 19.54 -43.58 47.67
N GLY F 205 18.57 -44.44 47.94
CA GLY F 205 18.25 -45.53 47.05
C GLY F 205 16.87 -46.08 47.31
N ALA F 206 16.52 -47.11 46.56
CA ALA F 206 15.22 -47.76 46.68
C ALA F 206 15.18 -48.80 47.81
N SER F 207 16.27 -48.98 48.55
CA SER F 207 16.32 -49.97 49.62
C SER F 207 15.61 -49.52 50.89
N ASP F 208 14.92 -48.38 50.88
CA ASP F 208 14.09 -47.92 51.99
C ASP F 208 12.62 -48.27 51.82
N THR F 209 12.29 -49.11 50.85
CA THR F 209 10.91 -49.59 50.65
C THR F 209 10.68 -50.80 51.57
N GLU F 210 10.70 -50.52 52.87
CA GLU F 210 10.56 -51.52 53.92
C GLU F 210 9.25 -51.32 54.66
N LEU F 211 8.87 -52.36 55.42
CA LEU F 211 7.61 -52.34 56.17
C LEU F 211 7.85 -51.60 57.48
N ILE F 212 7.56 -50.30 57.48
CA ILE F 212 7.57 -49.48 58.69
C ILE F 212 6.13 -49.32 59.13
N GLU F 213 5.76 -49.96 60.23
CA GLU F 213 4.36 -50.13 60.59
C GLU F 213 3.75 -48.81 61.05
N GLY F 214 3.56 -47.88 60.13
CA GLY F 214 2.98 -46.59 60.44
C GLY F 214 3.20 -45.60 59.33
N VAL F 215 2.31 -44.62 59.27
CA VAL F 215 2.37 -43.59 58.25
C VAL F 215 3.42 -42.55 58.66
N VAL F 216 4.44 -42.39 57.83
CA VAL F 216 5.54 -41.46 58.10
C VAL F 216 5.26 -40.15 57.38
N LEU F 217 5.37 -39.04 58.10
CA LEU F 217 5.10 -37.72 57.57
C LEU F 217 6.40 -36.99 57.28
N ASP F 218 6.46 -36.35 56.11
CA ASP F 218 7.64 -35.59 55.69
C ASP F 218 7.57 -34.15 56.23
N LYS F 219 7.59 -34.05 57.55
CA LYS F 219 7.55 -32.76 58.24
C LYS F 219 8.43 -32.83 59.48
N GLU F 220 9.09 -31.72 59.78
CA GLU F 220 9.99 -31.66 60.93
C GLU F 220 9.20 -31.41 62.21
N PRO F 221 9.76 -31.76 63.38
CA PRO F 221 9.12 -31.36 64.63
C PRO F 221 9.09 -29.84 64.77
N VAL F 222 7.99 -29.34 65.35
CA VAL F 222 7.83 -27.89 65.49
C VAL F 222 8.82 -27.35 66.52
N HIS F 223 9.04 -28.07 67.61
CA HIS F 223 9.86 -27.62 68.73
C HIS F 223 10.95 -28.64 68.99
N GLU F 224 12.17 -28.14 69.24
CA GLU F 224 13.32 -29.03 69.40
C GLU F 224 13.17 -29.92 70.62
N ASP F 225 12.84 -29.33 71.77
CA ASP F 225 12.65 -30.08 73.02
C ASP F 225 11.36 -30.88 73.04
N MET F 226 10.57 -30.87 71.97
CA MET F 226 9.45 -31.80 71.86
C MET F 226 10.00 -33.22 71.95
N PRO F 227 9.40 -34.11 72.81
CA PRO F 227 9.99 -35.45 72.96
C PRO F 227 9.96 -36.25 71.68
N LYS F 228 11.13 -36.49 71.11
CA LYS F 228 11.22 -37.20 69.84
C LYS F 228 10.85 -38.66 69.99
N LYS F 229 11.24 -39.28 71.11
CA LYS F 229 10.97 -40.68 71.39
C LYS F 229 9.82 -40.77 72.39
N LEU F 230 8.80 -41.57 72.05
CA LEU F 230 7.66 -41.79 72.93
C LEU F 230 7.16 -43.21 72.67
N GLU F 231 7.54 -44.14 73.53
CA GLU F 231 7.09 -45.52 73.40
C GLU F 231 5.69 -45.67 73.99
N ASN F 232 4.84 -46.41 73.27
CA ASN F 232 3.44 -46.60 73.66
C ASN F 232 2.72 -45.27 73.81
N ALA F 233 3.03 -44.34 72.92
CA ALA F 233 2.49 -42.99 73.02
C ALA F 233 0.98 -42.99 72.80
N LYS F 234 0.29 -42.15 73.56
CA LYS F 234 -1.14 -41.95 73.40
C LYS F 234 -1.36 -40.99 72.24
N VAL F 235 -1.62 -41.55 71.06
CA VAL F 235 -1.67 -40.76 69.82
C VAL F 235 -3.09 -40.24 69.62
N ALA F 236 -3.20 -38.96 69.29
CA ALA F 236 -4.46 -38.32 68.96
C ALA F 236 -4.39 -37.78 67.53
N VAL F 237 -5.55 -37.57 66.94
CA VAL F 237 -5.68 -36.98 65.61
C VAL F 237 -6.71 -35.87 65.68
N LEU F 238 -6.30 -34.66 65.28
CA LEU F 238 -7.16 -33.48 65.31
C LEU F 238 -7.14 -32.82 63.94
N ASP F 239 -8.11 -31.93 63.72
CA ASP F 239 -8.22 -31.19 62.47
C ASP F 239 -8.53 -29.71 62.65
N ALA F 240 -8.95 -29.26 63.84
CA ALA F 240 -9.25 -27.86 64.02
C ALA F 240 -7.97 -27.03 64.03
N PRO F 241 -8.04 -25.75 63.67
CA PRO F 241 -6.80 -24.94 63.62
C PRO F 241 -6.34 -24.57 65.02
N ILE F 242 -5.19 -25.10 65.42
CA ILE F 242 -4.62 -24.83 66.73
C ILE F 242 -3.86 -23.51 66.71
N ILE F 253 -11.57 -7.29 68.38
CA ILE F 253 -11.33 -7.03 69.79
C ILE F 253 -11.47 -5.53 70.06
N SER F 254 -12.30 -5.19 71.04
CA SER F 254 -12.54 -3.81 71.44
C SER F 254 -11.83 -3.55 72.76
N ILE F 255 -10.99 -2.51 72.78
CA ILE F 255 -10.18 -2.16 73.95
C ILE F 255 -10.69 -0.83 74.49
N SER F 256 -10.95 -0.79 75.79
CA SER F 256 -11.41 0.42 76.48
C SER F 256 -10.41 0.89 77.52
N SER F 257 -9.98 0.03 78.42
CA SER F 257 -9.01 0.34 79.47
C SER F 257 -7.61 -0.08 79.03
N PRO F 258 -6.57 0.42 79.69
CA PRO F 258 -5.21 0.00 79.32
C PRO F 258 -4.96 -1.49 79.47
N GLU F 259 -5.56 -2.14 80.47
CA GLU F 259 -5.33 -3.55 80.76
C GLU F 259 -6.35 -4.47 80.11
N GLN F 260 -7.29 -3.93 79.33
CA GLN F 260 -8.32 -4.79 78.74
C GLN F 260 -7.71 -5.71 77.68
N PHE F 261 -6.72 -5.22 76.92
CA PHE F 261 -6.02 -6.08 75.97
C PHE F 261 -5.33 -7.23 76.68
N GLN F 262 -4.66 -6.94 77.79
CA GLN F 262 -4.07 -8.00 78.60
C GLN F 262 -5.14 -8.95 79.11
N ALA F 263 -6.34 -8.42 79.39
CA ALA F 263 -7.43 -9.29 79.85
C ALA F 263 -7.87 -10.26 78.76
N PHE F 264 -8.01 -9.79 77.50
CA PHE F 264 -8.37 -10.72 76.44
C PHE F 264 -7.27 -11.76 76.23
N LEU F 265 -6.01 -11.32 76.30
CA LEU F 265 -4.92 -12.29 76.18
C LEU F 265 -4.98 -13.32 77.31
N ASP F 266 -5.27 -12.86 78.54
CA ASP F 266 -5.32 -13.77 79.68
C ASP F 266 -6.44 -14.80 79.53
N GLN F 267 -7.63 -14.36 79.12
CA GLN F 267 -8.73 -15.31 78.99
C GLN F 267 -8.53 -16.23 77.78
N GLU F 268 -7.87 -15.75 76.71
CA GLU F 268 -7.55 -16.62 75.60
C GLU F 268 -6.59 -17.72 76.02
N GLU F 269 -5.50 -17.36 76.73
CA GLU F 269 -4.61 -18.42 77.19
C GLU F 269 -5.27 -19.27 78.27
N LYS F 270 -6.24 -18.74 79.00
CA LYS F 270 -6.95 -19.54 80.00
C LYS F 270 -7.80 -20.61 79.35
N GLN F 271 -8.58 -20.24 78.33
CA GLN F 271 -9.38 -21.26 77.65
C GLN F 271 -8.50 -22.21 76.86
N LEU F 272 -7.37 -21.74 76.33
CA LEU F 272 -6.40 -22.66 75.73
C LEU F 272 -5.89 -23.65 76.76
N ARG F 273 -5.58 -23.16 77.96
CA ARG F 273 -5.14 -24.03 79.05
C ARG F 273 -6.22 -25.05 79.39
N GLU F 274 -7.49 -24.61 79.40
CA GLU F 274 -8.58 -25.51 79.75
C GLU F 274 -8.74 -26.62 78.71
N MET F 275 -8.75 -26.27 77.42
CA MET F 275 -8.93 -27.29 76.40
C MET F 275 -7.75 -28.24 76.34
N VAL F 276 -6.51 -27.72 76.42
CA VAL F 276 -5.38 -28.62 76.44
C VAL F 276 -5.33 -29.41 77.75
N ASP F 277 -5.91 -28.88 78.83
CA ASP F 277 -5.97 -29.64 80.08
C ASP F 277 -6.88 -30.84 79.94
N LYS F 278 -8.10 -30.64 79.42
CA LYS F 278 -8.98 -31.79 79.22
C LYS F 278 -8.45 -32.73 78.14
N ILE F 279 -7.62 -32.23 77.22
CA ILE F 279 -6.91 -33.14 76.32
C ILE F 279 -5.92 -34.00 77.10
N VAL F 280 -5.12 -33.37 77.97
CA VAL F 280 -4.11 -34.10 78.73
C VAL F 280 -4.77 -35.07 79.69
N ASP F 281 -5.97 -34.76 80.17
CA ASP F 281 -6.70 -35.70 81.02
C ASP F 281 -6.98 -37.00 80.27
N THR F 282 -7.32 -36.89 78.99
CA THR F 282 -7.37 -38.09 78.14
C THR F 282 -5.99 -38.73 78.03
N GLY F 283 -4.95 -37.91 77.96
CA GLY F 283 -3.57 -38.37 77.94
C GLY F 283 -2.85 -38.20 76.62
N ALA F 284 -3.45 -37.52 75.64
CA ALA F 284 -2.83 -37.39 74.33
C ALA F 284 -1.51 -36.63 74.42
N ASN F 285 -0.48 -37.18 73.75
CA ASN F 285 0.83 -36.56 73.69
C ASN F 285 1.40 -36.50 72.28
N VAL F 286 0.77 -37.13 71.29
CA VAL F 286 1.19 -37.08 69.90
C VAL F 286 -0.01 -36.69 69.06
N VAL F 287 0.12 -35.63 68.27
CA VAL F 287 -0.97 -35.08 67.48
C VAL F 287 -0.45 -34.81 66.07
N PHE F 288 -1.30 -35.04 65.07
CA PHE F 288 -1.05 -34.69 63.68
C PHE F 288 -2.26 -33.87 63.21
N CYS F 289 -2.09 -32.56 63.14
CA CYS F 289 -3.20 -31.65 62.87
C CYS F 289 -3.30 -31.34 61.39
N GLU F 290 -4.53 -31.13 60.93
CA GLU F 290 -4.79 -30.87 59.51
C GLU F 290 -4.45 -29.45 59.09
N LYS F 291 -4.37 -28.50 60.02
CA LYS F 291 -4.24 -27.08 59.73
C LYS F 291 -2.96 -26.53 60.36
N GLY F 292 -2.75 -25.23 60.18
CA GLY F 292 -1.53 -24.58 60.61
C GLY F 292 -1.44 -24.41 62.12
N ILE F 293 -0.37 -23.75 62.54
CA ILE F 293 -0.06 -23.51 63.95
C ILE F 293 0.41 -22.06 64.10
N ASP F 294 0.74 -21.71 65.34
CA ASP F 294 1.35 -20.43 65.68
C ASP F 294 2.51 -20.69 66.63
N ASP F 295 3.43 -19.73 66.70
CA ASP F 295 4.63 -19.90 67.51
C ASP F 295 4.29 -20.11 68.98
N GLN F 296 3.37 -19.29 69.51
CA GLN F 296 2.95 -19.47 70.89
C GLN F 296 2.22 -20.80 71.08
N VAL F 297 1.42 -21.19 70.09
CA VAL F 297 0.66 -22.45 70.18
C VAL F 297 1.62 -23.63 70.27
N GLU F 298 2.59 -23.71 69.35
CA GLU F 298 3.53 -24.82 69.39
C GLU F 298 4.42 -24.75 70.62
N HIS F 299 4.75 -23.53 71.08
CA HIS F 299 5.55 -23.42 72.29
C HIS F 299 4.82 -23.99 73.50
N MET F 300 3.53 -23.65 73.66
CA MET F 300 2.80 -24.16 74.80
C MET F 300 2.45 -25.63 74.63
N LEU F 301 2.35 -26.12 73.39
CA LEU F 301 2.20 -27.55 73.16
C LEU F 301 3.45 -28.31 73.61
N ALA F 302 4.63 -27.81 73.23
CA ALA F 302 5.89 -28.41 73.62
C ALA F 302 6.24 -28.16 75.08
N LYS F 303 5.54 -27.23 75.75
CA LYS F 303 5.72 -27.05 77.18
C LYS F 303 5.39 -28.34 77.94
N LYS F 304 4.31 -29.01 77.53
CA LYS F 304 3.95 -30.32 78.07
C LYS F 304 4.52 -31.47 77.26
N GLY F 305 5.09 -31.21 76.09
CA GLY F 305 5.70 -32.25 75.28
C GLY F 305 4.74 -32.90 74.31
N ILE F 306 4.08 -32.08 73.48
CA ILE F 306 3.04 -32.54 72.57
C ILE F 306 3.54 -32.37 71.14
N LEU F 307 3.50 -33.46 70.37
CA LEU F 307 3.83 -33.40 68.95
C LEU F 307 2.68 -32.82 68.16
N ALA F 308 3.01 -32.00 67.16
CA ALA F 308 2.01 -31.37 66.31
C ALA F 308 2.57 -31.19 64.91
N VAL F 309 1.95 -31.84 63.93
CA VAL F 309 2.29 -31.71 62.51
C VAL F 309 1.13 -31.00 61.83
N ARG F 310 1.45 -30.05 60.95
CA ARG F 310 0.48 -29.16 60.34
C ARG F 310 0.36 -29.41 58.84
N ARG F 311 -0.72 -28.87 58.27
CA ARG F 311 -0.97 -28.91 56.83
C ARG F 311 -0.98 -30.33 56.29
N VAL F 312 -1.54 -31.25 57.07
CA VAL F 312 -1.73 -32.62 56.63
C VAL F 312 -2.97 -32.66 55.74
N LYS F 313 -2.83 -33.25 54.55
CA LYS F 313 -3.91 -33.24 53.57
C LYS F 313 -5.11 -34.02 54.08
N LYS F 314 -6.20 -33.98 53.33
CA LYS F 314 -7.38 -34.74 53.71
C LYS F 314 -7.11 -36.23 53.63
N ASP F 315 -6.51 -36.69 52.52
CA ASP F 315 -6.30 -38.11 52.32
C ASP F 315 -5.32 -38.68 53.34
N ASP F 316 -4.17 -38.02 53.51
CA ASP F 316 -3.18 -38.56 54.44
C ASP F 316 -3.61 -38.39 55.89
N LEU F 317 -4.40 -37.36 56.20
CA LEU F 317 -4.97 -37.25 57.54
C LEU F 317 -5.94 -38.41 57.81
N GLU F 318 -6.79 -38.75 56.84
CA GLU F 318 -7.66 -39.90 57.00
C GLU F 318 -6.85 -41.18 57.14
N LYS F 319 -5.77 -41.30 56.38
CA LYS F 319 -4.89 -42.46 56.50
C LYS F 319 -4.28 -42.55 57.89
N ILE F 320 -3.84 -41.42 58.44
CA ILE F 320 -3.26 -41.41 59.78
C ILE F 320 -4.33 -41.76 60.81
N ALA F 321 -5.55 -41.27 60.62
CA ALA F 321 -6.63 -41.62 61.54
C ALA F 321 -6.91 -43.12 61.52
N LYS F 322 -6.92 -43.72 60.34
CA LYS F 322 -7.11 -45.16 60.24
C LYS F 322 -5.96 -45.92 60.88
N ALA F 323 -4.73 -45.49 60.64
CA ALA F 323 -3.57 -46.23 61.12
C ALA F 323 -3.42 -46.13 62.63
N THR F 324 -3.53 -44.91 63.17
CA THR F 324 -3.24 -44.68 64.59
C THR F 324 -4.39 -45.15 65.48
N GLY F 325 -5.62 -45.21 64.96
CA GLY F 325 -6.78 -45.58 65.74
C GLY F 325 -7.49 -44.42 66.41
N ALA F 326 -6.91 -43.23 66.39
CA ALA F 326 -7.56 -42.04 66.96
C ALA F 326 -8.51 -41.46 65.92
N ARG F 327 -9.81 -41.57 66.17
CA ARG F 327 -10.79 -41.02 65.25
C ARG F 327 -10.65 -39.51 65.16
N VAL F 328 -10.90 -38.98 63.96
CA VAL F 328 -10.80 -37.53 63.76
C VAL F 328 -11.93 -36.85 64.53
N VAL F 329 -11.56 -35.89 65.37
CA VAL F 329 -12.50 -35.24 66.29
C VAL F 329 -12.56 -33.77 65.88
N SER F 330 -13.56 -33.43 65.06
CA SER F 330 -13.76 -32.03 64.68
C SER F 330 -14.12 -31.18 65.89
N ASN F 331 -15.06 -31.66 66.70
CA ASN F 331 -15.46 -30.99 67.94
C ASN F 331 -14.69 -31.63 69.08
N ILE F 332 -13.57 -31.00 69.45
CA ILE F 332 -12.62 -31.61 70.37
C ILE F 332 -13.12 -31.62 71.81
N ASP F 333 -14.21 -30.90 72.11
CA ASP F 333 -14.70 -30.84 73.47
C ASP F 333 -15.16 -32.20 73.98
N GLU F 334 -15.58 -33.09 73.08
CA GLU F 334 -16.02 -34.43 73.45
C GLU F 334 -14.93 -35.48 73.33
N LEU F 335 -13.66 -35.07 73.18
CA LEU F 335 -12.57 -36.03 73.20
C LEU F 335 -12.49 -36.70 74.57
N THR F 336 -12.35 -38.02 74.56
CA THR F 336 -12.33 -38.86 75.75
C THR F 336 -11.13 -39.80 75.67
N PRO F 337 -10.76 -40.43 76.80
CA PRO F 337 -9.68 -41.43 76.73
C PRO F 337 -10.00 -42.58 75.78
N GLU F 338 -11.27 -42.95 75.65
CA GLU F 338 -11.65 -43.99 74.71
C GLU F 338 -11.39 -43.56 73.26
N ASP F 339 -11.45 -42.26 72.98
CA ASP F 339 -11.25 -41.75 71.63
C ASP F 339 -9.80 -41.76 71.19
N LEU F 340 -8.85 -41.90 72.12
CA LEU F 340 -7.44 -41.81 71.79
C LEU F 340 -6.92 -43.11 71.20
N GLY F 341 -5.94 -42.97 70.30
CA GLY F 341 -5.23 -44.09 69.74
C GLY F 341 -3.91 -44.34 70.46
N HIS F 342 -3.21 -45.37 69.99
CA HIS F 342 -1.92 -45.76 70.55
C HIS F 342 -0.97 -46.14 69.42
N ALA F 343 0.30 -45.86 69.64
CA ALA F 343 1.37 -46.22 68.70
C ALA F 343 2.53 -46.82 69.47
N GLY F 344 3.14 -47.86 68.91
CA GLY F 344 4.24 -48.51 69.59
C GLY F 344 5.45 -47.60 69.75
N LEU F 345 5.71 -46.74 68.76
CA LEU F 345 6.87 -45.87 68.81
C LEU F 345 6.64 -44.68 67.89
N VAL F 346 7.26 -43.55 68.26
CA VAL F 346 7.39 -42.40 67.38
C VAL F 346 8.82 -41.90 67.53
N GLU F 347 9.49 -41.63 66.42
CA GLU F 347 10.90 -41.29 66.45
C GLU F 347 11.23 -40.34 65.31
N GLN F 348 12.10 -39.36 65.60
CA GLN F 348 12.65 -38.45 64.60
C GLN F 348 14.03 -38.96 64.23
N ARG F 349 14.18 -39.43 62.98
CA ARG F 349 15.44 -39.96 62.47
C ARG F 349 15.93 -39.05 61.35
N LYS F 350 17.21 -38.67 61.41
CA LYS F 350 17.81 -37.81 60.41
C LYS F 350 18.35 -38.65 59.24
N LYS F 351 17.43 -39.37 58.60
CA LYS F 351 17.77 -40.17 57.43
C LYS F 351 17.88 -39.27 56.21
N GLY F 352 18.97 -39.42 55.47
CA GLY F 352 19.18 -38.56 54.31
C GLY F 352 19.37 -37.11 54.74
N GLU F 353 18.88 -36.20 53.91
CA GLU F 353 18.99 -34.77 54.16
C GLU F 353 17.79 -34.22 54.92
N ASP F 354 16.58 -34.48 54.44
CA ASP F 354 15.39 -33.94 55.06
C ASP F 354 15.14 -34.56 56.43
N ARG F 355 14.71 -33.73 57.37
CA ARG F 355 14.32 -34.20 58.70
C ARG F 355 12.85 -34.58 58.70
N MET F 356 12.54 -35.77 59.19
CA MET F 356 11.17 -36.27 59.21
C MET F 356 10.94 -37.07 60.49
N VAL F 357 9.68 -37.15 60.88
CA VAL F 357 9.27 -37.94 62.04
C VAL F 357 8.90 -39.32 61.51
N PHE F 358 9.78 -40.29 61.71
CA PHE F 358 9.58 -41.66 61.25
C PHE F 358 8.64 -42.37 62.22
N VAL F 359 7.34 -42.19 61.99
CA VAL F 359 6.34 -42.83 62.84
C VAL F 359 6.28 -44.31 62.53
N SER F 360 6.34 -45.15 63.56
CA SER F 360 6.39 -46.59 63.38
C SER F 360 5.76 -47.26 64.59
N GLY F 361 4.72 -48.07 64.35
CA GLY F 361 4.00 -48.76 65.41
C GLY F 361 2.50 -48.51 65.41
N CYS F 362 1.95 -48.17 64.25
CA CYS F 362 0.50 -48.03 64.10
C CYS F 362 -0.08 -49.42 63.88
N LYS F 363 -0.73 -49.98 64.91
CA LYS F 363 -0.98 -51.40 65.00
C LYS F 363 -2.40 -51.83 64.58
N ASN F 364 -3.27 -50.90 64.20
CA ASN F 364 -4.65 -51.28 63.91
C ASN F 364 -4.80 -51.83 62.49
N GLU F 365 -4.46 -51.03 61.49
CA GLU F 365 -4.62 -51.39 60.09
C GLU F 365 -3.36 -51.09 59.29
N PRO F 366 -3.10 -51.81 58.18
CA PRO F 366 -1.99 -51.43 57.30
C PRO F 366 -2.41 -50.32 56.36
N VAL F 367 -1.89 -49.11 56.59
CA VAL F 367 -2.26 -47.92 55.84
C VAL F 367 -0.98 -47.13 55.55
N ALA F 368 -0.91 -46.56 54.35
CA ALA F 368 0.31 -45.88 53.92
C ALA F 368 -0.03 -44.95 52.75
N THR F 369 1.00 -44.28 52.24
CA THR F 369 0.90 -43.34 51.14
C THR F 369 1.89 -43.74 50.05
N ILE F 370 1.58 -43.35 48.82
CA ILE F 370 2.40 -43.72 47.65
C ILE F 370 3.46 -42.64 47.52
N LEU F 371 4.53 -42.80 48.29
CA LEU F 371 5.67 -41.87 48.30
C LEU F 371 6.94 -42.69 48.37
N ILE F 372 7.80 -42.57 47.35
CA ILE F 372 8.90 -43.49 47.14
C ILE F 372 10.16 -42.73 46.75
N ARG F 373 11.31 -43.26 47.20
CA ARG F 373 12.61 -42.63 47.01
C ARG F 373 13.19 -42.94 45.63
N ALA F 374 14.12 -42.09 45.23
CA ALA F 374 15.00 -42.33 44.07
C ALA F 374 16.10 -41.28 44.13
N ALA F 375 16.89 -41.19 43.05
CA ALA F 375 17.99 -40.24 43.00
C ALA F 375 17.48 -38.81 42.76
N THR F 376 16.81 -38.60 41.64
CA THR F 376 16.30 -37.28 41.23
C THR F 376 14.78 -37.30 41.18
N GLU F 377 14.21 -36.10 41.04
CA GLU F 377 12.75 -35.96 41.07
C GLU F 377 12.09 -36.74 39.94
N HIS F 378 12.68 -36.68 38.73
CA HIS F 378 12.15 -37.45 37.62
C HIS F 378 12.16 -38.94 37.93
N VAL F 379 13.30 -39.43 38.44
CA VAL F 379 13.37 -40.84 38.80
C VAL F 379 12.49 -41.15 40.00
N VAL F 380 12.28 -40.18 40.90
CA VAL F 380 11.39 -40.39 42.02
C VAL F 380 9.97 -40.66 41.53
N GLU F 381 9.46 -39.79 40.65
CA GLU F 381 8.11 -39.97 40.12
C GLU F 381 8.02 -41.24 39.30
N GLU F 382 9.06 -41.53 38.50
CA GLU F 382 9.06 -42.74 37.69
C GLU F 382 8.96 -43.98 38.58
N LEU F 383 9.79 -44.05 39.62
CA LEU F 383 9.77 -45.21 40.51
C LEU F 383 8.45 -45.30 41.27
N GLU F 384 7.85 -44.17 41.63
CA GLU F 384 6.55 -44.20 42.29
C GLU F 384 5.50 -44.84 41.40
N ARG F 385 5.42 -44.38 40.14
CA ARG F 385 4.47 -44.98 39.22
C ARG F 385 4.75 -46.46 39.01
N ALA F 386 6.03 -46.80 38.92
CA ALA F 386 6.40 -48.17 38.59
C ALA F 386 6.06 -49.12 39.73
N ILE F 387 6.32 -48.72 40.97
CA ILE F 387 5.97 -49.57 42.09
C ILE F 387 4.45 -49.69 42.21
N ASP F 388 3.72 -48.60 41.95
CA ASP F 388 2.26 -48.67 41.96
C ASP F 388 1.75 -49.69 40.95
N ASP F 389 2.30 -49.65 39.73
CA ASP F 389 1.88 -50.59 38.69
C ASP F 389 2.26 -52.01 39.10
N ALA F 390 3.39 -52.17 39.79
CA ALA F 390 3.83 -53.49 40.21
C ALA F 390 2.85 -54.12 41.20
N LEU F 391 2.48 -53.38 42.25
CA LEU F 391 1.47 -53.91 43.16
C LEU F 391 0.13 -54.12 42.48
N ASN F 392 -0.23 -53.24 41.53
CA ASN F 392 -1.49 -53.47 40.81
C ASN F 392 -1.47 -54.79 40.08
N ALA F 393 -0.37 -55.08 39.38
CA ALA F 393 -0.30 -56.31 38.60
C ALA F 393 -0.26 -57.54 39.48
N VAL F 394 0.53 -57.50 40.56
CA VAL F 394 0.59 -58.70 41.41
C VAL F 394 -0.74 -58.91 42.13
N LYS F 395 -1.43 -57.83 42.50
CA LYS F 395 -2.76 -57.95 43.07
C LYS F 395 -3.71 -58.60 42.08
N ALA F 396 -3.67 -58.16 40.82
CA ALA F 396 -4.54 -58.74 39.81
C ALA F 396 -4.23 -60.21 39.59
N ALA F 397 -2.95 -60.57 39.59
CA ALA F 397 -2.56 -61.96 39.40
C ALA F 397 -3.06 -62.82 40.56
N ILE F 398 -2.90 -62.34 41.79
CA ILE F 398 -3.37 -63.10 42.94
C ILE F 398 -4.89 -63.25 42.90
N LYS F 399 -5.60 -62.16 42.60
CA LYS F 399 -7.06 -62.21 42.56
C LYS F 399 -7.55 -63.16 41.47
N ASP F 400 -7.27 -62.85 40.21
CA ASP F 400 -7.84 -63.60 39.11
C ASP F 400 -7.15 -64.94 38.92
N GLY F 401 -5.85 -65.02 39.19
CA GLY F 401 -5.13 -66.28 39.10
C GLY F 401 -5.06 -66.86 37.71
N LYS F 402 -4.94 -66.02 36.68
CA LYS F 402 -4.73 -66.47 35.32
C LYS F 402 -3.71 -65.52 34.68
N VAL F 403 -2.62 -66.09 34.15
CA VAL F 403 -1.52 -65.33 33.60
C VAL F 403 -1.29 -65.77 32.16
N VAL F 404 -1.07 -64.80 31.28
CA VAL F 404 -0.92 -65.03 29.85
C VAL F 404 0.50 -64.66 29.45
N PRO F 405 1.14 -65.34 28.50
CA PRO F 405 2.46 -64.89 28.05
C PRO F 405 2.40 -63.51 27.42
N GLY F 406 3.32 -62.65 27.83
CA GLY F 406 3.40 -61.29 27.33
C GLY F 406 4.33 -61.17 26.15
N GLY F 407 4.87 -59.98 25.97
CA GLY F 407 5.83 -59.74 24.91
C GLY F 407 5.27 -59.94 23.52
N GLY F 408 3.98 -59.67 23.33
CA GLY F 408 3.35 -59.86 22.04
C GLY F 408 2.93 -61.29 21.75
N ALA F 409 3.23 -62.24 22.63
CA ALA F 409 2.88 -63.63 22.37
C ALA F 409 1.37 -63.83 22.39
N ALA F 410 0.70 -63.26 23.40
CA ALA F 410 -0.74 -63.38 23.49
C ALA F 410 -1.42 -62.75 22.29
N GLU F 411 -0.93 -61.58 21.86
CA GLU F 411 -1.51 -60.91 20.72
C GLU F 411 -1.40 -61.75 19.46
N VAL F 412 -0.22 -62.34 19.22
CA VAL F 412 -0.03 -63.14 18.01
C VAL F 412 -0.90 -64.40 18.08
N ALA F 413 -0.98 -65.04 19.25
CA ALA F 413 -1.80 -66.24 19.37
C ALA F 413 -3.27 -65.95 19.10
N VAL F 414 -3.78 -64.86 19.70
CA VAL F 414 -5.17 -64.51 19.51
C VAL F 414 -5.42 -64.12 18.05
N ALA F 415 -4.44 -63.45 17.42
CA ALA F 415 -4.58 -63.12 16.00
C ALA F 415 -4.65 -64.37 15.14
N ARG F 416 -3.83 -65.37 15.45
CA ARG F 416 -3.86 -66.62 14.70
C ARG F 416 -5.21 -67.31 14.83
N LYS F 417 -5.73 -67.40 16.06
CA LYS F 417 -7.02 -68.08 16.22
C LYS F 417 -8.15 -67.25 15.63
N LEU F 418 -8.01 -65.93 15.60
CA LEU F 418 -8.98 -65.09 14.92
C LEU F 418 -8.96 -65.34 13.42
N ARG F 419 -7.78 -65.54 12.85
CA ARG F 419 -7.69 -65.87 11.43
C ARG F 419 -8.32 -67.24 11.16
N GLU F 420 -8.16 -68.17 12.11
CA GLU F 420 -8.85 -69.45 11.99
C GLU F 420 -10.36 -69.26 11.97
N TYR F 421 -10.88 -68.39 12.85
CA TYR F 421 -12.31 -68.10 12.83
C TYR F 421 -12.71 -67.48 11.51
N ALA F 422 -11.86 -66.59 10.97
CA ALA F 422 -12.13 -65.97 9.69
C ALA F 422 -12.25 -67.02 8.59
N LYS F 423 -11.35 -68.01 8.61
CA LYS F 423 -11.50 -69.15 7.71
C LYS F 423 -12.80 -69.88 7.97
N SER F 424 -13.26 -69.91 9.23
CA SER F 424 -14.55 -70.53 9.53
C SER F 424 -15.71 -69.72 8.95
N LEU F 425 -15.67 -68.40 9.18
CA LEU F 425 -16.76 -67.49 8.77
C LEU F 425 -16.64 -67.13 7.30
N SER F 426 -17.70 -66.58 6.71
CA SER F 426 -17.70 -66.10 5.35
C SER F 426 -18.53 -64.82 5.28
N GLY F 427 -18.29 -64.04 4.22
CA GLY F 427 -18.97 -62.78 4.00
C GLY F 427 -18.03 -61.60 4.18
N LYS F 428 -18.63 -60.41 4.22
CA LYS F 428 -17.87 -59.19 4.42
C LYS F 428 -17.55 -58.91 5.88
N GLU F 429 -18.05 -59.73 6.81
CA GLU F 429 -17.57 -59.71 8.18
C GLU F 429 -16.19 -60.35 8.31
N GLN F 430 -15.83 -61.25 7.38
CA GLN F 430 -14.50 -61.85 7.41
C GLN F 430 -13.43 -60.79 7.22
N LEU F 431 -13.69 -59.81 6.35
CA LEU F 431 -12.73 -58.72 6.16
C LEU F 431 -12.56 -57.93 7.44
N ALA F 432 -13.65 -57.64 8.14
CA ALA F 432 -13.55 -56.91 9.40
C ALA F 432 -12.79 -57.71 10.45
N ILE F 433 -13.00 -59.02 10.49
CA ILE F 433 -12.31 -59.83 11.48
C ILE F 433 -10.82 -59.91 11.15
N GLU F 434 -10.47 -59.99 9.87
CA GLU F 434 -9.07 -59.95 9.47
C GLU F 434 -8.45 -58.61 9.84
N ALA F 435 -9.21 -57.53 9.68
CA ALA F 435 -8.76 -56.21 10.13
C ALA F 435 -8.48 -56.21 11.62
N PHE F 436 -9.37 -56.81 12.40
CA PHE F 436 -9.15 -56.88 13.84
C PHE F 436 -7.91 -57.68 14.16
N ALA F 437 -7.68 -58.78 13.44
CA ALA F 437 -6.49 -59.59 13.68
C ALA F 437 -5.23 -58.80 13.40
N ASP F 438 -5.20 -58.06 12.29
CA ASP F 438 -4.01 -57.28 11.97
C ASP F 438 -3.81 -56.16 12.99
N ALA F 439 -4.90 -55.50 13.41
CA ALA F 439 -4.78 -54.46 14.42
C ALA F 439 -4.27 -55.01 15.74
N LEU F 440 -4.70 -56.21 16.10
CA LEU F 440 -4.19 -56.86 17.31
C LEU F 440 -2.72 -57.20 17.16
N GLU F 441 -2.33 -57.59 15.95
CA GLU F 441 -0.94 -57.95 15.69
C GLU F 441 -0.03 -56.72 15.62
N GLU F 442 -0.60 -55.52 15.46
CA GLU F 442 0.22 -54.31 15.46
C GLU F 442 0.97 -54.11 16.77
N ILE F 443 0.44 -54.62 17.89
CA ILE F 443 1.13 -54.44 19.18
C ILE F 443 2.52 -55.08 19.17
N PRO F 444 2.69 -56.35 18.79
CA PRO F 444 4.07 -56.89 18.72
C PRO F 444 4.96 -56.13 17.77
N ARG F 445 4.41 -55.58 16.69
CA ARG F 445 5.21 -54.78 15.78
C ARG F 445 5.78 -53.56 16.49
N THR F 446 4.94 -52.87 17.27
CA THR F 446 5.41 -51.72 18.03
C THR F 446 6.45 -52.14 19.07
N LEU F 447 6.17 -53.25 19.76
CA LEU F 447 7.08 -53.70 20.81
C LEU F 447 8.44 -54.08 20.24
N ALA F 448 8.48 -54.61 19.03
CA ALA F 448 9.76 -54.88 18.38
C ALA F 448 10.41 -53.59 17.91
N GLU F 449 9.62 -52.65 17.38
CA GLU F 449 10.20 -51.42 16.87
C GLU F 449 10.88 -50.62 17.97
N ASN F 450 10.27 -50.55 19.15
CA ASN F 450 10.90 -49.85 20.25
C ASN F 450 12.13 -50.58 20.77
N ALA F 451 12.24 -51.88 20.51
CA ALA F 451 13.41 -52.64 20.93
C ALA F 451 14.59 -52.50 19.98
N GLY F 452 14.38 -51.95 18.79
CA GLY F 452 15.42 -51.78 17.80
C GLY F 452 15.40 -52.82 16.69
N LEU F 453 14.72 -53.94 16.89
CA LEU F 453 14.64 -54.96 15.85
C LEU F 453 13.80 -54.45 14.69
N ASP F 454 14.02 -55.03 13.52
CA ASP F 454 13.19 -54.70 12.37
C ASP F 454 11.78 -55.27 12.60
N PRO F 455 10.72 -54.52 12.29
CA PRO F 455 9.40 -55.01 12.69
C PRO F 455 8.89 -56.16 11.83
N ILE F 456 9.04 -56.09 10.51
CA ILE F 456 8.42 -57.08 9.65
C ILE F 456 9.09 -58.44 9.81
N ASP F 457 10.42 -58.46 9.90
CA ASP F 457 11.13 -59.72 9.98
C ASP F 457 10.80 -60.46 11.26
N THR F 458 10.86 -59.78 12.40
CA THR F 458 10.53 -60.45 13.65
C THR F 458 9.05 -60.78 13.74
N LEU F 459 8.19 -60.00 13.09
CA LEU F 459 6.77 -60.35 13.07
C LEU F 459 6.54 -61.64 12.30
N VAL F 460 7.19 -61.76 11.14
CA VAL F 460 7.08 -63.00 10.36
C VAL F 460 7.65 -64.17 11.15
N GLN F 461 8.74 -63.92 11.88
CA GLN F 461 9.30 -64.99 12.71
C GLN F 461 8.33 -65.42 13.79
N LEU F 462 7.63 -64.47 14.41
CA LEU F 462 6.64 -64.82 15.43
C LEU F 462 5.50 -65.62 14.82
N ARG F 463 5.03 -65.22 13.64
CA ARG F 463 3.96 -65.96 12.99
C ARG F 463 4.40 -67.38 12.67
N ALA F 464 5.62 -67.53 12.15
CA ALA F 464 6.13 -68.86 11.84
C ALA F 464 6.27 -69.70 13.11
N ALA F 465 6.72 -69.09 14.20
CA ALA F 465 6.84 -69.80 15.46
C ALA F 465 5.49 -70.30 15.94
N HIS F 466 4.49 -69.40 15.97
CA HIS F 466 3.17 -69.79 16.44
C HIS F 466 2.51 -70.81 15.52
N GLU F 467 2.90 -70.86 14.23
CA GLU F 467 2.36 -71.88 13.34
C GLU F 467 2.94 -73.25 13.62
N GLU F 468 3.97 -73.37 14.45
CA GLU F 468 4.52 -74.66 14.82
C GLU F 468 3.88 -75.27 16.06
N GLY F 469 2.85 -74.65 16.63
CA GLY F 469 2.10 -75.22 17.71
C GLY F 469 2.42 -74.67 19.09
N ASP F 470 3.67 -74.24 19.32
CA ASP F 470 4.00 -73.63 20.58
C ASP F 470 3.39 -72.23 20.67
N LYS F 471 3.05 -71.78 21.89
CA LYS F 471 2.32 -70.49 22.02
C LYS F 471 3.02 -69.47 22.93
N ASN F 472 4.22 -69.76 23.45
CA ASN F 472 4.88 -68.85 24.37
C ASN F 472 6.04 -68.07 23.76
N ILE F 473 6.29 -68.20 22.46
CA ILE F 473 7.37 -67.47 21.83
C ILE F 473 6.91 -66.04 21.56
N GLY F 474 7.70 -65.06 22.00
CA GLY F 474 7.39 -63.66 21.85
C GLY F 474 8.64 -62.84 21.59
N ILE F 475 8.61 -61.61 22.10
CA ILE F 475 9.72 -60.67 22.01
C ILE F 475 10.11 -60.27 23.43
N ASP F 476 11.40 -60.34 23.73
CA ASP F 476 11.95 -59.90 25.01
C ASP F 476 12.93 -58.80 24.64
N CYS F 477 12.60 -57.56 24.98
CA CYS F 477 13.38 -56.41 24.55
C CYS F 477 14.65 -56.21 25.36
N LEU F 478 14.78 -56.87 26.53
CA LEU F 478 16.01 -56.76 27.29
C LEU F 478 17.17 -57.41 26.54
N THR F 479 16.97 -58.64 26.08
CA THR F 479 17.98 -59.33 25.29
C THR F 479 17.92 -58.97 23.81
N GLY F 480 16.86 -58.31 23.37
CA GLY F 480 16.78 -57.86 21.98
C GLY F 480 16.73 -59.00 20.99
N GLU F 481 15.98 -60.05 21.29
CA GLU F 481 15.79 -61.18 20.38
C GLU F 481 14.36 -61.67 20.51
N VAL F 482 14.06 -62.78 19.84
CA VAL F 482 12.82 -63.51 20.01
C VAL F 482 13.15 -64.79 20.75
N ALA F 483 12.40 -65.06 21.83
CA ALA F 483 12.70 -66.20 22.68
C ALA F 483 11.43 -66.63 23.40
N ASP F 484 11.50 -67.77 24.07
CA ASP F 484 10.38 -68.24 24.86
C ASP F 484 10.16 -67.33 26.06
N MET F 485 8.96 -66.79 26.18
CA MET F 485 8.68 -65.83 27.25
C MET F 485 8.62 -66.49 28.60
N LEU F 486 8.10 -67.73 28.67
CA LEU F 486 7.92 -68.37 29.97
C LEU F 486 9.26 -68.64 30.65
N GLU F 487 10.28 -68.98 29.87
CA GLU F 487 11.62 -69.15 30.44
C GLU F 487 12.36 -67.84 30.60
N ALA F 488 11.90 -66.77 29.96
CA ALA F 488 12.50 -65.45 30.10
C ALA F 488 11.87 -64.61 31.20
N GLY F 489 10.85 -65.12 31.88
CA GLY F 489 10.20 -64.34 32.93
C GLY F 489 9.52 -63.10 32.40
N VAL F 490 8.83 -63.21 31.27
CA VAL F 490 8.08 -62.11 30.67
C VAL F 490 6.64 -62.59 30.57
N ILE F 491 5.85 -62.33 31.61
CA ILE F 491 4.46 -62.79 31.69
C ILE F 491 3.62 -61.69 32.33
N ASP F 492 2.48 -61.38 31.70
CA ASP F 492 1.58 -60.31 32.11
C ASP F 492 0.25 -60.92 32.58
N PRO F 493 -0.50 -60.24 33.45
CA PRO F 493 -1.78 -60.83 33.90
C PRO F 493 -2.76 -60.97 32.74
N ALA F 494 -3.57 -62.02 32.82
CA ALA F 494 -4.58 -62.23 31.78
C ALA F 494 -5.61 -61.11 31.79
N ALA F 495 -6.07 -60.71 32.97
CA ALA F 495 -7.14 -59.71 33.07
C ALA F 495 -6.68 -58.38 32.49
N VAL F 496 -5.41 -58.04 32.62
CA VAL F 496 -4.90 -56.79 32.06
C VAL F 496 -5.08 -56.80 30.55
N LYS F 497 -4.71 -57.90 29.89
CA LYS F 497 -4.84 -57.97 28.44
C LYS F 497 -6.31 -58.02 28.02
N LYS F 498 -7.15 -58.73 28.79
CA LYS F 498 -8.58 -58.73 28.52
C LYS F 498 -9.14 -57.32 28.53
N GLN F 499 -8.83 -56.56 29.57
CA GLN F 499 -9.34 -55.20 29.66
C GLN F 499 -8.71 -54.30 28.60
N ALA F 500 -7.47 -54.56 28.22
CA ALA F 500 -6.86 -53.80 27.13
C ALA F 500 -7.64 -53.99 25.84
N ILE F 501 -7.94 -55.24 25.50
CA ILE F 501 -8.71 -55.51 24.27
C ILE F 501 -10.09 -54.87 24.37
N LYS F 502 -10.75 -55.01 25.52
CA LYS F 502 -12.10 -54.47 25.67
C LYS F 502 -12.11 -52.96 25.53
N SER F 503 -11.20 -52.27 26.21
CA SER F 503 -11.17 -50.81 26.13
C SER F 503 -10.82 -50.35 24.72
N ALA F 504 -9.90 -51.05 24.05
CA ALA F 504 -9.58 -50.67 22.68
C ALA F 504 -10.79 -50.85 21.77
N THR F 505 -11.54 -51.93 21.98
CA THR F 505 -12.74 -52.16 21.17
C THR F 505 -13.75 -51.05 21.38
N GLU F 506 -14.05 -50.72 22.63
CA GLU F 506 -15.01 -49.65 22.89
C GLU F 506 -14.53 -48.32 22.33
N ALA F 507 -13.23 -48.04 22.43
CA ALA F 507 -12.69 -46.79 21.90
C ALA F 507 -12.89 -46.72 20.40
N ALA F 508 -12.46 -47.76 19.68
CA ALA F 508 -12.57 -47.76 18.23
C ALA F 508 -14.03 -47.70 17.80
N THR F 509 -14.90 -48.46 18.47
CA THR F 509 -16.30 -48.49 18.10
C THR F 509 -16.95 -47.12 18.29
N MET F 510 -16.78 -46.53 19.47
CA MET F 510 -17.47 -45.28 19.75
C MET F 510 -16.82 -44.09 19.04
N ILE F 511 -15.58 -44.22 18.57
CA ILE F 511 -15.03 -43.18 17.71
C ILE F 511 -15.52 -43.35 16.28
N LEU F 512 -15.76 -44.60 15.86
CA LEU F 512 -16.34 -44.83 14.55
C LEU F 512 -17.80 -44.41 14.50
N ARG F 513 -18.50 -44.47 15.64
CA ARG F 513 -19.94 -44.25 15.66
C ARG F 513 -20.31 -42.78 15.50
N ILE F 514 -19.34 -41.87 15.53
CA ILE F 514 -19.64 -40.45 15.34
C ILE F 514 -19.71 -40.15 13.86
N ASP F 515 -20.50 -39.14 13.51
CA ASP F 515 -20.62 -38.65 12.15
C ASP F 515 -19.97 -37.29 11.96
N ASP F 516 -20.38 -36.30 12.75
CA ASP F 516 -19.97 -34.94 12.46
C ASP F 516 -20.03 -34.09 13.73
N ILE F 517 -19.14 -33.11 13.80
CA ILE F 517 -18.99 -32.21 14.93
C ILE F 517 -19.96 -31.07 14.72
N ILE F 518 -20.74 -30.75 15.77
CA ILE F 518 -21.70 -29.64 15.72
C ILE F 518 -21.51 -28.76 16.95
N PRO F 519 -21.79 -27.45 16.88
CA PRO F 519 -21.66 -26.63 18.09
C PRO F 519 -22.83 -26.89 19.02
N ALA F 520 -22.52 -27.31 20.24
CA ALA F 520 -23.53 -27.60 21.24
C ALA F 520 -23.71 -26.40 22.15
N LYS F 521 -24.97 -26.08 22.45
CA LYS F 521 -25.27 -24.93 23.30
C LYS F 521 -24.61 -25.12 24.66
N ALA F 522 -23.88 -24.10 25.10
CA ALA F 522 -23.20 -24.18 26.38
C ALA F 522 -24.23 -24.06 27.50
N PRO F 523 -24.15 -24.87 28.57
CA PRO F 523 -25.11 -24.72 29.67
C PRO F 523 -24.87 -23.42 30.42
N THR F 524 -25.91 -22.59 30.50
CA THR F 524 -25.80 -21.31 31.20
C THR F 524 -25.79 -21.50 32.70
N ASP G 19 -35.06 -15.02 -1.43
CA ASP G 19 -35.95 -16.19 -1.16
C ASP G 19 -35.78 -16.66 0.29
N ALA G 20 -36.39 -15.91 1.21
CA ALA G 20 -36.30 -16.25 2.62
C ALA G 20 -36.96 -17.58 2.92
N ARG G 21 -38.02 -17.93 2.18
CA ARG G 21 -38.59 -19.26 2.31
C ARG G 21 -37.59 -20.34 1.93
N LYS G 22 -36.85 -20.11 0.85
CA LYS G 22 -35.81 -21.07 0.47
C LYS G 22 -34.74 -21.15 1.55
N ASN G 23 -34.41 -20.01 2.18
CA ASN G 23 -33.44 -20.03 3.26
C ASN G 23 -33.94 -20.85 4.45
N ASN G 24 -35.20 -20.66 4.84
CA ASN G 24 -35.76 -21.43 5.94
C ASN G 24 -35.83 -22.91 5.61
N ILE G 25 -36.21 -23.23 4.37
CA ILE G 25 -36.25 -24.62 3.93
C ILE G 25 -34.85 -25.22 3.99
N ALA G 26 -33.84 -24.44 3.60
CA ALA G 26 -32.48 -24.94 3.66
C ALA G 26 -32.03 -25.20 5.09
N ALA G 27 -32.40 -24.32 6.02
CA ALA G 27 -32.05 -24.54 7.42
C ALA G 27 -32.73 -25.79 7.97
N ALA G 28 -34.02 -25.96 7.66
CA ALA G 28 -34.74 -27.15 8.10
C ALA G 28 -34.13 -28.40 7.47
N ARG G 29 -33.72 -28.30 6.21
CA ARG G 29 -33.05 -29.42 5.54
C ARG G 29 -31.74 -29.75 6.24
N ALA G 30 -30.99 -28.73 6.63
CA ALA G 30 -29.71 -28.97 7.31
C ALA G 30 -29.92 -29.70 8.62
N ILE G 31 -30.90 -29.27 9.41
CA ILE G 31 -31.17 -29.96 10.67
C ILE G 31 -31.69 -31.37 10.42
N ALA G 32 -32.55 -31.52 9.41
CA ALA G 32 -33.09 -32.84 9.10
C ALA G 32 -32.00 -33.81 8.70
N ASP G 33 -31.08 -33.37 7.85
CA ASP G 33 -29.97 -34.24 7.45
C ASP G 33 -29.01 -34.48 8.61
N MET G 34 -28.86 -33.50 9.50
CA MET G 34 -28.00 -33.68 10.67
C MET G 34 -28.54 -34.79 11.56
N VAL G 35 -29.85 -34.79 11.82
CA VAL G 35 -30.47 -35.77 12.70
C VAL G 35 -30.89 -37.04 11.94
N LYS G 36 -30.76 -37.05 10.61
CA LYS G 36 -31.15 -38.22 9.83
C LYS G 36 -30.32 -39.44 10.20
N THR G 37 -29.02 -39.25 10.39
CA THR G 37 -28.11 -40.38 10.56
C THR G 37 -28.34 -41.14 11.86
N THR G 38 -29.11 -40.60 12.81
CA THR G 38 -29.31 -41.21 14.11
C THR G 38 -30.69 -41.84 14.26
N LEU G 39 -31.29 -42.29 13.17
CA LEU G 39 -32.60 -42.94 13.18
C LEU G 39 -32.39 -44.43 12.97
N GLY G 40 -32.55 -45.20 14.04
CA GLY G 40 -32.56 -46.65 13.95
C GLY G 40 -31.71 -47.32 15.00
N PRO G 41 -31.71 -48.65 15.01
CA PRO G 41 -30.83 -49.38 15.93
C PRO G 41 -29.36 -49.04 15.76
N ARG G 42 -28.92 -48.84 14.52
CA ARG G 42 -27.55 -48.48 14.20
C ARG G 42 -27.39 -46.99 14.00
N GLY G 43 -28.17 -46.19 14.73
CA GLY G 43 -28.06 -44.75 14.64
C GLY G 43 -26.66 -44.28 14.99
N MET G 44 -25.94 -43.81 13.98
CA MET G 44 -24.61 -43.28 14.20
C MET G 44 -24.69 -42.10 15.15
N ASN G 45 -24.04 -42.22 16.31
CA ASN G 45 -24.20 -41.22 17.36
C ASN G 45 -23.61 -39.88 16.92
N LYS G 46 -23.81 -38.87 17.75
CA LYS G 46 -23.41 -37.50 17.47
C LYS G 46 -22.71 -36.90 18.67
N MET G 47 -21.83 -35.94 18.41
CA MET G 47 -20.92 -35.38 19.39
C MET G 47 -21.30 -33.93 19.65
N LEU G 48 -21.72 -33.66 20.89
CA LEU G 48 -22.15 -32.32 21.30
C LEU G 48 -21.01 -31.65 22.05
N VAL G 49 -20.38 -30.66 21.42
CA VAL G 49 -19.25 -29.92 21.98
C VAL G 49 -19.65 -28.47 22.16
N ASN G 50 -19.32 -27.92 23.33
CA ASN G 50 -19.65 -26.54 23.69
C ASN G 50 -18.37 -25.78 23.98
N SER G 51 -18.52 -24.46 24.14
CA SER G 51 -17.36 -23.60 24.39
C SER G 51 -16.67 -23.97 25.70
N LEU G 52 -17.43 -24.46 26.69
CA LEU G 52 -16.83 -24.92 27.93
C LEU G 52 -15.99 -26.18 27.76
N GLY G 53 -16.12 -26.89 26.63
CA GLY G 53 -15.33 -28.07 26.36
C GLY G 53 -15.95 -29.37 26.81
N ASP G 54 -17.05 -29.34 27.54
CA ASP G 54 -17.72 -30.57 27.93
C ASP G 54 -18.28 -31.26 26.69
N VAL G 55 -18.17 -32.59 26.66
CA VAL G 55 -18.61 -33.39 25.53
C VAL G 55 -19.50 -34.51 26.05
N THR G 56 -20.66 -34.69 25.41
CA THR G 56 -21.57 -35.79 25.70
C THR G 56 -21.94 -36.46 24.38
N ILE G 57 -21.81 -37.79 24.35
CA ILE G 57 -22.15 -38.56 23.15
C ILE G 57 -23.56 -39.09 23.34
N THR G 58 -24.44 -38.75 22.39
CA THR G 58 -25.83 -39.18 22.42
C THR G 58 -26.29 -39.49 21.01
N ASN G 59 -27.31 -40.33 20.91
CA ASN G 59 -27.96 -40.64 19.64
C ASN G 59 -29.45 -40.35 19.63
N ASP G 60 -30.11 -40.30 20.78
CA ASP G 60 -31.52 -39.98 20.81
C ASP G 60 -31.71 -38.54 20.34
N GLY G 61 -32.62 -38.35 19.37
CA GLY G 61 -32.74 -37.06 18.71
C GLY G 61 -33.15 -35.94 19.63
N ALA G 62 -33.78 -36.24 20.77
CA ALA G 62 -34.26 -35.21 21.66
C ALA G 62 -33.10 -34.36 22.19
N THR G 63 -32.02 -35.01 22.62
CA THR G 63 -30.86 -34.26 23.07
C THR G 63 -30.25 -33.44 21.93
N ILE G 64 -30.15 -34.04 20.75
CA ILE G 64 -29.46 -33.38 19.65
C ILE G 64 -30.22 -32.14 19.24
N LEU G 65 -31.54 -32.18 19.31
CA LEU G 65 -32.35 -30.98 19.10
C LEU G 65 -32.35 -30.06 20.32
N GLU G 66 -32.05 -30.58 21.51
CA GLU G 66 -32.13 -29.76 22.72
C GLU G 66 -30.96 -28.80 22.82
N GLU G 67 -29.74 -29.31 22.97
CA GLU G 67 -28.57 -28.46 23.24
C GLU G 67 -27.65 -28.27 22.04
N MET G 68 -28.22 -28.09 20.86
CA MET G 68 -27.50 -27.58 19.70
C MET G 68 -27.70 -26.08 19.57
N ASP G 69 -26.71 -25.42 18.98
CA ASP G 69 -26.83 -23.99 18.65
C ASP G 69 -27.58 -23.81 17.34
N ILE G 70 -28.55 -22.90 17.35
CA ILE G 70 -29.33 -22.56 16.18
C ILE G 70 -29.52 -21.04 16.17
N GLU G 71 -28.80 -20.35 15.29
CA GLU G 71 -29.03 -18.93 15.09
C GLU G 71 -30.20 -18.69 14.15
N HIS G 72 -30.46 -19.62 13.24
CA HIS G 72 -31.55 -19.45 12.30
C HIS G 72 -32.89 -19.63 13.02
N PRO G 73 -33.81 -18.65 12.98
CA PRO G 73 -35.02 -18.81 13.80
C PRO G 73 -36.06 -19.76 13.23
N ALA G 74 -36.10 -19.93 11.91
CA ALA G 74 -36.92 -20.99 11.34
C ALA G 74 -36.49 -22.34 11.86
N ALA G 75 -35.17 -22.56 11.98
CA ALA G 75 -34.68 -23.73 12.67
C ALA G 75 -35.08 -23.72 14.13
N LYS G 76 -35.07 -22.54 14.76
CA LYS G 76 -35.41 -22.45 16.18
C LYS G 76 -36.84 -22.88 16.46
N MET G 77 -37.73 -22.83 15.47
CA MET G 77 -39.06 -23.39 15.70
C MET G 77 -39.01 -24.90 15.91
N LEU G 78 -38.08 -25.60 15.26
CA LEU G 78 -38.02 -27.05 15.41
C LEU G 78 -37.70 -27.45 16.85
N LYS G 79 -37.07 -26.57 17.63
CA LYS G 79 -36.99 -26.77 19.07
C LYS G 79 -38.38 -26.96 19.65
N GLU G 80 -39.30 -26.05 19.31
CA GLU G 80 -40.65 -26.12 19.86
C GLU G 80 -41.36 -27.38 19.36
N VAL G 81 -41.13 -27.73 18.10
CA VAL G 81 -41.74 -28.95 17.56
C VAL G 81 -41.28 -30.18 18.34
N ALA G 82 -39.96 -30.27 18.57
CA ALA G 82 -39.43 -31.41 19.33
C ALA G 82 -39.93 -31.39 20.76
N LYS G 83 -40.05 -30.20 21.35
CA LYS G 83 -40.57 -30.11 22.72
C LYS G 83 -41.99 -30.63 22.80
N ALA G 84 -42.83 -30.25 21.84
CA ALA G 84 -44.21 -30.73 21.84
C ALA G 84 -44.26 -32.23 21.65
N GLN G 85 -43.43 -32.75 20.74
CA GLN G 85 -43.37 -34.19 20.52
C GLN G 85 -43.00 -34.93 21.80
N GLU G 86 -41.96 -34.45 22.48
CA GLU G 86 -41.54 -35.09 23.73
C GLU G 86 -42.63 -34.97 24.78
N GLU G 87 -43.32 -33.83 24.83
CA GLU G 87 -44.33 -33.62 25.86
C GLU G 87 -45.49 -34.59 25.70
N GLU G 88 -45.99 -34.76 24.48
CA GLU G 88 -47.18 -35.60 24.35
C GLU G 88 -46.75 -37.06 24.33
N ALA G 89 -45.84 -37.43 23.41
CA ALA G 89 -45.42 -38.81 23.23
C ALA G 89 -44.22 -39.17 24.08
N GLY G 90 -43.17 -38.34 24.04
CA GLY G 90 -41.91 -38.67 24.65
C GLY G 90 -40.97 -39.47 23.77
N ASP G 91 -41.42 -39.90 22.59
CA ASP G 91 -40.59 -40.65 21.66
C ASP G 91 -41.00 -40.30 20.24
N GLY G 92 -40.11 -40.50 19.29
CA GLY G 92 -40.39 -40.23 17.90
C GLY G 92 -39.97 -38.86 17.42
N THR G 93 -39.15 -38.16 18.21
CA THR G 93 -38.68 -36.84 17.78
C THR G 93 -37.82 -36.92 16.54
N THR G 94 -36.93 -37.92 16.46
CA THR G 94 -36.10 -38.04 15.27
C THR G 94 -36.94 -38.42 14.06
N THR G 95 -37.96 -39.25 14.25
CA THR G 95 -38.88 -39.56 13.16
C THR G 95 -39.61 -38.31 12.71
N ALA G 96 -40.04 -37.48 13.65
CA ALA G 96 -40.75 -36.25 13.30
C ALA G 96 -39.86 -35.32 12.50
N VAL G 97 -38.61 -35.14 12.93
CA VAL G 97 -37.74 -34.21 12.24
C VAL G 97 -37.36 -34.72 10.85
N VAL G 98 -37.11 -36.02 10.73
CA VAL G 98 -36.77 -36.56 9.41
C VAL G 98 -37.98 -36.48 8.48
N LEU G 99 -39.18 -36.73 9.01
CA LEU G 99 -40.38 -36.59 8.20
C LEU G 99 -40.59 -35.15 7.75
N ALA G 100 -40.33 -34.20 8.65
CA ALA G 100 -40.42 -32.80 8.28
C ALA G 100 -39.41 -32.46 7.19
N GLY G 101 -38.20 -33.01 7.29
CA GLY G 101 -37.21 -32.78 6.26
C GLY G 101 -37.65 -33.28 4.90
N ALA G 102 -38.17 -34.50 4.85
CA ALA G 102 -38.62 -35.06 3.59
C ALA G 102 -39.84 -34.30 3.06
N LEU G 103 -40.72 -33.86 3.96
CA LEU G 103 -41.89 -33.11 3.54
C LEU G 103 -41.49 -31.78 2.93
N LEU G 104 -40.53 -31.09 3.54
CA LEU G 104 -40.07 -29.83 2.96
C LEU G 104 -39.26 -30.06 1.69
N GLU G 105 -38.55 -31.19 1.59
CA GLU G 105 -37.96 -31.60 0.32
C GLU G 105 -39.00 -31.59 -0.79
N GLU G 106 -40.04 -32.39 -0.64
CA GLU G 106 -41.03 -32.49 -1.71
C GLU G 106 -41.83 -31.20 -1.86
N ALA G 107 -41.98 -30.42 -0.79
CA ALA G 107 -42.67 -29.15 -0.89
C ALA G 107 -41.90 -28.17 -1.76
N GLU G 108 -40.58 -28.05 -1.50
CA GLU G 108 -39.73 -27.25 -2.37
C GLU G 108 -39.81 -27.76 -3.80
N LYS G 109 -39.82 -29.09 -3.96
CA LYS G 109 -39.89 -29.67 -5.29
C LYS G 109 -41.15 -29.21 -6.01
N LEU G 110 -42.27 -29.16 -5.29
CA LEU G 110 -43.51 -28.72 -5.91
C LEU G 110 -43.51 -27.21 -6.14
N ILE G 111 -42.77 -26.44 -5.34
CA ILE G 111 -42.77 -25.00 -5.59
C ILE G 111 -41.97 -24.66 -6.85
N GLU G 112 -40.83 -25.34 -7.09
CA GLU G 112 -40.13 -25.02 -8.35
C GLU G 112 -40.95 -25.44 -9.57
N GLN G 113 -41.79 -26.47 -9.43
CA GLN G 113 -42.67 -26.82 -10.54
C GLN G 113 -43.63 -25.70 -10.87
N GLY G 114 -44.20 -25.07 -9.83
CA GLY G 114 -45.07 -23.92 -10.01
C GLY G 114 -46.29 -23.89 -9.12
N ILE G 115 -46.52 -24.96 -8.35
CA ILE G 115 -47.69 -25.00 -7.48
C ILE G 115 -47.53 -23.96 -6.38
N HIS G 116 -48.62 -23.27 -6.07
CA HIS G 116 -48.60 -22.25 -5.04
C HIS G 116 -48.43 -22.94 -3.66
N PRO G 117 -47.79 -22.26 -2.69
CA PRO G 117 -47.62 -22.91 -1.38
C PRO G 117 -48.93 -23.29 -0.69
N THR G 118 -49.96 -22.46 -0.82
CA THR G 118 -51.21 -22.75 -0.10
C THR G 118 -51.84 -24.04 -0.60
N THR G 119 -51.70 -24.33 -1.89
CA THR G 119 -52.18 -25.61 -2.41
C THR G 119 -51.41 -26.76 -1.78
N ILE G 120 -50.09 -26.59 -1.60
CA ILE G 120 -49.29 -27.63 -0.94
C ILE G 120 -49.78 -27.83 0.48
N ILE G 121 -50.09 -26.74 1.19
CA ILE G 121 -50.57 -26.87 2.56
C ILE G 121 -51.89 -27.62 2.60
N LYS G 122 -52.81 -27.27 1.71
CA LYS G 122 -54.11 -27.95 1.69
C LYS G 122 -53.94 -29.44 1.37
N GLY G 123 -53.09 -29.75 0.39
CA GLY G 123 -52.86 -31.14 0.05
C GLY G 123 -52.23 -31.91 1.19
N TYR G 124 -51.26 -31.31 1.88
CA TYR G 124 -50.63 -31.98 3.01
C TYR G 124 -51.64 -32.21 4.14
N ARG G 125 -52.52 -31.23 4.38
CA ARG G 125 -53.55 -31.41 5.40
C ARG G 125 -54.44 -32.60 5.08
N LYS G 126 -54.93 -32.67 3.85
CA LYS G 126 -55.80 -33.79 3.47
C LYS G 126 -55.03 -35.11 3.54
N ALA G 127 -53.80 -35.11 3.04
CA ALA G 127 -52.98 -36.31 3.04
C ALA G 127 -52.77 -36.81 4.45
N VAL G 128 -52.60 -35.90 5.40
CA VAL G 128 -52.27 -36.31 6.76
C VAL G 128 -53.52 -36.74 7.51
N ASP G 129 -54.67 -36.14 7.21
CA ASP G 129 -55.92 -36.65 7.77
C ASP G 129 -56.11 -38.11 7.34
N LYS G 130 -55.97 -38.38 6.05
CA LYS G 130 -56.09 -39.76 5.61
C LYS G 130 -54.94 -40.62 6.14
N ALA G 131 -53.78 -40.03 6.42
CA ALA G 131 -52.67 -40.80 6.95
C ALA G 131 -52.98 -41.31 8.35
N LEU G 132 -53.48 -40.43 9.22
CA LEU G 132 -53.89 -40.90 10.54
C LEU G 132 -55.02 -41.92 10.44
N GLU G 133 -55.98 -41.71 9.54
CA GLU G 133 -57.04 -42.71 9.39
C GLU G 133 -56.47 -44.07 8.97
N VAL G 134 -55.56 -44.07 7.99
CA VAL G 134 -54.96 -45.30 7.50
C VAL G 134 -54.18 -45.99 8.62
N LEU G 135 -53.42 -45.21 9.39
CA LEU G 135 -52.67 -45.79 10.49
C LEU G 135 -53.59 -46.37 11.54
N GLU G 136 -54.77 -45.77 11.72
CA GLU G 136 -55.77 -46.38 12.61
C GLU G 136 -56.22 -47.73 12.08
N GLU G 137 -56.47 -47.84 10.77
CA GLU G 137 -56.95 -49.13 10.26
C GLU G 137 -55.86 -50.20 10.33
N VAL G 138 -54.63 -49.86 9.93
CA VAL G 138 -53.61 -50.88 9.75
C VAL G 138 -53.10 -51.40 11.09
N ALA G 139 -53.20 -50.61 12.16
CA ALA G 139 -52.60 -50.98 13.43
C ALA G 139 -53.23 -52.25 14.00
N ILE G 140 -52.37 -53.15 14.48
CA ILE G 140 -52.80 -54.44 15.04
C ILE G 140 -53.01 -54.22 16.54
N PRO G 141 -54.07 -54.73 17.16
CA PRO G 141 -54.29 -54.46 18.59
C PRO G 141 -53.53 -55.42 19.48
N VAL G 142 -53.37 -55.01 20.74
CA VAL G 142 -52.63 -55.77 21.74
C VAL G 142 -53.38 -55.72 23.05
N ASP G 143 -53.46 -56.87 23.73
CA ASP G 143 -53.95 -56.92 25.10
C ASP G 143 -52.80 -56.65 26.06
N PRO G 144 -53.08 -56.29 27.30
CA PRO G 144 -52.01 -56.01 28.27
C PRO G 144 -51.44 -57.25 28.97
N ASP G 145 -51.78 -58.46 28.51
CA ASP G 145 -51.32 -59.70 29.12
C ASP G 145 -50.45 -60.55 28.22
N ASP G 146 -50.31 -60.21 26.95
CA ASP G 146 -49.48 -60.98 26.02
C ASP G 146 -48.03 -60.56 26.25
N GLU G 147 -47.32 -61.33 27.09
CA GLU G 147 -46.01 -60.92 27.57
C GLU G 147 -45.01 -60.73 26.44
N GLU G 148 -45.04 -61.62 25.45
CA GLU G 148 -44.09 -61.51 24.34
C GLU G 148 -44.28 -60.22 23.56
N THR G 149 -45.53 -59.81 23.35
CA THR G 149 -45.78 -58.58 22.60
C THR G 149 -45.29 -57.35 23.38
N LEU G 150 -45.52 -57.31 24.69
CA LEU G 150 -45.01 -56.20 25.49
C LEU G 150 -43.49 -56.19 25.46
N LYS G 151 -42.87 -57.37 25.53
CA LYS G 151 -41.41 -57.42 25.44
C LYS G 151 -40.93 -56.92 24.10
N ALA G 152 -41.66 -57.24 23.02
CA ALA G 152 -41.26 -56.78 21.69
C ALA G 152 -41.36 -55.27 21.60
N VAL G 153 -42.44 -54.69 22.12
CA VAL G 153 -42.57 -53.23 22.12
C VAL G 153 -41.45 -52.60 22.93
N ALA G 154 -41.17 -53.16 24.11
CA ALA G 154 -40.12 -52.63 24.95
C ALA G 154 -38.77 -52.70 24.27
N ARG G 155 -38.47 -53.81 23.60
CA ARG G 155 -37.20 -53.94 22.90
C ARG G 155 -37.10 -52.97 21.73
N THR G 156 -38.19 -52.80 20.98
CA THR G 156 -38.16 -51.89 19.84
C THR G 156 -37.90 -50.46 20.30
N ALA G 157 -38.54 -50.04 21.39
CA ALA G 157 -38.30 -48.70 21.91
C ALA G 157 -36.91 -48.57 22.52
N MET G 158 -36.48 -49.62 23.25
CA MET G 158 -35.15 -49.65 23.87
C MET G 158 -34.08 -49.41 22.82
N THR G 159 -34.34 -49.90 21.61
CA THR G 159 -33.39 -49.88 20.50
C THR G 159 -32.81 -48.48 20.26
N GLY G 160 -31.55 -48.47 19.80
CA GLY G 160 -30.89 -47.27 19.34
C GLY G 160 -29.67 -46.88 20.16
N LYS G 161 -29.86 -46.93 21.49
CA LYS G 161 -28.84 -46.43 22.43
C LYS G 161 -28.16 -47.55 23.22
N ALA G 162 -28.90 -48.46 23.83
CA ALA G 162 -28.28 -49.46 24.68
C ALA G 162 -27.35 -50.36 23.88
N SER G 163 -26.37 -50.93 24.58
CA SER G 163 -25.48 -51.89 23.95
C SER G 163 -26.25 -53.15 23.54
N GLU G 164 -25.73 -53.82 22.51
CA GLU G 164 -26.40 -55.00 21.98
C GLU G 164 -26.48 -56.13 23.01
N GLU G 165 -25.53 -56.20 23.94
CA GLU G 165 -25.47 -57.33 24.84
C GLU G 165 -26.64 -57.36 25.82
N ASN G 166 -26.97 -56.21 26.42
CA ASN G 166 -27.89 -56.15 27.54
C ASN G 166 -29.31 -55.79 27.13
N ARG G 167 -29.67 -56.00 25.87
CA ARG G 167 -31.01 -55.67 25.40
C ARG G 167 -32.07 -56.53 26.08
N GLU G 168 -31.84 -57.85 26.08
CA GLU G 168 -32.78 -58.77 26.71
C GLU G 168 -32.92 -58.46 28.20
N GLU G 169 -31.81 -58.19 28.87
CA GLU G 169 -31.83 -57.95 30.31
C GLU G 169 -32.65 -56.71 30.64
N ILE G 170 -32.35 -55.59 29.97
CA ILE G 170 -33.03 -54.34 30.31
C ILE G 170 -34.50 -54.42 29.91
N ALA G 171 -34.81 -55.11 28.81
CA ALA G 171 -36.22 -55.28 28.45
C ALA G 171 -36.96 -56.11 29.49
N ASP G 172 -36.33 -57.19 29.97
CA ASP G 172 -36.95 -58.02 31.00
C ASP G 172 -37.20 -57.20 32.27
N LEU G 173 -36.20 -56.41 32.68
CA LEU G 173 -36.39 -55.59 33.87
C LEU G 173 -37.46 -54.53 33.65
N VAL G 174 -37.55 -54.01 32.43
CA VAL G 174 -38.58 -53.00 32.13
C VAL G 174 -39.96 -53.58 32.30
N VAL G 175 -40.21 -54.73 31.68
CA VAL G 175 -41.55 -55.32 31.78
C VAL G 175 -41.84 -55.78 33.21
N GLU G 176 -40.81 -56.28 33.90
CA GLU G 176 -40.99 -56.71 35.28
C GLU G 176 -41.38 -55.53 36.17
N ALA G 177 -40.68 -54.40 36.02
CA ALA G 177 -41.01 -53.22 36.82
C ALA G 177 -42.40 -52.72 36.47
N VAL G 178 -42.76 -52.73 35.18
CA VAL G 178 -44.06 -52.23 34.77
C VAL G 178 -45.17 -53.07 35.38
N LEU G 179 -45.01 -54.39 35.35
CA LEU G 179 -46.05 -55.25 35.90
C LEU G 179 -46.10 -55.19 37.42
N SER G 180 -44.94 -55.22 38.08
CA SER G 180 -44.91 -55.27 39.55
C SER G 180 -45.38 -53.96 40.16
N LEU G 181 -44.96 -52.82 39.58
CA LEU G 181 -45.42 -51.50 40.02
C LEU G 181 -46.66 -51.05 39.28
N ALA G 182 -47.48 -51.98 38.79
CA ALA G 182 -48.70 -51.64 38.07
C ALA G 182 -49.76 -51.14 39.02
N GLU G 183 -49.82 -49.81 39.21
CA GLU G 183 -50.83 -49.19 40.07
C GLU G 183 -52.12 -49.09 39.26
N ASP G 184 -53.06 -50.00 39.53
CA ASP G 184 -54.29 -50.10 38.75
C ASP G 184 -55.20 -48.93 39.10
N GLY G 185 -54.94 -47.79 38.46
CA GLY G 185 -55.75 -46.61 38.63
C GLY G 185 -56.89 -46.56 37.63
N GLY G 186 -57.84 -47.49 37.77
CA GLY G 186 -58.95 -47.56 36.84
C GLY G 186 -58.54 -47.91 35.42
N GLY G 187 -57.66 -48.89 35.25
CA GLY G 187 -57.19 -49.34 33.95
C GLY G 187 -55.95 -48.63 33.46
N LYS G 188 -55.89 -47.31 33.63
CA LYS G 188 -54.73 -46.53 33.21
C LYS G 188 -53.68 -46.60 34.30
N TYR G 189 -52.69 -47.48 34.11
CA TYR G 189 -51.66 -47.66 35.12
C TYR G 189 -50.74 -46.44 35.16
N ARG G 190 -50.53 -45.90 36.36
CA ARG G 190 -49.70 -44.69 36.53
C ARG G 190 -48.24 -45.09 36.67
N VAL G 191 -47.69 -45.61 35.57
CA VAL G 191 -46.27 -45.98 35.51
C VAL G 191 -45.53 -44.72 35.06
N ASP G 192 -45.25 -43.86 36.04
CA ASP G 192 -44.54 -42.62 35.76
C ASP G 192 -43.04 -42.86 35.68
N LEU G 193 -42.34 -41.93 35.03
CA LEU G 193 -40.90 -42.05 34.89
C LEU G 193 -40.20 -41.94 36.24
N ASP G 194 -40.77 -41.18 37.18
CA ASP G 194 -40.19 -40.97 38.50
C ASP G 194 -40.74 -41.94 39.54
N ASN G 195 -41.15 -43.15 39.13
CA ASN G 195 -41.73 -44.14 40.02
C ASN G 195 -40.90 -45.39 40.19
N ILE G 196 -40.04 -45.73 39.22
CA ILE G 196 -39.30 -46.98 39.21
C ILE G 196 -37.90 -46.74 39.75
N LYS G 197 -37.40 -47.69 40.55
CA LYS G 197 -36.27 -47.48 41.44
C LYS G 197 -34.98 -47.91 40.75
N ILE G 198 -34.13 -46.95 40.40
CA ILE G 198 -32.76 -47.21 39.97
C ILE G 198 -31.86 -46.18 40.62
N GLU G 199 -30.59 -46.53 40.77
CA GLU G 199 -29.55 -45.63 41.25
C GLU G 199 -28.44 -45.52 40.21
N LYS G 200 -27.77 -44.37 40.19
CA LYS G 200 -26.69 -44.10 39.25
C LYS G 200 -25.34 -44.32 39.92
N GLN G 201 -24.43 -44.99 39.22
CA GLN G 201 -23.09 -45.24 39.73
C GLN G 201 -22.21 -45.70 38.58
N THR G 202 -20.96 -45.24 38.58
CA THR G 202 -20.01 -45.63 37.55
C THR G 202 -19.58 -47.08 37.72
N GLY G 203 -19.34 -47.75 36.59
CA GLY G 203 -18.89 -49.13 36.61
C GLY G 203 -20.01 -50.10 36.93
N GLY G 204 -19.61 -51.30 37.34
CA GLY G 204 -20.58 -52.33 37.65
C GLY G 204 -21.33 -52.75 36.40
N GLY G 205 -22.66 -52.76 36.49
CA GLY G 205 -23.49 -53.15 35.37
C GLY G 205 -24.90 -52.65 35.55
N ALA G 206 -25.74 -53.01 34.58
CA ALA G 206 -27.15 -52.61 34.59
C ALA G 206 -28.02 -53.54 35.44
N SER G 207 -27.44 -54.57 36.06
CA SER G 207 -28.20 -55.52 36.86
C SER G 207 -28.62 -54.97 38.23
N ASP G 208 -28.36 -53.69 38.52
CA ASP G 208 -28.82 -53.04 39.74
C ASP G 208 -30.13 -52.27 39.53
N THR G 209 -30.79 -52.44 38.39
CA THR G 209 -32.09 -51.81 38.13
C THR G 209 -33.18 -52.69 38.73
N GLU G 210 -33.18 -52.75 40.05
CA GLU G 210 -34.10 -53.56 40.83
C GLU G 210 -35.04 -52.65 41.63
N LEU G 211 -36.12 -53.26 42.13
CA LEU G 211 -37.14 -52.54 42.89
C LEU G 211 -36.66 -52.41 44.33
N ILE G 212 -36.02 -51.29 44.64
CA ILE G 212 -35.63 -50.94 46.00
C ILE G 212 -36.64 -49.92 46.51
N GLU G 213 -37.50 -50.35 47.44
CA GLU G 213 -38.69 -49.58 47.78
C GLU G 213 -38.34 -48.31 48.56
N GLY G 214 -37.73 -47.35 47.88
CA GLY G 214 -37.35 -46.10 48.50
C GLY G 214 -36.38 -45.33 47.63
N VAL G 215 -36.36 -44.02 47.84
CA VAL G 215 -35.49 -43.13 47.08
C VAL G 215 -34.10 -43.17 47.69
N VAL G 216 -33.12 -43.57 46.90
CA VAL G 216 -31.72 -43.69 47.34
C VAL G 216 -30.99 -42.42 46.93
N LEU G 217 -30.30 -41.80 47.90
CA LEU G 217 -29.57 -40.56 47.69
C LEU G 217 -28.09 -40.84 47.50
N ASP G 218 -27.46 -40.09 46.60
CA ASP G 218 -26.05 -40.24 46.29
C ASP G 218 -25.21 -39.32 47.18
N LYS G 219 -25.30 -39.57 48.49
CA LYS G 219 -24.54 -38.82 49.48
C LYS G 219 -24.13 -39.74 50.61
N GLU G 220 -22.95 -39.48 51.18
CA GLU G 220 -22.43 -40.28 52.27
C GLU G 220 -23.01 -39.82 53.61
N PRO G 221 -22.99 -40.67 54.64
CA PRO G 221 -23.36 -40.19 55.97
C PRO G 221 -22.40 -39.12 56.46
N VAL G 222 -22.94 -38.13 57.17
CA VAL G 222 -22.12 -37.02 57.64
C VAL G 222 -21.17 -37.49 58.75
N HIS G 223 -21.64 -38.36 59.64
CA HIS G 223 -20.89 -38.79 60.81
C HIS G 223 -20.80 -40.31 60.82
N GLU G 224 -19.61 -40.83 61.13
CA GLU G 224 -19.38 -42.27 61.06
C GLU G 224 -20.26 -43.02 62.05
N ASP G 225 -20.27 -42.59 63.31
CA ASP G 225 -21.08 -43.22 64.35
C ASP G 225 -22.58 -42.92 64.21
N MET G 226 -22.99 -42.17 63.19
CA MET G 226 -24.41 -42.05 62.89
C MET G 226 -24.98 -43.45 62.63
N PRO G 227 -26.11 -43.83 63.26
CA PRO G 227 -26.59 -45.21 63.09
C PRO G 227 -26.97 -45.53 61.65
N LYS G 228 -26.18 -46.39 61.02
CA LYS G 228 -26.42 -46.71 59.61
C LYS G 228 -27.68 -47.54 59.44
N LYS G 229 -27.95 -48.45 60.37
CA LYS G 229 -29.11 -49.32 60.34
C LYS G 229 -30.16 -48.83 61.31
N LEU G 230 -31.38 -48.62 60.81
CA LEU G 230 -32.50 -48.19 61.65
C LEU G 230 -33.77 -48.80 61.07
N GLU G 231 -34.23 -49.90 61.67
CA GLU G 231 -35.45 -50.54 61.24
C GLU G 231 -36.66 -49.82 61.81
N ASN G 232 -37.68 -49.63 60.95
CA ASN G 232 -38.90 -48.91 61.32
C ASN G 232 -38.56 -47.51 61.81
N ALA G 233 -37.59 -46.87 61.16
CA ALA G 233 -37.12 -45.56 61.58
C ALA G 233 -38.20 -44.50 61.41
N LYS G 234 -38.26 -43.58 62.36
CA LYS G 234 -39.17 -42.44 62.30
C LYS G 234 -38.53 -41.40 61.39
N VAL G 235 -38.94 -41.39 60.13
CA VAL G 235 -38.29 -40.57 59.11
C VAL G 235 -38.94 -39.20 59.07
N ALA G 236 -38.12 -38.16 59.00
CA ALA G 236 -38.56 -36.78 58.87
C ALA G 236 -37.94 -36.16 57.63
N VAL G 237 -38.58 -35.12 57.12
CA VAL G 237 -38.10 -34.37 55.96
C VAL G 237 -38.13 -32.89 56.33
N LEU G 238 -36.98 -32.23 56.21
CA LEU G 238 -36.83 -30.82 56.53
C LEU G 238 -36.19 -30.10 55.35
N ASP G 239 -36.29 -28.77 55.37
CA ASP G 239 -35.70 -27.93 54.33
C ASP G 239 -34.97 -26.70 54.86
N ALA G 240 -35.17 -26.31 56.11
CA ALA G 240 -34.49 -25.14 56.64
C ALA G 240 -33.00 -25.43 56.82
N PRO G 241 -32.14 -24.41 56.77
CA PRO G 241 -30.69 -24.66 56.88
C PRO G 241 -30.31 -24.98 58.32
N ILE G 242 -29.83 -26.20 58.54
CA ILE G 242 -29.41 -26.63 59.87
C ILE G 242 -27.98 -26.21 60.14
N ILE G 253 -23.15 -9.73 65.69
CA ILE G 253 -22.98 -10.00 67.11
C ILE G 253 -22.13 -8.90 67.73
N SER G 254 -22.65 -8.26 68.76
CA SER G 254 -21.96 -7.19 69.47
C SER G 254 -21.48 -7.71 70.82
N ILE G 255 -20.18 -7.57 71.08
CA ILE G 255 -19.55 -8.07 72.30
C ILE G 255 -19.12 -6.88 73.13
N SER G 256 -19.51 -6.89 74.41
CA SER G 256 -19.18 -5.84 75.37
C SER G 256 -18.32 -6.35 76.52
N SER G 257 -18.77 -7.40 77.19
CA SER G 257 -18.05 -8.03 78.29
C SER G 257 -17.18 -9.15 77.77
N PRO G 258 -16.19 -9.61 78.56
CA PRO G 258 -15.35 -10.72 78.10
C PRO G 258 -16.12 -12.01 77.85
N GLU G 259 -17.12 -12.31 78.67
CA GLU G 259 -17.87 -13.55 78.58
C GLU G 259 -19.16 -13.39 77.76
N GLN G 260 -19.37 -12.23 77.14
CA GLN G 260 -20.60 -12.04 76.37
C GLN G 260 -20.61 -12.92 75.12
N PHE G 261 -19.45 -13.12 74.50
CA PHE G 261 -19.35 -14.03 73.36
C PHE G 261 -19.73 -15.45 73.77
N GLN G 262 -19.20 -15.91 74.91
CA GLN G 262 -19.56 -17.22 75.42
C GLN G 262 -21.05 -17.27 75.75
N ALA G 263 -21.62 -16.15 76.21
CA ALA G 263 -23.04 -16.11 76.49
C ALA G 263 -23.88 -16.28 75.23
N PHE G 264 -23.50 -15.60 74.14
CA PHE G 264 -24.24 -15.80 72.89
C PHE G 264 -24.10 -17.24 72.42
N LEU G 265 -22.89 -17.79 72.49
CA LEU G 265 -22.72 -19.19 72.08
C LEU G 265 -23.58 -20.11 72.92
N ASP G 266 -23.67 -19.84 74.23
CA ASP G 266 -24.50 -20.65 75.11
C ASP G 266 -25.96 -20.58 74.72
N GLN G 267 -26.46 -19.39 74.38
CA GLN G 267 -27.89 -19.31 74.07
C GLN G 267 -28.21 -19.85 72.67
N GLU G 268 -27.30 -19.72 71.70
CA GLU G 268 -27.54 -20.42 70.42
C GLU G 268 -27.54 -21.93 70.61
N GLU G 269 -26.59 -22.48 71.36
CA GLU G 269 -26.66 -23.93 71.56
C GLU G 269 -27.87 -24.32 72.40
N LYS G 270 -28.32 -23.45 73.31
CA LYS G 270 -29.51 -23.77 74.10
C LYS G 270 -30.76 -23.81 73.23
N GLN G 271 -30.96 -22.82 72.36
CA GLN G 271 -32.12 -22.87 71.49
C GLN G 271 -32.01 -24.01 70.47
N LEU G 272 -30.78 -24.33 70.05
CA LEU G 272 -30.59 -25.51 69.19
C LEU G 272 -31.02 -26.77 69.93
N ARG G 273 -30.60 -26.91 71.19
CA ARG G 273 -31.05 -28.02 72.02
C ARG G 273 -32.57 -28.05 72.09
N GLU G 274 -33.20 -26.88 72.23
CA GLU G 274 -34.65 -26.83 72.38
C GLU G 274 -35.34 -27.34 71.12
N MET G 275 -34.93 -26.83 69.94
CA MET G 275 -35.60 -27.27 68.72
C MET G 275 -35.35 -28.75 68.45
N VAL G 276 -34.11 -29.22 68.62
CA VAL G 276 -33.89 -30.64 68.36
C VAL G 276 -34.53 -31.51 69.43
N ASP G 277 -34.76 -30.98 70.63
CA ASP G 277 -35.46 -31.75 71.67
C ASP G 277 -36.94 -31.88 71.34
N LYS G 278 -37.59 -30.79 70.90
CA LYS G 278 -38.98 -30.94 70.50
C LYS G 278 -39.10 -31.75 69.21
N ILE G 279 -38.04 -31.82 68.40
CA ILE G 279 -38.01 -32.78 67.30
C ILE G 279 -37.97 -34.20 67.85
N VAL G 280 -37.08 -34.46 68.81
CA VAL G 280 -36.92 -35.80 69.36
C VAL G 280 -38.19 -36.24 70.08
N ASP G 281 -38.93 -35.29 70.65
CA ASP G 281 -40.21 -35.62 71.26
C ASP G 281 -41.17 -36.21 70.24
N THR G 282 -41.16 -35.67 69.01
CA THR G 282 -41.86 -36.32 67.92
C THR G 282 -41.26 -37.68 67.63
N GLY G 283 -39.94 -37.81 67.75
CA GLY G 283 -39.24 -39.06 67.59
C GLY G 283 -38.41 -39.19 66.33
N ALA G 284 -38.25 -38.12 65.55
CA ALA G 284 -37.51 -38.20 64.30
C ALA G 284 -36.06 -38.57 64.55
N ASN G 285 -35.56 -39.55 63.78
CA ASN G 285 -34.17 -39.98 63.84
C ASN G 285 -33.50 -40.06 62.49
N VAL G 286 -34.22 -39.86 61.39
CA VAL G 286 -33.67 -39.87 60.04
C VAL G 286 -34.19 -38.63 59.31
N VAL G 287 -33.27 -37.82 58.79
CA VAL G 287 -33.60 -36.56 58.15
C VAL G 287 -32.83 -36.45 56.84
N PHE G 288 -33.46 -35.83 55.84
CA PHE G 288 -32.81 -35.45 54.59
C PHE G 288 -33.12 -33.97 54.38
N CYS G 289 -32.12 -33.12 54.58
CA CYS G 289 -32.31 -31.68 54.55
C CYS G 289 -31.97 -31.10 53.18
N GLU G 290 -32.72 -30.07 52.79
CA GLU G 290 -32.56 -29.46 51.48
C GLU G 290 -31.30 -28.60 51.37
N LYS G 291 -30.74 -28.14 52.49
CA LYS G 291 -29.65 -27.18 52.52
C LYS G 291 -28.43 -27.76 53.22
N GLY G 292 -27.39 -26.95 53.35
CA GLY G 292 -26.12 -27.40 53.89
C GLY G 292 -26.17 -27.63 55.39
N ILE G 293 -25.00 -27.95 55.93
CA ILE G 293 -24.81 -28.25 57.34
C ILE G 293 -23.52 -27.58 57.82
N ASP G 294 -23.21 -27.78 59.10
CA ASP G 294 -21.96 -27.34 59.71
C ASP G 294 -21.42 -28.49 60.54
N ASP G 295 -20.10 -28.43 60.82
CA ASP G 295 -19.45 -29.51 61.53
C ASP G 295 -20.05 -29.71 62.92
N GLN G 296 -20.28 -28.60 63.64
CA GLN G 296 -20.91 -28.71 64.95
C GLN G 296 -22.34 -29.20 64.84
N VAL G 297 -23.05 -28.77 63.79
CA VAL G 297 -24.44 -29.18 63.60
C VAL G 297 -24.53 -30.69 63.40
N GLU G 298 -23.74 -31.22 62.47
CA GLU G 298 -23.75 -32.67 62.25
C GLU G 298 -23.22 -33.41 63.47
N HIS G 299 -22.29 -32.81 64.20
CA HIS G 299 -21.76 -33.45 65.40
C HIS G 299 -22.85 -33.62 66.45
N MET G 300 -23.63 -32.57 66.72
CA MET G 300 -24.67 -32.69 67.73
C MET G 300 -25.87 -33.47 67.20
N LEU G 301 -26.05 -33.53 65.88
CA LEU G 301 -27.08 -34.39 65.32
C LEU G 301 -26.73 -35.86 65.54
N ALA G 302 -25.47 -36.24 65.25
CA ALA G 302 -25.01 -37.59 65.47
C ALA G 302 -24.77 -37.90 66.94
N LYS G 303 -24.77 -36.88 67.81
CA LYS G 303 -24.74 -37.15 69.25
C LYS G 303 -25.93 -37.99 69.68
N LYS G 304 -27.11 -37.67 69.15
CA LYS G 304 -28.32 -38.46 69.37
C LYS G 304 -28.55 -39.51 68.30
N GLY G 305 -27.76 -39.52 67.22
CA GLY G 305 -27.89 -40.52 66.18
C GLY G 305 -28.92 -40.13 65.13
N ILE G 306 -28.74 -38.95 64.52
CA ILE G 306 -29.70 -38.41 63.57
C ILE G 306 -29.03 -38.35 62.20
N LEU G 307 -29.68 -38.94 61.20
CA LEU G 307 -29.20 -38.88 59.82
C LEU G 307 -29.55 -37.53 59.21
N ALA G 308 -28.63 -36.98 58.42
CA ALA G 308 -28.84 -35.68 57.77
C ALA G 308 -28.09 -35.67 56.45
N VAL G 309 -28.84 -35.55 55.35
CA VAL G 309 -28.28 -35.42 54.02
C VAL G 309 -28.59 -34.01 53.52
N ARG G 310 -27.59 -33.38 52.88
CA ARG G 310 -27.64 -31.97 52.52
C ARG G 310 -27.68 -31.78 51.02
N ARG G 311 -28.03 -30.55 50.62
CA ARG G 311 -28.05 -30.13 49.21
C ARG G 311 -28.95 -31.04 48.39
N VAL G 312 -30.07 -31.42 48.97
CA VAL G 312 -31.06 -32.27 48.30
C VAL G 312 -31.93 -31.38 47.41
N LYS G 313 -31.99 -31.70 46.12
CA LYS G 313 -32.63 -30.83 45.14
C LYS G 313 -34.13 -30.68 45.44
N LYS G 314 -34.74 -29.70 44.78
CA LYS G 314 -36.17 -29.46 44.98
C LYS G 314 -37.00 -30.64 44.51
N ASP G 315 -36.74 -31.12 43.28
CA ASP G 315 -37.52 -32.23 42.73
C ASP G 315 -37.31 -33.50 43.54
N ASP G 316 -36.06 -33.83 43.84
CA ASP G 316 -35.79 -35.05 44.59
C ASP G 316 -36.16 -34.92 46.07
N LEU G 317 -36.11 -33.71 46.64
CA LEU G 317 -36.64 -33.53 47.99
C LEU G 317 -38.16 -33.76 48.02
N GLU G 318 -38.87 -33.24 47.01
CA GLU G 318 -40.31 -33.50 46.93
C GLU G 318 -40.59 -34.97 46.74
N LYS G 319 -39.77 -35.65 45.93
CA LYS G 319 -39.91 -37.08 45.75
C LYS G 319 -39.72 -37.82 47.06
N ILE G 320 -38.72 -37.44 47.84
CA ILE G 320 -38.45 -38.09 49.11
C ILE G 320 -39.60 -37.83 50.08
N ALA G 321 -40.14 -36.60 50.06
CA ALA G 321 -41.28 -36.30 50.93
C ALA G 321 -42.48 -37.15 50.57
N LYS G 322 -42.73 -37.33 49.28
CA LYS G 322 -43.84 -38.20 48.85
C LYS G 322 -43.60 -39.64 49.28
N ALA G 323 -42.37 -40.14 49.12
CA ALA G 323 -42.10 -41.54 49.39
C ALA G 323 -42.15 -41.83 50.89
N THR G 324 -41.47 -41.01 51.69
CA THR G 324 -41.31 -41.30 53.12
C THR G 324 -42.57 -40.99 53.91
N GLY G 325 -43.45 -40.14 53.39
CA GLY G 325 -44.66 -39.75 54.09
C GLY G 325 -44.50 -38.58 55.04
N ALA G 326 -43.27 -38.13 55.28
CA ALA G 326 -43.03 -36.95 56.12
C ALA G 326 -43.19 -35.70 55.27
N ARG G 327 -44.26 -34.95 55.52
CA ARG G 327 -44.49 -33.72 54.77
C ARG G 327 -43.37 -32.72 55.03
N VAL G 328 -43.03 -31.95 54.01
CA VAL G 328 -41.97 -30.96 54.15
C VAL G 328 -42.45 -29.85 55.07
N VAL G 329 -41.68 -29.58 56.11
CA VAL G 329 -42.06 -28.66 57.19
C VAL G 329 -41.09 -27.50 57.15
N SER G 330 -41.47 -26.42 56.47
CA SER G 330 -40.65 -25.21 56.47
C SER G 330 -40.59 -24.60 57.86
N ASN G 331 -41.74 -24.46 58.52
CA ASN G 331 -41.82 -23.96 59.89
C ASN G 331 -41.77 -25.17 60.82
N ILE G 332 -40.56 -25.52 61.27
CA ILE G 332 -40.35 -26.76 62.00
C ILE G 332 -40.93 -26.68 63.42
N ASP G 333 -41.25 -25.48 63.91
CA ASP G 333 -41.80 -25.37 65.25
C ASP G 333 -43.12 -26.10 65.41
N GLU G 334 -43.87 -26.26 64.31
CA GLU G 334 -45.16 -26.94 64.33
C GLU G 334 -45.06 -28.43 64.04
N LEU G 335 -43.84 -28.97 63.93
CA LEU G 335 -43.68 -30.41 63.71
C LEU G 335 -44.27 -31.19 64.88
N THR G 336 -45.01 -32.24 64.56
CA THR G 336 -45.70 -33.09 65.52
C THR G 336 -45.42 -34.54 65.20
N PRO G 337 -45.71 -35.45 66.14
CA PRO G 337 -45.58 -36.89 65.81
C PRO G 337 -46.43 -37.32 64.63
N GLU G 338 -47.60 -36.69 64.45
CA GLU G 338 -48.44 -37.00 63.30
C GLU G 338 -47.77 -36.62 61.99
N ASP G 339 -46.88 -35.61 62.02
CA ASP G 339 -46.23 -35.14 60.81
C ASP G 339 -45.08 -36.04 60.36
N LEU G 340 -44.62 -36.97 61.20
CA LEU G 340 -43.47 -37.80 60.88
C LEU G 340 -43.85 -38.97 59.98
N GLY G 341 -42.92 -39.35 59.11
CA GLY G 341 -43.07 -40.52 58.29
C GLY G 341 -42.40 -41.73 58.91
N HIS G 342 -42.46 -42.85 58.19
CA HIS G 342 -41.85 -44.10 58.62
C HIS G 342 -41.26 -44.81 57.41
N ALA G 343 -40.14 -45.51 57.65
CA ALA G 343 -39.47 -46.31 56.64
C ALA G 343 -39.12 -47.66 57.23
N GLY G 344 -39.27 -48.72 56.43
CA GLY G 344 -38.98 -50.05 56.92
C GLY G 344 -37.52 -50.25 57.26
N LEU G 345 -36.62 -49.62 56.49
CA LEU G 345 -35.20 -49.79 56.71
C LEU G 345 -34.45 -48.60 56.11
N VAL G 346 -33.30 -48.29 56.70
CA VAL G 346 -32.32 -47.39 56.12
C VAL G 346 -30.96 -48.03 56.35
N GLU G 347 -30.13 -48.09 55.31
CA GLU G 347 -28.86 -48.80 55.39
C GLU G 347 -27.83 -48.13 54.50
N GLN G 348 -26.58 -48.09 54.99
CA GLN G 348 -25.43 -47.64 54.22
C GLN G 348 -24.69 -48.87 53.71
N ARG G 349 -24.71 -49.06 52.39
CA ARG G 349 -24.06 -50.20 51.74
C ARG G 349 -22.94 -49.67 50.85
N LYS G 350 -21.76 -50.29 50.97
CA LYS G 350 -20.60 -49.88 50.18
C LYS G 350 -20.59 -50.61 48.83
N LYS G 351 -21.65 -50.37 48.06
CA LYS G 351 -21.75 -50.95 46.73
C LYS G 351 -20.91 -50.14 45.75
N GLY G 352 -20.10 -50.84 44.96
CA GLY G 352 -19.22 -50.14 44.03
C GLY G 352 -18.15 -49.35 44.77
N GLU G 353 -17.74 -48.24 44.16
CA GLU G 353 -16.70 -47.40 44.73
C GLU G 353 -17.26 -46.35 45.68
N ASP G 354 -18.22 -45.56 45.21
CA ASP G 354 -18.78 -44.49 46.03
C ASP G 354 -19.60 -45.07 47.19
N ARG G 355 -19.74 -44.27 48.24
CA ARG G 355 -20.53 -44.64 49.41
C ARG G 355 -21.90 -43.97 49.34
N MET G 356 -22.95 -44.76 49.59
CA MET G 356 -24.32 -44.28 49.51
C MET G 356 -25.11 -44.78 50.71
N VAL G 357 -26.19 -44.06 51.01
CA VAL G 357 -27.19 -44.51 51.97
C VAL G 357 -28.32 -45.14 51.16
N PHE G 358 -28.33 -46.48 51.09
CA PHE G 358 -29.34 -47.21 50.33
C PHE G 358 -30.62 -47.25 51.13
N VAL G 359 -31.44 -46.21 50.96
CA VAL G 359 -32.71 -46.13 51.65
C VAL G 359 -33.70 -47.08 50.99
N SER G 360 -34.36 -47.92 51.79
CA SER G 360 -35.26 -48.94 51.27
C SER G 360 -36.33 -49.22 52.30
N GLY G 361 -37.59 -49.04 51.89
CA GLY G 361 -38.73 -49.25 52.77
C GLY G 361 -39.68 -48.07 52.87
N CYS G 362 -39.69 -47.21 51.84
CA CYS G 362 -40.66 -46.12 51.76
C CYS G 362 -41.97 -46.69 51.24
N LYS G 363 -42.95 -46.87 52.13
CA LYS G 363 -44.10 -47.73 51.87
C LYS G 363 -45.34 -46.97 51.40
N ASN G 364 -45.27 -45.64 51.26
CA ASN G 364 -46.48 -44.88 50.94
C ASN G 364 -46.79 -44.92 49.44
N GLU G 365 -45.88 -44.42 48.61
CA GLU G 365 -46.07 -44.32 47.17
C GLU G 365 -44.82 -44.81 46.45
N PRO G 366 -44.96 -45.29 45.18
CA PRO G 366 -43.77 -45.61 44.39
C PRO G 366 -43.21 -44.35 43.75
N VAL G 367 -42.07 -43.90 44.25
CA VAL G 367 -41.44 -42.65 43.81
C VAL G 367 -39.95 -42.89 43.70
N ALA G 368 -39.34 -42.31 42.67
CA ALA G 368 -37.93 -42.57 42.38
C ALA G 368 -37.40 -41.46 41.47
N THR G 369 -36.12 -41.57 41.14
CA THR G 369 -35.41 -40.64 40.27
C THR G 369 -34.81 -41.40 39.09
N ILE G 370 -34.61 -40.68 37.99
CA ILE G 370 -34.05 -41.29 36.76
C ILE G 370 -32.54 -41.20 36.90
N LEU G 371 -31.97 -42.20 37.59
CA LEU G 371 -30.54 -42.30 37.81
C LEU G 371 -30.15 -43.77 37.66
N ILE G 372 -29.30 -44.07 36.67
CA ILE G 372 -29.07 -45.45 36.22
C ILE G 372 -27.58 -45.66 36.02
N ARG G 373 -27.16 -46.92 36.15
CA ARG G 373 -25.75 -47.30 36.12
C ARG G 373 -25.29 -47.65 34.69
N ALA G 374 -23.99 -47.52 34.48
CA ALA G 374 -23.29 -48.05 33.31
C ALA G 374 -21.80 -47.98 33.58
N ALA G 375 -20.98 -48.22 32.55
CA ALA G 375 -19.54 -48.28 32.73
C ALA G 375 -18.92 -46.88 32.75
N THR G 376 -19.05 -46.15 31.64
CA THR G 376 -18.48 -44.82 31.48
C THR G 376 -19.59 -43.80 31.25
N GLU G 377 -19.29 -42.54 31.61
CA GLU G 377 -20.32 -41.51 31.77
C GLU G 377 -21.18 -41.37 30.52
N HIS G 378 -20.57 -41.48 29.34
CA HIS G 378 -21.36 -41.47 28.12
C HIS G 378 -22.35 -42.62 28.11
N VAL G 379 -21.90 -43.81 28.52
CA VAL G 379 -22.80 -44.97 28.55
C VAL G 379 -23.83 -44.81 29.66
N VAL G 380 -23.47 -44.16 30.77
CA VAL G 380 -24.45 -43.90 31.83
C VAL G 380 -25.59 -43.04 31.31
N GLU G 381 -25.25 -41.93 30.65
CA GLU G 381 -26.29 -41.06 30.12
C GLU G 381 -27.10 -41.75 29.04
N GLU G 382 -26.42 -42.53 28.18
CA GLU G 382 -27.12 -43.24 27.12
C GLU G 382 -28.12 -44.23 27.68
N LEU G 383 -27.72 -45.01 28.70
CA LEU G 383 -28.65 -45.97 29.29
C LEU G 383 -29.76 -45.27 30.04
N GLU G 384 -29.49 -44.08 30.62
CA GLU G 384 -30.54 -43.31 31.26
C GLU G 384 -31.62 -42.93 30.25
N ARG G 385 -31.21 -42.36 29.12
CA ARG G 385 -32.19 -42.01 28.10
C ARG G 385 -32.91 -43.25 27.58
N ALA G 386 -32.17 -44.35 27.44
CA ALA G 386 -32.77 -45.57 26.90
C ALA G 386 -33.85 -46.11 27.82
N ILE G 387 -33.59 -46.17 29.13
CA ILE G 387 -34.59 -46.69 30.04
C ILE G 387 -35.80 -45.75 30.11
N ASP G 388 -35.55 -44.43 30.05
CA ASP G 388 -36.66 -43.48 30.04
C ASP G 388 -37.56 -43.71 28.85
N ASP G 389 -36.97 -43.80 27.65
CA ASP G 389 -37.77 -44.04 26.45
C ASP G 389 -38.46 -45.39 26.52
N ALA G 390 -37.83 -46.37 27.17
CA ALA G 390 -38.41 -47.69 27.27
C ALA G 390 -39.70 -47.69 28.07
N LEU G 391 -39.65 -47.13 29.29
CA LEU G 391 -40.89 -47.02 30.07
C LEU G 391 -41.91 -46.15 29.37
N ASN G 392 -41.47 -45.09 28.66
CA ASN G 392 -42.43 -44.27 27.93
C ASN G 392 -43.19 -45.13 26.92
N ALA G 393 -42.47 -45.95 26.17
CA ALA G 393 -43.12 -46.72 25.12
C ALA G 393 -44.05 -47.79 25.69
N VAL G 394 -43.61 -48.51 26.73
CA VAL G 394 -44.51 -49.54 27.23
C VAL G 394 -45.72 -48.91 27.90
N LYS G 395 -45.54 -47.74 28.54
CA LYS G 395 -46.69 -47.02 29.09
C LYS G 395 -47.66 -46.65 28.00
N ALA G 396 -47.16 -46.14 26.88
CA ALA G 396 -48.04 -45.77 25.77
C ALA G 396 -48.75 -47.00 25.21
N ALA G 397 -48.03 -48.12 25.10
CA ALA G 397 -48.65 -49.34 24.60
C ALA G 397 -49.76 -49.83 25.51
N ILE G 398 -49.51 -49.81 26.82
CA ILE G 398 -50.52 -50.26 27.77
C ILE G 398 -51.73 -49.32 27.73
N LYS G 399 -51.48 -48.00 27.68
CA LYS G 399 -52.57 -47.04 27.67
C LYS G 399 -53.42 -47.19 26.40
N ASP G 400 -52.82 -46.94 25.24
CA ASP G 400 -53.59 -46.94 24.00
C ASP G 400 -53.99 -48.36 23.62
N GLY G 401 -53.10 -49.32 23.82
CA GLY G 401 -53.38 -50.69 23.41
C GLY G 401 -53.47 -50.87 21.92
N LYS G 402 -52.65 -50.16 21.15
CA LYS G 402 -52.57 -50.33 19.71
C LYS G 402 -51.11 -50.22 19.29
N VAL G 403 -50.60 -51.26 18.65
CA VAL G 403 -49.21 -51.31 18.18
C VAL G 403 -49.23 -51.43 16.66
N VAL G 404 -48.29 -50.76 16.01
CA VAL G 404 -48.16 -50.75 14.55
C VAL G 404 -46.81 -51.38 14.20
N PRO G 405 -46.68 -52.13 13.11
CA PRO G 405 -45.35 -52.64 12.76
C PRO G 405 -44.37 -51.51 12.47
N GLY G 406 -43.20 -51.60 13.06
CA GLY G 406 -42.15 -50.62 12.89
C GLY G 406 -41.23 -50.96 11.75
N GLY G 407 -40.00 -50.46 11.85
CA GLY G 407 -39.00 -50.75 10.84
C GLY G 407 -39.36 -50.26 9.46
N GLY G 408 -40.10 -49.16 9.37
CA GLY G 408 -40.50 -48.63 8.08
C GLY G 408 -41.73 -49.28 7.49
N ALA G 409 -42.26 -50.34 8.10
CA ALA G 409 -43.41 -51.03 7.53
C ALA G 409 -44.66 -50.15 7.56
N ALA G 410 -44.90 -49.48 8.68
CA ALA G 410 -46.05 -48.60 8.78
C ALA G 410 -45.95 -47.47 7.77
N GLU G 411 -44.76 -46.90 7.60
CA GLU G 411 -44.58 -45.82 6.65
C GLU G 411 -44.88 -46.28 5.23
N VAL G 412 -44.38 -47.45 4.84
CA VAL G 412 -44.61 -47.94 3.49
C VAL G 412 -46.09 -48.26 3.27
N ALA G 413 -46.74 -48.87 4.27
CA ALA G 413 -48.15 -49.19 4.12
C ALA G 413 -48.99 -47.92 3.97
N VAL G 414 -48.72 -46.93 4.81
CA VAL G 414 -49.48 -45.68 4.72
C VAL G 414 -49.19 -44.99 3.41
N ALA G 415 -47.95 -45.09 2.91
CA ALA G 415 -47.61 -44.50 1.62
C ALA G 415 -48.38 -45.17 0.49
N ARG G 416 -48.50 -46.50 0.53
CA ARG G 416 -49.24 -47.20 -0.50
C ARG G 416 -50.71 -46.80 -0.49
N LYS G 417 -51.32 -46.74 0.70
CA LYS G 417 -52.72 -46.36 0.74
C LYS G 417 -52.90 -44.88 0.35
N LEU G 418 -51.91 -44.04 0.65
CA LEU G 418 -51.97 -42.66 0.20
C LEU G 418 -51.90 -42.57 -1.31
N ARG G 419 -51.10 -43.43 -1.93
CA ARG G 419 -51.05 -43.45 -3.39
C ARG G 419 -52.38 -43.93 -3.97
N GLU G 420 -53.04 -44.87 -3.29
CA GLU G 420 -54.38 -45.27 -3.70
C GLU G 420 -55.33 -44.08 -3.62
N TYR G 421 -55.24 -43.31 -2.55
CA TYR G 421 -56.04 -42.08 -2.42
C TYR G 421 -55.72 -41.10 -3.54
N ALA G 422 -54.44 -40.98 -3.90
CA ALA G 422 -54.06 -40.12 -5.02
C ALA G 422 -54.72 -40.58 -6.30
N LYS G 423 -54.72 -41.89 -6.54
CA LYS G 423 -55.44 -42.42 -7.70
C LYS G 423 -56.93 -42.09 -7.62
N SER G 424 -57.49 -42.07 -6.41
CA SER G 424 -58.89 -41.71 -6.25
C SER G 424 -59.12 -40.23 -6.56
N LEU G 425 -58.30 -39.36 -6.00
CA LEU G 425 -58.46 -37.92 -6.19
C LEU G 425 -57.89 -37.49 -7.53
N SER G 426 -58.17 -36.23 -7.89
CA SER G 426 -57.68 -35.65 -9.13
C SER G 426 -57.40 -34.17 -8.89
N GLY G 427 -56.58 -33.60 -9.76
CA GLY G 427 -56.19 -32.20 -9.69
C GLY G 427 -54.75 -32.05 -9.23
N LYS G 428 -54.39 -30.80 -8.94
CA LYS G 428 -53.05 -30.49 -8.45
C LYS G 428 -52.87 -30.81 -6.97
N GLU G 429 -53.94 -31.21 -6.27
CA GLU G 429 -53.80 -31.78 -4.94
C GLU G 429 -53.27 -33.21 -4.99
N GLN G 430 -53.48 -33.91 -6.10
CA GLN G 430 -52.90 -35.25 -6.25
C GLN G 430 -51.39 -35.18 -6.21
N LEU G 431 -50.81 -34.15 -6.82
CA LEU G 431 -49.36 -33.98 -6.76
C LEU G 431 -48.89 -33.79 -5.33
N ALA G 432 -49.61 -32.99 -4.55
CA ALA G 432 -49.23 -32.78 -3.15
C ALA G 432 -49.35 -34.06 -2.34
N ILE G 433 -50.40 -34.85 -2.59
CA ILE G 433 -50.57 -36.10 -1.86
C ILE G 433 -49.45 -37.08 -2.23
N GLU G 434 -49.08 -37.11 -3.51
CA GLU G 434 -47.96 -37.95 -3.92
C GLU G 434 -46.67 -37.48 -3.27
N ALA G 435 -46.50 -36.16 -3.15
CA ALA G 435 -45.36 -35.62 -2.42
C ALA G 435 -45.34 -36.09 -0.98
N PHE G 436 -46.49 -36.06 -0.31
CA PHE G 436 -46.57 -36.54 1.06
C PHE G 436 -46.23 -38.02 1.15
N ALA G 437 -46.71 -38.80 0.18
CA ALA G 437 -46.40 -40.23 0.16
C ALA G 437 -44.90 -40.47 0.02
N ASP G 438 -44.26 -39.72 -0.87
CA ASP G 438 -42.81 -39.88 -1.04
C ASP G 438 -42.06 -39.45 0.21
N ALA G 439 -42.48 -38.36 0.83
CA ALA G 439 -41.82 -37.91 2.04
C ALA G 439 -41.97 -38.92 3.17
N LEU G 440 -43.16 -39.50 3.31
CA LEU G 440 -43.36 -40.56 4.29
C LEU G 440 -42.53 -41.79 3.96
N GLU G 441 -42.37 -42.09 2.67
CA GLU G 441 -41.56 -43.21 2.22
C GLU G 441 -40.08 -42.96 2.48
N GLU G 442 -39.68 -41.70 2.66
CA GLU G 442 -38.27 -41.39 2.92
C GLU G 442 -37.75 -42.02 4.21
N ILE G 443 -38.61 -42.21 5.21
CA ILE G 443 -38.16 -42.76 6.50
C ILE G 443 -37.56 -44.16 6.33
N PRO G 444 -38.23 -45.12 5.69
CA PRO G 444 -37.58 -46.42 5.48
C PRO G 444 -36.28 -46.33 4.70
N ARG G 445 -36.17 -45.37 3.78
CA ARG G 445 -34.91 -45.19 3.07
C ARG G 445 -33.79 -44.82 4.03
N THR G 446 -34.05 -43.90 4.95
CA THR G 446 -33.04 -43.53 5.93
C THR G 446 -32.71 -44.70 6.84
N LEU G 447 -33.74 -45.43 7.28
CA LEU G 447 -33.50 -46.55 8.18
C LEU G 447 -32.67 -47.63 7.52
N ALA G 448 -32.87 -47.86 6.22
CA ALA G 448 -32.01 -48.79 5.49
C ALA G 448 -30.61 -48.23 5.31
N GLU G 449 -30.49 -46.93 5.02
CA GLU G 449 -29.18 -46.34 4.78
C GLU G 449 -28.29 -46.45 6.02
N ASN G 450 -28.85 -46.15 7.20
CA ASN G 450 -28.06 -46.31 8.42
C ASN G 450 -27.75 -47.77 8.72
N ALA G 451 -28.49 -48.71 8.13
CA ALA G 451 -28.23 -50.13 8.33
C ALA G 451 -27.11 -50.67 7.45
N GLY G 452 -26.71 -49.95 6.42
CA GLY G 452 -25.70 -50.39 5.48
C GLY G 452 -26.27 -50.93 4.18
N LEU G 453 -27.54 -51.30 4.15
CA LEU G 453 -28.14 -51.75 2.90
C LEU G 453 -28.28 -50.58 1.94
N ASP G 454 -28.30 -50.91 0.65
CA ASP G 454 -28.51 -49.89 -0.35
C ASP G 454 -29.95 -49.39 -0.26
N PRO G 455 -30.18 -48.06 -0.29
CA PRO G 455 -31.54 -47.59 0.04
C PRO G 455 -32.55 -47.89 -1.06
N ILE G 456 -32.19 -47.66 -2.33
CA ILE G 456 -33.16 -47.81 -3.41
C ILE G 456 -33.58 -49.27 -3.57
N ASP G 457 -32.61 -50.19 -3.52
CA ASP G 457 -32.91 -51.60 -3.77
C ASP G 457 -33.82 -52.15 -2.68
N THR G 458 -33.47 -51.94 -1.42
CA THR G 458 -34.29 -52.46 -0.33
C THR G 458 -35.63 -51.74 -0.25
N LEU G 459 -35.68 -50.46 -0.63
CA LEU G 459 -36.95 -49.75 -0.60
C LEU G 459 -37.88 -50.28 -1.67
N VAL G 460 -37.34 -50.56 -2.86
CA VAL G 460 -38.13 -51.17 -3.92
C VAL G 460 -38.60 -52.56 -3.49
N GLN G 461 -37.74 -53.30 -2.80
CA GLN G 461 -38.16 -54.60 -2.29
C GLN G 461 -39.30 -54.45 -1.30
N LEU G 462 -39.24 -53.44 -0.44
CA LEU G 462 -40.33 -53.20 0.51
C LEU G 462 -41.63 -52.87 -0.22
N ARG G 463 -41.55 -51.99 -1.22
CA ARG G 463 -42.75 -51.63 -1.96
C ARG G 463 -43.34 -52.85 -2.67
N ALA G 464 -42.49 -53.66 -3.31
CA ALA G 464 -42.97 -54.85 -3.99
C ALA G 464 -43.61 -55.81 -3.01
N ALA G 465 -43.00 -55.98 -1.84
CA ALA G 465 -43.57 -56.87 -0.82
C ALA G 465 -44.94 -56.38 -0.39
N HIS G 466 -45.06 -55.08 -0.08
CA HIS G 466 -46.34 -54.54 0.34
C HIS G 466 -47.39 -54.62 -0.77
N GLU G 467 -46.97 -54.66 -2.03
CA GLU G 467 -47.93 -54.84 -3.11
C GLU G 467 -48.47 -56.27 -3.18
N GLU G 468 -47.87 -57.22 -2.45
CA GLU G 468 -48.39 -58.59 -2.41
C GLU G 468 -49.48 -58.79 -1.37
N GLY G 469 -49.82 -57.77 -0.59
CA GLY G 469 -50.92 -57.83 0.36
C GLY G 469 -50.50 -57.94 1.80
N ASP G 470 -49.32 -58.49 2.09
CA ASP G 470 -48.84 -58.53 3.46
C ASP G 470 -48.44 -57.12 3.90
N LYS G 471 -48.44 -56.92 5.22
CA LYS G 471 -48.34 -55.59 5.81
C LYS G 471 -47.18 -55.43 6.78
N ASN G 472 -46.55 -56.51 7.23
CA ASN G 472 -45.57 -56.47 8.31
C ASN G 472 -44.13 -56.57 7.83
N ILE G 473 -43.89 -56.63 6.53
CA ILE G 473 -42.52 -56.71 6.03
C ILE G 473 -41.87 -55.33 6.16
N GLY G 474 -40.74 -55.26 6.85
CA GLY G 474 -40.04 -54.03 7.11
C GLY G 474 -38.54 -54.19 6.88
N ILE G 475 -37.78 -53.45 7.67
CA ILE G 475 -36.32 -53.53 7.69
C ILE G 475 -35.89 -53.78 9.13
N ASP G 476 -35.06 -54.80 9.33
CA ASP G 476 -34.51 -55.15 10.63
C ASP G 476 -33.02 -54.87 10.53
N CYS G 477 -32.54 -53.85 11.23
CA CYS G 477 -31.14 -53.47 11.12
C CYS G 477 -30.23 -54.31 12.02
N LEU G 478 -30.78 -55.00 13.03
CA LEU G 478 -29.95 -55.94 13.77
C LEU G 478 -29.48 -57.07 12.87
N THR G 479 -30.40 -57.66 12.11
CA THR G 479 -30.04 -58.71 11.17
C THR G 479 -29.56 -58.16 9.83
N GLY G 480 -29.82 -56.89 9.55
CA GLY G 480 -29.37 -56.30 8.29
C GLY G 480 -30.00 -56.93 7.07
N GLU G 481 -31.30 -57.23 7.14
CA GLU G 481 -32.04 -57.75 6.01
C GLU G 481 -33.44 -57.15 6.04
N VAL G 482 -34.28 -57.58 5.10
CA VAL G 482 -35.71 -57.28 5.08
C VAL G 482 -36.45 -58.55 5.49
N ALA G 483 -37.33 -58.42 6.48
CA ALA G 483 -38.00 -59.58 7.04
C ALA G 483 -39.31 -59.14 7.66
N ASP G 484 -40.11 -60.14 8.07
CA ASP G 484 -41.34 -59.86 8.77
C ASP G 484 -41.04 -59.25 10.13
N MET G 485 -41.55 -58.04 10.37
CA MET G 485 -41.25 -57.36 11.62
C MET G 485 -41.93 -58.04 12.80
N LEU G 486 -43.12 -58.59 12.60
CA LEU G 486 -43.85 -59.20 13.72
C LEU G 486 -43.11 -60.42 14.26
N GLU G 487 -42.52 -61.23 13.38
CA GLU G 487 -41.73 -62.37 13.84
C GLU G 487 -40.38 -61.95 14.39
N ALA G 488 -39.87 -60.79 13.97
CA ALA G 488 -38.58 -60.30 14.44
C ALA G 488 -38.69 -59.46 15.72
N GLY G 489 -39.90 -59.23 16.22
CA GLY G 489 -40.05 -58.42 17.43
C GLY G 489 -39.62 -56.98 17.24
N VAL G 490 -40.03 -56.37 16.12
CA VAL G 490 -39.74 -54.97 15.83
C VAL G 490 -41.08 -54.29 15.64
N ILE G 491 -41.64 -53.77 16.74
CA ILE G 491 -42.96 -53.16 16.74
C ILE G 491 -42.95 -51.94 17.65
N ASP G 492 -43.53 -50.83 17.16
CA ASP G 492 -43.59 -49.56 17.85
C ASP G 492 -45.05 -49.23 18.15
N PRO G 493 -45.35 -48.44 19.18
CA PRO G 493 -46.76 -48.12 19.45
C PRO G 493 -47.36 -47.31 18.31
N ALA G 494 -48.67 -47.46 18.15
CA ALA G 494 -49.37 -46.68 17.12
C ALA G 494 -49.28 -45.18 17.42
N ALA G 495 -49.49 -44.80 18.68
CA ALA G 495 -49.60 -43.39 19.03
C ALA G 495 -48.33 -42.62 18.75
N VAL G 496 -47.17 -43.25 18.94
CA VAL G 496 -45.91 -42.54 18.68
C VAL G 496 -45.78 -42.20 17.20
N LYS G 497 -46.22 -43.12 16.33
CA LYS G 497 -46.16 -42.84 14.90
C LYS G 497 -47.22 -41.82 14.50
N LYS G 498 -48.40 -41.88 15.12
CA LYS G 498 -49.41 -40.86 14.86
C LYS G 498 -48.89 -39.48 15.17
N GLN G 499 -48.29 -39.31 16.36
CA GLN G 499 -47.78 -37.99 16.70
C GLN G 499 -46.56 -37.63 15.88
N ALA G 500 -45.76 -38.61 15.45
CA ALA G 500 -44.65 -38.30 14.55
C ALA G 500 -45.15 -37.67 13.27
N ILE G 501 -46.18 -38.28 12.67
CA ILE G 501 -46.76 -37.73 11.45
C ILE G 501 -47.37 -36.36 11.71
N LYS G 502 -48.09 -36.22 12.82
CA LYS G 502 -48.76 -34.95 13.12
C LYS G 502 -47.74 -33.83 13.33
N SER G 503 -46.72 -34.07 14.13
CA SER G 503 -45.72 -33.05 14.40
C SER G 503 -44.94 -32.70 13.13
N ALA G 504 -44.63 -33.70 12.31
CA ALA G 504 -43.96 -33.41 11.05
C ALA G 504 -44.82 -32.55 10.14
N THR G 505 -46.12 -32.85 10.09
CA THR G 505 -47.04 -32.05 9.29
C THR G 505 -47.07 -30.60 9.77
N GLU G 506 -47.18 -30.43 11.09
CA GLU G 506 -47.28 -29.08 11.70
C GLU G 506 -45.96 -28.31 11.52
N ALA G 507 -44.82 -29.00 11.52
CA ALA G 507 -43.53 -28.36 11.27
C ALA G 507 -43.42 -27.92 9.82
N ALA G 508 -43.70 -28.83 8.88
CA ALA G 508 -43.60 -28.50 7.47
C ALA G 508 -44.55 -27.38 7.09
N THR G 509 -45.78 -27.44 7.59
CA THR G 509 -46.77 -26.42 7.26
C THR G 509 -46.35 -25.05 7.78
N MET G 510 -46.01 -24.97 9.06
CA MET G 510 -45.71 -23.67 9.63
C MET G 510 -44.35 -23.13 9.19
N ILE G 511 -43.47 -23.98 8.65
CA ILE G 511 -42.25 -23.47 8.04
C ILE G 511 -42.53 -23.01 6.62
N LEU G 512 -43.48 -23.65 5.94
CA LEU G 512 -43.87 -23.19 4.61
C LEU G 512 -44.61 -21.87 4.66
N ARG G 513 -45.42 -21.66 5.71
CA ARG G 513 -46.29 -20.48 5.77
C ARG G 513 -45.54 -19.18 5.99
N ILE G 514 -44.25 -19.23 6.31
CA ILE G 514 -43.46 -18.02 6.48
C ILE G 514 -43.11 -17.46 5.11
N ASP G 515 -42.97 -16.13 5.03
CA ASP G 515 -42.59 -15.44 3.81
C ASP G 515 -41.21 -14.80 3.90
N ASP G 516 -40.98 -13.94 4.88
CA ASP G 516 -39.73 -13.19 4.96
C ASP G 516 -39.33 -12.95 6.41
N ILE G 517 -38.03 -12.77 6.60
CA ILE G 517 -37.44 -12.44 7.89
C ILE G 517 -37.39 -10.93 8.01
N ILE G 518 -37.88 -10.40 9.13
CA ILE G 518 -37.89 -8.96 9.39
C ILE G 518 -37.38 -8.70 10.79
N PRO G 519 -36.75 -7.55 11.07
CA PRO G 519 -36.28 -7.29 12.44
C PRO G 519 -37.44 -6.86 13.32
N ALA G 520 -37.65 -7.59 14.40
CA ALA G 520 -38.71 -7.29 15.35
C ALA G 520 -38.16 -6.50 16.52
N LYS G 521 -38.91 -5.48 16.95
CA LYS G 521 -38.48 -4.63 18.04
C LYS G 521 -38.31 -5.47 19.31
N ALA G 522 -37.19 -5.31 19.97
CA ALA G 522 -36.92 -6.06 21.19
C ALA G 522 -37.75 -5.49 22.33
N PRO G 523 -38.39 -6.32 23.16
CA PRO G 523 -39.13 -5.76 24.31
C PRO G 523 -38.18 -5.13 25.32
N THR G 524 -38.42 -3.86 25.65
CA THR G 524 -37.59 -3.15 26.61
C THR G 524 -37.91 -3.59 28.03
N ASP H 19 -35.38 13.37 -3.95
CA ASP H 19 -36.85 13.11 -3.93
C ASP H 19 -37.25 12.43 -2.63
N ALA H 20 -37.31 13.22 -1.55
CA ALA H 20 -37.67 12.68 -0.25
C ALA H 20 -39.10 12.16 -0.23
N ARG H 21 -39.99 12.76 -1.02
CA ARG H 21 -41.32 12.20 -1.17
C ARG H 21 -41.27 10.82 -1.80
N LYS H 22 -40.43 10.63 -2.81
CA LYS H 22 -40.26 9.31 -3.40
C LYS H 22 -39.68 8.34 -2.37
N ASN H 23 -38.79 8.82 -1.50
CA ASN H 23 -38.24 7.96 -0.46
C ASN H 23 -39.32 7.53 0.53
N ASN H 24 -40.16 8.46 0.96
CA ASN H 24 -41.25 8.12 1.87
C ASN H 24 -42.23 7.17 1.22
N ILE H 25 -42.53 7.40 -0.06
CA ILE H 25 -43.40 6.50 -0.80
C ILE H 25 -42.78 5.11 -0.87
N ALA H 26 -41.47 5.04 -1.09
CA ALA H 26 -40.80 3.75 -1.17
C ALA H 26 -40.88 3.01 0.16
N ALA H 27 -40.70 3.72 1.28
CA ALA H 27 -40.83 3.08 2.58
C ALA H 27 -42.25 2.57 2.82
N ALA H 28 -43.25 3.39 2.47
CA ALA H 28 -44.63 2.97 2.63
C ALA H 28 -44.94 1.76 1.76
N ARG H 29 -44.42 1.75 0.53
CA ARG H 29 -44.58 0.60 -0.36
C ARG H 29 -43.92 -0.64 0.23
N ALA H 30 -42.74 -0.47 0.84
CA ALA H 30 -42.06 -1.61 1.44
C ALA H 30 -42.91 -2.23 2.54
N ILE H 31 -43.47 -1.39 3.43
CA ILE H 31 -44.33 -1.92 4.48
C ILE H 31 -45.59 -2.53 3.88
N ALA H 32 -46.16 -1.88 2.87
CA ALA H 32 -47.38 -2.39 2.26
C ALA H 32 -47.16 -3.75 1.64
N ASP H 33 -46.04 -3.94 0.93
CA ASP H 33 -45.75 -5.24 0.34
C ASP H 33 -45.40 -6.26 1.41
N MET H 34 -44.80 -5.83 2.51
CA MET H 34 -44.51 -6.75 3.61
C MET H 34 -45.81 -7.31 4.19
N VAL H 35 -46.79 -6.45 4.44
CA VAL H 35 -48.04 -6.85 5.08
C VAL H 35 -49.09 -7.31 4.06
N LYS H 36 -48.83 -7.17 2.76
CA LYS H 36 -49.76 -7.62 1.75
C LYS H 36 -49.99 -9.13 1.82
N THR H 37 -48.92 -9.88 2.03
CA THR H 37 -48.99 -11.34 1.97
C THR H 37 -49.83 -11.96 3.08
N THR H 38 -50.16 -11.21 4.13
CA THR H 38 -50.89 -11.74 5.27
C THR H 38 -52.37 -11.36 5.26
N LEU H 39 -52.92 -11.06 4.08
CA LEU H 39 -54.32 -10.65 3.95
C LEU H 39 -55.13 -11.83 3.45
N GLY H 40 -55.96 -12.37 4.34
CA GLY H 40 -56.94 -13.38 3.97
C GLY H 40 -56.88 -14.62 4.82
N PRO H 41 -57.79 -15.57 4.55
CA PRO H 41 -57.74 -16.85 5.29
C PRO H 41 -56.41 -17.57 5.14
N ARG H 42 -55.84 -17.55 3.93
CA ARG H 42 -54.59 -18.23 3.63
C ARG H 42 -53.40 -17.31 3.72
N GLY H 43 -53.47 -16.31 4.59
CA GLY H 43 -52.36 -15.38 4.76
C GLY H 43 -51.12 -16.08 5.25
N MET H 44 -50.07 -16.04 4.45
CA MET H 44 -48.81 -16.63 4.87
C MET H 44 -48.25 -15.84 6.05
N ASN H 45 -48.03 -16.52 7.17
CA ASN H 45 -47.64 -15.85 8.39
C ASN H 45 -46.27 -15.20 8.26
N LYS H 46 -45.91 -14.42 9.27
CA LYS H 46 -44.64 -13.71 9.33
C LYS H 46 -43.98 -14.00 10.67
N MET H 47 -42.65 -13.97 10.67
CA MET H 47 -41.84 -14.35 11.83
C MET H 47 -41.18 -13.09 12.37
N LEU H 48 -41.48 -12.76 13.62
CA LEU H 48 -40.93 -11.57 14.27
C LEU H 48 -39.76 -12.00 15.15
N VAL H 49 -38.54 -11.65 14.72
CA VAL H 49 -37.30 -12.01 15.41
C VAL H 49 -36.65 -10.75 15.93
N ASN H 50 -36.15 -10.81 17.18
CA ASN H 50 -35.53 -9.67 17.85
C ASN H 50 -34.14 -10.06 18.31
N SER H 51 -33.39 -9.05 18.76
CA SER H 51 -32.02 -9.28 19.21
C SER H 51 -31.96 -10.24 20.38
N LEU H 52 -32.97 -10.24 21.24
CA LEU H 52 -33.03 -11.20 22.34
C LEU H 52 -33.24 -12.63 21.86
N GLY H 53 -33.61 -12.84 20.60
CA GLY H 53 -33.78 -14.16 20.05
C GLY H 53 -35.18 -14.73 20.17
N ASP H 54 -36.08 -14.06 20.88
CA ASP H 54 -37.44 -14.54 20.98
C ASP H 54 -38.12 -14.42 19.62
N VAL H 55 -38.92 -15.43 19.27
CA VAL H 55 -39.61 -15.49 18.00
C VAL H 55 -41.09 -15.74 18.26
N THR H 56 -41.94 -14.93 17.64
CA THR H 56 -43.39 -15.11 17.68
C THR H 56 -43.91 -15.14 16.24
N ILE H 57 -44.63 -16.20 15.90
CA ILE H 57 -45.23 -16.34 14.57
C ILE H 57 -46.60 -15.69 14.63
N THR H 58 -46.80 -14.65 13.81
CA THR H 58 -48.05 -13.91 13.76
C THR H 58 -48.44 -13.68 12.32
N ASN H 59 -49.75 -13.58 12.10
CA ASN H 59 -50.31 -13.20 10.82
C ASN H 59 -51.29 -12.04 10.90
N ASP H 60 -51.84 -11.73 12.07
CA ASP H 60 -52.68 -10.55 12.21
C ASP H 60 -51.78 -9.34 12.05
N GLY H 61 -52.14 -8.44 11.13
CA GLY H 61 -51.27 -7.33 10.79
C GLY H 61 -51.01 -6.37 11.92
N ALA H 62 -51.87 -6.35 12.94
CA ALA H 62 -51.67 -5.44 14.06
C ALA H 62 -50.34 -5.72 14.74
N THR H 63 -50.05 -6.99 15.02
CA THR H 63 -48.77 -7.33 15.64
C THR H 63 -47.61 -6.97 14.72
N ILE H 64 -47.74 -7.28 13.43
CA ILE H 64 -46.63 -7.11 12.50
C ILE H 64 -46.28 -5.64 12.37
N LEU H 65 -47.29 -4.77 12.43
CA LEU H 65 -47.04 -3.34 12.48
C LEU H 65 -46.62 -2.87 13.87
N GLU H 66 -46.92 -3.62 14.91
CA GLU H 66 -46.61 -3.12 16.26
C GLU H 66 -45.14 -3.33 16.56
N GLU H 67 -44.64 -4.55 16.62
CA GLU H 67 -43.27 -4.80 17.09
C GLU H 67 -42.28 -5.09 15.95
N MET H 68 -42.39 -4.36 14.85
CA MET H 68 -41.34 -4.30 13.83
C MET H 68 -40.49 -3.06 14.00
N ASP H 69 -39.20 -3.19 13.66
CA ASP H 69 -38.30 -2.03 13.63
C ASP H 69 -38.57 -1.19 12.38
N ILE H 70 -38.68 0.11 12.57
CA ILE H 70 -38.85 1.06 11.48
C ILE H 70 -37.98 2.27 11.78
N GLU H 71 -36.87 2.40 11.09
CA GLU H 71 -36.03 3.58 11.22
C GLU H 71 -36.56 4.75 10.40
N HIS H 72 -37.24 4.45 9.29
CA HIS H 72 -37.76 5.51 8.44
C HIS H 72 -38.95 6.18 9.13
N PRO H 73 -38.98 7.53 9.24
CA PRO H 73 -40.07 8.14 10.01
C PRO H 73 -41.40 8.16 9.25
N ALA H 74 -41.32 8.26 7.93
CA ALA H 74 -42.52 8.15 7.11
C ALA H 74 -43.18 6.80 7.32
N ALA H 75 -42.38 5.75 7.41
CA ALA H 75 -42.91 4.46 7.82
C ALA H 75 -43.44 4.51 9.25
N LYS H 76 -42.75 5.23 10.13
CA LYS H 76 -43.14 5.29 11.53
C LYS H 76 -44.53 5.91 11.72
N MET H 77 -44.98 6.72 10.76
CA MET H 77 -46.35 7.21 10.85
C MET H 77 -47.37 6.07 10.73
N LEU H 78 -47.05 5.03 9.96
CA LEU H 78 -48.01 3.94 9.81
C LEU H 78 -48.25 3.22 11.13
N LYS H 79 -47.31 3.31 12.08
CA LYS H 79 -47.60 2.88 13.44
C LYS H 79 -48.83 3.60 13.99
N GLU H 80 -48.84 4.93 13.88
CA GLU H 80 -49.96 5.71 14.39
C GLU H 80 -51.23 5.40 13.63
N VAL H 81 -51.12 5.19 12.32
CA VAL H 81 -52.30 4.82 11.52
C VAL H 81 -52.89 3.51 12.02
N ALA H 82 -52.04 2.50 12.22
CA ALA H 82 -52.51 1.20 12.68
C ALA H 82 -53.09 1.29 14.09
N LYS H 83 -52.46 2.10 14.95
CA LYS H 83 -52.98 2.27 16.30
C LYS H 83 -54.36 2.90 16.28
N ALA H 84 -54.55 3.92 15.44
CA ALA H 84 -55.86 4.53 15.30
C ALA H 84 -56.88 3.52 14.79
N GLN H 85 -56.49 2.71 13.81
CA GLN H 85 -57.39 1.71 13.25
C GLN H 85 -57.83 0.73 14.33
N GLU H 86 -56.87 0.22 15.12
CA GLU H 86 -57.20 -0.72 16.18
C GLU H 86 -58.08 -0.06 17.23
N GLU H 87 -57.84 1.22 17.52
CA GLU H 87 -58.61 1.89 18.55
C GLU H 87 -60.06 2.05 18.14
N GLU H 88 -60.32 2.58 16.94
CA GLU H 88 -61.71 2.80 16.55
C GLU H 88 -62.39 1.48 16.19
N ALA H 89 -61.83 0.73 15.24
CA ALA H 89 -62.49 -0.45 14.68
C ALA H 89 -62.09 -1.74 15.38
N GLY H 90 -60.79 -1.93 15.62
CA GLY H 90 -60.29 -3.17 16.18
C GLY H 90 -60.08 -4.27 15.17
N ASP H 91 -60.41 -4.05 13.90
CA ASP H 91 -60.17 -5.02 12.84
C ASP H 91 -60.01 -4.26 11.54
N GLY H 92 -58.99 -4.62 10.76
CA GLY H 92 -58.80 -4.06 9.44
C GLY H 92 -57.50 -3.30 9.26
N THR H 93 -56.52 -3.56 10.13
CA THR H 93 -55.23 -2.89 9.97
C THR H 93 -54.51 -3.34 8.70
N THR H 94 -54.58 -4.64 8.40
CA THR H 94 -53.94 -5.14 7.18
C THR H 94 -54.61 -4.55 5.96
N THR H 95 -55.95 -4.50 5.95
CA THR H 95 -56.67 -3.89 4.84
C THR H 95 -56.30 -2.43 4.70
N ALA H 96 -56.21 -1.71 5.81
CA ALA H 96 -55.88 -0.29 5.77
C ALA H 96 -54.49 -0.07 5.18
N VAL H 97 -53.50 -0.86 5.63
CA VAL H 97 -52.14 -0.66 5.15
C VAL H 97 -52.02 -1.05 3.68
N VAL H 98 -52.70 -2.11 3.26
CA VAL H 98 -52.63 -2.51 1.86
C VAL H 98 -53.30 -1.45 1.00
N LEU H 99 -54.43 -0.90 1.47
CA LEU H 99 -55.11 0.15 0.71
C LEU H 99 -54.25 1.39 0.60
N ALA H 100 -53.56 1.75 1.69
CA ALA H 100 -52.64 2.89 1.63
C ALA H 100 -51.52 2.62 0.63
N GLY H 101 -51.00 1.40 0.62
CA GLY H 101 -49.95 1.07 -0.33
C GLY H 101 -50.42 1.19 -1.77
N ALA H 102 -51.61 0.67 -2.06
CA ALA H 102 -52.13 0.76 -3.42
C ALA H 102 -52.43 2.20 -3.80
N LEU H 103 -52.95 2.97 -2.85
CA LEU H 103 -53.24 4.38 -3.11
C LEU H 103 -51.97 5.14 -3.44
N LEU H 104 -50.90 4.91 -2.69
CA LEU H 104 -49.64 5.57 -3.00
C LEU H 104 -49.02 5.01 -4.28
N GLU H 105 -49.31 3.75 -4.62
CA GLU H 105 -48.95 3.22 -5.94
C GLU H 105 -49.48 4.12 -7.04
N GLU H 106 -50.81 4.29 -7.07
CA GLU H 106 -51.38 5.05 -8.17
C GLU H 106 -51.05 6.54 -8.04
N ALA H 107 -50.84 7.02 -6.82
CA ALA H 107 -50.39 8.40 -6.64
C ALA H 107 -49.01 8.61 -7.23
N GLU H 108 -48.11 7.65 -7.04
CA GLU H 108 -46.78 7.73 -7.63
C GLU H 108 -46.87 7.75 -9.15
N LYS H 109 -47.74 6.90 -9.71
CA LYS H 109 -48.04 7.01 -11.14
C LYS H 109 -48.48 8.41 -11.52
N LEU H 110 -49.42 8.98 -10.77
CA LEU H 110 -50.03 10.23 -11.21
C LEU H 110 -49.05 11.39 -11.14
N ILE H 111 -48.17 11.40 -10.13
CA ILE H 111 -47.13 12.43 -10.12
C ILE H 111 -46.15 12.16 -11.25
N GLU H 112 -45.93 10.89 -11.61
CA GLU H 112 -45.09 10.60 -12.76
C GLU H 112 -45.65 11.23 -14.02
N GLN H 113 -46.97 11.16 -14.21
CA GLN H 113 -47.58 11.78 -15.38
C GLN H 113 -47.39 13.30 -15.37
N GLY H 114 -47.62 13.93 -14.22
CA GLY H 114 -47.44 15.37 -14.09
C GLY H 114 -48.47 16.08 -13.22
N ILE H 115 -49.46 15.36 -12.71
CA ILE H 115 -50.45 15.97 -11.84
C ILE H 115 -49.78 16.47 -10.57
N HIS H 116 -50.13 17.68 -10.15
CA HIS H 116 -49.59 18.22 -8.92
C HIS H 116 -50.16 17.45 -7.73
N PRO H 117 -49.39 17.29 -6.63
CA PRO H 117 -49.90 16.47 -5.52
C PRO H 117 -51.20 16.95 -4.91
N THR H 118 -51.42 18.27 -4.83
CA THR H 118 -52.62 18.78 -4.19
C THR H 118 -53.86 18.34 -4.95
N THR H 119 -53.78 18.26 -6.27
CA THR H 119 -54.90 17.76 -7.04
C THR H 119 -55.18 16.29 -6.73
N ILE H 120 -54.12 15.50 -6.51
CA ILE H 120 -54.33 14.10 -6.15
C ILE H 120 -55.01 14.02 -4.79
N ILE H 121 -54.61 14.87 -3.85
CA ILE H 121 -55.24 14.86 -2.54
C ILE H 121 -56.71 15.24 -2.65
N LYS H 122 -57.02 16.26 -3.46
CA LYS H 122 -58.41 16.66 -3.64
C LYS H 122 -59.24 15.52 -4.22
N GLY H 123 -58.71 14.89 -5.27
CA GLY H 123 -59.43 13.79 -5.90
C GLY H 123 -59.64 12.63 -4.95
N TYR H 124 -58.62 12.30 -4.16
CA TYR H 124 -58.77 11.22 -3.19
C TYR H 124 -59.81 11.55 -2.14
N ARG H 125 -59.85 12.80 -1.68
CA ARG H 125 -60.84 13.18 -0.67
C ARG H 125 -62.26 13.04 -1.21
N LYS H 126 -62.49 13.55 -2.42
CA LYS H 126 -63.83 13.41 -3.02
C LYS H 126 -64.16 11.94 -3.26
N ALA H 127 -63.18 11.17 -3.72
CA ALA H 127 -63.38 9.76 -4.00
C ALA H 127 -63.81 9.02 -2.74
N VAL H 128 -63.21 9.36 -1.60
CA VAL H 128 -63.53 8.60 -0.40
C VAL H 128 -64.83 9.08 0.21
N ASP H 129 -65.19 10.34 0.01
CA ASP H 129 -66.53 10.77 0.38
C ASP H 129 -67.58 9.90 -0.32
N LYS H 130 -67.47 9.80 -1.65
CA LYS H 130 -68.44 8.96 -2.35
C LYS H 130 -68.24 7.48 -2.04
N ALA H 131 -67.03 7.07 -1.66
CA ALA H 131 -66.81 5.68 -1.31
C ALA H 131 -67.53 5.32 -0.02
N LEU H 132 -67.45 6.19 0.99
CA LEU H 132 -68.22 5.95 2.21
C LEU H 132 -69.71 5.97 1.91
N GLU H 133 -70.16 6.87 1.05
CA GLU H 133 -71.58 6.90 0.71
C GLU H 133 -72.03 5.60 0.05
N VAL H 134 -71.31 5.14 -0.97
CA VAL H 134 -71.74 3.94 -1.70
C VAL H 134 -71.60 2.71 -0.81
N LEU H 135 -70.60 2.69 0.08
CA LEU H 135 -70.51 1.58 1.02
C LEU H 135 -71.69 1.59 1.98
N GLU H 136 -72.20 2.78 2.33
CA GLU H 136 -73.42 2.84 3.12
C GLU H 136 -74.60 2.24 2.36
N GLU H 137 -74.75 2.58 1.07
CA GLU H 137 -75.91 2.09 0.34
C GLU H 137 -75.84 0.58 0.10
N VAL H 138 -74.68 0.08 -0.33
CA VAL H 138 -74.59 -1.31 -0.76
C VAL H 138 -74.75 -2.27 0.40
N ALA H 139 -74.44 -1.83 1.63
CA ALA H 139 -74.42 -2.74 2.77
C ALA H 139 -75.81 -3.32 3.04
N ILE H 140 -75.85 -4.63 3.27
CA ILE H 140 -77.09 -5.35 3.54
C ILE H 140 -77.33 -5.32 5.05
N PRO H 141 -78.53 -5.06 5.54
CA PRO H 141 -78.72 -4.95 6.99
C PRO H 141 -78.95 -6.31 7.64
N VAL H 142 -78.73 -6.34 8.95
CA VAL H 142 -78.82 -7.55 9.75
C VAL H 142 -79.53 -7.24 11.05
N ASP H 143 -80.45 -8.11 11.44
CA ASP H 143 -81.06 -8.05 12.76
C ASP H 143 -80.16 -8.77 13.76
N PRO H 144 -80.25 -8.46 15.05
CA PRO H 144 -79.45 -9.20 16.05
C PRO H 144 -79.98 -10.58 16.42
N ASP H 145 -81.02 -11.08 15.73
CA ASP H 145 -81.62 -12.36 16.03
C ASP H 145 -81.43 -13.41 14.94
N ASP H 146 -80.85 -13.06 13.80
CA ASP H 146 -80.63 -14.03 12.72
C ASP H 146 -79.34 -14.77 13.01
N GLU H 147 -79.45 -15.93 13.65
CA GLU H 147 -78.29 -16.61 14.22
C GLU H 147 -77.28 -17.00 13.15
N GLU H 148 -77.75 -17.44 11.98
CA GLU H 148 -76.84 -17.85 10.91
C GLU H 148 -75.99 -16.68 10.44
N THR H 149 -76.58 -15.50 10.31
CA THR H 149 -75.82 -14.33 9.87
C THR H 149 -74.75 -13.94 10.88
N LEU H 150 -75.09 -13.96 12.18
CA LEU H 150 -74.08 -13.65 13.19
C LEU H 150 -72.96 -14.68 13.16
N LYS H 151 -73.32 -15.95 13.00
CA LYS H 151 -72.30 -16.99 12.90
C LYS H 151 -71.39 -16.75 11.69
N ALA H 152 -71.98 -16.35 10.56
CA ALA H 152 -71.18 -16.09 9.37
C ALA H 152 -70.22 -14.93 9.59
N VAL H 153 -70.71 -13.85 10.21
CA VAL H 153 -69.84 -12.71 10.50
C VAL H 153 -68.71 -13.13 11.42
N ALA H 154 -69.04 -13.88 12.47
CA ALA H 154 -68.03 -14.32 13.43
C ALA H 154 -67.00 -15.21 12.75
N ARG H 155 -67.43 -16.09 11.85
CA ARG H 155 -66.48 -16.95 11.14
C ARG H 155 -65.60 -16.14 10.21
N THR H 156 -66.18 -15.16 9.52
CA THR H 156 -65.40 -14.35 8.58
C THR H 156 -64.31 -13.58 9.31
N ALA H 157 -64.64 -13.00 10.47
CA ALA H 157 -63.62 -12.27 11.21
C ALA H 157 -62.65 -13.22 11.91
N MET H 158 -63.18 -14.29 12.50
CA MET H 158 -62.38 -15.37 13.05
C MET H 158 -61.36 -15.89 12.05
N THR H 159 -61.70 -15.86 10.76
CA THR H 159 -60.84 -16.35 9.71
C THR H 159 -59.47 -15.67 9.74
N GLY H 160 -58.46 -16.41 9.28
CA GLY H 160 -57.13 -15.90 9.09
C GLY H 160 -56.07 -16.63 9.88
N LYS H 161 -56.39 -16.97 11.12
CA LYS H 161 -55.36 -17.28 12.11
C LYS H 161 -55.60 -18.61 12.83
N ALA H 162 -56.87 -19.01 12.99
CA ALA H 162 -57.15 -20.28 13.65
C ALA H 162 -56.99 -21.44 12.67
N SER H 163 -56.80 -22.62 13.23
CA SER H 163 -56.72 -23.83 12.42
C SER H 163 -58.08 -24.12 11.78
N GLU H 164 -58.05 -24.78 10.63
CA GLU H 164 -59.27 -25.06 9.89
C GLU H 164 -60.22 -25.99 10.65
N GLU H 165 -59.70 -26.77 11.60
CA GLU H 165 -60.54 -27.77 12.25
C GLU H 165 -61.54 -27.14 13.22
N ASN H 166 -61.11 -26.12 13.96
CA ASN H 166 -61.87 -25.59 15.09
C ASN H 166 -62.59 -24.29 14.75
N ARG H 167 -62.83 -24.05 13.46
CA ARG H 167 -63.52 -22.82 13.05
C ARG H 167 -64.97 -22.83 13.51
N GLU H 168 -65.70 -23.91 13.20
CA GLU H 168 -67.09 -24.01 13.61
C GLU H 168 -67.21 -23.97 15.12
N GLU H 169 -66.31 -24.67 15.82
CA GLU H 169 -66.33 -24.70 17.27
C GLU H 169 -66.20 -23.30 17.85
N ILE H 170 -65.08 -22.62 17.55
CA ILE H 170 -64.82 -21.33 18.16
C ILE H 170 -65.88 -20.30 17.75
N ALA H 171 -66.40 -20.41 16.53
CA ALA H 171 -67.51 -19.52 16.15
C ALA H 171 -68.73 -19.78 17.02
N ASP H 172 -69.03 -21.06 17.28
CA ASP H 172 -70.18 -21.38 18.12
C ASP H 172 -70.00 -20.85 19.54
N LEU H 173 -68.81 -21.01 20.10
CA LEU H 173 -68.57 -20.49 21.45
C LEU H 173 -68.61 -18.96 21.47
N VAL H 174 -68.15 -18.32 20.39
CA VAL H 174 -68.18 -16.87 20.31
C VAL H 174 -69.63 -16.37 20.38
N VAL H 175 -70.49 -16.94 19.52
CA VAL H 175 -71.87 -16.46 19.51
C VAL H 175 -72.59 -16.84 20.79
N GLU H 176 -72.28 -18.02 21.35
CA GLU H 176 -72.91 -18.43 22.60
C GLU H 176 -72.54 -17.48 23.74
N ALA H 177 -71.26 -17.12 23.84
CA ALA H 177 -70.85 -16.18 24.87
C ALA H 177 -71.48 -14.81 24.65
N VAL H 178 -71.54 -14.37 23.40
CA VAL H 178 -72.12 -13.06 23.11
C VAL H 178 -73.58 -13.01 23.52
N LEU H 179 -74.34 -14.06 23.21
CA LEU H 179 -75.76 -14.08 23.55
C LEU H 179 -75.97 -14.25 25.05
N SER H 180 -75.25 -15.18 25.68
CA SER H 180 -75.50 -15.48 27.10
C SER H 180 -75.06 -14.32 27.98
N LEU H 181 -73.92 -13.69 27.68
CA LEU H 181 -73.45 -12.52 28.42
C LEU H 181 -73.95 -11.21 27.81
N ALA H 182 -75.10 -11.25 27.13
CA ALA H 182 -75.66 -10.06 26.50
C ALA H 182 -76.25 -9.12 27.56
N GLU H 183 -75.45 -8.18 28.05
CA GLU H 183 -75.91 -7.20 29.02
C GLU H 183 -76.66 -6.10 28.27
N ASP H 184 -77.99 -6.14 28.35
CA ASP H 184 -78.84 -5.24 27.57
C ASP H 184 -78.77 -3.84 28.19
N GLY H 185 -77.73 -3.12 27.81
CA GLY H 185 -77.55 -1.74 28.25
C GLY H 185 -78.20 -0.76 27.29
N GLY H 186 -79.53 -0.80 27.22
CA GLY H 186 -80.26 0.06 26.30
C GLY H 186 -79.98 -0.22 24.84
N GLY H 187 -79.97 -1.50 24.46
CA GLY H 187 -79.73 -1.92 23.08
C GLY H 187 -78.27 -2.17 22.76
N LYS H 188 -77.38 -1.30 23.21
CA LYS H 188 -75.94 -1.45 22.96
C LYS H 188 -75.38 -2.41 24.01
N TYR H 189 -75.23 -3.68 23.63
CA TYR H 189 -74.74 -4.69 24.56
C TYR H 189 -73.26 -4.46 24.85
N ARG H 190 -72.91 -4.43 26.14
CA ARG H 190 -71.54 -4.17 26.58
C ARG H 190 -70.75 -5.47 26.61
N VAL H 191 -70.54 -6.02 25.41
CA VAL H 191 -69.74 -7.25 25.25
C VAL H 191 -68.30 -6.78 25.07
N ASP H 192 -67.64 -6.53 26.19
CA ASP H 192 -66.26 -6.08 26.17
C ASP H 192 -65.32 -7.27 26.01
N LEU H 193 -64.08 -6.96 25.61
CA LEU H 193 -63.08 -8.01 25.44
C LEU H 193 -62.71 -8.65 26.77
N ASP H 194 -62.75 -7.88 27.86
CA ASP H 194 -62.42 -8.35 29.20
C ASP H 194 -63.64 -8.83 29.98
N ASN H 195 -64.68 -9.30 29.28
CA ASN H 195 -65.94 -9.71 29.91
C ASN H 195 -66.26 -11.18 29.76
N ILE H 196 -65.57 -11.91 28.87
CA ILE H 196 -65.87 -13.31 28.58
C ILE H 196 -64.77 -14.18 29.17
N LYS H 197 -65.15 -15.33 29.70
CA LYS H 197 -64.32 -16.10 30.63
C LYS H 197 -63.56 -17.19 29.87
N ILE H 198 -62.25 -17.01 29.73
CA ILE H 198 -61.35 -18.06 29.23
C ILE H 198 -60.10 -18.05 30.08
N GLU H 199 -59.43 -19.20 30.15
CA GLU H 199 -58.14 -19.37 30.81
C GLU H 199 -57.11 -19.87 29.80
N LYS H 200 -55.85 -19.51 30.02
CA LYS H 200 -54.75 -19.91 29.15
C LYS H 200 -54.01 -21.09 29.78
N GLN H 201 -53.70 -22.08 28.94
CA GLN H 201 -52.97 -23.26 29.38
C GLN H 201 -52.47 -24.02 28.16
N THR H 202 -51.25 -24.54 28.25
CA THR H 202 -50.67 -25.28 27.15
C THR H 202 -51.35 -26.65 27.00
N GLY H 203 -51.44 -27.11 25.75
CA GLY H 203 -52.04 -28.40 25.47
C GLY H 203 -53.56 -28.36 25.55
N GLY H 204 -54.13 -29.56 25.70
CA GLY H 204 -55.59 -29.66 25.75
C GLY H 204 -56.21 -29.24 24.43
N GLY H 205 -57.18 -28.33 24.52
CA GLY H 205 -57.86 -27.85 23.33
C GLY H 205 -58.59 -26.55 23.62
N ALA H 206 -59.30 -26.08 22.61
CA ALA H 206 -60.07 -24.84 22.72
C ALA H 206 -61.44 -25.05 23.34
N SER H 207 -61.80 -26.28 23.72
CA SER H 207 -63.10 -26.57 24.29
C SER H 207 -63.24 -26.15 25.75
N ASP H 208 -62.25 -25.46 26.32
CA ASP H 208 -62.34 -24.90 27.67
C ASP H 208 -62.73 -23.42 27.65
N THR H 209 -63.15 -22.89 26.51
CA THR H 209 -63.65 -21.51 26.42
C THR H 209 -65.12 -21.50 26.81
N GLU H 210 -65.35 -21.74 28.10
CA GLU H 210 -66.68 -21.85 28.69
C GLU H 210 -66.91 -20.71 29.67
N LEU H 211 -68.17 -20.52 30.04
CA LEU H 211 -68.59 -19.44 30.93
C LEU H 211 -68.36 -19.89 32.36
N ILE H 212 -67.20 -19.56 32.91
CA ILE H 212 -66.86 -19.83 34.30
C ILE H 212 -66.99 -18.50 35.05
N GLU H 213 -68.04 -18.36 35.85
CA GLU H 213 -68.45 -17.06 36.36
C GLU H 213 -67.46 -16.54 37.40
N GLY H 214 -66.27 -16.16 36.96
CA GLY H 214 -65.25 -15.64 37.85
C GLY H 214 -63.91 -15.61 37.17
N VAL H 215 -63.05 -14.72 37.66
CA VAL H 215 -61.71 -14.55 37.11
C VAL H 215 -60.81 -15.65 37.67
N VAL H 216 -60.27 -16.48 36.78
CA VAL H 216 -59.43 -17.61 37.16
C VAL H 216 -57.97 -17.17 37.06
N LEU H 217 -57.21 -17.40 38.13
CA LEU H 217 -55.81 -17.01 38.20
C LEU H 217 -54.91 -18.22 37.99
N ASP H 218 -53.87 -18.04 37.19
CA ASP H 218 -52.91 -19.10 36.90
C ASP H 218 -51.79 -19.12 37.94
N LYS H 219 -52.19 -19.40 39.18
CA LYS H 219 -51.26 -19.49 40.30
C LYS H 219 -51.71 -20.59 41.24
N GLU H 220 -50.74 -21.30 41.82
CA GLU H 220 -51.04 -22.39 42.72
C GLU H 220 -51.35 -21.86 44.12
N PRO H 221 -52.05 -22.64 44.96
CA PRO H 221 -52.19 -22.26 46.37
C PRO H 221 -50.84 -22.23 47.05
N VAL H 222 -50.69 -21.28 47.98
CA VAL H 222 -49.41 -21.13 48.68
C VAL H 222 -49.19 -22.29 49.64
N HIS H 223 -50.24 -22.76 50.31
CA HIS H 223 -50.16 -23.78 51.34
C HIS H 223 -51.10 -24.92 51.00
N GLU H 224 -50.63 -26.15 51.19
CA GLU H 224 -51.41 -27.33 50.79
C GLU H 224 -52.72 -27.41 51.58
N ASP H 225 -52.63 -27.31 52.91
CA ASP H 225 -53.81 -27.40 53.76
C ASP H 225 -54.69 -26.15 53.71
N MET H 226 -54.36 -25.15 52.90
CA MET H 226 -55.25 -24.04 52.67
C MET H 226 -56.56 -24.57 52.08
N PRO H 227 -57.74 -24.14 52.59
CA PRO H 227 -58.99 -24.76 52.11
C PRO H 227 -59.24 -24.53 50.63
N LYS H 228 -59.16 -25.61 49.85
CA LYS H 228 -59.35 -25.48 48.40
C LYS H 228 -60.79 -25.15 48.06
N LYS H 229 -61.74 -25.73 48.80
CA LYS H 229 -63.17 -25.53 48.56
C LYS H 229 -63.73 -24.61 49.63
N LEU H 230 -64.43 -23.56 49.19
CA LEU H 230 -65.07 -22.62 50.12
C LEU H 230 -66.32 -22.09 49.43
N GLU H 231 -67.48 -22.67 49.76
CA GLU H 231 -68.75 -22.22 49.21
C GLU H 231 -69.22 -20.98 49.94
N ASN H 232 -69.71 -20.00 49.17
CA ASN H 232 -70.16 -18.71 49.72
C ASN H 232 -69.05 -18.03 50.50
N ALA H 233 -67.82 -18.14 49.98
CA ALA H 233 -66.66 -17.61 50.69
C ALA H 233 -66.72 -16.09 50.78
N LYS H 234 -66.25 -15.56 51.90
CA LYS H 234 -66.15 -14.11 52.09
C LYS H 234 -64.85 -13.66 51.44
N VAL H 235 -64.96 -13.18 50.20
CA VAL H 235 -63.79 -12.86 49.38
C VAL H 235 -63.37 -11.42 49.66
N ALA H 236 -62.07 -11.24 49.89
CA ALA H 236 -61.46 -9.93 50.06
C ALA H 236 -60.42 -9.70 48.97
N VAL H 237 -60.10 -8.43 48.72
CA VAL H 237 -59.08 -8.04 47.76
C VAL H 237 -58.17 -7.03 48.44
N LEU H 238 -56.87 -7.33 48.47
CA LEU H 238 -55.87 -6.49 49.09
C LEU H 238 -54.74 -6.22 48.09
N ASP H 239 -53.92 -5.21 48.41
CA ASP H 239 -52.78 -4.85 47.58
C ASP H 239 -51.51 -4.57 48.36
N ALA H 240 -51.56 -4.40 49.67
CA ALA H 240 -50.36 -4.12 50.43
C ALA H 240 -49.48 -5.37 50.52
N PRO H 241 -48.17 -5.21 50.70
CA PRO H 241 -47.30 -6.40 50.74
C PRO H 241 -47.42 -7.13 52.06
N ILE H 242 -47.95 -8.36 52.01
CA ILE H 242 -48.14 -9.17 53.21
C ILE H 242 -46.84 -9.89 53.56
N ILE H 253 -33.21 -2.33 62.65
CA ILE H 253 -33.44 -2.93 63.96
C ILE H 253 -32.15 -2.82 64.78
N SER H 254 -32.28 -2.24 65.98
CA SER H 254 -31.17 -2.08 66.91
C SER H 254 -31.38 -3.01 68.09
N ILE H 255 -30.37 -3.83 68.39
CA ILE H 255 -30.41 -4.84 69.44
C ILE H 255 -29.43 -4.43 70.53
N SER H 256 -29.90 -4.42 71.78
CA SER H 256 -29.10 -4.07 72.94
C SER H 256 -28.94 -5.23 73.90
N SER H 257 -30.04 -5.86 74.32
CA SER H 257 -30.04 -7.02 75.17
C SER H 257 -30.12 -8.29 74.34
N PRO H 258 -29.84 -9.46 74.92
CA PRO H 258 -29.98 -10.70 74.15
C PRO H 258 -31.41 -10.95 73.68
N GLU H 259 -32.41 -10.54 74.46
CA GLU H 259 -33.80 -10.80 74.14
C GLU H 259 -34.50 -9.65 73.44
N GLN H 260 -33.78 -8.59 73.08
CA GLN H 260 -34.42 -7.48 72.38
C GLN H 260 -34.86 -7.88 70.98
N PHE H 261 -34.05 -8.70 70.30
CA PHE H 261 -34.45 -9.22 68.99
C PHE H 261 -35.69 -10.08 69.11
N GLN H 262 -35.75 -10.93 70.14
CA GLN H 262 -36.92 -11.76 70.35
C GLN H 262 -38.15 -10.91 70.67
N ALA H 263 -37.98 -9.85 71.45
CA ALA H 263 -39.10 -8.96 71.74
C ALA H 263 -39.57 -8.24 70.48
N PHE H 264 -38.64 -7.83 69.63
CA PHE H 264 -39.03 -7.23 68.35
C PHE H 264 -39.83 -8.21 67.51
N LEU H 265 -39.37 -9.46 67.42
CA LEU H 265 -40.12 -10.47 66.68
C LEU H 265 -41.50 -10.69 67.30
N ASP H 266 -41.56 -10.69 68.63
CA ASP H 266 -42.83 -10.89 69.32
C ASP H 266 -43.81 -9.77 68.98
N GLN H 267 -43.35 -8.52 68.96
CA GLN H 267 -44.28 -7.44 68.66
C GLN H 267 -44.64 -7.38 67.18
N GLU H 268 -43.74 -7.78 66.27
CA GLU H 268 -44.17 -7.88 64.87
C GLU H 268 -45.24 -8.94 64.70
N GLU H 269 -45.06 -10.13 65.28
CA GLU H 269 -46.11 -11.12 65.14
C GLU H 269 -47.37 -10.71 65.90
N LYS H 270 -47.24 -9.89 66.95
CA LYS H 270 -48.42 -9.42 67.67
C LYS H 270 -49.24 -8.45 66.83
N GLN H 271 -48.58 -7.47 66.19
CA GLN H 271 -49.36 -6.58 65.33
C GLN H 271 -49.87 -7.31 64.09
N LEU H 272 -49.13 -8.30 63.59
CA LEU H 272 -49.65 -9.12 62.49
C LEU H 272 -50.90 -9.86 62.93
N ARG H 273 -50.85 -10.48 64.10
CA ARG H 273 -52.02 -11.08 64.73
C ARG H 273 -53.17 -10.08 64.81
N GLU H 274 -52.87 -8.84 65.20
CA GLU H 274 -53.93 -7.84 65.38
C GLU H 274 -54.59 -7.48 64.05
N MET H 275 -53.79 -7.16 63.03
CA MET H 275 -54.41 -6.75 61.76
C MET H 275 -55.14 -7.91 61.11
N VAL H 276 -54.57 -9.12 61.15
CA VAL H 276 -55.30 -10.23 60.56
C VAL H 276 -56.49 -10.62 61.42
N ASP H 277 -56.48 -10.27 62.71
CA ASP H 277 -57.64 -10.56 63.57
C ASP H 277 -58.79 -9.63 63.23
N LYS H 278 -58.51 -8.33 63.08
CA LYS H 278 -59.59 -7.44 62.64
C LYS H 278 -60.01 -7.72 61.20
N ILE H 279 -59.14 -8.35 60.40
CA ILE H 279 -59.58 -8.86 59.10
C ILE H 279 -60.58 -10.01 59.31
N VAL H 280 -60.24 -10.96 60.18
CA VAL H 280 -61.10 -12.11 60.42
C VAL H 280 -62.42 -11.68 61.04
N ASP H 281 -62.41 -10.60 61.81
CA ASP H 281 -63.66 -10.07 62.36
C ASP H 281 -64.62 -9.66 61.24
N THR H 282 -64.07 -9.07 60.17
CA THR H 282 -64.88 -8.87 58.97
C THR H 282 -65.31 -10.21 58.38
N GLY H 283 -64.44 -11.22 58.44
CA GLY H 283 -64.74 -12.56 58.00
C GLY H 283 -64.03 -13.01 56.74
N ALA H 284 -63.08 -12.23 56.22
CA ALA H 284 -62.42 -12.57 54.97
C ALA H 284 -61.65 -13.88 55.11
N ASN H 285 -61.81 -14.76 54.13
CA ASN H 285 -61.10 -16.03 54.06
C ASN H 285 -60.48 -16.32 52.71
N VAL H 286 -60.73 -15.50 51.69
CA VAL H 286 -60.12 -15.65 50.37
C VAL H 286 -59.57 -14.29 49.97
N VAL H 287 -58.27 -14.25 49.65
CA VAL H 287 -57.58 -13.00 49.32
C VAL H 287 -56.75 -13.23 48.07
N PHE H 288 -56.68 -12.18 47.24
CA PHE H 288 -55.81 -12.16 46.05
C PHE H 288 -54.99 -10.88 46.15
N CYS H 289 -53.73 -11.02 46.57
CA CYS H 289 -52.89 -9.87 46.87
C CYS H 289 -52.05 -9.46 45.66
N GLU H 290 -51.81 -8.16 45.55
CA GLU H 290 -51.08 -7.61 44.42
C GLU H 290 -49.57 -7.85 44.50
N LYS H 291 -49.04 -8.10 45.69
CA LYS H 291 -47.60 -8.15 45.94
C LYS H 291 -47.21 -9.53 46.49
N GLY H 292 -45.92 -9.69 46.77
CA GLY H 292 -45.37 -10.96 47.19
C GLY H 292 -45.76 -11.33 48.61
N ILE H 293 -45.20 -12.47 49.05
CA ILE H 293 -45.46 -13.05 50.36
C ILE H 293 -44.15 -13.54 50.96
N ASP H 294 -44.24 -14.14 52.13
CA ASP H 294 -43.13 -14.76 52.83
C ASP H 294 -43.59 -16.11 53.37
N ASP H 295 -42.61 -16.99 53.64
CA ASP H 295 -42.93 -18.33 54.10
C ASP H 295 -43.70 -18.32 55.42
N GLN H 296 -43.23 -17.52 56.37
CA GLN H 296 -43.98 -17.37 57.63
C GLN H 296 -45.33 -16.73 57.39
N VAL H 297 -45.41 -15.76 56.46
CA VAL H 297 -46.67 -15.08 56.19
C VAL H 297 -47.69 -16.07 55.66
N GLU H 298 -47.33 -16.85 54.63
CA GLU H 298 -48.27 -17.84 54.10
C GLU H 298 -48.57 -18.91 55.14
N HIS H 299 -47.60 -19.24 56.00
CA HIS H 299 -47.85 -20.22 57.05
C HIS H 299 -48.95 -19.74 57.99
N MET H 300 -48.86 -18.48 58.45
CA MET H 300 -49.85 -18.00 59.41
C MET H 300 -51.15 -17.56 58.74
N LEU H 301 -51.16 -17.29 57.43
CA LEU H 301 -52.43 -17.14 56.73
C LEU H 301 -53.14 -18.49 56.59
N ALA H 302 -52.38 -19.54 56.27
CA ALA H 302 -52.98 -20.87 56.17
C ALA H 302 -53.26 -21.49 57.52
N LYS H 303 -52.73 -20.94 58.61
CA LYS H 303 -53.09 -21.43 59.94
C LYS H 303 -54.58 -21.27 60.19
N LYS H 304 -55.17 -20.15 59.75
CA LYS H 304 -56.60 -19.93 59.82
C LYS H 304 -57.33 -20.34 58.55
N GLY H 305 -56.61 -20.65 57.47
CA GLY H 305 -57.23 -21.09 56.24
C GLY H 305 -57.57 -19.94 55.30
N ILE H 306 -56.59 -19.11 55.00
CA ILE H 306 -56.77 -17.91 54.18
C ILE H 306 -56.03 -18.11 52.86
N LEU H 307 -56.75 -17.92 51.76
CA LEU H 307 -56.16 -17.98 50.43
C LEU H 307 -55.42 -16.69 50.13
N ALA H 308 -54.27 -16.79 49.47
CA ALA H 308 -53.46 -15.63 49.13
C ALA H 308 -52.72 -15.90 47.83
N VAL H 309 -53.04 -15.12 46.80
CA VAL H 309 -52.36 -15.17 45.51
C VAL H 309 -51.58 -13.88 45.36
N ARG H 310 -50.34 -14.00 44.89
CA ARG H 310 -49.37 -12.91 44.87
C ARG H 310 -49.04 -12.50 43.43
N ARG H 311 -48.42 -11.32 43.32
CA ARG H 311 -47.93 -10.78 42.05
C ARG H 311 -49.04 -10.69 41.02
N VAL H 312 -50.23 -10.30 41.47
CA VAL H 312 -51.35 -10.06 40.58
C VAL H 312 -51.17 -8.67 39.97
N LYS H 313 -51.26 -8.58 38.64
CA LYS H 313 -50.98 -7.34 37.94
C LYS H 313 -52.00 -6.26 38.33
N LYS H 314 -51.78 -5.04 37.86
CA LYS H 314 -52.73 -3.97 38.12
C LYS H 314 -54.05 -4.23 37.43
N ASP H 315 -54.01 -4.61 36.15
CA ASP H 315 -55.24 -4.80 35.39
C ASP H 315 -56.04 -5.98 35.91
N ASP H 316 -55.40 -7.13 36.11
CA ASP H 316 -56.16 -8.29 36.57
C ASP H 316 -56.57 -8.16 38.04
N LEU H 317 -55.80 -7.42 38.85
CA LEU H 317 -56.26 -7.13 40.20
C LEU H 317 -57.51 -6.26 40.19
N GLU H 318 -57.53 -5.24 39.32
CA GLU H 318 -58.74 -4.43 39.20
C GLU H 318 -59.92 -5.26 38.69
N LYS H 319 -59.64 -6.18 37.76
CA LYS H 319 -60.68 -7.07 37.27
C LYS H 319 -61.24 -7.95 38.39
N ILE H 320 -60.34 -8.48 39.23
CA ILE H 320 -60.78 -9.31 40.35
C ILE H 320 -61.59 -8.48 41.35
N ALA H 321 -61.16 -7.23 41.58
CA ALA H 321 -61.91 -6.36 42.48
C ALA H 321 -63.32 -6.10 41.95
N LYS H 322 -63.44 -5.86 40.65
CA LYS H 322 -64.76 -5.66 40.05
C LYS H 322 -65.61 -6.93 40.14
N ALA H 323 -65.01 -8.08 39.87
CA ALA H 323 -65.79 -9.32 39.82
C ALA H 323 -66.23 -9.77 41.20
N THR H 324 -65.29 -9.78 42.16
CA THR H 324 -65.59 -10.32 43.49
C THR H 324 -66.44 -9.38 44.33
N GLY H 325 -66.43 -8.08 44.01
CA GLY H 325 -67.16 -7.09 44.77
C GLY H 325 -66.41 -6.51 45.95
N ALA H 326 -65.24 -7.06 46.29
CA ALA H 326 -64.41 -6.52 47.36
C ALA H 326 -63.57 -5.38 46.80
N ARG H 327 -63.88 -4.16 47.23
CA ARG H 327 -63.11 -3.00 46.78
C ARG H 327 -61.66 -3.12 47.25
N VAL H 328 -60.75 -2.63 46.42
CA VAL H 328 -59.33 -2.67 46.78
C VAL H 328 -59.09 -1.71 47.94
N VAL H 329 -58.46 -2.22 48.99
CA VAL H 329 -58.30 -1.49 50.25
C VAL H 329 -56.79 -1.33 50.47
N SER H 330 -56.25 -0.19 50.06
CA SER H 330 -54.85 0.10 50.33
C SER H 330 -54.58 0.24 51.81
N ASN H 331 -55.41 1.03 52.51
CA ASN H 331 -55.33 1.19 53.96
C ASN H 331 -56.26 0.15 54.58
N ILE H 332 -55.68 -1.00 54.93
CA ILE H 332 -56.48 -2.14 55.36
C ILE H 332 -57.07 -1.93 56.75
N ASP H 333 -56.58 -0.94 57.51
CA ASP H 333 -57.09 -0.70 58.86
C ASP H 333 -58.57 -0.34 58.85
N GLU H 334 -59.07 0.23 57.74
CA GLU H 334 -60.47 0.63 57.62
C GLU H 334 -61.35 -0.45 57.01
N LEU H 335 -60.81 -1.66 56.78
CA LEU H 335 -61.63 -2.74 56.23
C LEU H 335 -62.75 -3.09 57.21
N THR H 336 -63.95 -3.27 56.66
CA THR H 336 -65.16 -3.55 57.41
C THR H 336 -65.88 -4.73 56.79
N PRO H 337 -66.84 -5.33 57.50
CA PRO H 337 -67.65 -6.38 56.85
C PRO H 337 -68.38 -5.90 55.61
N GLU H 338 -68.79 -4.64 55.58
CA GLU H 338 -69.44 -4.10 54.39
C GLU H 338 -68.50 -4.06 53.19
N ASP H 339 -67.19 -3.95 53.43
CA ASP H 339 -66.22 -3.86 52.35
C ASP H 339 -65.91 -5.22 51.72
N LEU H 340 -66.33 -6.32 52.32
CA LEU H 340 -66.00 -7.64 51.82
C LEU H 340 -66.94 -8.05 50.69
N GLY H 341 -66.39 -8.81 49.74
CA GLY H 341 -67.18 -9.40 48.67
C GLY H 341 -67.58 -10.83 49.01
N HIS H 342 -68.27 -11.45 48.05
CA HIS H 342 -68.71 -12.83 48.19
C HIS H 342 -68.59 -13.54 46.86
N ALA H 343 -68.28 -14.83 46.93
CA ALA H 343 -68.18 -15.68 45.75
C ALA H 343 -68.91 -17.00 46.03
N GLY H 344 -69.60 -17.50 45.01
CA GLY H 344 -70.34 -18.75 45.19
C GLY H 344 -69.45 -19.94 45.47
N LEU H 345 -68.27 -19.97 44.84
CA LEU H 345 -67.37 -21.09 45.01
C LEU H 345 -65.94 -20.65 44.67
N VAL H 346 -64.98 -21.32 45.30
CA VAL H 346 -63.57 -21.26 44.92
C VAL H 346 -63.04 -22.67 45.00
N GLU H 347 -62.32 -23.11 43.96
CA GLU H 347 -61.88 -24.50 43.86
C GLU H 347 -60.55 -24.58 43.15
N GLN H 348 -59.70 -25.48 43.63
CA GLN H 348 -58.43 -25.82 42.99
C GLN H 348 -58.63 -27.10 42.20
N ARG H 349 -58.59 -27.02 40.88
CA ARG H 349 -58.77 -28.14 39.98
C ARG H 349 -57.47 -28.39 39.23
N LYS H 350 -57.04 -29.65 39.19
CA LYS H 350 -55.82 -30.03 38.51
C LYS H 350 -56.10 -30.34 37.03
N LYS H 351 -56.61 -29.31 36.34
CA LYS H 351 -56.89 -29.43 34.92
C LYS H 351 -55.60 -29.27 34.13
N GLY H 352 -55.35 -30.19 33.20
CA GLY H 352 -54.12 -30.16 32.45
C GLY H 352 -52.93 -30.42 33.34
N GLU H 353 -51.81 -29.75 33.04
CA GLU H 353 -50.58 -29.90 33.79
C GLU H 353 -50.46 -28.87 34.91
N ASP H 354 -50.63 -27.59 34.59
CA ASP H 354 -50.46 -26.54 35.57
C ASP H 354 -51.57 -26.58 36.62
N ARG H 355 -51.20 -26.33 37.87
CA ARG H 355 -52.16 -26.23 38.97
C ARG H 355 -52.64 -24.80 39.08
N MET H 356 -53.95 -24.61 39.13
CA MET H 356 -54.54 -23.28 39.19
C MET H 356 -55.78 -23.32 40.09
N VAL H 357 -56.11 -22.16 40.64
CA VAL H 357 -57.31 -21.98 41.46
C VAL H 357 -58.41 -21.53 40.52
N PHE H 358 -59.32 -22.45 40.17
CA PHE H 358 -60.43 -22.17 39.27
C PHE H 358 -61.52 -21.44 40.05
N VAL H 359 -61.38 -20.13 40.15
CA VAL H 359 -62.37 -19.32 40.87
C VAL H 359 -63.62 -19.20 40.02
N SER H 360 -64.77 -19.50 40.62
CA SER H 360 -66.03 -19.52 39.89
C SER H 360 -67.17 -19.16 40.84
N GLY H 361 -67.91 -18.12 40.50
CA GLY H 361 -69.02 -17.65 41.32
C GLY H 361 -68.94 -16.18 41.67
N CYS H 362 -68.23 -15.39 40.87
CA CYS H 362 -68.21 -13.94 41.03
C CYS H 362 -69.46 -13.36 40.39
N LYS H 363 -70.43 -12.98 41.23
CA LYS H 363 -71.79 -12.74 40.78
C LYS H 363 -72.11 -11.27 40.50
N ASN H 364 -71.14 -10.36 40.68
CA ASN H 364 -71.45 -8.94 40.54
C ASN H 364 -71.49 -8.50 39.08
N GLU H 365 -70.35 -8.64 38.38
CA GLU H 365 -70.21 -8.20 37.00
C GLU H 365 -69.51 -9.27 36.17
N PRO H 366 -69.74 -9.30 34.83
CA PRO H 366 -68.96 -10.20 33.98
C PRO H 366 -67.61 -9.58 33.63
N VAL H 367 -66.54 -10.14 34.21
CA VAL H 367 -65.20 -9.60 34.06
C VAL H 367 -64.23 -10.77 33.91
N ALA H 368 -63.24 -10.61 33.02
CA ALA H 368 -62.30 -11.69 32.73
C ALA H 368 -61.09 -11.11 32.01
N THR H 369 -60.16 -12.00 31.66
CA THR H 369 -58.91 -11.65 31.00
C THR H 369 -58.81 -12.40 29.68
N ILE H 370 -58.02 -11.87 28.76
CA ILE H 370 -57.87 -12.47 27.42
C ILE H 370 -56.73 -13.48 27.54
N LEU H 371 -57.07 -14.68 28.01
CA LEU H 371 -56.12 -15.78 28.18
C LEU H 371 -56.80 -17.05 27.71
N ILE H 372 -56.22 -17.68 26.69
CA ILE H 372 -56.90 -18.74 25.93
C ILE H 372 -55.94 -19.90 25.66
N ARG H 373 -56.50 -21.10 25.68
CA ARG H 373 -55.73 -22.34 25.53
C ARG H 373 -55.44 -22.64 24.06
N ALA H 374 -54.38 -23.41 23.83
CA ALA H 374 -54.09 -24.04 22.55
C ALA H 374 -52.99 -25.08 22.79
N ALA H 375 -52.43 -25.60 21.70
CA ALA H 375 -51.43 -26.66 21.81
C ALA H 375 -50.07 -26.12 22.24
N THR H 376 -49.49 -25.23 21.44
CA THR H 376 -48.17 -24.66 21.68
C THR H 376 -48.27 -23.14 21.79
N GLU H 377 -47.15 -22.53 22.22
CA GLU H 377 -47.16 -21.11 22.55
C GLU H 377 -47.50 -20.23 21.35
N HIS H 378 -46.91 -20.55 20.19
CA HIS H 378 -47.25 -19.80 18.98
C HIS H 378 -48.73 -19.93 18.66
N VAL H 379 -49.25 -21.16 18.76
CA VAL H 379 -50.65 -21.42 18.49
C VAL H 379 -51.52 -20.79 19.57
N VAL H 380 -51.03 -20.77 20.83
CA VAL H 380 -51.77 -20.12 21.90
C VAL H 380 -51.97 -18.64 21.60
N GLU H 381 -50.88 -17.94 21.25
CA GLU H 381 -51.00 -16.52 20.94
C GLU H 381 -51.87 -16.30 19.70
N GLU H 382 -51.76 -17.21 18.71
CA GLU H 382 -52.55 -17.06 17.49
C GLU H 382 -54.04 -17.14 17.79
N LEU H 383 -54.48 -18.17 18.52
CA LEU H 383 -55.90 -18.24 18.84
C LEU H 383 -56.33 -17.14 19.81
N GLU H 384 -55.43 -16.63 20.64
CA GLU H 384 -55.80 -15.51 21.49
C GLU H 384 -56.16 -14.28 20.65
N ARG H 385 -55.28 -13.95 19.69
CA ARG H 385 -55.58 -12.82 18.80
C ARG H 385 -56.84 -13.10 18.00
N ALA H 386 -57.02 -14.35 17.58
CA ALA H 386 -58.19 -14.70 16.78
C ALA H 386 -59.48 -14.48 17.56
N ILE H 387 -59.55 -14.98 18.79
CA ILE H 387 -60.77 -14.84 19.55
C ILE H 387 -61.03 -13.37 19.86
N ASP H 388 -59.97 -12.59 20.10
CA ASP H 388 -60.15 -11.17 20.38
C ASP H 388 -60.79 -10.49 19.16
N ASP H 389 -60.25 -10.76 17.97
CA ASP H 389 -60.81 -10.17 16.76
C ASP H 389 -62.25 -10.65 16.54
N ALA H 390 -62.54 -11.89 16.92
CA ALA H 390 -63.87 -12.44 16.71
C ALA H 390 -64.91 -11.69 17.54
N LEU H 391 -64.67 -11.56 18.84
CA LEU H 391 -65.58 -10.76 19.67
C LEU H 391 -65.65 -9.32 19.19
N ASN H 392 -64.53 -8.73 18.75
CA ASN H 392 -64.60 -7.37 18.24
C ASN H 392 -65.55 -7.27 17.05
N ALA H 393 -65.47 -8.23 16.13
CA ALA H 393 -66.31 -8.16 14.94
C ALA H 393 -67.78 -8.37 15.28
N VAL H 394 -68.11 -9.35 16.12
CA VAL H 394 -69.53 -9.55 16.40
C VAL H 394 -70.07 -8.37 17.21
N LYS H 395 -69.25 -7.78 18.08
CA LYS H 395 -69.68 -6.59 18.80
C LYS H 395 -69.99 -5.46 17.83
N ALA H 396 -69.11 -5.26 16.83
CA ALA H 396 -69.36 -4.21 15.84
C ALA H 396 -70.63 -4.50 15.04
N ALA H 397 -70.84 -5.77 14.68
CA ALA H 397 -72.04 -6.13 13.92
C ALA H 397 -73.30 -5.87 14.72
N ILE H 398 -73.31 -6.27 16.00
CA ILE H 398 -74.49 -6.05 16.82
C ILE H 398 -74.73 -4.57 17.03
N LYS H 399 -73.66 -3.79 17.27
CA LYS H 399 -73.81 -2.35 17.47
C LYS H 399 -74.36 -1.68 16.22
N ASP H 400 -73.62 -1.75 15.12
CA ASP H 400 -74.00 -1.00 13.92
C ASP H 400 -75.19 -1.67 13.24
N GLY H 401 -75.20 -3.00 13.20
CA GLY H 401 -76.25 -3.72 12.51
C GLY H 401 -76.22 -3.53 11.00
N LYS H 402 -75.04 -3.40 10.42
CA LYS H 402 -74.89 -3.31 8.97
C LYS H 402 -73.67 -4.14 8.57
N VAL H 403 -73.87 -5.11 7.69
CA VAL H 403 -72.83 -6.01 7.21
C VAL H 403 -72.69 -5.83 5.71
N VAL H 404 -71.46 -5.90 5.23
CA VAL H 404 -71.14 -5.76 3.81
C VAL H 404 -70.53 -7.07 3.34
N PRO H 405 -70.77 -7.54 2.12
CA PRO H 405 -70.08 -8.75 1.66
C PRO H 405 -68.58 -8.56 1.62
N GLY H 406 -67.86 -9.54 2.17
CA GLY H 406 -66.42 -9.52 2.21
C GLY H 406 -65.81 -10.15 0.99
N GLY H 407 -64.62 -10.72 1.16
CA GLY H 407 -63.96 -11.39 0.06
C GLY H 407 -63.60 -10.49 -1.09
N GLY H 408 -63.48 -9.19 -0.85
CA GLY H 408 -63.22 -8.24 -1.91
C GLY H 408 -64.43 -7.81 -2.69
N ALA H 409 -65.60 -8.38 -2.41
CA ALA H 409 -66.81 -8.03 -3.16
C ALA H 409 -67.19 -6.58 -2.95
N ALA H 410 -67.15 -6.13 -1.69
CA ALA H 410 -67.43 -4.72 -1.40
C ALA H 410 -66.43 -3.82 -2.11
N GLU H 411 -65.16 -4.23 -2.14
CA GLU H 411 -64.14 -3.42 -2.77
C GLU H 411 -64.43 -3.25 -4.26
N VAL H 412 -64.79 -4.34 -4.93
CA VAL H 412 -65.09 -4.28 -6.36
C VAL H 412 -66.34 -3.44 -6.62
N ALA H 413 -67.37 -3.61 -5.79
CA ALA H 413 -68.59 -2.83 -6.00
C ALA H 413 -68.33 -1.34 -5.84
N VAL H 414 -67.57 -0.98 -4.80
CA VAL H 414 -67.27 0.43 -4.59
C VAL H 414 -66.43 0.96 -5.73
N ALA H 415 -65.49 0.15 -6.23
CA ALA H 415 -64.69 0.57 -7.37
C ALA H 415 -65.55 0.80 -8.61
N ARG H 416 -66.52 -0.08 -8.84
CA ARG H 416 -67.40 0.07 -10.00
C ARG H 416 -68.21 1.37 -9.91
N LYS H 417 -68.78 1.66 -8.74
CA LYS H 417 -69.55 2.89 -8.64
C LYS H 417 -68.63 4.11 -8.67
N LEU H 418 -67.40 3.98 -8.21
CA LEU H 418 -66.44 5.07 -8.33
C LEU H 418 -66.12 5.34 -9.80
N ARG H 419 -66.05 4.28 -10.61
CA ARG H 419 -65.82 4.48 -12.03
C ARG H 419 -67.03 5.13 -12.69
N GLU H 420 -68.24 4.81 -12.23
CA GLU H 420 -69.41 5.54 -12.69
C GLU H 420 -69.29 7.02 -12.36
N TYR H 421 -68.86 7.33 -11.13
CA TYR H 421 -68.62 8.73 -10.76
C TYR H 421 -67.56 9.36 -11.65
N ALA H 422 -66.52 8.60 -11.99
CA ALA H 422 -65.50 9.12 -12.89
C ALA H 422 -66.11 9.48 -14.24
N LYS H 423 -66.97 8.61 -14.76
CA LYS H 423 -67.68 8.90 -16.00
C LYS H 423 -68.53 10.16 -15.84
N SER H 424 -69.03 10.44 -14.63
CA SER H 424 -69.81 11.65 -14.43
C SER H 424 -68.93 12.89 -14.42
N LEU H 425 -67.81 12.84 -13.71
CA LEU H 425 -66.95 13.99 -13.52
C LEU H 425 -65.98 14.14 -14.69
N SER H 426 -65.77 15.39 -15.12
CA SER H 426 -64.80 15.73 -16.15
C SER H 426 -63.76 16.67 -15.57
N GLY H 427 -62.52 16.51 -16.03
CA GLY H 427 -61.38 17.24 -15.52
C GLY H 427 -60.27 16.29 -15.10
N LYS H 428 -59.23 16.87 -14.50
CA LYS H 428 -58.08 16.08 -14.07
C LYS H 428 -58.29 15.43 -12.69
N GLU H 429 -59.42 15.69 -12.03
CA GLU H 429 -59.81 14.91 -10.86
C GLU H 429 -60.34 13.54 -11.24
N GLN H 430 -60.79 13.36 -12.48
CA GLN H 430 -61.23 12.05 -12.94
C GLN H 430 -60.11 11.03 -12.89
N LEU H 431 -58.90 11.46 -13.26
CA LEU H 431 -57.75 10.56 -13.19
C LEU H 431 -57.46 10.15 -11.75
N ALA H 432 -57.57 11.10 -10.82
CA ALA H 432 -57.35 10.77 -9.41
C ALA H 432 -58.41 9.81 -8.89
N ILE H 433 -59.66 9.99 -9.32
CA ILE H 433 -60.71 9.09 -8.85
C ILE H 433 -60.52 7.70 -9.44
N GLU H 434 -60.08 7.63 -10.70
CA GLU H 434 -59.76 6.34 -11.30
C GLU H 434 -58.60 5.69 -10.56
N ALA H 435 -57.62 6.50 -10.14
CA ALA H 435 -56.53 6.00 -9.31
C ALA H 435 -57.05 5.41 -8.01
N PHE H 436 -57.99 6.10 -7.37
CA PHE H 436 -58.57 5.57 -6.14
C PHE H 436 -59.30 4.26 -6.41
N ALA H 437 -60.02 4.17 -7.53
CA ALA H 437 -60.71 2.94 -7.87
C ALA H 437 -59.73 1.79 -8.07
N ASP H 438 -58.61 2.04 -8.76
CA ASP H 438 -57.64 0.99 -8.99
C ASP H 438 -57.00 0.56 -7.67
N ALA H 439 -56.64 1.53 -6.83
CA ALA H 439 -56.03 1.20 -5.55
C ALA H 439 -57.00 0.40 -4.68
N LEU H 440 -58.29 0.74 -4.74
CA LEU H 440 -59.29 0.00 -4.00
C LEU H 440 -59.44 -1.40 -4.55
N GLU H 441 -59.35 -1.55 -5.87
CA GLU H 441 -59.45 -2.85 -6.52
C GLU H 441 -58.23 -3.71 -6.23
N GLU H 442 -57.13 -3.10 -5.77
CA GLU H 442 -55.94 -3.87 -5.40
C GLU H 442 -56.20 -4.88 -4.30
N ILE H 443 -57.14 -4.60 -3.38
CA ILE H 443 -57.40 -5.53 -2.28
C ILE H 443 -57.87 -6.88 -2.79
N PRO H 444 -58.89 -6.98 -3.66
CA PRO H 444 -59.25 -8.30 -4.20
C PRO H 444 -58.12 -8.99 -4.92
N ARG H 445 -57.25 -8.23 -5.59
CA ARG H 445 -56.12 -8.83 -6.26
C ARG H 445 -55.19 -9.51 -5.26
N THR H 446 -54.90 -8.84 -4.14
CA THR H 446 -54.08 -9.45 -3.11
C THR H 446 -54.77 -10.66 -2.51
N LEU H 447 -56.06 -10.56 -2.26
CA LEU H 447 -56.78 -11.66 -1.64
C LEU H 447 -56.81 -12.88 -2.54
N ALA H 448 -56.85 -12.67 -3.86
CA ALA H 448 -56.77 -13.79 -4.79
C ALA H 448 -55.35 -14.33 -4.87
N GLU H 449 -54.35 -13.45 -4.84
CA GLU H 449 -52.96 -13.90 -4.94
C GLU H 449 -52.58 -14.77 -3.76
N ASN H 450 -52.98 -14.39 -2.55
CA ASN H 450 -52.70 -15.23 -1.39
C ASN H 450 -53.49 -16.54 -1.42
N ALA H 451 -54.59 -16.59 -2.17
CA ALA H 451 -55.38 -17.81 -2.29
C ALA H 451 -54.80 -18.79 -3.30
N GLY H 452 -53.85 -18.36 -4.14
CA GLY H 452 -53.26 -19.20 -5.16
C GLY H 452 -53.81 -18.98 -6.55
N LEU H 453 -54.99 -18.36 -6.67
CA LEU H 453 -55.55 -18.08 -7.98
C LEU H 453 -54.72 -17.00 -8.68
N ASP H 454 -54.79 -17.00 -10.00
CA ASP H 454 -54.13 -15.95 -10.76
C ASP H 454 -54.85 -14.63 -10.53
N PRO H 455 -54.13 -13.52 -10.31
CA PRO H 455 -54.85 -12.31 -9.88
C PRO H 455 -55.63 -11.66 -10.99
N ILE H 456 -55.06 -11.53 -12.19
CA ILE H 456 -55.71 -10.78 -13.25
C ILE H 456 -56.96 -11.49 -13.73
N ASP H 457 -56.90 -12.81 -13.91
CA ASP H 457 -58.03 -13.55 -14.44
C ASP H 457 -59.22 -13.49 -13.48
N THR H 458 -58.99 -13.78 -12.20
CA THR H 458 -60.08 -13.75 -11.25
C THR H 458 -60.58 -12.33 -10.99
N LEU H 459 -59.70 -11.34 -11.08
CA LEU H 459 -60.15 -9.96 -10.96
C LEU H 459 -61.08 -9.59 -12.11
N VAL H 460 -60.71 -9.97 -13.34
CA VAL H 460 -61.55 -9.70 -14.49
C VAL H 460 -62.87 -10.44 -14.35
N GLN H 461 -62.84 -11.66 -13.84
CA GLN H 461 -64.07 -12.39 -13.61
C GLN H 461 -64.95 -11.68 -12.60
N LEU H 462 -64.36 -11.16 -11.53
CA LEU H 462 -65.14 -10.42 -10.54
C LEU H 462 -65.76 -9.17 -11.14
N ARG H 463 -64.98 -8.44 -11.95
CA ARG H 463 -65.51 -7.23 -12.57
C ARG H 463 -66.65 -7.56 -13.52
N ALA H 464 -66.49 -8.61 -14.32
CA ALA H 464 -67.54 -9.02 -15.24
C ALA H 464 -68.79 -9.43 -14.47
N ALA H 465 -68.62 -10.16 -13.37
CA ALA H 465 -69.77 -10.57 -12.56
C ALA H 465 -70.50 -9.36 -12.01
N HIS H 466 -69.76 -8.41 -11.44
CA HIS H 466 -70.39 -7.22 -10.90
C HIS H 466 -71.05 -6.36 -11.98
N GLU H 467 -70.56 -6.43 -13.22
CA GLU H 467 -71.23 -5.74 -14.31
C GLU H 467 -72.57 -6.38 -14.67
N GLU H 468 -72.83 -7.61 -14.23
CA GLU H 468 -74.11 -8.26 -14.48
C GLU H 468 -75.20 -7.85 -13.50
N GLY H 469 -74.88 -7.02 -12.49
CA GLY H 469 -75.85 -6.49 -11.57
C GLY H 469 -75.82 -7.10 -10.18
N ASP H 470 -75.39 -8.36 -10.06
CA ASP H 470 -75.28 -8.95 -8.74
C ASP H 470 -74.09 -8.36 -7.99
N LYS H 471 -74.15 -8.42 -6.67
CA LYS H 471 -73.28 -7.63 -5.80
C LYS H 471 -72.46 -8.47 -4.83
N ASN H 472 -72.77 -9.75 -4.64
CA ASN H 472 -72.17 -10.56 -3.60
C ASN H 472 -71.10 -11.52 -4.10
N ILE H 473 -70.79 -11.52 -5.40
CA ILE H 473 -69.76 -12.41 -5.91
C ILE H 473 -68.40 -11.87 -5.46
N GLY H 474 -67.64 -12.71 -4.76
CA GLY H 474 -66.34 -12.36 -4.23
C GLY H 474 -65.32 -13.44 -4.51
N ILE H 475 -64.39 -13.60 -3.58
CA ILE H 475 -63.38 -14.64 -3.60
C ILE H 475 -63.42 -15.36 -2.26
N ASP H 476 -63.53 -16.69 -2.30
CA ASP H 476 -63.54 -17.54 -1.12
C ASP H 476 -62.23 -18.32 -1.19
N CYS H 477 -61.32 -18.04 -0.26
CA CYS H 477 -60.01 -18.67 -0.29
C CYS H 477 -60.01 -20.06 0.35
N LEU H 478 -61.04 -20.40 1.13
CA LEU H 478 -61.15 -21.77 1.62
C LEU H 478 -61.43 -22.72 0.47
N THR H 479 -62.42 -22.40 -0.35
CA THR H 479 -62.75 -23.22 -1.52
C THR H 479 -61.83 -22.93 -2.70
N GLY H 480 -61.12 -21.81 -2.68
CA GLY H 480 -60.21 -21.50 -3.78
C GLY H 480 -60.90 -21.27 -5.10
N GLU H 481 -62.06 -20.62 -5.08
CA GLU H 481 -62.80 -20.28 -6.29
C GLU H 481 -63.44 -18.91 -6.10
N VAL H 482 -64.21 -18.49 -7.10
CA VAL H 482 -65.04 -17.30 -7.02
C VAL H 482 -66.49 -17.78 -6.89
N ALA H 483 -67.19 -17.26 -5.89
CA ALA H 483 -68.56 -17.67 -5.62
C ALA H 483 -69.26 -16.55 -4.88
N ASP H 484 -70.58 -16.70 -4.75
CA ASP H 484 -71.36 -15.73 -4.00
C ASP H 484 -70.95 -15.80 -2.53
N MET H 485 -70.61 -14.65 -1.96
CA MET H 485 -70.13 -14.64 -0.57
C MET H 485 -71.26 -14.88 0.41
N LEU H 486 -72.48 -14.43 0.10
CA LEU H 486 -73.56 -14.55 1.07
C LEU H 486 -73.92 -16.01 1.33
N GLU H 487 -73.89 -16.86 0.29
CA GLU H 487 -74.15 -18.27 0.51
C GLU H 487 -72.94 -19.00 1.09
N ALA H 488 -71.75 -18.43 0.96
CA ALA H 488 -70.53 -19.03 1.50
C ALA H 488 -70.23 -18.58 2.93
N GLY H 489 -71.05 -17.70 3.51
CA GLY H 489 -70.79 -17.24 4.87
C GLY H 489 -69.50 -16.46 5.00
N VAL H 490 -69.26 -15.54 4.08
CA VAL H 490 -68.07 -14.70 4.08
C VAL H 490 -68.56 -13.26 4.05
N ILE H 491 -68.73 -12.66 5.23
CA ILE H 491 -69.32 -11.32 5.36
C ILE H 491 -68.63 -10.60 6.52
N ASP H 492 -68.30 -9.32 6.30
CA ASP H 492 -67.61 -8.47 7.26
C ASP H 492 -68.51 -7.32 7.71
N PRO H 493 -68.31 -6.78 8.92
CA PRO H 493 -69.07 -5.59 9.32
C PRO H 493 -68.77 -4.42 8.41
N ALA H 494 -69.81 -3.61 8.16
CA ALA H 494 -69.64 -2.44 7.30
C ALA H 494 -68.70 -1.43 7.94
N ALA H 495 -68.79 -1.26 9.26
CA ALA H 495 -67.97 -0.27 9.95
C ALA H 495 -66.49 -0.58 9.80
N VAL H 496 -66.12 -1.86 9.81
CA VAL H 496 -64.71 -2.24 9.70
C VAL H 496 -64.16 -1.78 8.35
N LYS H 497 -64.90 -2.05 7.27
CA LYS H 497 -64.42 -1.65 5.94
C LYS H 497 -64.44 -0.13 5.79
N LYS H 498 -65.45 0.53 6.36
CA LYS H 498 -65.50 1.99 6.32
C LYS H 498 -64.27 2.59 6.98
N GLN H 499 -63.93 2.12 8.18
CA GLN H 499 -62.75 2.63 8.85
C GLN H 499 -61.48 2.23 8.13
N ALA H 500 -61.46 1.07 7.48
CA ALA H 500 -60.30 0.69 6.69
C ALA H 500 -60.05 1.69 5.58
N ILE H 501 -61.10 2.04 4.83
CA ILE H 501 -60.95 3.00 3.75
C ILE H 501 -60.53 4.35 4.30
N LYS H 502 -61.15 4.79 5.39
CA LYS H 502 -60.86 6.12 5.93
C LYS H 502 -59.41 6.21 6.42
N SER H 503 -58.97 5.20 7.16
CA SER H 503 -57.60 5.22 7.67
C SER H 503 -56.59 5.12 6.53
N ALA H 504 -56.89 4.31 5.51
CA ALA H 504 -56.00 4.24 4.35
C ALA H 504 -55.88 5.58 3.67
N THR H 505 -57.00 6.29 3.53
CA THR H 505 -56.97 7.60 2.89
C THR H 505 -56.15 8.58 3.71
N GLU H 506 -56.30 8.57 5.03
CA GLU H 506 -55.60 9.54 5.87
C GLU H 506 -54.11 9.19 5.88
N ALA H 507 -53.74 7.93 5.79
CA ALA H 507 -52.34 7.55 5.68
C ALA H 507 -51.74 8.01 4.36
N ALA H 508 -52.41 7.70 3.25
CA ALA H 508 -51.90 8.09 1.94
C ALA H 508 -51.81 9.60 1.81
N THR H 509 -52.85 10.30 2.29
CA THR H 509 -52.89 11.76 2.18
C THR H 509 -51.75 12.41 2.94
N MET H 510 -51.58 12.06 4.21
CA MET H 510 -50.60 12.75 5.03
C MET H 510 -49.20 12.16 4.86
N ILE H 511 -49.05 11.07 4.10
CA ILE H 511 -47.72 10.69 3.61
C ILE H 511 -47.40 11.45 2.34
N LEU H 512 -48.40 11.72 1.50
CA LEU H 512 -48.18 12.54 0.32
C LEU H 512 -47.90 13.99 0.67
N ARG H 513 -48.45 14.48 1.78
CA ARG H 513 -48.32 15.89 2.12
C ARG H 513 -46.92 16.28 2.57
N ILE H 514 -46.02 15.32 2.79
CA ILE H 514 -44.67 15.64 3.24
C ILE H 514 -43.82 15.99 2.01
N ASP H 515 -42.83 16.85 2.21
CA ASP H 515 -41.90 17.24 1.16
C ASP H 515 -40.49 16.73 1.40
N ASP H 516 -39.90 17.00 2.56
CA ASP H 516 -38.49 16.74 2.78
C ASP H 516 -38.22 16.43 4.24
N ILE H 517 -37.17 15.65 4.46
CA ILE H 517 -36.70 15.26 5.78
C ILE H 517 -35.69 16.30 6.22
N ILE H 518 -35.83 16.80 7.45
CA ILE H 518 -34.90 17.76 8.02
C ILE H 518 -34.54 17.32 9.44
N PRO H 519 -33.34 17.65 9.95
CA PRO H 519 -33.05 17.29 11.34
C PRO H 519 -33.72 18.26 12.30
N ALA H 520 -34.45 17.72 13.26
CA ALA H 520 -35.16 18.51 14.25
C ALA H 520 -34.39 18.53 15.55
N LYS H 521 -34.36 19.68 16.20
CA LYS H 521 -33.70 19.81 17.50
C LYS H 521 -34.39 18.88 18.50
N ALA H 522 -33.57 18.10 19.21
CA ALA H 522 -34.12 17.17 20.18
C ALA H 522 -34.53 17.93 21.44
N PRO H 523 -35.66 17.61 22.08
CA PRO H 523 -36.02 18.31 23.32
C PRO H 523 -35.05 17.93 24.43
N THR H 524 -34.46 18.94 25.06
CA THR H 524 -33.51 18.71 26.14
C THR H 524 -34.25 18.37 27.44
N ASP I 19 -28.08 18.28 -17.46
CA ASP I 19 -28.59 19.52 -18.10
C ASP I 19 -27.65 19.96 -19.22
N ALA I 20 -27.76 19.26 -20.36
CA ALA I 20 -26.87 19.57 -21.48
C ALA I 20 -27.21 20.91 -22.11
N ARG I 21 -28.47 21.35 -22.02
CA ARG I 21 -28.79 22.72 -22.42
C ARG I 21 -28.02 23.70 -21.55
N LYS I 22 -27.96 23.45 -20.25
CA LYS I 22 -27.18 24.31 -19.37
C LYS I 22 -25.70 24.25 -19.72
N ASN I 23 -25.21 23.08 -20.11
CA ASN I 23 -23.81 22.97 -20.52
C ASN I 23 -23.52 23.80 -21.77
N ASN I 24 -24.40 23.72 -22.77
CA ASN I 24 -24.22 24.52 -23.98
C ASN I 24 -24.32 26.00 -23.67
N ILE I 25 -25.25 26.39 -22.81
CA ILE I 25 -25.37 27.79 -22.41
C ILE I 25 -24.12 28.24 -21.71
N ALA I 26 -23.54 27.38 -20.86
CA ALA I 26 -22.31 27.73 -20.17
C ALA I 26 -21.14 27.90 -21.14
N ALA I 27 -21.05 27.04 -22.15
CA ALA I 27 -19.98 27.18 -23.14
C ALA I 27 -20.15 28.48 -23.94
N ALA I 28 -21.37 28.78 -24.37
CA ALA I 28 -21.61 30.02 -25.10
C ALA I 28 -21.33 31.21 -24.20
N ARG I 29 -21.66 31.10 -22.91
CA ARG I 29 -21.34 32.16 -21.96
C ARG I 29 -19.85 32.36 -21.81
N ALA I 30 -19.09 31.26 -21.77
CA ALA I 30 -17.64 31.36 -21.65
C ALA I 30 -17.05 32.09 -22.85
N ILE I 31 -17.50 31.74 -24.06
CA ILE I 31 -17.00 32.43 -25.24
C ILE I 31 -17.44 33.88 -25.24
N ALA I 32 -18.69 34.14 -24.82
CA ALA I 32 -19.19 35.51 -24.81
C ALA I 32 -18.37 36.37 -23.86
N ASP I 33 -18.07 35.86 -22.66
CA ASP I 33 -17.27 36.62 -21.71
C ASP I 33 -15.83 36.74 -22.16
N MET I 34 -15.32 35.74 -22.89
CA MET I 34 -13.97 35.82 -23.42
C MET I 34 -13.86 36.97 -24.41
N VAL I 35 -14.83 37.08 -25.33
CA VAL I 35 -14.79 38.09 -26.37
C VAL I 35 -15.42 39.42 -25.92
N LYS I 36 -16.02 39.46 -24.73
CA LYS I 36 -16.66 40.68 -24.24
C LYS I 36 -15.64 41.81 -24.07
N THR I 37 -14.47 41.49 -23.52
CA THR I 37 -13.52 42.53 -23.15
C THR I 37 -12.93 43.26 -24.35
N THR I 38 -13.09 42.75 -25.57
CA THR I 38 -12.50 43.34 -26.76
C THR I 38 -13.51 44.09 -27.61
N LEU I 39 -14.51 44.71 -26.98
CA LEU I 39 -15.54 45.47 -27.68
C LEU I 39 -15.34 46.95 -27.36
N GLY I 40 -14.86 47.70 -28.35
CA GLY I 40 -14.78 49.14 -28.25
C GLY I 40 -13.46 49.71 -28.72
N PRO I 41 -13.34 51.03 -28.70
CA PRO I 41 -12.03 51.65 -29.00
C PRO I 41 -10.94 51.16 -28.08
N ARG I 42 -11.28 50.99 -26.81
CA ARG I 42 -10.35 50.59 -25.77
C ARG I 42 -10.41 49.09 -25.51
N GLY I 43 -10.67 48.31 -26.55
CA GLY I 43 -10.77 46.88 -26.43
C GLY I 43 -9.50 46.26 -25.89
N MET I 44 -9.60 45.60 -24.76
CA MET I 44 -8.45 44.93 -24.18
C MET I 44 -8.08 43.75 -25.06
N ASN I 45 -6.90 43.82 -25.68
CA ASN I 45 -6.50 42.82 -26.66
C ASN I 45 -6.37 41.45 -26.01
N LYS I 46 -6.21 40.44 -26.87
CA LYS I 46 -6.14 39.04 -26.45
C LYS I 46 -4.94 38.39 -27.10
N MET I 47 -4.43 37.35 -26.45
CA MET I 47 -3.17 36.71 -26.81
C MET I 47 -3.44 35.28 -27.23
N LEU I 48 -3.17 34.98 -28.51
CA LEU I 48 -3.45 33.67 -29.10
C LEU I 48 -2.15 32.88 -29.16
N VAL I 49 -2.05 31.85 -28.32
CA VAL I 49 -0.88 30.99 -28.23
C VAL I 49 -1.26 29.60 -28.72
N ASN I 50 -0.37 28.99 -29.51
CA ASN I 50 -0.58 27.65 -30.07
C ASN I 50 0.58 26.76 -29.64
N SER I 51 0.42 25.46 -29.93
CA SER I 51 1.46 24.50 -29.56
C SER I 51 2.79 24.80 -30.24
N LEU I 52 2.75 25.34 -31.46
CA LEU I 52 3.96 25.75 -32.15
C LEU I 52 4.66 26.93 -31.48
N GLY I 53 3.98 27.63 -30.57
CA GLY I 53 4.57 28.74 -29.85
C GLY I 53 4.39 30.09 -30.50
N ASP I 54 3.88 30.15 -31.73
CA ASP I 54 3.64 31.43 -32.37
C ASP I 54 2.56 32.20 -31.61
N VAL I 55 2.76 33.50 -31.49
CA VAL I 55 1.84 34.39 -30.77
C VAL I 55 1.46 35.53 -31.70
N THR I 56 0.16 35.82 -31.78
CA THR I 56 -0.36 36.98 -32.47
C THR I 56 -1.29 37.73 -31.53
N ILE I 57 -1.03 39.02 -31.36
CA ILE I 57 -1.87 39.87 -30.53
C ILE I 57 -2.94 40.49 -31.42
N THR I 58 -4.19 40.18 -31.14
CA THR I 58 -5.32 40.67 -31.91
C THR I 58 -6.42 41.13 -30.95
N ASN I 59 -7.20 42.10 -31.42
CA ASN I 59 -8.40 42.54 -30.71
C ASN I 59 -9.68 42.42 -31.52
N ASP I 60 -9.59 42.41 -32.86
CA ASP I 60 -10.79 42.24 -33.66
C ASP I 60 -11.34 40.83 -33.42
N GLY I 61 -12.60 40.76 -33.03
CA GLY I 61 -13.18 39.51 -32.57
C GLY I 61 -13.17 38.40 -33.60
N ALA I 62 -13.10 38.74 -34.89
CA ALA I 62 -13.17 37.73 -35.93
C ALA I 62 -12.02 36.75 -35.80
N THR I 63 -10.79 37.26 -35.64
CA THR I 63 -9.64 36.39 -35.44
C THR I 63 -9.78 35.56 -34.17
N ILE I 64 -10.25 36.20 -33.10
CA ILE I 64 -10.29 35.53 -31.80
C ILE I 64 -11.27 34.36 -31.87
N LEU I 65 -12.35 34.51 -32.63
CA LEU I 65 -13.22 33.38 -32.90
C LEU I 65 -12.66 32.44 -33.96
N GLU I 66 -11.75 32.90 -34.81
CA GLU I 66 -11.25 32.08 -35.90
C GLU I 66 -10.31 30.99 -35.39
N GLU I 67 -9.14 31.37 -34.84
CA GLU I 67 -8.11 30.40 -34.48
C GLU I 67 -8.00 30.14 -32.98
N MET I 68 -9.13 30.03 -32.29
CA MET I 68 -9.18 29.49 -30.93
C MET I 68 -9.58 28.01 -30.97
N ASP I 69 -9.10 27.26 -29.98
CA ASP I 69 -9.54 25.88 -29.82
C ASP I 69 -10.88 25.84 -29.10
N ILE I 70 -11.80 25.02 -29.63
CA ILE I 70 -13.11 24.81 -29.05
C ILE I 70 -13.43 23.33 -29.18
N GLU I 71 -13.34 22.61 -28.05
CA GLU I 71 -13.73 21.21 -28.06
C GLU I 71 -15.24 21.05 -27.91
N HIS I 72 -15.89 21.99 -27.26
CA HIS I 72 -17.34 21.92 -27.08
C HIS I 72 -18.03 22.18 -28.40
N PRO I 73 -19.09 21.41 -28.77
CA PRO I 73 -19.70 21.62 -30.09
C PRO I 73 -20.69 22.78 -30.18
N ALA I 74 -21.44 23.05 -29.11
CA ALA I 74 -22.28 24.24 -29.08
C ALA I 74 -21.43 25.49 -29.25
N ALA I 75 -20.26 25.52 -28.64
CA ALA I 75 -19.28 26.55 -28.93
C ALA I 75 -18.86 26.51 -30.39
N LYS I 76 -18.67 25.31 -30.95
CA LYS I 76 -18.22 25.19 -32.32
C LYS I 76 -19.21 25.76 -33.31
N MET I 77 -20.50 25.85 -32.95
CA MET I 77 -21.44 26.53 -33.83
C MET I 77 -21.12 28.03 -33.94
N LEU I 78 -20.64 28.64 -32.87
CA LEU I 78 -20.36 30.07 -32.92
C LEU I 78 -19.27 30.39 -33.94
N LYS I 79 -18.40 29.43 -34.27
CA LYS I 79 -17.53 29.59 -35.43
C LYS I 79 -18.34 29.89 -36.68
N GLU I 80 -19.39 29.11 -36.92
CA GLU I 80 -20.19 29.28 -38.12
C GLU I 80 -20.94 30.60 -38.06
N VAL I 81 -21.42 30.96 -36.86
CA VAL I 81 -22.09 32.25 -36.69
C VAL I 81 -21.16 33.40 -37.06
N ALA I 82 -19.93 33.36 -36.56
CA ALA I 82 -18.96 34.41 -36.86
C ALA I 82 -18.62 34.42 -38.34
N LYS I 83 -18.49 33.24 -38.95
CA LYS I 83 -18.20 33.15 -40.38
C LYS I 83 -19.32 33.81 -41.19
N ALA I 84 -20.57 33.52 -40.83
CA ALA I 84 -21.69 34.12 -41.53
C ALA I 84 -21.70 35.63 -41.35
N GLN I 85 -21.40 36.10 -40.14
CA GLN I 85 -21.37 37.53 -39.90
C GLN I 85 -20.31 38.20 -40.76
N GLU I 86 -19.12 37.61 -40.83
CA GLU I 86 -18.06 38.17 -41.65
C GLU I 86 -18.44 38.14 -43.12
N GLU I 87 -19.09 37.06 -43.57
CA GLU I 87 -19.43 36.94 -44.97
C GLU I 87 -20.44 38.00 -45.40
N GLU I 88 -21.54 38.13 -44.64
CA GLU I 88 -22.56 39.11 -45.03
C GLU I 88 -22.11 40.53 -44.74
N ALA I 89 -21.79 40.84 -43.48
CA ALA I 89 -21.51 42.20 -43.06
C ALA I 89 -20.03 42.54 -43.12
N GLY I 90 -19.18 41.67 -42.59
CA GLY I 90 -17.76 41.93 -42.51
C GLY I 90 -17.33 42.72 -41.29
N ASP I 91 -18.27 43.19 -40.48
CA ASP I 91 -17.95 43.90 -39.25
C ASP I 91 -19.09 43.69 -38.27
N GLY I 92 -18.75 43.53 -36.99
CA GLY I 92 -19.75 43.38 -35.95
C GLY I 92 -19.81 41.99 -35.36
N THR I 93 -18.77 41.18 -35.57
CA THR I 93 -18.78 39.83 -35.00
C THR I 93 -18.73 39.86 -33.48
N THR I 94 -17.91 40.74 -32.90
CA THR I 94 -17.85 40.82 -31.45
C THR I 94 -19.18 41.30 -30.87
N THR I 95 -19.84 42.23 -31.57
CA THR I 95 -21.16 42.67 -31.15
C THR I 95 -22.15 41.50 -31.19
N ALA I 96 -22.09 40.69 -32.25
CA ALA I 96 -22.99 39.55 -32.37
C ALA I 96 -22.77 38.55 -31.24
N VAL I 97 -21.51 38.25 -30.93
CA VAL I 97 -21.25 37.25 -29.91
C VAL I 97 -21.63 37.76 -28.53
N VAL I 98 -21.37 39.05 -28.25
CA VAL I 98 -21.76 39.59 -26.96
C VAL I 98 -23.28 39.63 -26.82
N LEU I 99 -23.97 39.99 -27.90
CA LEU I 99 -25.44 40.00 -27.88
C LEU I 99 -25.98 38.60 -27.64
N ALA I 100 -25.38 37.59 -28.29
CA ALA I 100 -25.80 36.22 -28.06
C ALA I 100 -25.57 35.83 -26.61
N GLY I 101 -24.44 36.25 -26.04
CA GLY I 101 -24.17 35.94 -24.65
C GLY I 101 -25.20 36.51 -23.71
N ALA I 102 -25.56 37.78 -23.91
CA ALA I 102 -26.56 38.40 -23.05
C ALA I 102 -27.94 37.78 -23.27
N LEU I 103 -28.24 37.43 -24.51
CA LEU I 103 -29.52 36.80 -24.81
C LEU I 103 -29.64 35.45 -24.09
N LEU I 104 -28.56 34.68 -24.10
CA LEU I 104 -28.60 33.40 -23.39
C LEU I 104 -28.56 33.58 -21.88
N GLU I 105 -27.95 34.65 -21.38
CA GLU I 105 -28.13 35.05 -19.99
C GLU I 105 -29.61 35.10 -19.63
N GLU I 106 -30.35 35.96 -20.32
CA GLU I 106 -31.74 36.16 -19.95
C GLU I 106 -32.58 34.93 -20.27
N ALA I 107 -32.18 34.13 -21.26
CA ALA I 107 -32.92 32.92 -21.60
C ALA I 107 -32.76 31.84 -20.56
N GLU I 108 -31.52 31.62 -20.08
CA GLU I 108 -31.28 30.75 -18.94
C GLU I 108 -32.10 31.21 -17.75
N LYS I 109 -32.31 32.52 -17.66
CA LYS I 109 -33.08 33.03 -16.54
C LYS I 109 -34.56 32.72 -16.70
N LEU I 110 -35.09 32.91 -17.89
CA LEU I 110 -36.51 32.70 -18.12
C LEU I 110 -36.86 31.21 -18.08
N ILE I 111 -35.88 30.33 -18.35
CA ILE I 111 -36.11 28.91 -18.07
C ILE I 111 -35.96 28.63 -16.58
N GLU I 112 -35.12 29.40 -15.86
CA GLU I 112 -35.05 29.24 -14.42
C GLU I 112 -36.40 29.56 -13.76
N GLN I 113 -37.06 30.64 -14.21
CA GLN I 113 -38.37 30.98 -13.66
C GLN I 113 -39.39 29.88 -13.95
N GLY I 114 -39.38 29.35 -15.18
CA GLY I 114 -40.27 28.27 -15.55
C GLY I 114 -40.84 28.36 -16.96
N ILE I 115 -40.51 29.43 -17.69
CA ILE I 115 -41.00 29.56 -19.06
C ILE I 115 -40.39 28.46 -19.91
N HIS I 116 -41.20 27.87 -20.78
CA HIS I 116 -40.71 26.85 -21.67
C HIS I 116 -39.76 27.45 -22.71
N PRO I 117 -38.77 26.70 -23.20
CA PRO I 117 -37.86 27.28 -24.20
C PRO I 117 -38.55 27.76 -25.47
N THR I 118 -39.59 27.07 -25.93
CA THR I 118 -40.23 27.44 -27.19
C THR I 118 -40.88 28.81 -27.10
N THR I 119 -41.49 29.12 -25.94
CA THR I 119 -42.04 30.45 -25.75
C THR I 119 -40.95 31.50 -25.79
N ILE I 120 -39.77 31.18 -25.23
CA ILE I 120 -38.64 32.10 -25.28
C ILE I 120 -38.26 32.37 -26.73
N ILE I 121 -38.20 31.31 -27.54
CA ILE I 121 -37.81 31.45 -28.94
C ILE I 121 -38.81 32.32 -29.68
N LYS I 122 -40.10 32.08 -29.45
CA LYS I 122 -41.12 32.88 -30.14
C LYS I 122 -41.03 34.34 -29.74
N GLY I 123 -40.85 34.59 -28.44
CA GLY I 123 -40.70 35.95 -27.98
C GLY I 123 -39.49 36.65 -28.58
N TYR I 124 -38.35 35.94 -28.65
CA TYR I 124 -37.15 36.52 -29.23
C TYR I 124 -37.35 36.81 -30.72
N ARG I 125 -38.04 35.92 -31.43
CA ARG I 125 -38.32 36.15 -32.84
C ARG I 125 -39.12 37.42 -33.04
N LYS I 126 -40.20 37.58 -32.26
CA LYS I 126 -41.00 38.80 -32.38
C LYS I 126 -40.20 40.03 -31.98
N ALA I 127 -39.41 39.90 -30.90
CA ALA I 127 -38.60 41.02 -30.44
C ALA I 127 -37.64 41.47 -31.52
N VAL I 128 -37.08 40.52 -32.26
CA VAL I 128 -36.04 40.88 -33.22
C VAL I 128 -36.66 41.40 -34.51
N ASP I 129 -37.84 40.91 -34.88
CA ASP I 129 -38.56 41.54 -35.98
C ASP I 129 -38.81 43.01 -35.68
N LYS I 130 -39.35 43.29 -34.49
CA LYS I 130 -39.59 44.69 -34.15
C LYS I 130 -38.30 45.46 -33.95
N ALA I 131 -37.22 44.77 -33.55
CA ALA I 131 -35.94 45.45 -33.39
C ALA I 131 -35.38 45.91 -34.73
N LEU I 132 -35.45 45.04 -35.74
CA LEU I 132 -35.01 45.45 -37.07
C LEU I 132 -35.88 46.60 -37.59
N GLU I 133 -37.19 46.52 -37.36
CA GLU I 133 -38.05 47.63 -37.80
C GLU I 133 -37.67 48.94 -37.10
N VAL I 134 -37.46 48.88 -35.79
CA VAL I 134 -37.13 50.08 -35.01
C VAL I 134 -35.80 50.65 -35.47
N LEU I 135 -34.82 49.79 -35.69
CA LEU I 135 -33.53 50.26 -36.19
C LEU I 135 -33.68 50.89 -37.57
N GLU I 136 -34.60 50.39 -38.39
CA GLU I 136 -34.87 51.05 -39.66
C GLU I 136 -35.41 52.46 -39.45
N GLU I 137 -36.33 52.64 -38.50
CA GLU I 137 -36.90 53.97 -38.31
C GLU I 137 -35.86 54.93 -37.73
N VAL I 138 -35.11 54.50 -36.73
CA VAL I 138 -34.26 55.43 -35.99
C VAL I 138 -33.07 55.90 -36.82
N ALA I 139 -32.66 55.12 -37.82
CA ALA I 139 -31.44 55.43 -38.56
C ALA I 139 -31.56 56.75 -39.30
N ILE I 140 -30.44 57.47 -39.38
CA ILE I 140 -30.35 58.80 -39.97
C ILE I 140 -29.66 58.63 -41.33
N PRO I 141 -30.24 59.07 -42.44
CA PRO I 141 -29.66 58.72 -43.75
C PRO I 141 -28.50 59.64 -44.11
N VAL I 142 -27.66 59.13 -45.00
CA VAL I 142 -26.43 59.81 -45.42
C VAL I 142 -26.38 59.86 -46.94
N ASP I 143 -25.99 61.02 -47.48
CA ASP I 143 -25.67 61.14 -48.89
C ASP I 143 -24.21 60.73 -49.11
N PRO I 144 -23.84 60.31 -50.33
CA PRO I 144 -22.44 59.88 -50.54
C PRO I 144 -21.49 61.03 -50.83
N ASP I 145 -21.92 62.27 -50.60
CA ASP I 145 -21.10 63.46 -50.81
C ASP I 145 -20.80 64.24 -49.55
N ASP I 146 -21.43 63.91 -48.42
CA ASP I 146 -21.18 64.62 -47.16
C ASP I 146 -19.89 64.06 -46.58
N GLU I 147 -18.78 64.74 -46.86
CA GLU I 147 -17.44 64.18 -46.61
C GLU I 147 -17.22 63.92 -45.13
N GLU I 148 -17.65 64.84 -44.26
CA GLU I 148 -17.41 64.68 -42.83
C GLU I 148 -18.12 63.44 -42.28
N THR I 149 -19.33 63.16 -42.77
CA THR I 149 -20.05 61.98 -42.31
C THR I 149 -19.33 60.70 -42.71
N LEU I 150 -18.83 60.64 -43.95
CA LEU I 150 -18.08 59.45 -44.37
C LEU I 150 -16.81 59.31 -43.54
N LYS I 151 -16.13 60.42 -43.26
CA LYS I 151 -14.94 60.36 -42.41
C LYS I 151 -15.29 59.85 -41.03
N ALA I 152 -16.41 60.30 -40.47
CA ALA I 152 -16.82 59.83 -39.15
C ALA I 152 -17.11 58.35 -39.15
N VAL I 153 -17.81 57.86 -40.18
CA VAL I 153 -18.09 56.43 -40.27
C VAL I 153 -16.79 55.64 -40.37
N ALA I 154 -15.86 56.11 -41.22
CA ALA I 154 -14.60 55.42 -41.39
C ALA I 154 -13.81 55.40 -40.10
N ARG I 155 -13.81 56.50 -39.36
CA ARG I 155 -13.08 56.54 -38.09
C ARG I 155 -13.72 55.61 -37.06
N THR I 156 -15.06 55.59 -37.00
CA THR I 156 -15.74 54.74 -36.04
C THR I 156 -15.46 53.27 -36.30
N ALA I 157 -15.45 52.87 -37.57
CA ALA I 157 -15.14 51.47 -37.88
C ALA I 157 -13.66 51.19 -37.69
N MET I 158 -12.80 52.11 -38.16
CA MET I 158 -11.36 52.01 -37.97
C MET I 158 -11.00 51.86 -36.50
N THR I 159 -11.82 52.43 -35.62
CA THR I 159 -11.64 52.34 -34.18
C THR I 159 -11.47 50.90 -33.73
N GLY I 160 -10.70 50.72 -32.65
CA GLY I 160 -10.53 49.44 -32.01
C GLY I 160 -9.11 48.92 -32.07
N LYS I 161 -8.46 49.08 -33.21
CA LYS I 161 -7.19 48.41 -33.51
C LYS I 161 -6.08 49.37 -33.88
N ALA I 162 -6.39 50.45 -34.61
CA ALA I 162 -5.35 51.39 -34.99
C ALA I 162 -4.91 52.24 -33.80
N SER I 163 -3.65 52.63 -33.82
CA SER I 163 -3.11 53.48 -32.77
C SER I 163 -3.79 54.84 -32.78
N GLU I 164 -3.82 55.50 -31.62
CA GLU I 164 -4.52 56.77 -31.49
C GLU I 164 -3.89 57.87 -32.34
N GLU I 165 -2.60 57.75 -32.68
CA GLU I 165 -1.92 58.84 -33.36
C GLU I 165 -2.35 58.95 -34.82
N ASN I 166 -2.58 57.82 -35.49
CA ASN I 166 -2.73 57.79 -36.94
C ASN I 166 -4.18 57.57 -37.37
N ARG I 167 -5.14 57.87 -36.49
CA ARG I 167 -6.54 57.70 -36.84
C ARG I 167 -6.94 58.67 -37.96
N GLU I 168 -6.58 59.95 -37.80
CA GLU I 168 -6.91 60.94 -38.82
C GLU I 168 -6.25 60.59 -40.15
N GLU I 169 -4.97 60.21 -40.12
CA GLU I 169 -4.24 59.93 -41.35
C GLU I 169 -4.86 58.75 -42.09
N ILE I 170 -5.08 57.64 -41.40
CA ILE I 170 -5.59 56.45 -42.06
C ILE I 170 -7.03 56.67 -42.53
N ALA I 171 -7.82 57.41 -41.75
CA ALA I 171 -9.19 57.71 -42.17
C ALA I 171 -9.19 58.57 -43.43
N ASP I 172 -8.30 59.58 -43.48
CA ASP I 172 -8.21 60.43 -44.65
C ASP I 172 -7.80 59.61 -45.87
N LEU I 173 -6.83 58.72 -45.71
CA LEU I 173 -6.42 57.87 -46.83
C LEU I 173 -7.54 56.93 -47.25
N VAL I 174 -8.31 56.44 -46.28
CA VAL I 174 -9.43 55.55 -46.60
C VAL I 174 -10.44 56.27 -47.48
N VAL I 175 -10.86 57.46 -47.07
CA VAL I 175 -11.88 58.16 -47.86
C VAL I 175 -11.30 58.61 -49.19
N GLU I 176 -10.02 59.00 -49.22
CA GLU I 176 -9.40 59.39 -50.48
C GLU I 176 -9.37 58.23 -51.46
N ALA I 177 -8.98 57.04 -50.99
CA ALA I 177 -8.95 55.87 -51.86
C ALA I 177 -10.36 55.51 -52.33
N VAL I 178 -11.34 55.59 -51.42
CA VAL I 178 -12.71 55.23 -51.77
C VAL I 178 -13.24 56.15 -52.86
N LEU I 179 -12.98 57.46 -52.72
CA LEU I 179 -13.48 58.40 -53.71
C LEU I 179 -12.72 58.31 -55.02
N SER I 180 -11.39 58.23 -54.97
CA SER I 180 -10.60 58.25 -56.19
C SER I 180 -10.79 56.97 -57.01
N LEU I 181 -10.87 55.82 -56.33
CA LEU I 181 -11.13 54.56 -57.00
C LEU I 181 -12.62 54.22 -57.07
N ALA I 182 -13.48 55.24 -57.07
CA ALA I 182 -14.92 55.03 -57.14
C ALA I 182 -15.33 54.60 -58.54
N GLU I 183 -15.39 53.29 -58.77
CA GLU I 183 -15.82 52.74 -60.06
C GLU I 183 -17.34 52.75 -60.10
N ASP I 184 -17.91 53.73 -60.80
CA ASP I 184 -19.35 53.96 -60.80
C ASP I 184 -20.03 52.87 -61.63
N GLY I 185 -20.25 51.72 -60.98
CA GLY I 185 -20.93 50.61 -61.60
C GLY I 185 -22.44 50.69 -61.37
N GLY I 186 -23.08 51.69 -61.96
CA GLY I 186 -24.50 51.88 -61.77
C GLY I 186 -24.90 52.22 -60.35
N GLY I 187 -24.16 53.13 -59.72
CA GLY I 187 -24.43 53.56 -58.35
C GLY I 187 -23.72 52.76 -57.29
N LYS I 188 -23.70 51.44 -57.43
CA LYS I 188 -23.02 50.55 -56.47
C LYS I 188 -21.54 50.51 -56.83
N TYR I 189 -20.74 51.30 -56.12
CA TYR I 189 -19.32 51.36 -56.39
C TYR I 189 -18.64 50.06 -55.96
N ARG I 190 -17.85 49.48 -56.86
CA ARG I 190 -17.17 48.21 -56.61
C ARG I 190 -15.84 48.48 -55.92
N VAL I 191 -15.92 48.97 -54.69
CA VAL I 191 -14.73 49.22 -53.86
C VAL I 191 -14.47 47.93 -53.11
N ASP I 192 -13.78 47.00 -53.79
CA ASP I 192 -13.46 45.71 -53.20
C ASP I 192 -12.24 45.83 -52.29
N LEU I 193 -12.09 44.82 -51.42
CA LEU I 193 -10.94 44.80 -50.51
C LEU I 193 -9.63 44.61 -51.28
N ASP I 194 -9.67 43.90 -52.40
CA ASP I 194 -8.49 43.64 -53.23
C ASP I 194 -8.33 44.64 -54.35
N ASN I 195 -8.82 45.88 -54.18
CA ASN I 195 -8.80 46.90 -55.20
C ASN I 195 -7.97 48.13 -54.85
N ILE I 196 -7.55 48.28 -53.58
CA ILE I 196 -6.83 49.47 -53.13
C ILE I 196 -5.39 49.07 -52.84
N LYS I 197 -4.46 49.96 -53.21
CA LYS I 197 -3.06 49.62 -53.39
C LYS I 197 -2.27 49.95 -52.13
N ILE I 198 -1.85 48.93 -51.39
CA ILE I 198 -0.91 49.07 -50.29
C ILE I 198 0.10 47.94 -50.38
N GLU I 199 1.30 48.18 -49.83
CA GLU I 199 2.35 47.18 -49.69
C GLU I 199 2.69 47.01 -48.22
N LYS I 200 3.11 45.80 -47.85
CA LYS I 200 3.50 45.47 -46.49
C LYS I 200 5.01 45.55 -46.33
N GLN I 201 5.47 46.18 -45.25
CA GLN I 201 6.88 46.29 -44.97
C GLN I 201 7.06 46.72 -43.52
N THR I 202 8.07 46.15 -42.86
CA THR I 202 8.34 46.47 -41.47
C THR I 202 8.93 47.87 -41.34
N GLY I 203 8.58 48.55 -40.25
CA GLY I 203 9.10 49.87 -39.99
C GLY I 203 8.40 50.94 -40.83
N GLY I 204 9.08 52.08 -40.94
CA GLY I 204 8.51 53.20 -41.69
C GLY I 204 7.24 53.70 -41.03
N GLY I 205 6.18 53.82 -41.81
CA GLY I 205 4.92 54.30 -41.29
C GLY I 205 3.78 53.92 -42.22
N ALA I 206 2.58 54.36 -41.85
CA ALA I 206 1.38 54.08 -42.62
C ALA I 206 1.18 55.07 -43.78
N SER I 207 2.08 56.03 -43.96
CA SER I 207 1.95 57.03 -45.01
C SER I 207 2.29 56.50 -46.40
N ASP I 208 2.58 55.21 -46.55
CA ASP I 208 2.79 54.58 -47.84
C ASP I 208 1.53 53.92 -48.40
N THR I 209 0.37 54.16 -47.79
CA THR I 209 -0.90 53.65 -48.30
C THR I 209 -1.42 54.61 -49.36
N GLU I 210 -0.71 54.63 -50.48
CA GLU I 210 -0.99 55.50 -51.62
C GLU I 210 -1.43 54.67 -52.82
N LEU I 211 -2.01 55.35 -53.79
CA LEU I 211 -2.52 54.71 -55.00
C LEU I 211 -1.36 54.51 -55.96
N ILE I 212 -0.75 53.32 -55.92
CA ILE I 212 0.29 52.92 -56.85
C ILE I 212 -0.36 51.99 -57.87
N GLU I 213 -0.56 52.48 -59.09
CA GLU I 213 -1.45 51.82 -60.03
C GLU I 213 -0.85 50.51 -60.54
N GLY I 214 -0.78 49.51 -59.67
CA GLY I 214 -0.24 48.22 -60.02
C GLY I 214 0.06 47.39 -58.80
N VAL I 215 0.03 46.08 -58.98
CA VAL I 215 0.27 45.14 -57.89
C VAL I 215 1.77 45.06 -57.64
N VAL I 216 2.19 45.43 -56.43
CA VAL I 216 3.60 45.45 -56.05
C VAL I 216 3.92 44.14 -55.34
N LEU I 217 4.96 43.46 -55.81
CA LEU I 217 5.39 42.18 -55.27
C LEU I 217 6.59 42.37 -54.35
N ASP I 218 6.56 41.66 -53.21
CA ASP I 218 7.65 41.73 -52.23
C ASP I 218 8.71 40.67 -52.54
N LYS I 219 9.35 40.83 -53.70
CA LYS I 219 10.41 39.94 -54.15
C LYS I 219 11.46 40.75 -54.88
N GLU I 220 12.72 40.33 -54.73
CA GLU I 220 13.83 41.03 -55.35
C GLU I 220 14.01 40.58 -56.80
N PRO I 221 14.66 41.39 -57.64
CA PRO I 221 15.03 40.90 -58.97
C PRO I 221 16.01 39.74 -58.89
N VAL I 222 15.86 38.80 -59.82
CA VAL I 222 16.70 37.60 -59.80
C VAL I 222 18.14 37.95 -60.17
N HIS I 223 18.33 38.84 -61.16
CA HIS I 223 19.65 39.20 -61.66
C HIS I 223 19.81 40.71 -61.57
N GLU I 224 20.99 41.15 -61.10
CA GLU I 224 21.24 42.58 -60.93
C GLU I 224 21.13 43.32 -62.26
N ASP I 225 21.68 42.74 -63.32
CA ASP I 225 21.66 43.39 -64.63
C ASP I 225 20.31 43.29 -65.33
N MET I 226 19.31 42.67 -64.71
CA MET I 226 17.96 42.68 -65.26
C MET I 226 17.48 44.14 -65.30
N PRO I 227 16.86 44.59 -66.42
CA PRO I 227 16.51 46.02 -66.50
C PRO I 227 15.47 46.44 -65.46
N LYS I 228 15.90 47.26 -64.51
CA LYS I 228 15.01 47.68 -63.44
C LYS I 228 13.92 48.60 -63.95
N LYS I 229 14.24 49.49 -64.89
CA LYS I 229 13.30 50.43 -65.46
C LYS I 229 12.89 50.00 -66.86
N LEU I 230 11.58 49.94 -67.10
CA LEU I 230 11.06 49.58 -68.42
C LEU I 230 9.73 50.32 -68.60
N GLU I 231 9.78 51.45 -69.31
CA GLU I 231 8.59 52.22 -69.59
C GLU I 231 7.81 51.58 -70.75
N ASN I 232 6.49 51.51 -70.59
CA ASN I 232 5.62 50.87 -71.57
C ASN I 232 6.05 49.43 -71.84
N ALA I 233 6.43 48.73 -70.78
CA ALA I 233 6.95 47.38 -70.92
C ALA I 233 5.85 46.43 -71.40
N LYS I 234 6.25 45.46 -72.21
CA LYS I 234 5.35 44.41 -72.68
C LYS I 234 5.30 43.34 -71.59
N VAL I 235 4.27 43.38 -70.75
CA VAL I 235 4.19 42.55 -69.57
C VAL I 235 3.48 41.25 -69.92
N ALA I 236 4.07 40.13 -69.51
CA ALA I 236 3.50 38.80 -69.67
C ALA I 236 3.29 38.17 -68.30
N VAL I 237 2.39 37.18 -68.26
CA VAL I 237 2.11 36.43 -67.04
C VAL I 237 2.15 34.95 -67.39
N LEU I 238 2.99 34.20 -66.69
CA LEU I 238 3.16 32.77 -66.92
C LEU I 238 3.01 32.03 -65.59
N ASP I 239 2.82 30.72 -65.69
CA ASP I 239 2.68 29.86 -64.51
C ASP I 239 3.46 28.56 -64.61
N ALA I 240 3.95 28.16 -65.78
CA ALA I 240 4.68 26.91 -65.90
C ALA I 240 6.06 27.05 -65.23
N PRO I 241 6.65 25.96 -64.75
CA PRO I 241 7.95 26.08 -64.06
C PRO I 241 9.07 26.32 -65.05
N ILE I 242 9.71 27.48 -64.94
CA ILE I 242 10.81 27.84 -65.84
C ILE I 242 12.11 27.29 -65.30
N ILE I 253 17.87 10.45 -67.89
CA ILE I 253 18.69 10.57 -69.10
C ILE I 253 19.63 9.37 -69.18
N SER I 254 19.68 8.75 -70.35
CA SER I 254 20.53 7.59 -70.60
C SER I 254 21.75 8.01 -71.39
N ILE I 255 22.93 7.61 -70.93
CA ILE I 255 24.20 7.98 -71.54
C ILE I 255 24.79 6.74 -72.20
N SER I 256 25.19 6.88 -73.46
CA SER I 256 25.84 5.82 -74.22
C SER I 256 27.26 6.21 -74.64
N SER I 257 27.41 7.36 -75.29
CA SER I 257 28.70 7.92 -75.67
C SER I 257 29.13 8.98 -74.68
N PRO I 258 30.40 9.37 -74.69
CA PRO I 258 30.84 10.45 -73.77
C PRO I 258 30.13 11.77 -74.02
N GLU I 259 29.78 12.07 -75.28
CA GLU I 259 29.18 13.34 -75.64
C GLU I 259 27.65 13.28 -75.68
N GLN I 260 27.04 12.16 -75.28
CA GLN I 260 25.58 12.08 -75.32
C GLN I 260 24.95 13.00 -74.27
N PHE I 261 25.57 13.11 -73.10
CA PHE I 261 25.08 14.06 -72.10
C PHE I 261 25.23 15.50 -72.60
N GLN I 262 26.35 15.80 -73.27
CA GLN I 262 26.52 17.13 -73.85
C GLN I 262 25.47 17.40 -74.91
N ALA I 263 25.15 16.40 -75.73
CA ALA I 263 24.10 16.56 -76.74
C ALA I 263 22.74 16.77 -76.08
N PHE I 264 22.48 16.06 -74.97
CA PHE I 264 21.24 16.27 -74.24
C PHE I 264 21.15 17.70 -73.73
N LEU I 265 22.23 18.20 -73.14
CA LEU I 265 22.26 19.59 -72.69
C LEU I 265 22.08 20.55 -73.86
N ASP I 266 22.69 20.23 -75.00
CA ASP I 266 22.59 21.08 -76.18
C ASP I 266 21.16 21.18 -76.68
N GLN I 267 20.46 20.04 -76.75
CA GLN I 267 19.08 20.08 -77.23
C GLN I 267 18.14 20.70 -76.21
N GLU I 268 18.42 20.54 -74.91
CA GLU I 268 17.61 21.24 -73.91
C GLU I 268 17.78 22.74 -74.01
N GLU I 269 19.02 23.23 -74.14
CA GLU I 269 19.17 24.68 -74.29
C GLU I 269 18.67 25.15 -75.65
N LYS I 270 18.70 24.30 -76.68
CA LYS I 270 18.17 24.69 -77.99
C LYS I 270 16.66 24.86 -77.95
N GLN I 271 15.95 23.89 -77.35
CA GLN I 271 14.50 24.07 -77.25
C GLN I 271 14.16 25.21 -76.31
N LEU I 272 14.93 25.42 -75.24
CA LEU I 272 14.72 26.59 -74.39
C LEU I 272 14.87 27.88 -75.19
N ARG I 273 15.93 27.95 -75.99
CA ARG I 273 16.11 29.04 -76.95
C ARG I 273 14.87 29.20 -77.80
N GLU I 274 14.28 28.09 -78.24
CA GLU I 274 13.12 28.16 -79.14
C GLU I 274 11.90 28.75 -78.44
N MET I 275 11.55 28.24 -77.26
CA MET I 275 10.36 28.81 -76.59
C MET I 275 10.61 30.27 -76.19
N VAL I 276 11.80 30.60 -75.67
CA VAL I 276 12.01 31.99 -75.32
C VAL I 276 12.11 32.87 -76.56
N ASP I 277 12.50 32.31 -77.71
CA ASP I 277 12.55 33.11 -78.93
C ASP I 277 11.15 33.43 -79.42
N LYS I 278 10.26 32.45 -79.44
CA LYS I 278 8.89 32.76 -79.83
C LYS I 278 8.19 33.60 -78.77
N ILE I 279 8.66 33.58 -77.52
CA ILE I 279 8.18 34.54 -76.54
C ILE I 279 8.64 35.95 -76.92
N VAL I 280 9.92 36.10 -77.25
CA VAL I 280 10.47 37.40 -77.59
C VAL I 280 9.83 37.94 -78.87
N ASP I 281 9.42 37.05 -79.77
CA ASP I 281 8.71 37.48 -80.97
C ASP I 281 7.42 38.18 -80.61
N THR I 282 6.71 37.67 -79.59
CA THR I 282 5.59 38.41 -79.03
C THR I 282 6.06 39.74 -78.44
N GLY I 283 7.23 39.73 -77.82
CA GLY I 283 7.85 40.92 -77.26
C GLY I 283 7.88 41.01 -75.75
N ALA I 284 7.49 39.94 -75.04
CA ALA I 284 7.42 39.99 -73.59
C ALA I 284 8.80 40.23 -73.00
N ASN I 285 8.88 41.17 -72.05
CA ASN I 285 10.12 41.46 -71.33
C ASN I 285 9.93 41.53 -69.82
N VAL I 286 8.71 41.43 -69.30
CA VAL I 286 8.44 41.40 -67.86
C VAL I 286 7.52 40.23 -67.59
N VAL I 287 7.95 39.34 -66.68
CA VAL I 287 7.21 38.12 -66.36
C VAL I 287 7.14 37.98 -64.84
N PHE I 288 6.00 37.47 -64.36
CA PHE I 288 5.81 37.13 -62.95
C PHE I 288 5.31 35.68 -62.93
N CYS I 289 6.20 34.75 -62.60
CA CYS I 289 5.92 33.32 -62.72
C CYS I 289 5.41 32.76 -61.40
N GLU I 290 4.52 31.77 -61.51
CA GLU I 290 3.91 31.16 -60.34
C GLU I 290 4.83 30.20 -59.61
N LYS I 291 5.86 29.67 -60.27
CA LYS I 291 6.70 28.60 -59.75
C LYS I 291 8.16 29.07 -59.67
N GLY I 292 9.03 28.16 -59.23
CA GLY I 292 10.42 28.47 -59.01
C GLY I 292 11.21 28.64 -60.28
N ILE I 293 12.52 28.87 -60.11
CA ILE I 293 13.45 29.11 -61.20
C ILE I 293 14.72 28.32 -60.94
N ASP I 294 15.69 28.49 -61.83
CA ASP I 294 17.03 27.92 -61.69
C ASP I 294 18.05 29.00 -62.05
N ASP I 295 19.28 28.80 -61.57
CA ASP I 295 20.33 29.80 -61.78
C ASP I 295 20.60 30.01 -63.28
N GLN I 296 20.71 28.90 -64.03
CA GLN I 296 20.89 29.03 -65.47
C GLN I 296 19.67 29.64 -66.13
N VAL I 297 18.47 29.30 -65.63
CA VAL I 297 17.24 29.83 -66.22
C VAL I 297 17.19 31.34 -66.07
N GLU I 298 17.40 31.85 -64.85
CA GLU I 298 17.39 33.29 -64.66
C GLU I 298 18.55 33.96 -65.39
N HIS I 299 19.69 33.26 -65.50
CA HIS I 299 20.82 33.83 -66.22
C HIS I 299 20.47 34.05 -67.69
N MET I 300 19.86 33.05 -68.34
CA MET I 300 19.53 33.21 -69.75
C MET I 300 18.31 34.12 -69.93
N LEU I 301 17.45 34.22 -68.91
CA LEU I 301 16.35 35.18 -68.98
C LEU I 301 16.88 36.61 -68.97
N ALA I 302 17.80 36.90 -68.04
CA ALA I 302 18.39 38.23 -67.95
C ALA I 302 19.46 38.48 -69.01
N LYS I 303 19.85 37.45 -69.76
CA LYS I 303 20.72 37.67 -70.91
C LYS I 303 20.03 38.59 -71.91
N LYS I 304 18.73 38.41 -72.12
CA LYS I 304 17.93 39.31 -72.95
C LYS I 304 17.24 40.41 -72.15
N GLY I 305 17.25 40.34 -70.82
CA GLY I 305 16.66 41.38 -70.00
C GLY I 305 15.21 41.12 -69.66
N ILE I 306 14.93 39.94 -69.11
CA ILE I 306 13.56 39.50 -68.80
C ILE I 306 13.40 39.43 -67.29
N LEU I 307 12.36 40.09 -66.78
CA LEU I 307 12.03 40.03 -65.36
C LEU I 307 11.27 38.73 -65.07
N ALA I 308 11.58 38.13 -63.92
CA ALA I 308 10.95 36.87 -63.51
C ALA I 308 10.84 36.83 -62.00
N VAL I 309 9.62 36.83 -61.48
CA VAL I 309 9.34 36.68 -60.07
C VAL I 309 8.70 35.32 -59.85
N ARG I 310 9.14 34.61 -58.82
CA ARG I 310 8.79 33.22 -58.59
C ARG I 310 7.93 33.06 -57.34
N ARG I 311 7.31 31.89 -57.23
CA ARG I 311 6.53 31.50 -56.05
C ARG I 311 5.41 32.50 -55.78
N VAL I 312 4.80 33.00 -56.84
CA VAL I 312 3.65 33.88 -56.73
C VAL I 312 2.40 33.03 -56.49
N LYS I 313 1.65 33.36 -55.46
CA LYS I 313 0.52 32.54 -55.04
C LYS I 313 -0.55 32.50 -56.12
N LYS I 314 -1.56 31.65 -55.91
CA LYS I 314 -2.66 31.58 -56.86
C LYS I 314 -3.45 32.89 -56.89
N ASP I 315 -3.81 33.40 -55.72
CA ASP I 315 -4.64 34.60 -55.64
C ASP I 315 -3.90 35.81 -56.19
N ASP I 316 -2.66 36.03 -55.75
CA ASP I 316 -1.93 37.21 -56.22
C ASP I 316 -1.49 37.06 -57.67
N LEU I 317 -1.25 35.84 -58.16
CA LEU I 317 -0.99 35.65 -59.58
C LEU I 317 -2.23 36.01 -60.40
N GLU I 318 -3.42 35.59 -59.96
CA GLU I 318 -4.64 35.97 -60.65
C GLU I 318 -4.83 37.49 -60.61
N LYS I 319 -4.51 38.10 -59.47
CA LYS I 319 -4.59 39.56 -59.36
C LYS I 319 -3.66 40.24 -60.35
N ILE I 320 -2.43 39.74 -60.46
CA ILE I 320 -1.47 40.31 -61.41
C ILE I 320 -1.96 40.12 -62.84
N ALA I 321 -2.56 38.96 -63.13
CA ALA I 321 -3.09 38.73 -64.47
C ALA I 321 -4.20 39.71 -64.79
N LYS I 322 -5.09 39.96 -63.83
CA LYS I 322 -6.16 40.93 -64.04
C LYS I 322 -5.60 42.34 -64.23
N ALA I 323 -4.62 42.72 -63.41
CA ALA I 323 -4.12 44.09 -63.45
C ALA I 323 -3.32 44.35 -64.73
N THR I 324 -2.38 43.45 -65.05
CA THR I 324 -1.47 43.67 -66.17
C THR I 324 -2.15 43.46 -67.52
N GLY I 325 -3.25 42.70 -67.56
CA GLY I 325 -3.94 42.41 -68.80
C GLY I 325 -3.41 41.22 -69.55
N ALA I 326 -2.28 40.63 -69.12
CA ALA I 326 -1.74 39.44 -69.74
C ALA I 326 -2.44 38.23 -69.14
N ARG I 327 -3.26 37.57 -69.96
CA ARG I 327 -3.96 36.38 -69.48
C ARG I 327 -2.97 35.28 -69.13
N VAL I 328 -3.30 34.50 -68.10
CA VAL I 328 -2.42 33.42 -67.69
C VAL I 328 -2.43 32.34 -68.75
N VAL I 329 -1.23 31.95 -69.19
CA VAL I 329 -1.05 31.04 -70.33
C VAL I 329 -0.35 29.80 -69.78
N SER I 330 -1.12 28.76 -69.48
CA SER I 330 -0.53 27.50 -69.03
C SER I 330 0.28 26.86 -70.15
N ASN I 331 -0.31 26.76 -71.34
CA ASN I 331 0.38 26.23 -72.52
C ASN I 331 0.97 27.42 -73.27
N ILE I 332 2.26 27.67 -73.03
CA ILE I 332 2.90 28.89 -73.53
C ILE I 332 3.14 28.84 -75.03
N ASP I 333 3.02 27.67 -75.66
CA ASP I 333 3.27 27.56 -77.09
C ASP I 333 2.30 28.41 -77.91
N GLU I 334 1.10 28.67 -77.39
CA GLU I 334 0.09 29.45 -78.08
C GLU I 334 0.16 30.95 -77.74
N LEU I 335 1.17 31.38 -77.00
CA LEU I 335 1.30 32.80 -76.68
C LEU I 335 1.50 33.61 -77.97
N THR I 336 0.80 34.72 -78.06
CA THR I 336 0.79 35.60 -79.23
C THR I 336 1.00 37.03 -78.77
N PRO I 337 1.32 37.95 -79.68
CA PRO I 337 1.38 39.37 -79.30
C PRO I 337 0.07 39.90 -78.76
N GLU I 338 -1.05 39.38 -79.25
CA GLU I 338 -2.36 39.81 -78.73
C GLU I 338 -2.53 39.40 -77.28
N ASP I 339 -1.89 38.33 -76.83
CA ASP I 339 -2.04 37.83 -75.48
C ASP I 339 -1.23 38.62 -74.45
N LEU I 340 -0.31 39.47 -74.89
CA LEU I 340 0.56 40.20 -73.97
C LEU I 340 -0.16 41.41 -73.39
N GLY I 341 0.19 41.73 -72.15
CA GLY I 341 -0.27 42.94 -71.50
C GLY I 341 0.74 44.07 -71.62
N HIS I 342 0.40 45.20 -71.02
CA HIS I 342 1.26 46.38 -71.02
C HIS I 342 1.15 47.07 -69.67
N ALA I 343 2.28 47.67 -69.26
CA ALA I 343 2.36 48.44 -68.02
C ALA I 343 3.10 49.74 -68.29
N GLY I 344 2.64 50.82 -67.67
CA GLY I 344 3.27 52.11 -67.87
C GLY I 344 4.70 52.15 -67.37
N LEU I 345 4.97 51.48 -66.25
CA LEU I 345 6.30 51.50 -65.66
C LEU I 345 6.49 50.28 -64.78
N VAL I 346 7.74 49.85 -64.67
CA VAL I 346 8.18 48.88 -63.67
C VAL I 346 9.50 49.38 -63.12
N GLU I 347 9.62 49.41 -61.79
CA GLU I 347 10.79 50.01 -61.15
C GLU I 347 11.12 49.27 -59.87
N GLN I 348 12.41 49.07 -59.63
CA GLN I 348 12.92 48.54 -58.37
C GLN I 348 13.38 49.71 -57.51
N ARG I 349 12.68 49.93 -56.40
CA ARG I 349 12.97 51.02 -55.48
C ARG I 349 13.39 50.43 -54.14
N LYS I 350 14.49 50.92 -53.59
CA LYS I 350 15.01 50.45 -52.31
C LYS I 350 14.36 51.22 -51.15
N LYS I 351 13.03 51.11 -51.09
CA LYS I 351 12.27 51.73 -50.01
C LYS I 351 12.38 50.89 -48.75
N GLY I 352 12.70 51.54 -47.63
CA GLY I 352 12.89 50.80 -46.39
C GLY I 352 14.08 49.88 -46.48
N GLU I 353 13.97 48.71 -45.85
CA GLU I 353 15.03 47.73 -45.82
C GLU I 353 14.90 46.71 -46.95
N ASP I 354 13.73 46.08 -47.08
CA ASP I 354 13.54 45.04 -48.07
C ASP I 354 13.57 45.63 -49.49
N ARG I 355 14.19 44.88 -50.41
CA ARG I 355 14.21 45.24 -51.82
C ARG I 355 13.00 44.63 -52.51
N MET I 356 12.26 45.47 -53.25
CA MET I 356 11.04 45.02 -53.92
C MET I 356 10.93 45.72 -55.27
N VAL I 357 10.21 45.08 -56.18
CA VAL I 357 9.93 45.64 -57.50
C VAL I 357 8.60 46.38 -57.38
N PHE I 358 8.67 47.71 -57.31
CA PHE I 358 7.49 48.55 -57.18
C PHE I 358 6.84 48.71 -58.55
N VAL I 359 6.00 47.72 -58.89
CA VAL I 359 5.30 47.75 -60.17
C VAL I 359 4.21 48.80 -60.12
N SER I 360 4.17 49.67 -61.13
CA SER I 360 3.25 50.79 -61.14
C SER I 360 2.91 51.15 -62.58
N GLY I 361 1.63 51.10 -62.92
CA GLY I 361 1.17 51.40 -64.27
C GLY I 361 0.32 50.31 -64.89
N CYS I 362 -0.32 49.48 -64.07
CA CYS I 362 -1.27 48.49 -64.55
C CYS I 362 -2.61 49.18 -64.79
N LYS I 363 -2.92 49.44 -66.06
CA LYS I 363 -3.96 50.38 -66.43
C LYS I 363 -5.31 49.74 -66.71
N ASN I 364 -5.45 48.42 -66.61
CA ASN I 364 -6.69 47.77 -67.00
C ASN I 364 -7.75 47.86 -65.91
N GLU I 365 -7.47 47.31 -64.73
CA GLU I 365 -8.41 47.25 -63.62
C GLU I 365 -7.71 47.64 -62.32
N PRO I 366 -8.47 48.16 -61.32
CA PRO I 366 -7.87 48.39 -59.99
C PRO I 366 -7.85 47.10 -59.18
N VAL I 367 -6.66 46.54 -59.00
CA VAL I 367 -6.48 45.26 -58.33
C VAL I 367 -5.27 45.35 -57.43
N ALA I 368 -5.36 44.76 -56.23
CA ALA I 368 -4.30 44.86 -55.24
C ALA I 368 -4.47 43.76 -54.22
N THR I 369 -3.57 43.75 -53.23
CA THR I 369 -3.54 42.78 -52.14
C THR I 369 -3.60 43.51 -50.81
N ILE I 370 -4.09 42.82 -49.79
CA ILE I 370 -4.25 43.41 -48.45
C ILE I 370 -2.93 43.19 -47.73
N LEU I 371 -1.99 44.11 -47.97
CA LEU I 371 -0.65 44.07 -47.38
C LEU I 371 -0.28 45.49 -47.00
N ILE I 372 -0.06 45.74 -45.71
CA ILE I 372 0.02 47.09 -45.16
C ILE I 372 1.17 47.20 -44.18
N ARG I 373 1.82 48.37 -44.18
CA ARG I 373 3.00 48.64 -43.37
C ARG I 373 2.63 48.98 -41.93
N ALA I 374 3.59 48.77 -41.05
CA ALA I 374 3.54 49.26 -39.66
C ALA I 374 4.93 49.06 -39.06
N ALA I 375 5.03 49.26 -37.74
CA ALA I 375 6.33 49.18 -37.07
C ALA I 375 6.78 47.73 -36.89
N THR I 376 6.02 46.94 -36.13
CA THR I 376 6.35 45.55 -35.83
C THR I 376 5.24 44.64 -36.34
N GLU I 377 5.52 43.33 -36.28
CA GLU I 377 4.65 42.35 -36.92
C GLU I 377 3.25 42.34 -36.32
N HIS I 378 3.16 42.38 -34.99
CA HIS I 378 1.85 42.46 -34.34
C HIS I 378 1.11 43.71 -34.80
N VAL I 379 1.81 44.84 -34.84
CA VAL I 379 1.20 46.08 -35.26
C VAL I 379 0.88 46.05 -36.75
N VAL I 380 1.71 45.37 -37.55
CA VAL I 380 1.44 45.23 -38.98
C VAL I 380 0.10 44.51 -39.17
N GLU I 381 -0.07 43.37 -38.51
CA GLU I 381 -1.32 42.63 -38.63
C GLU I 381 -2.49 43.45 -38.11
N GLU I 382 -2.27 44.20 -37.02
CA GLU I 382 -3.35 44.99 -36.44
C GLU I 382 -3.85 46.04 -37.42
N LEU I 383 -2.95 46.85 -37.99
CA LEU I 383 -3.41 47.82 -38.99
C LEU I 383 -3.92 47.17 -40.26
N GLU I 384 -3.45 45.97 -40.63
CA GLU I 384 -4.03 45.31 -41.79
C GLU I 384 -5.50 45.00 -41.54
N ARG I 385 -5.81 44.41 -40.39
CA ARG I 385 -7.20 44.13 -40.06
C ARG I 385 -8.01 45.42 -39.96
N ALA I 386 -7.40 46.46 -39.38
CA ALA I 386 -8.13 47.71 -39.18
C ALA I 386 -8.48 48.36 -40.51
N ILE I 387 -7.55 48.40 -41.46
CA ILE I 387 -7.82 49.03 -42.73
C ILE I 387 -8.85 48.22 -43.52
N ASP I 388 -8.77 46.88 -43.42
CA ASP I 388 -9.77 46.05 -44.07
C ASP I 388 -11.17 46.36 -43.54
N ASP I 389 -11.30 46.45 -42.21
CA ASP I 389 -12.60 46.77 -41.62
C ASP I 389 -13.05 48.17 -42.03
N ALA I 390 -12.11 49.10 -42.18
CA ALA I 390 -12.47 50.47 -42.54
C ALA I 390 -13.07 50.52 -43.95
N LEU I 391 -12.41 49.90 -44.92
CA LEU I 391 -13.01 49.85 -46.26
C LEU I 391 -14.32 49.07 -46.25
N ASN I 392 -14.42 48.01 -45.44
CA ASN I 392 -15.69 47.30 -45.37
C ASN I 392 -16.81 48.23 -44.90
N ALA I 393 -16.56 49.01 -43.86
CA ALA I 393 -17.60 49.87 -43.31
C ALA I 393 -17.95 50.99 -44.26
N VAL I 394 -16.96 51.62 -44.90
CA VAL I 394 -17.28 52.72 -45.80
C VAL I 394 -18.00 52.19 -47.04
N LYS I 395 -17.63 50.99 -47.51
CA LYS I 395 -18.35 50.38 -48.62
C LYS I 395 -19.80 50.13 -48.24
N ALA I 396 -20.03 49.61 -47.03
CA ALA I 396 -21.40 49.36 -46.59
C ALA I 396 -22.19 50.65 -46.48
N ALA I 397 -21.55 51.70 -45.96
CA ALA I 397 -22.22 52.99 -45.83
C ALA I 397 -22.60 53.55 -47.19
N ILE I 398 -21.69 53.48 -48.16
CA ILE I 398 -21.99 53.99 -49.50
C ILE I 398 -23.10 53.17 -50.14
N LYS I 399 -23.03 51.84 -50.03
CA LYS I 399 -24.05 50.99 -50.62
C LYS I 399 -25.42 51.24 -50.01
N ASP I 400 -25.56 50.96 -48.71
CA ASP I 400 -26.86 51.02 -48.07
C ASP I 400 -27.31 52.46 -47.82
N GLY I 401 -26.36 53.35 -47.55
CA GLY I 401 -26.70 54.75 -47.35
C GLY I 401 -27.58 55.01 -46.15
N LYS I 402 -27.40 54.23 -45.08
CA LYS I 402 -28.12 54.44 -43.83
C LYS I 402 -27.13 54.21 -42.70
N VAL I 403 -26.96 55.22 -41.84
CA VAL I 403 -25.99 55.19 -40.75
C VAL I 403 -26.75 55.43 -39.45
N VAL I 404 -26.40 54.64 -38.43
CA VAL I 404 -27.07 54.68 -37.13
C VAL I 404 -26.06 55.20 -36.11
N PRO I 405 -26.47 55.96 -35.09
CA PRO I 405 -25.51 56.34 -34.05
C PRO I 405 -24.95 55.12 -33.32
N GLY I 406 -23.64 55.12 -33.14
CA GLY I 406 -22.95 54.03 -32.46
C GLY I 406 -22.78 54.29 -30.99
N GLY I 407 -21.77 53.66 -30.41
CA GLY I 407 -21.46 53.86 -29.01
C GLY I 407 -22.57 53.42 -28.07
N GLY I 408 -23.34 52.42 -28.46
CA GLY I 408 -24.43 51.94 -27.65
C GLY I 408 -25.70 52.75 -27.74
N ALA I 409 -25.70 53.85 -28.50
CA ALA I 409 -26.91 54.67 -28.61
C ALA I 409 -28.02 53.93 -29.33
N ALA I 410 -27.68 53.25 -30.43
CA ALA I 410 -28.67 52.48 -31.16
C ALA I 410 -29.25 51.38 -30.28
N GLU I 411 -28.40 50.70 -29.51
CA GLU I 411 -28.87 49.62 -28.65
C GLU I 411 -29.83 50.14 -27.60
N VAL I 412 -29.51 51.28 -26.98
CA VAL I 412 -30.39 51.83 -25.96
C VAL I 412 -31.72 52.28 -26.56
N ALA I 413 -31.67 52.92 -27.73
CA ALA I 413 -32.91 53.37 -28.36
C ALA I 413 -33.80 52.20 -28.72
N VAL I 414 -33.22 51.16 -29.31
CA VAL I 414 -34.00 49.99 -29.69
C VAL I 414 -34.55 49.30 -28.44
N ALA I 415 -33.76 49.29 -27.36
CA ALA I 415 -34.24 48.69 -26.11
C ALA I 415 -35.42 49.48 -25.55
N ARG I 416 -35.36 50.81 -25.61
CA ARG I 416 -36.48 51.62 -25.13
C ARG I 416 -37.74 51.34 -25.93
N LYS I 417 -37.62 51.30 -27.27
CA LYS I 417 -38.81 51.03 -28.06
C LYS I 417 -39.30 49.60 -27.87
N LEU I 418 -38.40 48.66 -27.59
CA LEU I 418 -38.81 47.31 -27.29
C LEU I 418 -39.58 47.25 -25.97
N ARG I 419 -39.16 48.05 -24.99
CA ARG I 419 -39.91 48.12 -23.74
C ARG I 419 -41.29 48.72 -23.97
N GLU I 420 -41.39 49.70 -24.87
CA GLU I 420 -42.70 50.22 -25.25
C GLU I 420 -43.55 49.12 -25.86
N TYR I 421 -42.95 48.31 -26.73
CA TYR I 421 -43.67 47.17 -27.32
C TYR I 421 -44.12 46.20 -26.24
N ALA I 422 -43.27 45.95 -25.24
CA ALA I 422 -43.62 45.08 -24.14
C ALA I 422 -44.83 45.62 -23.39
N LYS I 423 -44.83 46.93 -23.13
CA LYS I 423 -46.01 47.56 -22.54
C LYS I 423 -47.24 47.37 -23.42
N SER I 424 -47.06 47.39 -24.74
CA SER I 424 -48.18 47.16 -25.64
C SER I 424 -48.68 45.72 -25.53
N LEU I 425 -47.77 44.75 -25.60
CA LEU I 425 -48.16 43.34 -25.60
C LEU I 425 -48.47 42.88 -24.17
N SER I 426 -48.99 41.65 -24.07
CA SER I 426 -49.32 41.05 -22.79
C SER I 426 -49.10 39.54 -22.89
N GLY I 427 -48.95 38.93 -21.72
CA GLY I 427 -48.71 37.50 -21.61
C GLY I 427 -47.26 37.21 -21.23
N LYS I 428 -46.92 35.94 -21.27
CA LYS I 428 -45.56 35.50 -20.95
C LYS I 428 -44.58 35.78 -22.08
N GLU I 429 -45.04 36.24 -23.24
CA GLU I 429 -44.14 36.77 -24.25
C GLU I 429 -43.58 38.13 -23.88
N GLN I 430 -44.28 38.89 -23.03
CA GLN I 430 -43.77 40.17 -22.58
C GLN I 430 -42.47 39.98 -21.79
N LEU I 431 -42.40 38.91 -21.00
CA LEU I 431 -41.18 38.62 -20.27
C LEU I 431 -40.02 38.36 -21.21
N ALA I 432 -40.26 37.62 -22.29
CA ALA I 432 -39.20 37.37 -23.27
C ALA I 432 -38.80 38.66 -23.98
N ILE I 433 -39.76 39.54 -24.27
CA ILE I 433 -39.43 40.80 -24.92
C ILE I 433 -38.54 41.63 -24.00
N GLU I 434 -38.88 41.68 -22.71
CA GLU I 434 -38.06 42.40 -21.74
C GLU I 434 -36.68 41.78 -21.63
N ALA I 435 -36.61 40.45 -21.71
CA ALA I 435 -35.33 39.77 -21.73
C ALA I 435 -34.48 40.23 -22.91
N PHE I 436 -35.09 40.31 -24.09
CA PHE I 436 -34.36 40.77 -25.27
C PHE I 436 -33.90 42.21 -25.09
N ALA I 437 -34.74 43.05 -24.49
CA ALA I 437 -34.38 44.44 -24.27
C ALA I 437 -33.17 44.55 -23.34
N ASP I 438 -33.17 43.79 -22.25
CA ASP I 438 -32.03 43.84 -21.33
C ASP I 438 -30.77 43.29 -21.99
N ALA I 439 -30.90 42.21 -22.76
CA ALA I 439 -29.74 41.67 -23.45
C ALA I 439 -29.18 42.67 -24.45
N LEU I 440 -30.06 43.46 -25.08
CA LEU I 440 -29.59 44.48 -26.02
C LEU I 440 -28.94 45.63 -25.28
N GLU I 441 -29.43 45.97 -24.09
CA GLU I 441 -28.77 46.97 -23.26
C GLU I 441 -27.41 46.49 -22.75
N GLU I 442 -27.19 45.17 -22.73
CA GLU I 442 -25.90 44.66 -22.26
C GLU I 442 -24.72 45.19 -23.06
N ILE I 443 -24.91 45.48 -24.36
CA ILE I 443 -23.80 45.98 -25.17
C ILE I 443 -23.29 47.33 -24.66
N PRO I 444 -24.13 48.35 -24.43
CA PRO I 444 -23.60 49.59 -23.85
C PRO I 444 -22.95 49.39 -22.50
N ARG I 445 -23.44 48.45 -21.70
CA ARG I 445 -22.80 48.16 -20.42
C ARG I 445 -21.37 47.68 -20.62
N THR I 446 -21.15 46.76 -21.56
CA THR I 446 -19.81 46.28 -21.85
C THR I 446 -18.94 47.41 -22.39
N LEU I 447 -19.48 48.21 -23.30
CA LEU I 447 -18.71 49.29 -23.90
C LEU I 447 -18.28 50.30 -22.85
N ALA I 448 -19.12 50.55 -21.85
CA ALA I 448 -18.73 51.43 -20.75
C ALA I 448 -17.72 50.76 -19.84
N GLU I 449 -17.89 49.46 -19.58
CA GLU I 449 -16.98 48.77 -18.68
C GLU I 449 -15.56 48.75 -19.22
N ASN I 450 -15.41 48.47 -20.52
CA ASN I 450 -14.07 48.51 -21.12
C ASN I 450 -13.50 49.92 -21.17
N ALA I 451 -14.35 50.94 -21.17
CA ALA I 451 -13.89 52.32 -21.17
C ALA I 451 -13.46 52.82 -19.80
N GLY I 452 -13.70 52.06 -18.74
CA GLY I 452 -13.32 52.42 -17.40
C GLY I 452 -14.44 53.02 -16.56
N LEU I 453 -15.49 53.51 -17.19
CA LEU I 453 -16.61 54.07 -16.44
C LEU I 453 -17.35 52.95 -15.71
N ASP I 454 -18.08 53.34 -14.67
CA ASP I 454 -18.90 52.37 -13.96
C ASP I 454 -20.11 51.99 -14.82
N PRO I 455 -20.46 50.70 -14.90
CA PRO I 455 -21.47 50.32 -15.91
C PRO I 455 -22.88 50.74 -15.54
N ILE I 456 -23.27 50.58 -14.28
CA ILE I 456 -24.66 50.83 -13.91
C ILE I 456 -24.98 52.31 -13.99
N ASP I 457 -24.08 53.15 -13.47
CA ASP I 457 -24.34 54.59 -13.43
C ASP I 457 -24.48 55.15 -14.85
N THR I 458 -23.57 54.76 -15.74
CA THR I 458 -23.63 55.30 -17.09
C THR I 458 -24.76 54.69 -17.91
N LEU I 459 -25.13 53.44 -17.62
CA LEU I 459 -26.29 52.87 -18.30
C LEU I 459 -27.55 53.61 -17.87
N VAL I 460 -27.66 53.92 -16.58
CA VAL I 460 -28.82 54.68 -16.10
C VAL I 460 -28.82 56.07 -16.70
N GLN I 461 -27.65 56.69 -16.81
CA GLN I 461 -27.58 58.01 -17.44
C GLN I 461 -28.01 57.94 -18.90
N LEU I 462 -27.60 56.89 -19.61
CA LEU I 462 -28.00 56.74 -21.01
C LEU I 462 -29.51 56.54 -21.12
N ARG I 463 -30.08 55.70 -20.25
CA ARG I 463 -31.52 55.48 -20.27
C ARG I 463 -32.27 56.78 -20.00
N ALA I 464 -31.81 57.55 -19.02
CA ALA I 464 -32.43 58.83 -18.72
C ALA I 464 -32.33 59.79 -19.90
N ALA I 465 -31.16 59.83 -20.54
CA ALA I 465 -30.97 60.72 -21.67
C ALA I 465 -31.89 60.35 -22.83
N HIS I 466 -32.08 59.06 -23.06
CA HIS I 466 -33.00 58.64 -24.11
C HIS I 466 -34.45 58.85 -23.72
N GLU I 467 -34.76 58.89 -22.42
CA GLU I 467 -36.11 59.19 -21.99
C GLU I 467 -36.50 60.66 -22.20
N GLU I 468 -35.54 61.53 -22.52
CA GLU I 468 -35.85 62.93 -22.79
C GLU I 468 -36.12 63.21 -24.26
N GLY I 469 -36.18 62.19 -25.11
CA GLY I 469 -36.49 62.34 -26.51
C GLY I 469 -35.27 62.42 -27.41
N ASP I 470 -34.11 62.77 -26.86
CA ASP I 470 -32.89 62.74 -27.65
C ASP I 470 -32.48 61.29 -27.91
N LYS I 471 -31.92 61.05 -29.09
CA LYS I 471 -31.67 59.70 -29.58
C LYS I 471 -30.18 59.40 -29.79
N ASN I 472 -29.32 60.41 -29.74
CA ASN I 472 -27.93 60.26 -30.15
C ASN I 472 -26.94 60.24 -29.00
N ILE I 473 -27.39 60.35 -27.75
CA ILE I 473 -26.47 60.33 -26.62
C ILE I 473 -25.99 58.89 -26.43
N GLY I 474 -24.68 58.71 -26.41
CA GLY I 474 -24.05 57.41 -26.30
C GLY I 474 -22.90 57.43 -25.31
N ILE I 475 -21.93 56.56 -25.55
CA ILE I 475 -20.70 56.49 -24.79
C ILE I 475 -19.54 56.63 -25.76
N ASP I 476 -18.65 57.57 -25.48
CA ASP I 476 -17.45 57.82 -26.29
C ASP I 476 -16.28 57.45 -25.38
N CYS I 477 -15.58 56.37 -25.73
CA CYS I 477 -14.51 55.88 -24.88
C CYS I 477 -13.19 56.63 -25.07
N LEU I 478 -13.04 57.41 -26.15
CA LEU I 478 -11.86 58.23 -26.29
C LEU I 478 -11.84 59.35 -25.25
N THR I 479 -12.96 60.08 -25.14
CA THR I 479 -13.08 61.10 -24.12
C THR I 479 -13.47 60.53 -22.76
N GLY I 480 -13.93 59.28 -22.71
CA GLY I 480 -14.27 58.66 -21.44
C GLY I 480 -15.40 59.35 -20.71
N GLU I 481 -16.42 59.77 -21.44
CA GLU I 481 -17.62 60.37 -20.86
C GLU I 481 -18.83 59.85 -21.62
N VAL I 482 -19.99 60.42 -21.32
CA VAL I 482 -21.21 60.24 -22.11
C VAL I 482 -21.47 61.54 -22.84
N ALA I 483 -21.66 61.45 -24.15
CA ALA I 483 -21.86 62.65 -24.96
C ALA I 483 -22.64 62.29 -26.21
N ASP I 484 -23.07 63.32 -26.92
CA ASP I 484 -23.73 63.13 -28.20
C ASP I 484 -22.76 62.53 -29.21
N MET I 485 -23.18 61.42 -29.84
CA MET I 485 -22.29 60.69 -30.75
C MET I 485 -22.13 61.41 -32.08
N LEU I 486 -23.21 62.02 -32.60
CA LEU I 486 -23.13 62.66 -33.90
C LEU I 486 -22.13 63.81 -33.92
N GLU I 487 -22.07 64.60 -32.84
CA GLU I 487 -21.05 65.64 -32.76
C GLU I 487 -19.69 65.10 -32.39
N ALA I 488 -19.60 63.90 -31.82
CA ALA I 488 -18.33 63.28 -31.49
C ALA I 488 -17.75 62.44 -32.62
N GLY I 489 -18.46 62.32 -33.74
CA GLY I 489 -17.95 61.49 -34.83
C GLY I 489 -17.85 60.03 -34.49
N VAL I 490 -18.87 59.49 -33.83
CA VAL I 490 -18.94 58.07 -33.47
C VAL I 490 -20.23 57.54 -34.08
N ILE I 491 -20.13 57.03 -35.31
CA ILE I 491 -21.30 56.55 -36.05
C ILE I 491 -20.90 55.32 -36.85
N ASP I 492 -21.73 54.28 -36.78
CA ASP I 492 -21.47 52.99 -37.40
C ASP I 492 -22.54 52.73 -38.46
N PRO I 493 -22.25 51.92 -39.49
CA PRO I 493 -23.27 51.66 -40.51
C PRO I 493 -24.47 50.95 -39.91
N ALA I 494 -25.65 51.28 -40.46
CA ALA I 494 -26.86 50.64 -39.98
C ALA I 494 -26.82 49.14 -40.23
N ALA I 495 -26.49 48.74 -41.47
CA ALA I 495 -26.56 47.34 -41.86
C ALA I 495 -25.67 46.46 -41.00
N VAL I 496 -24.56 46.98 -40.50
CA VAL I 496 -23.71 46.22 -39.59
C VAL I 496 -24.49 45.87 -38.33
N LYS I 497 -25.20 46.85 -37.76
CA LYS I 497 -25.96 46.58 -36.54
C LYS I 497 -27.16 45.67 -36.82
N LYS I 498 -27.81 45.85 -37.96
CA LYS I 498 -28.90 44.93 -38.33
C LYS I 498 -28.40 43.50 -38.38
N GLN I 499 -27.29 43.27 -39.08
CA GLN I 499 -26.76 41.92 -39.17
C GLN I 499 -26.25 41.42 -37.83
N ALA I 500 -25.73 42.33 -36.98
CA ALA I 500 -25.30 41.92 -35.65
C ALA I 500 -26.47 41.37 -34.85
N ILE I 501 -27.59 42.10 -34.83
CA ILE I 501 -28.77 41.64 -34.12
C ILE I 501 -29.28 40.34 -34.71
N LYS I 502 -29.31 40.24 -36.03
CA LYS I 502 -29.82 39.02 -36.68
C LYS I 502 -28.96 37.81 -36.32
N SER I 503 -27.65 37.93 -36.43
CA SER I 503 -26.77 36.82 -36.14
C SER I 503 -26.86 36.43 -34.67
N ALA I 504 -26.94 37.42 -33.78
CA ALA I 504 -27.08 37.11 -32.37
C ALA I 504 -28.38 36.35 -32.10
N THR I 505 -29.46 36.77 -32.75
CA THR I 505 -30.73 36.08 -32.60
C THR I 505 -30.65 34.64 -33.05
N GLU I 506 -30.03 34.41 -34.19
CA GLU I 506 -29.97 33.06 -34.76
C GLU I 506 -29.03 32.21 -33.93
N ALA I 507 -27.99 32.78 -33.34
CA ALA I 507 -27.11 32.04 -32.46
C ALA I 507 -27.84 31.63 -31.18
N ALA I 508 -28.49 32.58 -30.53
CA ALA I 508 -29.18 32.28 -29.28
C ALA I 508 -30.29 31.26 -29.51
N THR I 509 -31.07 31.43 -30.59
CA THR I 509 -32.17 30.52 -30.86
C THR I 509 -31.67 29.11 -31.12
N MET I 510 -30.72 28.95 -32.03
CA MET I 510 -30.28 27.61 -32.39
C MET I 510 -29.42 26.97 -31.30
N ILE I 511 -28.89 27.75 -30.36
CA ILE I 511 -28.24 27.14 -29.19
C ILE I 511 -29.28 26.75 -28.16
N LEU I 512 -30.40 27.48 -28.10
CA LEU I 512 -31.47 27.09 -27.19
C LEU I 512 -32.21 25.85 -27.69
N ARG I 513 -32.30 25.67 -29.00
CA ARG I 513 -33.06 24.55 -29.55
C ARG I 513 -32.41 23.20 -29.31
N ILE I 514 -31.15 23.15 -28.91
CA ILE I 514 -30.49 21.88 -28.63
C ILE I 514 -30.94 21.39 -27.26
N ASP I 515 -30.97 20.06 -27.10
CA ASP I 515 -31.32 19.42 -25.84
C ASP I 515 -30.17 18.63 -25.25
N ASP I 516 -29.56 17.72 -25.99
CA ASP I 516 -28.54 16.85 -25.44
C ASP I 516 -27.49 16.48 -26.48
N ILE I 517 -26.32 16.13 -25.98
CA ILE I 517 -25.18 15.69 -26.77
C ILE I 517 -25.26 14.17 -26.89
N ILE I 518 -25.17 13.65 -28.11
CA ILE I 518 -25.18 12.21 -28.35
C ILE I 518 -23.99 11.84 -29.24
N PRO I 519 -23.42 10.63 -29.13
CA PRO I 519 -22.32 10.28 -30.03
C PRO I 519 -22.85 9.97 -31.43
N ALA I 520 -22.25 10.60 -32.44
CA ALA I 520 -22.66 10.42 -33.83
C ALA I 520 -21.67 9.52 -34.55
N LYS I 521 -22.20 8.61 -35.36
CA LYS I 521 -21.35 7.70 -36.11
C LYS I 521 -20.46 8.50 -37.05
N ALA I 522 -19.17 8.19 -37.02
CA ALA I 522 -18.22 8.90 -37.87
C ALA I 522 -18.34 8.38 -39.30
N PRO I 523 -18.34 9.24 -40.32
CA PRO I 523 -18.38 8.73 -41.70
C PRO I 523 -17.08 8.01 -42.04
N THR I 524 -17.20 6.79 -42.53
CA THR I 524 -16.04 5.98 -42.90
C THR I 524 -15.48 6.42 -44.24
N ASP J 19 -33.07 -9.92 -16.28
CA ASP J 19 -34.25 -9.46 -17.06
C ASP J 19 -33.79 -8.76 -18.35
N ALA J 20 -33.32 -9.56 -19.30
CA ALA J 20 -32.80 -9.01 -20.53
C ALA J 20 -33.89 -8.39 -21.39
N ARG J 21 -35.12 -8.90 -21.28
CA ARG J 21 -36.23 -8.23 -21.95
C ARG J 21 -36.45 -6.85 -21.35
N LYS J 22 -36.32 -6.72 -20.03
CA LYS J 22 -36.37 -5.40 -19.41
C LYS J 22 -35.24 -4.52 -19.90
N ASN J 23 -34.05 -5.10 -20.11
CA ASN J 23 -32.93 -4.32 -20.63
C ASN J 23 -33.23 -3.80 -22.04
N ASN J 24 -33.76 -4.66 -22.91
CA ASN J 24 -34.11 -4.24 -24.26
C ASN J 24 -35.20 -3.17 -24.24
N ILE J 25 -36.19 -3.34 -23.36
CA ILE J 25 -37.25 -2.36 -23.21
C ILE J 25 -36.66 -1.03 -22.75
N ALA J 26 -35.67 -1.07 -21.86
CA ALA J 26 -35.03 0.15 -21.39
C ALA J 26 -34.27 0.85 -22.50
N ALA J 27 -33.59 0.08 -23.35
CA ALA J 27 -32.87 0.70 -24.47
C ALA J 27 -33.84 1.36 -25.45
N ALA J 28 -34.91 0.65 -25.80
CA ALA J 28 -35.93 1.23 -26.68
C ALA J 28 -36.58 2.45 -26.04
N ARG J 29 -36.78 2.39 -24.71
CA ARG J 29 -37.29 3.53 -23.97
C ARG J 29 -36.36 4.72 -24.09
N ALA J 30 -35.06 4.49 -23.95
CA ALA J 30 -34.09 5.58 -24.02
C ALA J 30 -34.12 6.24 -25.38
N ILE J 31 -34.17 5.43 -26.45
CA ILE J 31 -34.21 6.01 -27.78
C ILE J 31 -35.52 6.74 -28.02
N ALA J 32 -36.63 6.17 -27.53
CA ALA J 32 -37.92 6.82 -27.69
C ALA J 32 -37.93 8.17 -27.01
N ASP J 33 -37.41 8.24 -25.78
CA ASP J 33 -37.37 9.52 -25.08
C ASP J 33 -36.39 10.49 -25.73
N MET J 34 -35.31 9.99 -26.31
CA MET J 34 -34.37 10.84 -27.01
C MET J 34 -35.02 11.52 -28.21
N VAL J 35 -35.75 10.75 -29.01
CA VAL J 35 -36.38 11.28 -30.22
C VAL J 35 -37.76 11.87 -29.95
N LYS J 36 -38.27 11.75 -28.72
CA LYS J 36 -39.58 12.31 -28.39
C LYS J 36 -39.60 13.82 -28.54
N THR J 37 -38.52 14.48 -28.12
CA THR J 37 -38.51 15.94 -28.06
C THR J 37 -38.50 16.61 -29.43
N THR J 38 -38.31 15.85 -30.52
CA THR J 38 -38.24 16.41 -31.86
C THR J 38 -39.48 16.12 -32.69
N LEU J 39 -40.61 15.85 -32.04
CA LEU J 39 -41.86 15.55 -32.73
C LEU J 39 -42.72 16.82 -32.73
N GLY J 40 -42.77 17.50 -33.88
CA GLY J 40 -43.69 18.58 -34.08
C GLY J 40 -43.07 19.81 -34.72
N PRO J 41 -43.89 20.84 -34.95
CA PRO J 41 -43.35 22.11 -35.46
C PRO J 41 -42.27 22.70 -34.59
N ARG J 42 -42.44 22.62 -33.27
CA ARG J 42 -41.51 23.21 -32.31
C ARG J 42 -40.51 22.19 -31.79
N GLY J 43 -40.14 21.24 -32.63
CA GLY J 43 -39.23 20.19 -32.22
C GLY J 43 -37.88 20.73 -31.83
N MET J 44 -37.53 20.56 -30.56
CA MET J 44 -36.21 20.95 -30.09
C MET J 44 -35.17 20.13 -30.83
N ASN J 45 -34.32 20.81 -31.60
CA ASN J 45 -33.38 20.09 -32.46
C ASN J 45 -32.36 19.32 -31.63
N LYS J 46 -31.69 18.38 -32.29
CA LYS J 46 -30.69 17.51 -31.69
C LYS J 46 -29.34 17.77 -32.36
N MET J 47 -28.28 17.50 -31.62
CA MET J 47 -26.92 17.86 -32.02
C MET J 47 -26.10 16.58 -32.13
N LEU J 48 -25.68 16.25 -33.35
CA LEU J 48 -24.94 15.02 -33.63
C LEU J 48 -23.45 15.35 -33.72
N VAL J 49 -22.67 14.88 -32.75
CA VAL J 49 -21.23 15.09 -32.69
C VAL J 49 -20.55 13.73 -32.78
N ASN J 50 -19.49 13.65 -33.61
CA ASN J 50 -18.74 12.43 -33.85
C ASN J 50 -17.30 12.62 -33.40
N SER J 51 -16.57 11.51 -33.37
CA SER J 51 -15.17 11.55 -32.93
C SER J 51 -14.32 12.44 -33.83
N LEU J 52 -14.67 12.52 -35.11
CA LEU J 52 -13.97 13.44 -36.02
C LEU J 52 -14.24 14.90 -35.69
N GLY J 53 -15.25 15.20 -34.89
CA GLY J 53 -15.56 16.57 -34.51
C GLY J 53 -16.56 17.26 -35.40
N ASP J 54 -16.94 16.66 -36.53
CA ASP J 54 -17.94 17.26 -37.40
C ASP J 54 -19.28 17.25 -36.66
N VAL J 55 -20.06 18.32 -36.84
CA VAL J 55 -21.33 18.51 -36.17
C VAL J 55 -22.38 18.90 -37.20
N THR J 56 -23.55 18.27 -37.13
CA THR J 56 -24.71 18.63 -37.93
C THR J 56 -25.92 18.74 -37.03
N ILE J 57 -26.63 19.87 -37.12
CA ILE J 57 -27.85 20.09 -36.35
C ILE J 57 -29.03 19.63 -37.20
N THR J 58 -29.82 18.70 -36.67
CA THR J 58 -30.96 18.13 -37.36
C THR J 58 -32.13 18.01 -36.40
N ASN J 59 -33.33 17.89 -36.96
CA ASN J 59 -34.53 17.61 -36.18
C ASN J 59 -35.41 16.53 -36.78
N ASP J 60 -35.31 16.25 -38.09
CA ASP J 60 -35.96 15.07 -38.64
C ASP J 60 -35.41 13.82 -37.96
N GLY J 61 -36.31 13.04 -37.35
CA GLY J 61 -35.90 11.84 -36.65
C GLY J 61 -35.17 10.84 -37.52
N ALA J 62 -35.32 10.94 -38.83
CA ALA J 62 -34.63 10.03 -39.73
C ALA J 62 -33.12 10.11 -39.55
N THR J 63 -32.55 11.32 -39.63
CA THR J 63 -31.12 11.47 -39.43
C THR J 63 -30.71 11.02 -38.03
N ILE J 64 -31.56 11.29 -37.05
CA ILE J 64 -31.20 11.03 -35.66
C ILE J 64 -31.10 9.53 -35.44
N LEU J 65 -31.95 8.75 -36.10
CA LEU J 65 -31.86 7.30 -36.04
C LEU J 65 -30.79 6.75 -36.98
N GLU J 66 -30.39 7.51 -37.97
CA GLU J 66 -29.41 7.00 -38.94
C GLU J 66 -28.01 7.09 -38.34
N GLU J 67 -27.49 8.28 -38.10
CA GLU J 67 -26.11 8.45 -37.65
C GLU J 67 -25.97 8.72 -36.15
N MET J 68 -26.68 7.96 -35.33
CA MET J 68 -26.40 7.82 -33.91
C MET J 68 -25.71 6.49 -33.62
N ASP J 69 -24.85 6.50 -32.60
CA ASP J 69 -24.18 5.29 -32.15
C ASP J 69 -25.10 4.46 -31.27
N ILE J 70 -25.18 3.16 -31.55
CA ILE J 70 -25.94 2.23 -30.73
C ILE J 70 -25.13 0.95 -30.58
N GLU J 71 -24.68 0.67 -29.36
CA GLU J 71 -24.08 -0.63 -29.06
C GLU J 71 -25.14 -1.67 -28.72
N HIS J 72 -26.31 -1.24 -28.24
CA HIS J 72 -27.33 -2.20 -27.80
C HIS J 72 -28.02 -2.82 -29.00
N PRO J 73 -28.08 -4.17 -29.10
CA PRO J 73 -28.64 -4.77 -30.34
C PRO J 73 -30.14 -4.55 -30.49
N ALA J 74 -30.87 -4.65 -29.38
CA ALA J 74 -32.30 -4.43 -29.42
C ALA J 74 -32.63 -3.03 -29.92
N ALA J 75 -31.83 -2.05 -29.51
CA ALA J 75 -31.94 -0.73 -30.10
C ALA J 75 -31.51 -0.73 -31.56
N LYS J 76 -30.50 -1.53 -31.90
CA LYS J 76 -30.02 -1.59 -33.27
C LYS J 76 -31.09 -2.08 -34.23
N MET J 77 -32.09 -2.82 -33.74
CA MET J 77 -33.23 -3.13 -34.59
C MET J 77 -33.98 -1.88 -35.03
N LEU J 78 -34.03 -0.85 -34.18
CA LEU J 78 -34.81 0.33 -34.55
C LEU J 78 -34.20 1.05 -35.76
N LYS J 79 -32.90 0.83 -36.03
CA LYS J 79 -32.35 1.21 -37.33
C LYS J 79 -33.18 0.61 -38.45
N GLU J 80 -33.44 -0.69 -38.38
CA GLU J 80 -34.16 -1.37 -39.45
C GLU J 80 -35.61 -0.88 -39.50
N VAL J 81 -36.20 -0.64 -38.34
CA VAL J 81 -37.57 -0.13 -38.31
C VAL J 81 -37.65 1.22 -39.01
N ALA J 82 -36.73 2.13 -38.68
CA ALA J 82 -36.74 3.44 -39.31
C ALA J 82 -36.43 3.35 -40.79
N LYS J 83 -35.52 2.46 -41.18
CA LYS J 83 -35.20 2.28 -42.60
C LYS J 83 -36.43 1.82 -43.37
N ALA J 84 -37.17 0.86 -42.81
CA ALA J 84 -38.38 0.40 -43.48
C ALA J 84 -39.41 1.52 -43.56
N GLN J 85 -39.54 2.30 -42.50
CA GLN J 85 -40.50 3.41 -42.51
C GLN J 85 -40.16 4.39 -43.61
N GLU J 86 -38.88 4.76 -43.71
CA GLU J 86 -38.46 5.70 -44.75
C GLU J 86 -38.69 5.09 -46.13
N GLU J 87 -38.46 3.78 -46.27
CA GLU J 87 -38.59 3.15 -47.57
C GLU J 87 -40.04 3.17 -48.04
N GLU J 88 -40.98 2.71 -47.21
CA GLU J 88 -42.37 2.64 -47.67
C GLU J 88 -43.00 4.03 -47.69
N ALA J 89 -42.96 4.76 -46.57
CA ALA J 89 -43.72 5.99 -46.42
C ALA J 89 -42.89 7.23 -46.75
N GLY J 90 -41.68 7.33 -46.22
CA GLY J 90 -40.87 8.52 -46.37
C GLY J 90 -41.17 9.61 -45.37
N ASP J 91 -42.16 9.43 -44.50
CA ASP J 91 -42.47 10.39 -43.46
C ASP J 91 -43.08 9.65 -42.28
N GLY J 92 -42.66 10.01 -41.07
CA GLY J 92 -43.26 9.48 -39.86
C GLY J 92 -42.34 8.57 -39.07
N THR J 93 -41.03 8.70 -39.24
CA THR J 93 -40.11 7.89 -38.46
C THR J 93 -40.17 8.25 -36.98
N THR J 94 -40.24 9.56 -36.67
CA THR J 94 -40.30 9.95 -35.27
C THR J 94 -41.62 9.52 -34.63
N THR J 95 -42.71 9.62 -35.39
CA THR J 95 -43.99 9.13 -34.90
C THR J 95 -43.93 7.64 -34.62
N ALA J 96 -43.31 6.87 -35.52
CA ALA J 96 -43.21 5.44 -35.33
C ALA J 96 -42.39 5.11 -34.08
N VAL J 97 -41.27 5.80 -33.89
CA VAL J 97 -40.41 5.47 -32.75
C VAL J 97 -41.08 5.87 -31.44
N VAL J 98 -41.76 7.03 -31.41
CA VAL J 98 -42.43 7.43 -30.18
C VAL J 98 -43.60 6.49 -29.89
N LEU J 99 -44.31 6.05 -30.92
CA LEU J 99 -45.39 5.09 -30.70
C LEU J 99 -44.85 3.77 -30.17
N ALA J 100 -43.72 3.32 -30.70
CA ALA J 100 -43.09 2.12 -30.17
C ALA J 100 -42.70 2.31 -28.71
N GLY J 101 -42.18 3.49 -28.38
CA GLY J 101 -41.81 3.76 -26.99
C GLY J 101 -43.00 3.69 -26.06
N ALA J 102 -44.13 4.28 -26.46
CA ALA J 102 -45.31 4.26 -25.62
C ALA J 102 -45.91 2.86 -25.56
N LEU J 103 -45.83 2.12 -26.66
CA LEU J 103 -46.33 0.75 -26.66
C LEU J 103 -45.53 -0.09 -25.68
N LEU J 104 -44.21 0.09 -25.63
CA LEU J 104 -43.40 -0.67 -24.69
C LEU J 104 -43.54 -0.13 -23.27
N GLU J 105 -43.85 1.15 -23.10
CA GLU J 105 -44.27 1.66 -21.80
C GLU J 105 -45.41 0.81 -21.24
N GLU J 106 -46.50 0.74 -21.98
CA GLU J 106 -47.66 0.03 -21.46
C GLU J 106 -47.42 -1.48 -21.43
N ALA J 107 -46.59 -2.01 -22.32
CA ALA J 107 -46.25 -3.43 -22.27
C ALA J 107 -45.47 -3.77 -21.00
N GLU J 108 -44.50 -2.91 -20.63
CA GLU J 108 -43.74 -3.14 -19.41
C GLU J 108 -44.66 -3.09 -18.19
N LYS J 109 -45.59 -2.13 -18.16
CA LYS J 109 -46.52 -2.13 -17.02
C LYS J 109 -47.41 -3.37 -17.04
N LEU J 110 -47.81 -3.85 -18.21
CA LEU J 110 -48.69 -5.02 -18.25
C LEU J 110 -47.95 -6.28 -17.81
N ILE J 111 -46.65 -6.40 -18.13
CA ILE J 111 -45.90 -7.54 -17.60
C ILE J 111 -45.70 -7.37 -16.10
N GLU J 112 -45.64 -6.13 -15.61
CA GLU J 112 -45.59 -5.93 -14.16
C GLU J 112 -46.82 -6.52 -13.47
N GLN J 113 -48.00 -6.30 -14.05
CA GLN J 113 -49.22 -6.83 -13.45
C GLN J 113 -49.21 -8.36 -13.44
N GLY J 114 -48.82 -8.97 -14.56
CA GLY J 114 -48.71 -10.42 -14.64
C GLY J 114 -49.14 -11.05 -15.96
N ILE J 115 -49.61 -10.23 -16.91
CA ILE J 115 -50.02 -10.79 -18.20
C ILE J 115 -48.81 -11.37 -18.92
N HIS J 116 -48.98 -12.55 -19.48
CA HIS J 116 -47.90 -13.18 -20.23
C HIS J 116 -47.65 -12.38 -21.51
N PRO J 117 -46.40 -12.32 -22.00
CA PRO J 117 -46.14 -11.48 -23.18
C PRO J 117 -46.92 -11.85 -24.42
N THR J 118 -47.16 -13.14 -24.65
CA THR J 118 -47.86 -13.56 -25.87
C THR J 118 -49.27 -13.01 -25.91
N THR J 119 -49.93 -12.92 -24.75
CA THR J 119 -51.25 -12.30 -24.70
C THR J 119 -51.18 -10.84 -25.10
N ILE J 120 -50.10 -10.14 -24.70
CA ILE J 120 -49.97 -8.74 -25.08
C ILE J 120 -49.74 -8.62 -26.58
N ILE J 121 -48.96 -9.53 -27.15
CA ILE J 121 -48.73 -9.50 -28.59
C ILE J 121 -50.04 -9.71 -29.34
N LYS J 122 -50.84 -10.68 -28.90
CA LYS J 122 -52.12 -10.93 -29.56
C LYS J 122 -53.04 -9.73 -29.42
N GLY J 123 -53.08 -9.14 -28.23
CA GLY J 123 -53.89 -7.96 -28.02
C GLY J 123 -53.47 -6.81 -28.92
N TYR J 124 -52.16 -6.58 -29.04
CA TYR J 124 -51.66 -5.51 -29.88
C TYR J 124 -51.97 -5.76 -31.34
N ARG J 125 -51.87 -7.01 -31.79
CA ARG J 125 -52.21 -7.35 -33.17
C ARG J 125 -53.67 -7.01 -33.46
N LYS J 126 -54.58 -7.43 -32.57
CA LYS J 126 -55.98 -7.09 -32.78
C LYS J 126 -56.20 -5.58 -32.71
N ALA J 127 -55.50 -4.93 -31.76
CA ALA J 127 -55.62 -3.49 -31.61
C ALA J 127 -55.25 -2.78 -32.90
N VAL J 128 -54.23 -3.27 -33.58
CA VAL J 128 -53.70 -2.54 -34.72
C VAL J 128 -54.47 -2.88 -35.99
N ASP J 129 -54.99 -4.10 -36.11
CA ASP J 129 -55.95 -4.36 -37.18
C ASP J 129 -57.13 -3.40 -37.07
N LYS J 130 -57.73 -3.31 -35.88
CA LYS J 130 -58.86 -2.39 -35.75
C LYS J 130 -58.42 -0.94 -35.87
N ALA J 131 -57.19 -0.61 -35.47
CA ALA J 131 -56.74 0.77 -35.58
C ALA J 131 -56.59 1.19 -37.04
N LEU J 132 -56.04 0.30 -37.88
CA LEU J 132 -55.97 0.58 -39.31
C LEU J 132 -57.37 0.73 -39.89
N GLU J 133 -58.31 -0.12 -39.46
CA GLU J 133 -59.68 0.03 -39.95
C GLU J 133 -60.28 1.38 -39.52
N VAL J 134 -60.07 1.76 -38.26
CA VAL J 134 -60.63 3.01 -37.76
C VAL J 134 -60.05 4.19 -38.53
N LEU J 135 -58.74 4.18 -38.74
CA LEU J 135 -58.10 5.26 -39.48
C LEU J 135 -58.58 5.29 -40.92
N GLU J 136 -58.92 4.14 -41.50
CA GLU J 136 -59.50 4.13 -42.83
C GLU J 136 -60.85 4.84 -42.83
N GLU J 137 -61.67 4.58 -41.80
CA GLU J 137 -63.01 5.19 -41.80
C GLU J 137 -62.94 6.69 -41.53
N VAL J 138 -62.13 7.09 -40.55
CA VAL J 138 -62.16 8.49 -40.11
C VAL J 138 -61.57 9.41 -41.16
N ALA J 139 -60.67 8.92 -42.00
CA ALA J 139 -59.93 9.80 -42.90
C ALA J 139 -60.86 10.49 -43.90
N ILE J 140 -60.65 11.79 -44.06
CA ILE J 140 -61.46 12.62 -44.96
C ILE J 140 -60.83 12.52 -46.36
N PRO J 141 -61.59 12.37 -47.44
CA PRO J 141 -60.95 12.25 -48.75
C PRO J 141 -60.64 13.61 -49.37
N VAL J 142 -59.70 13.60 -50.30
CA VAL J 142 -59.22 14.80 -50.96
C VAL J 142 -59.10 14.53 -52.46
N ASP J 143 -59.55 15.48 -53.27
CA ASP J 143 -59.34 15.44 -54.71
C ASP J 143 -58.00 16.08 -55.05
N PRO J 144 -57.45 15.80 -56.22
CA PRO J 144 -56.15 16.40 -56.59
C PRO J 144 -56.23 17.80 -57.18
N ASP J 145 -57.38 18.48 -57.07
CA ASP J 145 -57.56 19.82 -57.62
C ASP J 145 -57.91 20.87 -56.57
N ASP J 146 -58.12 20.48 -55.31
CA ASP J 146 -58.42 21.45 -54.25
C ASP J 146 -57.10 22.04 -53.77
N GLU J 147 -56.74 23.19 -54.33
CA GLU J 147 -55.40 23.75 -54.14
C GLU J 147 -55.12 24.04 -52.67
N GLU J 148 -56.11 24.55 -51.94
CA GLU J 148 -55.90 24.88 -50.54
C GLU J 148 -55.58 23.63 -49.73
N THR J 149 -56.25 22.50 -50.02
CA THR J 149 -55.98 21.28 -49.28
C THR J 149 -54.57 20.76 -49.54
N LEU J 150 -54.13 20.78 -50.80
CA LEU J 150 -52.77 20.36 -51.10
C LEU J 150 -51.76 21.28 -50.42
N LYS J 151 -52.02 22.59 -50.41
CA LYS J 151 -51.14 23.51 -49.73
C LYS J 151 -51.07 23.21 -48.23
N ALA J 152 -52.23 22.90 -47.63
CA ALA J 152 -52.25 22.57 -46.21
C ALA J 152 -51.45 21.31 -45.93
N VAL J 153 -51.60 20.29 -46.77
CA VAL J 153 -50.83 19.06 -46.58
C VAL J 153 -49.34 19.35 -46.71
N ALA J 154 -48.96 20.13 -47.72
CA ALA J 154 -47.55 20.46 -47.92
C ALA J 154 -46.99 21.24 -46.74
N ARG J 155 -47.77 22.17 -46.20
CA ARG J 155 -47.29 22.94 -45.06
C ARG J 155 -47.17 22.07 -43.81
N THR J 156 -48.13 21.19 -43.59
CA THR J 156 -48.08 20.31 -42.42
C THR J 156 -46.85 19.41 -42.47
N ALA J 157 -46.57 18.84 -43.64
CA ALA J 157 -45.40 17.98 -43.75
C ALA J 157 -44.11 18.79 -43.67
N MET J 158 -44.06 19.88 -44.43
CA MET J 158 -42.89 20.77 -44.45
C MET J 158 -42.59 21.30 -43.06
N THR J 159 -43.60 21.38 -42.20
CA THR J 159 -43.43 21.82 -40.83
C THR J 159 -42.38 20.98 -40.10
N GLY J 160 -41.81 21.58 -39.06
CA GLY J 160 -40.83 20.92 -38.22
C GLY J 160 -39.43 21.48 -38.37
N LYS J 161 -39.05 21.80 -39.60
CA LYS J 161 -37.65 22.03 -39.94
C LYS J 161 -37.42 23.36 -40.63
N ALA J 162 -38.34 23.79 -41.49
CA ALA J 162 -38.19 25.06 -42.18
C ALA J 162 -38.42 26.22 -41.22
N SER J 163 -37.73 27.32 -41.48
CA SER J 163 -37.91 28.52 -40.66
C SER J 163 -39.32 29.07 -40.83
N GLU J 164 -39.80 29.73 -39.78
CA GLU J 164 -41.19 30.20 -39.77
C GLU J 164 -41.47 31.24 -40.84
N GLU J 165 -40.44 31.93 -41.34
CA GLU J 165 -40.67 33.00 -42.30
C GLU J 165 -41.05 32.47 -43.67
N ASN J 166 -40.35 31.44 -44.16
CA ASN J 166 -40.46 31.00 -45.54
C ASN J 166 -41.37 29.78 -45.71
N ARG J 167 -42.29 29.56 -44.77
CA ARG J 167 -43.20 28.43 -44.88
C ARG J 167 -44.14 28.58 -46.07
N GLU J 168 -44.81 29.74 -46.17
CA GLU J 168 -45.73 29.97 -47.27
C GLU J 168 -45.02 29.89 -48.61
N GLU J 169 -43.83 30.50 -48.68
CA GLU J 169 -43.07 30.52 -49.92
C GLU J 169 -42.74 29.12 -50.40
N ILE J 170 -42.10 28.32 -49.55
CA ILE J 170 -41.62 27.02 -49.98
C ILE J 170 -42.80 26.09 -50.25
N ALA J 171 -43.89 26.24 -49.50
CA ALA J 171 -45.09 25.45 -49.80
C ALA J 171 -45.64 25.81 -51.18
N ASP J 172 -45.65 27.11 -51.50
CA ASP J 172 -46.11 27.53 -52.82
C ASP J 172 -45.24 26.94 -53.92
N LEU J 173 -43.91 26.98 -53.74
CA LEU J 173 -43.04 26.41 -54.75
C LEU J 173 -43.23 24.90 -54.84
N VAL J 174 -43.50 24.25 -53.71
CA VAL J 174 -43.70 22.80 -53.71
C VAL J 174 -44.90 22.44 -54.57
N VAL J 175 -46.05 23.09 -54.31
CA VAL J 175 -47.24 22.75 -55.07
C VAL J 175 -47.09 23.17 -56.53
N GLU J 176 -46.40 24.28 -56.78
CA GLU J 176 -46.18 24.73 -58.16
C GLU J 176 -45.35 23.70 -58.92
N ALA J 177 -44.27 23.22 -58.31
CA ALA J 177 -43.44 22.22 -58.96
C ALA J 177 -44.20 20.91 -59.17
N VAL J 178 -45.00 20.51 -58.17
CA VAL J 178 -45.74 19.26 -58.28
C VAL J 178 -46.74 19.33 -59.43
N LEU J 179 -47.43 20.47 -59.57
CA LEU J 179 -48.41 20.59 -60.65
C LEU J 179 -47.73 20.75 -62.00
N SER J 180 -46.69 21.59 -62.09
CA SER J 180 -46.08 21.87 -63.39
C SER J 180 -45.33 20.66 -63.92
N LEU J 181 -44.62 19.93 -63.05
CA LEU J 181 -43.93 18.70 -63.43
C LEU J 181 -44.81 17.48 -63.25
N ALA J 182 -46.13 17.64 -63.32
CA ALA J 182 -47.05 16.53 -63.16
C ALA J 182 -47.04 15.64 -64.39
N GLU J 183 -46.20 14.61 -64.37
CA GLU J 183 -46.12 13.64 -65.46
C GLU J 183 -47.25 12.65 -65.30
N ASP J 184 -48.32 12.83 -66.08
CA ASP J 184 -49.54 12.04 -65.93
C ASP J 184 -49.28 10.62 -66.44
N GLY J 185 -48.68 9.81 -65.60
CA GLY J 185 -48.44 8.41 -65.91
C GLY J 185 -49.61 7.53 -65.52
N GLY J 186 -50.75 7.71 -66.19
CA GLY J 186 -51.94 6.95 -65.86
C GLY J 186 -52.50 7.25 -64.48
N GLY J 187 -52.56 8.52 -64.12
CA GLY J 187 -53.09 8.95 -62.83
C GLY J 187 -52.03 9.07 -61.74
N LYS J 188 -51.14 8.10 -61.64
CA LYS J 188 -50.07 8.12 -60.65
C LYS J 188 -48.94 8.98 -61.18
N TYR J 189 -48.90 10.24 -60.72
CA TYR J 189 -47.87 11.16 -61.19
C TYR J 189 -46.51 10.78 -60.63
N ARG J 190 -45.52 10.67 -61.51
CA ARG J 190 -44.17 10.26 -61.12
C ARG J 190 -43.37 11.49 -60.67
N VAL J 191 -43.81 12.05 -59.54
CA VAL J 191 -43.11 13.19 -58.93
C VAL J 191 -42.05 12.59 -58.01
N ASP J 192 -40.92 12.24 -58.61
CA ASP J 192 -39.82 11.65 -57.86
C ASP J 192 -39.00 12.75 -57.17
N LEU J 193 -38.25 12.33 -56.15
CA LEU J 193 -37.42 13.28 -55.42
C LEU J 193 -36.30 13.83 -56.29
N ASP J 194 -35.81 13.05 -57.25
CA ASP J 194 -34.73 13.45 -58.14
C ASP J 194 -35.24 14.05 -59.45
N ASN J 195 -36.42 14.66 -59.44
CA ASN J 195 -37.05 15.22 -60.64
C ASN J 195 -37.17 16.73 -60.62
N ILE J 196 -37.25 17.34 -59.44
CA ILE J 196 -37.50 18.78 -59.30
C ILE J 196 -36.18 19.50 -59.14
N LYS J 197 -36.08 20.67 -59.78
CA LYS J 197 -34.81 21.33 -60.04
C LYS J 197 -34.52 22.34 -58.92
N ILE J 198 -33.53 22.04 -58.08
CA ILE J 198 -32.99 22.99 -57.12
C ILE J 198 -31.47 22.84 -57.16
N GLU J 199 -30.77 23.90 -56.75
CA GLU J 199 -29.33 23.90 -56.58
C GLU J 199 -28.98 24.33 -55.16
N LYS J 200 -27.84 23.84 -54.67
CA LYS J 200 -27.35 24.16 -53.33
C LYS J 200 -26.28 25.24 -53.41
N GLN J 201 -26.37 26.23 -52.52
CA GLN J 201 -25.39 27.30 -52.45
C GLN J 201 -25.59 28.05 -51.14
N THR J 202 -24.47 28.44 -50.52
CA THR J 202 -24.53 29.15 -49.25
C THR J 202 -25.04 30.57 -49.46
N GLY J 203 -25.77 31.07 -48.46
CA GLY J 203 -26.28 32.42 -48.51
C GLY J 203 -27.49 32.54 -49.43
N GLY J 204 -27.77 33.77 -49.83
CA GLY J 204 -28.92 34.03 -50.69
C GLY J 204 -30.22 33.72 -49.96
N GLY J 205 -31.06 32.93 -50.61
CA GLY J 205 -32.34 32.56 -50.04
C GLY J 205 -32.90 31.34 -50.72
N ALA J 206 -34.10 30.95 -50.28
CA ALA J 206 -34.79 29.79 -50.83
C ALA J 206 -35.55 30.11 -52.12
N SER J 207 -35.52 31.35 -52.59
CA SER J 207 -36.24 31.75 -53.79
C SER J 207 -35.58 31.29 -55.09
N ASP J 208 -34.51 30.49 -55.01
CA ASP J 208 -33.89 29.89 -56.19
C ASP J 208 -34.35 28.46 -56.44
N THR J 209 -35.41 28.01 -55.75
CA THR J 209 -36.00 26.70 -56.00
C THR J 209 -37.02 26.83 -57.14
N GLU J 210 -36.48 27.07 -58.33
CA GLU J 210 -37.25 27.27 -59.55
C GLU J 210 -36.98 26.13 -60.52
N LEU J 211 -37.85 26.03 -61.53
CA LEU J 211 -37.75 24.98 -62.53
C LEU J 211 -36.73 25.39 -63.58
N ILE J 212 -35.49 24.96 -63.41
CA ILE J 212 -34.42 25.13 -64.39
C ILE J 212 -34.27 23.80 -65.11
N GLU J 213 -34.68 23.74 -66.37
CA GLU J 213 -34.86 22.48 -67.07
C GLU J 213 -33.52 21.83 -67.40
N GLY J 214 -32.83 21.33 -66.38
CA GLY J 214 -31.57 20.66 -66.58
C GLY J 214 -30.83 20.47 -65.28
N VAL J 215 -29.94 19.48 -65.27
CA VAL J 215 -29.13 19.17 -64.09
C VAL J 215 -27.95 20.11 -64.04
N VAL J 216 -27.77 20.78 -62.90
CA VAL J 216 -26.85 21.90 -62.76
C VAL J 216 -25.72 21.48 -61.82
N LEU J 217 -24.49 21.48 -62.33
CA LEU J 217 -23.35 20.84 -61.69
C LEU J 217 -22.45 21.84 -60.97
N ASP J 218 -22.25 21.63 -59.67
CA ASP J 218 -21.45 22.53 -58.84
C ASP J 218 -19.95 22.39 -59.12
N LYS J 219 -19.57 22.82 -60.33
CA LYS J 219 -18.18 22.89 -60.73
C LYS J 219 -18.00 24.07 -61.67
N GLU J 220 -16.80 24.66 -61.63
CA GLU J 220 -16.47 25.79 -62.50
C GLU J 220 -16.01 25.29 -63.86
N PRO J 221 -16.06 26.13 -64.90
CA PRO J 221 -15.43 25.76 -66.16
C PRO J 221 -13.94 25.58 -66.01
N VAL J 222 -13.39 24.60 -66.74
CA VAL J 222 -11.97 24.31 -66.63
C VAL J 222 -11.13 25.42 -67.26
N HIS J 223 -11.60 25.96 -68.40
CA HIS J 223 -10.85 26.93 -69.18
C HIS J 223 -11.71 28.18 -69.39
N GLU J 224 -11.09 29.35 -69.23
CA GLU J 224 -11.83 30.61 -69.30
C GLU J 224 -12.44 30.82 -70.68
N ASP J 225 -11.64 30.67 -71.74
CA ASP J 225 -12.12 30.83 -73.10
C ASP J 225 -13.00 29.68 -73.58
N MET J 226 -13.27 28.68 -72.75
CA MET J 226 -14.27 27.68 -73.07
C MET J 226 -15.61 28.39 -73.30
N PRO J 227 -16.32 28.10 -74.42
CA PRO J 227 -17.55 28.86 -74.70
C PRO J 227 -18.63 28.65 -73.64
N LYS J 228 -18.90 29.71 -72.86
CA LYS J 228 -19.85 29.59 -71.77
C LYS J 228 -21.27 29.43 -72.29
N LYS J 229 -21.60 30.13 -73.38
CA LYS J 229 -22.93 30.09 -73.98
C LYS J 229 -22.90 29.22 -75.22
N LEU J 230 -23.82 28.24 -75.28
CA LEU J 230 -23.92 27.35 -76.43
C LEU J 230 -25.39 26.96 -76.56
N GLU J 231 -26.10 27.63 -77.47
CA GLU J 231 -27.50 27.32 -77.72
C GLU J 231 -27.62 26.10 -78.62
N ASN J 232 -28.55 25.21 -78.28
CA ASN J 232 -28.75 23.97 -79.03
C ASN J 232 -27.47 23.15 -79.09
N ALA J 233 -26.71 23.16 -77.99
CA ALA J 233 -25.41 22.51 -77.96
C ALA J 233 -25.55 21.00 -78.09
N LYS J 234 -24.63 20.40 -78.83
CA LYS J 234 -24.56 18.95 -78.98
C LYS J 234 -23.90 18.40 -77.72
N VAL J 235 -24.72 17.94 -76.78
CA VAL J 235 -24.23 17.53 -75.46
C VAL J 235 -23.88 16.05 -75.50
N ALA J 236 -22.69 15.72 -74.99
CA ALA J 236 -22.23 14.35 -74.84
C ALA J 236 -22.00 14.06 -73.36
N VAL J 237 -22.00 12.76 -73.03
CA VAL J 237 -21.73 12.29 -71.68
C VAL J 237 -20.69 11.18 -71.77
N LEU J 238 -19.59 11.34 -71.04
CA LEU J 238 -18.50 10.38 -71.03
C LEU J 238 -18.16 10.03 -69.59
N ASP J 239 -17.40 8.93 -69.44
CA ASP J 239 -16.93 8.48 -68.14
C ASP J 239 -15.47 8.05 -68.10
N ALA J 240 -14.82 7.84 -69.23
CA ALA J 240 -13.43 7.41 -69.22
C ALA J 240 -12.53 8.58 -68.76
N PRO J 241 -11.37 8.28 -68.19
CA PRO J 241 -10.50 9.36 -67.69
C PRO J 241 -9.81 10.07 -68.84
N ILE J 242 -10.15 11.34 -69.05
CA ILE J 242 -9.56 12.14 -70.12
C ILE J 242 -8.24 12.73 -69.65
N ILE J 253 7.40 3.88 -69.98
CA ILE J 253 7.94 4.30 -71.27
C ILE J 253 9.45 4.05 -71.27
N SER J 254 9.91 3.33 -72.30
CA SER J 254 11.32 3.02 -72.47
C SER J 254 11.92 3.98 -73.50
N ILE J 255 12.98 4.68 -73.11
CA ILE J 255 13.65 5.66 -73.95
C ILE J 255 15.02 5.12 -74.33
N SER J 256 15.32 5.13 -75.62
CA SER J 256 16.59 4.66 -76.16
C SER J 256 17.39 5.78 -76.81
N SER J 257 16.78 6.52 -77.73
CA SER J 257 17.38 7.67 -78.37
C SER J 257 16.94 8.95 -77.66
N PRO J 258 17.60 10.07 -77.94
CA PRO J 258 17.16 11.34 -77.32
C PRO J 258 15.74 11.72 -77.72
N GLU J 259 15.32 11.39 -78.94
CA GLU J 259 14.02 11.81 -79.46
C GLU J 259 12.94 10.73 -79.31
N GLN J 260 13.23 9.62 -78.65
CA GLN J 260 12.18 8.62 -78.45
C GLN J 260 11.11 9.13 -77.50
N PHE J 261 11.50 9.91 -76.49
CA PHE J 261 10.52 10.53 -75.60
C PHE J 261 9.63 11.45 -76.42
N GLN J 262 10.24 12.25 -77.30
CA GLN J 262 9.48 13.19 -78.13
C GLN J 262 8.54 12.45 -79.07
N ALA J 263 9.00 11.35 -79.65
CA ALA J 263 8.13 10.54 -80.52
C ALA J 263 6.97 9.95 -79.73
N PHE J 264 7.23 9.50 -78.51
CA PHE J 264 6.16 9.00 -77.65
C PHE J 264 5.12 10.09 -77.39
N LEU J 265 5.59 11.30 -77.06
CA LEU J 265 4.66 12.41 -76.84
C LEU J 265 3.88 12.72 -78.11
N ASP J 266 4.56 12.68 -79.26
CA ASP J 266 3.92 12.98 -80.54
C ASP J 266 2.79 11.98 -80.81
N GLN J 267 3.04 10.70 -80.59
CA GLN J 267 2.00 9.72 -80.88
C GLN J 267 0.90 9.70 -79.82
N GLU J 268 1.22 10.05 -78.57
CA GLU J 268 0.13 10.23 -77.60
C GLU J 268 -0.79 11.38 -78.01
N GLU J 269 -0.22 12.54 -78.38
CA GLU J 269 -1.08 13.62 -78.82
C GLU J 269 -1.76 13.29 -80.14
N LYS J 270 -1.16 12.45 -80.98
CA LYS J 270 -1.80 12.07 -82.25
C LYS J 270 -2.99 11.16 -82.01
N GLN J 271 -2.86 10.16 -81.13
CA GLN J 271 -4.00 9.32 -80.84
C GLN J 271 -5.09 10.11 -80.10
N LEU J 272 -4.69 11.01 -79.21
CA LEU J 272 -5.65 11.93 -78.60
C LEU J 272 -6.37 12.73 -79.68
N ARG J 273 -5.62 13.21 -80.67
CA ARG J 273 -6.16 14.02 -81.75
C ARG J 273 -7.20 13.24 -82.54
N GLU J 274 -6.92 11.97 -82.84
CA GLU J 274 -7.89 11.23 -83.65
C GLU J 274 -9.14 10.89 -82.84
N MET J 275 -9.00 10.57 -81.55
CA MET J 275 -10.21 10.29 -80.77
C MET J 275 -11.08 11.54 -80.63
N VAL J 276 -10.47 12.68 -80.28
CA VAL J 276 -11.30 13.87 -80.19
C VAL J 276 -11.76 14.33 -81.58
N ASP J 277 -11.05 13.94 -82.64
CA ASP J 277 -11.54 14.22 -83.98
C ASP J 277 -12.82 13.45 -84.27
N LYS J 278 -12.81 12.13 -84.07
CA LYS J 278 -14.04 11.37 -84.32
C LYS J 278 -15.14 11.74 -83.35
N ILE J 279 -14.79 12.31 -82.19
CA ILE J 279 -15.82 12.94 -81.37
C ILE J 279 -16.39 14.16 -82.07
N VAL J 280 -15.53 15.00 -82.64
CA VAL J 280 -15.97 16.24 -83.26
C VAL J 280 -16.80 15.96 -84.51
N ASP J 281 -16.50 14.87 -85.23
CA ASP J 281 -17.32 14.50 -86.38
C ASP J 281 -18.74 14.19 -85.95
N THR J 282 -18.91 13.58 -84.78
CA THR J 282 -20.24 13.46 -84.20
C THR J 282 -20.79 14.85 -83.88
N GLY J 283 -19.93 15.76 -83.43
CA GLY J 283 -20.28 17.14 -83.17
C GLY J 283 -20.35 17.55 -81.72
N ALA J 284 -19.94 16.68 -80.79
CA ALA J 284 -20.06 16.98 -79.38
C ALA J 284 -19.21 18.20 -79.01
N ASN J 285 -19.81 19.12 -78.26
CA ASN J 285 -19.13 20.31 -77.76
C ASN J 285 -19.33 20.56 -76.27
N VAL J 286 -20.20 19.80 -75.60
CA VAL J 286 -20.41 19.91 -74.17
C VAL J 286 -20.30 18.51 -73.58
N VAL J 287 -19.41 18.34 -72.59
CA VAL J 287 -19.15 17.05 -71.97
C VAL J 287 -19.14 17.22 -70.47
N PHE J 288 -19.65 16.20 -69.76
CA PHE J 288 -19.61 16.12 -68.30
C PHE J 288 -19.00 14.76 -67.96
N CYS J 289 -17.70 14.74 -67.65
CA CYS J 289 -16.95 13.51 -67.49
C CYS J 289 -16.93 13.07 -66.03
N GLU J 290 -16.91 11.75 -65.84
CA GLU J 290 -16.98 11.18 -64.50
C GLU J 290 -15.68 11.28 -63.71
N LYS J 291 -14.55 11.38 -64.39
CA LYS J 291 -13.23 11.28 -63.77
C LYS J 291 -12.47 12.59 -63.96
N GLY J 292 -11.21 12.60 -63.49
CA GLY J 292 -10.41 13.81 -63.49
C GLY J 292 -9.90 14.18 -64.87
N ILE J 293 -9.08 15.23 -64.89
CA ILE J 293 -8.53 15.81 -66.11
C ILE J 293 -7.06 16.15 -65.88
N ASP J 294 -6.44 16.71 -66.91
CA ASP J 294 -5.07 17.22 -66.85
C ASP J 294 -5.05 18.58 -67.53
N ASP J 295 -4.03 19.37 -67.20
CA ASP J 295 -3.93 20.74 -67.72
C ASP J 295 -3.85 20.75 -69.24
N GLN J 296 -3.00 19.88 -69.80
CA GLN J 296 -2.92 19.77 -71.25
C GLN J 296 -4.23 19.26 -71.84
N VAL J 297 -4.89 18.31 -71.16
CA VAL J 297 -6.14 17.76 -71.65
C VAL J 297 -7.21 18.84 -71.74
N GLU J 298 -7.40 19.59 -70.65
CA GLU J 298 -8.40 20.65 -70.68
C GLU J 298 -8.01 21.74 -71.66
N HIS J 299 -6.71 22.01 -71.82
CA HIS J 299 -6.30 23.02 -72.77
C HIS J 299 -6.64 22.63 -74.20
N MET J 300 -6.36 21.37 -74.59
CA MET J 300 -6.65 20.98 -75.96
C MET J 300 -8.14 20.74 -76.15
N LEU J 301 -8.88 20.48 -75.07
CA LEU J 301 -10.34 20.44 -75.16
C LEU J 301 -10.90 21.84 -75.44
N ALA J 302 -10.41 22.85 -74.71
CA ALA J 302 -10.83 24.22 -74.91
C ALA J 302 -10.25 24.84 -76.18
N LYS J 303 -9.27 24.20 -76.81
CA LYS J 303 -8.77 24.68 -78.09
C LYS J 303 -9.88 24.69 -79.13
N LYS J 304 -10.70 23.64 -79.15
CA LYS J 304 -11.89 23.57 -80.00
C LYS J 304 -13.15 24.06 -79.30
N GLY J 305 -13.09 24.33 -78.00
CA GLY J 305 -14.24 24.87 -77.27
C GLY J 305 -15.14 23.79 -76.71
N ILE J 306 -14.58 22.87 -75.93
CA ILE J 306 -15.29 21.72 -75.39
C ILE J 306 -15.39 21.88 -73.88
N LEU J 307 -16.62 21.79 -73.36
CA LEU J 307 -16.86 21.81 -71.93
C LEU J 307 -16.53 20.46 -71.33
N ALA J 308 -15.93 20.48 -70.13
CA ALA J 308 -15.58 19.24 -69.44
C ALA J 308 -15.65 19.48 -67.93
N VAL J 309 -16.56 18.76 -67.27
CA VAL J 309 -16.70 18.78 -65.82
C VAL J 309 -16.23 17.43 -65.30
N ARG J 310 -15.47 17.45 -64.21
CA ARG J 310 -14.80 16.27 -63.68
C ARG J 310 -15.37 15.86 -62.33
N ARG J 311 -15.04 14.62 -61.94
CA ARG J 311 -15.40 14.06 -60.64
C ARG J 311 -16.91 14.11 -60.41
N VAL J 312 -17.68 13.83 -61.46
CA VAL J 312 -19.12 13.70 -61.34
C VAL J 312 -19.44 12.33 -60.79
N LYS J 313 -20.26 12.28 -59.74
CA LYS J 313 -20.55 11.03 -59.04
C LYS J 313 -21.27 10.06 -59.98
N LYS J 314 -21.47 8.83 -59.49
CA LYS J 314 -22.22 7.86 -60.28
C LYS J 314 -23.67 8.28 -60.44
N ASP J 315 -24.31 8.67 -59.33
CA ASP J 315 -25.74 8.99 -59.36
C ASP J 315 -26.00 10.23 -60.21
N ASP J 316 -25.25 11.31 -59.98
CA ASP J 316 -25.51 12.52 -60.74
C ASP J 316 -25.06 12.39 -62.20
N LEU J 317 -24.04 11.58 -62.47
CA LEU J 317 -23.69 11.30 -63.86
C LEU J 317 -24.82 10.55 -64.57
N GLU J 318 -25.42 9.56 -63.90
CA GLU J 318 -26.57 8.87 -64.49
C GLU J 318 -27.73 9.83 -64.70
N LYS J 319 -27.94 10.73 -63.74
CA LYS J 319 -28.98 11.74 -63.87
C LYS J 319 -28.74 12.63 -65.08
N ILE J 320 -27.49 13.05 -65.28
CA ILE J 320 -27.15 13.89 -66.42
C ILE J 320 -27.34 13.11 -67.72
N ALA J 321 -26.99 11.83 -67.73
CA ALA J 321 -27.18 11.02 -68.93
C ALA J 321 -28.66 10.91 -69.26
N LYS J 322 -29.51 10.73 -68.25
CA LYS J 322 -30.95 10.70 -68.49
C LYS J 322 -31.47 12.03 -69.00
N ALA J 323 -31.01 13.13 -68.40
CA ALA J 323 -31.56 14.44 -68.74
C ALA J 323 -31.12 14.88 -70.13
N THR J 324 -29.81 14.79 -70.42
CA THR J 324 -29.27 15.32 -71.65
C THR J 324 -29.60 14.45 -72.85
N GLY J 325 -29.88 13.16 -72.64
CA GLY J 325 -30.15 12.24 -73.71
C GLY J 325 -28.93 11.55 -74.30
N ALA J 326 -27.73 11.98 -73.91
CA ALA J 326 -26.50 11.34 -74.36
C ALA J 326 -26.22 10.14 -73.47
N ARG J 327 -26.37 8.93 -74.04
CA ARG J 327 -26.10 7.72 -73.28
C ARG J 327 -24.63 7.67 -72.85
N VAL J 328 -24.39 7.13 -71.66
CA VAL J 328 -23.02 7.01 -71.16
C VAL J 328 -22.27 6.03 -72.02
N VAL J 329 -21.10 6.44 -72.51
CA VAL J 329 -20.31 5.69 -73.48
C VAL J 329 -18.98 5.36 -72.82
N SER J 330 -18.88 4.15 -72.25
CA SER J 330 -17.61 3.71 -71.68
C SER J 330 -16.54 3.55 -72.75
N ASN J 331 -16.87 2.82 -73.82
CA ASN J 331 -15.99 2.65 -74.98
C ASN J 331 -16.34 3.73 -75.98
N ILE J 332 -15.56 4.81 -75.97
CA ILE J 332 -15.90 6.00 -76.75
C ILE J 332 -15.67 5.80 -78.24
N ASP J 333 -14.98 4.72 -78.64
CA ASP J 333 -14.65 4.52 -80.04
C ASP J 333 -15.88 4.37 -80.91
N GLU J 334 -16.99 3.87 -80.36
CA GLU J 334 -18.22 3.63 -81.10
C GLU J 334 -19.17 4.82 -81.08
N LEU J 335 -18.78 5.93 -80.47
CA LEU J 335 -19.65 7.11 -80.41
C LEU J 335 -20.01 7.60 -81.81
N THR J 336 -21.29 7.86 -82.02
CA THR J 336 -21.85 8.25 -83.31
C THR J 336 -22.67 9.51 -83.12
N PRO J 337 -23.04 10.20 -84.22
CA PRO J 337 -23.96 11.34 -84.08
C PRO J 337 -25.29 10.96 -83.47
N GLU J 338 -25.76 9.72 -83.72
CA GLU J 338 -27.00 9.26 -83.11
C GLU J 338 -26.89 9.17 -81.60
N ASP J 339 -25.69 8.91 -81.08
CA ASP J 339 -25.49 8.75 -79.64
C ASP J 339 -25.46 10.07 -78.88
N LEU J 340 -25.37 11.20 -79.57
CA LEU J 340 -25.24 12.49 -78.90
C LEU J 340 -26.59 13.02 -78.47
N GLY J 341 -26.58 13.76 -77.34
CA GLY J 341 -27.75 14.47 -76.87
C GLY J 341 -27.74 15.92 -77.30
N HIS J 342 -28.79 16.63 -76.88
CA HIS J 342 -28.95 18.04 -77.19
C HIS J 342 -29.51 18.77 -75.97
N ALA J 343 -29.09 20.01 -75.81
CA ALA J 343 -29.57 20.89 -74.76
C ALA J 343 -29.88 22.26 -75.34
N GLY J 344 -30.99 22.85 -74.88
CA GLY J 344 -31.38 24.15 -75.40
C GLY J 344 -30.37 25.24 -75.09
N LEU J 345 -29.75 25.17 -73.91
CA LEU J 345 -28.81 26.20 -73.50
C LEU J 345 -27.87 25.63 -72.46
N VAL J 346 -26.66 26.17 -72.42
CA VAL J 346 -25.71 25.99 -71.32
C VAL J 346 -25.09 27.35 -71.04
N GLU J 347 -25.04 27.73 -69.76
CA GLU J 347 -24.59 29.07 -69.40
C GLU J 347 -23.91 29.05 -68.04
N GLN J 348 -22.82 29.82 -67.95
CA GLN J 348 -22.10 30.05 -66.70
C GLN J 348 -22.55 31.40 -66.14
N ARG J 349 -23.28 31.37 -65.04
CA ARG J 349 -23.80 32.56 -64.37
C ARG J 349 -23.14 32.69 -63.01
N LYS J 350 -22.66 33.89 -62.69
CA LYS J 350 -21.99 34.13 -61.41
C LYS J 350 -23.02 34.49 -60.34
N LYS J 351 -23.91 33.54 -60.06
CA LYS J 351 -24.90 33.71 -59.02
C LYS J 351 -24.27 33.44 -57.66
N GLY J 352 -24.50 34.34 -56.71
CA GLY J 352 -23.90 34.18 -55.40
C GLY J 352 -22.39 34.33 -55.46
N GLU J 353 -21.71 33.60 -54.58
CA GLU J 353 -20.26 33.66 -54.49
C GLU J 353 -19.58 32.65 -55.42
N ASP J 354 -19.93 31.37 -55.30
CA ASP J 354 -19.28 30.34 -56.08
C ASP J 354 -19.64 30.48 -57.56
N ARG J 355 -18.72 30.06 -58.42
CA ARG J 355 -18.93 30.06 -59.86
C ARG J 355 -19.47 28.71 -60.29
N MET J 356 -20.38 28.72 -61.26
CA MET J 356 -21.16 27.53 -61.57
C MET J 356 -21.56 27.58 -63.04
N VAL J 357 -21.86 26.41 -63.59
CA VAL J 357 -22.41 26.28 -64.94
C VAL J 357 -23.89 25.97 -64.80
N PHE J 358 -24.74 26.99 -64.98
CA PHE J 358 -26.18 26.81 -64.89
C PHE J 358 -26.67 26.15 -66.18
N VAL J 359 -26.64 24.82 -66.19
CA VAL J 359 -27.12 24.07 -67.34
C VAL J 359 -28.65 24.09 -67.33
N SER J 360 -29.23 24.45 -68.48
CA SER J 360 -30.67 24.63 -68.57
C SER J 360 -31.12 24.36 -70.00
N GLY J 361 -32.03 23.40 -70.15
CA GLY J 361 -32.55 23.02 -71.47
C GLY J 361 -32.42 21.54 -71.78
N CYS J 362 -32.36 20.70 -70.75
CA CYS J 362 -32.39 19.25 -70.93
C CYS J 362 -33.83 18.82 -71.12
N LYS J 363 -34.21 18.52 -72.37
CA LYS J 363 -35.61 18.44 -72.77
C LYS J 363 -36.18 17.03 -72.77
N ASN J 364 -35.39 16.01 -72.41
CA ASN J 364 -35.87 14.64 -72.53
C ASN J 364 -36.75 14.24 -71.34
N GLU J 365 -36.19 14.28 -70.14
CA GLU J 365 -36.90 13.86 -68.93
C GLU J 365 -36.67 14.87 -67.81
N PRO J 366 -37.60 14.96 -66.82
CA PRO J 366 -37.34 15.80 -65.65
C PRO J 366 -36.48 15.06 -64.64
N VAL J 367 -35.23 15.48 -64.52
CA VAL J 367 -34.25 14.82 -63.66
C VAL J 367 -33.45 15.90 -62.94
N ALA J 368 -33.14 15.66 -61.67
CA ALA J 368 -32.48 16.65 -60.84
C ALA J 368 -31.84 15.97 -59.63
N THR J 369 -31.23 16.79 -58.78
CA THR J 369 -30.57 16.34 -57.56
C THR J 369 -31.13 17.11 -56.37
N ILE J 370 -31.04 16.51 -55.19
CA ILE J 370 -31.59 17.10 -53.96
C ILE J 370 -30.49 17.97 -53.38
N LEU J 371 -30.41 19.20 -53.89
CA LEU J 371 -29.41 20.19 -53.46
C LEU J 371 -30.11 21.54 -53.38
N ILE J 372 -30.14 22.14 -52.20
CA ILE J 372 -31.02 23.27 -51.90
C ILE J 372 -30.27 24.33 -51.10
N ARG J 373 -30.60 25.60 -51.36
CA ARG J 373 -29.94 26.74 -50.76
C ARG J 373 -30.49 27.05 -49.37
N ALA J 374 -29.69 27.77 -48.59
CA ALA J 374 -30.11 28.40 -47.34
C ALA J 374 -29.00 29.35 -46.93
N ALA J 375 -29.10 29.89 -45.71
CA ALA J 375 -28.10 30.82 -45.21
C ALA J 375 -26.81 30.11 -44.84
N THR J 376 -26.88 29.18 -43.88
CA THR J 376 -25.73 28.46 -43.36
C THR J 376 -25.86 26.97 -43.67
N GLU J 377 -24.77 26.24 -43.44
CA GLU J 377 -24.72 24.82 -43.77
C GLU J 377 -25.77 24.04 -42.99
N HIS J 378 -25.93 24.35 -41.70
CA HIS J 378 -26.96 23.69 -40.90
C HIS J 378 -28.34 23.96 -41.48
N VAL J 379 -28.63 25.22 -41.81
CA VAL J 379 -29.92 25.55 -42.38
C VAL J 379 -30.03 24.98 -43.80
N VAL J 380 -28.90 24.85 -44.52
CA VAL J 380 -28.94 24.24 -45.84
C VAL J 380 -29.43 22.80 -45.74
N GLU J 381 -28.81 22.02 -44.85
CA GLU J 381 -29.21 20.62 -44.69
C GLU J 381 -30.64 20.52 -44.17
N GLU J 382 -31.01 21.40 -43.23
CA GLU J 382 -32.37 21.40 -42.69
C GLU J 382 -33.39 21.65 -43.80
N LEU J 383 -33.13 22.64 -44.65
CA LEU J 383 -34.05 22.95 -45.73
C LEU J 383 -34.10 21.83 -46.75
N GLU J 384 -32.96 21.18 -47.01
CA GLU J 384 -32.94 20.04 -47.92
C GLU J 384 -33.84 18.91 -47.42
N ARG J 385 -33.69 18.55 -46.14
CA ARG J 385 -34.54 17.51 -45.59
C ARG J 385 -36.00 17.92 -45.61
N ALA J 386 -36.27 19.18 -45.28
CA ALA J 386 -37.65 19.65 -45.21
C ALA J 386 -38.32 19.61 -46.59
N ILE J 387 -37.61 20.07 -47.63
CA ILE J 387 -38.21 20.06 -48.96
C ILE J 387 -38.41 18.63 -49.44
N ASP J 388 -37.44 17.74 -49.16
CA ASP J 388 -37.62 16.35 -49.55
C ASP J 388 -38.85 15.74 -48.90
N ASP J 389 -39.03 15.99 -47.61
CA ASP J 389 -40.21 15.48 -46.91
C ASP J 389 -41.48 16.10 -47.50
N ALA J 390 -41.40 17.36 -47.94
CA ALA J 390 -42.59 18.00 -48.50
C ALA J 390 -43.03 17.33 -49.80
N LEU J 391 -42.09 17.11 -50.73
CA LEU J 391 -42.48 16.39 -51.94
C LEU J 391 -42.94 14.98 -51.62
N ASN J 392 -42.32 14.31 -50.63
CA ASN J 392 -42.78 12.98 -50.28
C ASN J 392 -44.23 13.00 -49.83
N ALA J 393 -44.59 13.96 -48.97
CA ALA J 393 -45.94 13.99 -48.44
C ALA J 393 -46.95 14.37 -49.51
N VAL J 394 -46.63 15.36 -50.35
CA VAL J 394 -47.60 15.74 -51.38
C VAL J 394 -47.75 14.62 -52.41
N LYS J 395 -46.66 13.91 -52.71
CA LYS J 395 -46.75 12.75 -53.59
C LYS J 395 -47.66 11.69 -52.99
N ALA J 396 -47.50 11.41 -51.70
CA ALA J 396 -48.34 10.42 -51.04
C ALA J 396 -49.80 10.85 -51.05
N ALA J 397 -50.06 12.13 -50.81
CA ALA J 397 -51.43 12.63 -50.81
C ALA J 397 -52.06 12.50 -52.18
N ILE J 398 -51.31 12.84 -53.24
CA ILE J 398 -51.85 12.73 -54.59
C ILE J 398 -52.10 11.27 -54.93
N LYS J 399 -51.16 10.38 -54.58
CA LYS J 399 -51.32 8.97 -54.89
C LYS J 399 -52.53 8.38 -54.17
N ASP J 400 -52.49 8.35 -52.84
CA ASP J 400 -53.55 7.68 -52.09
C ASP J 400 -54.84 8.49 -52.10
N GLY J 401 -54.74 9.82 -52.06
CA GLY J 401 -55.93 10.65 -52.04
C GLY J 401 -56.76 10.48 -50.79
N LYS J 402 -56.13 10.21 -49.66
CA LYS J 402 -56.82 10.14 -48.37
C LYS J 402 -55.96 10.88 -47.35
N VAL J 403 -56.55 11.87 -46.68
CA VAL J 403 -55.85 12.73 -45.74
C VAL J 403 -56.60 12.69 -44.42
N VAL J 404 -55.85 12.58 -43.32
CA VAL J 404 -56.41 12.50 -41.97
C VAL J 404 -55.99 13.75 -41.21
N PRO J 405 -56.81 14.30 -40.31
CA PRO J 405 -56.33 15.43 -39.51
C PRO J 405 -55.13 15.05 -38.65
N GLY J 406 -54.15 15.94 -38.62
CA GLY J 406 -52.95 15.74 -37.84
C GLY J 406 -53.05 16.37 -36.47
N GLY J 407 -51.92 16.79 -35.94
CA GLY J 407 -51.90 17.49 -34.67
C GLY J 407 -52.40 16.66 -33.51
N GLY J 408 -52.27 15.34 -33.60
CA GLY J 408 -52.77 14.47 -32.56
C GLY J 408 -54.24 14.13 -32.65
N ALA J 409 -54.97 14.72 -33.61
CA ALA J 409 -56.40 14.48 -33.70
C ALA J 409 -56.69 13.04 -34.11
N ALA J 410 -55.96 12.54 -35.10
CA ALA J 410 -56.17 11.16 -35.56
C ALA J 410 -55.86 10.18 -34.44
N GLU J 411 -54.81 10.43 -33.67
CA GLU J 411 -54.46 9.55 -32.57
C GLU J 411 -55.58 9.51 -31.54
N VAL J 412 -56.14 10.66 -31.17
CA VAL J 412 -57.18 10.69 -30.15
C VAL J 412 -58.45 10.00 -30.67
N ALA J 413 -58.80 10.24 -31.94
CA ALA J 413 -59.99 9.60 -32.50
C ALA J 413 -59.84 8.08 -32.52
N VAL J 414 -58.69 7.60 -32.97
CA VAL J 414 -58.47 6.15 -33.04
C VAL J 414 -58.44 5.58 -31.63
N ALA J 415 -57.89 6.32 -30.66
CA ALA J 415 -57.88 5.85 -29.28
C ALA J 415 -59.30 5.74 -28.72
N ARG J 416 -60.16 6.72 -29.02
CA ARG J 416 -61.53 6.65 -28.54
C ARG J 416 -62.26 5.45 -29.12
N LYS J 417 -62.12 5.24 -30.43
CA LYS J 417 -62.81 4.09 -31.03
C LYS J 417 -62.21 2.78 -30.54
N LEU J 418 -60.91 2.76 -30.25
CA LEU J 418 -60.31 1.58 -29.64
C LEU J 418 -60.87 1.31 -28.26
N ARG J 419 -61.11 2.37 -27.49
CA ARG J 419 -61.71 2.18 -26.17
C ARG J 419 -63.14 1.66 -26.30
N GLU J 420 -63.85 2.10 -27.34
CA GLU J 420 -65.17 1.52 -27.61
C GLU J 420 -65.05 0.03 -27.90
N TYR J 421 -64.06 -0.35 -28.72
CA TYR J 421 -63.81 -1.77 -28.98
C TYR J 421 -63.49 -2.51 -27.68
N ALA J 422 -62.73 -1.87 -26.80
CA ALA J 422 -62.41 -2.49 -25.51
C ALA J 422 -63.69 -2.73 -24.71
N LYS J 423 -64.61 -1.76 -24.72
CA LYS J 423 -65.89 -1.96 -24.07
C LYS J 423 -66.66 -3.11 -24.70
N SER J 424 -66.48 -3.33 -26.01
CA SER J 424 -67.12 -4.46 -26.67
C SER J 424 -66.50 -5.77 -26.21
N LEU J 425 -65.18 -5.84 -26.15
CA LEU J 425 -64.44 -7.06 -25.88
C LEU J 425 -64.29 -7.28 -24.38
N SER J 426 -64.38 -8.56 -23.98
CA SER J 426 -64.22 -8.97 -22.59
C SER J 426 -63.10 -9.99 -22.49
N GLY J 427 -62.31 -9.87 -21.43
CA GLY J 427 -61.17 -10.74 -21.19
C GLY J 427 -59.93 -9.92 -20.86
N LYS J 428 -58.81 -10.63 -20.78
CA LYS J 428 -57.53 -9.98 -20.49
C LYS J 428 -56.89 -9.38 -21.73
N GLU J 429 -57.47 -9.57 -22.91
CA GLU J 429 -57.07 -8.81 -24.09
C GLU J 429 -57.61 -7.38 -24.03
N GLN J 430 -58.65 -7.12 -23.24
CA GLN J 430 -59.13 -5.76 -23.07
C GLN J 430 -58.07 -4.88 -22.43
N LEU J 431 -57.32 -5.43 -21.47
CA LEU J 431 -56.25 -4.66 -20.86
C LEU J 431 -55.19 -4.29 -21.88
N ALA J 432 -54.81 -5.23 -22.75
CA ALA J 432 -53.85 -4.93 -23.80
C ALA J 432 -54.40 -3.90 -24.77
N ILE J 433 -55.70 -3.97 -25.08
CA ILE J 433 -56.29 -3.02 -26.01
C ILE J 433 -56.23 -1.62 -25.42
N GLU J 434 -56.56 -1.51 -24.13
CA GLU J 434 -56.49 -0.22 -23.44
C GLU J 434 -55.05 0.28 -23.39
N ALA J 435 -54.11 -0.63 -23.20
CA ALA J 435 -52.70 -0.27 -23.27
C ALA J 435 -52.34 0.34 -24.62
N PHE J 436 -52.81 -0.28 -25.70
CA PHE J 436 -52.55 0.26 -27.03
C PHE J 436 -53.18 1.64 -27.17
N ALA J 437 -54.38 1.83 -26.65
CA ALA J 437 -55.05 3.12 -26.75
C ALA J 437 -54.25 4.21 -26.02
N ASP J 438 -53.77 3.90 -24.81
CA ASP J 438 -52.99 4.91 -24.08
C ASP J 438 -51.68 5.19 -24.78
N ALA J 439 -51.03 4.15 -25.30
CA ALA J 439 -49.79 4.36 -26.04
C ALA J 439 -50.02 5.20 -27.28
N LEU J 440 -51.20 5.09 -27.89
CA LEU J 440 -51.52 5.92 -29.04
C LEU J 440 -51.81 7.36 -28.62
N GLU J 441 -52.44 7.54 -27.46
CA GLU J 441 -52.66 8.89 -26.94
C GLU J 441 -51.37 9.57 -26.51
N GLU J 442 -50.30 8.81 -26.26
CA GLU J 442 -49.04 9.43 -25.86
C GLU J 442 -48.49 10.38 -26.92
N ILE J 443 -48.81 10.16 -28.20
CA ILE J 443 -48.32 11.06 -29.24
C ILE J 443 -48.87 12.48 -29.08
N PRO J 444 -50.18 12.71 -28.94
CA PRO J 444 -50.65 14.07 -28.67
C PRO J 444 -50.06 14.67 -27.40
N ARG J 445 -49.81 13.85 -26.39
CA ARG J 445 -49.17 14.36 -25.17
C ARG J 445 -47.79 14.91 -25.48
N THR J 446 -47.01 14.18 -26.27
CA THR J 446 -45.68 14.67 -26.64
C THR J 446 -45.79 15.93 -27.50
N LEU J 447 -46.73 15.94 -28.44
CA LEU J 447 -46.86 17.09 -29.31
C LEU J 447 -47.27 18.33 -28.54
N ALA J 448 -48.04 18.17 -27.47
CA ALA J 448 -48.36 19.30 -26.61
C ALA J 448 -47.17 19.70 -25.75
N GLU J 449 -46.43 18.71 -25.24
CA GLU J 449 -45.30 19.02 -24.38
C GLU J 449 -44.24 19.83 -25.12
N ASN J 450 -43.95 19.45 -26.37
CA ASN J 450 -43.00 20.22 -27.15
C ASN J 450 -43.54 21.60 -27.52
N ALA J 451 -44.85 21.80 -27.50
CA ALA J 451 -45.44 23.09 -27.81
C ALA J 451 -45.46 24.04 -26.62
N GLY J 452 -45.17 23.55 -25.41
CA GLY J 452 -45.15 24.36 -24.21
C GLY J 452 -46.39 24.22 -23.34
N LEU J 453 -47.49 23.72 -23.89
CA LEU J 453 -48.69 23.54 -23.09
C LEU J 453 -48.50 22.39 -22.10
N ASP J 454 -49.33 22.39 -21.07
CA ASP J 454 -49.30 21.31 -20.11
C ASP J 454 -49.88 20.05 -20.74
N PRO J 455 -49.25 18.88 -20.57
CA PRO J 455 -49.71 17.73 -21.36
C PRO J 455 -51.03 17.15 -20.88
N ILE J 456 -51.22 17.01 -19.56
CA ILE J 456 -52.41 16.34 -19.06
C ILE J 456 -53.65 17.18 -19.35
N ASP J 457 -53.56 18.50 -19.14
CA ASP J 457 -54.73 19.35 -19.30
C ASP J 457 -55.21 19.35 -20.74
N THR J 458 -54.28 19.52 -21.69
CA THR J 458 -54.67 19.56 -23.09
C THR J 458 -55.07 18.18 -23.60
N LEU J 459 -54.47 17.12 -23.06
CA LEU J 459 -54.93 15.77 -23.43
C LEU J 459 -56.36 15.54 -22.96
N VAL J 460 -56.69 15.97 -21.74
CA VAL J 460 -58.05 15.84 -21.24
C VAL J 460 -59.00 16.69 -22.07
N GLN J 461 -58.57 17.89 -22.45
CA GLN J 461 -59.40 18.74 -23.30
C GLN J 461 -59.67 18.09 -24.65
N LEU J 462 -58.64 17.47 -25.23
CA LEU J 462 -58.82 16.79 -26.51
C LEU J 462 -59.80 15.63 -26.36
N ARG J 463 -59.67 14.85 -25.29
CA ARG J 463 -60.59 13.74 -25.08
C ARG J 463 -62.02 14.24 -24.92
N ALA J 464 -62.19 15.31 -24.13
CA ALA J 464 -63.53 15.87 -23.95
C ALA J 464 -64.10 16.38 -25.27
N ALA J 465 -63.26 17.02 -26.08
CA ALA J 465 -63.72 17.51 -27.38
C ALA J 465 -64.18 16.36 -28.26
N HIS J 466 -63.33 15.34 -28.40
CA HIS J 466 -63.69 14.19 -29.24
C HIS J 466 -64.90 13.44 -28.69
N GLU J 467 -65.18 13.55 -27.39
CA GLU J 467 -66.39 12.95 -26.86
C GLU J 467 -67.65 13.69 -27.29
N GLU J 468 -67.53 14.93 -27.77
CA GLU J 468 -68.68 15.69 -28.22
C GLU J 468 -69.07 15.42 -29.66
N GLY J 469 -68.34 14.57 -30.38
CA GLY J 469 -68.68 14.17 -31.73
C GLY J 469 -67.77 14.72 -32.81
N ASP J 470 -67.26 15.94 -32.65
CA ASP J 470 -66.34 16.48 -33.62
C ASP J 470 -65.03 15.69 -33.62
N LYS J 471 -64.38 15.66 -34.79
CA LYS J 471 -63.25 14.77 -35.02
C LYS J 471 -61.99 15.48 -35.48
N ASN J 472 -62.01 16.80 -35.65
CA ASN J 472 -60.89 17.55 -36.19
C ASN J 472 -60.18 18.42 -35.16
N ILE J 473 -60.63 18.43 -33.90
CA ILE J 473 -59.98 19.24 -32.88
C ILE J 473 -58.66 18.59 -32.51
N GLY J 474 -57.57 19.33 -32.65
CA GLY J 474 -56.23 18.84 -32.38
C GLY J 474 -55.43 19.83 -31.55
N ILE J 475 -54.13 19.84 -31.80
CA ILE J 475 -53.19 20.77 -31.16
C ILE J 475 -52.41 21.46 -32.27
N ASP J 476 -52.39 22.79 -32.25
CA ASP J 476 -51.61 23.59 -33.18
C ASP J 476 -50.47 24.23 -32.39
N CYS J 477 -49.25 23.76 -32.63
CA CYS J 477 -48.10 24.27 -31.89
C CYS J 477 -47.61 25.61 -32.41
N LEU J 478 -48.00 26.03 -33.62
CA LEU J 478 -47.71 27.38 -34.06
C LEU J 478 -48.50 28.39 -33.23
N THR J 479 -49.81 28.18 -33.09
CA THR J 479 -50.65 29.07 -32.30
C THR J 479 -50.56 28.78 -30.81
N GLY J 480 -50.07 27.61 -30.42
CA GLY J 480 -49.96 27.28 -29.01
C GLY J 480 -51.30 27.18 -28.32
N GLU J 481 -52.30 26.60 -28.98
CA GLU J 481 -53.61 26.37 -28.40
C GLU J 481 -54.15 25.04 -28.94
N VAL J 482 -55.38 24.72 -28.54
CA VAL J 482 -56.13 23.61 -29.12
C VAL J 482 -57.21 24.21 -30.01
N ALA J 483 -57.28 23.73 -31.24
CA ALA J 483 -58.21 24.29 -32.22
C ALA J 483 -58.53 23.25 -33.27
N ASP J 484 -59.53 23.55 -34.09
CA ASP J 484 -59.88 22.69 -35.21
C ASP J 484 -58.73 22.69 -36.21
N MET J 485 -58.24 21.49 -36.55
CA MET J 485 -57.09 21.38 -37.44
C MET J 485 -57.44 21.71 -38.88
N LEU J 486 -58.64 21.38 -39.32
CA LEU J 486 -59.00 21.57 -40.72
C LEU J 486 -58.99 23.05 -41.10
N GLU J 487 -59.48 23.91 -40.22
CA GLU J 487 -59.43 25.35 -40.49
C GLU J 487 -58.04 25.93 -40.23
N ALA J 488 -57.20 25.24 -39.48
CA ALA J 488 -55.84 25.69 -39.21
C ALA J 488 -54.84 25.21 -40.26
N GLY J 489 -55.26 24.40 -41.23
CA GLY J 489 -54.32 23.91 -42.22
C GLY J 489 -53.26 23.00 -41.64
N VAL J 490 -53.65 22.08 -40.76
CA VAL J 490 -52.75 21.12 -40.14
C VAL J 490 -53.31 19.74 -40.48
N ILE J 491 -52.85 19.17 -41.59
CA ILE J 491 -53.34 17.89 -42.09
C ILE J 491 -52.18 17.14 -42.73
N ASP J 492 -52.06 15.86 -42.39
CA ASP J 492 -50.94 15.00 -42.74
C ASP J 492 -51.49 13.76 -43.44
N PRO J 493 -50.87 13.28 -44.54
CA PRO J 493 -51.51 12.19 -45.31
C PRO J 493 -51.78 10.94 -44.49
N ALA J 494 -52.90 10.30 -44.82
CA ALA J 494 -53.37 9.14 -44.06
C ALA J 494 -52.39 7.99 -44.13
N ALA J 495 -51.82 7.75 -45.31
CA ALA J 495 -50.90 6.62 -45.47
C ALA J 495 -49.69 6.75 -44.56
N VAL J 496 -49.23 7.98 -44.30
CA VAL J 496 -48.12 8.18 -43.38
C VAL J 496 -48.50 7.68 -41.99
N LYS J 497 -49.70 8.04 -41.52
CA LYS J 497 -50.13 7.60 -40.19
C LYS J 497 -50.33 6.10 -40.14
N LYS J 498 -50.89 5.52 -41.21
CA LYS J 498 -51.09 4.08 -41.26
C LYS J 498 -49.75 3.36 -41.14
N GLN J 499 -48.76 3.80 -41.91
CA GLN J 499 -47.45 3.17 -41.84
C GLN J 499 -46.77 3.45 -40.50
N ALA J 500 -47.03 4.61 -39.90
CA ALA J 500 -46.48 4.90 -38.58
C ALA J 500 -46.99 3.89 -37.56
N ILE J 501 -48.29 3.68 -37.53
CA ILE J 501 -48.88 2.73 -36.59
C ILE J 501 -48.35 1.33 -36.87
N LYS J 502 -48.28 0.94 -38.15
CA LYS J 502 -47.83 -0.40 -38.50
C LYS J 502 -46.39 -0.63 -38.06
N SER J 503 -45.50 0.32 -38.38
CA SER J 503 -44.10 0.16 -38.02
C SER J 503 -43.91 0.15 -36.50
N ALA J 504 -44.67 0.99 -35.80
CA ALA J 504 -44.58 0.98 -34.34
C ALA J 504 -45.03 -0.36 -33.78
N THR J 505 -46.08 -0.93 -34.36
CA THR J 505 -46.57 -2.23 -33.92
C THR J 505 -45.51 -3.31 -34.11
N GLU J 506 -44.96 -3.39 -35.31
CA GLU J 506 -43.92 -4.38 -35.57
C GLU J 506 -42.71 -4.17 -34.66
N ALA J 507 -42.34 -2.91 -34.41
CA ALA J 507 -41.21 -2.64 -33.55
C ALA J 507 -41.45 -3.14 -32.14
N ALA J 508 -42.59 -2.75 -31.55
CA ALA J 508 -42.91 -3.15 -30.19
C ALA J 508 -43.04 -4.66 -30.10
N THR J 509 -43.69 -5.29 -31.08
CA THR J 509 -43.90 -6.72 -31.04
C THR J 509 -42.59 -7.47 -31.09
N MET J 510 -41.74 -7.17 -32.08
CA MET J 510 -40.52 -7.96 -32.24
C MET J 510 -39.45 -7.57 -31.22
N ILE J 511 -39.60 -6.44 -30.52
CA ILE J 511 -38.75 -6.20 -29.36
C ILE J 511 -39.26 -6.97 -28.16
N LEU J 512 -40.58 -7.09 -28.02
CA LEU J 512 -41.14 -7.91 -26.94
C LEU J 512 -40.86 -9.39 -27.14
N ARG J 513 -40.65 -9.82 -28.38
CA ARG J 513 -40.52 -11.24 -28.67
C ARG J 513 -39.14 -11.80 -28.34
N ILE J 514 -38.21 -10.98 -27.86
CA ILE J 514 -36.88 -11.45 -27.48
C ILE J 514 -36.90 -11.86 -26.02
N ASP J 515 -36.03 -12.80 -25.66
CA ASP J 515 -35.92 -13.31 -24.30
C ASP J 515 -34.60 -12.92 -23.63
N ASP J 516 -33.46 -13.27 -24.21
CA ASP J 516 -32.19 -12.96 -23.57
C ASP J 516 -31.07 -12.87 -24.58
N ILE J 517 -29.95 -12.33 -24.12
CA ILE J 517 -28.78 -12.03 -24.95
C ILE J 517 -27.82 -13.20 -24.86
N ILE J 518 -27.34 -13.66 -26.02
CA ILE J 518 -26.40 -14.78 -26.12
C ILE J 518 -25.26 -14.37 -27.05
N PRO J 519 -24.03 -14.84 -26.85
CA PRO J 519 -22.95 -14.48 -27.79
C PRO J 519 -23.02 -15.37 -29.01
N ALA J 520 -23.08 -14.74 -30.18
CA ALA J 520 -23.20 -15.45 -31.44
C ALA J 520 -21.83 -15.65 -32.08
N LYS J 521 -21.62 -16.81 -32.68
CA LYS J 521 -20.38 -17.08 -33.40
C LYS J 521 -20.26 -16.09 -34.57
N ALA J 522 -19.10 -15.46 -34.68
CA ALA J 522 -18.87 -14.53 -35.78
C ALA J 522 -18.59 -15.32 -37.07
N PRO J 523 -19.15 -14.93 -38.22
CA PRO J 523 -18.81 -15.65 -39.45
C PRO J 523 -17.36 -15.42 -39.85
N THR J 524 -16.64 -16.50 -40.10
CA THR J 524 -15.24 -16.40 -40.48
C THR J 524 -15.10 -16.06 -41.96
N ASP K 19 -17.05 -32.69 -9.75
CA ASP K 19 -18.18 -33.38 -10.43
C ASP K 19 -18.30 -32.89 -11.87
N ALA K 20 -17.41 -33.39 -12.73
CA ALA K 20 -17.42 -32.96 -14.12
C ALA K 20 -18.67 -33.43 -14.84
N ARG K 21 -19.24 -34.55 -14.42
CA ARG K 21 -20.54 -34.96 -14.95
C ARG K 21 -21.61 -33.94 -14.60
N LYS K 22 -21.60 -33.44 -13.36
CA LYS K 22 -22.54 -32.40 -12.98
C LYS K 22 -22.30 -31.13 -13.79
N ASN K 23 -21.04 -30.81 -14.08
CA ASN K 23 -20.75 -29.63 -14.89
C ASN K 23 -21.29 -29.78 -16.30
N ASN K 24 -21.09 -30.95 -16.91
CA ASN K 24 -21.59 -31.17 -18.27
C ASN K 24 -23.12 -31.15 -18.28
N ILE K 25 -23.75 -31.75 -17.26
CA ILE K 25 -25.20 -31.73 -17.18
C ILE K 25 -25.69 -30.30 -17.02
N ALA K 26 -24.97 -29.48 -16.26
CA ALA K 26 -25.36 -28.09 -16.09
C ALA K 26 -25.26 -27.32 -17.40
N ALA K 27 -24.21 -27.58 -18.18
CA ALA K 27 -24.09 -26.90 -19.48
C ALA K 27 -25.21 -27.33 -20.42
N ALA K 28 -25.52 -28.62 -20.46
CA ALA K 28 -26.62 -29.10 -21.29
C ALA K 28 -27.94 -28.51 -20.82
N ARG K 29 -28.12 -28.39 -19.50
CA ARG K 29 -29.30 -27.74 -18.95
C ARG K 29 -29.39 -26.29 -19.39
N ALA K 30 -28.26 -25.58 -19.38
CA ALA K 30 -28.26 -24.17 -19.77
C ALA K 30 -28.70 -24.03 -21.22
N ILE K 31 -28.15 -24.86 -22.11
CA ILE K 31 -28.55 -24.78 -23.51
C ILE K 31 -30.00 -25.19 -23.68
N ALA K 32 -30.44 -26.22 -22.94
CA ALA K 32 -31.82 -26.67 -23.06
C ALA K 32 -32.78 -25.59 -22.62
N ASP K 33 -32.48 -24.90 -21.53
CA ASP K 33 -33.35 -23.82 -21.07
C ASP K 33 -33.29 -22.63 -22.01
N MET K 34 -32.13 -22.37 -22.63
CA MET K 34 -32.02 -21.27 -23.58
C MET K 34 -32.91 -21.51 -24.79
N VAL K 35 -32.91 -22.75 -25.31
CA VAL K 35 -33.71 -23.08 -26.49
C VAL K 35 -35.13 -23.50 -26.13
N LYS K 36 -35.43 -23.67 -24.84
CA LYS K 36 -36.78 -24.06 -24.43
C LYS K 36 -37.82 -23.03 -24.84
N THR K 37 -37.49 -21.75 -24.71
CA THR K 37 -38.48 -20.69 -24.90
C THR K 37 -38.93 -20.56 -26.35
N THR K 38 -38.25 -21.20 -27.30
CA THR K 38 -38.55 -21.06 -28.72
C THR K 38 -39.22 -22.31 -29.31
N LEU K 39 -39.99 -23.03 -28.50
CA LEU K 39 -40.69 -24.23 -28.94
C LEU K 39 -42.17 -23.93 -29.01
N GLY K 40 -42.68 -23.75 -30.23
CA GLY K 40 -44.11 -23.63 -30.47
C GLY K 40 -44.47 -22.52 -31.42
N PRO K 41 -45.78 -22.37 -31.70
CA PRO K 41 -46.23 -21.24 -32.51
C PRO K 41 -45.83 -19.91 -31.94
N ARG K 42 -45.93 -19.76 -30.62
CA ARG K 42 -45.64 -18.52 -29.93
C ARG K 42 -44.22 -18.51 -29.37
N GLY K 43 -43.31 -19.21 -30.04
CA GLY K 43 -41.94 -19.27 -29.60
C GLY K 43 -41.31 -17.90 -29.53
N MET K 44 -40.99 -17.47 -28.32
CA MET K 44 -40.36 -16.18 -28.12
C MET K 44 -39.02 -16.18 -28.84
N ASN K 45 -38.89 -15.33 -29.86
CA ASN K 45 -37.71 -15.39 -30.71
C ASN K 45 -36.44 -15.06 -29.93
N LYS K 46 -35.30 -15.36 -30.56
CA LYS K 46 -33.98 -15.20 -29.99
C LYS K 46 -33.16 -14.31 -30.90
N MET K 47 -32.21 -13.58 -30.30
CA MET K 47 -31.34 -12.66 -31.02
C MET K 47 -29.92 -13.20 -30.95
N LEU K 48 -29.19 -13.07 -32.07
CA LEU K 48 -27.82 -13.56 -32.17
C LEU K 48 -26.90 -12.38 -32.49
N VAL K 49 -26.13 -11.96 -31.48
CA VAL K 49 -25.20 -10.83 -31.60
C VAL K 49 -23.78 -11.37 -31.56
N ASN K 50 -22.94 -10.83 -32.45
CA ASN K 50 -21.54 -11.23 -32.57
C ASN K 50 -20.66 -10.00 -32.38
N SER K 51 -19.35 -10.24 -32.26
CA SER K 51 -18.41 -9.15 -32.06
C SER K 51 -18.44 -8.16 -33.22
N LEU K 52 -18.73 -8.64 -34.43
CA LEU K 52 -18.87 -7.75 -35.57
C LEU K 52 -20.08 -6.84 -35.47
N GLY K 53 -21.03 -7.14 -34.57
CA GLY K 53 -22.20 -6.31 -34.38
C GLY K 53 -23.41 -6.69 -35.22
N ASP K 54 -23.26 -7.63 -36.15
CA ASP K 54 -24.41 -8.07 -36.95
C ASP K 54 -25.39 -8.78 -36.03
N VAL K 55 -26.68 -8.54 -36.26
CA VAL K 55 -27.76 -9.10 -35.46
C VAL K 55 -28.77 -9.75 -36.39
N THR K 56 -29.17 -10.98 -36.07
CA THR K 56 -30.21 -11.69 -36.79
C THR K 56 -31.21 -12.24 -35.78
N ILE K 57 -32.49 -11.99 -36.02
CA ILE K 57 -33.56 -12.49 -35.16
C ILE K 57 -34.07 -13.79 -35.76
N THR K 58 -34.06 -14.86 -34.98
CA THR K 58 -34.54 -16.16 -35.41
C THR K 58 -35.24 -16.86 -34.26
N ASN K 59 -36.10 -17.81 -34.61
CA ASN K 59 -36.75 -18.68 -33.63
C ASN K 59 -36.55 -20.15 -33.90
N ASP K 60 -36.24 -20.55 -35.12
CA ASP K 60 -36.00 -21.96 -35.40
C ASP K 60 -34.71 -22.39 -34.72
N GLY K 61 -34.80 -23.44 -33.90
CA GLY K 61 -33.71 -23.82 -33.03
C GLY K 61 -32.44 -24.19 -33.75
N ALA K 62 -32.52 -24.57 -35.03
CA ALA K 62 -31.33 -25.00 -35.75
C ALA K 62 -30.30 -23.88 -35.83
N THR K 63 -30.74 -22.68 -36.20
CA THR K 63 -29.85 -21.52 -36.21
C THR K 63 -29.28 -21.26 -34.82
N ILE K 64 -30.14 -21.35 -33.80
CA ILE K 64 -29.76 -20.95 -32.46
C ILE K 64 -28.67 -21.87 -31.95
N LEU K 65 -28.74 -23.15 -32.31
CA LEU K 65 -27.66 -24.09 -32.03
C LEU K 65 -26.49 -23.94 -32.99
N GLU K 66 -26.72 -23.41 -34.20
CA GLU K 66 -25.62 -23.36 -35.22
C GLU K 66 -24.62 -22.24 -34.88
N GLU K 67 -25.03 -20.98 -34.79
CA GLU K 67 -24.10 -19.86 -34.60
C GLU K 67 -24.16 -19.26 -33.21
N MET K 68 -24.26 -20.09 -32.17
CA MET K 68 -24.03 -19.66 -30.80
C MET K 68 -22.61 -20.02 -30.36
N ASP K 69 -22.09 -19.24 -29.41
CA ASP K 69 -20.77 -19.48 -28.85
C ASP K 69 -20.86 -20.48 -27.71
N ILE K 70 -20.03 -21.52 -27.78
CA ILE K 70 -19.99 -22.56 -26.75
C ILE K 70 -18.53 -22.93 -26.49
N GLU K 71 -18.04 -22.56 -25.31
CA GLU K 71 -16.71 -22.99 -24.89
C GLU K 71 -16.74 -24.36 -24.21
N HIS K 72 -17.87 -24.71 -23.60
CA HIS K 72 -17.98 -25.98 -22.91
C HIS K 72 -18.07 -27.11 -23.93
N PRO K 73 -17.21 -28.15 -23.86
CA PRO K 73 -17.22 -29.14 -24.95
C PRO K 73 -18.40 -30.11 -24.89
N ALA K 74 -18.89 -30.39 -23.68
CA ALA K 74 -20.11 -31.17 -23.56
C ALA K 74 -21.27 -30.47 -24.26
N ALA K 75 -21.34 -29.15 -24.11
CA ALA K 75 -22.27 -28.37 -24.92
C ALA K 75 -21.94 -28.48 -26.39
N LYS K 76 -20.64 -28.50 -26.72
CA LYS K 76 -20.23 -28.56 -28.13
C LYS K 76 -20.68 -29.85 -28.80
N MET K 77 -20.93 -30.92 -28.04
CA MET K 77 -21.51 -32.11 -28.66
C MET K 77 -22.91 -31.85 -29.17
N LEU K 78 -23.69 -31.01 -28.47
CA LEU K 78 -25.06 -30.77 -28.90
C LEU K 78 -25.10 -30.10 -30.27
N LYS K 79 -24.03 -29.40 -30.68
CA LYS K 79 -23.89 -28.99 -32.06
C LYS K 79 -24.02 -30.19 -32.99
N GLU K 80 -23.28 -31.25 -32.70
CA GLU K 80 -23.29 -32.42 -33.57
C GLU K 80 -24.64 -33.09 -33.53
N VAL K 81 -25.26 -33.12 -32.35
CA VAL K 81 -26.60 -33.70 -32.22
C VAL K 81 -27.59 -32.94 -33.11
N ALA K 82 -27.56 -31.61 -33.06
CA ALA K 82 -28.45 -30.80 -33.88
C ALA K 82 -28.15 -30.99 -35.36
N LYS K 83 -26.87 -31.08 -35.72
CA LYS K 83 -26.50 -31.31 -37.12
C LYS K 83 -27.07 -32.63 -37.62
N ALA K 84 -26.94 -33.68 -36.81
CA ALA K 84 -27.48 -34.97 -37.20
C ALA K 84 -29.00 -34.92 -37.34
N GLN K 85 -29.66 -34.22 -36.40
CA GLN K 85 -31.10 -34.08 -36.48
C GLN K 85 -31.51 -33.39 -37.77
N GLU K 86 -30.81 -32.31 -38.12
CA GLU K 86 -31.12 -31.60 -39.35
C GLU K 86 -30.85 -32.47 -40.57
N GLU K 87 -29.77 -33.26 -40.52
CA GLU K 87 -29.41 -34.08 -41.69
C GLU K 87 -30.44 -35.15 -41.94
N GLU K 88 -30.81 -35.92 -40.91
CA GLU K 88 -31.78 -36.98 -41.13
C GLU K 88 -33.20 -36.44 -41.29
N ALA K 89 -33.70 -35.70 -40.30
CA ALA K 89 -35.08 -35.23 -40.30
C ALA K 89 -35.22 -33.84 -40.91
N GLY K 90 -34.37 -32.89 -40.50
CA GLY K 90 -34.46 -31.53 -40.96
C GLY K 90 -35.39 -30.65 -40.14
N ASP K 91 -36.24 -31.24 -39.31
CA ASP K 91 -37.13 -30.48 -38.44
C ASP K 91 -37.29 -31.24 -37.14
N GLY K 92 -37.12 -30.55 -36.02
CA GLY K 92 -37.27 -31.14 -34.70
C GLY K 92 -36.02 -31.00 -33.85
N THR K 93 -35.17 -30.01 -34.15
CA THR K 93 -33.98 -29.81 -33.35
C THR K 93 -34.31 -29.22 -31.98
N THR K 94 -35.26 -28.28 -31.93
CA THR K 94 -35.64 -27.72 -30.64
C THR K 94 -36.32 -28.78 -29.77
N THR K 95 -37.13 -29.64 -30.37
CA THR K 95 -37.74 -30.73 -29.63
C THR K 95 -36.67 -31.67 -29.08
N ALA K 96 -35.67 -31.98 -29.90
CA ALA K 96 -34.61 -32.88 -29.48
C ALA K 96 -33.83 -32.28 -28.32
N VAL K 97 -33.48 -30.99 -28.40
CA VAL K 97 -32.68 -30.39 -27.35
C VAL K 97 -33.47 -30.26 -26.06
N VAL K 98 -34.76 -29.91 -26.15
CA VAL K 98 -35.56 -29.80 -24.94
C VAL K 98 -35.77 -31.17 -24.31
N LEU K 99 -35.97 -32.20 -25.14
CA LEU K 99 -36.10 -33.55 -24.61
C LEU K 99 -34.82 -33.99 -23.92
N ALA K 100 -33.67 -33.67 -24.51
CA ALA K 100 -32.41 -33.98 -23.87
C ALA K 100 -32.27 -33.25 -22.55
N GLY K 101 -32.72 -32.00 -22.49
CA GLY K 101 -32.66 -31.26 -21.24
C GLY K 101 -33.48 -31.91 -20.15
N ALA K 102 -34.72 -32.30 -20.48
CA ALA K 102 -35.58 -32.93 -19.48
C ALA K 102 -35.02 -34.30 -19.08
N LEU K 103 -34.47 -35.03 -20.05
CA LEU K 103 -33.90 -36.33 -19.76
C LEU K 103 -32.72 -36.22 -18.80
N LEU K 104 -31.84 -35.26 -19.04
CA LEU K 104 -30.72 -35.08 -18.13
C LEU K 104 -31.17 -34.51 -16.80
N GLU K 105 -32.27 -33.75 -16.78
CA GLU K 105 -32.89 -33.36 -15.51
C GLU K 105 -33.20 -34.58 -14.67
N GLU K 106 -34.02 -35.49 -15.21
CA GLU K 106 -34.40 -36.66 -14.43
C GLU K 106 -33.21 -37.59 -14.19
N ALA K 107 -32.21 -37.57 -15.07
CA ALA K 107 -31.03 -38.38 -14.85
C ALA K 107 -30.24 -37.88 -13.66
N GLU K 108 -30.01 -36.57 -13.58
CA GLU K 108 -29.35 -35.99 -12.41
C GLU K 108 -30.16 -36.29 -11.16
N LYS K 109 -31.49 -36.24 -11.27
CA LYS K 109 -32.35 -36.63 -10.16
C LYS K 109 -32.05 -38.04 -9.70
N LEU K 110 -32.01 -39.00 -10.63
CA LEU K 110 -31.86 -40.39 -10.26
C LEU K 110 -30.45 -40.68 -9.74
N ILE K 111 -29.45 -39.92 -10.19
CA ILE K 111 -28.11 -40.09 -9.62
C ILE K 111 -28.06 -39.54 -8.20
N GLU K 112 -28.79 -38.45 -7.91
CA GLU K 112 -28.82 -37.98 -6.53
C GLU K 112 -29.45 -39.01 -5.60
N GLN K 113 -30.48 -39.73 -6.06
CA GLN K 113 -31.06 -40.78 -5.23
C GLN K 113 -30.04 -41.87 -4.94
N GLY K 114 -29.28 -42.27 -5.95
CA GLY K 114 -28.20 -43.24 -5.78
C GLY K 114 -28.06 -44.25 -6.91
N ILE K 115 -28.93 -44.19 -7.92
CA ILE K 115 -28.85 -45.14 -9.02
C ILE K 115 -27.57 -44.88 -9.80
N HIS K 116 -26.89 -45.96 -10.16
CA HIS K 116 -25.67 -45.84 -10.94
C HIS K 116 -25.99 -45.30 -12.34
N PRO K 117 -25.09 -44.56 -12.96
CA PRO K 117 -25.38 -44.05 -14.32
C PRO K 117 -25.67 -45.13 -15.35
N THR K 118 -24.98 -46.28 -15.27
CA THR K 118 -25.17 -47.31 -16.30
C THR K 118 -26.58 -47.87 -16.24
N THR K 119 -27.14 -48.02 -15.04
CA THR K 119 -28.53 -48.44 -14.93
C THR K 119 -29.46 -47.42 -15.57
N ILE K 120 -29.14 -46.13 -15.41
CA ILE K 120 -29.93 -45.08 -16.04
C ILE K 120 -29.89 -45.23 -17.55
N ILE K 121 -28.70 -45.49 -18.10
CA ILE K 121 -28.57 -45.62 -19.55
C ILE K 121 -29.37 -46.82 -20.04
N LYS K 122 -29.28 -47.94 -19.33
CA LYS K 122 -30.02 -49.13 -19.76
C LYS K 122 -31.52 -48.88 -19.71
N GLY K 123 -32.00 -48.24 -18.64
CA GLY K 123 -33.40 -47.93 -18.55
C GLY K 123 -33.87 -47.01 -19.66
N TYR K 124 -33.07 -45.98 -19.96
CA TYR K 124 -33.44 -45.07 -21.05
C TYR K 124 -33.46 -45.79 -22.38
N ARG K 125 -32.52 -46.71 -22.61
CA ARG K 125 -32.50 -47.47 -23.85
C ARG K 125 -33.78 -48.28 -24.01
N LYS K 126 -34.17 -49.02 -22.96
CA LYS K 126 -35.39 -49.81 -23.05
C LYS K 126 -36.62 -48.91 -23.21
N ALA K 127 -36.64 -47.80 -22.45
CA ALA K 127 -37.76 -46.86 -22.53
C ALA K 127 -37.91 -46.33 -23.94
N VAL K 128 -36.79 -46.05 -24.61
CA VAL K 128 -36.86 -45.40 -25.91
C VAL K 128 -37.18 -46.41 -26.99
N ASP K 129 -36.76 -47.67 -26.84
CA ASP K 129 -37.22 -48.70 -27.76
C ASP K 129 -38.74 -48.81 -27.69
N LYS K 130 -39.29 -48.91 -26.48
CA LYS K 130 -40.75 -48.98 -26.37
C LYS K 130 -41.40 -47.67 -26.79
N ALA K 131 -40.71 -46.54 -26.66
CA ALA K 131 -41.27 -45.27 -27.09
C ALA K 131 -41.43 -45.22 -28.61
N LEU K 132 -40.40 -45.64 -29.33
CA LEU K 132 -40.53 -45.71 -30.79
C LEU K 132 -41.62 -46.69 -31.19
N GLU K 133 -41.70 -47.83 -30.52
CA GLU K 133 -42.77 -48.77 -30.86
C GLU K 133 -44.15 -48.16 -30.63
N VAL K 134 -44.33 -47.50 -29.48
CA VAL K 134 -45.62 -46.92 -29.14
C VAL K 134 -45.98 -45.81 -30.14
N LEU K 135 -45.00 -44.98 -30.49
CA LEU K 135 -45.25 -43.95 -31.49
C LEU K 135 -45.64 -44.55 -32.82
N GLU K 136 -45.06 -45.70 -33.17
CA GLU K 136 -45.49 -46.39 -34.39
C GLU K 136 -46.95 -46.81 -34.30
N GLU K 137 -47.37 -47.35 -33.15
CA GLU K 137 -48.77 -47.79 -33.06
C GLU K 137 -49.74 -46.61 -33.10
N VAL K 138 -49.43 -45.56 -32.34
CA VAL K 138 -50.42 -44.48 -32.14
C VAL K 138 -50.59 -43.65 -33.42
N ALA K 139 -49.58 -43.62 -34.28
CA ALA K 139 -49.63 -42.72 -35.43
C ALA K 139 -50.75 -43.11 -36.39
N ILE K 140 -51.48 -42.10 -36.85
CA ILE K 140 -52.61 -42.26 -37.76
C ILE K 140 -52.06 -42.14 -39.19
N PRO K 141 -52.42 -43.01 -40.14
CA PRO K 141 -51.82 -42.92 -41.47
C PRO K 141 -52.55 -41.91 -42.36
N VAL K 142 -51.86 -41.50 -43.41
CA VAL K 142 -52.35 -40.48 -44.34
C VAL K 142 -52.08 -40.95 -45.77
N ASP K 143 -53.09 -40.80 -46.63
CA ASP K 143 -52.93 -40.97 -48.06
C ASP K 143 -52.38 -39.67 -48.65
N PRO K 144 -51.67 -39.72 -49.78
CA PRO K 144 -51.13 -38.48 -50.36
C PRO K 144 -52.11 -37.68 -51.20
N ASP K 145 -53.41 -38.00 -51.16
CA ASP K 145 -54.43 -37.27 -51.89
C ASP K 145 -55.43 -36.54 -51.00
N ASP K 146 -55.35 -36.70 -49.68
CA ASP K 146 -56.26 -36.01 -48.76
C ASP K 146 -55.73 -34.60 -48.55
N GLU K 147 -56.25 -33.65 -49.34
CA GLU K 147 -55.66 -32.32 -49.42
C GLU K 147 -55.68 -31.60 -48.08
N GLU K 148 -56.77 -31.74 -47.32
CA GLU K 148 -56.88 -31.06 -46.04
C GLU K 148 -55.82 -31.55 -45.06
N THR K 149 -55.55 -32.85 -45.04
CA THR K 149 -54.52 -33.37 -44.13
C THR K 149 -53.14 -32.87 -44.50
N LEU K 150 -52.81 -32.82 -45.80
CA LEU K 150 -51.52 -32.26 -46.20
C LEU K 150 -51.42 -30.80 -45.83
N LYS K 151 -52.52 -30.05 -46.00
CA LYS K 151 -52.52 -28.65 -45.60
C LYS K 151 -52.32 -28.50 -44.10
N ALA K 152 -52.92 -29.39 -43.31
CA ALA K 152 -52.75 -29.32 -41.87
C ALA K 152 -51.32 -29.61 -41.46
N VAL K 153 -50.70 -30.64 -42.06
CA VAL K 153 -49.31 -30.94 -41.78
C VAL K 153 -48.43 -29.75 -42.17
N ALA K 154 -48.70 -29.18 -43.34
CA ALA K 154 -47.94 -28.05 -43.81
C ALA K 154 -48.05 -26.88 -42.85
N ARG K 155 -49.26 -26.57 -42.39
CA ARG K 155 -49.45 -25.45 -41.47
C ARG K 155 -48.77 -25.71 -40.14
N THR K 156 -48.85 -26.95 -39.64
CA THR K 156 -48.23 -27.25 -38.35
C THR K 156 -46.73 -27.07 -38.41
N ALA K 157 -46.08 -27.50 -39.50
CA ALA K 157 -44.65 -27.26 -39.62
C ALA K 157 -44.36 -25.79 -39.91
N MET K 158 -45.17 -25.18 -40.78
CA MET K 158 -45.08 -23.76 -41.13
C MET K 158 -45.09 -22.90 -39.87
N THR K 159 -45.84 -23.35 -38.86
CA THR K 159 -45.95 -22.69 -37.58
C THR K 159 -44.57 -22.37 -36.98
N GLY K 160 -44.54 -21.31 -36.17
CA GLY K 160 -43.37 -20.96 -35.39
C GLY K 160 -42.74 -19.65 -35.80
N LYS K 161 -42.61 -19.42 -37.10
CA LYS K 161 -41.78 -18.35 -37.63
C LYS K 161 -42.54 -17.40 -38.55
N ALA K 162 -43.45 -17.90 -39.38
CA ALA K 162 -44.20 -17.04 -40.27
C ALA K 162 -45.20 -16.20 -39.50
N SER K 163 -45.52 -15.02 -40.04
CA SER K 163 -46.52 -14.17 -39.44
C SER K 163 -47.88 -14.84 -39.50
N GLU K 164 -48.75 -14.47 -38.56
CA GLU K 164 -50.07 -15.08 -38.47
C GLU K 164 -50.92 -14.80 -39.71
N GLU K 165 -50.69 -13.68 -40.38
CA GLU K 165 -51.59 -13.26 -41.46
C GLU K 165 -51.47 -14.16 -42.68
N ASN K 166 -50.25 -14.62 -43.01
CA ASN K 166 -49.97 -15.26 -44.29
C ASN K 166 -49.80 -16.77 -44.15
N ARG K 167 -50.28 -17.35 -43.05
CA ARG K 167 -50.15 -18.79 -42.84
C ARG K 167 -50.91 -19.57 -43.92
N GLU K 168 -52.17 -19.20 -44.16
CA GLU K 168 -52.96 -19.90 -45.17
C GLU K 168 -52.36 -19.72 -46.55
N GLU K 169 -51.88 -18.52 -46.86
CA GLU K 169 -51.33 -18.25 -48.18
C GLU K 169 -50.10 -19.11 -48.44
N ILE K 170 -49.13 -19.08 -47.52
CA ILE K 170 -47.91 -19.83 -47.72
C ILE K 170 -48.17 -21.33 -47.70
N ALA K 171 -49.11 -21.79 -46.87
CA ALA K 171 -49.44 -23.21 -46.87
C ALA K 171 -50.05 -23.63 -48.20
N ASP K 172 -50.95 -22.80 -48.74
CA ASP K 172 -51.55 -23.10 -50.04
C ASP K 172 -50.49 -23.16 -51.12
N LEU K 173 -49.57 -22.19 -51.12
CA LEU K 173 -48.51 -22.20 -52.13
C LEU K 173 -47.60 -23.41 -51.93
N VAL K 174 -47.36 -23.81 -50.69
CA VAL K 174 -46.51 -24.97 -50.42
C VAL K 174 -47.12 -26.23 -51.02
N VAL K 175 -48.39 -26.48 -50.74
CA VAL K 175 -49.02 -27.69 -51.26
C VAL K 175 -49.16 -27.61 -52.77
N GLU K 176 -49.42 -26.42 -53.31
CA GLU K 176 -49.53 -26.26 -54.75
C GLU K 176 -48.20 -26.58 -55.42
N ALA K 177 -47.10 -26.07 -54.88
CA ALA K 177 -45.79 -26.36 -55.45
C ALA K 177 -45.45 -27.83 -55.33
N VAL K 178 -45.78 -28.44 -54.18
CA VAL K 178 -45.47 -29.85 -53.98
C VAL K 178 -46.21 -30.71 -54.98
N LEU K 179 -47.48 -30.41 -55.22
CA LEU K 179 -48.27 -31.21 -56.16
C LEU K 179 -47.84 -30.94 -57.60
N SER K 180 -47.67 -29.67 -57.98
CA SER K 180 -47.39 -29.34 -59.38
C SER K 180 -46.00 -29.81 -59.79
N LEU K 181 -45.00 -29.63 -58.91
CA LEU K 181 -43.64 -30.13 -59.16
C LEU K 181 -43.44 -31.55 -58.64
N ALA K 182 -44.51 -32.33 -58.55
CA ALA K 182 -44.42 -33.71 -58.07
C ALA K 182 -43.77 -34.59 -59.12
N GLU K 183 -42.45 -34.76 -59.04
CA GLU K 183 -41.71 -35.62 -59.95
C GLU K 183 -41.86 -37.06 -59.47
N ASP K 184 -42.74 -37.82 -60.13
CA ASP K 184 -43.09 -39.16 -59.68
C ASP K 184 -41.92 -40.10 -59.98
N GLY K 185 -40.94 -40.10 -59.09
CA GLY K 185 -39.80 -40.98 -59.17
C GLY K 185 -40.04 -42.31 -58.48
N GLY K 186 -40.97 -43.10 -59.01
CA GLY K 186 -41.31 -44.37 -58.41
C GLY K 186 -41.95 -44.23 -57.04
N GLY K 187 -42.89 -43.31 -56.88
CA GLY K 187 -43.59 -43.08 -55.63
C GLY K 187 -42.95 -42.05 -54.73
N LYS K 188 -41.63 -42.10 -54.60
CA LYS K 188 -40.89 -41.15 -53.76
C LYS K 188 -40.66 -39.88 -54.59
N TYR K 189 -41.49 -38.87 -54.37
CA TYR K 189 -41.37 -37.63 -55.12
C TYR K 189 -40.14 -36.87 -54.69
N ARG K 190 -39.32 -36.46 -55.66
CA ARG K 190 -38.07 -35.75 -55.39
C ARG K 190 -38.36 -34.25 -55.28
N VAL K 191 -39.07 -33.90 -54.21
CA VAL K 191 -39.37 -32.49 -53.91
C VAL K 191 -38.21 -31.99 -53.06
N ASP K 192 -37.13 -31.60 -53.72
CA ASP K 192 -35.94 -31.11 -53.03
C ASP K 192 -36.12 -29.65 -52.65
N LEU K 193 -35.30 -29.21 -51.70
CA LEU K 193 -35.36 -27.82 -51.26
C LEU K 193 -34.91 -26.86 -52.36
N ASP K 194 -33.99 -27.30 -53.22
CA ASP K 194 -33.45 -26.48 -54.30
C ASP K 194 -34.19 -26.69 -55.62
N ASN K 195 -35.47 -27.04 -55.58
CA ASN K 195 -36.27 -27.33 -56.76
C ASN K 195 -37.40 -26.35 -56.99
N ILE K 196 -37.89 -25.69 -55.95
CA ILE K 196 -39.08 -24.84 -56.04
C ILE K 196 -38.64 -23.40 -56.18
N LYS K 197 -39.35 -22.64 -57.02
CA LYS K 197 -38.88 -21.37 -57.56
C LYS K 197 -39.39 -20.21 -56.71
N ILE K 198 -38.48 -19.57 -55.96
CA ILE K 198 -38.76 -18.31 -55.29
C ILE K 198 -37.56 -17.41 -55.49
N GLU K 199 -37.79 -16.09 -55.40
CA GLU K 199 -36.75 -15.08 -55.43
C GLU K 199 -36.82 -14.23 -54.17
N LYS K 200 -35.67 -13.70 -53.75
CA LYS K 200 -35.55 -12.88 -52.55
C LYS K 200 -35.54 -11.41 -52.94
N GLN K 201 -36.30 -10.60 -52.21
CA GLN K 201 -36.34 -9.16 -52.44
C GLN K 201 -37.01 -8.49 -51.24
N THR K 202 -36.50 -7.32 -50.88
CA THR K 202 -37.05 -6.57 -49.75
C THR K 202 -38.39 -5.97 -50.12
N GLY K 203 -39.29 -5.90 -49.15
CA GLY K 203 -40.60 -5.31 -49.35
C GLY K 203 -41.54 -6.24 -50.11
N GLY K 204 -42.58 -5.63 -50.67
CA GLY K 204 -43.57 -6.41 -51.40
C GLY K 204 -44.31 -7.35 -50.48
N GLY K 205 -44.37 -8.62 -50.86
CA GLY K 205 -45.05 -9.62 -50.07
C GLY K 205 -44.61 -11.01 -50.46
N ALA K 206 -45.22 -11.99 -49.80
CA ALA K 206 -44.91 -13.40 -50.06
C ALA K 206 -45.66 -13.97 -51.24
N SER K 207 -46.49 -13.17 -51.93
CA SER K 207 -47.27 -13.64 -53.06
C SER K 207 -46.46 -13.82 -54.34
N ASP K 208 -45.13 -13.64 -54.28
CA ASP K 208 -44.25 -13.91 -55.41
C ASP K 208 -43.62 -15.29 -55.36
N THR K 209 -44.08 -16.16 -54.45
CA THR K 209 -43.60 -17.54 -54.37
C THR K 209 -44.39 -18.38 -55.38
N GLU K 210 -44.14 -18.10 -56.65
CA GLU K 210 -44.79 -18.74 -57.78
C GLU K 210 -43.80 -19.59 -58.55
N LEU K 211 -44.33 -20.46 -59.41
CA LEU K 211 -43.52 -21.36 -60.21
C LEU K 211 -43.04 -20.62 -61.45
N ILE K 212 -41.84 -20.05 -61.36
CA ILE K 212 -41.17 -19.42 -62.50
C ILE K 212 -40.13 -20.41 -63.00
N GLU K 213 -40.37 -21.01 -64.16
CA GLU K 213 -39.61 -22.17 -64.59
C GLU K 213 -38.19 -21.81 -64.98
N GLY K 214 -37.38 -21.45 -64.00
CA GLY K 214 -35.99 -21.08 -64.24
C GLY K 214 -35.39 -20.40 -63.04
N VAL K 215 -34.06 -20.49 -62.96
CA VAL K 215 -33.33 -19.90 -61.85
C VAL K 215 -33.15 -18.41 -62.12
N VAL K 216 -33.70 -17.58 -61.23
CA VAL K 216 -33.64 -16.13 -61.37
C VAL K 216 -32.44 -15.62 -60.57
N LEU K 217 -31.62 -14.79 -61.21
CA LEU K 217 -30.42 -14.23 -60.59
C LEU K 217 -30.66 -12.79 -60.19
N ASP K 218 -30.24 -12.44 -58.98
CA ASP K 218 -30.38 -11.07 -58.46
C ASP K 218 -29.17 -10.22 -58.88
N LYS K 219 -29.07 -10.01 -60.19
CA LYS K 219 -28.03 -9.18 -60.77
C LYS K 219 -28.59 -8.44 -61.97
N GLU K 220 -28.16 -7.19 -62.13
CA GLU K 220 -28.63 -6.36 -63.22
C GLU K 220 -27.91 -6.71 -64.52
N PRO K 221 -28.50 -6.39 -65.68
CA PRO K 221 -27.74 -6.54 -66.93
C PRO K 221 -26.53 -5.62 -66.94
N VAL K 222 -25.44 -6.11 -67.54
CA VAL K 222 -24.21 -5.33 -67.57
C VAL K 222 -24.35 -4.13 -68.50
N HIS K 223 -25.03 -4.30 -69.64
CA HIS K 223 -25.14 -3.29 -70.68
C HIS K 223 -26.61 -3.05 -70.97
N GLU K 224 -26.97 -1.76 -71.10
CA GLU K 224 -28.38 -1.40 -71.28
C GLU K 224 -28.94 -1.97 -72.58
N ASP K 225 -28.23 -1.76 -73.69
CA ASP K 225 -28.66 -2.27 -74.98
C ASP K 225 -28.48 -3.78 -75.14
N MET K 226 -28.01 -4.48 -74.10
CA MET K 226 -28.04 -5.94 -74.11
C MET K 226 -29.49 -6.39 -74.29
N PRO K 227 -29.79 -7.31 -75.22
CA PRO K 227 -31.19 -7.67 -75.46
C PRO K 227 -31.85 -8.31 -74.25
N LYS K 228 -32.79 -7.57 -73.64
CA LYS K 228 -33.43 -8.06 -72.42
C LYS K 228 -34.35 -9.24 -72.72
N LYS K 229 -35.05 -9.20 -73.86
CA LYS K 229 -35.97 -10.25 -74.26
C LYS K 229 -35.31 -11.13 -75.31
N LEU K 230 -35.32 -12.43 -75.08
CA LEU K 230 -34.77 -13.39 -76.04
C LEU K 230 -35.57 -14.68 -75.91
N GLU K 231 -36.52 -14.89 -76.82
CA GLU K 231 -37.32 -16.11 -76.82
C GLU K 231 -36.55 -17.24 -77.48
N ASN K 232 -36.62 -18.42 -76.87
CA ASN K 232 -35.90 -19.61 -77.34
C ASN K 232 -34.41 -19.32 -77.44
N ALA K 233 -33.88 -18.58 -76.46
CA ALA K 233 -32.49 -18.16 -76.50
C ALA K 233 -31.56 -19.36 -76.36
N LYS K 234 -30.46 -19.31 -77.11
CA LYS K 234 -29.41 -20.33 -77.01
C LYS K 234 -28.58 -20.00 -75.78
N VAL K 235 -28.85 -20.69 -74.69
CA VAL K 235 -28.26 -20.37 -73.39
C VAL K 235 -26.97 -21.16 -73.22
N ALA K 236 -25.94 -20.47 -72.77
CA ALA K 236 -24.64 -21.07 -72.45
C ALA K 236 -24.30 -20.79 -70.99
N VAL K 237 -23.44 -21.64 -70.44
CA VAL K 237 -22.96 -21.50 -69.07
C VAL K 237 -21.44 -21.61 -69.10
N LEU K 238 -20.77 -20.59 -68.59
CA LEU K 238 -19.31 -20.52 -68.55
C LEU K 238 -18.85 -20.24 -67.12
N ASP K 239 -17.56 -20.47 -66.89
CA ASP K 239 -16.95 -20.21 -65.58
C ASP K 239 -15.60 -19.52 -65.66
N ALA K 240 -14.95 -19.46 -66.83
CA ALA K 240 -13.66 -18.82 -66.93
C ALA K 240 -13.81 -17.29 -66.79
N PRO K 241 -12.76 -16.60 -66.36
CA PRO K 241 -12.89 -15.15 -66.18
C PRO K 241 -12.83 -14.43 -67.52
N ILE K 242 -13.95 -13.81 -67.90
CA ILE K 242 -14.04 -13.08 -69.16
C ILE K 242 -13.50 -11.67 -68.98
N ILE K 253 3.97 -7.47 -69.82
CA ILE K 253 4.10 -7.03 -71.20
C ILE K 253 5.37 -6.20 -71.35
N SER K 254 6.24 -6.61 -72.26
CA SER K 254 7.48 -5.92 -72.55
C SER K 254 7.31 -5.08 -73.81
N ILE K 255 7.58 -3.79 -73.69
CA ILE K 255 7.41 -2.82 -74.78
C ILE K 255 8.79 -2.40 -75.26
N SER K 256 9.05 -2.61 -76.55
CA SER K 256 10.30 -2.22 -77.19
C SER K 256 10.11 -1.07 -78.17
N SER K 257 9.23 -1.24 -79.15
CA SER K 257 8.88 -0.19 -80.11
C SER K 257 7.70 0.62 -79.59
N PRO K 258 7.49 1.83 -80.13
CA PRO K 258 6.35 2.62 -79.67
C PRO K 258 5.00 1.97 -79.92
N GLU K 259 4.86 1.22 -81.02
CA GLU K 259 3.61 0.58 -81.38
C GLU K 259 3.51 -0.86 -80.88
N GLN K 260 4.48 -1.31 -80.06
CA GLN K 260 4.43 -2.69 -79.59
C GLN K 260 3.25 -2.88 -78.63
N PHE K 261 2.99 -1.88 -77.78
CA PHE K 261 1.83 -1.94 -76.90
C PHE K 261 0.54 -2.01 -77.70
N GLN K 262 0.44 -1.19 -78.76
CA GLN K 262 -0.74 -1.24 -79.62
C GLN K 262 -0.88 -2.60 -80.29
N ALA K 263 0.25 -3.19 -80.70
CA ALA K 263 0.21 -4.52 -81.30
C ALA K 263 -0.26 -5.57 -80.29
N PHE K 264 0.20 -5.44 -79.04
CA PHE K 264 -0.28 -6.34 -77.99
C PHE K 264 -1.78 -6.21 -77.80
N LEU K 265 -2.28 -4.97 -77.74
CA LEU K 265 -3.72 -4.78 -77.62
C LEU K 265 -4.45 -5.36 -78.83
N ASP K 266 -3.88 -5.18 -80.03
CA ASP K 266 -4.49 -5.69 -81.25
C ASP K 266 -4.60 -7.22 -81.21
N GLN K 267 -3.54 -7.90 -80.80
CA GLN K 267 -3.59 -9.36 -80.81
C GLN K 267 -4.44 -9.91 -79.66
N GLU K 268 -4.44 -9.24 -78.50
CA GLU K 268 -5.34 -9.67 -77.43
C GLU K 268 -6.79 -9.54 -77.87
N GLU K 269 -7.15 -8.42 -78.52
CA GLU K 269 -8.51 -8.35 -79.03
C GLU K 269 -8.72 -9.35 -80.15
N LYS K 270 -7.68 -9.67 -80.94
CA LYS K 270 -7.89 -10.61 -82.04
C LYS K 270 -8.24 -11.99 -81.52
N GLN K 271 -7.52 -12.45 -80.49
CA GLN K 271 -7.90 -13.73 -79.90
C GLN K 271 -9.26 -13.63 -79.21
N LEU K 272 -9.61 -12.48 -78.61
CA LEU K 272 -10.94 -12.34 -78.05
C LEU K 272 -12.03 -12.44 -79.12
N ARG K 273 -11.84 -11.76 -80.25
CA ARG K 273 -12.67 -11.98 -81.44
C ARG K 273 -12.77 -13.45 -81.82
N GLU K 274 -11.65 -14.16 -81.93
CA GLU K 274 -11.75 -15.55 -82.40
C GLU K 274 -12.51 -16.44 -81.41
N MET K 275 -12.22 -16.32 -80.12
CA MET K 275 -12.92 -17.18 -79.17
C MET K 275 -14.41 -16.85 -79.11
N VAL K 276 -14.76 -15.56 -79.07
CA VAL K 276 -16.18 -15.24 -79.04
C VAL K 276 -16.84 -15.53 -80.39
N ASP K 277 -16.06 -15.58 -81.48
CA ASP K 277 -16.63 -15.91 -82.78
C ASP K 277 -16.94 -17.40 -82.87
N LYS K 278 -16.04 -18.26 -82.40
CA LYS K 278 -16.38 -19.68 -82.37
C LYS K 278 -17.46 -19.96 -81.32
N ILE K 279 -17.61 -19.11 -80.32
CA ILE K 279 -18.80 -19.20 -79.47
C ILE K 279 -20.05 -18.87 -80.27
N VAL K 280 -20.02 -17.78 -81.04
CA VAL K 280 -21.18 -17.36 -81.82
C VAL K 280 -21.53 -18.39 -82.88
N ASP K 281 -20.54 -19.11 -83.40
CA ASP K 281 -20.81 -20.17 -84.35
C ASP K 281 -21.68 -21.25 -83.72
N THR K 282 -21.43 -21.56 -82.44
CA THR K 282 -22.35 -22.41 -81.70
C THR K 282 -23.71 -21.74 -81.58
N GLY K 283 -23.72 -20.42 -81.41
CA GLY K 283 -24.94 -19.64 -81.37
C GLY K 283 -25.30 -19.08 -80.00
N ALA K 284 -24.44 -19.21 -79.01
CA ALA K 284 -24.75 -18.74 -77.66
C ALA K 284 -24.97 -17.23 -77.65
N ASN K 285 -26.07 -16.81 -77.03
CA ASN K 285 -26.39 -15.40 -76.86
C ASN K 285 -26.74 -15.02 -75.42
N VAL K 286 -26.83 -15.99 -74.51
CA VAL K 286 -27.11 -15.72 -73.10
C VAL K 286 -26.10 -16.52 -72.27
N VAL K 287 -25.38 -15.83 -71.40
CA VAL K 287 -24.32 -16.43 -70.59
C VAL K 287 -24.46 -15.97 -69.15
N PHE K 288 -24.10 -16.86 -68.22
CA PHE K 288 -23.97 -16.53 -66.80
C PHE K 288 -22.60 -17.04 -66.37
N CYS K 289 -21.66 -16.12 -66.14
CA CYS K 289 -20.28 -16.46 -65.87
C CYS K 289 -19.99 -16.41 -64.37
N GLU K 290 -19.12 -17.33 -63.94
CA GLU K 290 -18.85 -17.51 -62.52
C GLU K 290 -17.99 -16.40 -61.92
N LYS K 291 -17.21 -15.70 -62.74
CA LYS K 291 -16.20 -14.75 -62.28
C LYS K 291 -16.57 -13.34 -62.76
N GLY K 292 -15.66 -12.40 -62.53
CA GLY K 292 -15.91 -11.00 -62.86
C GLY K 292 -15.79 -10.72 -64.34
N ILE K 293 -15.93 -9.43 -64.67
CA ILE K 293 -15.89 -8.94 -66.03
C ILE K 293 -15.06 -7.65 -66.07
N ASP K 294 -14.96 -7.06 -67.25
CA ASP K 294 -14.33 -5.77 -67.46
C ASP K 294 -15.22 -4.94 -68.37
N ASP K 295 -15.03 -3.62 -68.32
CA ASP K 295 -15.89 -2.71 -69.07
C ASP K 295 -15.79 -2.97 -70.57
N GLN K 296 -14.57 -3.16 -71.08
CA GLN K 296 -14.41 -3.49 -72.49
C GLN K 296 -14.99 -4.87 -72.80
N VAL K 297 -14.86 -5.81 -71.87
CA VAL K 297 -15.38 -7.16 -72.09
C VAL K 297 -16.91 -7.13 -72.20
N GLU K 298 -17.57 -6.48 -71.24
CA GLU K 298 -19.03 -6.41 -71.32
C GLU K 298 -19.47 -5.59 -72.53
N HIS K 299 -18.69 -4.58 -72.90
CA HIS K 299 -19.05 -3.77 -74.06
C HIS K 299 -19.01 -4.60 -75.34
N MET K 300 -17.95 -5.38 -75.55
CA MET K 300 -17.92 -6.23 -76.74
C MET K 300 -18.89 -7.40 -76.65
N LEU K 301 -19.23 -7.86 -75.45
CA LEU K 301 -20.27 -8.87 -75.34
C LEU K 301 -21.61 -8.31 -75.79
N ALA K 302 -21.94 -7.09 -75.35
CA ALA K 302 -23.17 -6.44 -75.76
C ALA K 302 -23.13 -5.90 -77.18
N LYS K 303 -21.94 -5.85 -77.81
CA LYS K 303 -21.86 -5.45 -79.21
C LYS K 303 -22.64 -6.44 -80.08
N LYS K 304 -22.51 -7.73 -79.79
CA LYS K 304 -23.30 -8.77 -80.45
C LYS K 304 -24.59 -9.10 -79.70
N GLY K 305 -24.77 -8.58 -78.49
CA GLY K 305 -26.00 -8.80 -77.74
C GLY K 305 -25.94 -10.03 -76.87
N ILE K 306 -24.92 -10.12 -76.02
CA ILE K 306 -24.65 -11.30 -75.21
C ILE K 306 -24.88 -10.94 -73.74
N LEU K 307 -25.71 -11.73 -73.06
CA LEU K 307 -25.94 -11.56 -71.63
C LEU K 307 -24.79 -12.18 -70.85
N ALA K 308 -24.37 -11.49 -69.78
CA ALA K 308 -23.28 -11.98 -68.94
C ALA K 308 -23.53 -11.53 -67.50
N VAL K 309 -23.71 -12.50 -66.60
CA VAL K 309 -23.86 -12.26 -65.17
C VAL K 309 -22.60 -12.78 -64.49
N ARG K 310 -22.09 -12.02 -63.53
CA ARG K 310 -20.80 -12.27 -62.90
C ARG K 310 -20.96 -12.66 -61.44
N ARG K 311 -19.89 -13.22 -60.88
CA ARG K 311 -19.79 -13.57 -59.47
C ARG K 311 -20.92 -14.51 -59.05
N VAL K 312 -21.26 -15.45 -59.92
CA VAL K 312 -22.23 -16.48 -59.60
C VAL K 312 -21.53 -17.56 -58.76
N LYS K 313 -22.12 -17.91 -57.62
CA LYS K 313 -21.49 -18.83 -56.69
C LYS K 313 -21.33 -20.20 -57.32
N LYS K 314 -20.65 -21.10 -56.61
CA LYS K 314 -20.50 -22.47 -57.10
C LYS K 314 -21.84 -23.19 -57.13
N ASP K 315 -22.59 -23.09 -56.02
CA ASP K 315 -23.85 -23.82 -55.92
C ASP K 315 -24.88 -23.32 -56.93
N ASP K 316 -25.08 -22.00 -57.01
CA ASP K 316 -26.10 -21.49 -57.91
C ASP K 316 -25.64 -21.61 -59.37
N LEU K 317 -24.33 -21.55 -59.64
CA LEU K 317 -23.87 -21.83 -60.99
C LEU K 317 -24.15 -23.27 -61.40
N GLU K 318 -23.91 -24.23 -60.50
CA GLU K 318 -24.26 -25.61 -60.79
C GLU K 318 -25.76 -25.77 -60.99
N LYS K 319 -26.55 -25.08 -60.17
CA LYS K 319 -28.00 -25.11 -60.32
C LYS K 319 -28.42 -24.58 -61.69
N ILE K 320 -27.81 -23.48 -62.13
CA ILE K 320 -28.15 -22.90 -63.42
C ILE K 320 -27.72 -23.83 -64.55
N ALA K 321 -26.57 -24.48 -64.39
CA ALA K 321 -26.13 -25.44 -65.39
C ALA K 321 -27.10 -26.60 -65.51
N LYS K 322 -27.60 -27.10 -64.38
CA LYS K 322 -28.60 -28.16 -64.41
C LYS K 322 -29.89 -27.69 -65.06
N ALA K 323 -30.34 -26.47 -64.73
CA ALA K 323 -31.63 -26.00 -65.23
C ALA K 323 -31.58 -25.71 -66.72
N THR K 324 -30.56 -24.96 -67.16
CA THR K 324 -30.52 -24.48 -68.54
C THR K 324 -30.10 -25.57 -69.52
N GLY K 325 -29.44 -26.62 -69.05
CA GLY K 325 -28.97 -27.69 -69.91
C GLY K 325 -27.61 -27.46 -70.53
N ALA K 326 -27.05 -26.27 -70.37
CA ALA K 326 -25.71 -25.98 -70.87
C ALA K 326 -24.68 -26.46 -69.85
N ARG K 327 -23.96 -27.53 -70.17
CA ARG K 327 -22.95 -28.05 -69.26
C ARG K 327 -21.86 -27.00 -69.04
N VAL K 328 -21.32 -26.97 -67.83
CA VAL K 328 -20.26 -26.01 -67.51
C VAL K 328 -19.01 -26.41 -68.28
N VAL K 329 -18.44 -25.44 -69.00
CA VAL K 329 -17.32 -25.68 -69.90
C VAL K 329 -16.15 -24.85 -69.40
N SER K 330 -15.26 -25.49 -68.63
CA SER K 330 -14.06 -24.81 -68.18
C SER K 330 -13.14 -24.47 -69.35
N ASN K 331 -12.88 -25.45 -70.22
CA ASN K 331 -12.09 -25.25 -71.44
C ASN K 331 -13.06 -24.91 -72.57
N ILE K 332 -13.25 -23.62 -72.81
CA ILE K 332 -14.29 -23.16 -73.73
C ILE K 332 -13.94 -23.44 -75.18
N ASP K 333 -12.68 -23.79 -75.47
CA ASP K 333 -12.29 -24.04 -76.86
C ASP K 333 -13.04 -25.23 -77.45
N GLU K 334 -13.51 -26.16 -76.62
CA GLU K 334 -14.23 -27.35 -77.07
C GLU K 334 -15.74 -27.15 -77.08
N LEU K 335 -16.23 -25.93 -76.82
CA LEU K 335 -17.67 -25.68 -76.88
C LEU K 335 -18.19 -25.92 -78.30
N THR K 336 -19.32 -26.61 -78.38
CA THR K 336 -19.95 -26.99 -79.62
C THR K 336 -21.43 -26.62 -79.58
N PRO K 337 -22.12 -26.63 -80.72
CA PRO K 337 -23.58 -26.41 -80.68
C PRO K 337 -24.31 -27.44 -79.85
N GLU K 338 -23.80 -28.68 -79.81
CA GLU K 338 -24.42 -29.71 -78.99
C GLU K 338 -24.32 -29.38 -77.50
N ASP K 339 -23.30 -28.62 -77.10
CA ASP K 339 -23.08 -28.28 -75.70
C ASP K 339 -23.98 -27.16 -75.20
N LEU K 340 -24.67 -26.44 -76.08
CA LEU K 340 -25.47 -25.29 -75.68
C LEU K 340 -26.83 -25.72 -75.15
N GLY K 341 -27.34 -24.95 -74.19
CA GLY K 341 -28.67 -25.12 -73.68
C GLY K 341 -29.66 -24.18 -74.34
N HIS K 342 -30.93 -24.34 -73.95
CA HIS K 342 -32.00 -23.52 -74.48
C HIS K 342 -32.94 -23.12 -73.34
N ALA K 343 -33.51 -21.92 -73.46
CA ALA K 343 -34.48 -21.41 -72.51
C ALA K 343 -35.64 -20.77 -73.27
N GLY K 344 -36.86 -21.01 -72.79
CA GLY K 344 -38.03 -20.47 -73.46
C GLY K 344 -38.05 -18.96 -73.48
N LEU K 345 -37.56 -18.33 -72.41
CA LEU K 345 -37.59 -16.87 -72.32
C LEU K 345 -36.54 -16.41 -71.32
N VAL K 346 -36.02 -15.20 -71.56
CA VAL K 346 -35.24 -14.46 -70.59
C VAL K 346 -35.72 -13.02 -70.64
N GLU K 347 -35.97 -12.44 -69.46
CA GLU K 347 -36.57 -11.11 -69.41
C GLU K 347 -36.07 -10.36 -68.18
N GLN K 348 -35.82 -9.06 -68.36
CA GLN K 348 -35.49 -8.14 -67.28
C GLN K 348 -36.75 -7.41 -66.88
N ARG K 349 -37.24 -7.68 -65.67
CA ARG K 349 -38.45 -7.07 -65.14
C ARG K 349 -38.08 -6.21 -63.93
N LYS K 350 -38.59 -4.99 -63.91
CA LYS K 350 -38.32 -4.05 -62.80
C LYS K 350 -39.34 -4.25 -61.68
N LYS K 351 -39.36 -5.47 -61.14
CA LYS K 351 -40.24 -5.80 -60.03
C LYS K 351 -39.65 -5.27 -58.73
N GLY K 352 -40.46 -4.57 -57.95
CA GLY K 352 -39.96 -3.98 -56.73
C GLY K 352 -38.93 -2.90 -57.02
N GLU K 353 -37.93 -2.80 -56.14
CA GLU K 353 -36.87 -1.80 -56.27
C GLU K 353 -35.68 -2.34 -57.05
N ASP K 354 -35.15 -3.49 -56.64
CA ASP K 354 -33.96 -4.03 -57.28
C ASP K 354 -34.27 -4.50 -58.70
N ARG K 355 -33.31 -4.25 -59.60
CA ARG K 355 -33.41 -4.73 -60.98
C ARG K 355 -32.79 -6.11 -61.07
N MET K 356 -33.53 -7.05 -61.67
CA MET K 356 -33.08 -8.43 -61.82
C MET K 356 -33.48 -8.96 -63.18
N VAL K 357 -32.74 -9.96 -63.64
CA VAL K 357 -33.06 -10.68 -64.87
C VAL K 357 -33.93 -11.87 -64.46
N PHE K 358 -35.23 -11.75 -64.67
CA PHE K 358 -36.19 -12.80 -64.32
C PHE K 358 -36.14 -13.88 -65.38
N VAL K 359 -35.19 -14.80 -65.21
CA VAL K 359 -35.03 -15.91 -66.16
C VAL K 359 -36.16 -16.90 -65.94
N SER K 360 -36.82 -17.28 -67.04
CA SER K 360 -37.99 -18.15 -66.98
C SER K 360 -38.09 -18.96 -68.25
N GLY K 361 -38.07 -20.28 -68.12
CA GLY K 361 -38.15 -21.19 -69.26
C GLY K 361 -37.04 -22.21 -69.33
N CYS K 362 -36.43 -22.53 -68.18
CA CYS K 362 -35.45 -23.61 -68.11
C CYS K 362 -36.21 -24.94 -68.03
N LYS K 363 -36.23 -25.67 -69.13
CA LYS K 363 -37.18 -26.76 -69.34
C LYS K 363 -36.63 -28.14 -69.02
N ASN K 364 -35.38 -28.25 -68.58
CA ASN K 364 -34.78 -29.56 -68.39
C ASN K 364 -35.18 -30.17 -67.04
N GLU K 365 -34.82 -29.52 -65.95
CA GLU K 365 -35.06 -30.01 -64.60
C GLU K 365 -35.63 -28.91 -63.72
N PRO K 366 -36.40 -29.26 -62.66
CA PRO K 366 -36.82 -28.23 -61.69
C PRO K 366 -35.71 -27.96 -60.69
N VAL K 367 -35.09 -26.79 -60.81
CA VAL K 367 -33.94 -26.41 -60.00
C VAL K 367 -34.11 -24.95 -59.60
N ALA K 368 -33.74 -24.64 -58.35
CA ALA K 368 -33.97 -23.30 -57.81
C ALA K 368 -33.07 -23.10 -56.60
N THR K 369 -33.18 -21.91 -56.01
CA THR K 369 -32.43 -21.50 -54.83
C THR K 369 -33.39 -21.08 -53.73
N ILE K 370 -32.94 -21.19 -52.49
CA ILE K 370 -33.79 -20.88 -51.32
C ILE K 370 -33.62 -19.38 -51.07
N LEU K 371 -34.39 -18.59 -51.80
CA LEU K 371 -34.37 -17.13 -51.69
C LEU K 371 -35.80 -16.64 -51.78
N ILE K 372 -36.29 -15.99 -50.71
CA ILE K 372 -37.70 -15.71 -50.52
C ILE K 372 -37.88 -14.28 -50.05
N ARG K 373 -39.06 -13.70 -50.34
CA ARG K 373 -39.34 -12.31 -50.06
C ARG K 373 -39.97 -12.12 -48.68
N ALA K 374 -39.82 -10.92 -48.14
CA ALA K 374 -40.56 -10.44 -46.97
C ALA K 374 -40.33 -8.93 -46.88
N ALA K 375 -40.76 -8.34 -45.76
CA ALA K 375 -40.70 -6.89 -45.61
C ALA K 375 -39.31 -6.42 -45.20
N THR K 376 -38.85 -6.84 -44.02
CA THR K 376 -37.56 -6.45 -43.46
C THR K 376 -36.68 -7.69 -43.29
N GLU K 377 -35.36 -7.44 -43.30
CA GLU K 377 -34.38 -8.52 -43.47
C GLU K 377 -34.56 -9.65 -42.46
N HIS K 378 -34.91 -9.30 -41.22
CA HIS K 378 -35.22 -10.32 -40.23
C HIS K 378 -36.40 -11.17 -40.69
N VAL K 379 -37.43 -10.52 -41.22
CA VAL K 379 -38.59 -11.26 -41.70
C VAL K 379 -38.25 -12.05 -42.95
N VAL K 380 -37.34 -11.55 -43.79
CA VAL K 380 -36.92 -12.32 -44.97
C VAL K 380 -36.25 -13.61 -44.55
N GLU K 381 -35.28 -13.52 -43.63
CA GLU K 381 -34.59 -14.72 -43.18
C GLU K 381 -35.54 -15.67 -42.46
N GLU K 382 -36.43 -15.12 -41.64
CA GLU K 382 -37.42 -15.94 -40.96
C GLU K 382 -38.28 -16.70 -41.95
N LEU K 383 -38.81 -16.01 -42.96
CA LEU K 383 -39.66 -16.67 -43.94
C LEU K 383 -38.88 -17.70 -44.74
N GLU K 384 -37.60 -17.45 -45.02
CA GLU K 384 -36.80 -18.43 -45.74
C GLU K 384 -36.66 -19.72 -44.95
N ARG K 385 -36.25 -19.61 -43.68
CA ARG K 385 -36.14 -20.81 -42.85
C ARG K 385 -37.49 -21.51 -42.74
N ALA K 386 -38.55 -20.73 -42.61
CA ALA K 386 -39.86 -21.31 -42.37
C ALA K 386 -40.38 -22.06 -43.60
N ILE K 387 -40.19 -21.51 -44.79
CA ILE K 387 -40.63 -22.21 -45.99
C ILE K 387 -39.79 -23.46 -46.21
N ASP K 388 -38.49 -23.40 -45.88
CA ASP K 388 -37.65 -24.59 -45.96
C ASP K 388 -38.20 -25.69 -45.07
N ASP K 389 -38.55 -25.35 -43.83
CA ASP K 389 -39.12 -26.33 -42.91
C ASP K 389 -40.44 -26.86 -43.44
N ALA K 390 -41.23 -26.00 -44.10
CA ALA K 390 -42.53 -26.43 -44.60
C ALA K 390 -42.39 -27.49 -45.68
N LEU K 391 -41.55 -27.23 -46.69
CA LEU K 391 -41.32 -28.27 -47.69
C LEU K 391 -40.68 -29.50 -47.10
N ASN K 392 -39.83 -29.34 -46.08
CA ASN K 392 -39.26 -30.53 -45.45
C ASN K 392 -40.37 -31.39 -44.85
N ALA K 393 -41.29 -30.76 -44.12
CA ALA K 393 -42.33 -31.52 -43.45
C ALA K 393 -43.28 -32.18 -44.44
N VAL K 394 -43.69 -31.46 -45.49
CA VAL K 394 -44.61 -32.08 -46.44
C VAL K 394 -43.91 -33.19 -47.20
N LYS K 395 -42.62 -33.02 -47.51
CA LYS K 395 -41.86 -34.10 -48.14
C LYS K 395 -41.82 -35.33 -47.25
N ALA K 396 -41.55 -35.13 -45.96
CA ALA K 396 -41.49 -36.27 -45.04
C ALA K 396 -42.85 -36.94 -44.91
N ALA K 397 -43.93 -36.15 -44.87
CA ALA K 397 -45.27 -36.72 -44.78
C ALA K 397 -45.59 -37.54 -46.01
N ILE K 398 -45.26 -37.04 -47.19
CA ILE K 398 -45.52 -37.79 -48.42
C ILE K 398 -44.68 -39.06 -48.45
N LYS K 399 -43.42 -38.98 -48.07
CA LYS K 399 -42.54 -40.15 -48.10
C LYS K 399 -43.02 -41.22 -47.12
N ASP K 400 -43.00 -40.91 -45.83
CA ASP K 400 -43.34 -41.92 -44.83
C ASP K 400 -44.83 -42.24 -44.87
N GLY K 401 -45.67 -41.24 -45.07
CA GLY K 401 -47.10 -41.45 -45.03
C GLY K 401 -47.62 -41.83 -43.66
N LYS K 402 -47.06 -41.25 -42.61
CA LYS K 402 -47.55 -41.46 -41.25
C LYS K 402 -47.47 -40.13 -40.51
N VAL K 403 -48.61 -39.67 -40.00
CA VAL K 403 -48.70 -38.42 -39.26
C VAL K 403 -49.14 -38.75 -37.84
N VAL K 404 -48.66 -37.97 -36.88
CA VAL K 404 -48.96 -38.19 -35.46
C VAL K 404 -49.57 -36.88 -34.95
N PRO K 405 -50.52 -36.89 -34.00
CA PRO K 405 -51.01 -35.62 -33.48
C PRO K 405 -49.91 -34.86 -32.76
N GLY K 406 -49.82 -33.57 -33.05
CA GLY K 406 -48.82 -32.70 -32.47
C GLY K 406 -49.32 -32.03 -31.21
N GLY K 407 -48.72 -30.88 -30.90
CA GLY K 407 -49.15 -30.11 -29.75
C GLY K 407 -48.97 -30.83 -28.42
N GLY K 408 -47.97 -31.71 -28.34
CA GLY K 408 -47.74 -32.46 -27.13
C GLY K 408 -48.63 -33.66 -26.94
N ALA K 409 -49.58 -33.90 -27.84
CA ALA K 409 -50.48 -35.05 -27.70
C ALA K 409 -49.71 -36.35 -27.82
N ALA K 410 -48.80 -36.44 -28.80
CA ALA K 410 -48.00 -37.63 -28.95
C ALA K 410 -47.13 -37.87 -27.72
N GLU K 411 -46.57 -36.79 -27.18
CA GLU K 411 -45.72 -36.91 -26.00
C GLU K 411 -46.50 -37.45 -24.81
N VAL K 412 -47.71 -36.93 -24.59
CA VAL K 412 -48.50 -37.38 -23.45
C VAL K 412 -48.95 -38.83 -23.64
N ALA K 413 -49.35 -39.19 -24.87
CA ALA K 413 -49.77 -40.56 -25.13
C ALA K 413 -48.62 -41.54 -24.90
N VAL K 414 -47.45 -41.22 -25.43
CA VAL K 414 -46.29 -42.10 -25.26
C VAL K 414 -45.90 -42.16 -23.80
N ALA K 415 -46.03 -41.06 -23.06
CA ALA K 415 -45.73 -41.07 -21.65
C ALA K 415 -46.69 -41.97 -20.89
N ARG K 416 -47.98 -41.93 -21.23
CA ARG K 416 -48.94 -42.79 -20.57
C ARG K 416 -48.64 -44.27 -20.83
N LYS K 417 -48.33 -44.61 -22.08
CA LYS K 417 -48.02 -46.01 -22.36
C LYS K 417 -46.70 -46.42 -21.72
N LEU K 418 -45.75 -45.49 -21.60
CA LEU K 418 -44.51 -45.80 -20.91
C LEU K 418 -44.76 -46.06 -19.43
N ARG K 419 -45.69 -45.32 -18.84
CA ARG K 419 -46.05 -45.58 -17.45
C ARG K 419 -46.73 -46.94 -17.32
N GLU K 420 -47.51 -47.33 -18.32
CA GLU K 420 -48.09 -48.68 -18.31
C GLU K 420 -46.98 -49.72 -18.35
N TYR K 421 -45.97 -49.51 -19.19
CA TYR K 421 -44.81 -50.40 -19.24
C TYR K 421 -44.11 -50.45 -17.90
N ALA K 422 -43.98 -49.28 -17.24
CA ALA K 422 -43.36 -49.24 -15.92
C ALA K 422 -44.14 -50.09 -14.92
N LYS K 423 -45.47 -50.00 -14.98
CA LYS K 423 -46.30 -50.88 -14.16
C LYS K 423 -46.05 -52.34 -14.51
N SER K 424 -45.80 -52.64 -15.77
CA SER K 424 -45.47 -54.01 -16.16
C SER K 424 -44.12 -54.44 -15.60
N LEU K 425 -43.10 -53.61 -15.76
CA LEU K 425 -41.75 -53.95 -15.34
C LEU K 425 -41.59 -53.74 -13.83
N SER K 426 -40.58 -54.39 -13.28
CA SER K 426 -40.22 -54.24 -11.87
C SER K 426 -38.71 -54.08 -11.75
N GLY K 427 -38.29 -53.43 -10.67
CA GLY K 427 -36.89 -53.20 -10.37
C GLY K 427 -36.55 -51.72 -10.41
N LYS K 428 -35.25 -51.45 -10.34
CA LYS K 428 -34.77 -50.07 -10.39
C LYS K 428 -34.71 -49.52 -11.81
N GLU K 429 -34.93 -50.36 -12.83
CA GLU K 429 -35.16 -49.85 -14.17
C GLU K 429 -36.52 -49.18 -14.30
N GLN K 430 -37.48 -49.52 -13.42
CA GLN K 430 -38.76 -48.85 -13.41
C GLN K 430 -38.59 -47.37 -13.12
N LEU K 431 -37.71 -47.02 -12.18
CA LEU K 431 -37.48 -45.63 -11.85
C LEU K 431 -36.93 -44.88 -13.06
N ALA K 432 -36.02 -45.51 -13.81
CA ALA K 432 -35.49 -44.88 -15.02
C ALA K 432 -36.58 -44.70 -16.06
N ILE K 433 -37.50 -45.67 -16.18
CA ILE K 433 -38.53 -45.55 -17.20
C ILE K 433 -39.52 -44.45 -16.83
N GLU K 434 -39.87 -44.33 -15.55
CA GLU K 434 -40.70 -43.20 -15.13
C GLU K 434 -39.97 -41.88 -15.33
N ALA K 435 -38.65 -41.87 -15.13
CA ALA K 435 -37.88 -40.68 -15.43
C ALA K 435 -38.00 -40.30 -16.90
N PHE K 436 -37.89 -41.29 -17.79
CA PHE K 436 -38.05 -41.03 -19.22
C PHE K 436 -39.44 -40.52 -19.53
N ALA K 437 -40.46 -41.09 -18.87
CA ALA K 437 -41.83 -40.65 -19.10
C ALA K 437 -42.01 -39.20 -18.70
N ASP K 438 -41.49 -38.82 -17.54
CA ASP K 438 -41.62 -37.43 -17.09
C ASP K 438 -40.85 -36.48 -18.01
N ALA K 439 -39.66 -36.89 -18.44
CA ALA K 439 -38.90 -36.05 -19.36
C ALA K 439 -39.62 -35.86 -20.68
N LEU K 440 -40.24 -36.93 -21.18
CA LEU K 440 -41.04 -36.82 -22.40
C LEU K 440 -42.24 -35.93 -22.18
N GLU K 441 -42.84 -35.99 -20.99
CA GLU K 441 -43.96 -35.13 -20.65
C GLU K 441 -43.54 -33.67 -20.52
N GLU K 442 -42.26 -33.40 -20.32
CA GLU K 442 -41.79 -32.02 -20.18
C GLU K 442 -42.09 -31.18 -21.41
N ILE K 443 -42.11 -31.79 -22.60
CA ILE K 443 -42.34 -31.02 -23.83
C ILE K 443 -43.70 -30.34 -23.83
N PRO K 444 -44.83 -31.02 -23.56
CA PRO K 444 -46.11 -30.30 -23.48
C PRO K 444 -46.12 -29.23 -22.41
N ARG K 445 -45.38 -29.41 -21.31
CA ARG K 445 -45.28 -28.37 -20.31
C ARG K 445 -44.65 -27.11 -20.89
N THR K 446 -43.55 -27.28 -21.64
CA THR K 446 -42.90 -26.13 -22.26
C THR K 446 -43.82 -25.48 -23.29
N LEU K 447 -44.50 -26.29 -24.09
CA LEU K 447 -45.37 -25.74 -25.12
C LEU K 447 -46.52 -24.95 -24.51
N ALA K 448 -47.06 -25.42 -23.39
CA ALA K 448 -48.09 -24.65 -22.69
C ALA K 448 -47.50 -23.38 -22.07
N GLU K 449 -46.29 -23.47 -21.52
CA GLU K 449 -45.70 -22.31 -20.87
C GLU K 449 -45.47 -21.18 -21.87
N ASN K 450 -44.94 -21.50 -23.05
CA ASN K 450 -44.76 -20.48 -24.06
C ASN K 450 -46.09 -19.96 -24.59
N ALA K 451 -47.16 -20.74 -24.48
CA ALA K 451 -48.48 -20.30 -24.93
C ALA K 451 -49.16 -19.38 -23.92
N GLY K 452 -48.65 -19.27 -22.71
CA GLY K 452 -49.21 -18.43 -21.68
C GLY K 452 -50.06 -19.16 -20.65
N LEU K 453 -50.52 -20.37 -20.96
CA LEU K 453 -51.28 -21.13 -19.99
C LEU K 453 -50.38 -21.60 -18.86
N ASP K 454 -50.99 -21.85 -17.71
CA ASP K 454 -50.24 -22.37 -16.59
C ASP K 454 -49.83 -23.81 -16.88
N PRO K 455 -48.57 -24.20 -16.63
CA PRO K 455 -48.13 -25.51 -17.12
C PRO K 455 -48.74 -26.67 -16.36
N ILE K 456 -48.82 -26.58 -15.03
CA ILE K 456 -49.25 -27.73 -14.25
C ILE K 456 -50.73 -28.03 -14.49
N ASP K 457 -51.55 -26.98 -14.52
CA ASP K 457 -53.00 -27.18 -14.67
C ASP K 457 -53.31 -27.79 -16.03
N THR K 458 -52.76 -27.22 -17.10
CA THR K 458 -53.05 -27.74 -18.42
C THR K 458 -52.42 -29.10 -18.63
N LEU K 459 -51.28 -29.37 -17.99
CA LEU K 459 -50.70 -30.71 -18.12
C LEU K 459 -51.56 -31.74 -17.41
N VAL K 460 -52.07 -31.41 -16.24
CA VAL K 460 -52.98 -32.32 -15.53
C VAL K 460 -54.23 -32.54 -16.36
N GLN K 461 -54.73 -31.49 -17.01
CA GLN K 461 -55.89 -31.64 -17.88
C GLN K 461 -55.58 -32.57 -19.05
N LEU K 462 -54.40 -32.43 -19.64
CA LEU K 462 -54.02 -33.31 -20.75
C LEU K 462 -53.94 -34.76 -20.31
N ARG K 463 -53.32 -35.00 -19.15
CA ARG K 463 -53.21 -36.37 -18.64
C ARG K 463 -54.58 -36.95 -18.35
N ALA K 464 -55.46 -36.15 -17.73
CA ALA K 464 -56.80 -36.61 -17.45
C ALA K 464 -57.54 -36.94 -18.72
N ALA K 465 -57.40 -36.09 -19.75
CA ALA K 465 -58.06 -36.34 -21.03
C ALA K 465 -57.57 -37.65 -21.64
N HIS K 466 -56.24 -37.82 -21.72
CA HIS K 466 -55.70 -39.05 -22.29
C HIS K 466 -56.08 -40.29 -21.49
N GLU K 467 -56.41 -40.12 -20.20
CA GLU K 467 -56.88 -41.26 -19.42
C GLU K 467 -58.32 -41.66 -19.77
N GLU K 468 -59.05 -40.84 -20.54
CA GLU K 468 -60.41 -41.18 -20.97
C GLU K 468 -60.45 -41.95 -22.28
N GLY K 469 -59.31 -42.24 -22.90
CA GLY K 469 -59.25 -43.05 -24.09
C GLY K 469 -58.95 -42.29 -25.37
N ASP K 470 -59.41 -41.05 -25.50
CA ASP K 470 -59.08 -40.26 -26.67
C ASP K 470 -57.58 -39.95 -26.70
N LYS K 471 -57.06 -39.77 -27.91
CA LYS K 471 -55.62 -39.70 -28.15
C LYS K 471 -55.16 -38.40 -28.77
N ASN K 472 -56.06 -37.59 -29.30
CA ASN K 472 -55.69 -36.41 -30.09
C ASN K 472 -55.84 -35.10 -29.32
N ILE K 473 -56.19 -35.13 -28.05
CA ILE K 473 -56.33 -33.89 -27.28
C ILE K 473 -54.92 -33.38 -26.96
N GLY K 474 -54.63 -32.14 -27.35
CA GLY K 474 -53.33 -31.53 -27.17
C GLY K 474 -53.47 -30.10 -26.68
N ILE K 475 -52.48 -29.29 -27.05
CA ILE K 475 -52.46 -27.86 -26.75
C ILE K 475 -52.32 -27.12 -28.06
N ASP K 476 -53.20 -26.14 -28.29
CA ASP K 476 -53.19 -25.30 -29.48
C ASP K 476 -52.90 -23.89 -28.96
N CYS K 477 -51.71 -23.38 -29.27
CA CYS K 477 -51.29 -22.09 -28.76
C CYS K 477 -51.81 -20.91 -29.57
N LEU K 478 -52.32 -21.14 -30.78
CA LEU K 478 -53.00 -20.06 -31.49
C LEU K 478 -54.28 -19.67 -30.76
N THR K 479 -55.11 -20.65 -30.43
CA THR K 479 -56.34 -20.39 -29.67
C THR K 479 -56.09 -20.29 -28.18
N GLY K 480 -54.94 -20.75 -27.69
CA GLY K 480 -54.65 -20.65 -26.28
C GLY K 480 -55.57 -21.47 -25.40
N GLU K 481 -55.89 -22.68 -25.82
CA GLU K 481 -56.70 -23.60 -25.03
C GLU K 481 -56.20 -25.01 -25.25
N VAL K 482 -56.90 -25.98 -24.68
CA VAL K 482 -56.69 -27.40 -24.94
C VAL K 482 -57.86 -27.90 -25.77
N ALA K 483 -57.57 -28.56 -26.88
CA ALA K 483 -58.60 -28.97 -27.80
C ALA K 483 -58.11 -30.17 -28.61
N ASP K 484 -59.03 -30.74 -29.39
CA ASP K 484 -58.66 -31.83 -30.28
C ASP K 484 -57.73 -31.32 -31.37
N MET K 485 -56.53 -31.88 -31.44
CA MET K 485 -55.56 -31.41 -32.42
C MET K 485 -55.96 -31.77 -33.83
N LEU K 486 -56.62 -32.91 -34.02
CA LEU K 486 -57.00 -33.32 -35.38
C LEU K 486 -58.02 -32.35 -35.98
N GLU K 487 -58.97 -31.89 -35.18
CA GLU K 487 -59.93 -30.91 -35.66
C GLU K 487 -59.32 -29.52 -35.79
N ALA K 488 -58.25 -29.22 -35.05
CA ALA K 488 -57.59 -27.92 -35.10
C ALA K 488 -56.50 -27.83 -36.16
N GLY K 489 -56.23 -28.91 -36.88
CA GLY K 489 -55.18 -28.87 -37.88
C GLY K 489 -53.80 -28.67 -37.30
N VAL K 490 -53.49 -29.40 -36.22
CA VAL K 490 -52.18 -29.34 -35.57
C VAL K 490 -51.64 -30.76 -35.57
N ILE K 491 -50.88 -31.11 -36.60
CA ILE K 491 -50.39 -32.46 -36.80
C ILE K 491 -49.01 -32.39 -37.44
N ASP K 492 -48.07 -33.20 -36.92
CA ASP K 492 -46.69 -33.25 -37.40
C ASP K 492 -46.40 -34.63 -38.00
N PRO K 493 -45.39 -34.74 -38.86
CA PRO K 493 -45.02 -36.06 -39.37
C PRO K 493 -44.54 -36.95 -38.23
N ALA K 494 -44.84 -38.25 -38.36
CA ALA K 494 -44.38 -39.20 -37.35
C ALA K 494 -42.86 -39.21 -37.28
N ALA K 495 -42.20 -39.34 -38.44
CA ALA K 495 -40.76 -39.54 -38.49
C ALA K 495 -40.00 -38.39 -37.82
N VAL K 496 -40.55 -37.18 -37.87
CA VAL K 496 -39.92 -36.06 -37.17
C VAL K 496 -39.87 -36.34 -35.68
N LYS K 497 -40.98 -36.81 -35.11
CA LYS K 497 -41.00 -37.07 -33.67
C LYS K 497 -40.16 -38.29 -33.31
N LYS K 498 -40.16 -39.31 -34.17
CA LYS K 498 -39.29 -40.46 -33.94
C LYS K 498 -37.83 -40.02 -33.89
N GLN K 499 -37.40 -39.22 -34.86
CA GLN K 499 -36.01 -38.77 -34.86
C GLN K 499 -35.73 -37.82 -33.70
N ALA K 500 -36.73 -37.04 -33.28
CA ALA K 500 -36.55 -36.17 -32.12
C ALA K 500 -36.25 -37.00 -30.88
N ILE K 501 -37.06 -38.04 -30.64
CA ILE K 501 -36.84 -38.90 -29.48
C ILE K 501 -35.50 -39.60 -29.58
N LYS K 502 -35.16 -40.10 -30.77
CA LYS K 502 -33.90 -40.82 -30.94
C LYS K 502 -32.71 -39.93 -30.67
N SER K 503 -32.70 -38.74 -31.25
CA SER K 503 -31.57 -37.83 -31.05
C SER K 503 -31.48 -37.39 -29.60
N ALA K 504 -32.62 -37.15 -28.95
CA ALA K 504 -32.58 -36.77 -27.54
C ALA K 504 -32.01 -37.89 -26.69
N THR K 505 -32.39 -39.13 -27.00
CA THR K 505 -31.86 -40.27 -26.27
C THR K 505 -30.35 -40.38 -26.44
N GLU K 506 -29.87 -40.17 -27.65
CA GLU K 506 -28.44 -40.34 -27.93
C GLU K 506 -27.68 -39.18 -27.32
N ALA K 507 -28.26 -38.00 -27.23
CA ALA K 507 -27.62 -36.87 -26.56
C ALA K 507 -27.52 -37.12 -25.06
N ALA K 508 -28.63 -37.51 -24.43
CA ALA K 508 -28.63 -37.74 -23.00
C ALA K 508 -27.68 -38.87 -22.63
N THR K 509 -27.70 -39.97 -23.39
CA THR K 509 -26.85 -41.10 -23.08
C THR K 509 -25.38 -40.74 -23.19
N MET K 510 -24.98 -40.14 -24.31
CA MET K 510 -23.56 -39.86 -24.51
C MET K 510 -23.06 -38.70 -23.67
N ILE K 511 -23.95 -37.84 -23.17
CA ILE K 511 -23.52 -36.83 -22.21
C ILE K 511 -23.40 -37.43 -20.83
N LEU K 512 -24.24 -38.43 -20.52
CA LEU K 512 -24.10 -39.12 -19.25
C LEU K 512 -22.87 -40.00 -19.21
N ARG K 513 -22.45 -40.53 -20.36
CA ARG K 513 -21.33 -41.46 -20.39
C ARG K 513 -19.98 -40.80 -20.16
N ILE K 514 -19.90 -39.47 -20.19
CA ILE K 514 -18.65 -38.79 -19.92
C ILE K 514 -18.39 -38.78 -18.42
N ASP K 515 -17.11 -38.76 -18.04
CA ASP K 515 -16.69 -38.72 -16.65
C ASP K 515 -15.95 -37.44 -16.28
N ASP K 516 -14.88 -37.11 -17.00
CA ASP K 516 -14.04 -35.99 -16.62
C ASP K 516 -13.41 -35.34 -17.84
N ILE K 517 -13.11 -34.05 -17.70
CA ILE K 517 -12.46 -33.25 -18.71
C ILE K 517 -10.96 -33.37 -18.48
N ILE K 518 -10.22 -33.76 -19.52
CA ILE K 518 -8.76 -33.94 -19.44
C ILE K 518 -8.13 -33.13 -20.56
N PRO K 519 -6.96 -32.50 -20.35
CA PRO K 519 -6.38 -31.72 -21.46
C PRO K 519 -5.80 -32.65 -22.51
N ALA K 520 -6.25 -32.48 -23.74
CA ALA K 520 -5.84 -33.35 -24.84
C ALA K 520 -4.69 -32.69 -25.62
N LYS K 521 -3.74 -33.52 -26.04
CA LYS K 521 -2.64 -33.01 -26.86
C LYS K 521 -3.19 -32.50 -28.18
N ALA K 522 -2.76 -31.31 -28.56
CA ALA K 522 -3.17 -30.73 -29.83
C ALA K 522 -2.37 -31.39 -30.96
N PRO K 523 -3.02 -31.95 -31.99
CA PRO K 523 -2.26 -32.37 -33.17
C PRO K 523 -1.44 -31.22 -33.74
N THR K 524 -0.18 -31.50 -34.05
CA THR K 524 0.74 -30.49 -34.55
C THR K 524 0.62 -30.35 -36.07
N ASP L 19 9.95 -36.84 -1.28
CA ASP L 19 9.65 -38.24 -1.70
C ASP L 19 9.24 -38.26 -3.18
N ALA L 20 10.25 -38.15 -4.05
CA ALA L 20 9.96 -38.12 -5.48
C ALA L 20 9.41 -39.46 -5.96
N ARG L 21 9.75 -40.55 -5.30
CA ARG L 21 9.13 -41.82 -5.63
C ARG L 21 7.64 -41.78 -5.31
N LYS L 22 7.26 -41.19 -4.17
CA LYS L 22 5.85 -41.00 -3.87
C LYS L 22 5.20 -40.12 -4.94
N ASN L 23 5.92 -39.11 -5.42
CA ASN L 23 5.37 -38.25 -6.46
C ASN L 23 5.10 -39.03 -7.75
N ASN L 24 6.06 -39.85 -8.17
CA ASN L 24 5.86 -40.66 -9.37
C ASN L 24 4.72 -41.65 -9.18
N ILE L 25 4.65 -42.26 -8.00
CA ILE L 25 3.56 -43.19 -7.70
C ILE L 25 2.23 -42.47 -7.76
N ALA L 26 2.18 -41.23 -7.26
CA ALA L 26 0.93 -40.48 -7.27
C ALA L 26 0.51 -40.13 -8.69
N ALA L 27 1.47 -39.79 -9.56
CA ALA L 27 1.12 -39.52 -10.95
C ALA L 27 0.60 -40.78 -11.63
N ALA L 28 1.26 -41.92 -11.42
CA ALA L 28 0.77 -43.17 -11.99
C ALA L 28 -0.59 -43.53 -11.43
N ARG L 29 -0.82 -43.26 -10.14
CA ARG L 29 -2.12 -43.46 -9.53
C ARG L 29 -3.19 -42.59 -10.18
N ALA L 30 -2.86 -41.33 -10.46
CA ALA L 30 -3.81 -40.44 -11.10
C ALA L 30 -4.21 -40.98 -12.46
N ILE L 31 -3.22 -41.41 -13.26
CA ILE L 31 -3.55 -41.94 -14.57
C ILE L 31 -4.33 -43.25 -14.46
N ALA L 32 -3.95 -44.10 -13.51
CA ALA L 32 -4.64 -45.36 -13.34
C ALA L 32 -6.10 -45.15 -12.96
N ASP L 33 -6.37 -44.23 -12.03
CA ASP L 33 -7.75 -43.95 -11.67
C ASP L 33 -8.49 -43.27 -12.80
N MET L 34 -7.79 -42.46 -13.61
CA MET L 34 -8.42 -41.81 -14.75
C MET L 34 -8.93 -42.84 -15.75
N VAL L 35 -8.10 -43.84 -16.06
CA VAL L 35 -8.45 -44.85 -17.06
C VAL L 35 -9.17 -46.06 -16.44
N LYS L 36 -9.28 -46.12 -15.12
CA LYS L 36 -10.00 -47.21 -14.46
C LYS L 36 -11.46 -47.25 -14.90
N THR L 37 -12.09 -46.08 -15.00
CA THR L 37 -13.51 -45.97 -15.25
C THR L 37 -13.93 -46.48 -16.64
N THR L 38 -12.99 -46.68 -17.55
CA THR L 38 -13.30 -47.08 -18.93
C THR L 38 -12.98 -48.55 -19.20
N LEU L 39 -12.94 -49.39 -18.17
CA LEU L 39 -12.62 -50.80 -18.31
C LEU L 39 -13.92 -51.60 -18.28
N GLY L 40 -14.36 -52.08 -19.45
CA GLY L 40 -15.45 -53.02 -19.54
C GLY L 40 -16.48 -52.65 -20.58
N PRO L 41 -17.51 -53.50 -20.72
CA PRO L 41 -18.61 -53.17 -21.65
C PRO L 41 -19.28 -51.85 -21.34
N ARG L 42 -19.47 -51.55 -20.07
CA ARG L 42 -20.14 -50.34 -19.62
C ARG L 42 -19.14 -49.23 -19.31
N GLY L 43 -18.02 -49.21 -20.03
CA GLY L 43 -17.01 -48.21 -19.79
C GLY L 43 -17.50 -46.81 -20.02
N MET L 44 -17.63 -46.04 -18.95
CA MET L 44 -17.96 -44.63 -19.06
C MET L 44 -16.89 -43.94 -19.89
N ASN L 45 -17.29 -43.39 -21.04
CA ASN L 45 -16.33 -42.81 -21.97
C ASN L 45 -15.67 -41.57 -21.37
N LYS L 46 -14.59 -41.13 -22.02
CA LYS L 46 -13.83 -39.96 -21.63
C LYS L 46 -13.82 -38.95 -22.76
N MET L 47 -13.62 -37.69 -22.40
CA MET L 47 -13.80 -36.54 -23.31
C MET L 47 -12.45 -35.84 -23.42
N LEU L 48 -11.84 -35.93 -24.61
CA LEU L 48 -10.55 -35.29 -24.87
C LEU L 48 -10.78 -33.95 -25.54
N VAL L 49 -10.36 -32.88 -24.87
CA VAL L 49 -10.48 -31.51 -25.36
C VAL L 49 -9.09 -30.91 -25.44
N ASN L 50 -8.80 -30.23 -26.53
CA ASN L 50 -7.50 -29.62 -26.78
C ASN L 50 -7.67 -28.10 -26.91
N SER L 51 -6.53 -27.41 -26.91
CA SER L 51 -6.56 -25.95 -27.01
C SER L 51 -7.19 -25.49 -28.32
N LEU L 52 -7.06 -26.27 -29.38
CA LEU L 52 -7.72 -25.95 -30.64
C LEU L 52 -9.24 -26.06 -30.56
N GLY L 53 -9.78 -26.72 -29.52
CA GLY L 53 -11.20 -26.88 -29.36
C GLY L 53 -11.78 -28.12 -29.99
N ASP L 54 -10.99 -28.87 -30.75
CA ASP L 54 -11.49 -30.11 -31.34
C ASP L 54 -11.73 -31.11 -30.20
N VAL L 55 -12.79 -31.90 -30.35
CA VAL L 55 -13.21 -32.86 -29.33
C VAL L 55 -13.51 -34.19 -30.01
N THR L 56 -13.04 -35.28 -29.40
CA THR L 56 -13.39 -36.63 -29.79
C THR L 56 -13.73 -37.42 -28.54
N ILE L 57 -14.79 -38.22 -28.62
CA ILE L 57 -15.21 -39.07 -27.52
C ILE L 57 -14.71 -40.49 -27.80
N THR L 58 -14.00 -41.06 -26.84
CA THR L 58 -13.49 -42.42 -26.94
C THR L 58 -13.66 -43.13 -25.61
N ASN L 59 -13.58 -44.46 -25.65
CA ASN L 59 -13.51 -45.27 -24.46
C ASN L 59 -12.34 -46.25 -24.46
N ASP L 60 -11.79 -46.59 -25.63
CA ASP L 60 -10.63 -47.46 -25.66
C ASP L 60 -9.43 -46.75 -25.05
N GLY L 61 -8.76 -47.42 -24.11
CA GLY L 61 -7.71 -46.78 -23.37
C GLY L 61 -6.52 -46.35 -24.21
N ALA L 62 -6.37 -46.94 -25.40
CA ALA L 62 -5.23 -46.61 -26.25
C ALA L 62 -5.25 -45.13 -26.63
N THR L 63 -6.39 -44.64 -27.11
CA THR L 63 -6.52 -43.24 -27.46
C THR L 63 -6.29 -42.34 -26.24
N ILE L 64 -6.86 -42.72 -25.10
CA ILE L 64 -6.82 -41.85 -23.93
C ILE L 64 -5.39 -41.73 -23.43
N LEU L 65 -4.61 -42.80 -23.50
CA LEU L 65 -3.19 -42.71 -23.19
C LEU L 65 -2.39 -42.07 -24.31
N GLU L 66 -2.91 -42.07 -25.54
CA GLU L 66 -2.16 -41.50 -26.66
C GLU L 66 -2.15 -39.98 -26.61
N GLU L 67 -3.33 -39.37 -26.65
CA GLU L 67 -3.44 -37.92 -26.86
C GLU L 67 -3.90 -37.18 -25.60
N MET L 68 -3.33 -37.53 -24.44
CA MET L 68 -3.52 -36.77 -23.21
C MET L 68 -2.23 -36.01 -22.87
N ASP L 69 -2.42 -34.83 -22.27
CA ASP L 69 -1.29 -34.01 -21.85
C ASP L 69 -0.75 -34.49 -20.50
N ILE L 70 0.54 -34.83 -20.48
CA ILE L 70 1.21 -35.25 -19.26
C ILE L 70 2.54 -34.52 -19.20
N GLU L 71 2.68 -33.66 -18.19
CA GLU L 71 3.96 -33.01 -17.91
C GLU L 71 4.86 -33.90 -17.05
N HIS L 72 4.28 -34.79 -16.26
CA HIS L 72 5.07 -35.60 -15.34
C HIS L 72 5.82 -36.69 -16.12
N PRO L 73 7.15 -36.83 -15.96
CA PRO L 73 7.87 -37.76 -16.82
C PRO L 73 7.64 -39.23 -16.45
N ALA L 74 7.48 -39.49 -15.15
CA ALA L 74 7.16 -40.83 -14.69
C ALA L 74 5.86 -41.30 -15.31
N ALA L 75 4.87 -40.42 -15.38
CA ALA L 75 3.65 -40.73 -16.11
C ALA L 75 3.91 -40.82 -17.61
N LYS L 76 4.84 -40.01 -18.12
CA LYS L 76 5.18 -40.08 -19.54
C LYS L 76 5.73 -41.44 -19.94
N MET L 77 6.28 -42.19 -18.99
CA MET L 77 6.70 -43.56 -19.29
C MET L 77 5.53 -44.46 -19.63
N LEU L 78 4.35 -44.19 -19.06
CA LEU L 78 3.20 -45.02 -19.37
C LEU L 78 2.78 -44.89 -20.83
N LYS L 79 3.14 -43.79 -21.49
CA LYS L 79 3.04 -43.73 -22.95
C LYS L 79 3.78 -44.90 -23.58
N GLU L 80 5.03 -45.09 -23.17
CA GLU L 80 5.85 -46.16 -23.76
C GLU L 80 5.27 -47.52 -23.41
N VAL L 81 4.78 -47.67 -22.19
CA VAL L 81 4.17 -48.94 -21.77
C VAL L 81 2.97 -49.26 -22.68
N ALA L 82 2.10 -48.27 -22.88
CA ALA L 82 0.91 -48.49 -23.70
C ALA L 82 1.28 -48.73 -25.15
N LYS L 83 2.30 -48.01 -25.65
CA LYS L 83 2.75 -48.23 -27.03
C LYS L 83 3.24 -49.64 -27.22
N ALA L 84 4.05 -50.14 -26.28
CA ALA L 84 4.53 -51.51 -26.35
C ALA L 84 3.37 -52.48 -26.29
N GLN L 85 2.40 -52.23 -25.42
CA GLN L 85 1.25 -53.12 -25.31
C GLN L 85 0.49 -53.20 -26.63
N GLU L 86 0.23 -52.04 -27.24
CA GLU L 86 -0.47 -52.02 -28.51
C GLU L 86 0.35 -52.72 -29.59
N GLU L 87 1.67 -52.55 -29.56
CA GLU L 87 2.51 -53.13 -30.59
C GLU L 87 2.49 -54.65 -30.52
N GLU L 88 2.72 -55.23 -29.33
CA GLU L 88 2.76 -56.69 -29.27
C GLU L 88 1.36 -57.29 -29.32
N ALA L 89 0.46 -56.86 -28.45
CA ALA L 89 -0.84 -57.50 -28.29
C ALA L 89 -1.93 -56.84 -29.13
N GLY L 90 -2.01 -55.52 -29.10
CA GLY L 90 -3.05 -54.80 -29.79
C GLY L 90 -4.35 -54.66 -29.01
N ASP L 91 -4.46 -55.28 -27.84
CA ASP L 91 -5.63 -55.15 -27.01
C ASP L 91 -5.24 -55.40 -25.56
N GLY L 92 -5.64 -54.51 -24.67
CA GLY L 92 -5.41 -54.67 -23.25
C GLY L 92 -4.61 -53.56 -22.62
N THR L 93 -4.60 -52.37 -23.23
CA THR L 93 -3.87 -51.25 -22.65
C THR L 93 -4.52 -50.79 -21.35
N THR L 94 -5.85 -50.72 -21.30
CA THR L 94 -6.50 -50.28 -20.07
C THR L 94 -6.31 -51.30 -18.95
N THR L 95 -6.35 -52.58 -19.28
CA THR L 95 -6.08 -53.61 -18.30
C THR L 95 -4.67 -53.46 -17.75
N ALA L 96 -3.69 -53.21 -18.63
CA ALA L 96 -2.31 -53.05 -18.20
C ALA L 96 -2.16 -51.86 -17.28
N VAL L 97 -2.77 -50.73 -17.63
CA VAL L 97 -2.59 -49.53 -16.82
C VAL L 97 -3.29 -49.67 -15.47
N VAL L 98 -4.47 -50.29 -15.45
CA VAL L 98 -5.16 -50.48 -14.18
C VAL L 98 -4.40 -51.46 -13.29
N LEU L 99 -3.83 -52.51 -13.89
CA LEU L 99 -3.01 -53.45 -13.12
C LEU L 99 -1.79 -52.76 -12.56
N ALA L 100 -1.15 -51.89 -13.35
CA ALA L 100 -0.02 -51.13 -12.85
C ALA L 100 -0.43 -50.24 -11.69
N GLY L 101 -1.60 -49.62 -11.79
CA GLY L 101 -2.08 -48.78 -10.71
C GLY L 101 -2.27 -49.55 -9.42
N ALA L 102 -2.92 -50.70 -9.51
CA ALA L 102 -3.15 -51.50 -8.31
C ALA L 102 -1.84 -52.03 -7.75
N LEU L 103 -0.91 -52.40 -8.64
CA LEU L 103 0.39 -52.90 -8.19
C LEU L 103 1.15 -51.82 -7.43
N LEU L 104 1.15 -50.58 -7.95
CA LEU L 104 1.82 -49.51 -7.24
C LEU L 104 1.05 -49.11 -5.97
N GLU L 105 -0.26 -49.32 -5.94
CA GLU L 105 -1.03 -49.20 -4.70
C GLU L 105 -0.42 -50.06 -3.60
N GLU L 106 -0.36 -51.36 -3.86
CA GLU L 106 0.14 -52.24 -2.82
C GLU L 106 1.64 -52.08 -2.60
N ALA L 107 2.36 -51.58 -3.61
CA ALA L 107 3.76 -51.24 -3.38
C ALA L 107 3.89 -50.10 -2.39
N GLU L 108 3.01 -49.09 -2.50
CA GLU L 108 3.09 -47.96 -1.57
C GLU L 108 2.71 -48.41 -0.17
N LYS L 109 1.74 -49.33 -0.07
CA LYS L 109 1.61 -50.13 1.15
C LYS L 109 2.94 -50.66 1.65
N LEU L 110 3.60 -51.48 0.85
CA LEU L 110 4.65 -52.33 1.40
C LEU L 110 5.88 -51.51 1.72
N ILE L 111 6.04 -50.35 1.08
CA ILE L 111 7.08 -49.40 1.53
C ILE L 111 6.64 -48.70 2.80
N GLU L 112 5.33 -48.41 2.96
CA GLU L 112 4.89 -47.80 4.21
C GLU L 112 5.15 -48.70 5.41
N GLN L 113 4.91 -50.01 5.25
CA GLN L 113 5.17 -50.93 6.35
C GLN L 113 6.67 -50.95 6.69
N GLY L 114 7.52 -50.96 5.68
CA GLY L 114 8.96 -50.90 5.87
C GLY L 114 9.78 -51.76 4.93
N ILE L 115 9.13 -52.54 4.08
CA ILE L 115 9.86 -53.40 3.15
C ILE L 115 10.63 -52.54 2.17
N HIS L 116 11.87 -52.93 1.90
CA HIS L 116 12.69 -52.20 0.95
C HIS L 116 12.13 -52.37 -0.46
N PRO L 117 12.28 -51.36 -1.34
CA PRO L 117 11.74 -51.52 -2.70
C PRO L 117 12.31 -52.68 -3.49
N THR L 118 13.59 -53.01 -3.30
CA THR L 118 14.18 -54.08 -4.09
C THR L 118 13.54 -55.42 -3.76
N THR L 119 13.17 -55.62 -2.49
CA THR L 119 12.44 -56.82 -2.12
C THR L 119 11.08 -56.85 -2.81
N ILE L 120 10.42 -55.70 -2.91
CA ILE L 120 9.14 -55.63 -3.62
C ILE L 120 9.32 -56.06 -5.06
N ILE L 121 10.39 -55.57 -5.70
CA ILE L 121 10.63 -55.89 -7.10
C ILE L 121 10.88 -57.38 -7.28
N LYS L 122 11.70 -57.95 -6.39
CA LYS L 122 12.01 -59.37 -6.51
C LYS L 122 10.75 -60.21 -6.33
N GLY L 123 9.92 -59.86 -5.33
CA GLY L 123 8.69 -60.59 -5.12
C GLY L 123 7.74 -60.46 -6.28
N TYR L 124 7.64 -59.27 -6.86
CA TYR L 124 6.77 -59.08 -8.03
C TYR L 124 7.25 -59.90 -9.21
N ARG L 125 8.57 -60.00 -9.39
CA ARG L 125 9.12 -60.83 -10.47
C ARG L 125 8.70 -62.28 -10.28
N LYS L 126 8.89 -62.82 -9.07
CA LYS L 126 8.52 -64.22 -8.85
C LYS L 126 7.02 -64.41 -9.02
N ALA L 127 6.23 -63.47 -8.49
CA ALA L 127 4.78 -63.54 -8.58
C ALA L 127 4.33 -63.57 -10.03
N VAL L 128 4.99 -62.79 -10.88
CA VAL L 128 4.52 -62.67 -12.25
C VAL L 128 5.00 -63.85 -13.09
N ASP L 129 6.16 -64.41 -12.78
CA ASP L 129 6.55 -65.67 -13.41
C ASP L 129 5.51 -66.74 -13.12
N LYS L 130 5.16 -66.91 -11.84
CA LYS L 130 4.14 -67.90 -11.51
C LYS L 130 2.78 -67.51 -12.08
N ALA L 131 2.51 -66.22 -12.23
CA ALA L 131 1.24 -65.79 -12.80
C ALA L 131 1.12 -66.21 -14.26
N LEU L 132 2.17 -66.01 -15.04
CA LEU L 132 2.15 -66.47 -16.42
C LEU L 132 2.03 -67.99 -16.49
N GLU L 133 2.71 -68.70 -15.58
CA GLU L 133 2.58 -70.15 -15.58
C GLU L 133 1.14 -70.57 -15.26
N VAL L 134 0.51 -69.93 -14.28
CA VAL L 134 -0.86 -70.24 -13.90
C VAL L 134 -1.80 -69.96 -15.06
N LEU L 135 -1.61 -68.83 -15.73
CA LEU L 135 -2.48 -68.50 -16.86
C LEU L 135 -2.27 -69.47 -18.02
N GLU L 136 -1.06 -70.01 -18.17
CA GLU L 136 -0.86 -71.10 -19.12
C GLU L 136 -1.67 -72.32 -18.74
N GLU L 137 -1.68 -72.70 -17.47
CA GLU L 137 -2.38 -73.93 -17.09
C GLU L 137 -3.90 -73.76 -17.20
N VAL L 138 -4.42 -72.63 -16.73
CA VAL L 138 -5.87 -72.50 -16.60
C VAL L 138 -6.55 -72.34 -17.95
N ALA L 139 -5.83 -71.84 -18.96
CA ALA L 139 -6.47 -71.48 -20.23
C ALA L 139 -7.06 -72.69 -20.92
N ILE L 140 -8.25 -72.50 -21.49
CA ILE L 140 -8.99 -73.56 -22.19
C ILE L 140 -8.66 -73.44 -23.67
N PRO L 141 -8.35 -74.53 -24.39
CA PRO L 141 -7.93 -74.39 -25.77
C PRO L 141 -9.10 -74.34 -26.75
N VAL L 142 -8.81 -73.84 -27.94
CA VAL L 142 -9.82 -73.60 -28.97
C VAL L 142 -9.29 -74.09 -30.31
N ASP L 143 -10.12 -74.85 -31.02
CA ASP L 143 -9.88 -75.19 -32.41
C ASP L 143 -10.37 -74.03 -33.29
N PRO L 144 -9.76 -73.80 -34.48
CA PRO L 144 -10.20 -72.64 -35.27
C PRO L 144 -11.43 -72.91 -36.13
N ASP L 145 -12.15 -74.00 -35.85
CA ASP L 145 -13.38 -74.34 -36.55
C ASP L 145 -14.63 -74.27 -35.69
N ASP L 146 -14.50 -74.05 -34.38
CA ASP L 146 -15.67 -73.94 -33.51
C ASP L 146 -16.22 -72.53 -33.64
N GLU L 147 -17.23 -72.37 -34.49
CA GLU L 147 -17.70 -71.04 -34.89
C GLU L 147 -18.21 -70.24 -33.69
N GLU L 148 -18.93 -70.90 -32.77
CA GLU L 148 -19.49 -70.20 -31.63
C GLU L 148 -18.39 -69.62 -30.75
N THR L 149 -17.30 -70.35 -30.55
CA THR L 149 -16.21 -69.85 -29.72
C THR L 149 -15.53 -68.64 -30.36
N LEU L 150 -15.30 -68.67 -31.67
CA LEU L 150 -14.73 -67.51 -32.33
C LEU L 150 -15.66 -66.32 -32.23
N LYS L 151 -16.97 -66.55 -32.39
CA LYS L 151 -17.93 -65.48 -32.23
C LYS L 151 -17.89 -64.91 -30.81
N ALA L 152 -17.71 -65.78 -29.82
CA ALA L 152 -17.63 -65.32 -28.44
C ALA L 152 -16.39 -64.45 -28.24
N VAL L 153 -15.25 -64.87 -28.79
CA VAL L 153 -14.04 -64.07 -28.68
C VAL L 153 -14.25 -62.72 -29.35
N ALA L 154 -14.83 -62.72 -30.54
CA ALA L 154 -15.04 -61.48 -31.28
C ALA L 154 -15.97 -60.55 -30.52
N ARG L 155 -17.03 -61.09 -29.92
CA ARG L 155 -17.97 -60.25 -29.19
C ARG L 155 -17.34 -59.70 -27.92
N THR L 156 -16.56 -60.52 -27.22
CA THR L 156 -15.90 -60.05 -26.01
C THR L 156 -14.94 -58.92 -26.30
N ALA L 157 -14.14 -59.05 -27.35
CA ALA L 157 -13.18 -57.99 -27.69
C ALA L 157 -13.91 -56.77 -28.24
N MET L 158 -14.84 -56.99 -29.17
CA MET L 158 -15.62 -55.91 -29.76
C MET L 158 -16.38 -55.13 -28.69
N THR L 159 -16.70 -55.79 -27.57
CA THR L 159 -17.37 -55.14 -26.46
C THR L 159 -16.61 -53.91 -25.98
N GLY L 160 -17.34 -52.98 -25.39
CA GLY L 160 -16.78 -51.78 -24.82
C GLY L 160 -17.13 -50.51 -25.57
N LYS L 161 -17.14 -50.58 -26.89
CA LYS L 161 -17.23 -49.41 -27.75
C LYS L 161 -18.40 -49.45 -28.72
N ALA L 162 -18.69 -50.61 -29.30
CA ALA L 162 -19.81 -50.70 -30.23
C ALA L 162 -21.13 -50.59 -29.49
N SER L 163 -22.14 -50.05 -30.18
CA SER L 163 -23.46 -49.94 -29.59
C SER L 163 -24.06 -51.33 -29.35
N GLU L 164 -24.95 -51.40 -28.38
CA GLU L 164 -25.54 -52.68 -28.00
C GLU L 164 -26.36 -53.30 -29.12
N GLU L 165 -26.94 -52.48 -30.01
CA GLU L 165 -27.87 -53.00 -31.01
C GLU L 165 -27.14 -53.83 -32.06
N ASN L 166 -25.94 -53.42 -32.47
CA ASN L 166 -25.27 -53.97 -33.63
C ASN L 166 -24.12 -54.90 -33.26
N ARG L 167 -24.12 -55.42 -32.03
CA ARG L 167 -23.04 -56.30 -31.59
C ARG L 167 -23.04 -57.60 -32.40
N GLU L 168 -24.21 -58.24 -32.50
CA GLU L 168 -24.32 -59.48 -33.25
C GLU L 168 -23.93 -59.27 -34.70
N GLU L 169 -24.39 -58.18 -35.30
CA GLU L 169 -24.13 -57.92 -36.71
C GLU L 169 -22.64 -57.78 -36.97
N ILE L 170 -21.98 -56.91 -36.22
CA ILE L 170 -20.57 -56.63 -36.49
C ILE L 170 -19.72 -57.85 -36.15
N ALA L 171 -20.09 -58.59 -35.11
CA ALA L 171 -19.36 -59.82 -34.81
C ALA L 171 -19.51 -60.84 -35.94
N ASP L 172 -20.72 -60.98 -36.49
CA ASP L 172 -20.94 -61.89 -37.60
C ASP L 172 -20.10 -61.47 -38.80
N LEU L 173 -20.08 -60.17 -39.11
CA LEU L 173 -19.27 -59.70 -40.23
C LEU L 173 -17.79 -59.91 -39.96
N VAL L 174 -17.37 -59.77 -38.70
CA VAL L 174 -15.96 -59.97 -38.35
C VAL L 174 -15.54 -61.40 -38.65
N VAL L 175 -16.31 -62.36 -38.14
CA VAL L 175 -15.92 -63.76 -38.36
C VAL L 175 -16.06 -64.13 -39.83
N GLU L 176 -17.06 -63.58 -40.52
CA GLU L 176 -17.23 -63.86 -41.94
C GLU L 176 -16.02 -63.36 -42.73
N ALA L 177 -15.57 -62.13 -42.44
CA ALA L 177 -14.41 -61.59 -43.14
C ALA L 177 -13.16 -62.39 -42.81
N VAL L 178 -13.00 -62.78 -41.54
CA VAL L 178 -11.82 -63.52 -41.13
C VAL L 178 -11.76 -64.86 -41.86
N LEU L 179 -12.90 -65.55 -41.98
CA LEU L 179 -12.90 -66.85 -42.65
C LEU L 179 -12.74 -66.69 -44.15
N SER L 180 -13.48 -65.75 -44.77
CA SER L 180 -13.47 -65.63 -46.22
C SER L 180 -12.12 -65.12 -46.73
N LEU L 181 -11.53 -64.15 -46.04
CA LEU L 181 -10.19 -63.65 -46.38
C LEU L 181 -9.09 -64.41 -45.66
N ALA L 182 -9.33 -65.67 -45.29
CA ALA L 182 -8.34 -66.48 -44.59
C ALA L 182 -7.25 -66.91 -45.55
N GLU L 183 -6.17 -66.12 -45.62
CA GLU L 183 -5.03 -66.46 -46.46
C GLU L 183 -4.17 -67.47 -45.72
N ASP L 184 -4.28 -68.73 -46.11
CA ASP L 184 -3.63 -69.83 -45.39
C ASP L 184 -2.13 -69.79 -45.68
N GLY L 185 -1.43 -68.93 -44.93
CA GLY L 185 0.01 -68.82 -45.03
C GLY L 185 0.71 -69.77 -44.08
N GLY L 186 0.58 -71.07 -44.34
CA GLY L 186 1.18 -72.08 -43.47
C GLY L 186 0.59 -72.11 -42.08
N GLY L 187 -0.74 -72.04 -41.96
CA GLY L 187 -1.44 -72.07 -40.69
C GLY L 187 -1.68 -70.70 -40.08
N LYS L 188 -0.67 -69.83 -40.12
CA LYS L 188 -0.80 -68.48 -39.57
C LYS L 188 -1.46 -67.60 -40.63
N TYR L 189 -2.77 -67.38 -40.48
CA TYR L 189 -3.51 -66.59 -41.45
C TYR L 189 -3.13 -65.12 -41.32
N ARG L 190 -2.79 -64.51 -42.46
CA ARG L 190 -2.35 -63.11 -42.48
C ARG L 190 -3.59 -62.20 -42.60
N VAL L 191 -4.37 -62.20 -41.53
CA VAL L 191 -5.56 -61.33 -41.44
C VAL L 191 -5.05 -60.01 -40.85
N ASP L 192 -4.51 -59.16 -41.72
CA ASP L 192 -3.98 -57.88 -41.30
C ASP L 192 -5.12 -56.86 -41.16
N LEU L 193 -4.84 -55.79 -40.42
CA LEU L 193 -5.84 -54.75 -40.22
C LEU L 193 -6.15 -54.01 -41.52
N ASP L 194 -5.16 -53.90 -42.41
CA ASP L 194 -5.31 -53.20 -43.68
C ASP L 194 -5.68 -54.14 -44.82
N ASN L 195 -6.38 -55.25 -44.52
CA ASN L 195 -6.76 -56.25 -45.52
C ASN L 195 -8.25 -56.35 -45.74
N ILE L 196 -9.08 -55.99 -44.76
CA ILE L 196 -10.52 -56.17 -44.82
C ILE L 196 -11.17 -54.88 -45.29
N LYS L 197 -12.19 -54.99 -46.14
CA LYS L 197 -12.69 -53.89 -46.95
C LYS L 197 -13.86 -53.21 -46.24
N ILE L 198 -13.64 -51.99 -45.76
CA ILE L 198 -14.70 -51.12 -45.28
C ILE L 198 -14.43 -49.71 -45.79
N GLU L 199 -15.50 -48.93 -45.93
CA GLU L 199 -15.42 -47.52 -46.28
C GLU L 199 -16.06 -46.69 -45.18
N LYS L 200 -15.59 -45.46 -45.02
CA LYS L 200 -16.11 -44.53 -44.02
C LYS L 200 -17.08 -43.55 -44.67
N GLN L 201 -18.21 -43.31 -44.01
CA GLN L 201 -19.21 -42.38 -44.49
C GLN L 201 -20.19 -42.08 -43.36
N THR L 202 -20.60 -40.83 -43.27
CA THR L 202 -21.53 -40.43 -42.23
C THR L 202 -22.94 -40.97 -42.52
N GLY L 203 -23.67 -41.29 -41.45
CA GLY L 203 -25.02 -41.78 -41.60
C GLY L 203 -25.06 -43.23 -42.04
N GLY L 204 -26.22 -43.63 -42.55
CA GLY L 204 -26.41 -45.00 -42.99
C GLY L 204 -26.33 -45.96 -41.82
N GLY L 205 -25.51 -46.99 -41.97
CA GLY L 205 -25.35 -47.98 -40.92
C GLY L 205 -24.07 -48.76 -41.11
N ALA L 206 -23.86 -49.72 -40.21
CA ALA L 206 -22.67 -50.57 -40.25
C ALA L 206 -22.81 -51.74 -41.21
N SER L 207 -23.93 -51.86 -41.92
CA SER L 207 -24.15 -52.97 -42.85
C SER L 207 -23.40 -52.81 -44.17
N ASP L 208 -22.54 -51.80 -44.31
CA ASP L 208 -21.67 -51.64 -45.47
C ASP L 208 -20.26 -52.17 -45.21
N THR L 209 -20.06 -52.94 -44.15
CA THR L 209 -18.77 -53.59 -43.88
C THR L 209 -18.75 -54.93 -44.60
N GLU L 210 -18.73 -54.84 -45.93
CA GLU L 210 -18.77 -55.98 -46.83
C GLU L 210 -17.45 -56.09 -47.58
N LEU L 211 -17.24 -57.26 -48.18
CA LEU L 211 -16.02 -57.54 -48.94
C LEU L 211 -16.17 -56.96 -50.33
N ILE L 212 -15.67 -55.74 -50.52
CA ILE L 212 -15.58 -55.10 -51.82
C ILE L 212 -14.14 -55.22 -52.28
N GLU L 213 -13.90 -56.06 -53.28
CA GLU L 213 -12.54 -56.49 -53.61
C GLU L 213 -11.75 -55.36 -54.25
N GLY L 214 -11.40 -54.35 -53.46
CA GLY L 214 -10.64 -53.23 -53.95
C GLY L 214 -10.68 -52.07 -52.99
N VAL L 215 -9.65 -51.23 -53.06
CA VAL L 215 -9.53 -50.08 -52.18
C VAL L 215 -10.41 -48.97 -52.74
N VAL L 216 -11.40 -48.54 -51.96
CA VAL L 216 -12.35 -47.50 -52.35
C VAL L 216 -11.84 -46.17 -51.82
N LEU L 217 -11.80 -45.16 -52.69
CA LEU L 217 -11.31 -43.84 -52.35
C LEU L 217 -12.50 -42.88 -52.18
N ASP L 218 -12.43 -42.09 -51.11
CA ASP L 218 -13.48 -41.11 -50.80
C ASP L 218 -13.19 -39.79 -51.52
N LYS L 219 -13.21 -39.86 -52.85
CA LYS L 219 -13.00 -38.70 -53.70
C LYS L 219 -13.89 -38.80 -54.93
N GLU L 220 -14.39 -37.65 -55.38
CA GLU L 220 -15.27 -37.60 -56.53
C GLU L 220 -14.47 -37.66 -57.82
N PRO L 221 -15.09 -38.07 -58.93
CA PRO L 221 -14.42 -37.95 -60.23
C PRO L 221 -14.15 -36.49 -60.57
N VAL L 222 -13.01 -36.24 -61.22
CA VAL L 222 -12.62 -34.87 -61.56
C VAL L 222 -13.54 -34.32 -62.66
N HIS L 223 -13.88 -35.16 -63.64
CA HIS L 223 -14.64 -34.73 -64.81
C HIS L 223 -15.88 -35.61 -64.94
N GLU L 224 -17.02 -34.97 -65.25
CA GLU L 224 -18.29 -35.68 -65.30
C GLU L 224 -18.28 -36.74 -66.39
N ASP L 225 -17.88 -36.36 -67.61
CA ASP L 225 -17.83 -37.30 -68.73
C ASP L 225 -16.67 -38.30 -68.64
N MET L 226 -15.87 -38.25 -67.57
CA MET L 226 -14.91 -39.31 -67.32
C MET L 226 -15.66 -40.64 -67.21
N PRO L 227 -15.23 -41.70 -67.94
CA PRO L 227 -16.02 -42.95 -67.90
C PRO L 227 -16.09 -43.57 -66.52
N LYS L 228 -17.29 -43.54 -65.94
CA LYS L 228 -17.45 -44.04 -64.57
C LYS L 228 -17.32 -45.55 -64.53
N LYS L 229 -17.83 -46.24 -65.55
CA LYS L 229 -17.78 -47.70 -65.64
C LYS L 229 -16.69 -48.12 -66.61
N LEU L 230 -15.80 -49.00 -66.14
CA LEU L 230 -14.72 -49.52 -66.98
C LEU L 230 -14.43 -50.94 -66.52
N GLU L 231 -14.96 -51.92 -67.25
CA GLU L 231 -14.72 -53.32 -66.92
C GLU L 231 -13.37 -53.76 -67.47
N ASN L 232 -12.64 -54.52 -66.66
CA ASN L 232 -11.29 -54.98 -67.01
C ASN L 232 -10.38 -53.81 -67.34
N ALA L 233 -10.53 -52.72 -66.59
CA ALA L 233 -9.80 -51.50 -66.88
C ALA L 233 -8.30 -51.69 -66.64
N LYS L 234 -7.51 -51.10 -67.53
CA LYS L 234 -6.06 -51.12 -67.39
C LYS L 234 -5.69 -50.05 -66.37
N VAL L 235 -5.49 -50.47 -65.12
CA VAL L 235 -5.29 -49.55 -64.02
C VAL L 235 -3.81 -49.23 -63.88
N ALA L 236 -3.50 -47.94 -63.76
CA ALA L 236 -2.15 -47.45 -63.51
C ALA L 236 -2.11 -46.73 -62.17
N VAL L 237 -0.92 -46.62 -61.61
CA VAL L 237 -0.68 -45.89 -60.37
C VAL L 237 0.51 -44.97 -60.58
N LEU L 238 0.31 -43.68 -60.36
CA LEU L 238 1.33 -42.65 -60.53
C LEU L 238 1.44 -41.83 -59.25
N ASP L 239 2.55 -41.08 -59.16
CA ASP L 239 2.80 -40.20 -58.02
C ASP L 239 3.30 -38.82 -58.40
N ALA L 240 3.76 -38.60 -59.64
CA ALA L 240 4.27 -37.30 -60.03
C ALA L 240 3.12 -36.29 -60.13
N PRO L 241 3.40 -35.00 -59.96
CA PRO L 241 2.31 -34.02 -60.03
C PRO L 241 1.89 -33.78 -61.47
N ILE L 242 0.65 -34.17 -61.79
CA ILE L 242 0.11 -33.99 -63.14
C ILE L 242 -0.45 -32.59 -63.28
N ILE L 253 9.54 -18.10 -67.20
CA ILE L 253 9.36 -18.01 -68.64
C ILE L 253 9.73 -16.61 -69.10
N SER L 254 10.66 -16.53 -70.05
CA SER L 254 11.11 -15.27 -70.63
C SER L 254 10.42 -15.06 -71.97
N ILE L 255 9.74 -13.93 -72.12
CA ILE L 255 8.97 -13.60 -73.32
C ILE L 255 9.68 -12.48 -74.05
N SER L 256 9.99 -12.71 -75.33
CA SER L 256 10.62 -11.73 -76.21
C SER L 256 9.68 -11.25 -77.29
N SER L 257 9.12 -12.15 -78.09
CA SER L 257 8.17 -11.84 -79.13
C SER L 257 6.75 -11.98 -78.60
N PRO L 258 5.76 -11.40 -79.30
CA PRO L 258 4.37 -11.56 -78.83
C PRO L 258 3.90 -12.99 -78.80
N GLU L 259 4.36 -13.84 -79.73
CA GLU L 259 3.95 -15.22 -79.82
C GLU L 259 4.87 -16.18 -79.08
N GLN L 260 5.86 -15.67 -78.35
CA GLN L 260 6.79 -16.55 -77.65
C GLN L 260 6.05 -17.26 -76.51
N PHE L 261 5.16 -16.53 -75.82
CA PHE L 261 4.34 -17.15 -74.78
C PHE L 261 3.45 -18.24 -75.36
N GLN L 262 2.85 -17.97 -76.52
CA GLN L 262 2.03 -18.99 -77.17
C GLN L 262 2.87 -20.20 -77.58
N ALA L 263 4.10 -19.97 -78.03
CA ALA L 263 4.99 -21.08 -78.37
C ALA L 263 5.34 -21.90 -77.14
N PHE L 264 5.58 -21.23 -76.01
CA PHE L 264 5.84 -21.95 -74.76
C PHE L 264 4.64 -22.80 -74.37
N LEU L 265 3.44 -22.24 -74.46
CA LEU L 265 2.23 -23.01 -74.17
C LEU L 265 2.10 -24.19 -75.13
N ASP L 266 2.41 -23.96 -76.41
CA ASP L 266 2.30 -25.01 -77.41
C ASP L 266 3.24 -26.17 -77.10
N GLN L 267 4.50 -25.86 -76.78
CA GLN L 267 5.44 -26.95 -76.52
C GLN L 267 5.15 -27.64 -75.19
N GLU L 268 4.61 -26.91 -74.21
CA GLU L 268 4.18 -27.59 -72.98
C GLU L 268 3.04 -28.56 -73.26
N GLU L 269 2.04 -28.15 -74.04
CA GLU L 269 0.97 -29.12 -74.31
C GLU L 269 1.47 -30.22 -75.24
N LYS L 270 2.49 -29.95 -76.06
CA LYS L 270 3.05 -30.98 -76.93
C LYS L 270 3.78 -32.04 -76.12
N GLN L 271 4.59 -31.63 -75.14
CA GLN L 271 5.25 -32.64 -74.32
C GLN L 271 4.26 -33.36 -73.41
N LEU L 272 3.24 -32.64 -72.90
CA LEU L 272 2.16 -33.31 -72.20
C LEU L 272 1.49 -34.35 -73.10
N ARG L 273 1.27 -33.98 -74.36
CA ARG L 273 0.68 -34.89 -75.33
C ARG L 273 1.55 -36.11 -75.53
N GLU L 274 2.87 -35.93 -75.71
CA GLU L 274 3.74 -37.07 -75.93
C GLU L 274 3.74 -38.02 -74.72
N MET L 275 3.81 -37.46 -73.51
CA MET L 275 3.79 -38.34 -72.35
C MET L 275 2.46 -39.07 -72.22
N VAL L 276 1.34 -38.41 -72.56
CA VAL L 276 0.08 -39.15 -72.43
C VAL L 276 -0.08 -40.17 -73.55
N ASP L 277 0.50 -39.97 -74.75
CA ASP L 277 0.46 -41.04 -75.73
C ASP L 277 1.32 -42.22 -75.30
N LYS L 278 2.53 -41.98 -74.80
CA LYS L 278 3.32 -43.14 -74.36
C LYS L 278 2.69 -43.82 -73.15
N ILE L 279 1.84 -43.10 -72.39
CA ILE L 279 0.99 -43.78 -71.41
C ILE L 279 -0.08 -44.61 -72.13
N VAL L 280 -0.70 -44.04 -73.16
CA VAL L 280 -1.87 -44.69 -73.76
C VAL L 280 -1.49 -45.94 -74.55
N ASP L 281 -0.31 -45.96 -75.15
CA ASP L 281 0.11 -47.18 -75.85
C ASP L 281 0.31 -48.32 -74.87
N THR L 282 0.71 -48.00 -73.63
CA THR L 282 0.61 -48.99 -72.57
C THR L 282 -0.84 -49.39 -72.34
N GLY L 283 -1.76 -48.43 -72.41
CA GLY L 283 -3.18 -48.68 -72.32
C GLY L 283 -3.85 -48.17 -71.05
N ALA L 284 -3.14 -47.45 -70.20
CA ALA L 284 -3.71 -47.03 -68.93
C ALA L 284 -4.89 -46.10 -69.14
N ASN L 285 -5.98 -46.39 -68.42
CA ASN L 285 -7.19 -45.56 -68.45
C ASN L 285 -7.72 -45.22 -67.06
N VAL L 286 -7.18 -45.80 -66.00
CA VAL L 286 -7.56 -45.50 -64.63
C VAL L 286 -6.29 -45.19 -63.85
N VAL L 287 -6.25 -44.02 -63.22
CA VAL L 287 -5.06 -43.54 -62.49
C VAL L 287 -5.51 -43.01 -61.14
N PHE L 288 -4.67 -43.23 -60.12
CA PHE L 288 -4.84 -42.65 -58.79
C PHE L 288 -3.52 -41.97 -58.45
N CYS L 289 -3.46 -40.66 -58.63
CA CYS L 289 -2.22 -39.89 -58.50
C CYS L 289 -2.06 -39.34 -57.09
N GLU L 290 -0.81 -39.29 -56.63
CA GLU L 290 -0.52 -38.92 -55.26
C GLU L 290 -0.68 -37.43 -54.99
N LYS L 291 -0.55 -36.58 -56.01
CA LYS L 291 -0.47 -35.13 -55.86
C LYS L 291 -1.68 -34.48 -56.53
N GLY L 292 -1.66 -33.14 -56.58
CA GLY L 292 -2.78 -32.38 -57.10
C GLY L 292 -2.87 -32.43 -58.61
N ILE L 293 -3.84 -31.66 -59.13
CA ILE L 293 -4.12 -31.58 -60.56
C ILE L 293 -4.39 -30.12 -60.91
N ASP L 294 -4.69 -29.89 -62.18
CA ASP L 294 -5.10 -28.58 -62.70
C ASP L 294 -6.31 -28.79 -63.60
N ASP L 295 -7.06 -27.71 -63.81
CA ASP L 295 -8.29 -27.80 -64.59
C ASP L 295 -8.00 -28.26 -66.02
N GLN L 296 -6.98 -27.69 -66.64
CA GLN L 296 -6.60 -28.14 -67.98
C GLN L 296 -6.10 -29.57 -67.96
N VAL L 297 -5.38 -29.96 -66.90
CA VAL L 297 -4.85 -31.32 -66.82
C VAL L 297 -5.99 -32.33 -66.73
N GLU L 298 -6.94 -32.10 -65.82
CA GLU L 298 -8.07 -33.02 -65.74
C GLU L 298 -8.90 -32.98 -67.01
N HIS L 299 -8.96 -31.82 -67.68
CA HIS L 299 -9.73 -31.74 -68.92
C HIS L 299 -9.11 -32.61 -70.01
N MET L 300 -7.79 -32.49 -70.23
CA MET L 300 -7.19 -33.27 -71.32
C MET L 300 -7.01 -34.73 -70.89
N LEU L 301 -7.06 -35.02 -69.60
CA LEU L 301 -7.12 -36.41 -69.16
C LEU L 301 -8.47 -37.03 -69.48
N ALA L 302 -9.56 -36.31 -69.17
CA ALA L 302 -10.90 -36.78 -69.49
C ALA L 302 -11.23 -36.68 -70.97
N LYS L 303 -10.41 -35.99 -71.76
CA LYS L 303 -10.61 -35.98 -73.20
C LYS L 303 -10.50 -37.39 -73.77
N LYS L 304 -9.53 -38.16 -73.28
CA LYS L 304 -9.38 -39.57 -73.63
C LYS L 304 -10.10 -40.50 -72.66
N GLY L 305 -10.62 -39.98 -71.55
CA GLY L 305 -11.38 -40.78 -70.61
C GLY L 305 -10.51 -41.44 -69.56
N ILE L 306 -9.70 -40.64 -68.86
CA ILE L 306 -8.74 -41.12 -67.89
C ILE L 306 -9.18 -40.69 -66.50
N LEU L 307 -9.28 -41.65 -65.58
CA LEU L 307 -9.59 -41.37 -64.19
C LEU L 307 -8.34 -40.86 -63.48
N ALA L 308 -8.53 -39.87 -62.61
CA ALA L 308 -7.42 -39.31 -61.84
C ALA L 308 -7.94 -38.83 -60.50
N VAL L 309 -7.43 -39.43 -59.43
CA VAL L 309 -7.73 -39.04 -58.05
C VAL L 309 -6.46 -38.45 -57.46
N ARG L 310 -6.62 -37.34 -56.72
CA ARG L 310 -5.50 -36.54 -56.24
C ARG L 310 -5.38 -36.59 -54.73
N ARG L 311 -4.23 -36.14 -54.24
CA ARG L 311 -3.95 -36.03 -52.81
C ARG L 311 -4.13 -37.37 -52.10
N VAL L 312 -3.69 -38.44 -52.75
CA VAL L 312 -3.76 -39.77 -52.20
C VAL L 312 -2.55 -39.97 -51.28
N LYS L 313 -2.80 -40.34 -50.02
CA LYS L 313 -1.75 -40.37 -49.01
C LYS L 313 -0.68 -41.41 -49.37
N LYS L 314 0.43 -41.37 -48.63
CA LYS L 314 1.50 -42.33 -48.88
C LYS L 314 1.04 -43.76 -48.56
N ASP L 315 0.45 -43.96 -47.38
CA ASP L 315 0.03 -45.30 -46.98
C ASP L 315 -1.05 -45.83 -47.91
N ASP L 316 -2.08 -45.02 -48.18
CA ASP L 316 -3.16 -45.49 -49.02
C ASP L 316 -2.76 -45.56 -50.50
N LEU L 317 -1.83 -44.72 -50.96
CA LEU L 317 -1.28 -44.91 -52.31
C LEU L 317 -0.52 -46.23 -52.41
N GLU L 318 0.27 -46.57 -51.39
CA GLU L 318 0.96 -47.86 -51.40
C GLU L 318 -0.04 -49.00 -51.38
N LYS L 319 -1.11 -48.84 -50.60
CA LYS L 319 -2.17 -49.85 -50.57
C LYS L 319 -2.81 -50.04 -51.93
N ILE L 320 -3.08 -48.93 -52.64
CA ILE L 320 -3.67 -49.01 -53.96
C ILE L 320 -2.69 -49.67 -54.94
N ALA L 321 -1.40 -49.35 -54.80
CA ALA L 321 -0.41 -49.98 -55.67
C ALA L 321 -0.36 -51.49 -55.45
N LYS L 322 -0.42 -51.92 -54.18
CA LYS L 322 -0.44 -53.35 -53.90
C LYS L 322 -1.70 -54.00 -54.44
N ALA L 323 -2.86 -53.35 -54.27
CA ALA L 323 -4.12 -53.96 -54.65
C ALA L 323 -4.27 -54.05 -56.16
N THR L 324 -3.99 -52.96 -56.86
CA THR L 324 -4.24 -52.90 -58.30
C THR L 324 -3.20 -53.65 -59.11
N GLY L 325 -1.99 -53.82 -58.57
CA GLY L 325 -0.92 -54.47 -59.28
C GLY L 325 -0.05 -53.54 -60.11
N ALA L 326 -0.43 -52.28 -60.26
CA ALA L 326 0.38 -51.30 -60.98
C ALA L 326 1.42 -50.74 -60.02
N ARG L 327 2.69 -51.07 -60.26
CA ARG L 327 3.76 -50.56 -59.41
C ARG L 327 3.84 -49.04 -59.53
N VAL L 328 4.19 -48.39 -58.42
CA VAL L 328 4.32 -46.94 -58.42
C VAL L 328 5.52 -46.56 -59.26
N VAL L 329 5.30 -45.68 -60.24
CA VAL L 329 6.30 -45.31 -61.23
C VAL L 329 6.60 -43.84 -61.05
N SER L 330 7.66 -43.53 -60.30
CA SER L 330 8.08 -42.14 -60.15
C SER L 330 8.56 -41.57 -61.47
N ASN L 331 9.44 -42.30 -62.16
CA ASN L 331 9.91 -41.92 -63.50
C ASN L 331 8.99 -42.56 -64.52
N ILE L 332 7.98 -41.79 -64.93
CA ILE L 332 6.90 -42.34 -65.76
C ILE L 332 7.38 -42.63 -67.18
N ASP L 333 8.53 -42.09 -67.58
CA ASP L 333 9.03 -42.32 -68.94
C ASP L 333 9.30 -43.80 -69.22
N GLU L 334 9.58 -44.58 -68.18
CA GLU L 334 9.86 -46.01 -68.31
C GLU L 334 8.61 -46.87 -68.16
N LEU L 335 7.43 -46.28 -68.04
CA LEU L 335 6.20 -47.07 -67.95
C LEU L 335 6.01 -47.89 -69.21
N THR L 336 5.65 -49.15 -69.03
CA THR L 336 5.47 -50.12 -70.10
C THR L 336 4.14 -50.83 -69.91
N PRO L 337 3.66 -51.55 -70.94
CA PRO L 337 2.44 -52.35 -70.73
C PRO L 337 2.58 -53.39 -69.64
N GLU L 338 3.79 -53.93 -69.46
CA GLU L 338 4.01 -54.89 -68.38
C GLU L 338 3.84 -54.24 -67.00
N ASP L 339 4.08 -52.94 -66.90
CA ASP L 339 3.97 -52.24 -65.61
C ASP L 339 2.55 -51.94 -65.19
N LEU L 340 1.57 -52.09 -66.09
CA LEU L 340 0.20 -51.72 -65.78
C LEU L 340 -0.51 -52.82 -65.00
N GLY L 341 -1.45 -52.40 -64.15
CA GLY L 341 -2.32 -53.32 -63.44
C GLY L 341 -3.67 -53.44 -64.11
N HIS L 342 -4.51 -54.31 -63.55
CA HIS L 342 -5.85 -54.56 -64.06
C HIS L 342 -6.82 -54.65 -62.89
N ALA L 343 -8.04 -54.18 -63.14
CA ALA L 343 -9.13 -54.25 -62.17
C ALA L 343 -10.39 -54.75 -62.87
N GLY L 344 -11.13 -55.62 -62.18
CA GLY L 344 -12.34 -56.16 -62.78
C GLY L 344 -13.38 -55.11 -63.06
N LEU L 345 -13.49 -54.10 -62.19
CA LEU L 345 -14.50 -53.07 -62.35
C LEU L 345 -14.06 -51.81 -61.61
N VAL L 346 -14.51 -50.67 -62.12
CA VAL L 346 -14.45 -49.39 -61.40
C VAL L 346 -15.79 -48.71 -61.63
N GLU L 347 -16.40 -48.20 -60.56
CA GLU L 347 -17.74 -47.65 -60.66
C GLU L 347 -17.91 -46.51 -59.66
N GLN L 348 -18.59 -45.45 -60.10
CA GLN L 348 -18.97 -44.34 -59.24
C GLN L 348 -20.42 -44.58 -58.81
N ARG L 349 -20.62 -44.83 -57.52
CA ARG L 349 -21.94 -45.08 -56.94
C ARG L 349 -22.27 -43.96 -55.96
N LYS L 350 -23.47 -43.41 -56.08
CA LYS L 350 -23.92 -42.33 -55.21
C LYS L 350 -24.56 -42.90 -53.95
N LYS L 351 -23.76 -43.67 -53.21
CA LYS L 351 -24.21 -44.24 -51.95
C LYS L 351 -24.16 -43.18 -50.86
N GLY L 352 -25.25 -43.05 -50.11
CA GLY L 352 -25.32 -42.02 -49.09
C GLY L 352 -25.28 -40.64 -49.70
N GLU L 353 -24.64 -39.70 -49.00
CA GLU L 353 -24.54 -38.32 -49.44
C GLU L 353 -23.28 -38.08 -50.28
N ASP L 354 -22.12 -38.45 -49.75
CA ASP L 354 -20.87 -38.19 -50.44
C ASP L 354 -20.75 -39.04 -51.70
N ARG L 355 -20.20 -38.43 -52.75
CA ARG L 355 -19.91 -39.12 -54.00
C ARG L 355 -18.52 -39.72 -53.93
N MET L 356 -18.40 -41.00 -54.24
CA MET L 356 -17.12 -41.71 -54.18
C MET L 356 -17.04 -42.70 -55.34
N VAL L 357 -15.81 -43.02 -55.72
CA VAL L 357 -15.53 -44.02 -56.75
C VAL L 357 -15.37 -45.34 -56.03
N PHE L 358 -16.41 -46.19 -56.10
CA PHE L 358 -16.41 -47.49 -55.44
C PHE L 358 -15.61 -48.46 -56.29
N VAL L 359 -14.29 -48.44 -56.10
CA VAL L 359 -13.40 -49.32 -56.85
C VAL L 359 -13.56 -50.73 -56.33
N SER L 360 -13.75 -51.68 -57.24
CA SER L 360 -14.03 -53.07 -56.86
C SER L 360 -13.54 -53.99 -57.96
N GLY L 361 -12.64 -54.91 -57.62
CA GLY L 361 -12.06 -55.84 -58.57
C GLY L 361 -10.55 -55.85 -58.59
N CYS L 362 -9.92 -55.44 -57.49
CA CYS L 362 -8.47 -55.52 -57.36
C CYS L 362 -8.11 -56.94 -56.94
N LYS L 363 -7.56 -57.71 -57.88
CA LYS L 363 -7.53 -59.18 -57.77
C LYS L 363 -6.19 -59.74 -57.30
N ASN L 364 -5.18 -58.91 -57.04
CA ASN L 364 -3.87 -59.46 -56.70
C ASN L 364 -3.78 -59.83 -55.22
N GLU L 365 -3.99 -58.86 -54.33
CA GLU L 365 -3.86 -59.05 -52.89
C GLU L 365 -5.05 -58.45 -52.17
N PRO L 366 -5.40 -58.96 -50.96
CA PRO L 366 -6.42 -58.29 -50.15
C PRO L 366 -5.82 -57.14 -49.36
N VAL L 367 -6.15 -55.92 -49.76
CA VAL L 367 -5.59 -54.70 -49.18
C VAL L 367 -6.72 -53.70 -49.01
N ALA L 368 -6.69 -52.96 -47.90
CA ALA L 368 -7.78 -52.06 -47.57
C ALA L 368 -7.29 -51.04 -46.54
N THR L 369 -8.20 -50.15 -46.13
CA THR L 369 -7.93 -49.10 -45.16
C THR L 369 -8.95 -49.19 -44.02
N ILE L 370 -8.56 -48.69 -42.87
CA ILE L 370 -9.41 -48.76 -41.67
C ILE L 370 -10.29 -47.52 -41.69
N LEU L 371 -11.39 -47.61 -42.43
CA LEU L 371 -12.36 -46.53 -42.58
C LEU L 371 -13.75 -47.15 -42.54
N ILE L 372 -14.56 -46.75 -41.56
CA ILE L 372 -15.80 -47.46 -41.21
C ILE L 372 -16.91 -46.47 -40.96
N ARG L 373 -18.13 -46.86 -41.33
CA ARG L 373 -19.32 -46.02 -41.24
C ARG L 373 -19.92 -46.05 -39.85
N ALA L 374 -20.70 -45.01 -39.55
CA ALA L 374 -21.58 -44.96 -38.38
C ALA L 374 -22.51 -43.77 -38.58
N ALA L 375 -23.26 -43.42 -37.54
CA ALA L 375 -24.19 -42.31 -37.63
C ALA L 375 -23.47 -40.96 -37.58
N THR L 376 -22.75 -40.70 -36.49
CA THR L 376 -22.04 -39.44 -36.27
C THR L 376 -20.54 -39.71 -36.19
N GLU L 377 -19.78 -38.60 -36.22
CA GLU L 377 -18.32 -38.69 -36.25
C GLU L 377 -17.78 -39.40 -35.02
N HIS L 378 -18.33 -39.08 -33.85
CA HIS L 378 -17.92 -39.77 -32.63
C HIS L 378 -18.18 -41.26 -32.72
N VAL L 379 -19.37 -41.63 -33.18
CA VAL L 379 -19.69 -43.05 -33.33
C VAL L 379 -18.87 -43.66 -34.46
N VAL L 380 -18.53 -42.87 -35.48
CA VAL L 380 -17.67 -43.37 -36.55
C VAL L 380 -16.32 -43.80 -35.98
N GLU L 381 -15.68 -42.91 -35.21
CA GLU L 381 -14.38 -43.23 -34.65
C GLU L 381 -14.48 -44.39 -33.66
N GLU L 382 -15.55 -44.40 -32.85
CA GLU L 382 -15.75 -45.49 -31.89
C GLU L 382 -15.87 -46.82 -32.61
N LEU L 383 -16.67 -46.87 -33.67
CA LEU L 383 -16.83 -48.12 -34.41
C LEU L 383 -15.54 -48.53 -35.10
N GLU L 384 -14.76 -47.56 -35.58
CA GLU L 384 -13.48 -47.88 -36.21
C GLU L 384 -12.53 -48.54 -35.21
N ARG L 385 -12.41 -47.95 -34.02
CA ARG L 385 -11.55 -48.54 -33.01
C ARG L 385 -12.06 -49.92 -32.61
N ALA L 386 -13.38 -50.05 -32.47
CA ALA L 386 -13.96 -51.31 -32.03
C ALA L 386 -13.71 -52.43 -33.04
N ILE L 387 -13.91 -52.13 -34.33
CA ILE L 387 -13.70 -53.16 -35.34
C ILE L 387 -12.22 -53.52 -35.42
N ASP L 388 -11.33 -52.53 -35.30
CA ASP L 388 -9.90 -52.82 -35.31
C ASP L 388 -9.54 -53.77 -34.17
N ASP L 389 -10.05 -53.49 -32.96
CA ASP L 389 -9.79 -54.37 -31.83
C ASP L 389 -10.38 -55.76 -32.06
N ALA L 390 -11.52 -55.83 -32.75
CA ALA L 390 -12.15 -57.13 -32.99
C ALA L 390 -11.28 -58.00 -33.89
N LEU L 391 -10.81 -57.45 -35.02
CA LEU L 391 -9.91 -58.24 -35.85
C LEU L 391 -8.63 -58.57 -35.12
N ASN L 392 -8.11 -57.65 -34.30
CA ASN L 392 -6.90 -57.97 -33.55
C ASN L 392 -7.11 -59.16 -32.63
N ALA L 393 -8.24 -59.18 -31.91
CA ALA L 393 -8.48 -60.26 -30.97
C ALA L 393 -8.74 -61.59 -31.67
N VAL L 394 -9.53 -61.58 -32.75
CA VAL L 394 -9.79 -62.85 -33.43
C VAL L 394 -8.52 -63.35 -34.10
N LYS L 395 -7.68 -62.45 -34.62
CA LYS L 395 -6.39 -62.86 -35.17
C LYS L 395 -5.53 -63.50 -34.10
N ALA L 396 -5.48 -62.90 -32.90
CA ALA L 396 -4.69 -63.47 -31.82
C ALA L 396 -5.22 -64.83 -31.40
N ALA L 397 -6.54 -64.98 -31.35
CA ALA L 397 -7.14 -66.26 -30.97
C ALA L 397 -6.80 -67.33 -31.99
N ILE L 398 -6.89 -67.00 -33.28
CA ILE L 398 -6.57 -67.98 -34.33
C ILE L 398 -5.09 -68.35 -34.26
N LYS L 399 -4.22 -67.35 -34.09
CA LYS L 399 -2.78 -67.62 -34.03
C LYS L 399 -2.43 -68.49 -32.82
N ASP L 400 -2.66 -67.97 -31.62
CA ASP L 400 -2.19 -68.65 -30.42
C ASP L 400 -3.08 -69.84 -30.07
N GLY L 401 -4.37 -69.75 -30.36
CA GLY L 401 -5.27 -70.87 -30.10
C GLY L 401 -5.42 -71.21 -28.64
N LYS L 402 -5.40 -70.21 -27.76
CA LYS L 402 -5.64 -70.40 -26.34
C LYS L 402 -6.46 -69.22 -25.84
N VAL L 403 -7.63 -69.50 -25.27
CA VAL L 403 -8.53 -68.48 -24.76
C VAL L 403 -8.74 -68.73 -23.27
N VAL L 404 -8.86 -67.64 -22.51
CA VAL L 404 -9.03 -67.68 -21.06
C VAL L 404 -10.38 -67.03 -20.74
N PRO L 405 -11.12 -67.50 -19.74
CA PRO L 405 -12.36 -66.79 -19.39
C PRO L 405 -12.08 -65.36 -18.94
N GLY L 406 -12.85 -64.43 -19.49
CA GLY L 406 -12.74 -63.03 -19.17
C GLY L 406 -13.62 -62.63 -18.02
N GLY L 407 -14.03 -61.36 -18.02
CA GLY L 407 -14.93 -60.88 -16.99
C GLY L 407 -14.34 -60.93 -15.60
N GLY L 408 -13.02 -60.84 -15.48
CA GLY L 408 -12.37 -60.93 -14.19
C GLY L 408 -12.15 -62.33 -13.68
N ALA L 409 -12.63 -63.35 -14.40
CA ALA L 409 -12.49 -64.72 -13.93
C ALA L 409 -11.04 -65.17 -13.91
N ALA L 410 -10.31 -64.87 -14.99
CA ALA L 410 -8.90 -65.24 -15.05
C ALA L 410 -8.11 -64.56 -13.94
N GLU L 411 -8.41 -63.29 -13.68
CA GLU L 411 -7.71 -62.56 -12.63
C GLU L 411 -7.94 -63.21 -11.27
N VAL L 412 -9.19 -63.58 -10.96
CA VAL L 412 -9.49 -64.18 -9.67
C VAL L 412 -8.83 -65.54 -9.55
N ALA L 413 -8.85 -66.34 -10.63
CA ALA L 413 -8.22 -67.65 -10.57
C ALA L 413 -6.72 -67.54 -10.35
N VAL L 414 -6.07 -66.64 -11.07
CA VAL L 414 -4.63 -66.47 -10.92
C VAL L 414 -4.32 -65.94 -9.52
N ALA L 415 -5.18 -65.08 -8.99
CA ALA L 415 -4.99 -64.58 -7.63
C ALA L 415 -5.08 -65.70 -6.62
N ARG L 416 -6.05 -66.59 -6.78
CA ARG L 416 -6.19 -67.72 -5.86
C ARG L 416 -4.96 -68.62 -5.90
N LYS L 417 -4.48 -68.95 -7.10
CA LYS L 417 -3.30 -69.80 -7.17
C LYS L 417 -2.05 -69.08 -6.66
N LEU L 418 -1.99 -67.76 -6.83
CA LEU L 418 -0.90 -66.99 -6.26
C LEU L 418 -0.93 -67.03 -4.74
N ARG L 419 -2.13 -66.97 -4.15
CA ARG L 419 -2.24 -67.09 -2.71
C ARG L 419 -1.82 -68.48 -2.25
N GLU L 420 -2.12 -69.51 -3.05
CA GLU L 420 -1.62 -70.84 -2.74
C GLU L 420 -0.09 -70.87 -2.73
N TYR L 421 0.52 -70.22 -3.73
CA TYR L 421 1.98 -70.12 -3.76
C TYR L 421 2.48 -69.38 -2.52
N ALA L 422 1.77 -68.33 -2.11
CA ALA L 422 2.15 -67.58 -0.93
C ALA L 422 2.14 -68.48 0.30
N LYS L 423 1.11 -69.32 0.42
CA LYS L 423 1.08 -70.31 1.49
C LYS L 423 2.27 -71.26 1.38
N SER L 424 2.68 -71.59 0.15
CA SER L 424 3.86 -72.42 -0.01
C SER L 424 5.13 -71.69 0.42
N LEU L 425 5.28 -70.44 0.00
CA LEU L 425 6.49 -69.67 0.27
C LEU L 425 6.46 -69.10 1.69
N SER L 426 7.63 -68.75 2.19
CA SER L 426 7.79 -68.12 3.49
C SER L 426 8.82 -67.00 3.38
N GLY L 427 8.66 -66.00 4.23
CA GLY L 427 9.53 -64.83 4.28
C GLY L 427 8.76 -63.56 4.00
N LYS L 428 9.52 -62.48 3.80
CA LYS L 428 8.94 -61.19 3.46
C LYS L 428 8.63 -61.06 1.97
N GLU L 429 8.97 -62.05 1.16
CA GLU L 429 8.47 -62.13 -0.21
C GLU L 429 7.02 -62.57 -0.26
N GLN L 430 6.54 -63.26 0.78
CA GLN L 430 5.14 -63.64 0.83
C GLN L 430 4.24 -62.41 0.84
N LEU L 431 4.66 -61.35 1.55
CA LEU L 431 3.89 -60.12 1.57
C LEU L 431 3.81 -59.50 0.19
N ALA L 432 4.94 -59.51 -0.55
CA ALA L 432 4.92 -58.96 -1.90
C ALA L 432 4.03 -59.79 -2.82
N ILE L 433 4.05 -61.10 -2.68
CA ILE L 433 3.22 -61.94 -3.54
C ILE L 433 1.74 -61.72 -3.21
N GLU L 434 1.42 -61.56 -1.93
CA GLU L 434 0.04 -61.24 -1.55
C GLU L 434 -0.38 -59.89 -2.11
N ALA L 435 0.55 -58.93 -2.11
CA ALA L 435 0.29 -57.63 -2.73
C ALA L 435 -0.02 -57.79 -4.20
N PHE L 436 0.76 -58.61 -4.90
CA PHE L 436 0.50 -58.86 -6.32
C PHE L 436 -0.86 -59.49 -6.52
N ALA L 437 -1.23 -60.45 -5.66
CA ALA L 437 -2.53 -61.10 -5.79
C ALA L 437 -3.66 -60.10 -5.60
N ASP L 438 -3.54 -59.22 -4.60
CA ASP L 438 -4.60 -58.23 -4.39
C ASP L 438 -4.67 -57.24 -5.54
N ALA L 439 -3.51 -56.81 -6.05
CA ALA L 439 -3.52 -55.90 -7.19
C ALA L 439 -4.15 -56.55 -8.41
N LEU L 440 -3.92 -57.85 -8.59
CA LEU L 440 -4.54 -58.57 -9.69
C LEU L 440 -6.04 -58.69 -9.50
N GLU L 441 -6.47 -58.90 -8.25
CA GLU L 441 -7.90 -58.95 -7.95
C GLU L 441 -8.57 -57.61 -8.12
N GLU L 442 -7.79 -56.52 -8.12
CA GLU L 442 -8.38 -55.18 -8.30
C GLU L 442 -9.11 -55.04 -9.64
N ILE L 443 -8.68 -55.77 -10.67
CA ILE L 443 -9.33 -55.64 -11.99
C ILE L 443 -10.80 -56.06 -11.92
N PRO L 444 -11.16 -57.24 -11.38
CA PRO L 444 -12.59 -57.55 -11.25
C PRO L 444 -13.36 -56.55 -10.41
N ARG L 445 -12.72 -55.95 -9.41
CA ARG L 445 -13.38 -54.92 -8.63
C ARG L 445 -13.76 -53.74 -9.50
N THR L 446 -12.84 -53.29 -10.36
CA THR L 446 -13.15 -52.19 -11.28
C THR L 446 -14.23 -52.60 -12.25
N LEU L 447 -14.14 -53.81 -12.79
CA LEU L 447 -15.13 -54.26 -13.77
C LEU L 447 -16.52 -54.33 -13.17
N ALA L 448 -16.62 -54.69 -11.89
CA ALA L 448 -17.91 -54.67 -11.22
C ALA L 448 -18.36 -53.25 -10.93
N GLU L 449 -17.44 -52.38 -10.53
CA GLU L 449 -17.80 -51.00 -10.20
C GLU L 449 -18.38 -50.27 -11.41
N ASN L 450 -17.76 -50.45 -12.57
CA ASN L 450 -18.29 -49.84 -13.78
C ASN L 450 -19.61 -50.46 -14.21
N ALA L 451 -19.90 -51.69 -13.77
CA ALA L 451 -21.16 -52.34 -14.10
C ALA L 451 -22.32 -51.92 -13.19
N GLY L 452 -22.04 -51.21 -12.09
CA GLY L 452 -23.05 -50.76 -11.18
C GLY L 452 -23.18 -51.60 -9.92
N LEU L 453 -22.68 -52.82 -9.93
CA LEU L 453 -22.75 -53.66 -8.73
C LEU L 453 -21.81 -53.12 -7.66
N ASP L 454 -22.09 -53.51 -6.41
CA ASP L 454 -21.19 -53.15 -5.33
C ASP L 454 -19.90 -53.94 -5.46
N PRO L 455 -18.73 -53.31 -5.27
CA PRO L 455 -17.50 -54.02 -5.60
C PRO L 455 -17.14 -55.12 -4.60
N ILE L 456 -17.26 -54.84 -3.30
CA ILE L 456 -16.78 -55.80 -2.31
C ILE L 456 -17.65 -57.05 -2.30
N ASP L 457 -18.97 -56.87 -2.40
CA ASP L 457 -19.88 -58.01 -2.31
C ASP L 457 -19.66 -58.97 -3.47
N THR L 458 -19.60 -58.45 -4.69
CA THR L 458 -19.39 -59.32 -5.84
C THR L 458 -17.97 -59.86 -5.89
N LEU L 459 -16.99 -59.12 -5.36
CA LEU L 459 -15.64 -59.67 -5.26
C LEU L 459 -15.61 -60.86 -4.32
N VAL L 460 -16.28 -60.75 -3.17
CA VAL L 460 -16.33 -61.85 -2.22
C VAL L 460 -17.09 -63.03 -2.83
N GLN L 461 -18.16 -62.75 -3.57
CA GLN L 461 -18.89 -63.83 -4.22
C GLN L 461 -18.02 -64.54 -5.25
N LEU L 462 -17.23 -63.78 -6.01
CA LEU L 462 -16.33 -64.41 -6.98
C LEU L 462 -15.29 -65.27 -6.28
N ARG L 463 -14.73 -64.78 -5.18
CA ARG L 463 -13.74 -65.57 -4.45
C ARG L 463 -14.36 -66.84 -3.90
N ALA L 464 -15.57 -66.74 -3.35
CA ALA L 464 -16.24 -67.93 -2.83
C ALA L 464 -16.53 -68.92 -3.93
N ALA L 465 -16.97 -68.43 -5.10
CA ALA L 465 -17.25 -69.32 -6.21
C ALA L 465 -15.99 -70.04 -6.67
N HIS L 466 -14.89 -69.30 -6.82
CA HIS L 466 -13.64 -69.93 -7.22
C HIS L 466 -13.11 -70.88 -6.16
N GLU L 467 -13.49 -70.69 -4.89
CA GLU L 467 -13.10 -71.65 -3.86
C GLU L 467 -13.86 -72.96 -3.96
N GLU L 468 -14.94 -73.01 -4.73
CA GLU L 468 -15.70 -74.24 -4.92
C GLU L 468 -15.14 -75.13 -6.02
N GLY L 469 -14.05 -74.73 -6.67
CA GLY L 469 -13.39 -75.53 -7.67
C GLY L 469 -13.68 -75.13 -9.10
N ASP L 470 -14.83 -74.53 -9.37
CA ASP L 470 -15.12 -74.04 -10.71
C ASP L 470 -14.27 -72.81 -11.02
N LYS L 471 -14.05 -72.57 -12.31
CA LYS L 471 -13.04 -71.61 -12.77
C LYS L 471 -13.59 -70.51 -13.66
N ASN L 472 -14.80 -70.66 -14.17
CA ASN L 472 -15.33 -69.77 -15.20
C ASN L 472 -16.34 -68.75 -14.69
N ILE L 473 -16.64 -68.73 -13.40
CA ILE L 473 -17.56 -67.74 -12.87
C ILE L 473 -16.87 -66.39 -12.85
N GLY L 474 -17.47 -65.41 -13.51
CA GLY L 474 -16.93 -64.07 -13.64
C GLY L 474 -18.00 -63.02 -13.37
N ILE L 475 -17.84 -61.88 -14.04
CA ILE L 475 -18.80 -60.79 -14.00
C ILE L 475 -19.15 -60.43 -15.43
N ASP L 476 -20.46 -60.38 -15.72
CA ASP L 476 -20.98 -59.98 -17.03
C ASP L 476 -21.75 -58.68 -16.84
N CYS L 477 -21.21 -57.59 -17.39
CA CYS L 477 -21.78 -56.28 -17.18
C CYS L 477 -22.95 -55.97 -18.10
N LEU L 478 -23.15 -56.75 -19.17
CA LEU L 478 -24.34 -56.56 -19.99
C LEU L 478 -25.60 -56.90 -19.20
N THR L 479 -25.63 -58.09 -18.59
CA THR L 479 -26.76 -58.48 -17.75
C THR L 479 -26.65 -57.92 -16.34
N GLY L 480 -25.45 -57.69 -15.84
CA GLY L 480 -25.26 -57.18 -14.50
C GLY L 480 -25.57 -58.14 -13.37
N GLU L 481 -25.19 -59.41 -13.50
CA GLU L 481 -25.05 -60.30 -12.36
C GLU L 481 -23.70 -60.98 -12.50
N VAL L 482 -23.38 -61.86 -11.55
CA VAL L 482 -22.25 -62.76 -11.66
C VAL L 482 -22.76 -64.07 -12.23
N ALA L 483 -22.07 -64.60 -13.24
CA ALA L 483 -22.51 -65.80 -13.91
C ALA L 483 -21.33 -66.49 -14.57
N ASP L 484 -21.56 -67.72 -15.03
CA ASP L 484 -20.58 -68.43 -15.82
C ASP L 484 -20.28 -67.66 -17.10
N MET L 485 -18.99 -67.39 -17.33
CA MET L 485 -18.61 -66.63 -18.52
C MET L 485 -18.66 -67.48 -19.78
N LEU L 486 -18.36 -68.78 -19.66
CA LEU L 486 -18.30 -69.63 -20.85
C LEU L 486 -19.68 -69.76 -21.49
N GLU L 487 -20.73 -69.88 -20.68
CA GLU L 487 -22.09 -69.92 -21.23
C GLU L 487 -22.60 -68.54 -21.60
N ALA L 488 -22.00 -67.48 -21.08
CA ALA L 488 -22.37 -66.10 -21.41
C ALA L 488 -21.63 -65.56 -22.62
N GLY L 489 -20.69 -66.32 -23.19
CA GLY L 489 -19.94 -65.82 -24.33
C GLY L 489 -19.07 -64.63 -24.01
N VAL L 490 -18.39 -64.65 -22.87
CA VAL L 490 -17.48 -63.60 -22.45
C VAL L 490 -16.11 -64.25 -22.28
N ILE L 491 -15.32 -64.26 -23.36
CA ILE L 491 -14.02 -64.93 -23.38
C ILE L 491 -13.03 -64.06 -24.14
N ASP L 492 -11.83 -63.91 -23.56
CA ASP L 492 -10.75 -63.02 -23.96
C ASP L 492 -9.56 -63.87 -24.38
N PRO L 493 -8.84 -63.55 -25.46
CA PRO L 493 -7.67 -64.37 -25.80
C PRO L 493 -6.61 -64.36 -24.71
N ALA L 494 -5.98 -65.52 -24.51
CA ALA L 494 -5.05 -65.70 -23.41
C ALA L 494 -3.83 -64.79 -23.57
N ALA L 495 -3.32 -64.67 -24.79
CA ALA L 495 -2.13 -63.86 -25.02
C ALA L 495 -2.35 -62.40 -24.63
N VAL L 496 -3.57 -61.90 -24.80
CA VAL L 496 -3.88 -60.53 -24.40
C VAL L 496 -3.68 -60.37 -22.89
N LYS L 497 -4.21 -61.29 -22.10
CA LYS L 497 -4.08 -61.19 -20.66
C LYS L 497 -2.64 -61.40 -20.22
N LYS L 498 -1.92 -62.31 -20.88
CA LYS L 498 -0.51 -62.50 -20.57
C LYS L 498 0.27 -61.23 -20.79
N GLN L 499 0.09 -60.58 -21.94
CA GLN L 499 0.80 -59.35 -22.21
C GLN L 499 0.33 -58.23 -21.28
N ALA L 500 -0.94 -58.24 -20.87
CA ALA L 500 -1.42 -57.26 -19.91
C ALA L 500 -0.66 -57.37 -18.60
N ILE L 501 -0.56 -58.59 -18.08
CA ILE L 501 0.16 -58.81 -16.83
C ILE L 501 1.63 -58.42 -16.98
N LYS L 502 2.24 -58.81 -18.11
CA LYS L 502 3.66 -58.52 -18.31
C LYS L 502 3.90 -57.01 -18.37
N SER L 503 3.11 -56.29 -19.16
CA SER L 503 3.30 -54.86 -19.28
C SER L 503 3.04 -54.15 -17.95
N ALA L 504 2.03 -54.61 -17.20
CA ALA L 504 1.77 -54.02 -15.89
C ALA L 504 2.95 -54.25 -14.96
N THR L 505 3.54 -55.44 -14.99
CA THR L 505 4.69 -55.73 -14.16
C THR L 505 5.85 -54.82 -14.49
N GLU L 506 6.20 -54.72 -15.78
CA GLU L 506 7.29 -53.84 -16.17
C GLU L 506 7.03 -52.39 -15.80
N ALA L 507 5.79 -51.93 -15.99
CA ALA L 507 5.46 -50.55 -15.65
C ALA L 507 5.64 -50.31 -14.15
N ALA L 508 5.04 -51.16 -13.32
CA ALA L 508 5.14 -50.98 -11.89
C ALA L 508 6.58 -51.07 -11.42
N THR L 509 7.33 -52.03 -11.95
CA THR L 509 8.71 -52.22 -11.54
C THR L 509 9.55 -51.00 -11.91
N MET L 510 9.51 -50.58 -13.17
CA MET L 510 10.43 -49.54 -13.60
C MET L 510 9.95 -48.16 -13.18
N ILE L 511 8.71 -48.03 -12.67
CA ILE L 511 8.33 -46.82 -11.96
C ILE L 511 8.81 -46.88 -10.52
N LEU L 512 8.84 -48.07 -9.92
CA LEU L 512 9.37 -48.21 -8.57
C LEU L 512 10.88 -48.02 -8.53
N ARG L 513 11.56 -48.28 -9.64
CA ARG L 513 13.02 -48.28 -9.67
C ARG L 513 13.62 -46.88 -9.74
N ILE L 514 12.80 -45.84 -9.84
CA ILE L 514 13.29 -44.47 -9.86
C ILE L 514 13.38 -43.96 -8.44
N ASP L 515 14.29 -42.99 -8.21
CA ASP L 515 14.49 -42.37 -6.91
C ASP L 515 14.12 -40.89 -6.91
N ASP L 516 14.73 -40.09 -7.78
CA ASP L 516 14.48 -38.66 -7.77
C ASP L 516 14.63 -38.08 -9.17
N ILE L 517 13.97 -36.94 -9.38
CA ILE L 517 13.99 -36.23 -10.64
C ILE L 517 15.14 -35.24 -10.59
N ILE L 518 15.92 -35.19 -11.67
CA ILE L 518 17.09 -34.31 -11.77
C ILE L 518 17.02 -33.55 -13.08
N PRO L 519 17.50 -32.30 -13.17
CA PRO L 519 17.42 -31.59 -14.45
C PRO L 519 18.51 -32.08 -15.39
N ALA L 520 18.10 -32.63 -16.53
CA ALA L 520 19.03 -33.20 -17.49
C ALA L 520 19.42 -32.15 -18.53
N LYS L 521 20.70 -32.15 -18.89
CA LYS L 521 21.18 -31.23 -19.92
C LYS L 521 20.47 -31.52 -21.23
N ALA L 522 19.94 -30.47 -21.85
CA ALA L 522 19.24 -30.64 -23.11
C ALA L 522 20.25 -30.83 -24.24
N PRO L 523 20.04 -31.77 -25.17
CA PRO L 523 20.99 -31.91 -26.28
C PRO L 523 20.92 -30.71 -27.20
N THR L 524 22.08 -30.08 -27.43
CA THR L 524 22.16 -28.91 -28.28
C THR L 524 22.08 -29.30 -29.76
N ASP M 19 32.25 -19.74 3.81
CA ASP M 19 32.97 -21.03 3.68
C ASP M 19 32.75 -21.64 2.31
N ALA M 20 33.46 -21.10 1.32
CA ALA M 20 33.31 -21.58 -0.05
C ALA M 20 33.78 -23.02 -0.20
N ARG M 21 34.78 -23.43 0.60
CA ARG M 21 35.16 -24.84 0.59
C ARG M 21 34.02 -25.70 1.10
N LYS M 22 33.32 -25.24 2.15
CA LYS M 22 32.17 -25.99 2.63
C LYS M 22 31.09 -26.06 1.55
N ASN M 23 30.94 -24.97 0.78
CA ASN M 23 29.97 -24.99 -0.31
C ASN M 23 30.34 -26.01 -1.38
N ASN M 24 31.62 -26.05 -1.77
CA ASN M 24 32.05 -27.03 -2.76
C ASN M 24 31.92 -28.45 -2.24
N ILE M 25 32.26 -28.67 -0.97
CA ILE M 25 32.11 -29.98 -0.36
C ILE M 25 30.66 -30.38 -0.35
N ALA M 26 29.76 -29.45 -0.09
CA ALA M 26 28.33 -29.75 -0.11
C ALA M 26 27.86 -30.12 -1.50
N ALA M 27 28.35 -29.41 -2.53
CA ALA M 27 27.96 -29.75 -3.89
C ALA M 27 28.44 -31.14 -4.29
N ALA M 28 29.70 -31.44 -3.97
CA ALA M 28 30.22 -32.78 -4.23
C ALA M 28 29.46 -33.82 -3.45
N ARG M 29 29.06 -33.49 -2.21
CA ARG M 29 28.25 -34.39 -1.41
C ARG M 29 26.91 -34.66 -2.07
N ALA M 30 26.29 -33.61 -2.62
CA ALA M 30 24.99 -33.77 -3.26
C ALA M 30 25.10 -34.70 -4.46
N ILE M 31 26.13 -34.50 -5.29
CA ILE M 31 26.29 -35.38 -6.44
C ILE M 31 26.61 -36.80 -5.99
N ALA M 32 27.44 -36.95 -4.96
CA ALA M 32 27.79 -38.27 -4.47
C ALA M 32 26.57 -39.01 -3.96
N ASP M 33 25.71 -38.32 -3.20
CA ASP M 33 24.50 -38.96 -2.70
C ASP M 33 23.52 -39.24 -3.83
N MET M 34 23.47 -38.38 -4.85
CA MET M 34 22.59 -38.62 -5.98
C MET M 34 22.98 -39.90 -6.71
N VAL M 35 24.28 -40.10 -6.94
CA VAL M 35 24.76 -41.27 -7.67
C VAL M 35 25.01 -42.47 -6.75
N LYS M 36 24.91 -42.29 -5.43
CA LYS M 36 25.11 -43.40 -4.49
C LYS M 36 24.09 -44.50 -4.72
N THR M 37 22.84 -44.12 -4.96
CA THR M 37 21.74 -45.08 -5.03
C THR M 37 21.85 -46.06 -6.20
N THR M 38 22.71 -45.79 -7.19
CA THR M 38 22.80 -46.59 -8.40
C THR M 38 24.06 -47.45 -8.46
N LEU M 39 24.60 -47.82 -7.29
CA LEU M 39 25.80 -48.65 -7.21
C LEU M 39 25.38 -50.05 -6.82
N GLY M 40 25.38 -50.96 -7.80
CA GLY M 40 25.19 -52.37 -7.54
C GLY M 40 24.26 -53.04 -8.53
N PRO M 41 24.09 -54.37 -8.39
CA PRO M 41 23.11 -55.07 -9.21
C PRO M 41 21.70 -54.51 -9.09
N ARG M 42 21.30 -54.15 -7.87
CA ARG M 42 19.97 -53.63 -7.59
C ARG M 42 19.95 -52.11 -7.61
N GLY M 43 20.81 -51.50 -8.42
CA GLY M 43 20.90 -50.06 -8.49
C GLY M 43 19.59 -49.44 -8.90
N MET M 44 19.02 -48.64 -8.02
CA MET M 44 17.78 -47.95 -8.32
C MET M 44 18.04 -46.95 -9.44
N ASN M 45 17.39 -47.16 -10.59
CA ASN M 45 17.70 -46.35 -11.76
C ASN M 45 17.32 -44.89 -11.52
N LYS M 46 17.75 -44.04 -12.45
CA LYS M 46 17.62 -42.59 -12.36
C LYS M 46 16.91 -42.08 -13.61
N MET M 47 16.21 -40.96 -13.44
CA MET M 47 15.37 -40.38 -14.49
C MET M 47 15.94 -39.04 -14.91
N LEU M 48 16.40 -38.95 -16.17
CA LEU M 48 16.96 -37.73 -16.73
C LEU M 48 15.88 -37.03 -17.56
N VAL M 49 15.41 -35.88 -17.09
CA VAL M 49 14.40 -35.09 -17.77
C VAL M 49 15.00 -33.74 -18.14
N ASN M 50 14.74 -33.30 -19.36
CA ASN M 50 15.26 -32.05 -19.90
C ASN M 50 14.10 -31.15 -20.30
N SER M 51 14.43 -29.90 -20.62
CA SER M 51 13.40 -28.94 -21.00
C SER M 51 12.65 -29.37 -22.25
N LEU M 52 13.32 -30.08 -23.16
CA LEU M 52 12.65 -30.60 -24.33
C LEU M 52 11.65 -31.70 -24.01
N GLY M 53 11.69 -32.27 -22.80
CA GLY M 53 10.74 -33.28 -22.39
C GLY M 53 11.17 -34.71 -22.66
N ASP M 54 12.29 -34.92 -23.36
CA ASP M 54 12.77 -36.26 -23.60
C ASP M 54 13.22 -36.86 -22.26
N VAL M 55 12.94 -38.14 -22.07
CA VAL M 55 13.26 -38.86 -20.84
C VAL M 55 14.01 -40.13 -21.20
N THR M 56 15.13 -40.38 -20.53
CA THR M 56 15.87 -41.62 -20.66
C THR M 56 16.16 -42.17 -19.27
N ILE M 57 15.80 -43.43 -19.06
CA ILE M 57 16.04 -44.11 -17.79
C ILE M 57 17.38 -44.82 -17.90
N THR M 58 18.28 -44.55 -16.97
CA THR M 58 19.59 -45.17 -16.93
C THR M 58 20.00 -45.40 -15.49
N ASN M 59 20.93 -46.33 -15.29
CA ASN M 59 21.55 -46.58 -13.99
C ASN M 59 23.06 -46.48 -14.02
N ASP M 60 23.70 -46.68 -15.16
CA ASP M 60 25.15 -46.58 -15.23
C ASP M 60 25.56 -45.14 -14.96
N GLY M 61 26.46 -44.96 -13.98
CA GLY M 61 26.78 -43.63 -13.50
C GLY M 61 27.35 -42.71 -14.55
N ALA M 62 27.92 -43.26 -15.62
CA ALA M 62 28.55 -42.42 -16.64
C ALA M 62 27.54 -41.48 -17.27
N THR M 63 26.38 -42.01 -17.68
CA THR M 63 25.33 -41.17 -18.25
C THR M 63 24.84 -40.15 -17.23
N ILE M 64 24.65 -40.59 -15.99
CA ILE M 64 24.05 -39.73 -14.97
C ILE M 64 24.97 -38.56 -14.69
N LEU M 65 26.28 -38.78 -14.76
CA LEU M 65 27.22 -37.66 -14.69
C LEU M 65 27.38 -36.94 -16.02
N GLU M 66 26.99 -37.55 -17.15
CA GLU M 66 27.20 -36.90 -18.44
C GLU M 66 26.19 -35.79 -18.66
N GLU M 67 24.89 -36.13 -18.75
CA GLU M 67 23.87 -35.15 -19.13
C GLU M 67 23.00 -34.69 -17.96
N MET M 68 23.61 -34.44 -16.81
CA MET M 68 22.96 -33.73 -15.71
C MET M 68 23.35 -32.24 -15.74
N ASP M 69 22.45 -31.41 -15.22
CA ASP M 69 22.71 -29.98 -15.11
C ASP M 69 23.52 -29.69 -13.85
N ILE M 70 24.60 -28.93 -14.00
CA ILE M 70 25.45 -28.55 -12.89
C ILE M 70 25.87 -27.09 -13.09
N GLU M 71 25.31 -26.20 -12.29
CA GLU M 71 25.75 -24.80 -12.29
C GLU M 71 26.96 -24.59 -11.39
N HIS M 72 27.10 -25.41 -10.36
CA HIS M 72 28.21 -25.26 -9.41
C HIS M 72 29.50 -25.74 -10.07
N PRO M 73 30.58 -24.92 -10.10
CA PRO M 73 31.76 -25.36 -10.86
C PRO M 73 32.62 -26.41 -10.15
N ALA M 74 32.60 -26.42 -8.82
CA ALA M 74 33.25 -27.51 -8.10
C ALA M 74 32.60 -28.85 -8.48
N ALA M 75 31.28 -28.86 -8.57
CA ALA M 75 30.60 -30.01 -9.16
C ALA M 75 31.03 -30.21 -10.61
N LYS M 76 31.21 -29.11 -11.34
CA LYS M 76 31.58 -29.22 -12.75
C LYS M 76 32.95 -29.85 -12.95
N MET M 77 33.79 -29.93 -11.91
CA MET M 77 35.02 -30.69 -12.06
C MET M 77 34.75 -32.20 -12.11
N LEU M 78 33.73 -32.67 -11.37
CA LEU M 78 33.46 -34.10 -11.36
C LEU M 78 33.06 -34.61 -12.74
N LYS M 79 32.56 -33.74 -13.62
CA LYS M 79 32.38 -34.12 -15.02
C LYS M 79 33.71 -34.58 -15.60
N GLU M 80 34.77 -33.80 -15.38
CA GLU M 80 36.08 -34.13 -15.92
C GLU M 80 36.61 -35.39 -15.25
N VAL M 81 36.37 -35.55 -13.95
CA VAL M 81 36.81 -36.76 -13.26
C VAL M 81 36.17 -38.00 -13.89
N ALA M 82 34.86 -37.94 -14.13
CA ALA M 82 34.17 -39.06 -14.74
C ALA M 82 34.65 -39.30 -16.16
N LYS M 83 34.93 -38.22 -16.90
CA LYS M 83 35.44 -38.37 -18.26
C LYS M 83 36.78 -39.10 -18.25
N ALA M 84 37.68 -38.72 -17.34
CA ALA M 84 38.97 -39.38 -17.26
C ALA M 84 38.79 -40.84 -16.87
N GLN M 85 37.89 -41.12 -15.94
CA GLN M 85 37.64 -42.50 -15.52
C GLN M 85 37.17 -43.34 -16.70
N GLU M 86 36.21 -42.82 -17.47
CA GLU M 86 35.71 -43.54 -18.63
C GLU M 86 36.81 -43.73 -19.67
N GLU M 87 37.63 -42.71 -19.87
CA GLU M 87 38.68 -42.79 -20.89
C GLU M 87 39.69 -43.87 -20.55
N GLU M 88 40.17 -43.87 -19.30
CA GLU M 88 41.21 -44.84 -18.94
C GLU M 88 40.60 -46.22 -18.73
N ALA M 89 39.71 -46.36 -17.76
CA ALA M 89 39.21 -47.66 -17.34
C ALA M 89 37.98 -48.11 -18.12
N GLY M 90 37.02 -47.22 -18.31
CA GLY M 90 35.76 -47.57 -18.93
C GLY M 90 34.73 -48.15 -17.99
N ASP M 91 35.07 -48.37 -16.72
CA ASP M 91 34.12 -48.85 -15.74
C ASP M 91 34.58 -48.38 -14.37
N GLY M 92 33.63 -48.04 -13.51
CA GLY M 92 33.92 -47.65 -12.14
C GLY M 92 33.69 -46.18 -11.86
N THR M 93 32.95 -45.49 -12.72
CA THR M 93 32.68 -44.07 -12.49
C THR M 93 31.82 -43.87 -11.24
N THR M 94 30.79 -44.71 -11.06
CA THR M 94 29.96 -44.59 -9.87
C THR M 94 30.76 -44.91 -8.62
N THR M 95 31.66 -45.89 -8.70
CA THR M 95 32.54 -46.18 -7.57
C THR M 95 33.44 -45.00 -7.27
N ALA M 96 33.98 -44.37 -8.31
CA ALA M 96 34.86 -43.22 -8.10
C ALA M 96 34.12 -42.07 -7.44
N VAL M 97 32.90 -41.78 -7.89
CA VAL M 97 32.17 -40.64 -7.34
C VAL M 97 31.74 -40.93 -5.90
N VAL M 98 31.32 -42.16 -5.61
CA VAL M 98 30.92 -42.47 -4.24
C VAL M 98 32.13 -42.44 -3.31
N LEU M 99 33.28 -42.94 -3.79
CA LEU M 99 34.49 -42.87 -2.98
C LEU M 99 34.89 -41.43 -2.72
N ALA M 100 34.78 -40.56 -3.73
CA ALA M 100 35.07 -39.15 -3.53
C ALA M 100 34.13 -38.55 -2.50
N GLY M 101 32.85 -38.92 -2.56
CA GLY M 101 31.90 -38.41 -1.58
C GLY M 101 32.26 -38.81 -0.16
N ALA M 102 32.59 -40.09 0.03
CA ALA M 102 32.95 -40.54 1.38
C ALA M 102 34.26 -39.89 1.84
N LEU M 103 35.21 -39.72 0.92
CA LEU M 103 36.47 -39.10 1.26
C LEU M 103 36.26 -37.67 1.71
N LEU M 104 35.41 -36.92 1.01
CA LEU M 104 35.13 -35.56 1.44
C LEU M 104 34.27 -35.52 2.70
N GLU M 105 33.46 -36.54 2.95
CA GLU M 105 32.79 -36.68 4.25
C GLU M 105 33.81 -36.67 5.37
N GLU M 106 34.77 -37.59 5.30
CA GLU M 106 35.73 -37.70 6.39
C GLU M 106 36.67 -36.49 6.42
N ALA M 107 36.95 -35.90 5.26
CA ALA M 107 37.74 -34.67 5.25
C ALA M 107 37.02 -33.53 5.95
N GLU M 108 35.71 -33.42 5.73
CA GLU M 108 34.95 -32.36 6.39
C GLU M 108 34.94 -32.56 7.90
N LYS M 109 34.75 -33.80 8.35
CA LYS M 109 34.83 -34.03 9.80
C LYS M 109 36.24 -33.79 10.32
N LEU M 110 37.27 -34.04 9.52
CA LEU M 110 38.62 -33.83 10.01
C LEU M 110 38.96 -32.35 10.12
N ILE M 111 38.52 -31.53 9.15
CA ILE M 111 38.72 -30.09 9.29
C ILE M 111 37.86 -29.55 10.42
N GLU M 112 36.72 -30.18 10.70
CA GLU M 112 35.94 -29.79 11.87
C GLU M 112 36.75 -29.95 13.14
N GLN M 113 37.49 -31.05 13.26
CA GLN M 113 38.31 -31.27 14.45
C GLN M 113 39.39 -30.21 14.58
N GLY M 114 40.05 -29.87 13.47
CA GLY M 114 41.06 -28.83 13.46
C GLY M 114 42.28 -29.11 12.61
N ILE M 115 42.35 -30.28 11.99
CA ILE M 115 43.49 -30.61 11.14
C ILE M 115 43.51 -29.66 9.94
N HIS M 116 44.71 -29.18 9.61
CA HIS M 116 44.84 -28.29 8.47
C HIS M 116 44.57 -29.08 7.18
N PRO M 117 44.02 -28.43 6.14
CA PRO M 117 43.70 -29.18 4.91
C PRO M 117 44.89 -29.85 4.26
N THR M 118 46.07 -29.20 4.25
CA THR M 118 47.22 -29.77 3.56
C THR M 118 47.66 -31.07 4.22
N THR M 119 47.52 -31.16 5.54
CA THR M 119 47.81 -32.42 6.22
C THR M 119 46.87 -33.52 5.74
N ILE M 120 45.60 -33.18 5.53
CA ILE M 120 44.65 -34.15 5.02
C ILE M 120 45.07 -34.62 3.62
N ILE M 121 45.52 -33.68 2.78
CA ILE M 121 45.96 -34.04 1.44
C ILE M 121 47.15 -35.00 1.51
N LYS M 122 48.13 -34.68 2.36
CA LYS M 122 49.31 -35.54 2.47
C LYS M 122 48.92 -36.93 2.98
N GLY M 123 48.03 -36.98 3.97
CA GLY M 123 47.58 -38.26 4.48
C GLY M 123 46.86 -39.08 3.43
N TYR M 124 46.00 -38.44 2.64
CA TYR M 124 45.29 -39.15 1.59
C TYR M 124 46.24 -39.66 0.53
N ARG M 125 47.26 -38.85 0.17
CA ARG M 125 48.26 -39.30 -0.79
C ARG M 125 48.96 -40.56 -0.31
N LYS M 126 49.46 -40.55 0.93
CA LYS M 126 50.13 -41.74 1.44
C LYS M 126 49.17 -42.91 1.53
N ALA M 127 47.94 -42.65 1.99
CA ALA M 127 46.93 -43.69 2.10
C ALA M 127 46.69 -44.35 0.76
N VAL M 128 46.67 -43.57 -0.31
CA VAL M 128 46.28 -44.12 -1.60
C VAL M 128 47.45 -44.80 -2.28
N ASP M 129 48.68 -44.33 -2.03
CA ASP M 129 49.84 -45.10 -2.47
C ASP M 129 49.82 -46.49 -1.85
N LYS M 130 49.64 -46.54 -0.52
CA LYS M 130 49.60 -47.85 0.12
C LYS M 130 48.36 -48.63 -0.30
N ALA M 131 47.25 -47.95 -0.61
CA ALA M 131 46.05 -48.65 -1.04
C ALA M 131 46.27 -49.35 -2.38
N LEU M 132 46.91 -48.66 -3.33
CA LEU M 132 47.21 -49.29 -4.60
C LEU M 132 48.16 -50.47 -4.40
N GLU M 133 49.16 -50.31 -3.52
CA GLU M 133 50.05 -51.43 -3.24
C GLU M 133 49.29 -52.62 -2.65
N VAL M 134 48.40 -52.35 -1.69
CA VAL M 134 47.62 -53.41 -1.04
C VAL M 134 46.76 -54.13 -2.07
N LEU M 135 46.09 -53.36 -2.93
CA LEU M 135 45.24 -53.97 -3.94
C LEU M 135 46.06 -54.77 -4.94
N GLU M 136 47.31 -54.38 -5.17
CA GLU M 136 48.20 -55.22 -5.98
C GLU M 136 48.47 -56.55 -5.29
N GLU M 137 48.71 -56.53 -3.98
CA GLU M 137 49.02 -57.80 -3.31
C GLU M 137 47.80 -58.71 -3.25
N VAL M 138 46.63 -58.15 -2.89
CA VAL M 138 45.48 -58.98 -2.59
C VAL M 138 44.88 -59.59 -3.86
N ALA M 139 45.07 -58.96 -5.01
CA ALA M 139 44.41 -59.40 -6.23
C ALA M 139 44.86 -60.81 -6.62
N ILE M 140 43.89 -61.64 -7.00
CA ILE M 140 44.14 -63.03 -7.39
C ILE M 140 44.39 -63.03 -8.90
N PRO M 141 45.37 -63.77 -9.42
CA PRO M 141 45.61 -63.72 -10.87
C PRO M 141 44.69 -64.67 -11.64
N VAL M 142 44.55 -64.37 -12.92
CA VAL M 142 43.66 -65.13 -13.80
C VAL M 142 44.39 -65.39 -15.12
N ASP M 143 44.33 -66.64 -15.58
CA ASP M 143 44.80 -67.00 -16.91
C ASP M 143 43.69 -66.71 -17.93
N PRO M 144 44.03 -66.46 -19.19
CA PRO M 144 42.99 -66.15 -20.18
C PRO M 144 42.28 -67.36 -20.77
N ASP M 145 42.50 -68.56 -20.22
CA ASP M 145 41.86 -69.78 -20.70
C ASP M 145 40.90 -70.40 -19.70
N ASP M 146 40.80 -69.88 -18.48
CA ASP M 146 39.87 -70.42 -17.48
C ASP M 146 38.49 -69.82 -17.76
N GLU M 147 37.66 -70.57 -18.48
CA GLU M 147 36.43 -70.03 -19.04
C GLU M 147 35.47 -69.54 -17.96
N GLU M 148 35.37 -70.30 -16.85
CA GLU M 148 34.44 -69.92 -15.79
C GLU M 148 34.81 -68.58 -15.18
N THR M 149 36.11 -68.31 -15.00
CA THR M 149 36.53 -67.03 -14.43
C THR M 149 36.19 -65.88 -15.35
N LEU M 150 36.42 -66.03 -16.66
CA LEU M 150 36.06 -64.97 -17.59
C LEU M 150 34.56 -64.74 -17.60
N LYS M 151 33.78 -65.82 -17.54
CA LYS M 151 32.33 -65.67 -17.48
C LYS M 151 31.92 -64.93 -16.21
N ALA M 152 32.56 -65.24 -15.09
CA ALA M 152 32.24 -64.55 -13.84
C ALA M 152 32.57 -63.07 -13.93
N VAL M 153 33.72 -62.72 -14.51
CA VAL M 153 34.08 -61.32 -14.66
C VAL M 153 33.06 -60.61 -15.55
N ALA M 154 32.70 -61.24 -16.66
CA ALA M 154 31.74 -60.64 -17.58
C ALA M 154 30.40 -60.45 -16.92
N ARG M 155 29.95 -61.42 -16.13
CA ARG M 155 28.67 -61.29 -15.45
C ARG M 155 28.71 -60.19 -14.40
N THR M 156 29.80 -60.10 -13.65
CA THR M 156 29.92 -59.07 -12.62
C THR M 156 29.89 -57.68 -13.24
N ALA M 157 30.60 -57.50 -14.35
CA ALA M 157 30.62 -56.18 -14.99
C ALA M 157 29.28 -55.88 -15.66
N MET M 158 28.73 -56.87 -16.37
CA MET M 158 27.44 -56.74 -17.03
C MET M 158 26.34 -56.39 -16.03
N THR M 159 26.54 -56.75 -14.76
CA THR M 159 25.57 -56.48 -13.71
C THR M 159 25.22 -55.01 -13.63
N GLY M 160 24.01 -54.73 -13.14
CA GLY M 160 23.53 -53.39 -12.87
C GLY M 160 22.37 -52.99 -13.77
N LYS M 161 22.43 -53.39 -15.03
CA LYS M 161 21.61 -52.84 -16.09
C LYS M 161 20.94 -53.90 -16.97
N ALA M 162 21.52 -55.08 -17.12
CA ALA M 162 20.83 -56.14 -17.83
C ALA M 162 19.76 -56.78 -16.96
N SER M 163 18.67 -57.20 -17.59
CA SER M 163 17.58 -57.84 -16.88
C SER M 163 18.05 -59.17 -16.30
N GLU M 164 17.39 -59.59 -15.21
CA GLU M 164 17.80 -60.80 -14.50
C GLU M 164 17.68 -62.05 -15.36
N GLU M 165 16.83 -62.04 -16.39
CA GLU M 165 16.62 -63.25 -17.18
C GLU M 165 17.78 -63.54 -18.12
N ASN M 166 18.32 -62.51 -18.80
CA ASN M 166 19.26 -62.71 -19.88
C ASN M 166 20.72 -62.48 -19.45
N ARG M 167 21.02 -62.65 -18.17
CA ARG M 167 22.40 -62.52 -17.69
C ARG M 167 23.28 -63.64 -18.24
N GLU M 168 22.85 -64.89 -18.09
CA GLU M 168 23.64 -66.01 -18.59
C GLU M 168 23.80 -65.93 -20.09
N GLU M 169 22.71 -65.62 -20.80
CA GLU M 169 22.75 -65.53 -22.25
C GLU M 169 23.77 -64.50 -22.71
N ILE M 170 23.61 -63.25 -22.28
CA ILE M 170 24.45 -62.16 -22.77
C ILE M 170 25.89 -62.38 -22.34
N ALA M 171 26.11 -62.95 -21.15
CA ALA M 171 27.48 -63.27 -20.75
C ALA M 171 28.10 -64.30 -21.68
N ASP M 172 27.31 -65.32 -22.05
CA ASP M 172 27.82 -66.33 -22.98
C ASP M 172 28.17 -65.72 -24.32
N LEU M 173 27.30 -64.85 -24.84
CA LEU M 173 27.61 -64.20 -26.11
C LEU M 173 28.83 -63.29 -25.99
N VAL M 174 29.00 -62.64 -24.83
CA VAL M 174 30.16 -61.77 -24.63
C VAL M 174 31.44 -62.58 -24.72
N VAL M 175 31.52 -63.68 -23.97
CA VAL M 175 32.75 -64.46 -23.98
C VAL M 175 32.95 -65.12 -25.34
N GLU M 176 31.87 -65.55 -25.99
CA GLU M 176 31.99 -66.17 -27.31
C GLU M 176 32.54 -65.18 -28.31
N ALA M 177 32.02 -63.95 -28.32
CA ALA M 177 32.53 -62.93 -29.23
C ALA M 177 33.97 -62.59 -28.93
N VAL M 178 34.32 -62.49 -27.63
CA VAL M 178 35.68 -62.13 -27.26
C VAL M 178 36.66 -63.19 -27.74
N LEU M 179 36.30 -64.47 -27.58
CA LEU M 179 37.20 -65.54 -27.99
C LEU M 179 37.25 -65.65 -29.52
N SER M 180 36.10 -65.61 -30.19
CA SER M 180 36.08 -65.85 -31.63
C SER M 180 36.73 -64.69 -32.39
N LEU M 181 36.48 -63.45 -31.97
CA LEU M 181 37.11 -62.28 -32.57
C LEU M 181 38.43 -61.92 -31.89
N ALA M 182 39.10 -62.89 -31.29
CA ALA M 182 40.36 -62.64 -30.59
C ALA M 182 41.48 -62.42 -31.60
N GLU M 183 41.72 -61.16 -31.95
CA GLU M 183 42.81 -60.81 -32.87
C GLU M 183 44.11 -60.78 -32.07
N ASP M 184 44.91 -61.84 -32.21
CA ASP M 184 46.12 -62.01 -31.40
C ASP M 184 47.18 -61.03 -31.89
N GLY M 185 47.09 -59.79 -31.42
CA GLY M 185 48.05 -58.77 -31.73
C GLY M 185 49.21 -58.76 -30.73
N GLY M 186 50.00 -59.81 -30.73
CA GLY M 186 51.10 -59.93 -29.79
C GLY M 186 50.65 -60.03 -28.34
N GLY M 187 49.64 -60.85 -28.08
CA GLY M 187 49.12 -61.07 -26.72
C GLY M 187 48.00 -60.13 -26.34
N LYS M 188 48.13 -58.84 -26.66
CA LYS M 188 47.10 -57.86 -26.36
C LYS M 188 46.03 -57.92 -27.46
N TYR M 189 44.94 -58.61 -27.17
CA TYR M 189 43.88 -58.77 -28.15
C TYR M 189 43.15 -57.45 -28.36
N ARG M 190 43.00 -57.04 -29.62
CA ARG M 190 42.35 -55.77 -29.95
C ARG M 190 40.84 -55.99 -30.05
N VAL M 191 40.24 -56.27 -28.91
CA VAL M 191 38.78 -56.44 -28.82
C VAL M 191 38.23 -55.04 -28.55
N ASP M 192 38.06 -54.27 -29.62
CA ASP M 192 37.54 -52.92 -29.51
C ASP M 192 36.02 -52.94 -29.43
N LEU M 193 35.47 -51.84 -28.90
CA LEU M 193 34.02 -51.73 -28.77
C LEU M 193 33.34 -51.70 -30.13
N ASP M 194 34.00 -51.15 -31.15
CA ASP M 194 33.45 -51.03 -32.49
C ASP M 194 33.85 -52.18 -33.39
N ASN M 195 34.09 -53.37 -32.83
CA ASN M 195 34.53 -54.55 -33.58
C ASN M 195 33.51 -55.68 -33.60
N ILE M 196 32.61 -55.75 -32.62
CA ILE M 196 31.70 -56.88 -32.46
C ILE M 196 30.35 -56.51 -33.03
N LYS M 197 29.72 -57.47 -33.70
CA LYS M 197 28.62 -57.21 -34.63
C LYS M 197 27.29 -57.38 -33.91
N ILE M 198 26.59 -56.27 -33.68
CA ILE M 198 25.20 -56.29 -33.22
C ILE M 198 24.44 -55.22 -34.02
N GLU M 199 23.13 -55.40 -34.12
CA GLU M 199 22.23 -54.44 -34.73
C GLU M 199 21.16 -54.04 -33.72
N LYS M 200 20.65 -52.81 -33.85
CA LYS M 200 19.63 -52.27 -32.96
C LYS M 200 18.26 -52.39 -33.60
N GLN M 201 17.27 -52.84 -32.83
CA GLN M 201 15.90 -52.95 -33.33
C GLN M 201 14.97 -53.14 -32.14
N THR M 202 13.79 -52.53 -32.23
CA THR M 202 12.81 -52.63 -31.16
C THR M 202 12.17 -54.02 -31.16
N GLY M 203 11.85 -54.51 -29.96
CA GLY M 203 11.22 -55.80 -29.82
C GLY M 203 12.19 -56.95 -29.99
N GLY M 204 11.62 -58.11 -30.27
CA GLY M 204 12.45 -59.31 -30.42
C GLY M 204 13.14 -59.67 -29.13
N GLY M 205 14.45 -59.87 -29.20
CA GLY M 205 15.21 -60.24 -28.02
C GLY M 205 16.69 -59.96 -28.25
N ALA M 206 17.47 -60.31 -27.24
CA ALA M 206 18.92 -60.12 -27.28
C ALA M 206 19.65 -61.25 -27.99
N SER M 207 18.94 -62.25 -28.51
CA SER M 207 19.55 -63.39 -29.17
C SER M 207 20.02 -63.08 -30.60
N ASP M 208 19.96 -61.82 -31.04
CA ASP M 208 20.49 -61.40 -32.32
C ASP M 208 21.88 -60.78 -32.21
N THR M 209 22.52 -60.90 -31.04
CA THR M 209 23.91 -60.45 -30.86
C THR M 209 24.85 -61.56 -31.32
N GLU M 210 24.85 -61.77 -32.63
CA GLU M 210 25.64 -62.80 -33.29
C GLU M 210 26.69 -62.16 -34.18
N LEU M 211 27.66 -62.97 -34.59
CA LEU M 211 28.77 -62.50 -35.41
C LEU M 211 28.31 -62.49 -36.88
N ILE M 212 27.82 -61.35 -37.33
CA ILE M 212 27.47 -61.12 -38.73
C ILE M 212 28.63 -60.33 -39.35
N GLU M 213 29.41 -60.99 -40.20
CA GLU M 213 30.70 -60.45 -40.62
C GLU M 213 30.52 -59.25 -41.56
N GLY M 214 30.05 -58.15 -41.02
CA GLY M 214 29.84 -56.94 -41.81
C GLY M 214 28.98 -55.95 -41.08
N VAL M 215 29.18 -54.68 -41.41
CA VAL M 215 28.45 -53.59 -40.78
C VAL M 215 27.06 -53.52 -41.40
N VAL M 216 26.03 -53.71 -40.57
CA VAL M 216 24.65 -53.70 -41.02
C VAL M 216 24.08 -52.31 -40.81
N LEU M 217 23.47 -51.75 -41.84
CA LEU M 217 22.89 -50.41 -41.82
C LEU M 217 21.38 -50.48 -41.66
N ASP M 218 20.85 -49.63 -40.79
CA ASP M 218 19.40 -49.56 -40.54
C ASP M 218 18.74 -48.60 -41.52
N LYS M 219 18.80 -48.96 -42.79
CA LYS M 219 18.17 -48.19 -43.86
C LYS M 219 17.62 -49.15 -44.91
N GLU M 220 16.47 -48.78 -45.48
CA GLU M 220 15.83 -49.62 -46.48
C GLU M 220 16.48 -49.41 -47.85
N PRO M 221 16.34 -50.37 -48.77
CA PRO M 221 16.77 -50.12 -50.15
C PRO M 221 15.97 -48.99 -50.78
N VAL M 222 16.65 -48.18 -51.59
CA VAL M 222 16.00 -47.04 -52.21
C VAL M 222 14.99 -47.49 -53.25
N HIS M 223 15.32 -48.54 -54.02
CA HIS M 223 14.52 -49.01 -55.14
C HIS M 223 14.21 -50.48 -54.94
N GLU M 224 12.96 -50.87 -55.21
CA GLU M 224 12.52 -52.24 -54.95
C GLU M 224 13.28 -53.24 -55.82
N ASP M 225 13.36 -52.97 -57.13
CA ASP M 225 14.07 -53.84 -58.06
C ASP M 225 15.59 -53.73 -57.94
N MET M 226 16.11 -52.93 -57.01
CA MET M 226 17.53 -52.96 -56.71
C MET M 226 17.89 -54.39 -56.28
N PRO M 227 18.97 -55.01 -56.84
CA PRO M 227 19.25 -56.41 -56.49
C PRO M 227 19.59 -56.59 -55.02
N LYS M 228 18.68 -57.25 -54.29
CA LYS M 228 18.87 -57.42 -52.86
C LYS M 228 20.01 -58.38 -52.57
N LYS M 229 20.15 -59.44 -53.37
CA LYS M 229 21.18 -60.44 -53.20
C LYS M 229 22.28 -60.22 -54.22
N LEU M 230 23.52 -60.15 -53.73
CA LEU M 230 24.69 -59.97 -54.61
C LEU M 230 25.87 -60.68 -53.94
N GLU M 231 26.14 -61.90 -54.37
CA GLU M 231 27.28 -62.65 -53.84
C GLU M 231 28.57 -62.18 -54.48
N ASN M 232 29.60 -62.03 -53.65
CA ASN M 232 30.90 -61.53 -54.11
C ASN M 232 30.76 -60.15 -54.77
N ALA M 233 29.90 -59.32 -54.21
CA ALA M 233 29.60 -58.03 -54.81
C ALA M 233 30.82 -57.11 -54.76
N LYS M 234 31.01 -56.36 -55.83
CA LYS M 234 32.07 -55.36 -55.91
C LYS M 234 31.58 -54.14 -55.15
N VAL M 235 32.00 -54.02 -53.89
CA VAL M 235 31.49 -53.00 -52.98
C VAL M 235 32.34 -51.75 -53.10
N ALA M 236 31.67 -50.60 -53.23
CA ALA M 236 32.29 -49.29 -53.27
C ALA M 236 31.77 -48.44 -52.11
N VAL M 237 32.57 -47.45 -51.74
CA VAL M 237 32.21 -46.50 -50.69
C VAL M 237 32.44 -45.09 -51.23
N LEU M 238 31.41 -44.26 -51.19
CA LEU M 238 31.45 -42.89 -51.69
C LEU M 238 30.93 -41.95 -50.62
N ASP M 239 31.22 -40.66 -50.81
CA ASP M 239 30.76 -39.61 -49.90
C ASP M 239 30.21 -38.38 -50.60
N ALA M 240 30.45 -38.18 -51.90
CA ALA M 240 29.94 -37.00 -52.58
C ALA M 240 28.42 -37.10 -52.75
N PRO M 241 27.71 -35.97 -52.81
CA PRO M 241 26.24 -36.04 -52.90
C PRO M 241 25.82 -36.47 -54.30
N ILE M 242 25.16 -37.63 -54.36
CA ILE M 242 24.68 -38.17 -55.64
C ILE M 242 23.32 -37.60 -55.96
N ILE M 253 20.75 -21.55 -63.68
CA ILE M 253 20.58 -21.92 -65.08
C ILE M 253 19.89 -20.78 -65.83
N SER M 254 20.54 -20.31 -66.88
CA SER M 254 20.02 -19.25 -67.74
C SER M 254 19.41 -19.86 -68.99
N ILE M 255 18.15 -19.54 -69.25
CA ILE M 255 17.41 -20.09 -70.39
C ILE M 255 17.17 -18.98 -71.40
N SER M 256 17.60 -19.22 -72.63
CA SER M 256 17.43 -18.29 -73.75
C SER M 256 16.46 -18.82 -74.78
N SER M 257 16.71 -20.02 -75.32
CA SER M 257 15.84 -20.68 -76.28
C SER M 257 14.88 -21.60 -75.55
N PRO M 258 13.77 -21.99 -76.19
CA PRO M 258 12.83 -22.89 -75.51
C PRO M 258 13.43 -24.25 -75.16
N GLU M 259 14.34 -24.76 -75.99
CA GLU M 259 14.95 -26.07 -75.77
C GLU M 259 16.25 -25.99 -74.99
N GLN M 260 16.63 -24.80 -74.52
CA GLN M 260 17.92 -24.66 -73.85
C GLN M 260 17.88 -25.41 -72.52
N PHE M 261 16.75 -25.33 -71.82
CA PHE M 261 16.56 -26.09 -70.58
C PHE M 261 16.65 -27.60 -70.83
N GLN M 262 16.04 -28.07 -71.92
CA GLN M 262 16.15 -29.48 -72.26
C GLN M 262 17.60 -29.85 -72.57
N ALA M 263 18.34 -28.94 -73.20
CA ALA M 263 19.75 -29.19 -73.47
C ALA M 263 20.55 -29.27 -72.17
N PHE M 264 20.23 -28.41 -71.20
CA PHE M 264 20.87 -28.49 -69.89
C PHE M 264 20.60 -29.84 -69.24
N LEU M 265 19.34 -30.28 -69.28
CA LEU M 265 19.01 -31.59 -68.71
C LEU M 265 19.75 -32.70 -69.43
N ASP M 266 19.85 -32.60 -70.76
CA ASP M 266 20.54 -33.62 -71.54
C ASP M 266 22.02 -33.68 -71.18
N GLN M 267 22.68 -32.52 -71.08
CA GLN M 267 24.11 -32.57 -70.76
C GLN M 267 24.35 -32.98 -69.31
N GLU M 268 23.48 -32.59 -68.38
CA GLU M 268 23.64 -33.05 -67.01
C GLU M 268 23.48 -34.56 -66.90
N GLU M 269 22.43 -35.12 -67.52
CA GLU M 269 22.30 -36.57 -67.49
C GLU M 269 23.40 -37.24 -68.31
N LYS M 270 24.00 -36.55 -69.29
CA LYS M 270 25.11 -37.13 -70.03
C LYS M 270 26.35 -37.25 -69.16
N GLN M 271 26.71 -36.19 -68.42
CA GLN M 271 27.86 -36.32 -67.51
C GLN M 271 27.55 -37.29 -66.38
N LEU M 272 26.30 -37.37 -65.93
CA LEU M 272 25.93 -38.40 -64.97
C LEU M 272 26.17 -39.78 -65.56
N ARG M 273 25.78 -39.97 -66.82
CA ARG M 273 26.02 -41.22 -67.52
C ARG M 273 27.50 -41.53 -67.58
N GLU M 274 28.33 -40.53 -67.87
CA GLU M 274 29.77 -40.75 -67.99
C GLU M 274 30.37 -41.16 -66.64
N MET M 275 30.00 -40.46 -65.56
CA MET M 275 30.61 -40.78 -64.27
C MET M 275 30.17 -42.15 -63.78
N VAL M 276 28.88 -42.48 -63.90
CA VAL M 276 28.48 -43.83 -63.49
C VAL M 276 29.00 -44.86 -64.50
N ASP M 277 29.31 -44.47 -65.74
CA ASP M 277 29.94 -45.38 -66.67
C ASP M 277 31.35 -45.75 -66.20
N LYS M 278 32.18 -44.75 -65.89
CA LYS M 278 33.52 -45.07 -65.43
C LYS M 278 33.49 -45.72 -64.05
N ILE M 279 32.42 -45.55 -63.29
CA ILE M 279 32.24 -46.37 -62.10
C ILE M 279 32.00 -47.82 -62.48
N VAL M 280 31.10 -48.05 -63.44
CA VAL M 280 30.74 -49.40 -63.83
C VAL M 280 31.91 -50.13 -64.47
N ASP M 281 32.79 -49.39 -65.15
CA ASP M 281 34.01 -50.01 -65.68
C ASP M 281 34.86 -50.59 -64.57
N THR M 282 34.93 -49.88 -63.43
CA THR M 282 35.53 -50.47 -62.24
C THR M 282 34.74 -51.69 -61.79
N GLY M 283 33.41 -51.64 -61.93
CA GLY M 283 32.53 -52.74 -61.61
C GLY M 283 31.72 -52.59 -60.35
N ALA M 284 31.74 -51.42 -59.71
CA ALA M 284 31.01 -51.23 -58.47
C ALA M 284 29.51 -51.42 -58.67
N ASN M 285 28.89 -52.21 -57.79
CA ASN M 285 27.46 -52.45 -57.81
C ASN M 285 26.79 -52.25 -56.46
N VAL M 286 27.55 -52.03 -55.39
CA VAL M 286 27.01 -51.78 -54.05
C VAL M 286 27.70 -50.54 -53.51
N VAL M 287 26.90 -49.55 -53.10
CA VAL M 287 27.41 -48.27 -52.61
C VAL M 287 26.67 -47.89 -51.33
N PHE M 288 27.39 -47.26 -50.40
CA PHE M 288 26.82 -46.64 -49.21
C PHE M 288 27.34 -45.21 -49.20
N CYS M 289 26.48 -44.26 -49.55
CA CYS M 289 26.89 -42.88 -49.71
C CYS M 289 26.62 -42.07 -48.44
N GLU M 290 27.50 -41.10 -48.18
CA GLU M 290 27.43 -40.32 -46.95
C GLU M 290 26.29 -39.31 -46.96
N LYS M 291 25.82 -38.89 -48.14
CA LYS M 291 24.88 -37.78 -48.28
C LYS M 291 23.58 -38.28 -48.91
N GLY M 292 22.67 -37.35 -49.15
CA GLY M 292 21.34 -37.67 -49.64
C GLY M 292 21.34 -38.09 -51.10
N ILE M 293 20.12 -38.31 -51.61
CA ILE M 293 19.89 -38.76 -52.98
C ILE M 293 18.71 -37.99 -53.54
N ASP M 294 18.35 -38.32 -54.79
CA ASP M 294 17.18 -37.79 -55.46
C ASP M 294 16.46 -38.95 -56.15
N ASP M 295 15.18 -38.72 -56.45
CA ASP M 295 14.36 -39.79 -57.04
C ASP M 295 14.93 -40.25 -58.38
N GLN M 296 15.31 -39.28 -59.23
CA GLN M 296 15.92 -39.65 -60.51
C GLN M 296 17.27 -40.32 -60.30
N VAL M 297 18.03 -39.87 -59.30
CA VAL M 297 19.35 -40.45 -59.04
C VAL M 297 19.20 -41.91 -58.63
N GLU M 298 18.34 -42.20 -57.66
CA GLU M 298 18.15 -43.59 -57.26
C GLU M 298 17.54 -44.39 -58.39
N HIS M 299 16.71 -43.76 -59.22
CA HIS M 299 16.12 -44.48 -60.35
C HIS M 299 17.18 -44.94 -61.34
N MET M 300 18.07 -44.03 -61.76
CA MET M 300 19.07 -44.43 -62.75
C MET M 300 20.18 -45.26 -62.10
N LEU M 301 20.33 -45.19 -60.78
CA LEU M 301 21.23 -46.12 -60.09
C LEU M 301 20.68 -47.53 -60.13
N ALA M 302 19.39 -47.68 -59.81
CA ALA M 302 18.74 -48.99 -59.85
C ALA M 302 18.45 -49.46 -61.27
N LYS M 303 18.60 -48.59 -62.27
CA LYS M 303 18.49 -49.04 -63.65
C LYS M 303 19.54 -50.08 -63.97
N LYS M 304 20.76 -49.88 -63.47
CA LYS M 304 21.83 -50.86 -63.57
C LYS M 304 21.93 -51.79 -62.37
N GLY M 305 21.18 -51.50 -61.29
CA GLY M 305 21.16 -52.37 -60.13
C GLY M 305 22.22 -52.01 -59.10
N ILE M 306 22.25 -50.74 -58.68
CA ILE M 306 23.26 -50.21 -57.78
C ILE M 306 22.61 -49.90 -56.44
N LEU M 307 23.19 -50.45 -55.38
CA LEU M 307 22.73 -50.15 -54.02
C LEU M 307 23.28 -48.79 -53.58
N ALA M 308 22.44 -48.02 -52.90
CA ALA M 308 22.83 -46.69 -52.41
C ALA M 308 22.10 -46.41 -51.11
N VAL M 309 22.87 -46.26 -50.03
CA VAL M 309 22.34 -45.88 -48.72
C VAL M 309 22.85 -44.48 -48.40
N ARG M 310 21.96 -43.65 -47.87
CA ARG M 310 22.21 -42.22 -47.70
C ARG M 310 22.28 -41.84 -46.22
N ARG M 311 22.80 -40.63 -45.99
CA ARG M 311 22.88 -40.05 -44.64
C ARG M 311 23.67 -40.96 -43.70
N VAL M 312 24.73 -41.55 -44.21
CA VAL M 312 25.58 -42.44 -43.44
C VAL M 312 26.59 -41.59 -42.67
N LYS M 313 26.60 -41.76 -41.34
CA LYS M 313 27.37 -40.87 -40.46
C LYS M 313 28.86 -40.97 -40.74
N LYS M 314 29.61 -40.01 -40.22
CA LYS M 314 31.06 -39.99 -40.44
C LYS M 314 31.72 -41.21 -39.80
N ASP M 315 31.41 -41.47 -38.53
CA ASP M 315 32.02 -42.60 -37.83
C ASP M 315 31.63 -43.92 -38.48
N ASP M 316 30.33 -44.11 -38.74
CA ASP M 316 29.88 -45.36 -39.34
C ASP M 316 30.26 -45.47 -40.82
N LEU M 317 30.37 -44.35 -41.54
CA LEU M 317 30.92 -44.42 -42.89
C LEU M 317 32.37 -44.86 -42.88
N GLU M 318 33.16 -44.34 -41.94
CA GLU M 318 34.55 -44.78 -41.81
C GLU M 318 34.62 -46.25 -41.43
N LYS M 319 33.73 -46.69 -40.55
CA LYS M 319 33.66 -48.10 -40.19
C LYS M 319 33.36 -48.97 -41.40
N ILE M 320 32.41 -48.52 -42.23
CA ILE M 320 32.05 -49.29 -43.42
C ILE M 320 33.22 -49.32 -44.40
N ALA M 321 33.94 -48.20 -44.53
CA ALA M 321 35.11 -48.16 -45.40
C ALA M 321 36.17 -49.14 -44.93
N LYS M 322 36.41 -49.19 -43.61
CA LYS M 322 37.37 -50.14 -43.08
C LYS M 322 36.93 -51.58 -43.32
N ALA M 323 35.65 -51.87 -43.10
CA ALA M 323 35.17 -53.24 -43.21
C ALA M 323 35.17 -53.72 -44.65
N THR M 324 34.61 -52.92 -45.56
CA THR M 324 34.41 -53.37 -46.93
C THR M 324 35.70 -53.34 -47.76
N GLY M 325 36.69 -52.56 -47.34
CA GLY M 325 37.94 -52.44 -48.07
C GLY M 325 37.94 -51.40 -49.16
N ALA M 326 36.79 -50.80 -49.48
CA ALA M 326 36.72 -49.73 -50.46
C ALA M 326 37.07 -48.42 -49.78
N ARG M 327 38.22 -47.86 -50.12
CA ARG M 327 38.64 -46.60 -49.53
C ARG M 327 37.67 -45.49 -49.92
N VAL M 328 37.44 -44.56 -49.00
CA VAL M 328 36.54 -43.44 -49.28
C VAL M 328 37.17 -42.55 -50.34
N VAL M 329 36.41 -42.28 -51.40
CA VAL M 329 36.91 -41.57 -52.58
C VAL M 329 36.10 -40.28 -52.70
N SER M 330 36.64 -39.19 -52.17
CA SER M 330 35.98 -37.89 -52.32
C SER M 330 35.97 -37.47 -53.79
N ASN M 331 37.12 -37.53 -54.46
CA ASN M 331 37.21 -37.24 -55.90
C ASN M 331 37.01 -38.56 -56.65
N ILE M 332 35.77 -38.81 -57.06
CA ILE M 332 35.41 -40.10 -57.64
C ILE M 332 36.00 -40.29 -59.03
N ASP M 333 36.48 -39.22 -59.66
CA ASP M 333 37.05 -39.34 -61.01
C ASP M 333 38.26 -40.26 -61.04
N GLU M 334 38.97 -40.39 -59.92
CA GLU M 334 40.16 -41.23 -59.83
C GLU M 334 39.85 -42.65 -59.37
N LEU M 335 38.58 -43.01 -59.20
CA LEU M 335 38.22 -44.36 -58.80
C LEU M 335 38.68 -45.37 -59.87
N THR M 336 39.27 -46.46 -59.41
CA THR M 336 39.83 -47.51 -60.24
C THR M 336 39.34 -48.86 -59.76
N PRO M 337 39.50 -49.92 -60.56
CA PRO M 337 39.16 -51.26 -60.05
C PRO M 337 39.97 -51.65 -58.83
N GLU M 338 41.21 -51.17 -58.72
CA GLU M 338 42.01 -51.45 -57.53
C GLU M 338 41.41 -50.81 -56.29
N ASP M 339 40.67 -49.71 -56.44
CA ASP M 339 40.10 -49.01 -55.30
C ASP M 339 38.84 -49.67 -54.76
N LEU M 340 38.25 -50.63 -55.47
CA LEU M 340 37.00 -51.23 -55.05
C LEU M 340 37.22 -52.31 -54.01
N GLY M 341 36.24 -52.45 -53.11
CA GLY M 341 36.22 -53.52 -52.14
C GLY M 341 35.35 -54.68 -52.60
N HIS M 342 35.30 -55.71 -51.76
CA HIS M 342 34.51 -56.90 -52.04
C HIS M 342 33.84 -57.36 -50.75
N ALA M 343 32.63 -57.93 -50.91
CA ALA M 343 31.87 -58.49 -49.81
C ALA M 343 31.32 -59.84 -50.23
N GLY M 344 31.35 -60.80 -49.31
CA GLY M 344 30.86 -62.14 -49.63
C GLY M 344 29.38 -62.15 -49.95
N LEU M 345 28.59 -61.32 -49.28
CA LEU M 345 27.15 -61.30 -49.48
C LEU M 345 26.59 -59.96 -49.04
N VAL M 346 25.50 -59.57 -49.68
CA VAL M 346 24.65 -58.47 -49.22
C VAL M 346 23.20 -58.93 -49.38
N GLU M 347 22.39 -58.75 -48.35
CA GLU M 347 21.03 -59.27 -48.36
C GLU M 347 20.11 -58.36 -47.57
N GLN M 348 18.90 -58.19 -48.09
CA GLN M 348 17.82 -57.47 -47.40
C GLN M 348 16.92 -58.51 -46.75
N ARG M 349 16.92 -58.54 -45.42
CA ARG M 349 16.12 -59.48 -44.63
C ARG M 349 15.08 -58.69 -43.83
N LYS M 350 13.83 -59.14 -43.89
CA LYS M 350 12.74 -58.50 -43.16
C LYS M 350 12.64 -59.05 -41.74
N LYS M 351 13.73 -58.88 -40.99
CA LYS M 351 13.76 -59.31 -39.60
C LYS M 351 13.05 -58.28 -38.74
N GLY M 352 12.15 -58.76 -37.88
CA GLY M 352 11.37 -57.85 -37.06
C GLY M 352 10.45 -56.99 -37.91
N GLU M 353 10.27 -55.73 -37.48
CA GLU M 353 9.40 -54.79 -38.18
C GLU M 353 10.18 -53.96 -39.19
N ASP M 354 11.27 -53.33 -38.77
CA ASP M 354 12.01 -52.44 -39.65
C ASP M 354 12.72 -53.24 -40.75
N ARG M 355 12.73 -52.68 -41.95
CA ARG M 355 13.44 -53.25 -43.09
C ARG M 355 14.87 -52.72 -43.11
N MET M 356 15.84 -53.63 -43.21
CA MET M 356 17.25 -53.27 -43.21
C MET M 356 18.00 -54.14 -44.20
N VAL M 357 19.13 -53.62 -44.67
CA VAL M 357 20.04 -54.37 -45.52
C VAL M 357 21.05 -55.04 -44.60
N PHE M 358 20.87 -56.34 -44.37
CA PHE M 358 21.75 -57.10 -43.50
C PHE M 358 23.02 -57.45 -44.25
N VAL M 359 23.96 -56.50 -44.25
CA VAL M 359 25.23 -56.70 -44.93
C VAL M 359 26.07 -57.69 -44.15
N SER M 360 26.60 -58.70 -44.85
CA SER M 360 27.35 -59.77 -44.19
C SER M 360 28.37 -60.33 -45.17
N GLY M 361 29.64 -60.29 -44.78
CA GLY M 361 30.73 -60.77 -45.61
C GLY M 361 31.84 -59.75 -45.84
N CYS M 362 31.98 -58.78 -44.94
CA CYS M 362 33.10 -57.84 -45.00
C CYS M 362 34.31 -58.52 -44.38
N LYS M 363 35.24 -58.95 -45.23
CA LYS M 363 36.27 -59.91 -44.84
C LYS M 363 37.60 -59.28 -44.46
N ASN M 364 37.73 -57.95 -44.50
CA ASN M 364 39.03 -57.33 -44.26
C ASN M 364 39.34 -57.23 -42.76
N GLU M 365 38.51 -56.49 -42.02
CA GLU M 365 38.73 -56.24 -40.60
C GLU M 365 37.44 -56.45 -39.83
N PRO M 366 37.50 -56.79 -38.52
CA PRO M 366 36.29 -56.82 -37.70
C PRO M 366 35.92 -55.42 -37.23
N VAL M 367 34.85 -54.88 -37.80
CA VAL M 367 34.41 -53.52 -37.54
C VAL M 367 32.90 -53.52 -37.41
N ALA M 368 32.38 -52.74 -36.47
CA ALA M 368 30.96 -52.75 -36.15
C ALA M 368 30.59 -51.48 -35.40
N THR M 369 29.31 -51.37 -35.05
CA THR M 369 28.75 -50.25 -34.32
C THR M 369 28.06 -50.76 -33.07
N ILE M 370 27.95 -49.88 -32.07
CA ILE M 370 27.35 -50.27 -30.78
C ILE M 370 25.85 -49.99 -30.92
N LEU M 371 25.15 -50.97 -31.50
CA LEU M 371 23.71 -50.90 -31.71
C LEU M 371 23.12 -52.26 -31.40
N ILE M 372 22.23 -52.32 -30.40
CA ILE M 372 21.82 -53.58 -29.78
C ILE M 372 20.31 -53.56 -29.57
N ARG M 373 19.70 -54.75 -29.54
CA ARG M 373 18.26 -54.90 -29.48
C ARG M 373 17.75 -54.98 -28.04
N ALA M 374 16.47 -54.66 -27.88
CA ALA M 374 15.73 -54.89 -26.63
C ALA M 374 14.25 -54.67 -26.94
N ALA M 375 13.43 -54.62 -25.88
CA ALA M 375 11.99 -54.51 -26.05
C ALA M 375 11.55 -53.06 -26.27
N THR M 376 11.75 -52.21 -25.27
CA THR M 376 11.39 -50.80 -25.32
C THR M 376 12.63 -49.94 -25.18
N GLU M 377 12.53 -48.70 -25.68
CA GLU M 377 13.71 -47.89 -25.99
C GLU M 377 14.60 -47.70 -24.77
N HIS M 378 13.99 -47.57 -23.59
CA HIS M 378 14.77 -47.52 -22.37
C HIS M 378 15.58 -48.79 -22.18
N VAL M 379 14.96 -49.94 -22.45
CA VAL M 379 15.67 -51.21 -22.34
C VAL M 379 16.73 -51.33 -23.43
N VAL M 380 16.48 -50.77 -24.61
CA VAL M 380 17.49 -50.80 -25.67
C VAL M 380 18.73 -50.04 -25.24
N GLU M 381 18.55 -48.80 -24.75
CA GLU M 381 19.71 -48.03 -24.32
C GLU M 381 20.41 -48.69 -23.13
N GLU M 382 19.63 -49.26 -22.21
CA GLU M 382 20.20 -49.94 -21.06
C GLU M 382 21.05 -51.13 -21.49
N LEU M 383 20.54 -51.94 -22.42
CA LEU M 383 21.28 -53.10 -22.87
C LEU M 383 22.51 -52.69 -23.67
N GLU M 384 22.43 -51.59 -24.42
CA GLU M 384 23.60 -51.11 -25.14
C GLU M 384 24.72 -50.74 -24.18
N ARG M 385 24.38 -49.97 -23.14
CA ARG M 385 25.39 -49.62 -22.14
C ARG M 385 25.93 -50.86 -21.46
N ALA M 386 25.05 -51.82 -21.16
CA ALA M 386 25.47 -53.01 -20.43
C ALA M 386 26.44 -53.85 -21.25
N ILE M 387 26.14 -54.07 -22.53
CA ILE M 387 27.04 -54.85 -23.35
C ILE M 387 28.37 -54.13 -23.55
N ASP M 388 28.32 -52.80 -23.70
CA ASP M 388 29.56 -52.03 -23.83
C ASP M 388 30.44 -52.22 -22.61
N ASP M 389 29.85 -52.11 -21.41
CA ASP M 389 30.64 -52.28 -20.19
C ASP M 389 31.15 -53.70 -20.07
N ALA M 390 30.38 -54.67 -20.57
CA ALA M 390 30.82 -56.07 -20.48
C ALA M 390 32.07 -56.30 -21.31
N LEU M 391 32.06 -55.87 -22.57
CA LEU M 391 33.29 -56.01 -23.36
C LEU M 391 34.42 -55.18 -22.78
N ASN M 392 34.13 -54.01 -22.21
CA ASN M 392 35.21 -53.22 -21.61
C ASN M 392 35.87 -54.00 -20.48
N ALA M 393 35.07 -54.61 -19.60
CA ALA M 393 35.63 -55.31 -18.46
C ALA M 393 36.36 -56.57 -18.87
N VAL M 394 35.80 -57.34 -19.81
CA VAL M 394 36.50 -58.57 -20.21
C VAL M 394 37.79 -58.22 -20.94
N LYS M 395 37.79 -57.13 -21.72
CA LYS M 395 39.02 -56.67 -22.35
C LYS M 395 40.05 -56.30 -21.30
N ALA M 396 39.64 -55.58 -20.26
CA ALA M 396 40.58 -55.20 -19.22
C ALA M 396 41.11 -56.42 -18.49
N ALA M 397 40.25 -57.40 -18.23
CA ALA M 397 40.69 -58.62 -17.56
C ALA M 397 41.70 -59.38 -18.40
N ILE M 398 41.45 -59.49 -19.71
CA ILE M 398 42.39 -60.19 -20.58
C ILE M 398 43.71 -59.43 -20.64
N LYS M 399 43.66 -58.11 -20.75
CA LYS M 399 44.88 -57.31 -20.84
C LYS M 399 45.70 -57.42 -19.56
N ASP M 400 45.16 -56.94 -18.45
CA ASP M 400 45.92 -56.89 -17.20
C ASP M 400 46.12 -58.29 -16.64
N GLY M 401 45.10 -59.15 -16.74
CA GLY M 401 45.21 -60.48 -16.17
C GLY M 401 45.29 -60.49 -14.66
N LYS M 402 44.61 -59.54 -14.01
CA LYS M 402 44.53 -59.51 -12.55
C LYS M 402 43.10 -59.16 -12.17
N VAL M 403 42.48 -60.02 -11.36
CA VAL M 403 41.08 -59.89 -10.97
C VAL M 403 41.01 -59.89 -9.45
N VAL M 404 40.25 -58.95 -8.91
CA VAL M 404 40.10 -58.75 -7.48
C VAL M 404 38.68 -59.14 -7.08
N PRO M 405 38.43 -59.71 -5.89
CA PRO M 405 37.05 -59.95 -5.49
C PRO M 405 36.27 -58.66 -5.36
N GLY M 406 35.06 -58.67 -5.91
CA GLY M 406 34.17 -57.52 -5.88
C GLY M 406 33.22 -57.57 -4.71
N GLY M 407 32.08 -56.90 -4.87
CA GLY M 407 31.05 -56.92 -3.85
C GLY M 407 31.49 -56.31 -2.54
N GLY M 408 32.38 -55.32 -2.58
CA GLY M 408 32.87 -54.70 -1.37
C GLY M 408 33.98 -55.45 -0.68
N ALA M 409 34.36 -56.63 -1.16
CA ALA M 409 35.40 -57.40 -0.50
C ALA M 409 36.75 -56.72 -0.61
N ALA M 410 37.09 -56.23 -1.81
CA ALA M 410 38.36 -55.55 -2.00
C ALA M 410 38.43 -54.29 -1.14
N GLU M 411 37.33 -53.55 -1.07
CA GLU M 411 37.32 -52.34 -0.27
C GLU M 411 37.55 -52.64 1.21
N VAL M 412 36.90 -53.68 1.73
CA VAL M 412 37.07 -54.01 3.14
C VAL M 412 38.48 -54.51 3.42
N ALA M 413 39.03 -55.34 2.52
CA ALA M 413 40.39 -55.84 2.72
C ALA M 413 41.40 -54.70 2.72
N VAL M 414 41.27 -53.78 1.75
CA VAL M 414 42.20 -52.66 1.68
C VAL M 414 42.03 -51.77 2.90
N ALA M 415 40.79 -51.62 3.39
CA ALA M 415 40.57 -50.83 4.60
C ALA M 415 41.23 -51.46 5.81
N ARG M 416 41.14 -52.79 5.93
CA ARG M 416 41.78 -53.46 7.06
C ARG M 416 43.29 -53.28 7.01
N LYS M 417 43.90 -53.46 5.85
CA LYS M 417 45.35 -53.30 5.78
C LYS M 417 45.75 -51.84 5.96
N LEU M 418 44.89 -50.90 5.55
CA LEU M 418 45.15 -49.50 5.82
C LEU M 418 45.10 -49.21 7.32
N ARG M 419 44.18 -49.86 8.03
CA ARG M 419 44.13 -49.68 9.48
C ARG M 419 45.38 -50.27 10.13
N GLU M 420 45.90 -51.36 9.58
CA GLU M 420 47.18 -51.88 10.05
C GLU M 420 48.28 -50.86 9.82
N TYR M 421 48.28 -50.21 8.65
CA TYR M 421 49.24 -49.15 8.38
C TYR M 421 49.09 -48.01 9.39
N ALA M 422 47.84 -47.66 9.73
CA ALA M 422 47.60 -46.63 10.73
C ALA M 422 48.20 -47.01 12.07
N LYS M 423 48.02 -48.27 12.46
CA LYS M 423 48.65 -48.75 13.68
C LYS M 423 50.17 -48.65 13.59
N SER M 424 50.73 -48.87 12.40
CA SER M 424 52.17 -48.71 12.23
C SER M 424 52.59 -47.25 12.35
N LEU M 425 51.89 -46.36 11.66
CA LEU M 425 52.25 -44.94 11.63
C LEU M 425 51.78 -44.25 12.91
N SER M 426 52.39 -43.10 13.19
CA SER M 426 52.00 -42.24 14.31
C SER M 426 51.96 -40.80 13.84
N GLY M 427 51.21 -39.99 14.57
CA GLY M 427 51.04 -38.58 14.27
C GLY M 427 49.62 -38.26 13.87
N LYS M 428 49.43 -37.04 13.39
CA LYS M 428 48.12 -36.60 12.91
C LYS M 428 47.83 -37.06 11.49
N GLU M 429 48.79 -37.71 10.81
CA GLU M 429 48.51 -38.39 9.57
C GLU M 429 47.76 -39.70 9.79
N GLN M 430 47.86 -40.28 11.00
CA GLN M 430 47.11 -41.49 11.31
C GLN M 430 45.61 -41.24 11.22
N LEU M 431 45.16 -40.06 11.68
CA LEU M 431 43.74 -39.73 11.59
C LEU M 431 43.29 -39.65 10.14
N ALA M 432 44.13 -39.07 9.27
CA ALA M 432 43.78 -39.01 7.85
C ALA M 432 43.76 -40.39 7.23
N ILE M 433 44.69 -41.26 7.63
CA ILE M 433 44.69 -42.63 7.14
C ILE M 433 43.40 -43.35 7.54
N GLU M 434 43.00 -43.18 8.81
CA GLU M 434 41.76 -43.79 9.28
C GLU M 434 40.56 -43.21 8.54
N ALA M 435 40.62 -41.92 8.23
CA ALA M 435 39.57 -41.29 7.43
C ALA M 435 39.47 -41.96 6.07
N PHE M 436 40.61 -42.20 5.42
CA PHE M 436 40.60 -42.85 4.12
C PHE M 436 40.05 -44.27 4.24
N ALA M 437 40.41 -44.98 5.31
CA ALA M 437 39.91 -46.33 5.50
C ALA M 437 38.39 -46.35 5.66
N ASP M 438 37.85 -45.42 6.44
CA ASP M 438 36.40 -45.36 6.62
C ASP M 438 35.70 -44.98 5.31
N ALA M 439 36.27 -44.02 4.58
CA ALA M 439 35.69 -43.64 3.31
C ALA M 439 35.70 -44.80 2.32
N LEU M 440 36.74 -45.63 2.38
CA LEU M 440 36.80 -46.80 1.52
C LEU M 440 35.79 -47.85 1.94
N GLU M 441 35.56 -47.98 3.25
CA GLU M 441 34.51 -48.88 3.73
C GLU M 441 33.12 -48.38 3.37
N GLU M 442 32.98 -47.09 3.06
CA GLU M 442 31.67 -46.54 2.71
C GLU M 442 31.06 -47.23 1.49
N ILE M 443 31.89 -47.72 0.56
CA ILE M 443 31.36 -48.38 -0.64
C ILE M 443 30.57 -49.64 -0.29
N PRO M 444 31.10 -50.58 0.49
CA PRO M 444 30.28 -51.75 0.86
C PRO M 444 29.02 -51.37 1.61
N ARG M 445 29.05 -50.29 2.39
CA ARG M 445 27.84 -49.83 3.08
C ARG M 445 26.77 -49.46 2.07
N THR M 446 27.15 -48.71 1.03
CA THR M 446 26.19 -48.35 -0.01
C THR M 446 25.69 -49.57 -0.75
N LEU M 447 26.61 -50.49 -1.08
CA LEU M 447 26.21 -51.68 -1.82
C LEU M 447 25.24 -52.54 -1.02
N ALA M 448 25.39 -52.56 0.31
CA ALA M 448 24.43 -53.27 1.14
C ALA M 448 23.12 -52.50 1.25
N GLU M 449 23.19 -51.17 1.32
CA GLU M 449 21.97 -50.36 1.44
C GLU M 449 21.08 -50.55 0.23
N ASN M 450 21.65 -50.51 -0.98
CA ASN M 450 20.84 -50.71 -2.17
C ASN M 450 20.31 -52.12 -2.28
N ALA M 451 20.95 -53.10 -1.63
CA ALA M 451 20.47 -54.48 -1.65
C ALA M 451 19.34 -54.73 -0.67
N GLY M 452 19.06 -53.81 0.25
CA GLY M 452 18.01 -53.96 1.23
C GLY M 452 18.49 -54.38 2.60
N LEU M 453 19.70 -54.92 2.71
CA LEU M 453 20.23 -55.29 4.02
C LEU M 453 20.53 -54.04 4.85
N ASP M 454 20.57 -54.23 6.16
CA ASP M 454 20.93 -53.13 7.04
C ASP M 454 22.42 -52.84 6.89
N PRO M 455 22.83 -51.57 6.80
CA PRO M 455 24.23 -51.31 6.44
C PRO M 455 25.21 -51.60 7.57
N ILE M 456 24.89 -51.20 8.79
CA ILE M 456 25.85 -51.34 9.88
C ILE M 456 26.08 -52.80 10.22
N ASP M 457 24.99 -53.59 10.29
CA ASP M 457 25.12 -54.98 10.68
C ASP M 457 25.95 -55.76 9.68
N THR M 458 25.69 -55.57 8.38
CA THR M 458 26.43 -56.33 7.38
C THR M 458 27.85 -55.80 7.22
N LEU M 459 28.07 -54.50 7.44
CA LEU M 459 29.44 -54.00 7.44
C LEU M 459 30.23 -54.61 8.60
N VAL M 460 29.62 -54.69 9.77
CA VAL M 460 30.29 -55.31 10.91
C VAL M 460 30.56 -56.78 10.64
N GLN M 461 29.61 -57.47 10.01
CA GLN M 461 29.82 -58.87 9.66
C GLN M 461 30.97 -59.01 8.67
N LEU M 462 31.05 -58.13 7.69
CA LEU M 462 32.15 -58.18 6.73
C LEU M 462 33.49 -57.95 7.42
N ARG M 463 33.55 -56.97 8.32
CA ARG M 463 34.80 -56.70 9.04
C ARG M 463 35.20 -57.89 9.89
N ALA M 464 34.22 -58.48 10.59
CA ALA M 464 34.50 -59.65 11.41
C ALA M 464 35.01 -60.81 10.55
N ALA M 465 34.39 -61.02 9.40
CA ALA M 465 34.84 -62.08 8.50
C ALA M 465 36.26 -61.85 8.04
N HIS M 466 36.56 -60.63 7.59
CA HIS M 466 37.93 -60.33 7.13
C HIS M 466 38.94 -60.43 8.27
N GLU M 467 38.50 -60.27 9.51
CA GLU M 467 39.41 -60.46 10.64
C GLU M 467 39.75 -61.93 10.88
N GLU M 468 39.00 -62.87 10.29
CA GLU M 468 39.31 -64.28 10.42
C GLU M 468 40.32 -64.78 9.38
N GLY M 469 40.79 -63.92 8.49
CA GLY M 469 41.83 -64.26 7.55
C GLY M 469 41.37 -64.48 6.12
N ASP M 470 40.12 -64.87 5.90
CA ASP M 470 39.62 -65.01 4.55
C ASP M 470 39.46 -63.63 3.90
N LYS M 471 39.52 -63.61 2.57
CA LYS M 471 39.61 -62.38 1.80
C LYS M 471 38.49 -62.19 0.80
N ASN M 472 37.71 -63.22 0.50
CA ASN M 472 36.72 -63.19 -0.57
C ASN M 472 35.30 -63.00 -0.07
N ILE M 473 35.08 -62.84 1.23
CA ILE M 473 33.73 -62.65 1.75
C ILE M 473 33.28 -61.23 1.44
N GLY M 474 32.16 -61.08 0.74
CA GLY M 474 31.64 -59.81 0.31
C GLY M 474 30.14 -59.73 0.52
N ILE M 475 29.49 -58.98 -0.37
CA ILE M 475 28.05 -58.85 -0.40
C ILE M 475 27.59 -59.18 -1.82
N ASP M 476 26.60 -60.08 -1.92
CA ASP M 476 26.01 -60.47 -3.19
C ASP M 476 24.56 -59.99 -3.10
N CYS M 477 24.21 -59.02 -3.93
CA CYS M 477 22.89 -58.41 -3.85
C CYS M 477 21.82 -59.22 -4.58
N LEU M 478 22.21 -60.15 -5.45
CA LEU M 478 21.21 -61.02 -6.08
C LEU M 478 20.58 -61.94 -5.03
N THR M 479 21.41 -62.62 -4.24
CA THR M 479 20.93 -63.48 -3.17
C THR M 479 20.56 -62.71 -1.91
N GLY M 480 21.02 -61.47 -1.79
CA GLY M 480 20.68 -60.66 -0.62
C GLY M 480 21.24 -61.22 0.67
N GLU M 481 22.50 -61.66 0.66
CA GLU M 481 23.17 -62.15 1.85
C GLU M 481 24.63 -61.73 1.77
N VAL M 482 25.43 -62.25 2.71
CA VAL M 482 26.88 -62.14 2.68
C VAL M 482 27.45 -63.53 2.44
N ALA M 483 28.33 -63.64 1.46
CA ALA M 483 28.87 -64.94 1.07
C ALA M 483 30.21 -64.74 0.41
N ASP M 484 30.93 -65.84 0.21
CA ASP M 484 32.19 -65.81 -0.51
C ASP M 484 31.93 -65.41 -1.96
N MET M 485 32.58 -64.34 -2.40
CA MET M 485 32.33 -63.82 -3.74
C MET M 485 32.89 -64.74 -4.81
N LEU M 486 33.99 -65.43 -4.53
CA LEU M 486 34.62 -66.26 -5.56
C LEU M 486 33.71 -67.40 -5.99
N GLU M 487 33.00 -68.02 -5.04
CA GLU M 487 32.07 -69.09 -5.39
C GLU M 487 30.75 -68.55 -5.93
N ALA M 488 30.45 -67.28 -5.69
CA ALA M 488 29.22 -66.66 -6.20
C ALA M 488 29.41 -66.02 -7.57
N GLY M 489 30.61 -66.04 -8.12
CA GLY M 489 30.83 -65.43 -9.42
C GLY M 489 30.64 -63.92 -9.41
N VAL M 490 31.19 -63.25 -8.39
CA VAL M 490 31.11 -61.79 -8.26
C VAL M 490 32.55 -61.31 -8.15
N ILE M 491 33.15 -60.96 -9.29
CA ILE M 491 34.56 -60.58 -9.36
C ILE M 491 34.72 -59.50 -10.43
N ASP M 492 35.46 -58.43 -10.12
CA ASP M 492 35.64 -57.30 -11.05
C ASP M 492 37.12 -57.13 -11.31
N PRO M 493 37.53 -56.61 -12.47
CA PRO M 493 38.95 -56.48 -12.79
C PRO M 493 39.67 -55.63 -11.77
N ALA M 494 40.93 -55.97 -11.52
CA ALA M 494 41.74 -55.21 -10.57
C ALA M 494 41.95 -53.77 -11.05
N ALA M 495 42.24 -53.60 -12.34
CA ALA M 495 42.54 -52.28 -12.87
C ALA M 495 41.37 -51.32 -12.70
N VAL M 496 40.13 -51.83 -12.80
CA VAL M 496 38.96 -50.96 -12.62
C VAL M 496 38.95 -50.38 -11.21
N LYS M 497 39.19 -51.23 -10.21
CA LYS M 497 39.18 -50.75 -8.83
C LYS M 497 40.36 -49.83 -8.55
N LYS M 498 41.53 -50.15 -9.12
CA LYS M 498 42.67 -49.26 -8.99
C LYS M 498 42.36 -47.86 -9.51
N GLN M 499 41.82 -47.79 -10.72
CA GLN M 499 41.50 -46.49 -11.29
C GLN M 499 40.37 -45.82 -10.54
N ALA M 500 39.43 -46.59 -9.99
CA ALA M 500 38.38 -46.00 -9.17
C ALA M 500 38.98 -45.29 -7.95
N ILE M 501 39.88 -45.97 -7.24
CA ILE M 501 40.51 -45.36 -6.07
C ILE M 501 41.32 -44.14 -6.48
N LYS M 502 42.08 -44.25 -7.58
CA LYS M 502 42.93 -43.13 -7.99
C LYS M 502 42.10 -41.91 -8.39
N SER M 503 41.05 -42.12 -9.18
CA SER M 503 40.22 -41.00 -9.59
C SER M 503 39.51 -40.37 -8.40
N ALA M 504 39.06 -41.20 -7.45
CA ALA M 504 38.44 -40.65 -6.26
C ALA M 504 39.43 -39.81 -5.46
N THR M 505 40.68 -40.28 -5.37
CA THR M 505 41.70 -39.53 -4.66
C THR M 505 41.94 -38.18 -5.30
N GLU M 506 42.14 -38.17 -6.63
CA GLU M 506 42.37 -36.90 -7.32
C GLU M 506 41.17 -35.97 -7.18
N ALA M 507 39.95 -36.52 -7.27
CA ALA M 507 38.77 -35.68 -7.12
C ALA M 507 38.71 -35.04 -5.74
N ALA M 508 38.87 -35.85 -4.70
CA ALA M 508 38.79 -35.33 -3.34
C ALA M 508 39.89 -34.31 -3.08
N THR M 509 41.12 -34.60 -3.53
CA THR M 509 42.22 -33.70 -3.29
C THR M 509 42.01 -32.37 -4.00
N MET M 510 41.71 -32.40 -5.29
CA MET M 510 41.59 -31.15 -6.03
C MET M 510 40.33 -30.39 -5.68
N ILE M 511 39.33 -31.02 -5.06
CA ILE M 511 38.21 -30.28 -4.53
C ILE M 511 38.57 -29.67 -3.18
N LEU M 512 39.40 -30.35 -2.40
CA LEU M 512 39.86 -29.80 -1.13
C LEU M 512 40.82 -28.65 -1.34
N ARG M 513 41.51 -28.60 -2.49
CA ARG M 513 42.55 -27.61 -2.71
C ARG M 513 42.00 -26.25 -3.12
N ILE M 514 40.70 -26.14 -3.36
CA ILE M 514 40.09 -24.86 -3.73
C ILE M 514 39.79 -24.06 -2.48
N ASP M 515 39.77 -22.73 -2.62
CA ASP M 515 39.55 -21.80 -1.51
C ASP M 515 38.29 -20.98 -1.64
N ASP M 516 38.13 -20.22 -2.74
CA ASP M 516 36.97 -19.36 -2.89
C ASP M 516 36.61 -19.25 -4.37
N ILE M 517 35.34 -18.95 -4.62
CA ILE M 517 34.82 -18.72 -5.96
C ILE M 517 34.99 -17.25 -6.26
N ILE M 518 35.68 -16.95 -7.36
CA ILE M 518 35.96 -15.57 -7.77
C ILE M 518 35.47 -15.39 -9.20
N PRO M 519 34.99 -14.20 -9.60
CA PRO M 519 34.54 -14.04 -10.99
C PRO M 519 35.73 -13.86 -11.91
N ALA M 520 35.88 -14.77 -12.86
CA ALA M 520 36.96 -14.70 -13.83
C ALA M 520 36.50 -13.94 -15.06
N LYS M 521 37.40 -13.14 -15.63
CA LYS M 521 37.09 -12.41 -16.85
C LYS M 521 36.79 -13.40 -17.96
N ALA M 522 35.69 -13.17 -18.66
CA ALA M 522 35.31 -14.04 -19.76
C ALA M 522 36.20 -13.75 -20.97
N PRO M 523 36.67 -14.77 -21.71
CA PRO M 523 37.48 -14.48 -22.89
C PRO M 523 36.62 -13.86 -24.00
N THR M 524 37.03 -12.70 -24.48
CA THR M 524 36.29 -12.01 -25.53
C THR M 524 36.54 -12.67 -26.89
N ASP N 19 36.88 8.40 2.42
CA ASP N 19 38.28 7.92 2.49
C ASP N 19 38.58 7.00 1.32
N ALA N 20 38.75 7.60 0.13
CA ALA N 20 38.98 6.81 -1.07
C ALA N 20 40.35 6.16 -1.07
N ARG N 21 41.32 6.75 -0.36
CA ARG N 21 42.57 6.02 -0.14
C ARG N 21 42.30 4.75 0.64
N LYS N 22 41.45 4.83 1.66
CA LYS N 22 41.09 3.63 2.40
C LYS N 22 40.37 2.63 1.50
N ASN N 23 39.55 3.12 0.57
CA ASN N 23 38.88 2.22 -0.36
C ASN N 23 39.90 1.50 -1.26
N ASN N 24 40.87 2.25 -1.79
CA ASN N 24 41.90 1.64 -2.63
C ASN N 24 42.73 0.64 -1.83
N ILE N 25 43.06 0.99 -0.59
CA ILE N 25 43.81 0.08 0.28
C ILE N 25 43.00 -1.18 0.54
N ALA N 26 41.69 -1.03 0.72
CA ALA N 26 40.84 -2.20 0.95
C ALA N 26 40.80 -3.11 -0.28
N ALA N 27 40.72 -2.52 -1.47
CA ALA N 27 40.73 -3.34 -2.69
C ALA N 27 42.05 -4.07 -2.84
N ALA N 28 43.17 -3.36 -2.60
CA ALA N 28 44.47 -4.00 -2.68
C ALA N 28 44.59 -5.10 -1.63
N ARG N 29 44.04 -4.87 -0.44
CA ARG N 29 44.04 -5.88 0.61
C ARG N 29 43.23 -7.11 0.19
N ALA N 30 42.10 -6.88 -0.46
CA ALA N 30 41.27 -8.00 -0.92
C ALA N 30 42.03 -8.85 -1.92
N ILE N 31 42.69 -8.22 -2.88
CA ILE N 31 43.46 -8.99 -3.86
C ILE N 31 44.63 -9.69 -3.18
N ALA N 32 45.29 -9.00 -2.25
CA ALA N 32 46.43 -9.59 -1.56
C ALA N 32 46.01 -10.81 -0.77
N ASP N 33 44.88 -10.73 -0.08
CA ASP N 33 44.40 -11.89 0.69
C ASP N 33 43.93 -13.00 -0.24
N MET N 34 43.38 -12.65 -1.41
CA MET N 34 42.97 -13.67 -2.36
C MET N 34 44.17 -14.47 -2.86
N VAL N 35 45.25 -13.77 -3.22
CA VAL N 35 46.44 -14.43 -3.78
C VAL N 35 47.41 -14.89 -2.69
N LYS N 36 47.16 -14.56 -1.42
CA LYS N 36 48.03 -15.00 -0.33
C LYS N 36 48.05 -16.51 -0.23
N THR N 37 46.87 -17.14 -0.35
CA THR N 37 46.72 -18.56 -0.12
C THR N 37 47.46 -19.42 -1.14
N THR N 38 47.87 -18.87 -2.28
CA THR N 38 48.51 -19.66 -3.34
C THR N 38 50.02 -19.50 -3.37
N LEU N 39 50.63 -19.15 -2.25
CA LEU N 39 52.07 -18.91 -2.17
C LEU N 39 52.72 -20.10 -1.48
N GLY N 40 53.39 -20.94 -2.27
CA GLY N 40 54.21 -22.01 -1.75
C GLY N 40 54.03 -23.33 -2.45
N PRO N 41 54.79 -24.34 -2.03
CA PRO N 41 54.58 -25.69 -2.60
C PRO N 41 53.17 -26.20 -2.38
N ARG N 42 52.60 -25.92 -1.21
CA ARG N 42 51.26 -26.37 -0.86
C ARG N 42 50.22 -25.30 -1.14
N GLY N 43 50.43 -24.53 -2.20
CA GLY N 43 49.51 -23.47 -2.55
C GLY N 43 48.12 -24.00 -2.86
N MET N 44 47.18 -23.70 -1.98
CA MET N 44 45.78 -24.02 -2.24
C MET N 44 45.34 -23.33 -3.52
N ASN N 45 45.01 -24.12 -4.53
CA ASN N 45 44.71 -23.59 -5.85
C ASN N 45 43.44 -22.75 -5.82
N LYS N 46 43.22 -22.00 -6.91
CA LYS N 46 42.06 -21.13 -7.08
C LYS N 46 41.30 -21.56 -8.32
N MET N 47 40.02 -21.17 -8.36
CA MET N 47 39.09 -21.62 -9.39
C MET N 47 38.59 -20.39 -10.15
N LEU N 48 38.92 -20.31 -11.44
CA LEU N 48 38.54 -19.19 -12.30
C LEU N 48 37.32 -19.60 -13.11
N VAL N 49 36.18 -18.97 -12.82
CA VAL N 49 34.92 -19.25 -13.51
C VAL N 49 34.45 -17.97 -14.19
N ASN N 50 33.96 -18.12 -15.43
CA ASN N 50 33.51 -17.01 -16.26
C ASN N 50 32.07 -17.23 -16.67
N SER N 51 31.47 -16.19 -17.26
CA SER N 51 30.08 -16.26 -17.68
C SER N 51 29.85 -17.34 -18.72
N LEU N 52 30.84 -17.59 -19.58
CA LEU N 52 30.75 -18.66 -20.56
C LEU N 52 30.74 -20.05 -19.91
N GLY N 53 31.10 -20.16 -18.64
CA GLY N 53 31.10 -21.42 -17.93
C GLY N 53 32.39 -22.19 -17.99
N ASP N 54 33.35 -21.77 -18.81
CA ASP N 54 34.65 -22.43 -18.84
C ASP N 54 35.36 -22.21 -17.51
N VAL N 55 36.03 -23.26 -17.03
CA VAL N 55 36.70 -23.26 -15.74
C VAL N 55 38.12 -23.79 -15.92
N THR N 56 39.09 -23.07 -15.34
CA THR N 56 40.48 -23.50 -15.33
C THR N 56 40.99 -23.40 -13.90
N ILE N 57 41.54 -24.49 -13.39
CA ILE N 57 42.12 -24.53 -12.05
C ILE N 57 43.58 -24.11 -12.17
N THR N 58 43.96 -23.05 -11.46
CA THR N 58 45.30 -22.50 -11.50
C THR N 58 45.76 -22.20 -10.10
N ASN N 59 47.08 -22.21 -9.91
CA ASN N 59 47.69 -21.78 -8.67
C ASN N 59 48.80 -20.76 -8.86
N ASP N 60 49.41 -20.68 -10.04
CA ASP N 60 50.40 -19.65 -10.29
C ASP N 60 49.71 -18.29 -10.29
N GLY N 61 50.25 -17.35 -9.51
CA GLY N 61 49.57 -16.09 -9.30
C GLY N 61 49.39 -15.27 -10.56
N ALA N 62 50.21 -15.50 -11.58
CA ALA N 62 50.13 -14.71 -12.80
C ALA N 62 48.76 -14.88 -13.45
N THR N 63 48.29 -16.12 -13.60
CA THR N 63 46.98 -16.34 -14.18
C THR N 63 45.88 -15.72 -13.31
N ILE N 64 46.00 -15.87 -12.00
CA ILE N 64 44.92 -15.44 -11.11
C ILE N 64 44.81 -13.93 -11.15
N LEU N 65 45.92 -13.23 -11.34
CA LEU N 65 45.87 -11.79 -11.59
C LEU N 65 45.49 -11.46 -13.03
N GLU N 66 45.69 -12.37 -13.95
CA GLU N 66 45.41 -12.00 -15.35
C GLU N 66 43.92 -12.05 -15.59
N GLU N 67 43.30 -13.22 -15.60
CA GLU N 67 41.89 -13.34 -16.00
C GLU N 67 40.93 -13.38 -14.82
N MET N 68 41.14 -12.50 -13.84
CA MET N 68 40.13 -12.19 -12.83
C MET N 68 39.42 -10.88 -13.17
N ASP N 69 38.17 -10.78 -12.72
CA ASP N 69 37.37 -9.58 -12.93
C ASP N 69 37.62 -8.58 -11.83
N ILE N 70 37.96 -7.34 -12.22
CA ILE N 70 38.19 -6.25 -11.28
C ILE N 70 37.53 -5.00 -11.85
N GLU N 71 36.55 -4.46 -11.12
CA GLU N 71 35.98 -3.16 -11.44
C GLU N 71 36.72 -2.02 -10.77
N HIS N 72 37.41 -2.29 -9.66
CA HIS N 72 38.08 -1.24 -8.92
C HIS N 72 39.36 -0.82 -9.64
N PRO N 73 39.57 0.48 -9.95
CA PRO N 73 40.73 0.84 -10.78
C PRO N 73 42.05 0.76 -10.02
N ALA N 74 42.00 1.05 -8.72
CA ALA N 74 43.21 0.91 -7.89
C ALA N 74 43.69 -0.53 -7.91
N ALA N 75 42.76 -1.48 -7.84
CA ALA N 75 43.11 -2.86 -8.07
C ALA N 75 43.57 -3.09 -9.51
N LYS N 76 42.94 -2.40 -10.46
CA LYS N 76 43.30 -2.58 -11.87
C LYS N 76 44.75 -2.20 -12.14
N MET N 77 45.34 -1.34 -11.31
CA MET N 77 46.78 -1.10 -11.42
C MET N 77 47.60 -2.36 -11.18
N LEU N 78 47.12 -3.25 -10.30
CA LEU N 78 47.92 -4.44 -9.99
C LEU N 78 48.05 -5.35 -11.20
N LYS N 79 47.15 -5.24 -12.19
CA LYS N 79 47.39 -5.85 -13.49
C LYS N 79 48.73 -5.38 -14.05
N GLU N 80 48.95 -4.07 -14.08
CA GLU N 80 50.20 -3.55 -14.65
C GLU N 80 51.39 -3.95 -13.80
N VAL N 81 51.23 -3.98 -12.49
CA VAL N 81 52.32 -4.41 -11.62
C VAL N 81 52.72 -5.85 -11.94
N ALA N 82 51.72 -6.74 -12.02
CA ALA N 82 52.01 -8.14 -12.33
C ALA N 82 52.58 -8.29 -13.73
N LYS N 83 52.10 -7.49 -14.68
CA LYS N 83 52.63 -7.56 -16.05
C LYS N 83 54.10 -7.18 -16.07
N ALA N 84 54.46 -6.11 -15.38
CA ALA N 84 55.87 -5.72 -15.33
C ALA N 84 56.71 -6.79 -14.68
N GLN N 85 56.19 -7.38 -13.60
CA GLN N 85 56.92 -8.44 -12.91
C GLN N 85 57.17 -9.61 -13.84
N GLU N 86 56.13 -10.07 -14.54
CA GLU N 86 56.28 -11.18 -15.46
C GLU N 86 57.23 -10.84 -16.60
N GLU N 87 57.16 -9.59 -17.08
CA GLU N 87 58.00 -9.20 -18.21
C GLU N 87 59.47 -9.24 -17.85
N GLU N 88 59.84 -8.70 -16.68
CA GLU N 88 61.26 -8.64 -16.39
C GLU N 88 61.72 -10.00 -15.88
N ALA N 89 61.08 -10.49 -14.81
CA ALA N 89 61.50 -11.70 -14.12
C ALA N 89 60.87 -12.96 -14.71
N GLY N 90 59.55 -12.97 -14.83
CA GLY N 90 58.83 -14.17 -15.18
C GLY N 90 58.49 -15.06 -14.00
N ASP N 91 58.88 -14.68 -12.79
CA ASP N 91 58.56 -15.44 -11.59
C ASP N 91 58.52 -14.49 -10.41
N GLY N 92 57.49 -14.64 -9.57
CA GLY N 92 57.40 -13.90 -8.32
C GLY N 92 56.25 -12.91 -8.27
N THR N 93 55.23 -13.10 -9.09
CA THR N 93 54.08 -12.20 -9.06
C THR N 93 53.31 -12.34 -7.76
N THR N 94 53.09 -13.56 -7.28
CA THR N 94 52.35 -13.74 -6.03
C THR N 94 53.14 -13.16 -4.86
N THR N 95 54.46 -13.34 -4.87
CA THR N 95 55.30 -12.73 -3.85
C THR N 95 55.18 -11.23 -3.87
N ALA N 96 55.19 -10.63 -5.06
CA ALA N 96 55.07 -9.19 -5.17
C ALA N 96 53.73 -8.70 -4.65
N VAL N 97 52.65 -9.38 -5.00
CA VAL N 97 51.33 -8.92 -4.58
C VAL N 97 51.16 -9.09 -3.08
N VAL N 98 51.66 -10.17 -2.51
CA VAL N 98 51.53 -10.37 -1.07
C VAL N 98 52.36 -9.34 -0.33
N LEU N 99 53.56 -9.05 -0.84
CA LEU N 99 54.40 -8.02 -0.21
C LEU N 99 53.73 -6.66 -0.27
N ALA N 100 53.11 -6.34 -1.41
CA ALA N 100 52.37 -5.09 -1.51
C ALA N 100 51.23 -5.04 -0.51
N GLY N 101 50.53 -6.16 -0.35
CA GLY N 101 49.44 -6.20 0.62
C GLY N 101 49.91 -5.96 2.03
N ALA N 102 51.01 -6.61 2.41
CA ALA N 102 51.55 -6.42 3.76
C ALA N 102 52.05 -5.00 3.95
N LEU N 103 52.69 -4.45 2.92
CA LEU N 103 53.19 -3.08 2.99
C LEU N 103 52.06 -2.09 3.19
N LEU N 104 50.96 -2.28 2.46
CA LEU N 104 49.82 -1.39 2.65
C LEU N 104 49.10 -1.66 3.97
N GLU N 105 49.18 -2.89 4.49
CA GLU N 105 48.75 -3.16 5.86
C GLU N 105 49.43 -2.21 6.84
N GLU N 106 50.76 -2.24 6.85
CA GLU N 106 51.48 -1.43 7.81
C GLU N 106 51.35 0.05 7.49
N ALA N 107 51.24 0.41 6.21
CA ALA N 107 51.00 1.80 5.86
C ALA N 107 49.67 2.29 6.40
N GLU N 108 48.63 1.47 6.32
CA GLU N 108 47.33 1.86 6.83
C GLU N 108 47.38 2.06 8.33
N LYS N 109 48.04 1.16 9.05
CA LYS N 109 48.14 1.39 10.50
C LYS N 109 48.99 2.62 10.80
N LEU N 110 50.00 2.89 9.97
CA LEU N 110 50.85 4.05 10.24
C LEU N 110 50.08 5.36 10.00
N ILE N 111 49.24 5.41 8.97
CA ILE N 111 48.40 6.60 8.80
C ILE N 111 47.38 6.66 9.94
N GLU N 112 46.98 5.52 10.49
CA GLU N 112 46.09 5.55 11.64
C GLU N 112 46.75 6.24 12.83
N GLN N 113 48.04 5.98 13.05
CA GLN N 113 48.74 6.63 14.15
C GLN N 113 48.81 8.14 13.95
N GLY N 114 49.11 8.57 12.72
CA GLY N 114 49.15 10.00 12.40
C GLY N 114 50.27 10.41 11.46
N ILE N 115 51.14 9.49 11.07
CA ILE N 115 52.21 9.82 10.15
C ILE N 115 51.60 10.18 8.80
N HIS N 116 52.14 11.22 8.17
CA HIS N 116 51.66 11.63 6.87
C HIS N 116 52.02 10.57 5.83
N PRO N 117 51.20 10.40 4.78
CA PRO N 117 51.55 9.38 3.78
C PRO N 117 52.89 9.60 3.11
N THR N 118 53.27 10.85 2.89
CA THR N 118 54.50 11.14 2.15
C THR N 118 55.72 10.69 2.94
N THR N 119 55.67 10.82 4.27
CA THR N 119 56.74 10.29 5.10
C THR N 119 56.83 8.77 4.98
N ILE N 120 55.68 8.09 4.89
CA ILE N 120 55.69 6.65 4.68
C ILE N 120 56.35 6.32 3.35
N ILE N 121 56.06 7.10 2.31
CA ILE N 121 56.66 6.84 1.01
C ILE N 121 58.17 7.00 1.07
N LYS N 122 58.64 8.07 1.72
CA LYS N 122 60.08 8.29 1.82
C LYS N 122 60.75 7.17 2.61
N GLY N 123 60.14 6.77 3.73
CA GLY N 123 60.69 5.68 4.51
C GLY N 123 60.73 4.38 3.75
N TYR N 124 59.68 4.08 2.98
CA TYR N 124 59.66 2.86 2.18
C TYR N 124 60.75 2.90 1.11
N ARG N 125 60.95 4.07 0.49
CA ARG N 125 62.00 4.20 -0.52
C ARG N 125 63.37 3.90 0.07
N LYS N 126 63.69 4.51 1.21
CA LYS N 126 64.98 4.26 1.84
C LYS N 126 65.10 2.81 2.27
N ALA N 127 64.03 2.27 2.86
CA ALA N 127 64.03 0.89 3.31
C ALA N 127 64.30 -0.07 2.17
N VAL N 128 63.76 0.23 0.99
CA VAL N 128 63.87 -0.70 -0.12
C VAL N 128 65.23 -0.57 -0.81
N ASP N 129 65.79 0.64 -0.84
CA ASP N 129 67.17 0.77 -1.29
C ASP N 129 68.09 -0.08 -0.43
N LYS N 130 67.97 0.06 0.89
CA LYS N 130 68.80 -0.77 1.77
C LYS N 130 68.44 -2.25 1.64
N ALA N 131 67.18 -2.56 1.37
CA ALA N 131 66.79 -3.96 1.24
C ALA N 131 67.46 -4.61 0.04
N LEU N 132 67.51 -3.90 -1.08
CA LEU N 132 68.24 -4.43 -2.23
C LEU N 132 69.72 -4.57 -1.92
N GLU N 133 70.30 -3.60 -1.21
CA GLU N 133 71.71 -3.76 -0.82
C GLU N 133 71.91 -5.00 0.04
N VAL N 134 71.01 -5.22 1.00
CA VAL N 134 71.11 -6.37 1.90
C VAL N 134 71.01 -7.66 1.11
N LEU N 135 70.03 -7.75 0.20
CA LEU N 135 69.85 -8.96 -0.59
C LEU N 135 71.04 -9.19 -1.50
N GLU N 136 71.70 -8.12 -1.95
CA GLU N 136 72.94 -8.29 -2.69
C GLU N 136 74.02 -8.91 -1.82
N GLU N 137 74.14 -8.46 -0.56
CA GLU N 137 75.20 -9.01 0.29
C GLU N 137 74.92 -10.47 0.65
N VAL N 138 73.70 -10.77 1.09
CA VAL N 138 73.42 -12.07 1.68
C VAL N 138 73.46 -13.19 0.64
N ALA N 139 73.25 -12.86 -0.63
CA ALA N 139 73.10 -13.90 -1.65
C ALA N 139 74.38 -14.72 -1.80
N ILE N 140 74.20 -16.02 -1.99
CA ILE N 140 75.32 -16.96 -2.11
C ILE N 140 75.54 -17.15 -3.61
N PRO N 141 76.77 -17.13 -4.13
CA PRO N 141 76.95 -17.23 -5.57
C PRO N 141 77.00 -18.66 -6.05
N VAL N 142 76.69 -18.84 -7.34
CA VAL N 142 76.59 -20.15 -7.97
C VAL N 142 77.35 -20.13 -9.28
N ASP N 143 78.16 -21.16 -9.50
CA ASP N 143 78.80 -21.39 -10.79
C ASP N 143 77.82 -22.14 -11.70
N PRO N 144 77.96 -22.02 -13.02
CA PRO N 144 77.03 -22.73 -13.91
C PRO N 144 77.37 -24.20 -14.16
N ASP N 145 78.28 -24.78 -13.38
CA ASP N 145 78.67 -26.18 -13.51
C ASP N 145 78.33 -27.03 -12.30
N ASP N 146 77.87 -26.44 -11.19
CA ASP N 146 77.50 -27.19 -10.00
C ASP N 146 76.10 -27.76 -10.21
N GLU N 147 76.04 -29.01 -10.69
CA GLU N 147 74.80 -29.59 -11.17
C GLU N 147 73.74 -29.64 -10.08
N GLU N 148 74.13 -30.01 -8.85
CA GLU N 148 73.17 -30.11 -7.76
C GLU N 148 72.51 -28.77 -7.46
N THR N 149 73.30 -27.69 -7.49
CA THR N 149 72.73 -26.36 -7.23
C THR N 149 71.73 -25.96 -8.30
N LEU N 150 72.04 -26.22 -9.58
CA LEU N 150 71.09 -25.90 -10.63
C LEU N 150 69.82 -26.73 -10.48
N LYS N 151 69.97 -28.01 -10.11
CA LYS N 151 68.79 -28.85 -9.89
C LYS N 151 67.97 -28.31 -8.73
N ALA N 152 68.62 -27.82 -7.67
CA ALA N 152 67.89 -27.26 -6.54
C ALA N 152 67.12 -26.00 -6.95
N VAL N 153 67.76 -25.12 -7.73
CA VAL N 153 67.07 -23.94 -8.22
C VAL N 153 65.86 -24.34 -9.05
N ALA N 154 66.06 -25.31 -9.95
CA ALA N 154 64.99 -25.76 -10.80
C ALA N 154 63.83 -26.31 -9.99
N ARG N 155 64.13 -27.15 -9.00
CA ARG N 155 63.06 -27.73 -8.20
C ARG N 155 62.33 -26.68 -7.37
N THR N 156 63.07 -25.72 -6.82
CA THR N 156 62.45 -24.68 -6.00
C THR N 156 61.49 -23.84 -6.81
N ALA N 157 61.89 -23.42 -8.02
CA ALA N 157 60.97 -22.64 -8.85
C ALA N 157 59.84 -23.52 -9.38
N MET N 158 60.19 -24.71 -9.84
CA MET N 158 59.18 -25.61 -10.43
C MET N 158 58.13 -25.79 -9.37
N THR N 159 58.56 -25.94 -8.11
CA THR N 159 57.63 -26.16 -7.01
C THR N 159 56.37 -25.30 -7.18
N GLY N 160 55.27 -25.80 -6.62
CA GLY N 160 54.02 -25.06 -6.52
C GLY N 160 52.86 -25.70 -7.26
N LYS N 161 53.11 -26.26 -8.42
CA LYS N 161 52.06 -26.60 -9.39
C LYS N 161 52.07 -28.05 -9.85
N ALA N 162 53.22 -28.70 -9.92
CA ALA N 162 53.25 -30.08 -10.37
C ALA N 162 52.83 -31.03 -9.26
N SER N 163 52.44 -32.24 -9.65
CA SER N 163 52.25 -33.31 -8.70
C SER N 163 53.58 -33.68 -8.06
N GLU N 164 53.51 -34.19 -6.83
CA GLU N 164 54.72 -34.49 -6.08
C GLU N 164 55.52 -35.64 -6.71
N GLU N 165 54.90 -36.45 -7.57
CA GLU N 165 55.57 -37.63 -8.08
C GLU N 165 56.64 -37.29 -9.11
N ASN N 166 56.38 -36.32 -9.98
CA ASN N 166 57.21 -36.08 -11.16
C ASN N 166 58.14 -34.87 -10.97
N ARG N 167 58.43 -34.51 -9.73
CA ARG N 167 59.32 -33.38 -9.47
C ARG N 167 60.74 -33.67 -9.92
N GLU N 168 61.28 -34.82 -9.51
CA GLU N 168 62.64 -35.19 -9.90
C GLU N 168 62.74 -35.33 -11.41
N GLU N 169 61.75 -35.96 -12.03
CA GLU N 169 61.80 -36.20 -13.47
C GLU N 169 61.80 -34.89 -14.24
N ILE N 170 60.87 -33.99 -13.93
CA ILE N 170 60.76 -32.76 -14.68
C ILE N 170 61.97 -31.86 -14.41
N ALA N 171 62.49 -31.88 -13.18
CA ALA N 171 63.70 -31.10 -12.90
C ALA N 171 64.88 -31.64 -13.70
N ASP N 172 65.02 -32.97 -13.75
CA ASP N 172 66.12 -33.56 -14.52
C ASP N 172 66.01 -33.20 -16.00
N LEU N 173 64.80 -33.28 -16.56
CA LEU N 173 64.61 -32.91 -17.95
C LEU N 173 64.88 -31.43 -18.18
N VAL N 174 64.52 -30.59 -17.19
CA VAL N 174 64.77 -29.15 -17.32
C VAL N 174 66.26 -28.89 -17.43
N VAL N 175 67.05 -29.45 -16.51
CA VAL N 175 68.48 -29.18 -16.53
C VAL N 175 69.13 -29.82 -17.76
N GLU N 176 68.65 -31.00 -18.16
CA GLU N 176 69.19 -31.66 -19.35
C GLU N 176 68.95 -30.81 -20.59
N ALA N 177 67.73 -30.28 -20.74
CA ALA N 177 67.45 -29.43 -21.89
C ALA N 177 68.26 -28.15 -21.85
N VAL N 178 68.41 -27.56 -20.67
CA VAL N 178 69.15 -26.32 -20.53
C VAL N 178 70.61 -26.53 -20.93
N LEU N 179 71.20 -27.64 -20.48
CA LEU N 179 72.61 -27.89 -20.81
C LEU N 179 72.78 -28.29 -22.27
N SER N 180 71.93 -29.17 -22.79
CA SER N 180 72.11 -29.68 -24.15
C SER N 180 71.84 -28.60 -25.19
N LEU N 181 70.81 -27.78 -24.97
CA LEU N 181 70.50 -26.65 -25.85
C LEU N 181 71.20 -25.37 -25.41
N ALA N 182 72.34 -25.49 -24.73
CA ALA N 182 73.07 -24.31 -24.27
C ALA N 182 73.78 -23.63 -25.43
N GLU N 183 73.12 -22.64 -26.03
CA GLU N 183 73.70 -21.87 -27.13
C GLU N 183 74.61 -20.81 -26.53
N ASP N 184 75.92 -21.05 -26.57
CA ASP N 184 76.90 -20.19 -25.91
C ASP N 184 77.03 -18.89 -26.70
N GLY N 185 76.10 -17.98 -26.45
CA GLY N 185 76.14 -16.66 -27.06
C GLY N 185 76.92 -15.67 -26.23
N GLY N 186 78.24 -15.88 -26.14
CA GLY N 186 79.08 -15.02 -25.34
C GLY N 186 78.78 -15.08 -23.85
N GLY N 187 78.59 -16.27 -23.31
CA GLY N 187 78.29 -16.46 -21.90
C GLY N 187 76.82 -16.47 -21.56
N LYS N 188 76.06 -15.54 -22.13
CA LYS N 188 74.61 -15.46 -21.89
C LYS N 188 73.93 -16.45 -22.81
N TYR N 189 73.58 -17.62 -22.27
CA TYR N 189 72.95 -18.66 -23.06
C TYR N 189 71.52 -18.25 -23.40
N ARG N 190 71.17 -18.34 -24.69
CA ARG N 190 69.85 -17.94 -25.17
C ARG N 190 68.88 -19.12 -25.05
N VAL N 191 68.59 -19.47 -23.79
CA VAL N 191 67.63 -20.54 -23.49
C VAL N 191 66.27 -19.86 -23.40
N ASP N 192 65.66 -19.65 -24.56
CA ASP N 192 64.35 -19.01 -24.63
C ASP N 192 63.24 -20.02 -24.34
N LEU N 193 62.08 -19.50 -23.96
CA LEU N 193 60.94 -20.35 -23.68
C LEU N 193 60.46 -21.09 -24.93
N ASP N 194 60.62 -20.47 -26.10
CA ASP N 194 60.20 -21.06 -27.37
C ASP N 194 61.32 -21.82 -28.06
N ASN N 195 62.28 -22.35 -27.31
CA ASN N 195 63.44 -23.05 -27.87
C ASN N 195 63.50 -24.54 -27.54
N ILE N 196 62.80 -24.99 -26.49
CA ILE N 196 62.90 -26.37 -26.02
C ILE N 196 61.68 -27.14 -26.50
N LYS N 197 61.89 -28.39 -26.90
CA LYS N 197 60.93 -29.14 -27.72
C LYS N 197 60.04 -29.98 -26.82
N ILE N 198 58.76 -29.61 -26.73
CA ILE N 198 57.73 -30.43 -26.10
C ILE N 198 56.48 -30.36 -26.98
N GLU N 199 55.65 -31.40 -26.90
CA GLU N 199 54.35 -31.46 -27.55
C GLU N 199 53.27 -31.66 -26.50
N LYS N 200 52.07 -31.17 -26.78
CA LYS N 200 50.92 -31.28 -25.89
C LYS N 200 50.02 -32.42 -26.36
N GLN N 201 49.57 -33.23 -25.40
CA GLN N 201 48.66 -34.33 -25.69
C GLN N 201 48.07 -34.84 -24.39
N THR N 202 46.79 -35.19 -24.42
CA THR N 202 46.12 -35.70 -23.24
C THR N 202 46.59 -37.10 -22.91
N GLY N 203 46.63 -37.42 -21.62
CA GLY N 203 47.03 -38.73 -21.17
C GLY N 203 48.54 -38.93 -21.24
N GLY N 204 48.93 -40.19 -21.22
CA GLY N 204 50.35 -40.52 -21.25
C GLY N 204 51.05 -40.03 -20.00
N GLY N 205 52.14 -39.30 -20.18
CA GLY N 205 52.89 -38.78 -19.06
C GLY N 205 53.80 -37.65 -19.51
N ALA N 206 54.58 -37.16 -18.55
CA ALA N 206 55.52 -36.07 -18.80
C ALA N 206 56.85 -36.55 -19.37
N SER N 207 57.01 -37.85 -19.61
CA SER N 207 58.26 -38.40 -20.13
C SER N 207 58.45 -38.18 -21.63
N ASP N 208 57.55 -37.43 -22.28
CA ASP N 208 57.71 -37.05 -23.68
C ASP N 208 58.28 -35.65 -23.85
N THR N 209 58.82 -35.05 -22.78
CA THR N 209 59.52 -33.77 -22.86
C THR N 209 60.97 -34.02 -23.24
N GLU N 210 61.15 -34.48 -24.48
CA GLU N 210 62.44 -34.84 -25.04
C GLU N 210 62.81 -33.88 -26.17
N LEU N 211 64.09 -33.91 -26.53
CA LEU N 211 64.63 -33.03 -27.56
C LEU N 211 64.34 -33.64 -28.93
N ILE N 212 63.23 -33.23 -29.53
CA ILE N 212 62.85 -33.64 -30.88
C ILE N 212 63.16 -32.46 -31.79
N GLU N 213 64.23 -32.57 -32.59
CA GLU N 213 64.83 -31.42 -33.25
C GLU N 213 63.93 -30.89 -34.36
N GLY N 214 62.80 -30.29 -33.98
CA GLY N 214 61.87 -29.74 -34.94
C GLY N 214 60.55 -29.44 -34.29
N VAL N 215 59.82 -28.50 -34.90
CA VAL N 215 58.53 -28.06 -34.39
C VAL N 215 57.48 -29.08 -34.82
N VAL N 216 56.83 -29.72 -33.85
CA VAL N 216 55.81 -30.74 -34.11
C VAL N 216 54.45 -30.05 -34.07
N LEU N 217 53.66 -30.26 -35.12
CA LEU N 217 52.34 -29.64 -35.26
C LEU N 217 51.25 -30.62 -34.83
N ASP N 218 50.21 -30.09 -34.20
CA ASP N 218 49.08 -30.88 -33.72
C ASP N 218 47.99 -30.95 -34.79
N LYS N 219 48.36 -31.52 -35.94
CA LYS N 219 47.44 -31.71 -37.05
C LYS N 219 47.75 -33.01 -37.76
N GLU N 220 46.70 -33.67 -38.25
CA GLU N 220 46.86 -34.93 -38.94
C GLU N 220 47.27 -34.70 -40.39
N PRO N 221 47.85 -35.71 -41.05
CA PRO N 221 48.03 -35.60 -42.50
C PRO N 221 46.68 -35.48 -43.20
N VAL N 222 46.62 -34.62 -44.22
CA VAL N 222 45.33 -34.33 -44.85
C VAL N 222 44.94 -35.44 -45.82
N HIS N 223 45.92 -36.16 -46.37
CA HIS N 223 45.68 -37.25 -47.30
C HIS N 223 46.46 -38.47 -46.83
N GLU N 224 45.82 -39.63 -46.89
CA GLU N 224 46.43 -40.86 -46.36
C GLU N 224 47.69 -41.22 -47.15
N ASP N 225 47.59 -41.30 -48.46
CA ASP N 225 48.73 -41.67 -49.31
C ASP N 225 49.78 -40.57 -49.43
N MET N 226 49.60 -39.43 -48.77
CA MET N 226 50.66 -38.44 -48.68
C MET N 226 51.87 -39.09 -48.01
N PRO N 227 53.11 -38.92 -48.55
CA PRO N 227 54.25 -39.65 -47.99
C PRO N 227 54.54 -39.25 -46.54
N LYS N 228 54.32 -40.19 -45.62
CA LYS N 228 54.53 -39.90 -44.21
C LYS N 228 56.01 -39.74 -43.89
N LYS N 229 56.87 -40.56 -44.52
CA LYS N 229 58.30 -40.54 -44.31
C LYS N 229 58.99 -39.86 -45.49
N LEU N 230 59.84 -38.88 -45.18
CA LEU N 230 60.60 -38.17 -46.22
C LEU N 230 61.92 -37.75 -45.59
N GLU N 231 62.97 -38.52 -45.83
CA GLU N 231 64.29 -38.20 -45.32
C GLU N 231 64.94 -37.14 -46.20
N ASN N 232 65.58 -36.15 -45.55
CA ASN N 232 66.20 -35.02 -46.25
C ASN N 232 65.19 -34.30 -47.13
N ALA N 233 63.96 -34.16 -46.61
CA ALA N 233 62.88 -33.56 -47.39
C ALA N 233 63.15 -32.08 -47.66
N LYS N 234 62.78 -31.65 -48.86
CA LYS N 234 62.88 -30.25 -49.24
C LYS N 234 61.66 -29.53 -48.66
N VAL N 235 61.85 -28.91 -47.50
CA VAL N 235 60.74 -28.33 -46.75
C VAL N 235 60.54 -26.89 -47.20
N ALA N 236 59.28 -26.54 -47.48
CA ALA N 236 58.87 -25.19 -47.83
C ALA N 236 57.88 -24.67 -46.80
N VAL N 237 57.77 -23.35 -46.72
CA VAL N 237 56.82 -22.68 -45.83
C VAL N 237 56.07 -21.65 -46.65
N LEU N 238 54.74 -21.76 -46.66
CA LEU N 238 53.86 -20.86 -47.39
C LEU N 238 52.80 -20.32 -46.45
N ASP N 239 52.13 -19.25 -46.91
CA ASP N 239 51.05 -18.63 -46.14
C ASP N 239 49.83 -18.27 -46.97
N ALA N 240 49.90 -18.26 -48.30
CA ALA N 240 48.75 -17.91 -49.12
C ALA N 240 47.71 -19.03 -49.06
N PRO N 241 46.43 -18.71 -49.27
CA PRO N 241 45.39 -19.74 -49.15
C PRO N 241 45.39 -20.65 -50.36
N ILE N 242 45.76 -21.91 -50.15
CA ILE N 242 45.83 -22.88 -51.24
C ILE N 242 44.44 -23.46 -51.51
N ILE N 253 31.96 -15.56 -61.74
CA ILE N 253 32.18 -16.21 -63.02
C ILE N 253 30.93 -16.04 -63.88
N SER N 254 31.13 -15.51 -65.09
CA SER N 254 30.04 -15.28 -66.04
C SER N 254 30.03 -16.41 -67.07
N ILE N 255 28.87 -17.03 -67.26
CA ILE N 255 28.70 -18.17 -68.15
C ILE N 255 27.88 -17.71 -69.34
N SER N 256 28.38 -17.99 -70.55
CA SER N 256 27.69 -17.67 -71.80
C SER N 256 27.34 -18.92 -72.59
N SER N 257 28.31 -19.78 -72.85
CA SER N 257 28.10 -21.05 -73.53
C SER N 257 27.99 -22.17 -72.51
N PRO N 258 27.53 -23.35 -72.93
CA PRO N 258 27.50 -24.49 -71.98
C PRO N 258 28.87 -24.88 -71.46
N GLU N 259 29.91 -24.72 -72.27
CA GLU N 259 31.26 -25.13 -71.92
C GLU N 259 32.11 -24.00 -71.36
N GLN N 260 31.55 -22.81 -71.14
CA GLN N 260 32.36 -21.73 -70.59
C GLN N 260 32.75 -21.99 -69.15
N PHE N 261 31.84 -22.59 -68.37
CA PHE N 261 32.20 -22.98 -67.00
C PHE N 261 33.28 -24.05 -67.00
N GLN N 262 33.18 -25.02 -67.92
CA GLN N 262 34.23 -26.03 -68.03
C GLN N 262 35.55 -25.41 -68.42
N ALA N 263 35.53 -24.41 -69.31
CA ALA N 263 36.75 -23.72 -69.69
C ALA N 263 37.33 -22.94 -68.51
N PHE N 264 36.47 -22.32 -67.70
CA PHE N 264 36.94 -21.64 -66.50
C PHE N 264 37.62 -22.63 -65.56
N LEU N 265 36.99 -23.77 -65.34
CA LEU N 265 37.59 -24.80 -64.48
C LEU N 265 38.91 -25.28 -65.07
N ASP N 266 38.96 -25.46 -66.39
CA ASP N 266 40.18 -25.93 -67.04
C ASP N 266 41.32 -24.95 -66.85
N GLN N 267 41.05 -23.65 -67.02
CA GLN N 267 42.12 -22.67 -66.86
C GLN N 267 42.52 -22.50 -65.40
N GLU N 268 41.58 -22.61 -64.45
CA GLU N 268 41.99 -22.59 -63.05
C GLU N 268 42.87 -23.78 -62.71
N GLU N 269 42.50 -24.98 -63.16
CA GLU N 269 43.39 -26.12 -62.95
C GLU N 269 44.70 -25.95 -63.68
N LYS N 270 44.71 -25.26 -64.82
CA LYS N 270 45.95 -25.10 -65.58
C LYS N 270 46.92 -24.15 -64.87
N GLN N 271 46.43 -23.02 -64.36
CA GLN N 271 47.31 -22.17 -63.57
C GLN N 271 47.67 -22.81 -62.23
N LEU N 272 46.79 -23.67 -61.71
CA LEU N 272 47.16 -24.44 -60.52
C LEU N 272 48.33 -25.38 -60.82
N ARG N 273 48.23 -26.10 -61.94
CA ARG N 273 49.33 -26.90 -62.44
C ARG N 273 50.57 -26.05 -62.59
N GLU N 274 50.43 -24.83 -63.10
CA GLU N 274 51.59 -23.99 -63.37
C GLU N 274 52.34 -23.63 -62.10
N MET N 275 51.64 -23.05 -61.10
CA MET N 275 52.44 -22.56 -59.97
C MET N 275 52.89 -23.72 -59.10
N VAL N 276 52.11 -24.81 -59.04
CA VAL N 276 52.62 -25.96 -58.30
C VAL N 276 53.77 -26.62 -59.06
N ASP N 277 53.80 -26.49 -60.39
CA ASP N 277 54.90 -27.07 -61.16
C ASP N 277 56.19 -26.29 -60.93
N LYS N 278 56.12 -24.97 -60.95
CA LYS N 278 57.33 -24.20 -60.63
C LYS N 278 57.71 -24.35 -59.17
N ILE N 279 56.76 -24.69 -58.29
CA ILE N 279 57.14 -25.09 -56.93
C ILE N 279 57.93 -26.39 -56.98
N VAL N 280 57.45 -27.37 -57.75
CA VAL N 280 58.13 -28.66 -57.83
C VAL N 280 59.50 -28.51 -58.47
N ASP N 281 59.66 -27.55 -59.38
CA ASP N 281 60.97 -27.29 -59.97
C ASP N 281 61.97 -26.88 -58.91
N THR N 282 61.53 -26.08 -57.92
CA THR N 282 62.36 -25.84 -56.75
C THR N 282 62.60 -27.13 -55.99
N GLY N 283 61.60 -28.00 -55.94
CA GLY N 283 61.70 -29.31 -55.31
C GLY N 283 60.93 -29.48 -54.02
N ALA N 284 60.13 -28.50 -53.62
CA ALA N 284 59.42 -28.57 -52.34
C ALA N 284 58.47 -29.77 -52.32
N ASN N 285 58.51 -30.52 -51.22
CA ASN N 285 57.62 -31.66 -51.01
C ASN N 285 56.97 -31.67 -49.63
N VAL N 286 57.36 -30.78 -48.72
CA VAL N 286 56.74 -30.65 -47.41
C VAL N 286 56.40 -29.19 -47.20
N VAL N 287 55.11 -28.92 -46.92
CA VAL N 287 54.60 -27.56 -46.77
C VAL N 287 53.76 -27.49 -45.50
N PHE N 288 53.85 -26.36 -44.80
CA PHE N 288 53.02 -26.05 -43.64
C PHE N 288 52.39 -24.68 -43.91
N CYS N 289 51.13 -24.67 -44.34
CA CYS N 289 50.47 -23.47 -44.80
C CYS N 289 49.70 -22.80 -43.66
N GLU N 290 49.66 -21.47 -43.71
CA GLU N 290 49.02 -20.69 -42.66
C GLU N 290 47.49 -20.74 -42.71
N LYS N 291 46.91 -20.94 -43.88
CA LYS N 291 45.47 -20.81 -44.09
C LYS N 291 44.87 -22.17 -44.43
N GLY N 292 43.56 -22.17 -44.70
CA GLY N 292 42.84 -23.40 -44.97
C GLY N 292 43.15 -23.99 -46.33
N ILE N 293 42.46 -25.08 -46.64
CA ILE N 293 42.62 -25.83 -47.88
C ILE N 293 41.24 -26.16 -48.43
N ASP N 294 41.23 -26.79 -49.60
CA ASP N 294 40.03 -27.35 -50.22
C ASP N 294 40.29 -28.82 -50.54
N ASP N 295 39.21 -29.56 -50.76
CA ASP N 295 39.36 -30.99 -51.02
C ASP N 295 40.16 -31.25 -52.29
N GLN N 296 39.76 -30.63 -53.40
CA GLN N 296 40.49 -30.82 -54.65
C GLN N 296 41.94 -30.35 -54.51
N VAL N 297 42.17 -29.34 -53.67
CA VAL N 297 43.53 -28.85 -53.45
C VAL N 297 44.38 -29.95 -52.81
N GLU N 298 43.88 -30.59 -51.76
CA GLU N 298 44.72 -31.60 -51.12
C GLU N 298 44.86 -32.84 -51.98
N HIS N 299 43.83 -33.16 -52.79
CA HIS N 299 43.99 -34.26 -53.74
C HIS N 299 45.08 -33.99 -54.77
N MET N 300 45.10 -32.80 -55.38
CA MET N 300 46.12 -32.58 -56.39
C MET N 300 47.47 -32.30 -55.77
N LEU N 301 47.51 -31.91 -54.48
CA LEU N 301 48.78 -31.82 -53.77
C LEU N 301 49.36 -33.20 -53.50
N ALA N 302 48.53 -34.11 -52.99
CA ALA N 302 48.97 -35.47 -52.70
C ALA N 302 49.12 -36.31 -53.96
N LYS N 303 48.64 -35.84 -55.11
CA LYS N 303 48.91 -36.53 -56.36
C LYS N 303 50.41 -36.62 -56.61
N LYS N 304 51.16 -35.57 -56.25
CA LYS N 304 52.61 -35.57 -56.31
C LYS N 304 53.27 -35.90 -54.98
N GLY N 305 52.51 -35.94 -53.88
CA GLY N 305 53.07 -36.31 -52.59
C GLY N 305 53.56 -35.12 -51.81
N ILE N 306 52.70 -34.12 -51.61
CA ILE N 306 53.05 -32.87 -50.96
C ILE N 306 52.31 -32.79 -49.62
N LEU N 307 53.06 -32.56 -48.55
CA LEU N 307 52.46 -32.37 -47.23
C LEU N 307 51.92 -30.95 -47.12
N ALA N 308 50.77 -30.81 -46.46
CA ALA N 308 50.14 -29.51 -46.27
C ALA N 308 49.37 -29.51 -44.96
N VAL N 309 49.80 -28.65 -44.03
CA VAL N 309 49.12 -28.43 -42.76
C VAL N 309 48.53 -27.03 -42.79
N ARG N 310 47.30 -26.90 -42.31
CA ARG N 310 46.51 -25.69 -42.44
C ARG N 310 46.26 -25.05 -41.09
N ARG N 311 45.81 -23.78 -41.15
CA ARG N 311 45.42 -23.01 -39.96
C ARG N 311 46.54 -22.94 -38.94
N VAL N 312 47.77 -22.81 -39.42
CA VAL N 312 48.92 -22.61 -38.56
C VAL N 312 48.97 -21.15 -38.14
N LYS N 313 49.07 -20.91 -36.83
CA LYS N 313 48.97 -19.56 -36.30
C LYS N 313 50.13 -18.70 -36.80
N LYS N 314 50.08 -17.40 -36.50
CA LYS N 314 51.17 -16.52 -36.89
C LYS N 314 52.46 -16.89 -36.15
N ASP N 315 52.36 -17.06 -34.83
CA ASP N 315 53.55 -17.33 -34.03
C ASP N 315 54.17 -18.67 -34.38
N ASP N 316 53.37 -19.73 -34.44
CA ASP N 316 53.94 -21.05 -34.74
C ASP N 316 54.36 -21.17 -36.20
N LEU N 317 53.70 -20.44 -37.11
CA LEU N 317 54.20 -20.40 -38.48
C LEU N 317 55.56 -19.72 -38.56
N GLU N 318 55.74 -18.61 -37.84
CA GLU N 318 57.06 -17.97 -37.80
C GLU N 318 58.08 -18.90 -37.18
N LYS N 319 57.70 -19.63 -36.14
CA LYS N 319 58.59 -20.60 -35.52
C LYS N 319 59.00 -21.68 -36.51
N ILE N 320 58.04 -22.18 -37.29
CA ILE N 320 58.34 -23.20 -38.29
C ILE N 320 59.26 -22.64 -39.36
N ALA N 321 59.03 -21.38 -39.76
CA ALA N 321 59.90 -20.76 -40.76
C ALA N 321 61.33 -20.64 -40.23
N LYS N 322 61.49 -20.26 -38.97
CA LYS N 322 62.82 -20.19 -38.38
C LYS N 322 63.46 -21.57 -38.29
N ALA N 323 62.69 -22.58 -37.88
CA ALA N 323 63.25 -23.91 -37.65
C ALA N 323 63.64 -24.58 -38.96
N THR N 324 62.73 -24.57 -39.94
CA THR N 324 62.94 -25.31 -41.17
C THR N 324 63.92 -24.62 -42.11
N GLY N 325 64.08 -23.30 -41.99
CA GLY N 325 64.93 -22.54 -42.86
C GLY N 325 64.27 -22.03 -44.12
N ALA N 326 63.04 -22.45 -44.41
CA ALA N 326 62.30 -21.96 -45.55
C ALA N 326 61.63 -20.64 -45.18
N ARG N 327 62.12 -19.53 -45.76
CA ARG N 327 61.53 -18.23 -45.47
C ARG N 327 60.09 -18.19 -45.94
N VAL N 328 59.25 -17.47 -45.19
CA VAL N 328 57.85 -17.34 -45.56
C VAL N 328 57.75 -16.52 -46.83
N VAL N 329 57.06 -17.06 -47.84
CA VAL N 329 57.01 -16.48 -49.17
C VAL N 329 55.54 -16.13 -49.44
N SER N 330 55.18 -14.87 -49.17
CA SER N 330 53.83 -14.42 -49.48
C SER N 330 53.60 -14.41 -50.99
N ASN N 331 54.56 -13.87 -51.75
CA ASN N 331 54.51 -13.86 -53.21
C ASN N 331 55.24 -15.09 -53.70
N ILE N 332 54.50 -16.18 -53.90
CA ILE N 332 55.10 -17.48 -54.17
C ILE N 332 55.70 -17.55 -55.57
N ASP N 333 55.34 -16.61 -56.46
CA ASP N 333 55.87 -16.64 -57.82
C ASP N 333 57.39 -16.50 -57.85
N GLU N 334 57.98 -15.86 -56.84
CA GLU N 334 59.42 -15.67 -56.76
C GLU N 334 60.14 -16.79 -56.00
N LEU N 335 59.43 -17.84 -55.61
CA LEU N 335 60.08 -18.95 -54.91
C LEU N 335 61.12 -19.60 -55.81
N THR N 336 62.29 -19.88 -55.24
CA THR N 336 63.44 -20.44 -55.93
C THR N 336 63.97 -21.63 -55.14
N PRO N 337 64.84 -22.44 -55.75
CA PRO N 337 65.48 -23.51 -54.97
C PRO N 337 66.29 -22.99 -53.79
N GLU N 338 66.87 -21.80 -53.92
CA GLU N 338 67.62 -21.20 -52.81
C GLU N 338 66.70 -20.88 -51.63
N ASP N 339 65.42 -20.60 -51.90
CA ASP N 339 64.49 -20.23 -50.85
C ASP N 339 63.98 -21.42 -50.03
N LEU N 340 64.22 -22.65 -50.48
CA LEU N 340 63.69 -23.82 -49.82
C LEU N 340 64.56 -24.21 -48.63
N GLY N 341 63.90 -24.76 -47.60
CA GLY N 341 64.58 -25.32 -46.45
C GLY N 341 64.75 -26.82 -46.58
N HIS N 342 65.38 -27.41 -45.56
CA HIS N 342 65.62 -28.84 -45.51
C HIS N 342 65.39 -29.34 -44.09
N ALA N 343 64.91 -30.58 -44.00
CA ALA N 343 64.69 -31.25 -42.72
C ALA N 343 65.22 -32.67 -42.81
N GLY N 344 65.85 -33.13 -41.73
CA GLY N 344 66.40 -34.47 -41.73
C GLY N 344 65.35 -35.56 -41.86
N LEU N 345 64.18 -35.34 -41.26
CA LEU N 345 63.12 -36.33 -41.29
C LEU N 345 61.78 -35.66 -41.03
N VAL N 346 60.72 -36.25 -41.59
CA VAL N 346 59.34 -35.94 -41.24
C VAL N 346 58.61 -37.26 -41.14
N GLU N 347 57.84 -37.45 -40.07
CA GLU N 347 57.20 -38.73 -39.80
C GLU N 347 55.88 -38.53 -39.10
N GLN N 348 54.90 -39.36 -39.47
CA GLN N 348 53.61 -39.44 -38.79
C GLN N 348 53.66 -40.63 -37.84
N ARG N 349 53.63 -40.35 -36.54
CA ARG N 349 53.64 -41.36 -35.50
C ARG N 349 52.33 -41.32 -34.74
N LYS N 350 51.71 -42.48 -34.55
CA LYS N 350 50.44 -42.58 -33.84
C LYS N 350 50.69 -42.72 -32.34
N LYS N 351 51.34 -41.71 -31.77
CA LYS N 351 51.59 -41.67 -30.34
C LYS N 351 50.34 -41.23 -29.61
N GLY N 352 49.97 -41.97 -28.56
CA GLY N 352 48.75 -41.65 -27.84
C GLY N 352 47.52 -41.88 -28.70
N GLU N 353 46.50 -41.06 -28.47
CA GLU N 353 45.23 -41.18 -29.19
C GLU N 353 45.23 -40.35 -30.48
N ASP N 354 45.51 -39.05 -30.36
CA ASP N 354 45.47 -38.17 -31.53
C ASP N 354 46.61 -38.49 -32.48
N ARG N 355 46.38 -38.19 -33.77
CA ARG N 355 47.37 -38.41 -34.81
C ARG N 355 48.12 -37.10 -35.08
N MET N 356 49.44 -37.20 -35.20
CA MET N 356 50.29 -36.03 -35.38
C MET N 356 51.37 -36.33 -36.40
N VAL N 357 51.91 -35.26 -36.99
CA VAL N 357 53.10 -35.32 -37.83
C VAL N 357 54.28 -34.91 -36.96
N PHE N 358 55.00 -35.90 -36.44
CA PHE N 358 56.14 -35.66 -35.55
C PHE N 358 57.32 -35.20 -36.40
N VAL N 359 57.36 -33.90 -36.67
CA VAL N 359 58.45 -33.34 -37.47
C VAL N 359 59.71 -33.31 -36.63
N SER N 360 60.81 -33.81 -37.18
CA SER N 360 62.05 -33.95 -36.45
C SER N 360 63.23 -33.89 -37.41
N GLY N 361 64.13 -32.93 -37.20
CA GLY N 361 65.27 -32.72 -38.06
C GLY N 361 65.40 -31.33 -38.62
N CYS N 362 64.82 -30.34 -37.92
CA CYS N 362 64.98 -28.94 -38.28
C CYS N 362 66.31 -28.45 -37.71
N LYS N 363 67.32 -28.28 -38.58
CA LYS N 363 68.71 -28.22 -38.17
C LYS N 363 69.28 -26.81 -38.06
N ASN N 364 68.50 -25.76 -38.38
CA ASN N 364 69.07 -24.42 -38.40
C ASN N 364 69.12 -23.80 -37.00
N GLU N 365 67.98 -23.68 -36.34
CA GLU N 365 67.88 -23.04 -35.03
C GLU N 365 67.04 -23.89 -34.09
N PRO N 366 67.26 -23.79 -32.75
CA PRO N 366 66.36 -24.44 -31.79
C PRO N 366 65.13 -23.58 -31.55
N VAL N 367 63.98 -24.04 -32.06
CA VAL N 367 62.73 -23.29 -32.00
C VAL N 367 61.61 -24.27 -31.67
N ALA N 368 60.67 -23.84 -30.83
CA ALA N 368 59.61 -24.73 -30.37
C ALA N 368 58.46 -23.89 -29.80
N THR N 369 57.44 -24.60 -29.32
CA THR N 369 56.23 -24.02 -28.74
C THR N 369 56.04 -24.58 -27.34
N ILE N 370 55.34 -23.80 -26.51
CA ILE N 370 55.11 -24.19 -25.10
C ILE N 370 53.83 -25.03 -25.10
N LEU N 371 53.99 -26.32 -25.39
CA LEU N 371 52.89 -27.28 -25.43
C LEU N 371 53.38 -28.57 -24.78
N ILE N 372 52.71 -28.98 -23.70
CA ILE N 372 53.23 -30.01 -22.81
C ILE N 372 52.12 -30.96 -22.40
N ARG N 373 52.48 -32.24 -22.25
CA ARG N 373 51.55 -33.31 -21.95
C ARG N 373 51.23 -33.37 -20.45
N ALA N 374 50.08 -33.98 -20.15
CA ALA N 374 49.71 -34.38 -18.79
C ALA N 374 48.49 -35.30 -18.91
N ALA N 375 47.87 -35.60 -17.77
CA ALA N 375 46.72 -36.51 -17.76
C ALA N 375 45.46 -35.82 -18.26
N THR N 376 45.02 -34.78 -17.57
CA THR N 376 43.80 -34.04 -17.91
C THR N 376 44.14 -32.60 -18.25
N GLU N 377 43.13 -31.88 -18.76
CA GLU N 377 43.35 -30.53 -19.28
C GLU N 377 43.84 -29.58 -18.19
N HIS N 378 43.24 -29.66 -17.00
CA HIS N 378 43.70 -28.82 -15.89
C HIS N 378 45.16 -29.12 -15.57
N VAL N 379 45.51 -30.40 -15.50
CA VAL N 379 46.89 -30.78 -15.22
C VAL N 379 47.79 -30.42 -16.40
N VAL N 380 47.27 -30.49 -17.63
CA VAL N 380 48.06 -30.09 -18.79
C VAL N 380 48.47 -28.63 -18.67
N GLU N 381 47.50 -27.75 -18.39
CA GLU N 381 47.81 -26.33 -18.26
C GLU N 381 48.73 -26.09 -17.06
N GLU N 382 48.51 -26.81 -15.96
CA GLU N 382 49.34 -26.64 -14.78
C GLU N 382 50.80 -26.95 -15.08
N LEU N 383 51.06 -28.12 -15.65
CA LEU N 383 52.43 -28.48 -15.99
C LEU N 383 53.02 -27.59 -17.08
N GLU N 384 52.19 -27.04 -17.98
CA GLU N 384 52.72 -26.10 -18.96
C GLU N 384 53.25 -24.85 -18.27
N ARG N 385 52.43 -24.25 -17.40
CA ARG N 385 52.89 -23.07 -16.67
C ARG N 385 54.10 -23.40 -15.82
N ALA N 386 54.11 -24.60 -15.22
CA ALA N 386 55.18 -24.95 -14.29
C ALA N 386 56.50 -25.14 -15.03
N ILE N 387 56.49 -25.80 -16.18
CA ILE N 387 57.72 -25.98 -16.93
C ILE N 387 58.22 -24.64 -17.44
N ASP N 388 57.29 -23.75 -17.86
CA ASP N 388 57.71 -22.42 -18.31
C ASP N 388 58.42 -21.70 -17.17
N ASP N 389 57.86 -21.75 -15.96
CA ASP N 389 58.48 -21.09 -14.82
C ASP N 389 59.83 -21.73 -14.51
N ALA N 390 59.94 -23.04 -14.70
CA ALA N 390 61.19 -23.73 -14.41
C ALA N 390 62.32 -23.24 -15.32
N LEU N 391 62.07 -23.21 -16.63
CA LEU N 391 63.09 -22.66 -17.53
C LEU N 391 63.35 -21.19 -17.26
N ASN N 392 62.32 -20.42 -16.89
CA ASN N 392 62.57 -19.02 -16.56
C ASN N 392 63.54 -18.90 -15.39
N ALA N 393 63.33 -19.69 -14.34
CA ALA N 393 64.18 -19.57 -13.16
C ALA N 393 65.59 -20.06 -13.44
N VAL N 394 65.74 -21.18 -14.16
CA VAL N 394 67.10 -21.67 -14.42
C VAL N 394 67.83 -20.72 -15.35
N LYS N 395 67.12 -20.11 -16.31
CA LYS N 395 67.73 -19.10 -17.16
C LYS N 395 68.20 -17.91 -16.34
N ALA N 396 67.37 -17.45 -15.41
CA ALA N 396 67.77 -16.32 -14.57
C ALA N 396 68.97 -16.67 -13.71
N ALA N 397 69.00 -17.89 -13.16
CA ALA N 397 70.13 -18.30 -12.34
C ALA N 397 71.41 -18.35 -13.16
N ILE N 398 71.34 -18.91 -14.37
CA ILE N 398 72.53 -18.98 -15.21
C ILE N 398 73.01 -17.58 -15.59
N LYS N 399 72.07 -16.69 -15.94
CA LYS N 399 72.43 -15.34 -16.33
C LYS N 399 73.07 -14.59 -15.16
N ASP N 400 72.31 -14.36 -14.10
CA ASP N 400 72.80 -13.54 -13.00
C ASP N 400 73.86 -14.27 -12.17
N GLY N 401 73.70 -15.58 -12.00
CA GLY N 401 74.65 -16.34 -11.21
C GLY N 401 74.67 -15.94 -9.75
N LYS N 402 73.53 -15.53 -9.20
CA LYS N 402 73.41 -15.24 -7.77
C LYS N 402 72.11 -15.85 -7.29
N VAL N 403 72.21 -16.69 -6.25
CA VAL N 403 71.09 -17.46 -5.73
C VAL N 403 70.97 -17.18 -4.24
N VAL N 404 69.74 -16.92 -3.79
CA VAL N 404 69.44 -16.57 -2.41
C VAL N 404 68.64 -17.71 -1.80
N PRO N 405 68.82 -18.04 -0.50
CA PRO N 405 67.94 -19.05 0.09
C PRO N 405 66.49 -18.63 0.06
N GLY N 406 65.62 -19.56 -0.29
CA GLY N 406 64.19 -19.32 -0.35
C GLY N 406 63.49 -19.71 0.93
N GLY N 407 62.22 -20.07 0.81
CA GLY N 407 61.46 -20.54 1.95
C GLY N 407 61.29 -19.50 3.04
N GLY N 408 61.30 -18.22 2.68
CA GLY N 408 61.19 -17.16 3.65
C GLY N 408 62.49 -16.79 4.33
N ALA N 409 63.58 -17.50 4.06
CA ALA N 409 64.84 -17.22 4.74
C ALA N 409 65.39 -15.87 4.33
N ALA N 410 65.36 -15.57 3.04
CA ALA N 410 65.86 -14.28 2.57
C ALA N 410 65.03 -13.15 3.16
N GLU N 411 63.72 -13.33 3.22
CA GLU N 411 62.86 -12.28 3.78
C GLU N 411 63.19 -12.03 5.25
N VAL N 412 63.40 -13.09 6.04
CA VAL N 412 63.70 -12.90 7.45
C VAL N 412 65.06 -12.23 7.62
N ALA N 413 66.05 -12.65 6.82
CA ALA N 413 67.38 -12.04 6.94
C ALA N 413 67.33 -10.56 6.59
N VAL N 414 66.64 -10.22 5.51
CA VAL N 414 66.54 -8.82 5.10
C VAL N 414 65.80 -8.03 6.15
N ALA N 415 64.76 -8.62 6.74
CA ALA N 415 64.02 -7.94 7.80
C ALA N 415 64.91 -7.68 9.01
N ARG N 416 65.74 -8.65 9.38
CA ARG N 416 66.62 -8.46 10.53
C ARG N 416 67.60 -7.32 10.29
N LYS N 417 68.24 -7.30 9.13
CA LYS N 417 69.23 -6.25 8.92
C LYS N 417 68.54 -4.90 8.71
N LEU N 418 67.29 -4.91 8.21
CA LEU N 418 66.51 -3.68 8.18
C LEU N 418 66.22 -3.17 9.58
N ARG N 419 65.92 -4.07 10.51
CA ARG N 419 65.72 -3.65 11.89
C ARG N 419 67.01 -3.09 12.48
N GLU N 420 68.15 -3.65 12.08
CA GLU N 420 69.43 -3.07 12.49
C GLU N 420 69.56 -1.64 11.96
N TYR N 421 69.19 -1.43 10.69
CA TYR N 421 69.17 -0.08 10.14
C TYR N 421 68.24 0.82 10.94
N ALA N 422 67.07 0.30 11.33
CA ALA N 422 66.13 1.08 12.13
C ALA N 422 66.77 1.50 13.45
N LYS N 423 67.49 0.59 14.09
CA LYS N 423 68.23 0.94 15.29
C LYS N 423 69.28 2.00 14.99
N SER N 424 69.87 1.98 13.80
CA SER N 424 70.81 3.02 13.42
C SER N 424 70.11 4.36 13.22
N LEU N 425 69.01 4.38 12.49
CA LEU N 425 68.31 5.61 12.15
C LEU N 425 67.45 6.07 13.32
N SER N 426 67.20 7.38 13.35
CA SER N 426 66.31 8.00 14.32
C SER N 426 65.34 8.93 13.60
N GLY N 427 64.16 9.07 14.17
CA GLY N 427 63.10 9.89 13.62
C GLY N 427 61.85 9.06 13.36
N LYS N 428 60.89 9.70 12.71
CA LYS N 428 59.64 9.03 12.34
C LYS N 428 59.78 8.19 11.07
N GLU N 429 60.94 8.23 10.42
CA GLU N 429 61.25 7.27 9.37
C GLU N 429 61.59 5.90 9.92
N GLN N 430 62.02 5.82 11.19
CA GLN N 430 62.27 4.53 11.81
C GLN N 430 60.99 3.71 11.87
N LEU N 431 59.86 4.36 12.16
CA LEU N 431 58.59 3.66 12.18
C LEU N 431 58.26 3.07 10.81
N ALA N 432 58.51 3.85 9.75
CA ALA N 432 58.24 3.35 8.40
C ALA N 432 59.16 2.19 8.05
N ILE N 433 60.42 2.25 8.47
CA ILE N 433 61.34 1.16 8.17
C ILE N 433 60.93 -0.10 8.93
N GLU N 434 60.49 0.05 10.18
CA GLU N 434 59.99 -1.09 10.94
C GLU N 434 58.74 -1.66 10.26
N ALA N 435 57.88 -0.79 9.74
CA ALA N 435 56.73 -1.23 8.98
C ALA N 435 57.16 -2.07 7.77
N PHE N 436 58.18 -1.61 7.05
CA PHE N 436 58.68 -2.36 5.91
C PHE N 436 59.21 -3.71 6.34
N ALA N 437 59.91 -3.75 7.48
CA ALA N 437 60.46 -5.02 7.97
C ALA N 437 59.35 -6.00 8.30
N ASP N 438 58.29 -5.54 8.96
CA ASP N 438 57.20 -6.45 9.31
C ASP N 438 56.47 -6.90 8.05
N ALA N 439 56.26 -5.99 7.10
CA ALA N 439 55.62 -6.37 5.85
C ALA N 439 56.45 -7.38 5.09
N LEU N 440 57.78 -7.31 5.23
CA LEU N 440 58.64 -8.29 4.59
C LEU N 440 58.59 -9.63 5.32
N GLU N 441 58.43 -9.59 6.64
CA GLU N 441 58.27 -10.82 7.40
C GLU N 441 56.93 -11.50 7.13
N GLU N 442 55.95 -10.76 6.62
CA GLU N 442 54.64 -11.36 6.35
C GLU N 442 54.73 -12.49 5.33
N ILE N 443 55.71 -12.47 4.42
CA ILE N 443 55.84 -13.55 3.46
C ILE N 443 56.14 -14.89 4.14
N PRO N 444 57.13 -15.01 5.02
CA PRO N 444 57.30 -16.29 5.74
C PRO N 444 56.09 -16.70 6.54
N ARG N 445 55.36 -15.74 7.11
CA ARG N 445 54.14 -16.08 7.84
C ARG N 445 53.13 -16.74 6.92
N THR N 446 52.92 -16.17 5.72
CA THR N 446 52.02 -16.77 4.76
C THR N 446 52.50 -18.15 4.34
N LEU N 447 53.81 -18.28 4.07
CA LEU N 447 54.34 -19.55 3.62
C LEU N 447 54.18 -20.64 4.67
N ALA N 448 54.27 -20.27 5.95
CA ALA N 448 54.03 -21.22 7.01
C ALA N 448 52.55 -21.54 7.15
N GLU N 449 51.69 -20.53 7.00
CA GLU N 449 50.26 -20.75 7.13
C GLU N 449 49.74 -21.70 6.07
N ASN N 450 50.18 -21.53 4.83
CA ASN N 450 49.80 -22.46 3.78
C ASN N 450 50.39 -23.85 3.99
N ALA N 451 51.51 -23.94 4.73
CA ALA N 451 52.13 -25.23 5.00
C ALA N 451 51.45 -25.99 6.13
N GLY N 452 50.57 -25.34 6.89
CA GLY N 452 49.87 -25.97 7.99
C GLY N 452 50.44 -25.65 9.36
N LEU N 453 51.68 -25.18 9.43
CA LEU N 453 52.26 -24.82 10.71
C LEU N 453 51.60 -23.56 11.26
N ASP N 454 51.68 -23.38 12.56
CA ASP N 454 51.17 -22.17 13.17
C ASP N 454 52.07 -20.99 12.78
N PRO N 455 51.50 -19.84 12.40
CA PRO N 455 52.36 -18.81 11.82
C PRO N 455 53.25 -18.11 12.84
N ILE N 456 52.70 -17.76 14.01
CA ILE N 456 53.46 -16.97 14.97
C ILE N 456 54.62 -17.78 15.53
N ASP N 457 54.36 -19.04 15.88
CA ASP N 457 55.39 -19.86 16.51
C ASP N 457 56.57 -20.07 15.57
N THR N 458 56.29 -20.43 14.31
CA THR N 458 57.39 -20.67 13.38
C THR N 458 58.06 -19.37 12.95
N LEU N 459 57.32 -18.26 12.90
CA LEU N 459 57.96 -16.99 12.64
C LEU N 459 58.92 -16.62 13.76
N VAL N 460 58.51 -16.84 15.01
CA VAL N 460 59.39 -16.57 16.15
C VAL N 460 60.60 -17.50 16.11
N GLN N 461 60.39 -18.76 15.74
CA GLN N 461 61.51 -19.69 15.63
C GLN N 461 62.49 -19.24 14.56
N LEU N 462 61.97 -18.78 13.42
CA LEU N 462 62.85 -18.29 12.35
C LEU N 462 63.64 -17.07 12.81
N ARG N 463 62.97 -16.14 13.50
CA ARG N 463 63.67 -14.95 13.99
C ARG N 463 64.75 -15.33 14.99
N ALA N 464 64.44 -16.24 15.91
CA ALA N 464 65.43 -16.69 16.89
C ALA N 464 66.60 -17.37 16.20
N ALA N 465 66.33 -18.20 15.20
CA ALA N 465 67.39 -18.86 14.47
C ALA N 465 68.30 -17.85 13.80
N HIS N 466 67.72 -16.91 13.04
CA HIS N 466 68.52 -15.89 12.37
C HIS N 466 69.27 -15.01 13.35
N GLU N 467 68.78 -14.89 14.59
CA GLU N 467 69.54 -14.17 15.61
C GLU N 467 70.78 -14.93 16.06
N GLU N 468 70.85 -16.23 15.77
CA GLU N 468 72.03 -17.03 16.13
C GLU N 468 73.16 -16.93 15.10
N GLY N 469 72.96 -16.21 14.00
CA GLY N 469 73.99 -15.97 13.02
C GLY N 469 73.84 -16.74 11.72
N ASP N 470 73.19 -17.90 11.76
CA ASP N 470 72.96 -18.65 10.53
C ASP N 470 71.92 -17.93 9.67
N LYS N 471 71.98 -18.18 8.36
CA LYS N 471 71.22 -17.42 7.37
C LYS N 471 70.41 -18.28 6.42
N ASN N 472 70.48 -19.60 6.51
CA ASN N 472 69.79 -20.51 5.60
C ASN N 472 68.58 -21.20 6.22
N ILE N 473 68.30 -20.97 7.50
CA ILE N 473 67.13 -21.62 8.12
C ILE N 473 65.87 -20.96 7.60
N GLY N 474 64.98 -21.75 7.01
CA GLY N 474 63.75 -21.29 6.44
C GLY N 474 62.58 -22.18 6.83
N ILE N 475 61.63 -22.30 5.90
CA ILE N 475 60.48 -23.17 6.05
C ILE N 475 60.41 -24.06 4.81
N ASP N 476 60.31 -25.37 5.03
CA ASP N 476 60.17 -26.36 3.97
C ASP N 476 58.76 -26.93 4.15
N CYS N 477 57.87 -26.60 3.23
CA CYS N 477 56.48 -27.05 3.34
C CYS N 477 56.27 -28.47 2.84
N LEU N 478 57.23 -29.04 2.09
CA LEU N 478 57.14 -30.45 1.76
C LEU N 478 57.30 -31.31 3.01
N THR N 479 58.34 -31.04 3.80
CA THR N 479 58.54 -31.75 5.06
C THR N 479 57.70 -31.18 6.19
N GLY N 480 57.18 -29.97 6.04
CA GLY N 480 56.34 -29.38 7.08
C GLY N 480 57.07 -29.11 8.37
N GLU N 481 58.31 -28.61 8.28
CA GLU N 481 59.10 -28.25 9.45
C GLU N 481 59.92 -27.02 9.10
N VAL N 482 60.80 -26.63 10.03
CA VAL N 482 61.79 -25.59 9.81
C VAL N 482 63.15 -26.26 9.77
N ALA N 483 63.91 -25.99 8.71
CA ALA N 483 65.20 -26.64 8.52
C ALA N 483 66.06 -25.75 7.64
N ASP N 484 67.32 -26.14 7.50
CA ASP N 484 68.23 -25.42 6.62
C ASP N 484 67.78 -25.59 5.18
N MET N 485 67.59 -24.47 4.47
CA MET N 485 67.10 -24.54 3.11
C MET N 485 68.17 -25.04 2.15
N LEU N 486 69.44 -24.72 2.41
CA LEU N 486 70.49 -25.13 1.49
C LEU N 486 70.64 -26.64 1.45
N GLU N 487 70.52 -27.30 2.59
CA GLU N 487 70.55 -28.75 2.62
C GLU N 487 69.27 -29.38 2.07
N ALA N 488 68.16 -28.64 2.10
CA ALA N 488 66.88 -29.14 1.61
C ALA N 488 66.64 -28.84 0.14
N GLY N 489 67.57 -28.16 -0.53
CA GLY N 489 67.36 -27.83 -1.93
C GLY N 489 66.20 -26.90 -2.19
N VAL N 490 66.07 -25.87 -1.36
CA VAL N 490 65.02 -24.85 -1.50
C VAL N 490 65.74 -23.52 -1.65
N ILE N 491 66.04 -23.14 -2.90
CA ILE N 491 66.83 -21.96 -3.22
C ILE N 491 66.27 -21.32 -4.47
N ASP N 492 66.10 -19.98 -4.47
CA ASP N 492 65.50 -19.24 -5.61
C ASP N 492 66.48 -18.21 -6.14
N PRO N 493 66.38 -17.77 -7.38
CA PRO N 493 67.27 -16.75 -7.94
C PRO N 493 67.20 -15.46 -7.16
N ALA N 494 68.35 -14.81 -7.01
CA ALA N 494 68.38 -13.52 -6.32
C ALA N 494 67.60 -12.47 -7.08
N ALA N 495 67.68 -12.50 -8.41
CA ALA N 495 67.00 -11.48 -9.21
C ALA N 495 65.49 -11.54 -9.04
N VAL N 496 64.93 -12.74 -8.92
CA VAL N 496 63.49 -12.88 -8.76
C VAL N 496 63.03 -12.19 -7.49
N LYS N 497 63.72 -12.44 -6.37
CA LYS N 497 63.34 -11.82 -5.11
C LYS N 497 63.59 -10.32 -5.14
N LYS N 498 64.68 -9.90 -5.81
CA LYS N 498 64.96 -8.47 -5.94
C LYS N 498 63.81 -7.75 -6.65
N GLN N 499 63.37 -8.29 -7.79
CA GLN N 499 62.24 -7.66 -8.47
C GLN N 499 60.94 -7.82 -7.71
N ALA N 500 60.80 -8.89 -6.91
CA ALA N 500 59.62 -9.01 -6.08
C ALA N 500 59.53 -7.83 -5.12
N ILE N 501 60.64 -7.54 -4.45
CA ILE N 501 60.68 -6.40 -3.52
C ILE N 501 60.44 -5.10 -4.27
N LYS N 502 61.08 -4.94 -5.44
CA LYS N 502 60.89 -3.71 -6.22
C LYS N 502 59.44 -3.51 -6.62
N SER N 503 58.82 -4.52 -7.22
CA SER N 503 57.46 -4.38 -7.70
C SER N 503 56.49 -4.14 -6.56
N ALA N 504 56.71 -4.83 -5.43
CA ALA N 504 55.88 -4.57 -4.26
C ALA N 504 56.03 -3.13 -3.80
N THR N 505 57.25 -2.60 -3.82
CA THR N 505 57.49 -1.23 -3.40
C THR N 505 56.76 -0.24 -4.29
N GLU N 506 56.92 -0.38 -5.61
CA GLU N 506 56.25 0.54 -6.52
C GLU N 506 54.74 0.42 -6.39
N ALA N 507 54.24 -0.81 -6.20
CA ALA N 507 52.80 -0.99 -6.06
C ALA N 507 52.28 -0.26 -4.84
N ALA N 508 52.90 -0.49 -3.68
CA ALA N 508 52.46 0.15 -2.45
C ALA N 508 52.59 1.66 -2.55
N THR N 509 53.71 2.13 -3.11
CA THR N 509 53.95 3.58 -3.19
C THR N 509 52.89 4.26 -4.06
N MET N 510 52.71 3.77 -5.28
CA MET N 510 51.81 4.45 -6.20
C MET N 510 50.34 4.19 -5.88
N ILE N 511 50.03 3.18 -5.05
CA ILE N 511 48.67 3.05 -4.53
C ILE N 511 48.46 4.01 -3.36
N LEU N 512 49.52 4.27 -2.58
CA LEU N 512 49.40 5.24 -1.50
C LEU N 512 49.31 6.66 -2.02
N ARG N 513 49.93 6.94 -3.16
CA ARG N 513 49.99 8.31 -3.66
C ARG N 513 48.64 8.83 -4.18
N ILE N 514 47.63 7.96 -4.29
CA ILE N 514 46.33 8.38 -4.81
C ILE N 514 45.50 8.93 -3.66
N ASP N 515 44.59 9.86 -3.97
CA ASP N 515 43.68 10.43 -2.99
C ASP N 515 42.22 10.08 -3.22
N ASP N 516 41.66 10.39 -4.40
CA ASP N 516 40.27 10.02 -4.63
C ASP N 516 39.94 9.80 -6.10
N ILE N 517 38.78 9.19 -6.29
CA ILE N 517 38.28 8.75 -7.60
C ILE N 517 37.47 9.91 -8.19
N ILE N 518 37.73 10.24 -9.44
CA ILE N 518 36.96 11.26 -10.17
C ILE N 518 36.53 10.68 -11.51
N PRO N 519 35.41 11.11 -12.10
CA PRO N 519 35.04 10.60 -13.43
C PRO N 519 35.82 11.33 -14.51
N ALA N 520 36.51 10.56 -15.35
CA ALA N 520 37.33 11.12 -16.42
C ALA N 520 36.56 11.08 -17.74
N LYS N 521 36.68 12.15 -18.52
CA LYS N 521 36.02 12.22 -19.82
C LYS N 521 36.54 11.09 -20.70
N ALA N 522 35.62 10.35 -21.30
CA ALA N 522 36.02 9.25 -22.17
C ALA N 522 36.52 9.81 -23.50
N PRO N 523 37.59 9.24 -24.09
CA PRO N 523 38.02 9.74 -25.40
C PRO N 523 37.03 9.36 -26.48
N THR N 524 36.53 10.36 -27.20
CA THR N 524 35.55 10.13 -28.26
C THR N 524 36.23 9.53 -29.49
N ASP O 19 21.03 31.09 -4.20
CA ASP O 19 22.38 31.72 -4.22
C ASP O 19 23.26 31.04 -5.26
N ALA O 20 23.01 31.36 -6.54
CA ALA O 20 23.76 30.75 -7.62
C ALA O 20 25.21 31.20 -7.61
N ARG O 21 25.50 32.41 -7.12
CA ARG O 21 26.89 32.79 -6.92
C ARG O 21 27.56 31.87 -5.91
N LYS O 22 26.85 31.53 -4.83
CA LYS O 22 27.39 30.58 -3.86
C LYS O 22 27.58 29.20 -4.50
N ASN O 23 26.66 28.79 -5.37
CA ASN O 23 26.81 27.52 -6.06
C ASN O 23 28.04 27.49 -6.95
N ASN O 24 28.26 28.56 -7.72
CA ASN O 24 29.44 28.63 -8.57
C ASN O 24 30.72 28.66 -7.73
N ILE O 25 30.70 29.39 -6.62
CA ILE O 25 31.86 29.44 -5.74
C ILE O 25 32.13 28.05 -5.17
N ALA O 26 31.07 27.31 -4.84
CA ALA O 26 31.25 25.96 -4.32
C ALA O 26 31.83 25.02 -5.37
N ALA O 27 31.39 25.14 -6.62
CA ALA O 27 31.95 24.29 -7.67
C ALA O 27 33.43 24.61 -7.90
N ALA O 28 33.76 25.91 -7.96
CA ALA O 28 35.15 26.30 -8.09
C ALA O 28 35.96 25.81 -6.89
N ARG O 29 35.35 25.81 -5.71
CA ARG O 29 36.02 25.32 -4.51
C ARG O 29 36.30 23.83 -4.64
N ALA O 30 35.34 23.09 -5.16
CA ALA O 30 35.52 21.65 -5.31
C ALA O 30 36.68 21.35 -6.24
N ILE O 31 36.74 22.03 -7.38
CA ILE O 31 37.85 21.81 -8.29
C ILE O 31 39.17 22.26 -7.66
N ALA O 32 39.14 23.40 -6.96
CA ALA O 32 40.36 23.91 -6.36
C ALA O 32 40.90 22.93 -5.33
N ASP O 33 40.04 22.39 -4.47
CA ASP O 33 40.48 21.44 -3.47
C ASP O 33 40.89 20.11 -4.09
N MET O 34 40.26 19.72 -5.19
CA MET O 34 40.67 18.51 -5.88
C MET O 34 42.09 18.63 -6.40
N VAL O 35 42.40 19.75 -7.07
CA VAL O 35 43.73 19.96 -7.64
C VAL O 35 44.72 20.49 -6.60
N LYS O 36 44.25 20.82 -5.39
CA LYS O 36 45.12 21.37 -4.36
C LYS O 36 46.22 20.39 -3.98
N THR O 37 45.87 19.11 -3.84
CA THR O 37 46.78 18.12 -3.29
C THR O 37 47.95 17.81 -4.22
N THR O 38 47.88 18.18 -5.50
CA THR O 38 48.90 17.83 -6.47
C THR O 38 49.85 18.99 -6.77
N LEU O 39 50.07 19.87 -5.81
CA LEU O 39 50.96 21.02 -5.98
C LEU O 39 52.23 20.75 -5.19
N GLY O 40 53.33 20.49 -5.91
CA GLY O 40 54.64 20.40 -5.32
C GLY O 40 55.44 19.20 -5.80
N PRO O 41 56.68 19.09 -5.32
CA PRO O 41 57.46 17.88 -5.59
C PRO O 41 56.76 16.62 -5.13
N ARG O 42 56.11 16.69 -3.98
CA ARG O 42 55.43 15.57 -3.37
C ARG O 42 53.94 15.58 -3.68
N GLY O 43 53.58 16.07 -4.86
CA GLY O 43 52.19 16.08 -5.29
C GLY O 43 51.63 14.68 -5.33
N MET O 44 50.59 14.45 -4.55
CA MET O 44 50.01 13.13 -4.45
C MET O 44 49.09 12.88 -5.64
N ASN O 45 49.48 11.91 -6.48
CA ASN O 45 48.95 11.79 -7.82
C ASN O 45 47.44 11.54 -7.81
N LYS O 46 46.86 11.54 -9.00
CA LYS O 46 45.43 11.49 -9.23
C LYS O 46 45.12 10.43 -10.27
N MET O 47 43.95 9.81 -10.15
CA MET O 47 43.54 8.68 -10.98
C MET O 47 42.34 9.11 -11.81
N LEU O 48 42.51 9.11 -13.13
CA LEU O 48 41.46 9.50 -14.07
C LEU O 48 40.83 8.23 -14.63
N VAL O 49 39.62 7.91 -14.19
CA VAL O 49 38.90 6.72 -14.61
C VAL O 49 37.65 7.14 -15.37
N ASN O 50 37.40 6.48 -16.50
CA ASN O 50 36.32 6.82 -17.41
C ASN O 50 35.43 5.62 -17.62
N SER O 51 34.37 5.81 -18.41
CA SER O 51 33.42 4.73 -18.67
C SER O 51 34.08 3.58 -19.41
N LEU O 52 34.96 3.88 -20.37
CA LEU O 52 35.65 2.82 -21.11
C LEU O 52 36.59 2.00 -20.23
N GLY O 53 36.93 2.49 -19.03
CA GLY O 53 37.74 1.74 -18.09
C GLY O 53 39.21 2.04 -18.13
N ASP O 54 39.70 2.74 -19.16
CA ASP O 54 41.11 3.10 -19.21
C ASP O 54 41.42 4.05 -18.06
N VAL O 55 42.59 3.87 -17.45
CA VAL O 55 43.03 4.67 -16.31
C VAL O 55 44.42 5.20 -16.61
N THR O 56 44.61 6.49 -16.36
CA THR O 56 45.92 7.14 -16.45
C THR O 56 46.19 7.86 -15.15
N ILE O 57 47.32 7.56 -14.53
CA ILE O 57 47.74 8.22 -13.29
C ILE O 57 48.50 9.47 -13.69
N THR O 58 48.03 10.62 -13.21
CA THR O 58 48.64 11.91 -13.52
C THR O 58 48.70 12.75 -12.26
N ASN O 59 49.70 13.63 -12.21
CA ASN O 59 49.79 14.65 -11.17
C ASN O 59 49.89 16.06 -11.72
N ASP O 60 50.35 16.25 -12.95
CA ASP O 60 50.38 17.58 -13.53
C ASP O 60 48.95 18.07 -13.72
N GLY O 61 48.64 19.24 -13.13
CA GLY O 61 47.27 19.70 -13.07
C GLY O 61 46.61 19.92 -14.41
N ALA O 62 47.39 20.13 -15.46
CA ALA O 62 46.82 20.41 -16.78
C ALA O 62 45.95 19.24 -17.23
N THR O 63 46.48 18.03 -17.14
CA THR O 63 45.71 16.84 -17.52
C THR O 63 44.48 16.68 -16.65
N ILE O 64 44.63 16.92 -15.35
CA ILE O 64 43.54 16.67 -14.41
C ILE O 64 42.39 17.61 -14.71
N LEU O 65 42.70 18.85 -15.07
CA LEU O 65 41.67 19.77 -15.54
C LEU O 65 41.19 19.43 -16.95
N GLU O 66 42.05 18.81 -17.75
CA GLU O 66 41.75 18.50 -19.17
C GLU O 66 40.59 17.48 -19.21
N GLU O 67 40.83 16.24 -18.78
CA GLU O 67 39.92 15.11 -19.04
C GLU O 67 39.20 14.64 -17.79
N MET O 68 38.71 15.59 -16.97
CA MET O 68 37.75 15.31 -15.92
C MET O 68 36.35 15.72 -16.37
N ASP O 69 35.35 15.06 -15.80
CA ASP O 69 33.95 15.39 -16.10
C ASP O 69 33.49 16.54 -15.22
N ILE O 70 32.95 17.58 -15.84
CA ILE O 70 32.35 18.71 -15.14
C ILE O 70 31.02 19.04 -15.80
N GLU O 71 29.92 18.77 -15.09
CA GLU O 71 28.61 19.21 -15.55
C GLU O 71 28.34 20.66 -15.15
N HIS O 72 28.96 21.14 -14.07
CA HIS O 72 28.71 22.50 -13.62
C HIS O 72 29.36 23.50 -14.57
N PRO O 73 28.65 24.54 -15.03
CA PRO O 73 29.24 25.39 -16.07
C PRO O 73 30.21 26.46 -15.56
N ALA O 74 29.98 27.00 -14.36
CA ALA O 74 30.97 27.89 -13.75
C ALA O 74 32.30 27.17 -13.59
N ALA O 75 32.24 25.90 -13.19
CA ALA O 75 33.43 25.07 -13.19
C ALA O 75 33.96 24.88 -14.60
N LYS O 76 33.07 24.76 -15.57
CA LYS O 76 33.49 24.56 -16.96
C LYS O 76 34.30 25.73 -17.49
N MET O 77 34.14 26.93 -16.92
CA MET O 77 35.02 28.02 -17.33
C MET O 77 36.48 27.73 -16.97
N LEU O 78 36.73 27.00 -15.88
CA LEU O 78 38.10 26.75 -15.50
C LEU O 78 38.84 25.92 -16.54
N LYS O 79 38.12 25.17 -17.39
CA LYS O 79 38.72 24.60 -18.58
C LYS O 79 39.41 25.69 -19.41
N GLU O 80 38.68 26.77 -19.68
CA GLU O 80 39.23 27.84 -20.51
C GLU O 80 40.37 28.53 -19.79
N VAL O 81 40.25 28.68 -18.47
CA VAL O 81 41.34 29.29 -17.70
C VAL O 81 42.61 28.46 -17.82
N ALA O 82 42.49 27.14 -17.64
CA ALA O 82 43.65 26.26 -17.73
C ALA O 82 44.21 26.25 -19.16
N LYS O 83 43.33 26.27 -20.16
CA LYS O 83 43.78 26.28 -21.55
C LYS O 83 44.58 27.55 -21.84
N ALA O 84 44.10 28.69 -21.36
CA ALA O 84 44.83 29.93 -21.55
C ALA O 84 46.18 29.89 -20.84
N GLN O 85 46.20 29.34 -19.62
CA GLN O 85 47.46 29.25 -18.88
C GLN O 85 48.46 28.39 -19.64
N GLU O 86 48.01 27.25 -20.17
CA GLU O 86 48.90 26.39 -20.93
C GLU O 86 49.36 27.07 -22.20
N GLU O 87 48.47 27.81 -22.86
CA GLU O 87 48.83 28.46 -24.12
C GLU O 87 49.91 29.52 -23.91
N GLU O 88 49.68 30.44 -22.98
CA GLU O 88 50.67 31.50 -22.78
C GLU O 88 51.93 30.97 -22.07
N ALA O 89 51.76 30.42 -20.87
CA ALA O 89 52.91 30.04 -20.05
C ALA O 89 53.33 28.60 -20.25
N GLY O 90 52.38 27.67 -20.29
CA GLY O 90 52.68 26.26 -20.38
C GLY O 90 52.96 25.58 -19.06
N ASP O 91 53.12 26.34 -17.98
CA ASP O 91 53.35 25.78 -16.66
C ASP O 91 52.67 26.67 -15.63
N GLY O 92 52.13 26.05 -14.58
CA GLY O 92 51.52 26.79 -13.49
C GLY O 92 50.01 26.72 -13.47
N THR O 93 49.43 25.72 -14.13
CA THR O 93 47.97 25.59 -14.09
C THR O 93 47.48 25.23 -12.70
N THR O 94 48.19 24.34 -12.00
CA THR O 94 47.77 24.00 -10.65
C THR O 94 47.91 25.18 -9.70
N THR O 95 48.96 25.98 -9.89
CA THR O 95 49.11 27.21 -9.11
C THR O 95 47.98 28.17 -9.39
N ALA O 96 47.60 28.31 -10.65
CA ALA O 96 46.51 29.22 -11.01
C ALA O 96 45.20 28.77 -10.38
N VAL O 97 44.90 27.47 -10.45
CA VAL O 97 43.63 26.99 -9.93
C VAL O 97 43.61 27.09 -8.41
N VAL O 98 44.71 26.79 -7.74
CA VAL O 98 44.72 26.89 -6.28
C VAL O 98 44.61 28.36 -5.86
N LEU O 99 45.26 29.26 -6.59
CA LEU O 99 45.16 30.68 -6.29
C LEU O 99 43.72 31.16 -6.48
N ALA O 100 43.06 30.71 -7.54
CA ALA O 100 41.66 31.06 -7.74
C ALA O 100 40.81 30.52 -6.60
N GLY O 101 41.09 29.30 -6.15
CA GLY O 101 40.32 28.75 -5.04
C GLY O 101 40.47 29.57 -3.77
N ALA O 102 41.70 29.95 -3.45
CA ALA O 102 41.92 30.75 -2.23
C ALA O 102 41.32 32.14 -2.38
N LEU O 103 41.39 32.70 -3.59
CA LEU O 103 40.81 34.01 -3.84
C LEU O 103 39.30 33.97 -3.64
N LEU O 104 38.65 32.91 -4.12
CA LEU O 104 37.21 32.80 -3.90
C LEU O 104 36.88 32.44 -2.45
N GLU O 105 37.80 31.76 -1.75
CA GLU O 105 37.70 31.65 -0.29
C GLU O 105 37.53 33.02 0.36
N GLU O 106 38.50 33.90 0.14
CA GLU O 106 38.43 35.18 0.82
C GLU O 106 37.33 36.06 0.25
N ALA O 107 36.99 35.89 -1.02
CA ALA O 107 35.86 36.62 -1.60
C ALA O 107 34.56 36.22 -0.92
N GLU O 108 34.36 34.91 -0.71
CA GLU O 108 33.16 34.44 -0.04
C GLU O 108 33.10 34.97 1.38
N LYS O 109 34.25 34.92 2.08
CA LYS O 109 34.28 35.43 3.45
C LYS O 109 33.96 36.92 3.49
N LEU O 110 34.38 37.67 2.46
CA LEU O 110 34.13 39.10 2.45
C LEU O 110 32.67 39.42 2.11
N ILE O 111 32.05 38.70 1.18
CA ILE O 111 30.64 38.98 0.91
C ILE O 111 29.83 38.60 2.13
N GLU O 112 30.28 37.59 2.89
CA GLU O 112 29.61 37.25 4.14
C GLU O 112 29.56 38.46 5.08
N GLN O 113 30.65 39.22 5.15
CA GLN O 113 30.66 40.42 5.99
C GLN O 113 29.67 41.45 5.48
N GLY O 114 29.64 41.69 4.17
CA GLY O 114 28.70 42.63 3.59
C GLY O 114 29.24 43.47 2.44
N ILE O 115 30.52 43.30 2.09
CA ILE O 115 31.09 44.04 0.98
C ILE O 115 30.40 43.63 -0.32
N HIS O 116 30.10 44.61 -1.16
CA HIS O 116 29.49 44.32 -2.44
C HIS O 116 30.50 43.61 -3.34
N PRO O 117 30.05 42.73 -4.26
CA PRO O 117 31.02 42.06 -5.14
C PRO O 117 31.87 42.99 -5.97
N THR O 118 31.31 44.10 -6.47
CA THR O 118 32.07 44.98 -7.35
C THR O 118 33.26 45.60 -6.63
N THR O 119 33.09 45.94 -5.35
CA THR O 119 34.21 46.45 -4.57
C THR O 119 35.30 45.38 -4.45
N ILE O 120 34.91 44.12 -4.28
CA ILE O 120 35.87 43.04 -4.21
C ILE O 120 36.64 42.95 -5.53
N ILE O 121 35.94 43.09 -6.66
CA ILE O 121 36.59 43.01 -7.95
C ILE O 121 37.59 44.16 -8.11
N LYS O 122 37.18 45.37 -7.73
CA LYS O 122 38.09 46.51 -7.86
C LYS O 122 39.33 46.33 -6.99
N GLY O 123 39.13 45.85 -5.76
CA GLY O 123 40.25 45.59 -4.88
C GLY O 123 41.19 44.55 -5.44
N TYR O 124 40.64 43.48 -6.01
CA TYR O 124 41.49 42.43 -6.58
C TYR O 124 42.27 42.96 -7.77
N ARG O 125 41.64 43.78 -8.61
CA ARG O 125 42.35 44.39 -9.73
C ARG O 125 43.53 45.22 -9.25
N LYS O 126 43.31 46.09 -8.26
CA LYS O 126 44.41 46.91 -7.77
C LYS O 126 45.49 46.04 -7.12
N ALA O 127 45.07 45.05 -6.35
CA ALA O 127 46.03 44.16 -5.68
C ALA O 127 46.89 43.45 -6.71
N VAL O 128 46.30 43.05 -7.83
CA VAL O 128 47.04 42.23 -8.78
C VAL O 128 47.93 43.11 -9.66
N ASP O 129 47.51 44.33 -9.95
CA ASP O 129 48.44 45.27 -10.58
C ASP O 129 49.68 45.47 -9.72
N LYS O 130 49.48 45.76 -8.44
CA LYS O 130 50.63 45.95 -7.58
C LYS O 130 51.38 44.64 -7.36
N ALA O 131 50.70 43.50 -7.43
CA ALA O 131 51.38 42.22 -7.28
C ALA O 131 52.31 41.94 -8.44
N LEU O 132 51.85 42.22 -9.67
CA LEU O 132 52.72 42.08 -10.82
C LEU O 132 53.91 43.01 -10.73
N GLU O 133 53.68 44.26 -10.30
CA GLU O 133 54.80 45.18 -10.11
C GLU O 133 55.80 44.63 -9.09
N VAL O 134 55.30 44.15 -7.95
CA VAL O 134 56.16 43.67 -6.88
C VAL O 134 56.95 42.45 -7.34
N LEU O 135 56.29 41.53 -8.04
CA LEU O 135 56.99 40.37 -8.56
C LEU O 135 58.06 40.77 -9.56
N GLU O 136 57.83 41.85 -10.31
CA GLU O 136 58.88 42.37 -11.17
C GLU O 136 60.07 42.86 -10.35
N GLU O 137 59.81 43.57 -9.25
CA GLU O 137 60.92 44.10 -8.46
C GLU O 137 61.71 43.00 -7.80
N VAL O 138 61.01 42.04 -7.17
CA VAL O 138 61.69 41.06 -6.31
C VAL O 138 62.53 40.09 -7.13
N ALA O 139 62.19 39.88 -8.40
CA ALA O 139 62.83 38.84 -9.19
C ALA O 139 64.32 39.11 -9.36
N ILE O 140 65.11 38.04 -9.34
CA ILE O 140 66.57 38.10 -9.42
C ILE O 140 66.94 37.73 -10.85
N PRO O 141 67.83 38.46 -11.52
CA PRO O 141 68.05 38.21 -12.95
C PRO O 141 69.02 37.06 -13.19
N VAL O 142 68.94 36.52 -14.40
CA VAL O 142 69.75 35.38 -14.82
C VAL O 142 70.37 35.69 -16.17
N ASP O 143 71.68 35.47 -16.28
CA ASP O 143 72.37 35.54 -17.56
C ASP O 143 72.22 34.21 -18.27
N PRO O 144 72.30 34.16 -19.59
CA PRO O 144 72.06 32.89 -20.30
C PRO O 144 73.24 31.94 -20.32
N ASP O 145 74.29 32.18 -19.53
CA ASP O 145 75.47 31.33 -19.48
C ASP O 145 75.74 30.73 -18.10
N ASP O 146 75.05 31.19 -17.06
CA ASP O 146 75.27 30.67 -15.71
C ASP O 146 74.64 29.28 -15.63
N GLU O 147 75.45 28.25 -15.88
CA GLU O 147 74.92 26.91 -16.10
C GLU O 147 74.17 26.38 -14.88
N GLU O 148 74.70 26.63 -13.68
CA GLU O 148 74.07 26.10 -12.47
C GLU O 148 72.68 26.68 -12.28
N THR O 149 72.49 27.96 -12.60
CA THR O 149 71.16 28.56 -12.47
C THR O 149 70.18 27.93 -13.45
N LEU O 150 70.60 27.71 -14.70
CA LEU O 150 69.70 27.05 -15.65
C LEU O 150 69.37 25.64 -15.19
N LYS O 151 70.36 24.93 -14.66
CA LYS O 151 70.10 23.59 -14.14
C LYS O 151 69.11 23.63 -12.99
N ALA O 152 69.24 24.62 -12.11
CA ALA O 152 68.31 24.73 -10.99
C ALA O 152 66.89 25.01 -11.48
N VAL O 153 66.75 25.91 -12.45
CA VAL O 153 65.43 26.21 -12.99
C VAL O 153 64.83 24.97 -13.64
N ALA O 154 65.64 24.25 -14.41
CA ALA O 154 65.17 23.05 -15.09
C ALA O 154 64.76 21.99 -14.07
N ARG O 155 65.53 21.82 -13.00
CA ARG O 155 65.19 20.84 -11.98
C ARG O 155 63.92 21.23 -11.24
N THR O 156 63.76 22.52 -10.94
CA THR O 156 62.56 22.98 -10.24
C THR O 156 61.31 22.71 -11.07
N ALA O 157 61.38 22.98 -12.38
CA ALA O 157 60.23 22.68 -13.23
C ALA O 157 60.04 21.18 -13.40
N MET O 158 61.13 20.46 -13.67
CA MET O 158 61.16 19.00 -13.70
C MET O 158 60.42 18.38 -12.51
N THR O 159 60.51 19.03 -11.36
CA THR O 159 59.92 18.56 -10.12
C THR O 159 58.44 18.27 -10.27
N GLY O 160 57.95 17.32 -9.47
CA GLY O 160 56.54 17.01 -9.37
C GLY O 160 56.19 15.63 -9.90
N LYS O 161 56.85 15.22 -10.98
CA LYS O 161 56.41 14.09 -11.79
C LYS O 161 57.52 13.08 -12.08
N ALA O 162 58.75 13.52 -12.28
CA ALA O 162 59.83 12.57 -12.50
C ALA O 162 60.23 11.89 -11.20
N SER O 163 60.68 10.65 -11.32
CA SER O 163 61.13 9.89 -10.15
C SER O 163 62.38 10.54 -9.57
N GLU O 164 62.60 10.31 -8.27
CA GLU O 164 63.69 10.97 -7.57
C GLU O 164 65.06 10.54 -8.07
N GLU O 165 65.17 9.36 -8.68
CA GLU O 165 66.48 8.83 -9.05
C GLU O 165 67.07 9.58 -10.24
N ASN O 166 66.23 10.00 -11.19
CA ASN O 166 66.69 10.46 -12.49
C ASN O 166 66.55 11.97 -12.65
N ARG O 167 66.46 12.71 -11.54
CA ARG O 167 66.32 14.15 -11.62
C ARG O 167 67.59 14.80 -12.19
N GLU O 168 68.74 14.45 -11.63
CA GLU O 168 70.00 15.01 -12.13
C GLU O 168 70.21 14.64 -13.59
N GLU O 169 69.94 13.39 -13.94
CA GLU O 169 70.13 12.93 -15.32
C GLU O 169 69.30 13.75 -16.28
N ILE O 170 67.98 13.70 -16.13
CA ILE O 170 67.08 14.35 -17.08
C ILE O 170 67.32 15.85 -17.10
N ALA O 171 67.68 16.45 -15.96
CA ALA O 171 68.03 17.86 -15.97
C ALA O 171 69.26 18.12 -16.83
N ASP O 172 70.27 17.26 -16.72
CA ASP O 172 71.47 17.42 -17.54
C ASP O 172 71.14 17.27 -19.02
N LEU O 173 70.29 16.30 -19.37
CA LEU O 173 69.92 16.16 -20.78
C LEU O 173 69.12 17.36 -21.25
N VAL O 174 68.30 17.93 -20.37
CA VAL O 174 67.51 19.11 -20.76
C VAL O 174 68.43 20.27 -21.10
N VAL O 175 69.38 20.58 -20.21
CA VAL O 175 70.24 21.73 -20.48
C VAL O 175 71.17 21.44 -21.66
N GLU O 176 71.61 20.19 -21.81
CA GLU O 176 72.46 19.85 -22.95
C GLU O 176 71.71 20.04 -24.26
N ALA O 177 70.46 19.57 -24.33
CA ALA O 177 69.68 19.74 -25.54
C ALA O 177 69.42 21.21 -25.82
N VAL O 178 69.11 21.99 -24.76
CA VAL O 178 68.82 23.40 -24.94
C VAL O 178 70.03 24.13 -25.51
N LEU O 179 71.21 23.85 -24.96
CA LEU O 179 72.40 24.55 -25.42
C LEU O 179 72.83 24.07 -26.81
N SER O 180 72.84 22.76 -27.04
CA SER O 180 73.36 22.24 -28.31
C SER O 180 72.43 22.60 -29.47
N LEU O 181 71.12 22.55 -29.25
CA LEU O 181 70.15 22.96 -30.27
C LEU O 181 69.77 24.43 -30.15
N ALA O 182 70.66 25.26 -29.61
CA ALA O 182 70.40 26.68 -29.47
C ALA O 182 70.46 27.38 -30.82
N GLU O 183 69.31 27.53 -31.47
CA GLU O 183 69.24 28.23 -32.76
C GLU O 183 69.14 29.72 -32.47
N ASP O 184 70.26 30.43 -32.64
CA ASP O 184 70.36 31.84 -32.27
C ASP O 184 69.58 32.67 -33.28
N GLY O 185 68.27 32.75 -33.07
CA GLY O 185 67.40 33.56 -33.90
C GLY O 185 67.28 34.98 -33.37
N GLY O 186 68.37 35.73 -33.42
CA GLY O 186 68.37 37.09 -32.90
C GLY O 186 68.16 37.17 -31.40
N GLY O 187 68.82 36.31 -30.64
CA GLY O 187 68.73 36.29 -29.19
C GLY O 187 67.65 35.36 -28.65
N LYS O 188 66.46 35.38 -29.27
CA LYS O 188 65.36 34.52 -28.86
C LYS O 188 65.56 33.14 -29.49
N TYR O 189 66.11 32.21 -28.72
CA TYR O 189 66.38 30.88 -29.24
C TYR O 189 65.08 30.12 -29.46
N ARG O 190 64.92 29.55 -30.65
CA ARG O 190 63.70 28.83 -31.01
C ARG O 190 63.81 27.38 -30.57
N VAL O 191 63.81 27.20 -29.25
CA VAL O 191 63.83 25.86 -28.64
C VAL O 191 62.37 25.45 -28.51
N ASP O 192 61.81 24.93 -29.59
CA ASP O 192 60.42 24.49 -29.60
C ASP O 192 60.31 23.09 -29.00
N LEU O 193 59.10 22.76 -28.56
CA LEU O 193 58.85 21.43 -28.00
C LEU O 193 59.04 20.33 -29.03
N ASP O 194 58.75 20.62 -30.30
CA ASP O 194 58.88 19.65 -31.38
C ASP O 194 60.23 19.72 -32.09
N ASN O 195 61.29 20.14 -31.38
CA ASN O 195 62.61 20.30 -31.96
C ASN O 195 63.65 19.34 -31.42
N ILE O 196 63.43 18.75 -30.25
CA ILE O 196 64.44 17.93 -29.56
C ILE O 196 64.09 16.46 -29.71
N LYS O 197 65.12 15.64 -29.93
CA LYS O 197 64.96 14.29 -30.45
C LYS O 197 64.88 13.29 -29.31
N ILE O 198 63.69 12.72 -29.09
CA ILE O 198 63.51 11.57 -28.20
C ILE O 198 62.56 10.59 -28.89
N GLU O 199 62.68 9.31 -28.54
CA GLU O 199 61.79 8.26 -28.99
C GLU O 199 61.13 7.59 -27.79
N LYS O 200 59.89 7.13 -27.99
CA LYS O 200 59.13 6.47 -26.94
C LYS O 200 59.26 4.95 -27.07
N GLN O 201 59.49 4.28 -25.95
CA GLN O 201 59.61 2.83 -25.93
C GLN O 201 59.51 2.35 -24.49
N THR O 202 58.82 1.23 -24.30
CA THR O 202 58.64 0.67 -22.97
C THR O 202 59.95 0.06 -22.47
N GLY O 203 60.15 0.16 -21.15
CA GLY O 203 61.35 -0.40 -20.54
C GLY O 203 62.58 0.45 -20.78
N GLY O 204 63.73 -0.18 -20.59
CA GLY O 204 64.99 0.54 -20.76
C GLY O 204 65.13 1.62 -19.70
N GLY O 205 65.43 2.83 -20.16
CA GLY O 205 65.60 3.95 -19.25
C GLY O 205 65.49 5.26 -20.01
N ALA O 206 65.66 6.35 -19.25
CA ALA O 206 65.61 7.70 -19.82
C ALA O 206 66.91 8.14 -20.45
N SER O 207 67.94 7.28 -20.47
CA SER O 207 69.24 7.63 -21.04
C SER O 207 69.26 7.59 -22.57
N ASP O 208 68.12 7.35 -23.23
CA ASP O 208 68.02 7.40 -24.68
C ASP O 208 67.51 8.74 -25.19
N THR O 209 67.41 9.75 -24.33
CA THR O 209 67.04 11.10 -24.74
C THR O 209 68.28 11.83 -25.25
N GLU O 210 68.73 11.39 -26.41
CA GLU O 210 69.93 11.91 -27.07
C GLU O 210 69.55 12.58 -28.38
N LEU O 211 70.49 13.38 -28.89
CA LEU O 211 70.29 14.15 -30.12
C LEU O 211 70.53 13.23 -31.30
N ILE O 212 69.48 12.61 -31.81
CA ILE O 212 69.52 11.78 -33.02
C ILE O 212 68.96 12.62 -34.16
N GLU O 213 69.84 13.11 -35.03
CA GLU O 213 69.49 14.18 -35.95
C GLU O 213 68.50 13.70 -37.02
N GLY O 214 67.26 13.46 -36.61
CA GLY O 214 66.23 13.00 -37.51
C GLY O 214 65.06 12.43 -36.75
N VAL O 215 63.88 12.53 -37.36
CA VAL O 215 62.65 12.06 -36.75
C VAL O 215 62.61 10.54 -36.84
N VAL O 216 62.53 9.88 -35.69
CA VAL O 216 62.54 8.42 -35.61
C VAL O 216 61.10 7.94 -35.53
N LEU O 217 60.73 7.03 -36.42
CA LEU O 217 59.38 6.49 -36.49
C LEU O 217 59.32 5.12 -35.81
N ASP O 218 58.24 4.91 -35.05
CA ASP O 218 58.02 3.65 -34.33
C ASP O 218 57.23 2.67 -35.21
N LYS O 219 57.84 2.30 -36.34
CA LYS O 219 57.25 1.37 -37.28
C LYS O 219 58.35 0.49 -37.86
N GLU O 220 58.00 -0.76 -38.13
CA GLU O 220 58.95 -1.72 -38.68
C GLU O 220 59.06 -1.57 -40.19
N PRO O 221 60.16 -2.02 -40.79
CA PRO O 221 60.21 -2.07 -42.26
C PRO O 221 59.16 -3.04 -42.81
N VAL O 222 58.60 -2.69 -43.96
CA VAL O 222 57.54 -3.50 -44.54
C VAL O 222 58.09 -4.84 -45.04
N HIS O 223 59.30 -4.81 -45.63
CA HIS O 223 59.92 -6.00 -46.21
C HIS O 223 61.29 -6.22 -45.60
N GLU O 224 61.64 -7.49 -45.39
CA GLU O 224 62.91 -7.82 -44.76
C GLU O 224 64.08 -7.42 -45.65
N ASP O 225 63.98 -7.68 -46.95
CA ASP O 225 65.07 -7.36 -47.87
C ASP O 225 65.12 -5.89 -48.27
N MET O 226 64.22 -5.07 -47.73
CA MET O 226 64.33 -3.63 -47.92
C MET O 226 65.67 -3.15 -47.35
N PRO O 227 66.44 -2.31 -48.07
CA PRO O 227 67.75 -1.91 -47.55
C PRO O 227 67.65 -1.13 -46.26
N LYS O 228 68.13 -1.72 -45.17
CA LYS O 228 68.05 -1.07 -43.87
C LYS O 228 69.02 0.09 -43.78
N LYS O 229 70.22 -0.06 -44.36
CA LYS O 229 71.26 0.96 -44.34
C LYS O 229 71.32 1.66 -45.69
N LEU O 230 71.25 2.99 -45.69
CA LEU O 230 71.35 3.77 -46.92
C LEU O 230 72.02 5.11 -46.54
N GLU O 231 73.31 5.21 -46.80
CA GLU O 231 74.05 6.44 -46.53
C GLU O 231 73.81 7.44 -47.65
N ASN O 232 73.59 8.70 -47.27
CA ASN O 232 73.28 9.78 -48.22
C ASN O 232 72.06 9.41 -49.07
N ALA O 233 71.07 8.81 -48.44
CA ALA O 233 69.89 8.35 -49.16
C ALA O 233 69.09 9.51 -49.71
N LYS O 234 68.51 9.30 -50.89
CA LYS O 234 67.62 10.28 -51.51
C LYS O 234 66.23 10.10 -50.91
N VAL O 235 65.93 10.88 -49.88
CA VAL O 235 64.72 10.70 -49.11
C VAL O 235 63.58 11.48 -49.76
N ALA O 236 62.43 10.83 -49.90
CA ALA O 236 61.21 11.44 -50.42
C ALA O 236 60.12 11.35 -49.38
N VAL O 237 59.11 12.21 -49.52
CA VAL O 237 57.95 12.24 -48.64
C VAL O 237 56.71 12.27 -49.51
N LEU O 238 55.82 11.29 -49.31
CA LEU O 238 54.59 11.17 -50.07
C LEU O 238 53.42 11.03 -49.10
N ASP O 239 52.21 11.26 -49.62
CA ASP O 239 50.98 11.15 -48.85
C ASP O 239 49.87 10.40 -49.55
N ALA O 240 49.96 10.16 -50.86
CA ALA O 240 48.91 9.45 -51.56
C ALA O 240 48.90 7.97 -51.14
N PRO O 241 47.76 7.28 -51.26
CA PRO O 241 47.71 5.87 -50.84
C PRO O 241 48.37 4.97 -51.88
N ILE O 242 49.51 4.39 -51.52
CA ILE O 242 50.25 3.51 -52.42
C ILE O 242 49.66 2.12 -52.38
N ILE O 253 35.32 -2.88 -62.10
CA ILE O 253 35.95 -3.51 -63.26
C ILE O 253 34.94 -4.40 -63.96
N SER O 254 34.70 -4.12 -65.24
CA SER O 254 33.78 -4.90 -66.06
C SER O 254 34.57 -5.90 -66.89
N ILE O 255 34.13 -7.16 -66.87
CA ILE O 255 34.80 -8.27 -67.53
C ILE O 255 33.93 -8.78 -68.66
N SER O 256 34.53 -8.94 -69.84
CA SER O 256 33.86 -9.46 -71.03
C SER O 256 34.49 -10.75 -71.52
N SER O 257 35.80 -10.76 -71.73
CA SER O 257 36.54 -11.90 -72.25
C SER O 257 37.28 -12.61 -71.13
N PRO O 258 37.78 -13.83 -71.38
CA PRO O 258 38.55 -14.51 -70.33
C PRO O 258 39.83 -13.80 -69.94
N GLU O 259 40.39 -12.99 -70.84
CA GLU O 259 41.65 -12.30 -70.58
C GLU O 259 41.47 -10.83 -70.19
N GLN O 260 40.22 -10.37 -69.99
CA GLN O 260 40.02 -8.95 -69.72
C GLN O 260 40.47 -8.57 -68.30
N PHE O 261 40.21 -9.43 -67.31
CA PHE O 261 40.72 -9.12 -65.97
C PHE O 261 42.24 -9.15 -65.95
N GLN O 262 42.84 -10.08 -66.70
CA GLN O 262 44.29 -10.11 -66.81
C GLN O 262 44.81 -8.85 -67.48
N ALA O 263 44.11 -8.33 -68.50
CA ALA O 263 44.52 -7.09 -69.13
C ALA O 263 44.39 -5.90 -68.18
N PHE O 264 43.31 -5.87 -67.39
CA PHE O 264 43.14 -4.85 -66.36
C PHE O 264 44.31 -4.87 -65.39
N LEU O 265 44.68 -6.07 -64.93
CA LEU O 265 45.84 -6.19 -64.06
C LEU O 265 47.08 -5.68 -64.78
N ASP O 266 47.32 -6.16 -66.00
CA ASP O 266 48.53 -5.82 -66.75
C ASP O 266 48.71 -4.31 -66.85
N GLN O 267 47.64 -3.59 -67.21
CA GLN O 267 47.73 -2.13 -67.25
C GLN O 267 47.89 -1.55 -65.84
N GLU O 268 47.35 -2.19 -64.80
CA GLU O 268 47.54 -1.65 -63.46
C GLU O 268 49.00 -1.70 -63.03
N GLU O 269 49.65 -2.87 -63.13
CA GLU O 269 51.08 -2.87 -62.83
C GLU O 269 51.89 -2.09 -63.87
N LYS O 270 51.37 -1.90 -65.09
CA LYS O 270 52.11 -1.09 -66.05
C LYS O 270 52.16 0.37 -65.63
N GLN O 271 51.02 0.95 -65.25
CA GLN O 271 51.06 2.35 -64.83
C GLN O 271 51.75 2.48 -63.47
N LEU O 272 51.65 1.46 -62.62
CA LEU O 272 52.41 1.48 -61.37
C LEU O 272 53.91 1.50 -61.67
N ARG O 273 54.33 0.68 -62.63
CA ARG O 273 55.72 0.68 -63.07
C ARG O 273 56.09 2.05 -63.61
N GLU O 274 55.17 2.70 -64.32
CA GLU O 274 55.46 4.03 -64.87
C GLU O 274 55.67 5.07 -63.77
N MET O 275 54.76 5.15 -62.79
CA MET O 275 54.94 6.14 -61.73
C MET O 275 56.16 5.84 -60.89
N VAL O 276 56.39 4.56 -60.53
CA VAL O 276 57.58 4.27 -59.75
C VAL O 276 58.85 4.46 -60.57
N ASP O 277 58.77 4.32 -61.90
CA ASP O 277 59.94 4.56 -62.74
C ASP O 277 60.29 6.03 -62.75
N LYS O 278 59.30 6.91 -62.96
CA LYS O 278 59.61 8.33 -62.92
C LYS O 278 59.96 8.80 -61.51
N ILE O 279 59.55 8.06 -60.48
CA ILE O 279 60.05 8.32 -59.13
C ILE O 279 61.53 7.97 -59.05
N VAL O 280 61.91 6.80 -59.57
CA VAL O 280 63.29 6.35 -59.51
C VAL O 280 64.19 7.24 -60.36
N ASP O 281 63.64 7.84 -61.42
CA ASP O 281 64.41 8.77 -62.23
C ASP O 281 64.83 9.98 -61.39
N THR O 282 63.95 10.44 -60.51
CA THR O 282 64.35 11.43 -59.52
C THR O 282 65.40 10.83 -58.58
N GLY O 283 65.26 9.55 -58.24
CA GLY O 283 66.21 8.83 -57.43
C GLY O 283 65.74 8.48 -56.04
N ALA O 284 64.48 8.70 -55.71
CA ALA O 284 63.99 8.47 -54.35
C ALA O 284 64.10 6.98 -53.99
N ASN O 285 64.64 6.71 -52.80
CA ASN O 285 64.77 5.37 -52.28
C ASN O 285 64.28 5.21 -50.85
N VAL O 286 63.93 6.30 -50.16
CA VAL O 286 63.37 6.25 -48.81
C VAL O 286 62.11 7.09 -48.81
N VAL O 287 60.99 6.48 -48.41
CA VAL O 287 59.68 7.13 -48.43
C VAL O 287 58.98 6.85 -47.10
N PHE O 288 58.20 7.83 -46.64
CA PHE O 288 57.36 7.72 -45.46
C PHE O 288 55.96 8.17 -45.87
N CYS O 289 55.06 7.23 -46.11
CA CYS O 289 53.74 7.53 -46.64
C CYS O 289 52.74 7.80 -45.53
N GLU O 290 51.82 8.72 -45.79
CA GLU O 290 50.80 9.08 -44.83
C GLU O 290 49.71 8.02 -44.68
N LYS O 291 49.50 7.18 -45.70
CA LYS O 291 48.38 6.25 -45.77
C LYS O 291 48.89 4.81 -45.79
N GLY O 292 47.95 3.88 -45.87
CA GLY O 292 48.27 2.47 -45.84
C GLY O 292 48.94 1.97 -47.10
N ILE O 293 49.21 0.67 -47.12
CA ILE O 293 49.85 -0.01 -48.23
C ILE O 293 49.09 -1.30 -48.53
N ASP O 294 49.55 -2.02 -49.55
CA ASP O 294 49.06 -3.34 -49.90
C ASP O 294 50.26 -4.28 -49.99
N ASP O 295 49.98 -5.58 -49.90
CA ASP O 295 51.05 -6.57 -49.92
C ASP O 295 51.85 -6.50 -51.22
N GLN O 296 51.15 -6.50 -52.36
CA GLN O 296 51.83 -6.38 -53.64
C GLN O 296 52.60 -5.07 -53.75
N VAL O 297 52.05 -4.00 -53.17
CA VAL O 297 52.72 -2.71 -53.20
C VAL O 297 54.05 -2.79 -52.46
N GLU O 298 54.06 -3.37 -51.27
CA GLU O 298 55.33 -3.43 -50.54
C GLU O 298 56.31 -4.40 -51.19
N HIS O 299 55.81 -5.48 -51.82
CA HIS O 299 56.74 -6.32 -52.59
C HIS O 299 57.39 -5.56 -53.73
N MET O 300 56.61 -4.89 -54.58
CA MET O 300 57.26 -4.28 -55.74
C MET O 300 58.00 -3.00 -55.35
N LEU O 301 57.72 -2.45 -54.16
CA LEU O 301 58.55 -1.37 -53.64
C LEU O 301 59.90 -1.89 -53.15
N ALA O 302 59.89 -3.01 -52.44
CA ALA O 302 61.14 -3.62 -52.00
C ALA O 302 61.91 -4.30 -53.13
N LYS O 303 61.27 -4.51 -54.29
CA LYS O 303 61.98 -5.08 -55.43
C LYS O 303 63.14 -4.18 -55.86
N LYS O 304 62.91 -2.86 -55.87
CA LYS O 304 63.95 -1.89 -56.14
C LYS O 304 64.64 -1.39 -54.87
N GLY O 305 64.12 -1.71 -53.69
CA GLY O 305 64.74 -1.32 -52.45
C GLY O 305 64.27 0.02 -51.94
N ILE O 306 62.95 0.17 -51.80
CA ILE O 306 62.33 1.43 -51.41
C ILE O 306 61.71 1.28 -50.03
N LEU O 307 62.06 2.17 -49.11
CA LEU O 307 61.46 2.20 -47.79
C LEU O 307 60.09 2.86 -47.86
N ALA O 308 59.14 2.33 -47.09
CA ALA O 308 57.79 2.87 -47.06
C ALA O 308 57.20 2.65 -45.67
N VAL O 309 56.93 3.75 -44.97
CA VAL O 309 56.25 3.74 -43.68
C VAL O 309 54.86 4.33 -43.87
N ARG O 310 53.86 3.67 -43.27
CA ARG O 310 52.46 3.97 -43.51
C ARG O 310 51.79 4.53 -42.26
N ARG O 311 50.61 5.11 -42.47
CA ARG O 311 49.76 5.60 -41.38
C ARG O 311 50.49 6.64 -40.53
N VAL O 312 51.27 7.49 -41.19
CA VAL O 312 51.99 8.57 -40.51
C VAL O 312 51.02 9.72 -40.28
N LYS O 313 51.00 10.22 -39.04
CA LYS O 313 50.06 11.26 -38.68
C LYS O 313 50.37 12.56 -39.44
N LYS O 314 49.36 13.43 -39.53
CA LYS O 314 49.52 14.68 -40.26
C LYS O 314 50.62 15.54 -39.65
N ASP O 315 50.59 15.72 -38.32
CA ASP O 315 51.62 16.50 -37.66
C ASP O 315 52.99 15.86 -37.83
N ASP O 316 53.07 14.54 -37.63
CA ASP O 316 54.36 13.87 -37.71
C ASP O 316 54.82 13.78 -39.16
N LEU O 317 53.89 13.66 -40.11
CA LEU O 317 54.26 13.70 -41.52
C LEU O 317 54.83 15.07 -41.89
N GLU O 318 54.20 16.14 -41.42
CA GLU O 318 54.74 17.49 -41.67
C GLU O 318 56.11 17.64 -41.02
N LYS O 319 56.28 17.08 -39.82
CA LYS O 319 57.58 17.11 -39.17
C LYS O 319 58.64 16.40 -40.00
N ILE O 320 58.29 15.23 -40.54
CA ILE O 320 59.23 14.50 -41.39
C ILE O 320 59.55 15.28 -42.65
N ALA O 321 58.54 15.95 -43.23
CA ALA O 321 58.76 16.75 -44.42
C ALA O 321 59.72 17.90 -44.13
N LYS O 322 59.54 18.56 -42.98
CA LYS O 322 60.45 19.64 -42.60
C LYS O 322 61.86 19.12 -42.36
N ALA O 323 61.99 17.98 -41.68
CA ALA O 323 63.31 17.47 -41.33
C ALA O 323 64.06 16.97 -42.56
N THR O 324 63.40 16.15 -43.38
CA THR O 324 64.07 15.50 -44.50
C THR O 324 64.30 16.46 -45.67
N GLY O 325 63.52 17.54 -45.75
CA GLY O 325 63.63 18.48 -46.85
C GLY O 325 62.82 18.13 -48.07
N ALA O 326 62.26 16.92 -48.13
CA ALA O 326 61.41 16.51 -49.24
C ALA O 326 60.01 17.07 -49.01
N ARG O 327 59.62 18.04 -49.83
CA ARG O 327 58.29 18.64 -49.69
C ARG O 327 57.22 17.60 -49.97
N VAL O 328 56.11 17.70 -49.23
CA VAL O 328 55.01 16.76 -49.42
C VAL O 328 54.39 17.00 -50.79
N VAL O 329 54.26 15.93 -51.57
CA VAL O 329 53.82 16.00 -52.96
C VAL O 329 52.54 15.19 -53.06
N SER O 330 51.39 15.89 -53.03
CA SER O 330 50.11 15.22 -53.18
C SER O 330 49.97 14.62 -54.58
N ASN O 331 50.22 15.42 -55.61
CA ASN O 331 50.21 14.96 -57.00
C ASN O 331 51.63 14.58 -57.36
N ILE O 332 51.91 13.27 -57.34
CA ILE O 332 53.28 12.79 -57.46
C ILE O 332 53.80 12.89 -58.90
N ASP O 333 52.93 13.17 -59.87
CA ASP O 333 53.36 13.23 -61.27
C ASP O 333 54.37 14.36 -61.50
N GLU O 334 54.33 15.41 -60.69
CA GLU O 334 55.24 16.54 -60.82
C GLU O 334 56.51 16.40 -59.99
N LEU O 335 56.73 15.25 -59.35
CA LEU O 335 57.94 15.06 -58.57
C LEU O 335 59.17 15.13 -59.47
N THR O 336 60.18 15.86 -59.02
CA THR O 336 61.41 16.12 -59.74
C THR O 336 62.60 15.83 -58.85
N PRO O 337 63.80 15.71 -59.41
CA PRO O 337 64.99 15.56 -58.56
C PRO O 337 65.19 16.72 -57.60
N GLU O 338 64.80 17.93 -58.00
CA GLU O 338 64.90 19.08 -57.11
C GLU O 338 63.99 18.94 -55.90
N ASP O 339 62.86 18.25 -56.05
CA ASP O 339 61.91 18.10 -54.96
C ASP O 339 62.34 17.08 -53.91
N LEU O 340 63.36 16.27 -54.18
CA LEU O 340 63.78 15.23 -53.26
C LEU O 340 64.65 15.81 -52.14
N GLY O 341 64.53 15.19 -50.96
CA GLY O 341 65.39 15.51 -49.85
C GLY O 341 66.55 14.54 -49.73
N HIS O 342 67.40 14.78 -48.72
CA HIS O 342 68.56 13.94 -48.46
C HIS O 342 68.71 13.75 -46.97
N ALA O 343 69.20 12.56 -46.60
CA ALA O 343 69.48 12.22 -45.21
C ALA O 343 70.84 11.56 -45.13
N GLY O 344 71.58 11.86 -44.06
CA GLY O 344 72.91 11.29 -43.90
C GLY O 344 72.89 9.79 -43.72
N LEU O 345 71.87 9.28 -43.03
CA LEU O 345 71.80 7.86 -42.75
C LEU O 345 70.36 7.48 -42.42
N VAL O 346 70.02 6.23 -42.74
CA VAL O 346 68.78 5.59 -42.27
C VAL O 346 69.16 4.18 -41.84
N GLU O 347 68.71 3.76 -40.66
CA GLU O 347 69.13 2.48 -40.10
C GLU O 347 68.00 1.88 -39.29
N GLN O 348 67.90 0.56 -39.36
CA GLN O 348 66.97 -0.22 -38.54
C GLN O 348 67.77 -0.85 -37.40
N ARG O 349 67.55 -0.38 -36.18
CA ARG O 349 68.24 -0.86 -34.99
C ARG O 349 67.24 -1.55 -34.08
N LYS O 350 67.60 -2.75 -33.60
CA LYS O 350 66.74 -3.53 -32.71
C LYS O 350 66.98 -3.13 -31.25
N LYS O 351 66.76 -1.85 -30.97
CA LYS O 351 66.90 -1.34 -29.62
C LYS O 351 65.67 -1.72 -28.80
N GLY O 352 65.90 -2.27 -27.62
CA GLY O 352 64.78 -2.72 -26.80
C GLY O 352 64.05 -3.86 -27.46
N GLU O 353 62.73 -3.89 -27.26
CA GLU O 353 61.87 -4.95 -27.81
C GLU O 353 61.33 -4.57 -29.18
N ASP O 354 60.70 -3.41 -29.29
CA ASP O 354 60.08 -3.00 -30.54
C ASP O 354 61.12 -2.73 -31.62
N ARG O 355 60.81 -3.13 -32.85
CA ARG O 355 61.64 -2.86 -34.01
C ARG O 355 61.23 -1.52 -34.61
N MET O 356 62.20 -0.64 -34.83
CA MET O 356 61.93 0.69 -35.35
C MET O 356 63.05 1.10 -36.30
N VAL O 357 62.73 2.00 -37.22
CA VAL O 357 63.69 2.57 -38.15
C VAL O 357 64.24 3.83 -37.49
N PHE O 358 65.47 3.76 -36.99
CA PHE O 358 66.12 4.89 -36.33
C PHE O 358 66.70 5.81 -37.39
N VAL O 359 65.85 6.71 -37.89
CA VAL O 359 66.28 7.65 -38.91
C VAL O 359 67.15 8.72 -38.27
N SER O 360 68.33 8.96 -38.86
CA SER O 360 69.31 9.86 -38.28
C SER O 360 70.13 10.48 -39.38
N GLY O 361 70.12 11.82 -39.46
CA GLY O 361 70.83 12.55 -40.49
C GLY O 361 69.97 13.52 -41.28
N CYS O 362 68.86 13.96 -40.70
CA CYS O 362 68.03 14.99 -41.31
C CYS O 362 68.65 16.35 -41.01
N LYS O 363 69.31 16.93 -42.01
CA LYS O 363 70.24 18.04 -41.81
C LYS O 363 69.63 19.42 -42.04
N ASN O 364 68.35 19.50 -42.38
CA ASN O 364 67.77 20.80 -42.73
C ASN O 364 67.39 21.61 -41.49
N GLU O 365 66.48 21.07 -40.68
CA GLU O 365 65.98 21.76 -39.50
C GLU O 365 65.91 20.81 -38.31
N PRO O 366 65.98 21.33 -37.06
CA PRO O 366 65.75 20.46 -35.89
C PRO O 366 64.26 20.29 -35.64
N VAL O 367 63.75 19.09 -35.91
CA VAL O 367 62.34 18.79 -35.82
C VAL O 367 62.18 17.41 -35.19
N ALA O 368 61.17 17.27 -34.33
CA ALA O 368 61.00 16.03 -33.57
C ALA O 368 59.59 15.94 -33.02
N THR O 369 59.35 14.87 -32.27
CA THR O 369 58.06 14.58 -31.65
C THR O 369 58.27 14.35 -30.16
N ILE O 370 57.22 14.57 -29.38
CA ILE O 370 57.30 14.44 -27.91
C ILE O 370 56.94 12.99 -27.60
N LEU O 371 57.96 12.13 -27.68
CA LEU O 371 57.82 10.69 -27.44
C LEU O 371 59.04 10.24 -26.66
N ILE O 372 58.81 9.75 -25.42
CA ILE O 372 59.89 9.55 -24.45
C ILE O 372 59.73 8.22 -23.74
N ARG O 373 60.86 7.59 -23.41
CA ARG O 373 60.90 6.28 -22.81
C ARG O 373 60.68 6.32 -21.30
N ALA O 374 60.24 5.20 -20.76
CA ALA O 374 60.21 4.95 -19.32
C ALA O 374 59.95 3.46 -19.12
N ALA O 375 59.67 3.07 -17.88
CA ALA O 375 59.46 1.66 -17.55
C ALA O 375 58.09 1.17 -18.01
N THR O 376 57.02 1.75 -17.46
CA THR O 376 55.64 1.36 -17.76
C THR O 376 54.89 2.55 -18.35
N GLU O 377 53.67 2.27 -18.83
CA GLU O 377 52.92 3.26 -19.59
C GLU O 377 52.58 4.49 -18.75
N HIS O 378 52.17 4.28 -17.49
CA HIS O 378 51.93 5.42 -16.60
C HIS O 378 53.20 6.24 -16.43
N VAL O 379 54.32 5.56 -16.21
CA VAL O 379 55.59 6.27 -16.04
C VAL O 379 56.02 6.90 -17.36
N VAL O 380 55.72 6.25 -18.49
CA VAL O 380 56.05 6.82 -19.79
C VAL O 380 55.34 8.16 -19.96
N GLU O 381 54.04 8.20 -19.72
CA GLU O 381 53.30 9.44 -19.86
C GLU O 381 53.76 10.48 -18.86
N GLU O 382 54.08 10.05 -17.63
CA GLU O 382 54.51 10.98 -16.60
C GLU O 382 55.82 11.67 -17.00
N LEU O 383 56.82 10.89 -17.41
CA LEU O 383 58.08 11.49 -17.84
C LEU O 383 57.94 12.27 -19.14
N GLU O 384 57.00 11.90 -20.02
CA GLU O 384 56.77 12.72 -21.21
C GLU O 384 56.29 14.12 -20.82
N ARG O 385 55.27 14.19 -19.97
CA ARG O 385 54.79 15.48 -19.49
C ARG O 385 55.91 16.22 -18.75
N ALA O 386 56.72 15.46 -18.01
CA ALA O 386 57.81 16.08 -17.26
C ALA O 386 58.79 16.77 -18.20
N ILE O 387 59.26 16.07 -19.23
CA ILE O 387 60.28 16.66 -20.09
C ILE O 387 59.69 17.84 -20.86
N ASP O 388 58.40 17.74 -21.24
CA ASP O 388 57.75 18.86 -21.90
C ASP O 388 57.74 20.10 -21.01
N ASP O 389 57.37 19.92 -19.74
CA ASP O 389 57.33 21.06 -18.83
C ASP O 389 58.74 21.61 -18.60
N ALA O 390 59.74 20.72 -18.61
CA ALA O 390 61.12 21.17 -18.42
C ALA O 390 61.57 22.07 -19.56
N LEU O 391 61.32 21.65 -20.79
CA LEU O 391 61.68 22.52 -21.92
C LEU O 391 60.87 23.81 -21.91
N ASN O 392 59.59 23.74 -21.50
CA ASN O 392 58.82 24.96 -21.40
C ASN O 392 59.46 25.94 -20.42
N ALA O 393 59.86 25.43 -19.25
CA ALA O 393 60.43 26.32 -18.23
C ALA O 393 61.77 26.88 -18.66
N VAL O 394 62.65 26.04 -19.23
CA VAL O 394 63.95 26.56 -19.62
C VAL O 394 63.81 27.54 -20.78
N LYS O 395 62.87 27.30 -21.69
CA LYS O 395 62.60 28.26 -22.76
C LYS O 395 62.12 29.58 -22.19
N ALA O 396 61.20 29.53 -21.21
CA ALA O 396 60.72 30.75 -20.59
C ALA O 396 61.85 31.50 -19.91
N ALA O 397 62.72 30.77 -19.22
CA ALA O 397 63.85 31.41 -18.54
C ALA O 397 64.79 32.07 -19.54
N ILE O 398 65.13 31.37 -20.62
CA ILE O 398 66.08 31.92 -21.58
C ILE O 398 65.48 33.11 -22.31
N LYS O 399 64.16 33.08 -22.57
CA LYS O 399 63.50 34.21 -23.22
C LYS O 399 63.45 35.41 -22.29
N ASP O 400 62.69 35.28 -21.20
CA ASP O 400 62.45 36.42 -20.27
C ASP O 400 63.74 36.77 -19.51
N GLY O 401 64.53 35.78 -19.09
CA GLY O 401 65.74 36.06 -18.34
C GLY O 401 65.49 36.66 -16.98
N LYS O 402 64.37 36.33 -16.35
CA LYS O 402 64.08 36.76 -14.99
C LYS O 402 63.52 35.56 -14.24
N VAL O 403 64.15 35.21 -13.13
CA VAL O 403 63.81 34.02 -12.36
C VAL O 403 63.53 34.45 -10.92
N VAL O 404 62.44 33.93 -10.37
CA VAL O 404 61.97 34.29 -9.03
C VAL O 404 62.16 33.09 -8.12
N PRO O 405 62.47 33.25 -6.83
CA PRO O 405 62.55 32.08 -5.95
C PRO O 405 61.20 31.39 -5.84
N GLY O 406 61.23 30.07 -5.95
CA GLY O 406 60.04 29.25 -5.85
C GLY O 406 59.78 28.79 -4.44
N GLY O 407 59.08 27.68 -4.32
CA GLY O 407 58.82 27.09 -3.02
C GLY O 407 58.00 27.97 -2.11
N GLY O 408 57.11 28.79 -2.67
CA GLY O 408 56.30 29.68 -1.88
C GLY O 408 56.98 30.97 -1.47
N ALA O 409 58.26 31.14 -1.79
CA ALA O 409 58.96 32.34 -1.37
C ALA O 409 58.43 33.58 -2.08
N ALA O 410 58.22 33.49 -3.38
CA ALA O 410 57.68 34.61 -4.13
C ALA O 410 56.30 34.98 -3.63
N GLU O 411 55.48 33.98 -3.35
CA GLU O 411 54.13 34.25 -2.85
C GLU O 411 54.17 34.99 -1.52
N VAL O 412 55.04 34.56 -0.60
CA VAL O 412 55.11 35.21 0.71
C VAL O 412 55.65 36.63 0.58
N ALA O 413 56.66 36.82 -0.28
CA ALA O 413 57.21 38.17 -0.46
C ALA O 413 56.15 39.12 -1.02
N VAL O 414 55.44 38.67 -2.06
CA VAL O 414 54.42 39.53 -2.65
C VAL O 414 53.30 39.77 -1.66
N ALA O 415 52.97 38.77 -0.84
CA ALA O 415 51.94 38.94 0.18
C ALA O 415 52.37 39.99 1.20
N ARG O 416 53.63 39.95 1.63
CA ARG O 416 54.12 40.94 2.59
C ARG O 416 54.03 42.35 2.03
N LYS O 417 54.49 42.53 0.79
CA LYS O 417 54.45 43.87 0.23
C LYS O 417 53.01 44.31 -0.04
N LEU O 418 52.12 43.36 -0.34
CA LEU O 418 50.70 43.70 -0.48
C LEU O 418 50.12 44.15 0.85
N ARG O 419 50.53 43.53 1.95
CA ARG O 419 50.06 43.97 3.25
C ARG O 419 50.60 45.37 3.56
N GLU O 420 51.81 45.65 3.12
CA GLU O 420 52.34 47.02 3.26
C GLU O 420 51.47 48.01 2.48
N TYR O 421 51.09 47.65 1.24
CA TYR O 421 50.22 48.52 0.46
C TYR O 421 48.86 48.68 1.14
N ALA O 422 48.34 47.61 1.74
CA ALA O 422 47.09 47.71 2.48
C ALA O 422 47.23 48.68 3.64
N LYS O 423 48.36 48.63 4.35
CA LYS O 423 48.62 49.63 5.39
C LYS O 423 48.65 51.04 4.81
N SER O 424 49.16 51.19 3.58
CA SER O 424 49.17 52.50 2.95
C SER O 424 47.76 52.95 2.60
N LEU O 425 46.98 52.08 1.96
CA LEU O 425 45.64 52.42 1.52
C LEU O 425 44.65 52.38 2.69
N SER O 426 43.53 53.08 2.51
CA SER O 426 42.46 53.09 3.49
C SER O 426 41.13 52.93 2.77
N GLY O 427 40.14 52.44 3.51
CA GLY O 427 38.81 52.19 3.00
C GLY O 427 38.48 50.71 3.01
N LYS O 428 37.32 50.39 2.43
CA LYS O 428 36.90 49.00 2.32
C LYS O 428 37.61 48.24 1.20
N GLU O 429 38.44 48.92 0.40
CA GLU O 429 39.35 48.23 -0.49
C GLU O 429 40.51 47.58 0.25
N GLN O 430 40.86 48.10 1.43
CA GLN O 430 41.95 47.51 2.21
C GLN O 430 41.62 46.08 2.60
N LEU O 431 40.35 45.82 2.94
CA LEU O 431 39.95 44.46 3.25
C LEU O 431 40.13 43.54 2.05
N ALA O 432 39.81 44.05 0.85
CA ALA O 432 39.99 43.25 -0.35
C ALA O 432 41.47 42.97 -0.62
N ILE O 433 42.33 43.97 -0.41
CA ILE O 433 43.76 43.74 -0.61
C ILE O 433 44.28 42.72 0.39
N GLU O 434 43.84 42.81 1.64
CA GLU O 434 44.23 41.81 2.63
C GLU O 434 43.73 40.43 2.25
N ALA O 435 42.52 40.37 1.69
CA ALA O 435 41.99 39.12 1.17
C ALA O 435 42.89 38.54 0.08
N PHE O 436 43.32 39.39 -0.85
CA PHE O 436 44.22 38.92 -1.90
C PHE O 436 45.53 38.44 -1.31
N ALA O 437 46.05 39.14 -0.30
CA ALA O 437 47.29 38.72 0.33
C ALA O 437 47.16 37.35 0.96
N ASP O 438 46.04 37.11 1.68
CA ASP O 438 45.87 35.81 2.32
C ASP O 438 45.69 34.72 1.27
N ALA O 439 44.93 35.00 0.21
CA ALA O 439 44.76 34.02 -0.84
C ALA O 439 46.09 33.68 -1.51
N LEU O 440 46.94 34.68 -1.70
CA LEU O 440 48.26 34.43 -2.27
C LEU O 440 49.12 33.63 -1.29
N GLU O 441 48.99 33.91 -0.01
CA GLU O 441 49.74 33.18 1.02
C GLU O 441 49.24 31.74 1.16
N GLU O 442 48.05 31.44 0.64
CA GLU O 442 47.52 30.07 0.69
C GLU O 442 48.40 29.07 -0.06
N ILE O 443 49.08 29.50 -1.14
CA ILE O 443 49.92 28.57 -1.91
C ILE O 443 51.03 27.95 -1.06
N PRO O 444 51.83 28.73 -0.32
CA PRO O 444 52.83 28.10 0.55
C PRO O 444 52.22 27.17 1.58
N ARG O 445 51.01 27.48 2.05
CA ARG O 445 50.33 26.58 2.98
C ARG O 445 50.08 25.23 2.33
N THR O 446 49.61 25.22 1.09
CA THR O 446 49.39 23.96 0.38
C THR O 446 50.70 23.23 0.17
N LEU O 447 51.74 23.96 -0.23
CA LEU O 447 53.01 23.31 -0.50
C LEU O 447 53.61 22.71 0.76
N ALA O 448 53.34 23.30 1.92
CA ALA O 448 53.77 22.70 3.18
C ALA O 448 52.90 21.51 3.55
N GLU O 449 51.59 21.61 3.30
CA GLU O 449 50.68 20.50 3.64
C GLU O 449 51.04 19.24 2.88
N ASN O 450 51.27 19.37 1.56
CA ASN O 450 51.63 18.19 0.78
C ASN O 450 53.02 17.67 1.13
N ALA O 451 53.86 18.50 1.74
CA ALA O 451 55.19 18.08 2.14
C ALA O 451 55.21 17.35 3.48
N GLY O 452 54.11 17.36 4.22
CA GLY O 452 54.01 16.71 5.52
C GLY O 452 54.19 17.64 6.70
N LEU O 453 54.77 18.82 6.50
CA LEU O 453 54.92 19.77 7.59
C LEU O 453 53.57 20.34 7.99
N ASP O 454 53.48 20.79 9.23
CA ASP O 454 52.28 21.44 9.69
C ASP O 454 52.12 22.79 8.98
N PRO O 455 50.91 23.16 8.52
CA PRO O 455 50.83 24.34 7.67
C PRO O 455 51.03 25.64 8.43
N ILE O 456 50.39 25.79 9.59
CA ILE O 456 50.38 27.08 10.27
C ILE O 456 51.78 27.39 10.81
N ASP O 457 52.44 26.39 11.40
CA ASP O 457 53.75 26.64 12.01
C ASP O 457 54.77 27.07 10.97
N THR O 458 54.89 26.31 9.88
CA THR O 458 55.86 26.66 8.85
C THR O 458 55.47 27.92 8.11
N LEU O 459 54.16 28.20 7.99
CA LEU O 459 53.74 29.44 7.35
C LEU O 459 54.14 30.64 8.21
N VAL O 460 53.95 30.52 9.53
CA VAL O 460 54.36 31.60 10.44
C VAL O 460 55.88 31.75 10.40
N GLN O 461 56.60 30.63 10.31
CA GLN O 461 58.05 30.71 10.21
C GLN O 461 58.47 31.43 8.93
N LEU O 462 57.79 31.15 7.81
CA LEU O 462 58.11 31.83 6.57
C LEU O 462 57.83 33.33 6.68
N ARG O 463 56.70 33.69 7.27
CA ARG O 463 56.37 35.11 7.42
C ARG O 463 57.39 35.81 8.31
N ALA O 464 57.77 35.16 9.42
CA ALA O 464 58.78 35.74 10.30
C ALA O 464 60.10 35.90 9.58
N ALA O 465 60.48 34.90 8.78
CA ALA O 465 61.73 34.98 8.03
C ALA O 465 61.72 36.14 7.05
N HIS O 466 60.61 36.29 6.31
CA HIS O 466 60.53 37.41 5.39
C HIS O 466 60.45 38.74 6.11
N GLU O 467 60.04 38.75 7.39
CA GLU O 467 60.06 39.99 8.16
C GLU O 467 61.47 40.43 8.55
N GLU O 468 62.47 39.54 8.46
CA GLU O 468 63.84 39.89 8.81
C GLU O 468 64.64 40.41 7.63
N GLY O 469 64.06 40.49 6.44
CA GLY O 469 64.69 41.12 5.29
C GLY O 469 65.09 40.16 4.19
N ASP O 470 65.60 38.98 4.52
CA ASP O 470 65.95 38.02 3.50
C ASP O 470 64.70 37.55 2.77
N LYS O 471 64.86 37.24 1.48
CA LYS O 471 63.75 37.10 0.55
C LYS O 471 63.66 35.73 -0.09
N ASN O 472 64.65 34.85 0.11
CA ASN O 472 64.74 33.57 -0.57
C ASN O 472 64.32 32.39 0.28
N ILE O 473 63.93 32.60 1.54
CA ILE O 473 63.53 31.50 2.40
C ILE O 473 62.17 31.00 1.95
N GLY O 474 62.09 29.70 1.63
CA GLY O 474 60.88 29.07 1.16
C GLY O 474 60.64 27.75 1.87
N ILE O 475 60.05 26.82 1.14
CA ILE O 475 59.82 25.46 1.60
C ILE O 475 60.39 24.52 0.55
N ASP O 476 61.25 23.59 0.98
CA ASP O 476 61.83 22.57 0.12
C ASP O 476 61.21 21.26 0.60
N CYS O 477 60.42 20.64 -0.25
CA CYS O 477 59.73 19.41 0.12
C CYS O 477 60.60 18.18 -0.03
N LEU O 478 61.72 18.27 -0.76
CA LEU O 478 62.64 17.14 -0.82
C LEU O 478 63.34 16.95 0.52
N THR O 479 63.88 18.03 1.09
CA THR O 479 64.47 17.95 2.42
C THR O 479 63.43 17.99 3.52
N GLY O 480 62.22 18.42 3.23
CA GLY O 480 61.18 18.48 4.25
C GLY O 480 61.47 19.46 5.36
N GLU O 481 61.99 20.63 5.03
CA GLU O 481 62.28 21.68 5.98
C GLU O 481 62.00 23.03 5.32
N VAL O 482 62.38 24.10 6.02
CA VAL O 482 62.38 25.46 5.47
C VAL O 482 63.83 25.90 5.35
N ALA O 483 64.21 26.35 4.15
CA ALA O 483 65.59 26.71 3.88
C ALA O 483 65.61 27.73 2.76
N ASP O 484 66.80 28.29 2.53
CA ASP O 484 66.98 29.24 1.44
C ASP O 484 66.83 28.49 0.12
N MET O 485 65.88 28.94 -0.71
CA MET O 485 65.61 28.25 -1.96
C MET O 485 66.75 28.39 -2.95
N LEU O 486 67.44 29.54 -2.95
CA LEU O 486 68.50 29.75 -3.92
C LEU O 486 69.65 28.77 -3.72
N GLU O 487 69.99 28.50 -2.47
CA GLU O 487 71.03 27.51 -2.18
C GLU O 487 70.54 26.09 -2.42
N ALA O 488 69.23 25.85 -2.37
CA ALA O 488 68.66 24.53 -2.55
C ALA O 488 68.30 24.23 -4.01
N GLY O 489 68.53 25.16 -4.93
CA GLY O 489 68.18 24.91 -6.32
C GLY O 489 66.69 24.75 -6.54
N VAL O 490 65.89 25.64 -5.96
CA VAL O 490 64.44 25.62 -6.09
C VAL O 490 64.04 27.01 -6.60
N ILE O 491 63.96 27.16 -7.91
CA ILE O 491 63.69 28.45 -8.54
C ILE O 491 62.87 28.23 -9.80
N ASP O 492 61.85 29.06 -10.00
CA ASP O 492 60.86 28.94 -11.05
C ASP O 492 60.92 30.22 -11.90
N PRO O 493 60.60 30.18 -13.20
CA PRO O 493 60.70 31.41 -13.98
C PRO O 493 59.69 32.46 -13.52
N ALA O 494 60.07 33.72 -13.67
CA ALA O 494 59.18 34.81 -13.29
C ALA O 494 57.92 34.81 -14.14
N ALA O 495 58.06 34.50 -15.44
CA ALA O 495 56.92 34.54 -16.34
C ALA O 495 55.82 33.57 -15.90
N VAL O 496 56.21 32.38 -15.43
CA VAL O 496 55.22 31.39 -15.03
C VAL O 496 54.40 31.92 -13.85
N LYS O 497 55.07 32.50 -12.86
CA LYS O 497 54.35 32.98 -11.68
C LYS O 497 53.50 34.21 -11.99
N LYS O 498 54.01 35.12 -12.83
CA LYS O 498 53.21 36.26 -13.26
C LYS O 498 51.95 35.81 -13.97
N GLN O 499 52.08 34.85 -14.89
CA GLN O 499 50.89 34.36 -15.59
C GLN O 499 49.98 33.59 -14.65
N ALA O 500 50.54 32.90 -13.66
CA ALA O 500 49.72 32.20 -12.68
C ALA O 500 48.83 33.18 -11.93
N ILE O 501 49.44 34.27 -11.44
CA ILE O 501 48.66 35.27 -10.70
C ILE O 501 47.61 35.90 -11.61
N LYS O 502 47.99 36.23 -12.85
CA LYS O 502 47.06 36.88 -13.75
C LYS O 502 45.87 35.97 -14.07
N SER O 503 46.13 34.71 -14.39
CA SER O 503 45.05 33.80 -14.72
C SER O 503 44.16 33.54 -13.51
N ALA O 504 44.75 33.43 -12.32
CA ALA O 504 43.94 33.25 -11.13
C ALA O 504 43.04 34.46 -10.89
N THR O 505 43.57 35.66 -11.11
CA THR O 505 42.76 36.87 -10.96
C THR O 505 41.59 36.87 -11.92
N GLU O 506 41.83 36.49 -13.17
CA GLU O 506 40.78 36.55 -14.19
C GLU O 506 39.78 35.44 -13.95
N ALA O 507 40.18 34.31 -13.39
CA ALA O 507 39.25 33.25 -13.03
C ALA O 507 38.35 33.69 -11.88
N ALA O 508 38.97 34.20 -10.80
CA ALA O 508 38.18 34.60 -9.63
C ALA O 508 37.22 35.72 -9.98
N THR O 509 37.69 36.70 -10.75
CA THR O 509 36.84 37.83 -11.11
C THR O 509 35.65 37.37 -11.96
N MET O 510 35.91 36.64 -13.03
CA MET O 510 34.83 36.27 -13.93
C MET O 510 33.92 35.21 -13.34
N ILE O 511 34.34 34.50 -12.29
CA ILE O 511 33.41 33.64 -11.57
C ILE O 511 32.59 34.45 -10.58
N LEU O 512 33.17 35.52 -10.03
CA LEU O 512 32.40 36.39 -9.13
C LEU O 512 31.37 37.22 -9.90
N ARG O 513 31.65 37.55 -11.16
CA ARG O 513 30.79 38.46 -11.91
C ARG O 513 29.47 37.82 -12.33
N ILE O 514 29.32 36.51 -12.17
CA ILE O 514 28.10 35.83 -12.58
C ILE O 514 27.07 35.94 -11.46
N ASP O 515 25.79 35.96 -11.83
CA ASP O 515 24.69 36.09 -10.86
C ASP O 515 23.83 34.84 -10.77
N ASP O 516 23.26 34.39 -11.88
CA ASP O 516 22.32 33.27 -11.83
C ASP O 516 22.44 32.41 -13.08
N ILE O 517 21.99 31.17 -12.94
CA ILE O 517 22.02 30.17 -14.01
C ILE O 517 20.67 30.26 -14.70
N ILE O 518 20.67 30.44 -16.02
CA ILE O 518 19.43 30.54 -16.81
C ILE O 518 19.49 29.60 -17.99
N PRO O 519 18.38 28.98 -18.41
CA PRO O 519 18.47 28.04 -19.55
C PRO O 519 18.56 28.81 -20.85
N ALA O 520 19.54 28.45 -21.69
CA ALA O 520 19.78 29.13 -22.95
C ALA O 520 19.23 28.30 -24.10
N LYS O 521 18.65 29.00 -25.08
CA LYS O 521 18.22 28.35 -26.30
C LYS O 521 19.41 27.70 -26.99
N ALA O 522 19.26 26.45 -27.38
CA ALA O 522 20.33 25.75 -28.07
C ALA O 522 20.35 26.18 -29.54
N PRO O 523 21.52 26.38 -30.15
CA PRO O 523 21.54 26.74 -31.58
C PRO O 523 21.09 25.58 -32.43
N THR O 524 20.11 25.83 -33.31
CA THR O 524 19.58 24.80 -34.19
C THR O 524 20.53 24.57 -35.37
N ASP P 19 -6.03 35.28 -12.61
CA ASP P 19 -5.43 36.60 -12.96
C ASP P 19 -4.30 36.43 -13.96
N ALA P 20 -4.68 36.18 -15.22
CA ALA P 20 -3.68 35.99 -16.26
C ALA P 20 -2.87 37.26 -16.50
N ARG P 21 -3.48 38.43 -16.28
CA ARG P 21 -2.71 39.66 -16.35
C ARG P 21 -1.65 39.70 -15.27
N LYS P 22 -2.00 39.28 -14.05
CA LYS P 22 -1.00 39.19 -13.00
C LYS P 22 0.11 38.21 -13.35
N ASN P 23 -0.26 37.10 -14.00
CA ASN P 23 0.74 36.13 -14.44
C ASN P 23 1.69 36.74 -15.46
N ASN P 24 1.15 37.47 -16.44
CA ASN P 24 2.00 38.11 -17.45
C ASN P 24 2.89 39.16 -16.82
N ILE P 25 2.34 39.94 -15.88
CA ILE P 25 3.13 40.94 -15.19
C ILE P 25 4.24 40.28 -14.39
N ALA P 26 3.95 39.13 -13.78
CA ALA P 26 4.97 38.41 -13.03
C ALA P 26 6.09 37.92 -13.95
N ALA P 27 5.73 37.40 -15.13
CA ALA P 27 6.76 36.95 -16.07
C ALA P 27 7.61 38.12 -16.55
N ALA P 28 6.98 39.24 -16.88
CA ALA P 28 7.72 40.42 -17.29
C ALA P 28 8.62 40.92 -16.17
N ARG P 29 8.14 40.87 -14.93
CA ARG P 29 8.94 41.25 -13.79
C ARG P 29 10.13 40.32 -13.62
N ALA P 30 9.92 39.03 -13.84
CA ALA P 30 11.02 38.07 -13.72
C ALA P 30 12.11 38.39 -14.74
N ILE P 31 11.73 38.64 -15.99
CA ILE P 31 12.74 38.97 -16.99
C ILE P 31 13.40 40.31 -16.66
N ALA P 32 12.62 41.28 -16.19
CA ALA P 32 13.16 42.58 -15.86
C ALA P 32 14.19 42.47 -14.74
N ASP P 33 13.89 41.70 -13.70
CA ASP P 33 14.84 41.53 -12.61
C ASP P 33 16.04 40.71 -13.05
N MET P 34 15.84 39.78 -13.99
CA MET P 34 16.96 39.01 -14.52
C MET P 34 17.96 39.91 -15.23
N VAL P 35 17.46 40.82 -16.07
CA VAL P 35 18.33 41.69 -16.86
C VAL P 35 18.68 43.00 -16.12
N LYS P 36 18.08 43.24 -14.96
CA LYS P 36 18.39 44.45 -14.20
C LYS P 36 19.85 44.51 -13.80
N THR P 37 20.40 43.38 -13.34
CA THR P 37 21.73 43.37 -12.76
C THR P 37 22.84 43.67 -13.76
N THR P 38 22.56 43.64 -15.07
CA THR P 38 23.56 43.84 -16.10
C THR P 38 23.51 45.24 -16.72
N LEU P 39 22.93 46.21 -16.01
CA LEU P 39 22.80 47.57 -16.49
C LEU P 39 23.91 48.42 -15.86
N GLY P 40 24.93 48.73 -16.65
CA GLY P 40 25.95 49.68 -16.26
C GLY P 40 27.37 49.22 -16.54
N PRO P 41 28.34 50.09 -16.25
CA PRO P 41 29.75 49.68 -16.38
C PRO P 41 30.09 48.45 -15.57
N ARG P 42 29.54 48.35 -14.36
CA ARG P 42 29.83 47.25 -13.46
C ARG P 42 28.77 46.16 -13.55
N GLY P 43 28.22 45.96 -14.74
CA GLY P 43 27.17 44.99 -14.94
C GLY P 43 27.62 43.58 -14.60
N MET P 44 27.05 43.03 -13.54
CA MET P 44 27.32 41.66 -13.17
C MET P 44 26.90 40.76 -14.32
N ASN P 45 27.87 40.10 -14.97
CA ASN P 45 27.58 39.35 -16.18
C ASN P 45 26.66 38.16 -15.89
N LYS P 46 26.20 37.54 -16.96
CA LYS P 46 25.28 36.41 -16.89
C LYS P 46 25.83 35.28 -17.74
N MET P 47 25.47 34.05 -17.41
CA MET P 47 25.96 32.85 -18.08
C MET P 47 24.80 32.19 -18.80
N LEU P 48 24.95 31.99 -20.11
CA LEU P 48 23.94 31.32 -20.92
C LEU P 48 24.38 29.88 -21.16
N VAL P 49 23.66 28.93 -20.57
CA VAL P 49 23.96 27.51 -20.67
C VAL P 49 22.79 26.82 -21.37
N ASN P 50 23.12 25.91 -22.29
CA ASN P 50 22.14 25.21 -23.11
C ASN P 50 22.30 23.71 -22.92
N SER P 51 21.34 22.95 -23.45
CA SER P 51 21.36 21.50 -23.31
C SER P 51 22.60 20.90 -23.96
N LEU P 52 23.09 21.50 -25.04
CA LEU P 52 24.32 21.04 -25.67
C LEU P 52 25.54 21.25 -24.80
N GLY P 53 25.44 22.06 -23.73
CA GLY P 53 26.54 22.30 -22.82
C GLY P 53 27.42 23.49 -23.17
N ASP P 54 27.25 24.08 -24.34
CA ASP P 54 28.02 25.27 -24.69
C ASP P 54 27.63 26.43 -23.77
N VAL P 55 28.62 27.21 -23.37
CA VAL P 55 28.44 28.32 -22.44
C VAL P 55 29.09 29.56 -23.04
N THR P 56 28.37 30.67 -23.01
CA THR P 56 28.89 31.97 -23.41
C THR P 56 28.56 32.99 -22.32
N ILE P 57 29.60 33.63 -21.80
CA ILE P 57 29.44 34.66 -20.78
C ILE P 57 29.17 35.98 -21.49
N THR P 58 28.02 36.57 -21.21
CA THR P 58 27.61 37.82 -21.84
C THR P 58 27.05 38.75 -20.79
N ASN P 59 27.12 40.05 -21.08
CA ASN P 59 26.50 41.08 -20.26
C ASN P 59 25.64 42.06 -21.03
N ASP P 60 25.86 42.22 -22.34
CA ASP P 60 24.97 43.05 -23.14
C ASP P 60 23.59 42.40 -23.18
N GLY P 61 22.57 43.17 -22.79
CA GLY P 61 21.23 42.62 -22.64
C GLY P 61 20.65 42.04 -23.91
N ALA P 62 21.16 42.46 -25.07
CA ALA P 62 20.63 41.95 -26.34
C ALA P 62 20.80 40.44 -26.44
N THR P 63 21.99 39.94 -26.15
CA THR P 63 22.20 38.49 -26.19
C THR P 63 21.34 37.79 -25.14
N ILE P 64 21.24 38.40 -23.95
CA ILE P 64 20.53 37.75 -22.85
C ILE P 64 19.07 37.59 -23.22
N LEU P 65 18.49 38.59 -23.88
CA LEU P 65 17.12 38.47 -24.37
C LEU P 65 17.02 37.62 -25.63
N GLU P 66 18.11 37.43 -26.35
CA GLU P 66 18.00 36.70 -27.62
C GLU P 66 17.98 35.21 -27.30
N GLU P 67 19.07 34.63 -26.84
CA GLU P 67 19.16 33.18 -26.65
C GLU P 67 18.90 32.72 -25.23
N MET P 68 17.86 33.27 -24.60
CA MET P 68 17.27 32.69 -23.40
C MET P 68 16.01 31.91 -23.78
N ASP P 69 15.71 30.90 -22.96
CA ASP P 69 14.49 30.11 -23.15
C ASP P 69 13.33 30.76 -22.43
N ILE P 70 12.20 30.90 -23.13
CA ILE P 70 11.00 31.53 -22.58
C ILE P 70 9.79 30.73 -23.04
N GLU P 71 9.13 30.04 -22.10
CA GLU P 71 7.88 29.37 -22.42
C GLU P 71 6.68 30.30 -22.27
N HIS P 72 6.77 31.30 -21.43
CA HIS P 72 5.65 32.22 -21.23
C HIS P 72 5.52 33.13 -22.46
N PRO P 73 4.30 33.30 -23.02
CA PRO P 73 4.21 34.09 -24.25
C PRO P 73 4.29 35.59 -24.00
N ALA P 74 3.82 36.03 -22.84
CA ALA P 74 3.98 37.43 -22.47
C ALA P 74 5.46 37.79 -22.38
N ALA P 75 6.26 36.88 -21.83
CA ALA P 75 7.70 37.03 -21.91
C ALA P 75 8.18 36.99 -23.35
N LYS P 76 7.59 36.12 -24.16
CA LYS P 76 8.02 35.96 -25.55
C LYS P 76 7.81 37.24 -26.36
N MET P 77 6.88 38.09 -25.95
CA MET P 77 6.76 39.40 -26.59
C MET P 77 8.02 40.24 -26.40
N LEU P 78 8.67 40.15 -25.23
CA LEU P 78 9.83 40.98 -25.01
C LEU P 78 10.97 40.63 -25.96
N LYS P 79 10.97 39.43 -26.53
CA LYS P 79 11.84 39.16 -27.67
C LYS P 79 11.60 40.16 -28.79
N GLU P 80 10.33 40.36 -29.15
CA GLU P 80 10.00 41.28 -30.23
C GLU P 80 10.38 42.70 -29.84
N VAL P 81 10.14 43.07 -28.58
CA VAL P 81 10.50 44.41 -28.11
C VAL P 81 12.00 44.65 -28.25
N ALA P 82 12.81 43.68 -27.81
CA ALA P 82 14.25 43.82 -27.89
C ALA P 82 14.72 43.84 -29.34
N LYS P 83 14.11 43.01 -30.19
CA LYS P 83 14.47 43.00 -31.60
C LYS P 83 14.20 44.35 -32.24
N ALA P 84 13.04 44.94 -31.93
CA ALA P 84 12.73 46.27 -32.46
C ALA P 84 13.72 47.30 -31.95
N GLN P 85 14.06 47.22 -30.66
CA GLN P 85 15.02 48.18 -30.10
C GLN P 85 16.36 48.09 -30.80
N GLU P 86 16.85 46.87 -31.00
CA GLU P 86 18.12 46.68 -31.69
C GLU P 86 18.03 47.19 -33.13
N GLU P 87 16.88 46.97 -33.77
CA GLU P 87 16.74 47.36 -35.17
C GLU P 87 16.78 48.87 -35.33
N GLU P 88 15.98 49.60 -34.55
CA GLU P 88 15.95 51.04 -34.74
C GLU P 88 17.19 51.71 -34.13
N ALA P 89 17.47 51.45 -32.85
CA ALA P 89 18.51 52.17 -32.13
C ALA P 89 19.84 51.44 -32.13
N GLY P 90 19.84 50.13 -31.88
CA GLY P 90 21.05 49.36 -31.75
C GLY P 90 21.70 49.42 -30.39
N ASP P 91 21.16 50.21 -29.46
CA ASP P 91 21.66 50.27 -28.09
C ASP P 91 20.52 50.67 -27.18
N GLY P 92 20.44 49.99 -26.03
CA GLY P 92 19.49 50.35 -24.99
C GLY P 92 18.44 49.30 -24.72
N THR P 93 18.72 48.05 -25.09
CA THR P 93 17.76 46.98 -24.82
C THR P 93 17.61 46.73 -23.33
N THR P 94 18.71 46.74 -22.57
CA THR P 94 18.60 46.53 -21.13
C THR P 94 17.87 47.69 -20.47
N THR P 95 18.13 48.91 -20.92
CA THR P 95 17.40 50.06 -20.41
C THR P 95 15.92 49.93 -20.70
N ALA P 96 15.56 49.49 -21.90
CA ALA P 96 14.16 49.34 -22.27
C ALA P 96 13.48 48.29 -21.40
N VAL P 97 14.14 47.14 -21.19
CA VAL P 97 13.50 46.08 -20.43
C VAL P 97 13.37 46.46 -18.96
N VAL P 98 14.39 47.12 -18.40
CA VAL P 98 14.29 47.54 -17.00
C VAL P 98 13.21 48.60 -16.84
N LEU P 99 13.11 49.53 -17.80
CA LEU P 99 12.05 50.54 -17.73
C LEU P 99 10.68 49.89 -17.82
N ALA P 100 10.53 48.90 -18.70
CA ALA P 100 9.26 48.19 -18.79
C ALA P 100 8.94 47.48 -17.49
N GLY P 101 9.95 46.88 -16.85
CA GLY P 101 9.72 46.22 -15.59
C GLY P 101 9.25 47.17 -14.51
N ALA P 102 9.91 48.33 -14.39
CA ALA P 102 9.50 49.30 -13.39
C ALA P 102 8.11 49.86 -13.70
N LEU P 103 7.84 50.09 -14.98
CA LEU P 103 6.54 50.60 -15.39
C LEU P 103 5.43 49.63 -15.02
N LEU P 104 5.64 48.34 -15.29
CA LEU P 104 4.62 47.36 -14.92
C LEU P 104 4.56 47.17 -13.41
N GLU P 105 5.67 47.39 -12.70
CA GLU P 105 5.63 47.41 -11.24
C GLU P 105 4.64 48.44 -10.74
N GLU P 106 4.79 49.68 -11.19
CA GLU P 106 3.88 50.72 -10.72
C GLU P 106 2.47 50.54 -11.29
N ALA P 107 2.35 49.93 -12.46
CA ALA P 107 1.03 49.62 -12.99
C ALA P 107 0.30 48.61 -12.09
N GLU P 108 1.02 47.58 -11.65
CA GLU P 108 0.42 46.61 -10.73
C GLU P 108 0.03 47.28 -9.42
N LYS P 109 0.91 48.15 -8.90
CA LYS P 109 0.57 48.87 -7.68
C LYS P 109 -0.67 49.74 -7.89
N LEU P 110 -0.84 50.30 -9.08
CA LEU P 110 -1.98 51.17 -9.34
C LEU P 110 -3.28 50.37 -9.50
N ILE P 111 -3.22 49.22 -10.19
CA ILE P 111 -4.42 48.40 -10.28
C ILE P 111 -4.78 47.85 -8.91
N GLU P 112 -3.80 47.67 -8.03
CA GLU P 112 -4.11 47.27 -6.67
C GLU P 112 -4.99 48.32 -5.98
N GLN P 113 -4.70 49.60 -6.18
CA GLN P 113 -5.50 50.65 -5.58
C GLN P 113 -6.94 50.63 -6.11
N GLY P 114 -7.09 50.47 -7.42
CA GLY P 114 -8.41 50.39 -8.03
C GLY P 114 -8.56 51.10 -9.36
N ILE P 115 -7.51 51.79 -9.84
CA ILE P 115 -7.58 52.46 -11.12
C ILE P 115 -7.74 51.42 -12.21
N HIS P 116 -8.60 51.70 -13.18
CA HIS P 116 -8.79 50.78 -14.29
C HIS P 116 -7.52 50.74 -15.15
N PRO P 117 -7.21 49.60 -15.76
CA PRO P 117 -5.97 49.54 -16.58
C PRO P 117 -5.96 50.53 -17.73
N THR P 118 -7.12 50.79 -18.34
CA THR P 118 -7.15 51.67 -19.50
C THR P 118 -6.75 53.10 -19.12
N THR P 119 -7.14 53.54 -17.92
CA THR P 119 -6.69 54.84 -17.44
C THR P 119 -5.17 54.87 -17.28
N ILE P 120 -4.59 53.76 -16.81
CA ILE P 120 -3.13 53.69 -16.70
C ILE P 120 -2.51 53.82 -18.08
N ILE P 121 -3.10 53.17 -19.09
CA ILE P 121 -2.56 53.24 -20.44
C ILE P 121 -2.61 54.67 -20.96
N LYS P 122 -3.74 55.36 -20.75
CA LYS P 122 -3.85 56.73 -21.22
C LYS P 122 -2.85 57.63 -20.51
N GLY P 123 -2.70 57.47 -19.20
CA GLY P 123 -1.75 58.26 -18.45
C GLY P 123 -0.33 58.01 -18.91
N TYR P 124 0.02 56.75 -19.17
CA TYR P 124 1.37 56.44 -19.65
C TYR P 124 1.61 57.05 -21.02
N ARG P 125 0.60 57.02 -21.90
CA ARG P 125 0.75 57.63 -23.22
C ARG P 125 1.05 59.12 -23.09
N LYS P 126 0.26 59.84 -22.29
CA LYS P 126 0.51 61.27 -22.13
C LYS P 126 1.86 61.53 -21.47
N ALA P 127 2.19 60.72 -20.46
CA ALA P 127 3.46 60.87 -19.76
C ALA P 127 4.61 60.70 -20.71
N VAL P 128 4.50 59.76 -21.65
CA VAL P 128 5.63 59.46 -22.53
C VAL P 128 5.72 60.47 -23.65
N ASP P 129 4.58 61.02 -24.10
CA ASP P 129 4.65 62.14 -25.02
C ASP P 129 5.43 63.30 -24.41
N LYS P 130 5.08 63.69 -23.19
CA LYS P 130 5.84 64.78 -22.57
C LYS P 130 7.24 64.32 -22.19
N ALA P 131 7.46 63.03 -21.97
CA ALA P 131 8.81 62.56 -21.68
C ALA P 131 9.72 62.75 -22.88
N LEU P 132 9.24 62.39 -24.07
CA LEU P 132 10.02 62.63 -25.28
C LEU P 132 10.25 64.12 -25.50
N GLU P 133 9.22 64.94 -25.26
CA GLU P 133 9.41 66.38 -25.40
C GLU P 133 10.48 66.91 -24.43
N VAL P 134 10.41 66.49 -23.17
CA VAL P 134 11.35 66.95 -22.16
C VAL P 134 12.77 66.52 -22.52
N LEU P 135 12.92 65.27 -22.94
CA LEU P 135 14.25 64.80 -23.34
C LEU P 135 14.77 65.57 -24.54
N GLU P 136 13.88 65.99 -25.44
CA GLU P 136 14.30 66.86 -26.54
C GLU P 136 14.84 68.19 -26.00
N GLU P 137 14.15 68.79 -25.03
CA GLU P 137 14.61 70.10 -24.55
C GLU P 137 15.93 69.98 -23.80
N VAL P 138 16.02 69.01 -22.89
CA VAL P 138 17.17 68.94 -21.98
C VAL P 138 18.45 68.59 -22.71
N ALA P 139 18.35 67.87 -23.84
CA ALA P 139 19.55 67.35 -24.50
C ALA P 139 20.47 68.46 -24.98
N ILE P 140 21.75 68.30 -24.70
CA ILE P 140 22.78 69.29 -25.07
C ILE P 140 23.24 68.96 -26.48
N PRO P 141 23.40 69.92 -27.39
CA PRO P 141 23.79 69.58 -28.76
C PRO P 141 25.30 69.41 -28.88
N VAL P 142 25.69 68.70 -29.93
CA VAL P 142 27.09 68.38 -30.21
C VAL P 142 27.36 68.57 -31.69
N ASP P 143 28.50 69.18 -32.00
CA ASP P 143 28.98 69.26 -33.38
C ASP P 143 29.81 68.01 -33.70
N PRO P 144 30.03 67.71 -34.98
CA PRO P 144 30.81 66.52 -35.34
C PRO P 144 32.32 66.73 -35.35
N ASP P 145 32.82 67.84 -34.79
CA ASP P 145 34.25 68.13 -34.76
C ASP P 145 34.82 68.27 -33.36
N ASP P 146 33.99 68.24 -32.31
CA ASP P 146 34.50 68.33 -30.94
C ASP P 146 34.98 66.96 -30.53
N GLU P 147 36.29 66.72 -30.69
CA GLU P 147 36.84 65.37 -30.58
C GLU P 147 36.62 64.78 -29.19
N GLU P 148 36.76 65.60 -28.14
CA GLU P 148 36.59 65.11 -26.78
C GLU P 148 35.17 64.61 -26.55
N THR P 149 34.18 65.33 -27.08
CA THR P 149 32.79 64.90 -26.91
C THR P 149 32.52 63.57 -27.59
N LEU P 150 33.02 63.40 -28.82
CA LEU P 150 32.83 62.11 -29.51
C LEU P 150 33.53 61.00 -28.75
N LYS P 151 34.73 61.27 -28.23
CA LYS P 151 35.43 60.26 -27.43
C LYS P 151 34.63 59.90 -26.19
N ALA P 152 34.03 60.89 -25.53
CA ALA P 152 33.23 60.62 -24.34
C ALA P 152 32.02 59.76 -24.68
N VAL P 153 31.34 60.07 -25.79
CA VAL P 153 30.19 59.26 -26.20
C VAL P 153 30.63 57.85 -26.50
N ALA P 154 31.75 57.69 -27.20
CA ALA P 154 32.24 56.37 -27.55
C ALA P 154 32.60 55.58 -26.31
N ARG P 155 33.23 56.22 -25.33
CA ARG P 155 33.59 55.53 -24.10
C ARG P 155 32.34 55.13 -23.31
N THR P 156 31.35 56.02 -23.24
CA THR P 156 30.13 55.72 -22.51
C THR P 156 29.41 54.52 -23.11
N ALA P 157 29.30 54.49 -24.44
CA ALA P 157 28.63 53.36 -25.08
C ALA P 157 29.48 52.09 -24.97
N MET P 158 30.77 52.20 -25.28
CA MET P 158 31.69 51.08 -25.20
C MET P 158 31.72 50.48 -23.79
N THR P 159 31.42 51.30 -22.79
CA THR P 159 31.35 50.86 -21.41
C THR P 159 30.40 49.67 -21.27
N GLY P 160 30.64 48.88 -20.22
CA GLY P 160 29.79 47.76 -19.87
C GLY P 160 30.46 46.43 -20.10
N LYS P 161 31.23 46.31 -21.17
CA LYS P 161 31.69 45.01 -21.66
C LYS P 161 33.20 44.94 -21.86
N ALA P 162 33.82 46.03 -22.30
CA ALA P 162 35.26 46.03 -22.50
C ALA P 162 35.99 46.08 -21.15
N SER P 163 37.18 45.49 -21.11
CA SER P 163 37.99 45.50 -19.91
C SER P 163 38.43 46.92 -19.59
N GLU P 164 38.64 47.18 -18.30
CA GLU P 164 38.96 48.52 -17.84
C GLU P 164 40.30 49.03 -18.39
N GLU P 165 41.20 48.13 -18.79
CA GLU P 165 42.51 48.57 -19.25
C GLU P 165 42.45 49.21 -20.63
N ASN P 166 41.71 48.60 -21.55
CA ASN P 166 41.76 48.98 -22.97
C ASN P 166 40.60 49.88 -23.38
N ARG P 167 40.03 50.63 -22.43
CA ARG P 167 38.95 51.55 -22.76
C ARG P 167 39.45 52.69 -23.63
N GLU P 168 40.54 53.34 -23.20
CA GLU P 168 41.07 54.46 -23.96
C GLU P 168 41.52 54.02 -25.35
N GLU P 169 42.19 52.87 -25.44
CA GLU P 169 42.72 52.40 -26.71
C GLU P 169 41.58 52.13 -27.69
N ILE P 170 40.58 51.36 -27.27
CA ILE P 170 39.51 50.98 -28.19
C ILE P 170 38.68 52.21 -28.56
N ALA P 171 38.49 53.14 -27.62
CA ALA P 171 37.76 54.36 -27.95
C ALA P 171 38.52 55.19 -28.98
N ASP P 172 39.85 55.30 -28.80
CA ASP P 172 40.66 56.03 -29.76
C ASP P 172 40.57 55.40 -31.13
N LEU P 173 40.67 54.08 -31.21
CA LEU P 173 40.56 53.40 -32.49
C LEU P 173 39.18 53.58 -33.09
N VAL P 174 38.14 53.61 -32.25
CA VAL P 174 36.78 53.80 -32.74
C VAL P 174 36.66 55.15 -33.43
N VAL P 175 37.08 56.21 -32.74
CA VAL P 175 36.93 57.55 -33.33
C VAL P 175 37.84 57.69 -34.54
N GLU P 176 39.03 57.10 -34.49
CA GLU P 176 39.94 57.17 -35.65
C GLU P 176 39.32 56.50 -36.87
N ALA P 177 38.74 55.31 -36.69
CA ALA P 177 38.11 54.63 -37.80
C ALA P 177 36.91 55.41 -38.31
N VAL P 178 36.12 55.97 -37.40
CA VAL P 178 34.93 56.72 -37.81
C VAL P 178 35.33 57.93 -38.64
N LEU P 179 36.37 58.65 -38.22
CA LEU P 179 36.78 59.83 -38.97
C LEU P 179 37.46 59.46 -40.29
N SER P 180 38.37 58.48 -40.26
CA SER P 180 39.14 58.16 -41.46
C SER P 180 38.26 57.52 -42.53
N LEU P 181 37.33 56.65 -42.13
CA LEU P 181 36.37 56.05 -43.05
C LEU P 181 35.09 56.86 -43.17
N ALA P 182 35.16 58.16 -42.91
CA ALA P 182 34.00 59.03 -43.00
C ALA P 182 33.60 59.27 -44.44
N GLU P 183 32.69 58.43 -44.96
CA GLU P 183 32.20 58.57 -46.33
C GLU P 183 31.12 59.65 -46.33
N ASP P 184 31.47 60.85 -46.78
CA ASP P 184 30.57 62.01 -46.69
C ASP P 184 29.47 61.85 -47.73
N GLY P 185 28.45 61.09 -47.36
CA GLY P 185 27.28 60.90 -48.19
C GLY P 185 26.22 61.95 -47.93
N GLY P 186 26.52 63.20 -48.26
CA GLY P 186 25.60 64.29 -48.01
C GLY P 186 25.35 64.54 -46.54
N GLY P 187 26.40 64.55 -45.72
CA GLY P 187 26.30 64.79 -44.29
C GLY P 187 26.13 63.54 -43.46
N LYS P 188 25.25 62.63 -43.90
CA LYS P 188 25.01 61.38 -43.19
C LYS P 188 26.10 60.39 -43.57
N TYR P 189 27.11 60.26 -42.71
CA TYR P 189 28.23 59.38 -43.00
C TYR P 189 27.78 57.93 -42.89
N ARG P 190 28.08 57.14 -43.93
CA ARG P 190 27.67 55.74 -43.97
C ARG P 190 28.72 54.87 -43.27
N VAL P 191 28.80 55.06 -41.95
CA VAL P 191 29.71 54.26 -41.11
C VAL P 191 28.92 53.03 -40.70
N ASP P 192 28.90 52.04 -41.58
CA ASP P 192 28.18 50.80 -41.32
C ASP P 192 29.03 49.87 -40.45
N LEU P 193 28.35 48.93 -39.80
CA LEU P 193 29.05 47.97 -38.95
C LEU P 193 29.96 47.06 -39.78
N ASP P 194 29.60 46.78 -41.03
CA ASP P 194 30.37 45.91 -41.91
C ASP P 194 31.33 46.68 -42.80
N ASN P 195 31.81 47.85 -42.35
CA ASN P 195 32.70 48.70 -43.13
C ASN P 195 34.10 48.82 -42.54
N ILE P 196 34.26 48.63 -41.23
CA ILE P 196 35.52 48.87 -40.55
C ILE P 196 36.26 47.55 -40.37
N LYS P 197 37.57 47.58 -40.56
CA LYS P 197 38.39 46.39 -40.81
C LYS P 197 38.97 45.88 -39.49
N ILE P 198 38.47 44.74 -39.02
CA ILE P 198 39.08 44.00 -37.90
C ILE P 198 39.07 42.52 -38.27
N GLU P 199 40.02 41.78 -37.71
CA GLU P 199 40.09 40.33 -37.82
C GLU P 199 40.01 39.70 -36.43
N LYS P 200 39.45 38.50 -36.37
CA LYS P 200 39.31 37.76 -35.12
C LYS P 200 40.44 36.74 -34.99
N GLN P 201 41.02 36.66 -33.80
CA GLN P 201 42.08 35.70 -33.52
C GLN P 201 42.29 35.62 -32.02
N THR P 202 42.53 34.42 -31.52
CA THR P 202 42.75 34.22 -30.10
C THR P 202 44.11 34.77 -29.67
N GLY P 203 44.16 35.29 -28.44
CA GLY P 203 45.39 35.82 -27.91
C GLY P 203 45.73 37.20 -28.48
N GLY P 204 47.00 37.56 -28.34
CA GLY P 204 47.44 38.86 -28.80
C GLY P 204 46.79 39.98 -28.01
N GLY P 205 46.21 40.93 -28.73
CA GLY P 205 45.55 42.05 -28.09
C GLY P 205 44.60 42.74 -29.05
N ALA P 206 43.99 43.81 -28.55
CA ALA P 206 43.04 44.59 -29.35
C ALA P 206 43.73 45.63 -30.24
N SER P 207 45.06 45.69 -30.24
CA SER P 207 45.79 46.67 -31.04
C SER P 207 45.87 46.29 -32.53
N ASP P 208 45.20 45.23 -32.96
CA ASP P 208 45.10 44.86 -34.37
C ASP P 208 43.82 45.36 -35.03
N THR P 209 43.07 46.23 -34.34
CA THR P 209 41.88 46.85 -34.92
C THR P 209 42.30 48.08 -35.74
N GLU P 210 42.99 47.79 -36.84
CA GLU P 210 43.54 48.79 -37.74
C GLU P 210 42.84 48.74 -39.08
N LEU P 211 43.03 49.79 -39.87
CA LEU P 211 42.42 49.90 -41.19
C LEU P 211 43.27 49.13 -42.19
N ILE P 212 42.91 47.87 -42.42
CA ILE P 212 43.51 47.04 -43.44
C ILE P 212 42.54 47.03 -44.63
N GLU P 213 42.91 47.71 -45.71
CA GLU P 213 41.97 48.02 -46.77
C GLU P 213 41.59 46.77 -47.56
N GLY P 214 40.84 45.88 -46.94
CA GLY P 214 40.41 44.66 -47.59
C GLY P 214 39.89 43.66 -46.59
N VAL P 215 39.00 42.79 -47.08
CA VAL P 215 38.38 41.78 -46.23
C VAL P 215 39.37 40.63 -46.05
N VAL P 216 39.77 40.39 -44.80
CA VAL P 216 40.74 39.35 -44.47
C VAL P 216 39.98 38.08 -44.10
N LEU P 217 40.37 36.96 -44.71
CA LEU P 217 39.73 35.67 -44.49
C LEU P 217 40.59 34.81 -43.58
N ASP P 218 39.94 34.17 -42.60
CA ASP P 218 40.61 33.29 -41.65
C ASP P 218 40.70 31.87 -42.21
N LYS P 219 41.43 31.75 -43.31
CA LYS P 219 41.66 30.46 -43.97
C LYS P 219 43.07 30.42 -44.51
N GLU P 220 43.68 29.24 -44.46
CA GLU P 220 45.05 29.07 -44.93
C GLU P 220 45.07 28.90 -46.46
N PRO P 221 46.20 29.17 -47.10
CA PRO P 221 46.33 28.83 -48.52
C PRO P 221 46.23 27.32 -48.72
N VAL P 222 45.60 26.93 -49.84
CA VAL P 222 45.41 25.51 -50.11
C VAL P 222 46.73 24.83 -50.46
N HIS P 223 47.60 25.52 -51.21
CA HIS P 223 48.84 24.97 -51.71
C HIS P 223 49.99 25.86 -51.28
N GLU P 224 51.09 25.23 -50.83
CA GLU P 224 52.22 25.99 -50.30
C GLU P 224 52.85 26.88 -51.36
N ASP P 225 53.15 26.31 -52.53
CA ASP P 225 53.75 27.07 -53.62
C ASP P 225 52.77 28.01 -54.31
N MET P 226 51.53 28.10 -53.85
CA MET P 226 50.62 29.14 -54.32
C MET P 226 51.25 30.50 -54.04
N PRO P 227 51.27 31.44 -55.01
CA PRO P 227 51.95 32.73 -54.76
C PRO P 227 51.29 33.52 -53.64
N LYS P 228 52.01 33.65 -52.52
CA LYS P 228 51.45 34.37 -51.37
C LYS P 228 51.38 35.87 -51.63
N LYS P 229 52.38 36.40 -52.34
CA LYS P 229 52.45 37.83 -52.65
C LYS P 229 52.07 38.05 -54.11
N LEU P 230 51.12 38.95 -54.34
CA LEU P 230 50.68 39.29 -55.69
C LEU P 230 50.25 40.75 -55.68
N GLU P 231 51.15 41.64 -56.11
CA GLU P 231 50.85 43.06 -56.19
C GLU P 231 50.03 43.35 -57.44
N ASN P 232 48.99 44.18 -57.27
CA ASN P 232 48.08 44.53 -58.37
C ASN P 232 47.44 43.27 -58.96
N ALA P 233 47.11 42.32 -58.09
CA ALA P 233 46.59 41.04 -58.54
C ALA P 233 45.23 41.20 -59.20
N LYS P 234 44.99 40.39 -60.23
CA LYS P 234 43.69 40.36 -60.91
C LYS P 234 42.78 39.46 -60.10
N VAL P 235 41.97 40.05 -59.23
CA VAL P 235 41.16 39.31 -58.27
C VAL P 235 39.83 38.96 -58.91
N ALA P 236 39.44 37.69 -58.79
CA ALA P 236 38.14 37.18 -59.24
C ALA P 236 37.37 36.65 -58.04
N VAL P 237 36.06 36.57 -58.21
CA VAL P 237 35.16 36.02 -57.19
C VAL P 237 34.24 35.02 -57.88
N LEU P 238 34.22 33.79 -57.38
CA LEU P 238 33.42 32.71 -57.93
C LEU P 238 32.62 32.06 -56.80
N ASP P 239 31.60 31.28 -57.20
CA ASP P 239 30.76 30.57 -56.26
C ASP P 239 30.47 29.12 -56.65
N ALA P 240 30.71 28.72 -57.89
CA ALA P 240 30.43 27.35 -58.29
C ALA P 240 31.42 26.39 -57.64
N PRO P 241 31.05 25.13 -57.42
CA PRO P 241 31.96 24.20 -56.74
C PRO P 241 33.08 23.76 -57.67
N ILE P 242 34.30 24.15 -57.33
CA ILE P 242 35.47 23.80 -58.14
C ILE P 242 35.95 22.41 -57.77
N ILE P 253 29.12 7.13 -64.27
CA ILE P 253 30.02 6.84 -65.40
C ILE P 253 29.91 5.37 -65.77
N SER P 254 29.62 5.12 -67.05
CA SER P 254 29.52 3.77 -67.58
C SER P 254 30.80 3.41 -68.31
N ILE P 255 31.42 2.30 -67.92
CA ILE P 255 32.69 1.84 -68.45
C ILE P 255 32.43 0.57 -69.27
N SER P 256 32.93 0.56 -70.50
CA SER P 256 32.78 -0.57 -71.42
C SER P 256 34.12 -1.19 -71.79
N SER P 257 35.06 -0.39 -72.26
CA SER P 257 36.40 -0.83 -72.59
C SER P 257 37.33 -0.55 -71.41
N PRO P 258 38.53 -1.15 -71.40
CA PRO P 258 39.47 -0.87 -70.30
C PRO P 258 39.86 0.60 -70.22
N GLU P 259 39.94 1.29 -71.36
CA GLU P 259 40.39 2.67 -71.42
C GLU P 259 39.24 3.67 -71.42
N GLN P 260 37.99 3.22 -71.27
CA GLN P 260 36.88 4.18 -71.26
C GLN P 260 36.90 5.04 -70.00
N PHE P 261 37.27 4.45 -68.86
CA PHE P 261 37.42 5.24 -67.64
C PHE P 261 38.52 6.28 -67.80
N GLN P 262 39.65 5.87 -68.40
CA GLN P 262 40.73 6.81 -68.65
C GLN P 262 40.29 7.91 -69.61
N ALA P 263 39.50 7.57 -70.62
CA ALA P 263 39.00 8.59 -71.55
C ALA P 263 38.06 9.57 -70.85
N PHE P 264 37.22 9.06 -69.95
CA PHE P 264 36.36 9.95 -69.15
C PHE P 264 37.21 10.91 -68.34
N LEU P 265 38.27 10.38 -67.69
CA LEU P 265 39.16 11.24 -66.94
C LEU P 265 39.84 12.27 -67.84
N ASP P 266 40.28 11.82 -69.02
CA ASP P 266 40.94 12.69 -69.99
C ASP P 266 40.05 13.87 -70.35
N GLN P 267 38.80 13.59 -70.72
CA GLN P 267 37.91 14.67 -71.12
C GLN P 267 37.51 15.55 -69.94
N GLU P 268 37.44 15.01 -68.72
CA GLU P 268 37.17 15.89 -67.59
C GLU P 268 38.33 16.87 -67.36
N GLU P 269 39.59 16.41 -67.36
CA GLU P 269 40.62 17.44 -67.17
C GLU P 269 40.76 18.30 -68.42
N LYS P 270 40.34 17.82 -69.59
CA LYS P 270 40.38 18.67 -70.78
C LYS P 270 39.39 19.82 -70.67
N GLN P 271 38.15 19.53 -70.27
CA GLN P 271 37.19 20.63 -70.10
C GLN P 271 37.56 21.51 -68.92
N LEU P 272 38.15 20.95 -67.86
CA LEU P 272 38.66 21.78 -66.77
C LEU P 272 39.74 22.73 -67.27
N ARG P 273 40.67 22.18 -68.06
CA ARG P 273 41.71 22.97 -68.71
C ARG P 273 41.09 24.08 -69.53
N GLU P 274 39.99 23.78 -70.23
CA GLU P 274 39.36 24.79 -71.09
C GLU P 274 38.74 25.93 -70.28
N MET P 275 37.97 25.59 -69.23
CA MET P 275 37.35 26.66 -68.46
C MET P 275 38.40 27.50 -67.73
N VAL P 276 39.41 26.84 -67.15
CA VAL P 276 40.46 27.63 -66.52
C VAL P 276 41.31 28.36 -67.55
N ASP P 277 41.32 27.88 -68.80
CA ASP P 277 42.03 28.59 -69.87
C ASP P 277 41.33 29.90 -70.19
N LYS P 278 40.00 29.85 -70.38
CA LYS P 278 39.28 31.10 -70.62
C LYS P 278 39.22 31.96 -69.36
N ILE P 279 39.48 31.39 -68.18
CA ILE P 279 39.64 32.22 -66.99
C ILE P 279 40.95 32.99 -67.05
N VAL P 280 42.08 32.29 -67.24
CA VAL P 280 43.38 32.96 -67.26
C VAL P 280 43.49 33.88 -68.47
N ASP P 281 42.71 33.63 -69.52
CA ASP P 281 42.64 34.60 -70.61
C ASP P 281 42.12 35.93 -70.11
N THR P 282 41.13 35.90 -69.20
CA THR P 282 40.74 37.12 -68.50
C THR P 282 41.88 37.62 -67.62
N GLY P 283 42.63 36.69 -67.03
CA GLY P 283 43.81 37.02 -66.24
C GLY P 283 43.66 36.79 -64.75
N ALA P 284 42.58 36.19 -64.28
CA ALA P 284 42.36 36.02 -62.86
C ALA P 284 43.44 35.13 -62.24
N ASN P 285 43.97 35.57 -61.10
CA ASN P 285 44.97 34.81 -60.35
C ASN P 285 44.67 34.71 -58.86
N VAL P 286 43.64 35.40 -58.37
CA VAL P 286 43.22 35.31 -56.97
C VAL P 286 41.72 35.08 -56.95
N VAL P 287 41.29 33.99 -56.29
CA VAL P 287 39.90 33.59 -56.25
C VAL P 287 39.52 33.26 -54.81
N PHE P 288 38.29 33.60 -54.43
CA PHE P 288 37.70 33.24 -53.15
C PHE P 288 36.37 32.56 -53.45
N CYS P 289 36.34 31.23 -53.35
CA CYS P 289 35.18 30.45 -53.78
C CYS P 289 34.25 30.16 -52.62
N GLU P 290 32.96 30.11 -52.92
CA GLU P 290 31.93 29.89 -51.91
C GLU P 290 31.85 28.44 -51.43
N LYS P 291 32.34 27.49 -52.21
CA LYS P 291 32.15 26.06 -51.96
C LYS P 291 33.50 25.36 -51.81
N GLY P 292 33.45 24.05 -51.61
CA GLY P 292 34.64 23.27 -51.33
C GLY P 292 35.52 23.08 -52.56
N ILE P 293 36.57 22.29 -52.36
CA ILE P 293 37.58 22.01 -53.38
C ILE P 293 37.93 20.52 -53.33
N ASP P 294 38.86 20.12 -54.19
CA ASP P 294 39.43 18.79 -54.20
C ASP P 294 40.94 18.91 -54.34
N ASP P 295 41.66 17.85 -53.93
CA ASP P 295 43.11 17.89 -53.92
C ASP P 295 43.66 18.11 -55.33
N GLN P 296 43.13 17.38 -56.31
CA GLN P 296 43.55 17.59 -57.69
C GLN P 296 43.17 18.99 -58.17
N VAL P 297 41.99 19.48 -57.77
CA VAL P 297 41.54 20.79 -58.20
C VAL P 297 42.47 21.87 -57.68
N GLU P 298 42.76 21.85 -56.37
CA GLU P 298 43.66 22.86 -55.83
C GLU P 298 45.07 22.71 -56.38
N HIS P 299 45.50 21.48 -56.67
CA HIS P 299 46.83 21.31 -57.24
C HIS P 299 46.92 21.93 -58.63
N MET P 300 45.92 21.69 -59.48
CA MET P 300 45.99 22.26 -60.83
C MET P 300 45.73 23.76 -60.81
N LEU P 301 45.03 24.25 -59.78
CA LEU P 301 44.91 25.70 -59.60
C LEU P 301 46.26 26.31 -59.24
N ALA P 302 46.99 25.68 -58.31
CA ALA P 302 48.30 26.15 -57.93
C ALA P 302 49.37 25.87 -58.99
N LYS P 303 49.08 25.04 -59.98
CA LYS P 303 50.01 24.82 -61.07
C LYS P 303 50.27 26.13 -61.82
N LYS P 304 49.23 26.91 -62.05
CA LYS P 304 49.35 28.25 -62.63
C LYS P 304 49.48 29.35 -61.58
N GLY P 305 49.29 29.03 -60.30
CA GLY P 305 49.45 30.01 -59.24
C GLY P 305 48.18 30.76 -58.93
N ILE P 306 47.11 30.03 -58.62
CA ILE P 306 45.78 30.59 -58.41
C ILE P 306 45.41 30.39 -56.95
N LEU P 307 45.02 31.47 -56.28
CA LEU P 307 44.52 31.40 -54.91
C LEU P 307 43.07 30.93 -54.91
N ALA P 308 42.72 30.11 -53.93
CA ALA P 308 41.36 29.59 -53.81
C ALA P 308 41.04 29.37 -52.34
N VAL P 309 40.06 30.11 -51.83
CA VAL P 309 39.55 29.94 -50.47
C VAL P 309 38.13 29.40 -50.56
N ARG P 310 37.83 28.40 -49.73
CA ARG P 310 36.61 27.64 -49.81
C ARG P 310 35.69 27.90 -48.62
N ARG P 311 34.44 27.48 -48.77
CA ARG P 311 33.44 27.55 -47.71
C ARG P 311 33.26 28.98 -47.19
N VAL P 312 33.31 29.93 -48.12
CA VAL P 312 33.08 31.33 -47.80
C VAL P 312 31.58 31.58 -47.73
N LYS P 313 31.12 32.15 -46.61
CA LYS P 313 29.68 32.28 -46.36
C LYS P 313 29.03 33.19 -47.39
N LYS P 314 27.70 33.23 -47.37
CA LYS P 314 26.97 34.10 -48.28
C LYS P 314 27.26 35.56 -47.99
N ASP P 315 27.16 35.96 -46.73
CA ASP P 315 27.35 37.36 -46.37
C ASP P 315 28.78 37.81 -46.63
N ASP P 316 29.76 37.01 -46.19
CA ASP P 316 31.14 37.42 -46.37
C ASP P 316 31.61 37.25 -47.82
N LEU P 317 31.02 36.32 -48.58
CA LEU P 317 31.29 36.27 -50.02
C LEU P 317 30.76 37.52 -50.71
N GLU P 318 29.56 37.96 -50.35
CA GLU P 318 29.04 39.21 -50.92
C GLU P 318 29.91 40.39 -50.53
N LYS P 319 30.40 40.39 -49.29
CA LYS P 319 31.30 41.45 -48.84
C LYS P 319 32.59 41.45 -49.67
N ILE P 320 33.14 40.26 -49.92
CA ILE P 320 34.36 40.18 -50.73
C ILE P 320 34.09 40.64 -52.16
N ALA P 321 32.91 40.30 -52.70
CA ALA P 321 32.56 40.74 -54.05
C ALA P 321 32.48 42.26 -54.11
N LYS P 322 31.86 42.87 -53.10
CA LYS P 322 31.80 44.33 -53.06
C LYS P 322 33.19 44.95 -52.91
N ALA P 323 34.02 44.38 -52.05
CA ALA P 323 35.32 44.98 -51.77
C ALA P 323 36.27 44.85 -52.96
N THR P 324 36.37 43.65 -53.54
CA THR P 324 37.34 43.40 -54.59
C THR P 324 36.92 43.98 -55.92
N GLY P 325 35.62 44.18 -56.14
CA GLY P 325 35.10 44.68 -57.40
C GLY P 325 34.78 43.60 -58.42
N ALA P 326 35.14 42.35 -58.16
CA ALA P 326 34.81 41.24 -59.05
C ALA P 326 33.40 40.77 -58.73
N ARG P 327 32.48 41.03 -59.65
CA ARG P 327 31.10 40.60 -59.46
C ARG P 327 31.02 39.07 -59.38
N VAL P 328 30.11 38.57 -58.55
CA VAL P 328 29.95 37.13 -58.41
C VAL P 328 29.37 36.57 -59.70
N VAL P 329 30.02 35.56 -60.25
CA VAL P 329 29.70 35.01 -61.57
C VAL P 329 29.30 33.57 -61.35
N SER P 330 27.98 33.33 -61.25
CA SER P 330 27.49 31.97 -61.14
C SER P 330 27.76 31.18 -62.42
N ASN P 331 27.46 31.79 -63.57
CA ASN P 331 27.74 31.19 -64.88
C ASN P 331 29.10 31.70 -65.34
N ILE P 332 30.15 30.93 -65.03
CA ILE P 332 31.51 31.39 -65.24
C ILE P 332 31.88 31.44 -66.71
N ASP P 333 31.10 30.79 -67.59
CA ASP P 333 31.42 30.79 -69.01
C ASP P 333 31.42 32.20 -69.61
N GLU P 334 30.65 33.12 -69.02
CA GLU P 334 30.55 34.49 -69.49
C GLU P 334 31.56 35.43 -68.84
N LEU P 335 32.47 34.92 -68.00
CA LEU P 335 33.48 35.76 -67.38
C LEU P 335 34.37 36.40 -68.44
N THR P 336 34.63 37.69 -68.27
CA THR P 336 35.39 38.51 -69.20
C THR P 336 36.45 39.29 -68.43
N PRO P 337 37.44 39.87 -69.12
CA PRO P 337 38.38 40.74 -68.41
C PRO P 337 37.72 41.92 -67.75
N GLU P 338 36.62 42.43 -68.31
CA GLU P 338 35.90 43.53 -67.69
C GLU P 338 35.28 43.10 -66.36
N ASP P 339 34.97 41.81 -66.21
CA ASP P 339 34.33 41.32 -64.99
C ASP P 339 35.31 41.13 -63.84
N LEU P 340 36.62 41.22 -64.08
CA LEU P 340 37.61 40.97 -63.04
C LEU P 340 37.85 42.21 -62.20
N GLY P 341 38.10 41.97 -60.90
CA GLY P 341 38.49 43.03 -59.99
C GLY P 341 40.00 43.12 -59.86
N HIS P 342 40.43 44.07 -59.03
CA HIS P 342 41.84 44.29 -58.77
C HIS P 342 42.05 44.60 -57.29
N ALA P 343 43.19 44.17 -56.77
CA ALA P 343 43.59 44.43 -55.40
C ALA P 343 45.04 44.87 -55.38
N GLY P 344 45.34 45.85 -54.52
CA GLY P 344 46.69 46.36 -54.44
C GLY P 344 47.69 45.33 -53.96
N LEU P 345 47.27 44.46 -53.03
CA LEU P 345 48.16 43.45 -52.47
C LEU P 345 47.34 42.31 -51.90
N VAL P 346 47.94 41.12 -51.92
CA VAL P 346 47.45 39.98 -51.17
C VAL P 346 48.68 39.32 -50.53
N GLU P 347 48.58 38.99 -49.24
CA GLU P 347 49.74 38.49 -48.51
C GLU P 347 49.29 37.51 -47.44
N GLN P 348 50.09 36.45 -47.26
CA GLN P 348 49.92 35.49 -46.18
C GLN P 348 50.92 35.83 -45.09
N ARG P 349 50.40 36.31 -43.94
CA ARG P 349 51.22 36.69 -42.81
C ARG P 349 50.93 35.75 -41.65
N LYS P 350 51.97 35.24 -41.01
CA LYS P 350 51.83 34.33 -39.88
C LYS P 350 51.71 35.11 -38.57
N LYS P 351 50.68 35.93 -38.51
CA LYS P 351 50.39 36.70 -37.31
C LYS P 351 49.71 35.81 -36.27
N GLY P 352 50.22 35.84 -35.05
CA GLY P 352 49.68 34.97 -34.01
C GLY P 352 49.93 33.51 -34.33
N GLU P 353 48.96 32.67 -33.97
CA GLU P 353 49.07 31.23 -34.19
C GLU P 353 48.44 30.81 -35.52
N ASP P 354 47.20 31.21 -35.76
CA ASP P 354 46.50 30.78 -36.96
C ASP P 354 47.12 31.42 -38.20
N ARG P 355 47.20 30.64 -39.28
CA ARG P 355 47.65 31.12 -40.57
C ARG P 355 46.46 31.66 -41.36
N MET P 356 46.60 32.88 -41.88
CA MET P 356 45.52 33.53 -42.61
C MET P 356 46.10 34.36 -43.74
N VAL P 357 45.28 34.56 -44.77
CA VAL P 357 45.65 35.39 -45.91
C VAL P 357 45.18 36.81 -45.61
N PHE P 358 46.12 37.69 -45.25
CA PHE P 358 45.81 39.08 -44.92
C PHE P 358 45.64 39.86 -46.22
N VAL P 359 44.41 39.81 -46.74
CA VAL P 359 44.09 40.52 -47.98
C VAL P 359 44.00 42.00 -47.66
N SER P 360 44.72 42.82 -48.44
CA SER P 360 44.81 44.24 -48.18
C SER P 360 45.04 44.98 -49.49
N GLY P 361 44.13 45.90 -49.82
CA GLY P 361 44.20 46.65 -51.06
C GLY P 361 42.94 46.59 -51.90
N CYS P 362 41.80 46.31 -51.26
CA CYS P 362 40.50 46.35 -51.93
C CYS P 362 40.03 47.79 -51.98
N LYS P 363 40.09 48.40 -53.17
CA LYS P 363 40.08 49.85 -53.31
C LYS P 363 38.73 50.42 -53.71
N ASN P 364 37.69 49.60 -53.93
CA ASN P 364 36.43 50.14 -54.44
C ASN P 364 35.56 50.70 -53.32
N GLU P 365 35.24 49.88 -52.32
CA GLU P 365 34.37 50.27 -51.22
C GLU P 365 34.95 49.83 -49.89
N PRO P 366 34.62 50.53 -48.77
CA PRO P 366 35.01 50.04 -47.44
C PRO P 366 34.03 48.99 -46.95
N VAL P 367 34.47 47.74 -46.93
CA VAL P 367 33.64 46.60 -46.56
C VAL P 367 34.45 45.68 -45.66
N ALA P 368 33.79 45.11 -44.65
CA ALA P 368 34.50 44.32 -43.64
C ALA P 368 33.49 43.44 -42.91
N THR P 369 34.00 42.67 -41.94
CA THR P 369 33.22 41.77 -41.12
C THR P 369 33.47 42.07 -39.65
N ILE P 370 32.50 41.72 -38.81
CA ILE P 370 32.59 42.00 -37.37
C ILE P 370 33.29 40.81 -36.75
N LEU P 371 34.63 40.84 -36.78
CA LEU P 371 35.48 39.79 -36.23
C LEU P 371 36.65 40.46 -35.54
N ILE P 372 36.79 40.24 -34.23
CA ILE P 372 37.67 41.05 -33.39
C ILE P 372 38.44 40.16 -32.42
N ARG P 373 39.68 40.55 -32.14
CA ARG P 373 40.59 39.78 -31.31
C ARG P 373 40.36 40.04 -29.82
N ALA P 374 40.80 39.09 -29.01
CA ALA P 374 40.93 39.24 -27.56
C ALA P 374 41.76 38.07 -27.05
N ALA P 375 41.81 37.91 -25.73
CA ALA P 375 42.60 36.83 -25.13
C ALA P 375 41.91 35.48 -25.30
N THR P 376 40.72 35.33 -24.74
CA THR P 376 39.95 34.09 -24.76
C THR P 376 38.65 34.28 -25.52
N GLU P 377 37.96 33.15 -25.76
CA GLU P 377 36.75 33.18 -26.59
C GLU P 377 35.67 34.04 -25.96
N HIS P 378 35.48 33.93 -24.65
CA HIS P 378 34.51 34.78 -23.96
C HIS P 378 34.86 36.25 -24.12
N VAL P 379 36.13 36.58 -23.92
CA VAL P 379 36.55 37.98 -24.08
C VAL P 379 36.49 38.38 -25.54
N VAL P 380 36.74 37.45 -26.47
CA VAL P 380 36.62 37.75 -27.89
C VAL P 380 35.20 38.19 -28.22
N GLU P 381 34.21 37.38 -27.81
CA GLU P 381 32.83 37.74 -28.09
C GLU P 381 32.41 39.01 -27.37
N GLU P 382 32.88 39.18 -26.14
CA GLU P 382 32.56 40.39 -25.39
C GLU P 382 33.08 41.64 -26.09
N LEU P 383 34.33 41.59 -26.55
CA LEU P 383 34.90 42.75 -27.24
C LEU P 383 34.23 42.97 -28.58
N GLU P 384 33.82 41.91 -29.26
CA GLU P 384 33.08 42.07 -30.51
C GLU P 384 31.77 42.82 -30.28
N ARG P 385 31.00 42.41 -29.27
CA ARG P 385 29.77 43.11 -28.97
C ARG P 385 30.05 44.56 -28.57
N ALA P 386 31.10 44.77 -27.78
CA ALA P 386 31.39 46.11 -27.29
C ALA P 386 31.76 47.04 -28.43
N ILE P 387 32.59 46.58 -29.36
CA ILE P 387 33.00 47.43 -30.46
C ILE P 387 31.81 47.72 -31.38
N ASP P 388 30.95 46.71 -31.59
CA ASP P 388 29.77 46.93 -32.43
C ASP P 388 28.89 48.00 -31.80
N ASP P 389 28.69 47.93 -30.49
CA ASP P 389 27.88 48.95 -29.81
C ASP P 389 28.56 50.32 -29.89
N ALA P 390 29.89 50.35 -29.84
CA ALA P 390 30.59 51.63 -29.89
C ALA P 390 30.38 52.32 -31.24
N LEU P 391 30.57 51.59 -32.34
CA LEU P 391 30.29 52.19 -33.64
C LEU P 391 28.81 52.55 -33.78
N ASN P 392 27.91 51.74 -33.24
CA ASN P 392 26.50 52.10 -33.32
C ASN P 392 26.23 53.44 -32.62
N ALA P 393 26.79 53.62 -31.43
CA ALA P 393 26.53 54.84 -30.68
C ALA P 393 27.17 56.05 -31.34
N VAL P 394 28.41 55.92 -31.82
CA VAL P 394 29.05 57.07 -32.44
C VAL P 394 28.36 57.42 -33.75
N LYS P 395 27.89 56.41 -34.49
CA LYS P 395 27.11 56.67 -35.71
C LYS P 395 25.84 57.43 -35.38
N ALA P 396 25.13 57.00 -34.32
CA ALA P 396 23.91 57.68 -33.93
C ALA P 396 24.20 59.13 -33.49
N ALA P 397 25.30 59.33 -32.76
CA ALA P 397 25.65 60.67 -32.32
C ALA P 397 25.95 61.58 -33.50
N ILE P 398 26.71 61.06 -34.48
CA ILE P 398 27.04 61.88 -35.65
C ILE P 398 25.78 62.18 -36.45
N LYS P 399 24.91 61.19 -36.62
CA LYS P 399 23.68 61.40 -37.39
C LYS P 399 22.78 62.43 -36.71
N ASP P 400 22.29 62.11 -35.51
CA ASP P 400 21.33 62.99 -34.85
C ASP P 400 21.99 64.26 -34.33
N GLY P 401 23.21 64.15 -33.83
CA GLY P 401 23.88 65.32 -33.28
C GLY P 401 23.22 65.88 -32.05
N LYS P 402 22.62 65.03 -31.22
CA LYS P 402 22.05 65.44 -29.95
C LYS P 402 22.45 64.41 -28.90
N VAL P 403 23.11 64.88 -27.84
CA VAL P 403 23.68 64.03 -26.80
C VAL P 403 23.09 64.45 -25.47
N VAL P 404 22.70 63.46 -24.67
CA VAL P 404 22.05 63.68 -23.37
C VAL P 404 22.99 63.16 -22.29
N PRO P 405 23.07 63.78 -21.10
CA PRO P 405 23.89 63.17 -20.04
C PRO P 405 23.33 61.82 -19.61
N GLY P 406 24.23 60.85 -19.48
CA GLY P 406 23.87 59.51 -19.07
C GLY P 406 23.98 59.33 -17.57
N GLY P 407 24.24 58.11 -17.16
CA GLY P 407 24.44 57.82 -15.75
C GLY P 407 23.21 58.08 -14.91
N GLY P 408 22.01 57.96 -15.49
CA GLY P 408 20.80 58.24 -14.77
C GLY P 408 20.42 59.70 -14.70
N ALA P 409 21.26 60.60 -15.21
CA ALA P 409 20.96 62.02 -15.11
C ALA P 409 19.75 62.40 -15.95
N ALA P 410 19.69 61.90 -17.19
CA ALA P 410 18.54 62.19 -18.04
C ALA P 410 17.26 61.65 -17.44
N GLU P 411 17.33 60.44 -16.85
CA GLU P 411 16.14 59.86 -16.24
C GLU P 411 15.64 60.70 -15.08
N VAL P 412 16.54 61.18 -14.23
CA VAL P 412 16.12 61.99 -13.09
C VAL P 412 15.56 63.33 -13.56
N ALA P 413 16.19 63.94 -14.57
CA ALA P 413 15.69 65.22 -15.06
C ALA P 413 14.29 65.07 -15.66
N VAL P 414 14.10 64.04 -16.48
CA VAL P 414 12.79 63.83 -17.08
C VAL P 414 11.76 63.50 -16.01
N ALA P 415 12.18 62.77 -14.96
CA ALA P 415 11.27 62.46 -13.88
C ALA P 415 10.84 63.72 -13.14
N ARG P 416 11.78 64.63 -12.90
CA ARG P 416 11.43 65.88 -12.21
C ARG P 416 10.45 66.71 -13.04
N LYS P 417 10.72 66.84 -14.35
CA LYS P 417 9.80 67.62 -15.17
C LYS P 417 8.45 66.92 -15.30
N LEU P 418 8.43 65.59 -15.29
CA LEU P 418 7.17 64.86 -15.28
C LEU P 418 6.40 65.12 -13.99
N ARG P 419 7.10 65.21 -12.86
CA ARG P 419 6.43 65.53 -11.61
C ARG P 419 5.85 66.94 -11.67
N GLU P 420 6.57 67.86 -12.32
CA GLU P 420 6.02 69.21 -12.52
C GLU P 420 4.73 69.14 -13.35
N TYR P 421 4.74 68.35 -14.42
CA TYR P 421 3.54 68.14 -15.21
C TYR P 421 2.42 67.53 -14.36
N ALA P 422 2.77 66.59 -13.47
CA ALA P 422 1.77 66.01 -12.59
C ALA P 422 1.14 67.07 -11.70
N LYS P 423 1.96 67.97 -11.16
CA LYS P 423 1.43 69.11 -10.42
C LYS P 423 0.54 69.98 -11.31
N SER P 424 0.85 70.04 -12.61
CA SER P 424 0.00 70.82 -13.52
C SER P 424 -1.37 70.17 -13.72
N LEU P 425 -1.39 68.86 -13.99
CA LEU P 425 -2.65 68.18 -14.24
C LEU P 425 -3.39 67.89 -12.94
N SER P 426 -4.63 67.43 -13.08
CA SER P 426 -5.44 66.96 -11.97
C SER P 426 -6.24 65.75 -12.45
N GLY P 427 -6.66 64.93 -11.49
CA GLY P 427 -7.43 63.74 -11.75
C GLY P 427 -6.66 62.47 -11.44
N LYS P 428 -7.22 61.35 -11.89
CA LYS P 428 -6.58 60.05 -11.68
C LYS P 428 -5.52 59.74 -12.75
N GLU P 429 -5.34 60.62 -13.73
CA GLU P 429 -4.18 60.54 -14.62
C GLU P 429 -2.91 61.03 -13.94
N GLN P 430 -3.03 61.91 -12.93
CA GLN P 430 -1.86 62.36 -12.20
C GLN P 430 -1.17 61.19 -11.50
N LEU P 431 -1.96 60.26 -10.97
CA LEU P 431 -1.38 59.08 -10.33
C LEU P 431 -0.59 58.26 -11.33
N ALA P 432 -1.13 58.08 -12.55
CA ALA P 432 -0.41 57.33 -13.56
C ALA P 432 0.88 58.03 -13.99
N ILE P 433 0.83 59.36 -14.09
CA ILE P 433 2.04 60.09 -14.47
C ILE P 433 3.09 59.98 -13.37
N GLU P 434 2.66 60.03 -12.11
CA GLU P 434 3.59 59.84 -11.00
C GLU P 434 4.19 58.43 -11.05
N ALA P 435 3.37 57.45 -11.40
CA ALA P 435 3.87 56.08 -11.58
C ALA P 435 4.94 56.04 -12.66
N PHE P 436 4.70 56.72 -13.78
CA PHE P 436 5.70 56.76 -14.84
C PHE P 436 6.98 57.42 -14.37
N ALA P 437 6.86 58.50 -13.59
CA ALA P 437 8.04 59.18 -13.08
C ALA P 437 8.85 58.26 -12.16
N ASP P 438 8.18 57.52 -11.28
CA ASP P 438 8.91 56.64 -10.37
C ASP P 438 9.56 55.51 -11.16
N ALA P 439 8.84 54.95 -12.13
CA ALA P 439 9.43 53.90 -12.95
C ALA P 439 10.64 54.41 -13.72
N LEU P 440 10.62 55.68 -14.13
CA LEU P 440 11.77 56.25 -14.82
C LEU P 440 12.93 56.47 -13.86
N GLU P 441 12.63 56.86 -12.62
CA GLU P 441 13.69 56.99 -11.61
C GLU P 441 14.27 55.64 -11.23
N GLU P 442 13.55 54.54 -11.50
CA GLU P 442 14.06 53.22 -11.16
C GLU P 442 15.40 52.93 -11.84
N ILE P 443 15.62 53.45 -13.06
CA ILE P 443 16.88 53.19 -13.76
C ILE P 443 18.09 53.70 -13.00
N PRO P 444 18.13 54.96 -12.54
CA PRO P 444 19.27 55.38 -11.71
C PRO P 444 19.43 54.56 -10.44
N ARG P 445 18.33 54.10 -9.85
CA ARG P 445 18.42 53.23 -8.68
C ARG P 445 19.16 51.94 -9.02
N THR P 446 18.80 51.32 -10.14
CA THR P 446 19.49 50.10 -10.56
C THR P 446 20.96 50.38 -10.85
N LEU P 447 21.24 51.49 -11.53
CA LEU P 447 22.61 51.80 -11.89
C LEU P 447 23.47 52.04 -10.66
N ALA P 448 22.87 52.60 -9.59
CA ALA P 448 23.60 52.75 -8.35
C ALA P 448 23.76 51.41 -7.63
N GLU P 449 22.73 50.58 -7.67
CA GLU P 449 22.80 49.29 -6.98
C GLU P 449 23.89 48.41 -7.57
N ASN P 450 24.01 48.39 -8.90
CA ASN P 450 25.08 47.63 -9.52
C ASN P 450 26.45 48.23 -9.26
N ALA P 451 26.51 49.52 -8.91
CA ALA P 451 27.77 50.18 -8.61
C ALA P 451 28.25 49.95 -7.18
N GLY P 452 27.40 49.43 -6.31
CA GLY P 452 27.74 49.18 -4.92
C GLY P 452 27.21 50.22 -3.96
N LEU P 453 26.85 51.40 -4.44
CA LEU P 453 26.29 52.41 -3.56
C LEU P 453 24.88 52.01 -3.11
N ASP P 454 24.46 52.58 -1.99
CA ASP P 454 23.11 52.33 -1.52
C ASP P 454 22.12 53.03 -2.45
N PRO P 455 21.00 52.37 -2.82
CA PRO P 455 20.17 52.97 -3.87
C PRO P 455 19.36 54.17 -3.40
N ILE P 456 18.76 54.09 -2.21
CA ILE P 456 17.85 55.15 -1.77
C ILE P 456 18.63 56.42 -1.50
N ASP P 457 19.79 56.31 -0.83
CA ASP P 457 20.55 57.49 -0.46
C ASP P 457 21.02 58.25 -1.70
N THR P 458 21.57 57.53 -2.68
CA THR P 458 22.06 58.21 -3.87
C THR P 458 20.91 58.68 -4.76
N LEU P 459 19.78 57.99 -4.77
CA LEU P 459 18.62 58.49 -5.49
C LEU P 459 18.14 59.80 -4.88
N VAL P 460 18.10 59.87 -3.55
CA VAL P 460 17.69 61.10 -2.88
C VAL P 460 18.70 62.21 -3.15
N GLN P 461 19.99 61.87 -3.16
CA GLN P 461 21.01 62.87 -3.47
C GLN P 461 20.85 63.39 -4.88
N LEU P 462 20.57 62.50 -5.84
CA LEU P 462 20.38 62.94 -7.22
C LEU P 462 19.16 63.85 -7.33
N ARG P 463 18.06 63.48 -6.67
CA ARG P 463 16.86 64.31 -6.71
C ARG P 463 17.12 65.68 -6.10
N ALA P 464 17.82 65.71 -4.97
CA ALA P 464 18.14 66.99 -4.34
C ALA P 464 19.02 67.83 -5.24
N ALA P 465 20.01 67.21 -5.89
CA ALA P 465 20.89 67.96 -6.78
C ALA P 465 20.11 68.55 -7.94
N HIS P 466 19.28 67.73 -8.61
CA HIS P 466 18.49 68.23 -9.72
C HIS P 466 17.48 69.28 -9.27
N GLU P 467 17.10 69.29 -7.99
CA GLU P 467 16.26 70.37 -7.49
C GLU P 467 17.01 71.70 -7.38
N GLU P 468 18.35 71.68 -7.40
CA GLU P 468 19.13 72.90 -7.31
C GLU P 468 19.33 73.57 -8.67
N GLY P 469 18.84 72.98 -9.76
CA GLY P 469 18.91 73.58 -11.08
C GLY P 469 19.90 72.94 -12.02
N ASP P 470 21.01 72.41 -11.51
CA ASP P 470 21.96 71.72 -12.38
C ASP P 470 21.33 70.45 -12.93
N LYS P 471 21.81 70.03 -14.10
CA LYS P 471 21.18 68.98 -14.88
C LYS P 471 22.08 67.80 -15.18
N ASN P 472 23.39 67.92 -14.95
CA ASN P 472 24.37 66.92 -15.37
C ASN P 472 24.88 66.05 -14.23
N ILE P 473 24.36 66.21 -13.02
CA ILE P 473 24.80 65.37 -11.90
C ILE P 473 24.17 64.00 -12.07
N GLY P 474 25.01 62.96 -12.13
CA GLY P 474 24.57 61.59 -12.32
C GLY P 474 25.27 60.66 -11.36
N ILE P 475 25.48 59.43 -11.84
CA ILE P 475 26.20 58.40 -11.10
C ILE P 475 27.30 57.87 -12.01
N ASP P 476 28.53 57.86 -11.51
CA ASP P 476 29.67 57.29 -12.23
C ASP P 476 30.07 56.00 -11.49
N CYS P 477 29.80 54.87 -12.12
CA CYS P 477 30.10 53.59 -11.49
C CYS P 477 31.58 53.25 -11.51
N LEU P 478 32.36 53.86 -12.41
CA LEU P 478 33.80 53.67 -12.37
C LEU P 478 34.39 54.29 -11.11
N THR P 479 34.05 55.55 -10.83
CA THR P 479 34.54 56.21 -9.63
C THR P 479 33.75 55.84 -8.39
N GLY P 480 32.56 55.27 -8.54
CA GLY P 480 31.77 54.88 -7.39
C GLY P 480 31.32 56.06 -6.54
N GLU P 481 30.92 57.15 -7.17
CA GLU P 481 30.40 58.32 -6.47
C GLU P 481 29.32 58.95 -7.35
N VAL P 482 28.79 60.08 -6.88
CA VAL P 482 27.90 60.93 -7.66
C VAL P 482 28.67 62.18 -8.04
N ALA P 483 28.68 62.49 -9.33
CA ALA P 483 29.46 63.60 -9.85
C ALA P 483 28.81 64.10 -11.13
N ASP P 484 29.27 65.27 -11.58
CA ASP P 484 28.81 65.81 -12.84
C ASP P 484 29.27 64.90 -13.98
N MET P 485 28.31 64.46 -14.80
CA MET P 485 28.64 63.51 -15.85
C MET P 485 29.41 64.16 -16.99
N LEU P 486 29.15 65.44 -17.27
CA LEU P 486 29.79 66.08 -18.43
C LEU P 486 31.30 66.17 -18.24
N GLU P 487 31.75 66.45 -17.02
CA GLU P 487 33.19 66.47 -16.77
C GLU P 487 33.78 65.08 -16.63
N ALA P 488 32.95 64.07 -16.35
CA ALA P 488 33.41 62.69 -16.22
C ALA P 488 33.39 61.92 -17.54
N GLY P 489 32.93 62.53 -18.63
CA GLY P 489 32.87 61.83 -19.89
C GLY P 489 31.90 60.66 -19.89
N VAL P 490 30.71 60.86 -19.33
CA VAL P 490 29.67 59.84 -19.28
C VAL P 490 28.45 60.45 -19.95
N ILE P 491 28.31 60.23 -21.26
CA ILE P 491 27.27 60.85 -22.07
C ILE P 491 26.86 59.88 -23.17
N ASP P 492 25.56 59.82 -23.46
CA ASP P 492 24.99 58.89 -24.41
C ASP P 492 24.20 59.63 -25.49
N PRO P 493 23.95 58.99 -26.64
CA PRO P 493 23.13 59.64 -27.66
C PRO P 493 21.73 59.89 -27.14
N ALA P 494 21.15 61.03 -27.55
CA ALA P 494 19.78 61.32 -27.17
C ALA P 494 18.82 60.30 -27.76
N ALA P 495 19.04 59.93 -29.04
CA ALA P 495 18.13 59.04 -29.73
C ALA P 495 18.05 57.68 -29.06
N VAL P 496 19.15 57.21 -28.47
CA VAL P 496 19.14 55.92 -27.79
C VAL P 496 18.18 55.96 -26.61
N LYS P 497 18.24 57.03 -25.81
CA LYS P 497 17.35 57.13 -24.66
C LYS P 497 15.90 57.35 -25.09
N LYS P 498 15.70 58.14 -26.16
CA LYS P 498 14.35 58.30 -26.70
C LYS P 498 13.74 56.97 -27.09
N GLN P 499 14.50 56.16 -27.84
CA GLN P 499 13.99 54.87 -28.25
C GLN P 499 13.83 53.93 -27.07
N ALA P 500 14.69 54.06 -26.05
CA ALA P 500 14.53 53.25 -24.86
C ALA P 500 13.20 53.53 -24.18
N ILE P 501 12.89 54.81 -23.99
CA ILE P 501 11.62 55.18 -23.37
C ILE P 501 10.44 54.72 -24.22
N LYS P 502 10.54 54.92 -25.55
CA LYS P 502 9.44 54.53 -26.44
C LYS P 502 9.19 53.03 -26.38
N SER P 503 10.24 52.23 -26.50
CA SER P 503 10.08 50.78 -26.51
C SER P 503 9.57 50.29 -25.16
N ALA P 504 10.06 50.88 -24.06
CA ALA P 504 9.55 50.50 -22.75
C ALA P 504 8.08 50.81 -22.62
N THR P 505 7.65 51.97 -23.14
CA THR P 505 6.24 52.33 -23.12
C THR P 505 5.41 51.32 -23.88
N GLU P 506 5.82 50.99 -25.11
CA GLU P 506 5.05 50.05 -25.91
C GLU P 506 5.01 48.69 -25.22
N ALA P 507 6.12 48.26 -24.63
CA ALA P 507 6.16 46.98 -23.95
C ALA P 507 5.18 46.94 -22.79
N ALA P 508 5.27 47.94 -21.91
CA ALA P 508 4.38 47.98 -20.76
C ALA P 508 2.92 48.07 -21.18
N THR P 509 2.63 48.91 -22.19
CA THR P 509 1.26 49.09 -22.63
C THR P 509 0.68 47.80 -23.19
N MET P 510 1.37 47.19 -24.14
CA MET P 510 0.79 46.03 -24.80
C MET P 510 0.88 44.77 -23.95
N ILE P 511 1.69 44.77 -22.88
CA ILE P 511 1.59 43.69 -21.90
C ILE P 511 0.41 43.93 -20.96
N LEU P 512 0.13 45.20 -20.64
CA LEU P 512 -1.04 45.50 -19.83
C LEU P 512 -2.33 45.24 -20.59
N ARG P 513 -2.31 45.38 -21.91
CA ARG P 513 -3.55 45.31 -22.70
C ARG P 513 -4.09 43.89 -22.83
N ILE P 514 -3.33 42.87 -22.40
CA ILE P 514 -3.80 41.50 -22.48
C ILE P 514 -4.68 41.19 -21.28
N ASP P 515 -5.63 40.27 -21.46
CA ASP P 515 -6.54 39.85 -20.41
C ASP P 515 -6.35 38.39 -20.01
N ASP P 516 -6.36 37.48 -20.98
CA ASP P 516 -6.38 36.06 -20.69
C ASP P 516 -5.61 35.28 -21.76
N ILE P 517 -5.04 34.17 -21.32
CA ILE P 517 -4.37 33.22 -22.20
C ILE P 517 -5.40 32.18 -22.64
N ILE P 518 -5.47 31.92 -23.93
CA ILE P 518 -6.40 30.94 -24.50
C ILE P 518 -5.63 30.05 -25.47
N PRO P 519 -6.03 28.79 -25.66
CA PRO P 519 -5.32 27.95 -26.63
C PRO P 519 -5.73 28.33 -28.05
N ALA P 520 -4.75 28.62 -28.88
CA ALA P 520 -4.98 29.00 -30.27
C ALA P 520 -4.75 27.81 -31.19
N LYS P 521 -5.64 27.64 -32.16
CA LYS P 521 -5.53 26.54 -33.11
C LYS P 521 -4.22 26.64 -33.88
N ALA P 522 -3.49 25.54 -33.93
CA ALA P 522 -2.23 25.52 -34.65
C ALA P 522 -2.49 25.50 -36.16
N PRO P 523 -1.76 26.28 -36.97
CA PRO P 523 -1.98 26.20 -38.42
C PRO P 523 -1.49 24.86 -38.97
N THR P 524 -2.35 24.19 -39.73
CA THR P 524 -2.01 22.89 -40.31
C THR P 524 -1.13 23.07 -41.54
PB ADP Q . -48.18 31.49 8.96
O1B ADP Q . -47.39 30.31 8.48
O2B ADP Q . -49.26 31.14 9.97
O3B ADP Q . -47.35 32.68 9.34
PA ADP Q . -49.90 30.97 6.82
O1A ADP Q . -51.22 30.80 7.52
O2A ADP Q . -49.04 29.77 6.51
O3A ADP Q . -49.02 32.00 7.69
O5' ADP Q . -50.18 31.76 5.45
C5' ADP Q . -50.62 33.12 5.46
C4' ADP Q . -50.90 33.54 4.02
O4' ADP Q . -51.65 32.53 3.35
C3' ADP Q . -51.71 34.81 3.89
O3' ADP Q . -50.87 35.96 3.81
C2' ADP Q . -52.54 34.61 2.64
O2' ADP Q . -51.95 35.30 1.53
C1' ADP Q . -52.53 33.12 2.39
N9 ADP Q . -53.90 32.57 2.56
C8 ADP Q . -54.56 32.50 3.72
N7 ADP Q . -55.79 31.96 3.54
C5 ADP Q . -55.93 31.68 2.23
C6 ADP Q . -56.98 31.10 1.37
N6 ADP Q . -58.16 30.70 1.89
N1 ADP Q . -56.72 30.99 0.06
C2 ADP Q . -55.55 31.38 -0.47
N3 ADP Q . -54.56 31.92 0.26
C4 ADP Q . -54.68 32.09 1.59
H5'1 ADP Q . -51.54 33.20 6.06
H5'2 ADP Q . -49.87 33.77 5.90
H4' ADP Q . -49.94 33.69 3.50
H3' ADP Q . -52.40 34.90 4.75
HO3' ADP Q . -51.41 36.77 3.83
H2' ADP Q . -53.56 34.97 2.81
HO2' ADP Q . -52.08 36.25 1.63
H1' ADP Q . -52.16 32.93 1.38
H8 ADP Q . -54.17 32.81 4.68
HN61 ADP Q . -58.87 30.30 1.29
HN62 ADP Q . -58.34 30.79 2.88
H2 ADP Q . -55.40 31.26 -1.53
MG MG R . -50.32 32.50 9.04
PB ADP S . -15.53 53.66 16.97
O1B ADP S . -15.75 52.29 16.37
O2B ADP S . -16.67 54.19 17.79
O3B ADP S . -14.17 53.81 17.63
PA ADP S . -16.63 54.64 14.62
O1A ADP S . -17.83 55.33 15.20
O2A ADP S . -16.75 53.23 14.10
O3A ADP S . -15.46 54.66 15.72
O5' ADP S . -16.05 55.56 13.43
C5' ADP S . -15.57 56.86 13.73
C4' ADP S . -15.26 57.59 12.43
O4' ADP S . -16.38 57.54 11.55
C3' ADP S . -14.95 59.06 12.65
O3' ADP S . -13.55 59.28 12.84
C2' ADP S . -15.46 59.73 11.39
O2' ADP S . -14.40 59.97 10.46
C1' ADP S . -16.47 58.76 10.80
N9 ADP S . -17.83 59.35 10.93
C8 ADP S . -18.48 59.53 12.09
N7 ADP S . -19.69 60.09 11.87
C5 ADP S . -19.82 60.28 10.54
C6 ADP S . -20.85 60.84 9.65
N6 ADP S . -22.02 61.31 10.15
N1 ADP S . -20.60 60.85 8.33
C2 ADP S . -19.45 60.38 7.82
N3 ADP S . -18.46 59.86 8.58
C4 ADP S . -18.59 59.79 9.92
H5'1 ADP S . -16.33 57.40 14.30
H5'2 ADP S . -14.67 56.79 14.35
H4' ADP S . -14.38 57.12 11.97
H3' ADP S . -15.54 59.40 13.50
HO3' ADP S . -13.40 60.21 13.03
H2' ADP S . -15.95 60.68 11.66
HO2' ADP S . -13.85 60.70 10.76
H1' ADP S . -16.22 58.58 9.75
H8 ADP S . -18.09 59.26 13.06
HN61 ADP S . -22.72 61.69 9.53
HN62 ADP S . -22.19 61.28 11.15
H2 ADP S . -19.31 60.41 6.75
MG MG T . -16.20 55.91 17.01
PB ADP U . 22.42 45.50 28.54
O1B ADP U . 21.58 44.78 27.52
O2B ADP U . 21.64 46.36 29.50
O3B ADP U . 23.46 44.62 29.19
PA ADP U . 22.57 47.59 26.71
O1A ADP U . 22.03 48.74 27.54
O2A ADP U . 21.64 46.81 25.82
O3A ADP U . 23.29 46.56 27.71
O5' ADP U . 23.77 48.16 25.81
C5' ADP U . 24.99 48.62 26.39
C4' ADP U . 25.86 49.17 25.28
O4' ADP U . 25.10 50.03 24.44
C3' ADP U . 27.05 49.98 25.76
O3' ADP U . 28.21 49.17 25.95
C2' ADP U . 27.25 51.00 24.66
O2' ADP U . 28.30 50.59 23.77
C1' ADP U . 25.93 51.06 23.92
N9 ADP U . 25.31 52.40 24.17
C8 ADP U . 24.82 52.80 25.35
N7 ADP U . 24.33 54.06 25.26
C5 ADP U . 24.51 54.48 24.00
C6 ADP U . 24.24 55.72 23.24
N6 ADP U . 23.64 56.77 23.85
N1 ADP U . 24.59 55.75 21.95
C2 ADP U . 25.18 54.70 21.34
N3 ADP U . 25.47 53.55 21.98
C4 ADP U . 25.17 53.38 23.27
H5'1 ADP U . 24.78 49.39 27.13
H5'2 ADP U . 25.50 47.79 26.89
H4' ADP U . 26.25 48.33 24.69
H3' ADP U . 26.78 50.51 26.68
HO3' ADP U . 28.91 49.71 26.33
H2' ADP U . 27.50 51.98 25.10
HO2' ADP U . 29.16 50.71 24.20
H1' ADP U . 26.11 50.92 22.84
H8 ADP U . 24.80 52.19 26.25
HN61 ADP U . 23.45 57.61 23.32
HN62 ADP U . 23.38 56.72 24.82
H2 ADP U . 25.45 54.79 20.29
MG MG V . 23.16 47.60 29.34
PB ADP W . 42.95 11.93 37.69
O1B ADP W . 41.92 12.39 36.69
O2B ADP W . 43.04 12.81 38.92
O3B ADP W . 42.90 10.46 37.97
PA ADP W . 44.74 13.56 36.30
O1A ADP W . 45.08 14.51 37.41
O2A ADP W . 43.63 13.90 35.32
O3A ADP W . 44.37 12.14 36.97
O5' ADP W . 46.08 13.27 35.47
C5' ADP W . 47.21 12.68 36.08
C4' ADP W . 48.35 12.67 35.08
O4' ADP W . 48.53 13.97 34.53
C3' ADP W . 49.70 12.29 35.69
O3' ADP W . 49.94 10.89 35.57
C2' ADP W . 50.71 13.12 34.93
O2' ADP W . 51.38 12.33 33.94
C1' ADP W . 49.90 14.22 34.25
N9 ADP W . 50.31 15.54 34.79
C8 ADP W . 50.04 15.97 36.05
N7 ADP W . 50.54 17.22 36.23
C5 ADP W . 51.13 17.60 35.09
C6 ADP W . 51.86 18.81 34.63
N6 ADP W . 52.04 19.87 35.45
N1 ADP W . 52.31 18.80 33.36
C2 ADP W . 52.13 17.76 32.54
N3 ADP W . 51.49 16.64 32.91
C4 ADP W . 50.97 16.49 34.14
H5'1 ADP W . 47.49 13.25 36.96
H5'2 ADP W . 46.98 11.66 36.40
H4' ADP W . 48.13 11.95 34.28
H3' ADP W . 49.72 12.59 36.75
HO3' ADP W . 50.75 10.66 36.07
H2' ADP W . 51.43 13.56 35.63
HO2' ADP W . 52.00 11.73 34.38
H1' ADP W . 50.09 14.18 33.17
H8 ADP W . 49.51 15.39 36.79
HN61 ADP W . 52.52 20.68 35.11
HN62 ADP W . 51.68 19.84 36.39
H2 ADP W . 52.53 17.82 31.53
MG MG X . 44.96 12.67 38.75
PB ADP Y . 34.24 -27.53 38.41
O1B ADP Y . 33.82 -26.48 37.42
O2B ADP Y . 34.66 -27.00 39.75
O3B ADP Y . 33.29 -28.70 38.48
PA ADP Y . 36.80 -27.22 37.36
O1A ADP Y . 37.55 -26.82 38.59
O2A ADP Y . 36.24 -26.16 36.43
O3A ADP Y . 35.58 -28.17 37.81
O5' ADP Y . 37.74 -28.20 36.49
C5' ADP Y . 38.06 -29.50 36.97
C4' ADP Y . 39.06 -30.14 36.01
O4' ADP Y . 40.08 -29.20 35.66
C3' ADP Y . 39.78 -31.34 36.58
O3' ADP Y . 39.05 -32.56 36.35
C2' ADP Y . 41.12 -31.34 35.90
O2' ADP Y . 41.13 -32.21 34.77
C1' ADP Y . 41.32 -29.90 35.46
N9 ADP Y . 42.39 -29.28 36.28
C8 ADP Y . 42.28 -28.99 37.60
N7 ADP Y . 43.44 -28.45 38.05
C5 ADP Y . 44.30 -28.39 37.02
C6 ADP Y . 45.69 -27.93 36.82
N6 ADP Y . 46.42 -27.40 37.84
N1 ADP Y . 46.22 -28.05 35.59
C2 ADP Y . 45.52 -28.58 34.57
N3 ADP Y . 44.26 -29.01 34.69
C4 ADP Y . 43.60 -28.95 35.86
H5'1 ADP Y . 38.50 -29.43 37.97
H5'2 ADP Y . 37.17 -30.11 37.03
H4' ADP Y . 38.51 -30.45 35.11
H3' ADP Y . 39.95 -31.17 37.65
HO3' ADP Y . 39.50 -33.29 36.78
H2' ADP Y . 41.90 -31.63 36.61
HO2' ADP Y . 41.12 -33.13 35.06
H1' ADP Y . 41.60 -29.88 34.40
H8 ADP Y . 41.40 -29.16 38.20
HN61 ADP Y . 47.36 -27.09 37.68
HN62 ADP Y . 46.01 -27.32 38.76
H2 ADP Y . 45.99 -28.64 33.59
MG MG Z . 35.99 -28.44 39.70
PB ADP AA . 1.32 -49.63 30.74
O1B ADP AA . 1.94 -48.44 30.06
O2B ADP AA . 1.80 -49.85 32.16
O3B ADP AA . -0.18 -49.72 30.58
PA ADP AA . 3.45 -51.07 29.69
O1A ADP AA . 4.09 -51.51 30.98
O2A ADP AA . 3.93 -49.81 29.01
O3A ADP AA . 1.88 -50.92 29.95
O5' ADP AA . 3.57 -52.28 28.64
C5' ADP AA . 2.89 -53.52 28.84
C4' ADP AA . 3.29 -54.45 27.70
O4' ADP AA . 4.71 -54.45 27.58
C3' ADP AA . 2.87 -55.89 27.92
O3' ADP AA . 1.61 -56.15 27.28
C2' ADP AA . 4.00 -56.71 27.29
O2' ADP AA . 3.63 -57.18 26.00
C1' ADP AA . 5.17 -55.76 27.19
N9 ADP AA . 6.25 -56.20 28.09
C8 ADP AA . 6.20 -56.16 29.43
N7 ADP AA . 7.34 -56.65 29.97
C5 ADP AA . 8.14 -57.03 28.96
C6 ADP AA . 9.48 -57.64 28.84
N6 ADP AA . 10.20 -57.95 29.95
N1 ADP AA . 9.95 -57.88 27.60
C2 ADP AA . 9.23 -57.59 26.49
N3 ADP AA . 8.01 -57.05 26.55
C4 ADP AA . 7.41 -56.75 27.73
H5'1 ADP AA . 3.18 -53.95 29.80
H5'2 ADP AA . 1.81 -53.36 28.84
H4' ADP AA . 2.84 -54.09 26.78
H3' ADP AA . 2.82 -56.12 28.99
HO3' ADP AA . 1.32 -57.05 27.52
H2' ADP AA . 4.24 -57.55 27.95
HO2' ADP AA . 2.98 -57.90 26.08
H1' ADP AA . 5.52 -55.74 26.14
H8 ADP AA . 5.37 -55.77 30.00
HN61 ADP AA . 11.12 -58.35 29.85
HN62 ADP AA . 9.83 -57.75 30.86
H2 ADP AA . 9.65 -57.81 25.53
MG MG BA . 1.79 -51.77 31.71
PB ADP CA . -36.37 -41.47 18.75
O1B ADP CA . -35.07 -40.93 18.23
O2B ADP CA . -36.26 -42.11 20.12
O3B ADP CA . -37.53 -40.53 18.60
PA ADP CA . -35.67 -43.88 17.52
O1A ADP CA . -35.79 -44.86 18.67
O2A ADP CA . -34.34 -43.25 17.21
O3A ADP CA . -36.73 -42.71 17.79
O5' ADP CA . -36.22 -44.61 16.20
C5' ADP CA . -37.56 -45.09 16.11
C4' ADP CA . -37.70 -45.86 14.82
O4' ADP CA . -36.65 -46.81 14.69
C3' ADP CA . -39.00 -46.65 14.71
O3' ADP CA . -40.03 -45.87 14.08
C2' ADP CA . -38.63 -47.87 13.90
O2' ADP CA . -39.04 -47.73 12.54
C1' ADP CA . -37.11 -47.97 13.99
N9 ADP CA . -36.74 -49.20 14.74
C8 ADP CA . -36.94 -49.38 16.06
N7 ADP CA . -36.49 -50.61 16.43
C5 ADP CA . -35.99 -51.22 15.35
C6 ADP CA . -35.38 -52.53 15.05
N6 ADP CA . -35.19 -53.45 16.04
N1 ADP CA . -35.00 -52.78 13.79
C2 ADP CA . -35.18 -51.87 12.81
N3 ADP CA . -35.75 -50.67 13.01
C4 ADP CA . -36.17 -50.29 14.23
H5'1 ADP CA . -37.77 -45.72 16.96
H5'2 ADP CA . -38.26 -44.24 16.13
H4' ADP CA . -37.66 -45.15 13.97
H3' ADP CA . -39.32 -46.96 15.71
HO3' ADP CA . -40.87 -46.36 14.12
H2' ADP CA . -39.10 -48.76 14.35
HO2' ADP CA . -40.00 -47.79 12.48
H1' ADP CA . -36.70 -48.00 12.98
H8 ADP CA . -37.38 -48.66 16.72
HN61 ADP CA . -34.76 -54.34 15.82
HN62 ADP CA . -35.47 -53.24 16.98
H2 ADP CA . -34.85 -52.13 11.81
MG MG DA . -37.53 -43.43 19.40
PB ADP EA . -56.81 -7.86 9.78
O1B ADP EA . -55.42 -8.35 9.46
O2B ADP EA . -57.44 -8.53 10.98
O3B ADP EA . -56.95 -6.36 9.77
PA ADP EA . -57.72 -9.88 8.08
O1A ADP EA . -58.66 -10.64 8.97
O2A ADP EA . -56.28 -10.32 7.94
O3A ADP EA . -57.73 -8.34 8.55
O5' ADP EA . -58.38 -9.83 6.61
C5' ADP EA . -59.68 -9.27 6.42
C4' ADP EA . -60.10 -9.47 4.98
O4' ADP EA . -59.93 -10.83 4.58
C3' ADP EA . -61.56 -9.17 4.73
O3' ADP EA . -61.78 -7.79 4.42
C2' ADP EA . -61.96 -10.07 3.59
O2' ADP EA . -61.87 -9.41 2.33
C1' ADP EA . -60.95 -11.22 3.66
N9 ADP EA . -61.66 -12.42 4.15
C8 ADP EA . -62.14 -12.59 5.40
N7 ADP EA . -62.74 -13.79 5.52
C5 ADP EA . -62.65 -14.42 4.33
C6 ADP EA . -63.08 -15.73 3.79
N6 ADP EA . -63.76 -16.61 4.56
N1 ADP EA . -62.79 -15.99 2.50
C2 ADP EA . -62.13 -15.11 1.73
N3 ADP EA . -61.72 -13.91 2.17
C4 ADP EA . -61.94 -13.52 3.44
H5'1 ADP EA . -60.38 -9.76 7.10
H5'2 ADP EA . -59.66 -8.20 6.66
H4' ADP EA . -59.51 -8.80 4.34
H3' ADP EA . -62.12 -9.48 5.62
HO3' ADP EA . -62.74 -7.63 4.31
H2' ADP EA . -62.97 -10.46 3.76
HO2' ADP EA . -62.60 -8.77 2.25
H1' ADP EA . -60.53 -11.38 2.66
H8 ADP EA . -62.05 -11.85 6.19
HN61 ADP EA . -64.04 -17.50 4.17
HN62 ADP EA . -63.96 -16.39 5.52
H2 ADP EA . -61.92 -15.38 0.70
MG MG FA . -59.06 -8.73 9.89
PB ADP GA . -15.83 44.17 -34.43
O1B ADP GA . -15.01 43.54 -33.34
O2B ADP GA . -15.00 44.80 -35.52
O3B ADP GA . -16.96 43.32 -34.92
PA ADP GA . -15.68 46.51 -32.92
O1A ADP GA . -15.02 47.42 -33.93
O2A ADP GA . -14.85 45.76 -31.91
O3A ADP GA . -16.55 45.43 -33.73
O5' ADP GA . -16.78 47.37 -32.13
C5' ADP GA . -17.94 47.86 -32.77
C4' ADP GA . -18.70 48.70 -31.74
O4' ADP GA . -17.80 49.56 -31.06
C3' ADP GA . -19.79 49.58 -32.34
O3' ADP GA . -21.06 48.92 -32.34
C2' ADP GA . -19.79 50.81 -31.46
O2' ADP GA . -20.88 50.77 -30.52
C1' ADP GA . -18.47 50.78 -30.72
N9 ADP GA . -17.64 51.95 -31.12
C8 ADP GA . -17.08 52.10 -32.33
N7 ADP GA . -16.39 53.27 -32.38
C5 ADP GA . -16.52 53.88 -31.20
C6 ADP GA . -16.05 55.14 -30.60
N6 ADP GA . -15.28 56.00 -31.32
N1 ADP GA . -16.39 55.40 -29.32
C2 ADP GA . -17.15 54.56 -28.61
N3 ADP GA . -17.61 53.39 -29.10
C4 ADP GA . -17.35 53.01 -30.36
H5'1 ADP GA . -17.66 48.48 -33.62
H5'2 ADP GA . -18.56 47.03 -33.12
H4' ADP GA . -19.18 48.02 -31.03
H3' ADP GA . -19.51 49.87 -33.36
HO3' ADP GA . -21.70 49.47 -32.82
H2' ADP GA . -19.86 51.72 -32.08
HO2' ADP GA . -21.71 50.95 -30.99
H1' ADP GA . -18.66 50.81 -29.63
H8 ADP GA . -17.17 51.39 -33.14
HN61 ADP GA . -14.96 56.87 -30.89
HN62 ADP GA . -15.03 55.78 -32.27
H2 ADP GA . -17.40 54.82 -27.59
MG MG HA . -16.25 46.29 -35.44
PB ADP IA . -41.05 13.16 -39.31
O1B ADP IA . -40.01 13.46 -38.27
O2B ADP IA . -40.91 13.96 -40.57
O3B ADP IA . -41.28 11.69 -39.52
PA ADP IA . -42.59 15.17 -38.13
O1A ADP IA . -42.77 16.08 -39.33
O2A ADP IA . -41.46 15.41 -37.16
O3A ADP IA . -42.45 13.66 -38.69
O5' ADP IA . -43.96 15.15 -37.31
C5' ADP IA . -45.16 14.65 -37.88
C4' ADP IA . -46.28 14.93 -36.90
O4' ADP IA . -46.23 16.28 -36.47
C3' ADP IA . -47.68 14.71 -37.47
O3' ADP IA . -48.17 13.40 -37.13
C2' ADP IA . -48.52 15.80 -36.84
O2' ADP IA . -49.35 15.27 -35.79
C1' ADP IA . -47.53 16.80 -36.27
N9 ADP IA . -47.69 18.10 -36.97
C8 ADP IA . -47.32 18.32 -38.24
N7 ADP IA . -47.58 19.59 -38.60
C5 ADP IA . -48.14 20.21 -37.55
C6 ADP IA . -48.66 21.56 -37.27
N6 ADP IA . -48.61 22.52 -38.22
N1 ADP IA . -49.14 21.81 -36.04
C2 ADP IA . -49.18 20.86 -35.09
N3 ADP IA . -48.73 19.60 -35.29
C4 ADP IA . -48.21 19.22 -36.48
H5'1 ADP IA . -45.36 15.15 -38.83
H5'2 ADP IA . -45.08 13.57 -38.07
H4' ADP IA . -46.17 14.26 -36.03
H3' ADP IA . -47.66 14.85 -38.55
HO3' ADP IA . -49.00 13.24 -37.60
H2' ADP IA . -49.15 16.27 -37.61
HO2' ADP IA . -50.07 14.76 -36.18
H1' ADP IA . -47.73 16.93 -35.18
H8 ADP IA . -46.87 17.57 -38.89
HN61 ADP IA . -48.98 23.44 -38.02
HN62 ADP IA . -48.24 22.31 -39.14
H2 ADP IA . -49.58 21.11 -34.13
MG MG JA . -42.84 14.13 -40.54
PB ADP KA . -38.26 -26.88 -34.82
O1B ADP KA . -37.70 -25.81 -33.92
O2B ADP KA . -38.58 -26.43 -36.21
O3B ADP KA . -37.51 -28.18 -34.75
PA ADP KA . -40.77 -26.09 -33.91
O1A ADP KA . -41.49 -25.80 -35.21
O2A ADP KA . -40.08 -24.97 -33.18
O3A ADP KA . -39.69 -27.24 -34.19
O5' ADP KA . -41.82 -26.78 -32.91
C5' ADP KA . -42.37 -28.05 -33.22
C4' ADP KA . -43.44 -28.38 -32.19
O4' ADP KA . -44.31 -27.28 -31.99
C3' ADP KA . -44.34 -29.53 -32.62
O3' ADP KA . -43.79 -30.81 -32.26
C2' ADP KA . -45.65 -29.26 -31.92
O2' ADP KA . -45.73 -29.95 -30.67
C1' ADP KA . -45.64 -27.75 -31.70
N9 ADP KA . -46.63 -27.15 -32.63
C8 ADP KA . -46.48 -27.07 -33.96
N7 ADP KA . -47.56 -26.47 -34.52
C5 ADP KA . -48.42 -26.17 -33.53
C6 ADP KA . -49.74 -25.54 -33.43
N6 ADP KA . -50.38 -25.09 -34.54
N1 ADP KA . -50.29 -25.41 -32.20
C2 ADP KA . -49.66 -25.85 -31.10
N3 ADP KA . -48.46 -26.44 -31.13
C4 ADP KA . -47.79 -26.62 -32.29
H5'1 ADP KA . -42.80 -28.02 -34.23
H5'2 ADP KA . -41.58 -28.81 -33.20
H4' ADP KA . -42.95 -28.66 -31.25
H3' ADP KA . -44.52 -29.45 -33.69
HO3' ADP KA . -44.38 -31.51 -32.58
H2' ADP KA . -46.49 -29.54 -32.57
HO2' ADP KA . -45.86 -30.89 -30.82
H1' ADP KA . -45.91 -27.53 -30.66
H8 ADP KA . -45.62 -27.42 -34.52
HN61 ADP KA . -51.29 -24.66 -34.46
HN62 ADP KA . -49.96 -25.19 -35.45
H2 ADP KA . -50.15 -25.71 -30.14
MG MG LA . -40.12 -27.65 -36.03
PB ADP MA . -8.94 -52.41 -24.15
O1B ADP MA . -9.35 -51.06 -23.62
O2B ADP MA . -9.50 -52.73 -25.51
O3B ADP MA . -7.47 -52.70 -24.01
PA ADP MA . -11.22 -53.41 -22.91
O1A ADP MA . -11.90 -54.06 -24.09
O2A ADP MA . -11.57 -52.01 -22.51
O3A ADP MA . -9.64 -53.49 -23.19
O5' ADP MA . -11.44 -54.37 -21.65
C5' ADP MA . -11.02 -55.74 -21.69
C4' ADP MA . -11.57 -56.43 -20.45
O4' ADP MA . -12.97 -56.19 -20.34
C3' ADP MA . -11.39 -57.93 -20.46
O3' ADP MA . -10.18 -58.33 -19.79
C2' ADP MA . -12.61 -58.48 -19.77
O2' ADP MA . -12.32 -58.83 -18.41
C1' ADP MA . -13.62 -57.34 -19.80
N9 ADP MA . -14.76 -57.74 -20.65
C8 ADP MA . -14.70 -57.86 -21.99
N7 ADP MA . -15.90 -58.25 -22.49
C5 ADP MA . -16.75 -58.37 -21.45
C6 ADP MA . -18.17 -58.76 -21.29
N6 ADP MA . -18.92 -59.08 -22.38
N1 ADP MA . -18.68 -58.76 -20.04
C2 ADP MA . -17.93 -58.44 -18.97
N3 ADP MA . -16.63 -58.09 -19.06
C4 ADP MA . -16.00 -58.05 -20.25
H5'1 ADP MA . -11.42 -56.21 -22.59
H5'2 ADP MA . -9.94 -55.80 -21.71
H4' ADP MA . -11.05 -56.02 -19.57
H3' ADP MA . -11.38 -58.28 -21.50
HO3' ADP MA . -10.05 -59.28 -19.85
H2' ADP MA . -12.99 -59.35 -20.32
HO2' ADP MA . -11.83 -59.66 -18.40
H1' ADP MA . -13.96 -57.13 -18.77
H8 ADP MA . -13.82 -57.68 -22.59
HN61 ADP MA . -19.88 -59.32 -22.26
HN62 ADP MA . -18.51 -59.05 -23.29
H2 ADP MA . -18.39 -58.46 -18.00
MG MG NA . -9.75 -54.53 -24.81
PB ADP OA . 29.75 -48.47 -12.93
O1B ADP OA . 28.57 -47.64 -12.48
O2B ADP OA . 29.51 -49.26 -14.19
O3B ADP OA . 31.05 -47.73 -12.89
PA ADP OA . 28.68 -50.55 -11.40
O1A ADP OA . 28.64 -51.69 -12.39
O2A ADP OA . 27.46 -49.68 -11.21
O3A ADP OA . 29.92 -49.61 -11.79
O5' ADP OA . 29.10 -51.16 -9.97
C5' ADP OA . 30.37 -51.78 -9.79
C4' ADP OA . 30.42 -52.40 -8.40
O4' ADP OA . 29.23 -53.14 -8.14
C3' ADP OA . 31.56 -53.37 -8.20
O3' ADP OA . 32.75 -52.72 -7.73
C2' ADP OA . 31.03 -54.38 -7.20
O2' ADP OA . 31.46 -54.06 -5.87
C1' ADP OA . 29.52 -54.26 -7.31
N9 ADP OA . 28.99 -55.51 -7.91
C8 ADP OA . 29.16 -55.86 -9.20
N7 ADP OA . 28.56 -57.05 -9.44
C5 ADP OA . 28.00 -57.47 -8.31
C6 ADP OA . 27.22 -58.65 -7.88
N6 ADP OA . 26.92 -59.63 -8.76
N1 ADP OA . 26.81 -58.70 -6.59
C2 ADP OA . 27.10 -57.73 -5.71
N3 ADP OA . 27.82 -56.63 -6.05
C4 ADP OA . 28.28 -56.45 -7.30
H5'1 ADP OA . 30.51 -52.55 -10.56
H5'2 ADP OA . 31.17 -51.04 -9.90
H4' ADP OA . 30.52 -51.58 -7.66
H3' ADP OA . 31.74 -53.89 -9.14
HO3' ADP OA . 33.48 -53.36 -7.68
H2' ADP OA . 31.36 -55.38 -7.48
HO2' ADP OA . 32.40 -54.26 -5.77
H1' ADP OA . 29.10 -54.11 -6.31
H8 ADP OA . 29.70 -55.29 -9.94
HN61 ADP OA . 26.38 -60.44 -8.45
HN62 ADP OA . 27.24 -59.57 -9.71
H2 ADP OA . 26.75 -57.82 -4.70
MG MG PA . 30.54 -50.66 -13.30
PB ADP QA . 55.15 -17.59 -8.51
O1B ADP QA . 53.67 -17.77 -8.27
O2B ADP QA . 55.77 -18.65 -9.39
O3B ADP QA . 55.55 -16.18 -8.85
PA ADP QA . 55.52 -19.20 -6.26
O1A ADP QA . 56.31 -20.32 -6.90
O2A ADP QA . 54.02 -19.32 -6.13
O3A ADP QA . 55.84 -17.86 -7.07
O5' ADP QA . 56.14 -18.95 -4.80
C5' ADP QA . 57.53 -18.64 -4.67
C4' ADP QA . 57.93 -18.73 -3.21
O4' ADP QA . 57.57 -19.99 -2.64
C3' ADP QA . 59.43 -18.62 -3.02
O3' ADP QA . 59.86 -17.26 -2.90
C2' ADP QA . 59.72 -19.43 -1.77
O2' ADP QA . 59.76 -18.59 -0.61
C1' ADP QA . 58.56 -20.40 -1.69
N9 ADP QA . 59.06 -21.75 -2.02
C8 ADP QA . 59.47 -22.15 -3.23
N7 ADP QA . 59.88 -23.44 -3.20
C5 ADP QA . 59.75 -23.89 -1.94
C6 ADP QA . 60.00 -25.15 -1.23
N6 ADP QA . 60.50 -26.23 -1.88
N1 ADP QA . 59.72 -25.20 0.09
C2 ADP QA . 59.22 -24.14 0.75
N3 ADP QA . 58.97 -22.96 0.15
C4 ADP QA . 59.21 -22.77 -1.16
H5'1 ADP QA . 58.10 -19.36 -5.27
H5'2 ADP QA . 57.72 -17.64 -5.06
H4' ADP QA . 57.46 -17.90 -2.67
H3' ADP QA . 59.90 -19.13 -3.87
HO3' ADP QA . 60.83 -17.24 -2.84
H2' ADP QA . 60.67 -19.97 -1.90
HO2' ADP QA . 60.57 -18.06 -0.63
H1' ADP QA . 58.14 -20.37 -0.67
H8 ADP QA . 59.47 -21.53 -4.11
HN61 ADP QA . 60.66 -27.09 -1.39
HN62 ADP QA . 60.70 -26.16 -2.88
H2 ADP QA . 59.02 -24.24 1.81
MG MG RA . 57.29 -18.50 -8.18
PB ADP SA . 52.11 22.63 -12.56
O1B ADP SA . 51.18 21.64 -11.91
O2B ADP SA . 53.12 21.99 -13.48
O3B ADP SA . 51.42 23.83 -13.13
PA ADP SA . 53.81 22.24 -10.39
O1A ADP SA . 55.10 21.88 -11.09
O2A ADP SA . 52.87 21.16 -9.94
O3A ADP SA . 52.99 23.23 -11.36
O5' ADP SA . 54.18 23.16 -9.12
C5' ADP SA . 54.84 24.41 -9.28
C4' ADP SA . 55.18 24.93 -7.90
O4' ADP SA . 55.81 23.90 -7.13
C3' ADP SA . 56.15 26.11 -7.89
O3' ADP SA . 55.46 27.35 -7.92
C2' ADP SA . 56.94 25.93 -6.61
O2' ADP SA . 56.44 26.78 -5.57
C1' ADP SA . 56.76 24.46 -6.22
N9 ADP SA . 58.06 23.77 -6.33
C8 ADP SA . 58.69 23.51 -7.48
N7 ADP SA . 59.87 22.87 -7.25
C5 ADP SA . 59.99 22.72 -5.92
C6 ADP SA . 61.00 22.14 -5.02
N6 ADP SA . 62.12 21.57 -5.52
N1 ADP SA . 60.75 22.17 -3.70
C2 ADP SA . 59.64 22.74 -3.20
N3 ADP SA . 58.69 23.29 -3.97
C4 ADP SA . 58.80 23.32 -5.32
H5'1 ADP SA . 55.75 24.28 -9.87
H5'2 ADP SA . 54.18 25.12 -9.80
H4' ADP SA . 54.26 25.25 -7.40
H3' ADP SA . 56.83 26.01 -8.75
HO3' ADP SA . 56.10 28.08 -8.02
H2' ADP SA . 58.00 26.15 -6.80
HO2' ADP SA . 56.69 27.70 -5.76
H1' ADP SA . 56.37 24.42 -5.20
H8 ADP SA . 58.32 23.78 -8.46
HN61 ADP SA . 62.80 21.16 -4.89
HN62 ADP SA . 62.28 21.54 -6.52
H2 ADP SA . 59.50 22.74 -2.13
MG MG TA . 54.40 23.28 -12.70
PB ADP UA . 22.96 48.09 -23.55
O1B ADP UA . 22.86 46.82 -22.73
O2B ADP UA . 24.23 48.21 -24.37
O3B ADP UA . 21.70 48.42 -24.30
PA ADP UA . 24.27 49.27 -21.39
O1A ADP UA . 25.52 49.77 -22.07
O2A ADP UA . 24.27 47.91 -20.72
O3A ADP UA . 23.09 49.28 -22.48
O5' ADP UA . 23.81 50.38 -20.34
C5' ADP UA . 23.57 51.70 -20.79
C4' ADP UA . 23.38 52.62 -19.58
O4' ADP UA . 24.47 52.50 -18.67
C3' ADP UA . 23.33 54.08 -19.97
O3' ADP UA . 22.00 54.51 -20.26
C2' ADP UA . 23.92 54.81 -18.80
O2' ADP UA . 22.90 55.30 -17.93
C1' ADP UA . 24.77 53.77 -18.09
N9 ADP UA . 26.20 54.11 -18.29
C8 ADP UA . 26.85 54.03 -19.46
N7 ADP UA . 28.15 54.42 -19.31
C5 ADP UA . 28.32 54.76 -18.02
C6 ADP UA . 29.45 55.24 -17.21
N6 ADP UA . 30.66 55.46 -17.76
N1 ADP UA . 29.22 55.47 -15.89
C2 ADP UA . 28.02 55.27 -15.34
N3 ADP UA . 26.96 54.82 -16.03
C4 ADP UA . 27.04 54.55 -17.35
H5'1 ADP UA . 24.41 52.03 -21.39
H5'2 ADP UA . 22.67 51.72 -21.41
H4' ADP UA . 22.43 52.37 -19.09
H3' ADP UA . 23.98 54.20 -20.84
HO3' ADP UA . 22.01 55.43 -20.58
H2' ADP UA . 24.56 55.64 -19.15
HO2' ADP UA . 22.45 56.05 -18.33
H1' ADP UA . 24.52 53.77 -17.02
H8 ADP UA . 26.41 53.71 -20.38
HN61 ADP UA . 31.43 55.80 -17.19
HN62 ADP UA . 30.82 55.27 -18.74
H2 ADP UA . 27.90 55.46 -14.28
MG MG VA . 24.09 50.14 -23.90
#